data_2JJ1
#
_entry.id   2JJ1
#
_cell.length_a   106.957
_cell.length_b   281.176
_cell.length_c   138.785
_cell.angle_alpha   90.00
_cell.angle_beta   89.58
_cell.angle_gamma   90.00
#
_symmetry.space_group_name_H-M   'P 1 21 1'
#
loop_
_entity.id
_entity.type
_entity.pdbx_description
1 polymer 'ATP SYNTHASE SUBUNIT ALPHA HEART ISOFORM'
2 polymer 'ATP SYNTHASE SUBUNIT BETA'
3 polymer 'ATP SYNTHASE GAMMA CHAIN'
4 non-polymer 'PHOSPHOAMINOPHOSPHONIC ACID-ADENYLATE ESTER'
5 non-polymer 'MAGNESIUM ION'
6 non-polymer GLYCEROL
7 non-polymer "ADENOSINE-5'-DIPHOSPHATE"
8 non-polymer 'AZIDE ION'
9 non-polymer 'PHOSPHATE ION'
10 non-polymer PICEATANNOL
11 water water
#
loop_
_entity_poly.entity_id
_entity_poly.type
_entity_poly.pdbx_seq_one_letter_code
_entity_poly.pdbx_strand_id
1 'polypeptide(L)'
;EKTGTAEVSSILEERILGADTSVDLEETGRVLSIGDGIARVHGLRNVQAEEMVEFSSGLKGMSLNLEPDNVGVVVFGNDK
LIKEGDIVKRTGAIVDVPVGEELLGRVVDALGNAIDGKGPIGSKARRRVGLKAPGIIPRISVREPMQTGIKAVDSLVPIG
RGQRELIIGDRQTGKTSIAIDTIINQKRFNDGTDEKKKLYCIYVAIGQKRSTVAQLVKRLTDADAMKYTIVVSATASDAA
PLQYLAPYSGCSMGEYFRDNGKHALIIYDDLSKQAVAYRQMSLLLRRPPGREAYPGDVFYLHSRLLERAAKMNDAFGGGS
LTALPVIETQAGDVSAYIPTNVISITDGQIFLETELFYKGIRPAINVGLSVSRVGSAAQTRAMKQVAGTMKLELAQYREV
AAFAQFGSDLDAATQQLLSRGVRLTELLKQGQYSPMAIEEQVAVIYAGVRGYLDKLEPSKITKFENAFLSHVISQHQALL
SKIRTDGKISEESDAKLKEIVTNFLAGFEA
;
A,B,C,H,I,J
2 'polypeptide(L)'
;AAQASPSPKAGATTGRIVAVIGAVVDVQFDEGLPPILNALEVQGRETRLVLEVAQHLGESTVRTIAMDGTEGLVRGQKVL
DSGAPIRIPVGPETLGRIMNVIGEPIDERGPIKTKQFAAIHAEAPEFVEMSVEQEILVTGIKVVDLLAPYAKGGKIGLFG
GAGVGKTVLIMELINNVAKAHGGYSVFAGVGERTREGNDLYHEMIESGVINLKDATSKVALVYGQMNEPPGARARVALTG
LTVAEYFRDQEGQDVLLFIDNIFRFTQAGSEVSALLGRIPSAVGYQPTLATDMGTMQERITTTKKGSITSVQAIYVPADD
LTDPAPATTFAHLDATTVLSRAIAELGIYPAVDPLDSTSRIMDPNIVGSEHYDVARGVQKILQDYKSLQDIIAILGMDEL
SEEDKLTVSRARKIQRFLSQPFQVAEVFTGHLGKLVPLKETIKGFQQILAGEYDHLPEQAFYMVGPIEEAVAKADKLAEE
HS
;
D,E,F,K,L,M
3 'polypeptide(L)'
;ATLKDITRRLKSIKNIQKITKSMKMVAAAKYARAERELKPARVYGVGSLALYEKADIKTPEDKKKHLIIGVSSDRGLCGA
IHSSVAKQMKSEAANLAAAGKEVKIIGVGDKIRSILHRTHSDQFLVTFKEVGRRPPTFGDASVIALELLNSGYEFDEGSI
IFNRFRSVISYKTEEKPIFSLDTISSAESMSIYDDIDADVLRNYQEYSLANIIYYSLKESTTSEQSARMTAMDNASKNAS
EMIDKLTLTFNRTRQAVITKELIEIISGAAAL
;
G,N
#
loop_
_chem_comp.id
_chem_comp.type
_chem_comp.name
_chem_comp.formula
ADP non-polymer ADENOSINE-5'-DIPHOSPHATE 'C10 H15 N5 O10 P2'
ANP non-polymer 'PHOSPHOAMINOPHOSPHONIC ACID-ADENYLATE ESTER' 'C10 H17 N6 O12 P3'
AZI non-polymer 'AZIDE ION' 'N3 -1'
GOL non-polymer GLYCEROL 'C3 H8 O3'
MG non-polymer 'MAGNESIUM ION' 'Mg 2'
PIT non-polymer PICEATANNOL 'C14 H12 O4'
PO4 non-polymer 'PHOSPHATE ION' 'O4 P -3'
#
# COMPACT_ATOMS: atom_id res chain seq x y z
N ASP A 24 36.34 -5.83 -60.76
CA ASP A 24 36.83 -6.51 -59.52
C ASP A 24 36.91 -5.53 -58.35
N LEU A 25 36.09 -5.76 -57.33
CA LEU A 25 36.07 -4.91 -56.13
C LEU A 25 37.00 -5.44 -55.04
N GLU A 26 37.82 -6.42 -55.38
CA GLU A 26 38.81 -6.97 -54.45
C GLU A 26 40.15 -6.23 -54.57
N GLU A 27 40.53 -5.90 -55.79
CA GLU A 27 41.81 -5.24 -56.04
C GLU A 27 41.65 -3.79 -56.48
N THR A 28 40.40 -3.40 -56.76
CA THR A 28 40.10 -2.02 -57.12
C THR A 28 38.87 -1.50 -56.38
N GLY A 29 38.54 -0.22 -56.58
CA GLY A 29 37.29 0.39 -56.10
C GLY A 29 36.94 1.68 -56.84
N ARG A 30 35.73 2.18 -56.63
CA ARG A 30 35.32 3.49 -57.15
C ARG A 30 35.13 4.50 -56.00
N VAL A 31 35.46 5.77 -56.23
CA VAL A 31 35.18 6.82 -55.25
C VAL A 31 33.68 7.08 -55.15
N LEU A 32 33.15 6.94 -53.93
CA LEU A 32 31.77 7.24 -53.61
C LEU A 32 31.65 8.71 -53.39
N SER A 33 32.60 9.26 -52.63
CA SER A 33 32.59 10.68 -52.28
C SER A 33 33.99 11.18 -51.97
N ILE A 34 34.23 12.45 -52.29
CA ILE A 34 35.55 13.06 -52.16
C ILE A 34 35.41 14.49 -51.62
N GLY A 35 36.25 14.84 -50.66
CA GLY A 35 36.28 16.19 -50.13
C GLY A 35 37.09 16.37 -48.86
N ASP A 36 37.75 17.52 -48.77
CA ASP A 36 38.60 17.85 -47.62
C ASP A 36 39.72 16.84 -47.42
N GLY A 37 40.23 16.32 -48.54
CA GLY A 37 41.28 15.33 -48.52
C GLY A 37 40.86 13.95 -48.05
N ILE A 38 39.55 13.69 -48.04
CA ILE A 38 39.03 12.37 -47.72
C ILE A 38 38.27 11.80 -48.90
N ALA A 39 38.67 10.61 -49.34
CA ALA A 39 37.93 9.88 -50.37
C ALA A 39 37.31 8.64 -49.77
N ARG A 40 35.98 8.55 -49.83
CA ARG A 40 35.28 7.34 -49.46
C ARG A 40 35.21 6.41 -50.68
N VAL A 41 35.82 5.23 -50.56
CA VAL A 41 35.88 4.29 -51.69
C VAL A 41 35.04 3.06 -51.43
N HIS A 42 34.18 2.75 -52.40
CA HIS A 42 33.43 1.51 -52.39
C HIS A 42 34.28 0.48 -53.12
N GLY A 43 34.52 -0.64 -52.44
CA GLY A 43 35.32 -1.71 -53.00
C GLY A 43 36.65 -1.79 -52.28
N LEU A 44 37.66 -2.24 -53.01
CA LEU A 44 38.98 -2.50 -52.45
C LEU A 44 38.86 -3.43 -51.25
N ARG A 45 38.22 -4.59 -51.46
CA ARG A 45 37.93 -5.50 -50.36
C ARG A 45 39.19 -6.06 -49.70
N ASN A 46 40.25 -6.21 -50.50
CA ASN A 46 41.48 -6.80 -50.00
C ASN A 46 42.54 -5.79 -49.54
N VAL A 47 42.17 -4.51 -49.39
CA VAL A 47 43.15 -3.51 -48.90
C VAL A 47 43.60 -3.80 -47.48
N GLN A 48 44.89 -3.56 -47.24
CA GLN A 48 45.43 -3.63 -45.89
C GLN A 48 45.24 -2.27 -45.22
N ALA A 49 44.82 -2.29 -43.97
CA ALA A 49 44.87 -1.12 -43.12
C ALA A 49 46.22 -0.40 -43.25
N GLU A 50 46.17 0.89 -43.61
CA GLU A 50 47.35 1.77 -43.75
C GLU A 50 48.10 1.52 -45.06
N GLU A 51 47.47 0.82 -45.99
CA GLU A 51 48.07 0.59 -47.32
C GLU A 51 47.95 1.82 -48.22
N MET A 52 48.86 1.93 -49.17
CA MET A 52 48.83 3.00 -50.17
C MET A 52 48.17 2.55 -51.47
N VAL A 53 47.09 3.23 -51.84
CA VAL A 53 46.38 3.01 -53.11
C VAL A 53 46.62 4.16 -54.10
N GLU A 54 46.28 3.93 -55.38
CA GLU A 54 46.46 4.95 -56.43
C GLU A 54 45.17 5.33 -57.18
N PHE A 55 44.84 6.61 -57.15
CA PHE A 55 43.71 7.16 -57.89
C PHE A 55 44.02 7.27 -59.38
N SER A 56 42.96 7.26 -60.20
CA SER A 56 43.08 7.22 -61.66
C SER A 56 43.91 8.36 -62.25
N SER A 57 43.85 9.52 -61.61
CA SER A 57 44.62 10.69 -61.99
C SER A 57 46.11 10.58 -61.63
N GLY A 58 46.45 9.59 -60.82
CA GLY A 58 47.83 9.35 -60.40
C GLY A 58 48.27 9.90 -59.03
N LEU A 59 47.33 10.46 -58.29
CA LEU A 59 47.60 10.88 -56.90
C LEU A 59 47.56 9.68 -55.97
N LYS A 60 48.38 9.74 -54.92
CA LYS A 60 48.46 8.65 -53.96
C LYS A 60 47.38 8.78 -52.89
N GLY A 61 47.14 7.70 -52.17
CA GLY A 61 46.16 7.68 -51.10
C GLY A 61 46.50 6.63 -50.06
N MET A 62 46.27 6.94 -48.80
CA MET A 62 46.52 5.98 -47.74
C MET A 62 45.23 5.62 -47.06
N SER A 63 45.01 4.32 -46.95
CA SER A 63 43.76 3.76 -46.46
C SER A 63 43.80 3.68 -44.94
N LEU A 64 43.26 4.69 -44.26
CA LEU A 64 43.33 4.75 -42.80
C LEU A 64 42.08 4.25 -42.07
N ASN A 65 40.94 4.31 -42.75
CA ASN A 65 39.70 3.79 -42.22
C ASN A 65 39.19 2.70 -43.14
N LEU A 66 39.11 1.47 -42.60
CA LEU A 66 38.45 0.38 -43.32
C LEU A 66 37.12 0.13 -42.64
N GLU A 67 36.06 0.57 -43.29
CA GLU A 67 34.74 0.47 -42.70
C GLU A 67 33.96 -0.64 -43.39
N PRO A 68 32.86 -1.10 -42.78
CA PRO A 68 32.12 -2.22 -43.37
C PRO A 68 31.77 -2.06 -44.85
N ASP A 69 31.47 -0.83 -45.29
CA ASP A 69 30.94 -0.61 -46.63
C ASP A 69 31.67 0.46 -47.44
N ASN A 70 32.87 0.80 -46.99
CA ASN A 70 33.71 1.81 -47.65
C ASN A 70 35.11 1.84 -47.03
N VAL A 71 36.06 2.46 -47.75
CA VAL A 71 37.43 2.67 -47.26
C VAL A 71 37.73 4.16 -47.17
N GLY A 72 38.02 4.63 -45.95
CA GLY A 72 38.41 6.02 -45.73
C GLY A 72 39.82 6.19 -46.24
N VAL A 73 39.95 6.79 -47.42
CA VAL A 73 41.26 7.03 -48.03
C VAL A 73 41.72 8.47 -47.83
N VAL A 74 42.99 8.64 -47.45
CA VAL A 74 43.57 9.96 -47.20
C VAL A 74 44.46 10.43 -48.37
N VAL A 75 44.10 11.59 -48.93
CA VAL A 75 44.57 12.10 -50.23
C VAL A 75 45.91 12.84 -50.23
N PHE A 76 46.90 12.26 -50.91
CA PHE A 76 48.20 12.88 -51.08
C PHE A 76 48.23 13.87 -52.25
N GLY A 77 47.43 14.94 -52.14
CA GLY A 77 47.42 16.00 -53.16
C GLY A 77 46.13 16.79 -53.20
N ASN A 78 45.96 17.54 -54.29
CA ASN A 78 44.76 18.32 -54.56
C ASN A 78 43.51 17.42 -54.70
N ASP A 79 42.40 17.81 -54.09
CA ASP A 79 41.15 17.09 -54.33
C ASP A 79 40.62 17.21 -55.76
N LYS A 80 41.00 18.28 -56.46
CA LYS A 80 40.40 18.61 -57.74
C LYS A 80 40.53 17.48 -58.76
N LEU A 81 41.54 16.64 -58.59
CA LEU A 81 41.82 15.57 -59.54
C LEU A 81 40.93 14.33 -59.36
N ILE A 82 40.26 14.25 -58.21
CA ILE A 82 39.45 13.08 -57.88
C ILE A 82 37.95 13.40 -57.95
N LYS A 83 37.23 12.66 -58.78
CA LYS A 83 35.77 12.78 -58.86
C LYS A 83 35.08 11.50 -58.39
N GLU A 84 33.80 11.64 -58.05
CA GLU A 84 32.89 10.51 -57.83
C GLU A 84 32.99 9.53 -59.00
N GLY A 85 33.18 8.26 -58.66
CA GLY A 85 33.25 7.18 -59.64
C GLY A 85 34.66 6.92 -60.15
N ASP A 86 35.65 7.69 -59.68
CA ASP A 86 37.03 7.47 -60.09
C ASP A 86 37.53 6.13 -59.59
N ILE A 87 38.26 5.44 -60.46
CA ILE A 87 38.84 4.16 -60.13
C ILE A 87 40.03 4.34 -59.17
N VAL A 88 40.02 3.55 -58.10
CA VAL A 88 41.11 3.49 -57.13
C VAL A 88 41.70 2.08 -57.12
N LYS A 89 43.02 2.01 -57.36
CA LYS A 89 43.74 0.75 -57.47
C LYS A 89 44.57 0.44 -56.23
N ARG A 90 44.73 -0.84 -55.94
CA ARG A 90 45.88 -1.30 -55.15
C ARG A 90 46.97 -1.61 -56.16
N THR A 91 48.16 -1.02 -56.00
CA THR A 91 49.29 -1.32 -56.90
C THR A 91 50.31 -2.26 -56.26
N GLY A 92 49.95 -2.81 -55.10
CA GLY A 92 50.86 -3.63 -54.30
C GLY A 92 51.95 -2.77 -53.69
N ALA A 93 51.62 -1.49 -53.48
CA ALA A 93 52.56 -0.49 -52.99
C ALA A 93 52.97 -0.74 -51.52
N ILE A 94 54.10 -0.16 -51.14
CA ILE A 94 54.70 -0.36 -49.83
C ILE A 94 55.26 0.98 -49.32
N VAL A 95 54.69 1.52 -48.23
CA VAL A 95 55.05 2.89 -47.79
C VAL A 95 56.46 2.95 -47.21
N ASP A 96 57.42 3.14 -48.11
CA ASP A 96 58.81 3.09 -47.73
C ASP A 96 59.50 4.30 -48.31
N VAL A 97 60.76 4.50 -47.94
CA VAL A 97 61.51 5.63 -48.44
C VAL A 97 62.93 5.25 -48.82
N PRO A 98 63.48 5.92 -49.85
CA PRO A 98 64.85 5.67 -50.20
C PRO A 98 65.72 5.98 -48.99
N VAL A 99 66.73 5.15 -48.77
CA VAL A 99 67.59 5.25 -47.59
C VAL A 99 69.07 5.06 -47.95
N GLY A 100 69.92 5.88 -47.35
CA GLY A 100 71.36 5.77 -47.56
C GLY A 100 72.17 7.06 -47.51
N GLU A 101 73.46 6.93 -47.78
CA GLU A 101 74.41 8.03 -47.74
C GLU A 101 74.21 8.98 -48.92
N GLU A 102 73.55 8.48 -49.96
CA GLU A 102 73.28 9.27 -51.17
C GLU A 102 72.17 10.32 -50.98
N LEU A 103 71.50 10.26 -49.83
CA LEU A 103 70.59 11.30 -49.38
C LEU A 103 71.32 12.52 -48.79
N LEU A 104 72.55 12.33 -48.31
CA LEU A 104 73.38 13.43 -47.76
C LEU A 104 73.64 14.52 -48.81
N GLY A 105 73.53 15.78 -48.38
CA GLY A 105 73.58 16.94 -49.28
C GLY A 105 72.31 17.18 -50.10
N ARG A 106 71.26 16.41 -49.83
CA ARG A 106 70.03 16.52 -50.61
C ARG A 106 68.85 17.02 -49.80
N VAL A 107 67.97 17.77 -50.46
CA VAL A 107 66.66 18.13 -49.91
C VAL A 107 65.61 17.31 -50.65
N VAL A 108 64.86 16.55 -49.86
CA VAL A 108 63.85 15.62 -50.36
C VAL A 108 62.50 15.93 -49.72
N ASP A 109 61.42 15.44 -50.31
CA ASP A 109 60.11 15.65 -49.70
C ASP A 109 59.84 14.55 -48.69
N ALA A 110 58.62 14.47 -48.19
CA ALA A 110 58.31 13.50 -47.16
C ALA A 110 58.53 12.05 -47.63
N LEU A 111 58.58 11.84 -48.94
CA LEU A 111 58.75 10.47 -49.46
C LEU A 111 60.10 10.29 -50.15
N GLY A 112 61.03 11.20 -49.88
CA GLY A 112 62.38 11.08 -50.41
C GLY A 112 62.55 11.50 -51.87
N ASN A 113 61.48 12.02 -52.47
CA ASN A 113 61.58 12.65 -53.77
C ASN A 113 62.47 13.88 -53.66
N ALA A 114 63.42 14.04 -54.58
CA ALA A 114 64.31 15.20 -54.52
C ALA A 114 63.53 16.45 -54.91
N ILE A 115 63.72 17.51 -54.14
CA ILE A 115 63.03 18.77 -54.42
C ILE A 115 63.99 19.97 -54.48
N ASP A 116 65.29 19.66 -54.50
CA ASP A 116 66.35 20.68 -54.63
C ASP A 116 66.84 20.88 -56.07
N GLY A 117 66.23 20.13 -57.00
CA GLY A 117 66.51 20.32 -58.42
C GLY A 117 67.82 19.72 -58.90
N LYS A 118 68.37 18.79 -58.12
CA LYS A 118 69.68 18.19 -58.45
C LYS A 118 69.54 16.75 -58.94
N GLY A 119 68.35 16.44 -59.45
CA GLY A 119 68.08 15.16 -60.10
C GLY A 119 67.96 14.00 -59.14
N PRO A 120 68.04 12.77 -59.69
CA PRO A 120 67.76 11.55 -58.93
C PRO A 120 68.59 11.37 -57.65
N ILE A 121 67.94 10.84 -56.61
CA ILE A 121 68.62 10.29 -55.46
C ILE A 121 69.18 8.93 -55.89
N GLY A 122 70.50 8.78 -55.88
CA GLY A 122 71.12 7.53 -56.35
C GLY A 122 71.06 6.43 -55.32
N SER A 123 69.86 6.18 -54.78
CA SER A 123 69.68 5.31 -53.62
C SER A 123 69.62 3.82 -53.94
N LYS A 124 70.44 3.04 -53.24
CA LYS A 124 70.52 1.61 -53.49
C LYS A 124 69.73 0.79 -52.48
N ALA A 125 69.27 1.43 -51.42
CA ALA A 125 68.50 0.77 -50.38
C ALA A 125 67.19 1.52 -50.08
N ARG A 126 66.22 0.81 -49.54
CA ARG A 126 64.97 1.40 -49.07
C ARG A 126 64.61 0.88 -47.67
N ARG A 127 63.82 1.66 -46.93
CA ARG A 127 63.31 1.25 -45.61
C ARG A 127 61.85 1.68 -45.44
N ARG A 128 61.04 0.80 -44.87
CA ARG A 128 59.66 1.12 -44.47
C ARG A 128 59.65 2.27 -43.46
N VAL A 129 58.67 3.18 -43.59
CA VAL A 129 58.57 4.35 -42.72
C VAL A 129 57.85 4.07 -41.38
N GLY A 130 57.05 2.99 -41.34
CA GLY A 130 56.36 2.59 -40.12
C GLY A 130 56.91 1.28 -39.56
N LEU A 131 57.77 1.39 -38.55
CA LEU A 131 58.46 0.23 -37.99
C LEU A 131 58.59 0.33 -36.48
N LYS A 132 58.59 -0.83 -35.81
CA LYS A 132 58.80 -0.91 -34.38
C LYS A 132 60.19 -0.35 -33.96
N ALA A 133 60.25 0.33 -32.81
CA ALA A 133 61.53 0.75 -32.25
C ALA A 133 62.29 -0.46 -31.71
N PRO A 134 63.63 -0.40 -31.70
CA PRO A 134 64.36 -1.47 -31.03
C PRO A 134 63.79 -1.68 -29.62
N GLY A 135 63.73 -2.93 -29.20
CA GLY A 135 63.11 -3.30 -27.93
C GLY A 135 63.97 -3.02 -26.71
N ILE A 136 63.63 -3.71 -25.62
CA ILE A 136 64.30 -3.52 -24.36
C ILE A 136 65.73 -4.07 -24.40
N ILE A 137 65.90 -5.23 -25.02
CA ILE A 137 67.17 -5.97 -24.99
C ILE A 137 68.31 -5.45 -25.88
N PRO A 138 68.01 -5.06 -27.15
CA PRO A 138 69.03 -4.63 -28.12
C PRO A 138 69.70 -3.27 -27.86
N ARG A 139 69.62 -2.75 -26.64
CA ARG A 139 70.21 -1.43 -26.32
C ARG A 139 71.19 -1.47 -25.15
N ILE A 140 72.14 -0.55 -25.15
CA ILE A 140 72.98 -0.28 -23.97
C ILE A 140 72.76 1.17 -23.47
N SER A 141 72.99 1.42 -22.19
CA SER A 141 72.80 2.75 -21.61
C SER A 141 73.37 3.87 -22.48
N VAL A 142 72.66 5.00 -22.54
CA VAL A 142 73.17 6.20 -23.21
C VAL A 142 74.43 6.71 -22.50
N ARG A 143 75.55 6.71 -23.24
CA ARG A 143 76.87 6.96 -22.65
C ARG A 143 77.68 8.04 -23.36
N GLU A 144 77.71 7.97 -24.69
CA GLU A 144 78.58 8.83 -25.51
C GLU A 144 78.02 10.23 -25.68
N PRO A 145 78.88 11.25 -25.55
CA PRO A 145 78.41 12.62 -25.71
C PRO A 145 77.82 12.93 -27.10
N MET A 146 76.86 13.84 -27.10
CA MET A 146 76.29 14.40 -28.30
C MET A 146 76.49 15.92 -28.17
N GLN A 147 77.64 16.38 -28.67
CA GLN A 147 78.05 17.75 -28.40
C GLN A 147 77.24 18.71 -29.26
N THR A 148 76.51 19.62 -28.61
CA THR A 148 75.77 20.67 -29.33
C THR A 148 76.66 21.85 -29.70
N GLY A 149 77.72 22.08 -28.92
CA GLY A 149 78.55 23.27 -29.10
C GLY A 149 77.95 24.51 -28.47
N ILE A 150 76.76 24.35 -27.91
CA ILE A 150 76.11 25.39 -27.13
C ILE A 150 76.53 25.18 -25.68
N LYS A 151 77.14 26.20 -25.09
CA LYS A 151 77.66 26.14 -23.73
C LYS A 151 76.61 25.75 -22.69
N ALA A 152 75.51 26.50 -22.69
CA ALA A 152 74.40 26.27 -21.76
C ALA A 152 73.93 24.82 -21.79
N VAL A 153 73.94 24.21 -22.98
CA VAL A 153 73.43 22.86 -23.15
C VAL A 153 74.47 21.83 -22.77
N ASP A 154 75.63 21.87 -23.46
CA ASP A 154 76.69 20.91 -23.19
C ASP A 154 77.06 20.91 -21.70
N SER A 155 76.96 22.06 -21.03
CA SER A 155 77.31 22.12 -19.61
C SER A 155 76.16 21.74 -18.71
N LEU A 156 75.00 22.38 -18.89
CA LEU A 156 73.92 22.27 -17.91
C LEU A 156 72.74 21.38 -18.27
N VAL A 157 72.69 20.91 -19.52
CA VAL A 157 71.57 20.08 -20.00
C VAL A 157 72.08 19.08 -21.03
N PRO A 158 73.25 18.47 -20.76
CA PRO A 158 74.02 17.75 -21.77
C PRO A 158 73.28 16.58 -22.38
N ILE A 159 73.32 16.49 -23.72
CA ILE A 159 72.66 15.41 -24.47
C ILE A 159 73.64 14.26 -24.75
N GLY A 160 73.07 13.09 -24.99
CA GLY A 160 73.86 11.90 -25.24
C GLY A 160 73.33 11.15 -26.45
N ARG A 161 74.24 10.43 -27.11
CA ARG A 161 73.90 9.75 -28.35
C ARG A 161 72.88 8.69 -28.08
N GLY A 162 71.68 8.90 -28.62
CA GLY A 162 70.58 7.96 -28.41
C GLY A 162 69.42 8.52 -27.61
N GLN A 163 69.70 9.50 -26.76
CA GLN A 163 68.71 10.20 -25.96
C GLN A 163 67.67 10.91 -26.85
N ARG A 164 66.49 11.18 -26.29
CA ARG A 164 65.55 12.13 -26.89
C ARG A 164 65.49 13.35 -25.98
N GLU A 165 65.73 14.52 -26.54
CA GLU A 165 65.81 15.76 -25.78
C GLU A 165 64.93 16.80 -26.43
N LEU A 166 63.88 17.20 -25.73
CA LEU A 166 62.90 18.10 -26.34
C LEU A 166 63.45 19.51 -26.35
N ILE A 167 63.25 20.19 -27.48
CA ILE A 167 63.44 21.64 -27.63
C ILE A 167 62.05 22.33 -27.63
N ILE A 168 61.82 23.17 -26.63
CA ILE A 168 60.47 23.68 -26.37
C ILE A 168 60.49 25.13 -25.90
N GLY A 169 59.55 25.90 -26.40
CA GLY A 169 59.41 27.28 -26.05
C GLY A 169 58.26 27.84 -26.84
N ASP A 170 57.88 29.08 -26.55
CA ASP A 170 56.90 29.79 -27.37
C ASP A 170 57.43 30.08 -28.78
N ARG A 171 56.60 30.69 -29.61
CA ARG A 171 57.02 31.10 -30.93
C ARG A 171 58.24 32.02 -30.82
N GLN A 172 59.17 31.87 -31.76
CA GLN A 172 60.18 32.90 -31.99
C GLN A 172 61.13 33.07 -30.77
N THR A 173 61.40 31.97 -30.08
CA THR A 173 62.25 31.98 -28.87
C THR A 173 63.67 31.47 -29.13
N GLY A 174 63.91 30.89 -30.30
CA GLY A 174 65.24 30.41 -30.68
C GLY A 174 65.37 28.90 -30.78
N LYS A 175 64.24 28.23 -31.04
CA LYS A 175 64.14 26.77 -31.03
C LYS A 175 64.83 26.13 -32.22
N THR A 176 64.55 26.63 -33.42
CA THR A 176 65.25 26.18 -34.61
C THR A 176 66.77 26.40 -34.50
N SER A 177 67.16 27.55 -33.97
CA SER A 177 68.57 27.86 -33.75
C SER A 177 69.33 26.78 -33.01
N ILE A 178 68.80 26.33 -31.87
CA ILE A 178 69.47 25.27 -31.07
C ILE A 178 69.81 24.04 -31.93
N ALA A 179 68.88 23.63 -32.77
CA ALA A 179 69.10 22.51 -33.66
C ALA A 179 70.15 22.84 -34.73
N ILE A 180 70.01 24.00 -35.40
CA ILE A 180 70.91 24.41 -36.49
C ILE A 180 72.38 24.45 -36.07
N ASP A 181 72.66 25.14 -34.95
CA ASP A 181 74.00 25.20 -34.41
C ASP A 181 74.51 23.80 -34.06
N THR A 182 73.65 22.99 -33.46
CA THR A 182 74.04 21.63 -33.13
C THR A 182 74.53 20.92 -34.39
N ILE A 183 73.82 21.10 -35.51
CA ILE A 183 74.17 20.47 -36.80
C ILE A 183 75.47 21.05 -37.39
N ILE A 184 75.66 22.35 -37.22
CA ILE A 184 76.85 23.05 -37.74
C ILE A 184 78.08 22.58 -36.98
N ASN A 185 77.87 22.18 -35.72
CA ASN A 185 78.93 21.78 -34.78
C ASN A 185 79.61 20.47 -35.17
N GLN A 186 78.83 19.57 -35.77
CA GLN A 186 79.31 18.23 -36.10
C GLN A 186 80.45 18.22 -37.12
N LYS A 187 80.48 19.26 -37.96
CA LYS A 187 81.53 19.47 -38.96
C LYS A 187 82.89 19.09 -38.39
N ARG A 188 83.18 19.61 -37.20
CA ARG A 188 84.46 19.40 -36.51
C ARG A 188 84.79 17.93 -36.22
N PHE A 189 83.77 17.07 -36.16
CA PHE A 189 83.98 15.65 -35.95
C PHE A 189 83.97 14.92 -37.28
N ASN A 190 83.17 15.40 -38.22
CA ASN A 190 82.95 14.67 -39.46
C ASN A 190 84.10 14.80 -40.44
N ASP A 191 84.85 15.90 -40.35
CA ASP A 191 86.01 16.10 -41.18
C ASP A 191 87.24 15.43 -40.56
N GLY A 192 87.07 14.91 -39.35
CA GLY A 192 88.13 14.18 -38.63
C GLY A 192 88.31 12.75 -39.11
N THR A 193 89.20 12.02 -38.43
CA THR A 193 89.45 10.61 -38.78
C THR A 193 88.95 9.63 -37.71
N ASP A 194 88.26 10.16 -36.69
CA ASP A 194 87.56 9.34 -35.70
C ASP A 194 86.14 8.97 -36.17
N GLU A 195 85.97 7.74 -36.64
CA GLU A 195 84.68 7.22 -37.12
C GLU A 195 83.63 7.14 -36.00
N LYS A 196 84.13 6.85 -34.79
CA LYS A 196 83.35 6.83 -33.57
C LYS A 196 82.59 8.14 -33.28
N LYS A 197 83.27 9.25 -33.51
CA LYS A 197 82.73 10.56 -33.13
C LYS A 197 81.82 11.20 -34.19
N LYS A 198 81.83 10.65 -35.40
CA LYS A 198 81.06 11.24 -36.50
C LYS A 198 79.54 11.18 -36.26
N LEU A 199 78.83 12.18 -36.77
CA LEU A 199 77.38 12.29 -36.58
C LEU A 199 76.72 12.82 -37.86
N TYR A 200 75.90 12.00 -38.51
CA TYR A 200 75.16 12.43 -39.70
C TYR A 200 73.82 13.04 -39.27
N CYS A 201 73.38 14.06 -39.99
CA CYS A 201 72.24 14.82 -39.53
C CYS A 201 71.03 14.76 -40.44
N ILE A 202 69.85 14.84 -39.83
CA ILE A 202 68.62 14.89 -40.58
C ILE A 202 67.76 15.97 -39.97
N TYR A 203 67.43 16.99 -40.77
CA TYR A 203 66.51 18.00 -40.34
C TYR A 203 65.19 17.86 -41.08
N VAL A 204 64.15 17.52 -40.33
CA VAL A 204 62.78 17.42 -40.85
C VAL A 204 61.99 18.74 -40.67
N ALA A 205 61.65 19.38 -41.78
CA ALA A 205 60.78 20.55 -41.71
C ALA A 205 59.34 20.10 -41.92
N ILE A 206 58.56 20.17 -40.84
CA ILE A 206 57.14 19.89 -40.91
C ILE A 206 56.35 21.21 -40.79
N GLY A 207 55.54 21.50 -41.78
CA GLY A 207 54.61 22.63 -41.71
C GLY A 207 55.17 24.04 -41.84
N GLN A 208 56.49 24.15 -42.02
CA GLN A 208 57.16 25.44 -42.28
C GLN A 208 56.87 25.92 -43.70
N LYS A 209 57.16 27.19 -44.00
CA LYS A 209 57.04 27.69 -45.37
C LYS A 209 58.33 27.46 -46.18
N ARG A 210 58.19 27.21 -47.47
CA ARG A 210 59.34 26.90 -48.32
C ARG A 210 60.48 27.91 -48.25
N SER A 211 60.18 29.21 -48.32
CA SER A 211 61.23 30.23 -48.24
C SER A 211 62.07 30.16 -46.95
N THR A 212 61.43 29.89 -45.81
CA THR A 212 62.07 29.71 -44.50
C THR A 212 63.01 28.51 -44.57
N VAL A 213 62.52 27.41 -45.13
CA VAL A 213 63.35 26.21 -45.34
C VAL A 213 64.56 26.55 -46.20
N ALA A 214 64.35 27.37 -47.24
CA ALA A 214 65.40 27.66 -48.20
C ALA A 214 66.55 28.39 -47.55
N GLN A 215 66.19 29.37 -46.69
CA GLN A 215 67.15 30.13 -45.88
C GLN A 215 67.84 29.20 -44.91
N LEU A 216 67.08 28.24 -44.40
CA LEU A 216 67.60 27.19 -43.55
C LEU A 216 68.79 26.47 -44.21
N VAL A 217 68.55 25.84 -45.37
CA VAL A 217 69.60 25.08 -46.06
C VAL A 217 70.75 25.94 -46.62
N LYS A 218 70.49 27.23 -46.82
CA LYS A 218 71.51 28.18 -47.25
C LYS A 218 72.55 28.34 -46.14
N ARG A 219 72.03 28.46 -44.92
CA ARG A 219 72.83 28.61 -43.71
C ARG A 219 73.65 27.36 -43.43
N LEU A 220 73.05 26.20 -43.70
CA LEU A 220 73.78 24.93 -43.61
C LEU A 220 74.85 24.83 -44.70
N THR A 221 74.49 25.20 -45.94
CA THR A 221 75.45 25.20 -47.06
C THR A 221 76.61 26.14 -46.80
N ASP A 222 76.32 27.36 -46.37
CA ASP A 222 77.36 28.35 -46.05
C ASP A 222 78.33 27.83 -44.98
N ALA A 223 77.81 27.13 -44.00
CA ALA A 223 78.63 26.52 -42.94
C ALA A 223 79.19 25.15 -43.37
N ASP A 224 79.05 24.83 -44.67
CA ASP A 224 79.62 23.62 -45.26
C ASP A 224 79.12 22.41 -44.44
N ALA A 225 77.89 22.53 -43.96
CA ALA A 225 77.22 21.52 -43.12
C ALA A 225 76.30 20.61 -43.92
N MET A 226 75.85 21.07 -45.09
CA MET A 226 74.89 20.29 -45.90
C MET A 226 75.41 18.91 -46.28
N LYS A 227 76.72 18.77 -46.49
CA LYS A 227 77.28 17.53 -47.01
C LYS A 227 77.01 16.29 -46.14
N TYR A 228 76.74 16.49 -44.85
CA TYR A 228 76.36 15.40 -43.95
C TYR A 228 74.95 15.55 -43.38
N THR A 229 74.12 16.40 -43.99
CA THR A 229 72.75 16.58 -43.51
C THR A 229 71.73 16.24 -44.58
N ILE A 230 70.71 15.49 -44.18
CA ILE A 230 69.54 15.24 -45.04
C ILE A 230 68.43 16.17 -44.58
N VAL A 231 67.87 16.93 -45.52
CA VAL A 231 66.71 17.76 -45.23
C VAL A 231 65.47 17.14 -45.86
N VAL A 232 64.56 16.70 -44.99
CA VAL A 232 63.27 16.12 -45.36
C VAL A 232 62.24 17.20 -45.06
N SER A 233 61.75 17.87 -46.09
CA SER A 233 60.84 19.02 -45.90
C SER A 233 59.41 18.78 -46.41
N ALA A 234 58.43 18.73 -45.49
CA ALA A 234 56.99 18.64 -45.88
C ALA A 234 56.27 19.92 -45.46
N THR A 235 56.22 20.87 -46.39
CA THR A 235 55.89 22.25 -46.09
C THR A 235 54.38 22.54 -46.01
N ALA A 236 54.05 23.81 -45.80
CA ALA A 236 52.70 24.24 -45.42
C ALA A 236 51.61 23.96 -46.45
N SER A 237 51.99 23.91 -47.72
CA SER A 237 51.06 23.57 -48.77
C SER A 237 51.15 22.09 -49.19
N ASP A 238 51.93 21.28 -48.48
CA ASP A 238 51.92 19.86 -48.76
C ASP A 238 50.76 19.29 -47.95
N ALA A 239 49.92 18.51 -48.62
CA ALA A 239 48.79 17.84 -48.03
C ALA A 239 49.07 17.29 -46.65
N ALA A 240 48.01 17.19 -45.85
CA ALA A 240 48.09 16.77 -44.45
C ALA A 240 48.86 15.48 -44.21
N PRO A 241 48.54 14.39 -44.91
CA PRO A 241 49.26 13.13 -44.73
C PRO A 241 50.79 13.21 -44.98
N LEU A 242 51.24 14.10 -45.84
CA LEU A 242 52.68 14.20 -46.10
C LEU A 242 53.34 14.71 -44.84
N GLN A 243 52.78 15.78 -44.27
CA GLN A 243 53.29 16.34 -43.03
C GLN A 243 53.22 15.32 -41.88
N TYR A 244 52.31 14.36 -42.01
CA TYR A 244 52.18 13.27 -41.07
C TYR A 244 53.30 12.24 -41.20
N LEU A 245 53.68 11.89 -42.44
CA LEU A 245 54.71 10.85 -42.64
C LEU A 245 56.14 11.35 -42.46
N ALA A 246 56.35 12.64 -42.78
CA ALA A 246 57.71 13.21 -42.82
C ALA A 246 58.62 12.82 -41.63
N PRO A 247 58.12 12.99 -40.38
CA PRO A 247 58.93 12.60 -39.23
C PRO A 247 59.36 11.14 -39.29
N TYR A 248 58.42 10.24 -39.65
CA TYR A 248 58.70 8.81 -39.82
C TYR A 248 59.71 8.52 -40.95
N SER A 249 59.49 9.13 -42.12
CA SER A 249 60.40 9.01 -43.26
C SER A 249 61.82 9.46 -42.87
N GLY A 250 61.89 10.62 -42.21
CA GLY A 250 63.15 11.13 -41.70
C GLY A 250 63.72 10.13 -40.72
N CYS A 251 62.86 9.62 -39.84
CA CYS A 251 63.27 8.70 -38.80
C CYS A 251 63.87 7.44 -39.40
N SER A 252 63.24 6.89 -40.44
CA SER A 252 63.76 5.71 -41.10
C SER A 252 65.14 5.95 -41.71
N MET A 253 65.33 7.12 -42.35
CA MET A 253 66.65 7.47 -42.91
C MET A 253 67.75 7.52 -41.83
N GLY A 254 67.40 7.98 -40.65
CA GLY A 254 68.36 8.04 -39.56
C GLY A 254 68.61 6.68 -38.93
N GLU A 255 67.72 5.72 -39.21
CA GLU A 255 67.87 4.37 -38.69
C GLU A 255 68.87 3.56 -39.52
N TYR A 256 69.01 3.91 -40.79
CA TYR A 256 70.01 3.30 -41.67
C TYR A 256 71.39 3.41 -41.04
N PHE A 257 71.67 4.58 -40.46
CA PHE A 257 72.90 4.83 -39.75
C PHE A 257 72.94 4.06 -38.43
N ARG A 258 71.88 4.20 -37.63
CA ARG A 258 71.78 3.50 -36.34
C ARG A 258 72.10 2.01 -36.50
N ASP A 259 71.50 1.36 -37.50
CA ASP A 259 71.59 -0.10 -37.66
C ASP A 259 72.91 -0.61 -38.27
N ASN A 260 73.55 0.26 -39.07
CA ASN A 260 74.83 -0.07 -39.73
C ASN A 260 76.02 0.58 -39.06
N GLY A 261 75.98 0.62 -37.72
CA GLY A 261 77.15 0.92 -36.90
C GLY A 261 77.44 2.39 -36.71
N LYS A 262 76.53 3.23 -37.21
CA LYS A 262 76.77 4.67 -37.22
C LYS A 262 75.81 5.46 -36.35
N HIS A 263 75.99 6.77 -36.36
CA HIS A 263 75.25 7.67 -35.51
C HIS A 263 74.61 8.78 -36.34
N ALA A 264 73.34 8.98 -36.08
CA ALA A 264 72.59 10.01 -36.75
C ALA A 264 71.93 10.90 -35.71
N LEU A 265 71.68 12.14 -36.11
CA LEU A 265 70.94 13.09 -35.28
C LEU A 265 69.73 13.47 -36.07
N ILE A 266 68.57 13.39 -35.44
CA ILE A 266 67.31 13.78 -36.09
C ILE A 266 66.61 14.96 -35.40
N ILE A 267 66.30 15.99 -36.19
CA ILE A 267 65.53 17.11 -35.68
C ILE A 267 64.17 17.07 -36.34
N TYR A 268 63.13 17.00 -35.51
CA TYR A 268 61.76 17.07 -36.00
C TYR A 268 61.27 18.48 -35.74
N ASP A 269 60.97 19.23 -36.80
CA ASP A 269 60.70 20.65 -36.67
C ASP A 269 59.47 21.07 -37.48
N ASP A 270 58.29 21.13 -36.85
CA ASP A 270 58.10 20.73 -35.45
C ASP A 270 57.00 19.66 -35.31
N LEU A 271 56.71 19.24 -34.08
CA LEU A 271 55.72 18.18 -33.86
C LEU A 271 54.30 18.71 -33.57
N SER A 272 54.21 19.95 -33.06
CA SER A 272 52.93 20.63 -32.91
C SER A 272 52.17 20.53 -34.23
N LYS A 273 52.87 20.97 -35.27
CA LYS A 273 52.35 21.06 -36.63
C LYS A 273 52.02 19.70 -37.25
N GLN A 274 52.86 18.71 -36.93
CA GLN A 274 52.58 17.34 -37.30
C GLN A 274 51.26 16.88 -36.70
N ALA A 275 51.10 17.12 -35.40
CA ALA A 275 49.91 16.69 -34.67
C ALA A 275 48.69 17.34 -35.31
N VAL A 276 48.82 18.62 -35.63
CA VAL A 276 47.77 19.38 -36.30
C VAL A 276 47.36 18.70 -37.62
N ALA A 277 48.33 18.24 -38.39
CA ALA A 277 48.02 17.57 -39.66
C ALA A 277 47.25 16.28 -39.42
N TYR A 278 47.64 15.54 -38.39
CA TYR A 278 46.98 14.31 -38.01
C TYR A 278 45.57 14.60 -37.45
N ARG A 279 45.46 15.61 -36.58
CA ARG A 279 44.17 16.05 -36.07
C ARG A 279 43.20 16.33 -37.22
N GLN A 280 43.72 16.91 -38.31
CA GLN A 280 42.92 17.22 -39.48
C GLN A 280 42.34 15.93 -40.03
N MET A 281 43.22 14.98 -40.30
CA MET A 281 42.83 13.74 -40.93
C MET A 281 41.85 13.00 -40.05
N SER A 282 42.09 13.00 -38.74
CA SER A 282 41.23 12.22 -37.83
C SER A 282 39.81 12.76 -37.81
N LEU A 283 39.71 14.07 -37.57
CA LEU A 283 38.43 14.77 -37.54
C LEU A 283 37.64 14.64 -38.84
N LEU A 284 38.34 14.73 -39.97
CA LEU A 284 37.69 14.59 -41.27
C LEU A 284 37.31 13.14 -41.55
N LEU A 285 38.12 12.22 -41.06
CA LEU A 285 37.75 10.82 -41.04
C LEU A 285 36.65 10.52 -39.99
N ARG A 286 36.28 11.54 -39.23
CA ARG A 286 35.18 11.44 -38.25
C ARG A 286 35.47 10.54 -37.07
N ARG A 287 36.75 10.45 -36.73
CA ARG A 287 37.20 9.75 -35.54
C ARG A 287 36.87 10.68 -34.38
N PRO A 288 36.75 10.14 -33.15
CA PRO A 288 36.32 10.96 -32.01
C PRO A 288 37.33 12.00 -31.49
N PRO A 289 36.88 13.25 -31.37
CA PRO A 289 37.74 14.32 -30.86
C PRO A 289 37.84 14.32 -29.35
N GLY A 290 39.03 14.61 -28.84
CA GLY A 290 39.26 14.67 -27.39
C GLY A 290 39.72 16.05 -26.99
N ARG A 291 40.54 16.13 -25.96
CA ARG A 291 41.10 17.40 -25.50
C ARG A 291 41.74 18.13 -26.68
N GLU A 292 41.37 19.39 -26.83
CA GLU A 292 41.87 20.21 -27.95
C GLU A 292 41.53 19.63 -29.33
N ALA A 293 40.54 18.74 -29.37
CA ALA A 293 40.05 18.05 -30.58
C ALA A 293 41.06 17.08 -31.17
N TYR A 294 42.08 16.77 -30.39
CA TYR A 294 43.01 15.72 -30.77
C TYR A 294 42.40 14.33 -30.53
N PRO A 295 42.76 13.35 -31.37
CA PRO A 295 42.21 12.01 -31.14
C PRO A 295 42.92 11.27 -29.99
N GLY A 296 42.38 10.13 -29.60
CA GLY A 296 42.98 9.33 -28.53
C GLY A 296 44.32 8.66 -28.84
N ASP A 297 44.74 8.71 -30.09
CA ASP A 297 46.02 8.10 -30.49
C ASP A 297 47.12 9.12 -30.84
N VAL A 298 46.96 10.35 -30.37
CA VAL A 298 47.97 11.40 -30.64
C VAL A 298 49.27 11.21 -29.83
N PHE A 299 49.15 10.78 -28.58
CA PHE A 299 50.31 10.37 -27.78
C PHE A 299 51.07 9.21 -28.44
N TYR A 300 50.32 8.21 -28.90
CA TYR A 300 50.82 7.05 -29.65
C TYR A 300 51.59 7.49 -30.89
N LEU A 301 51.00 8.40 -31.66
CA LEU A 301 51.63 8.98 -32.83
C LEU A 301 53.07 9.37 -32.49
N HIS A 302 53.21 10.33 -31.58
CA HIS A 302 54.52 10.82 -31.16
C HIS A 302 55.39 9.81 -30.36
N SER A 303 54.77 8.97 -29.52
CA SER A 303 55.55 8.01 -28.73
C SER A 303 56.17 6.89 -29.59
N ARG A 304 55.51 6.51 -30.68
CA ARG A 304 56.15 5.50 -31.53
C ARG A 304 57.27 6.08 -32.41
N LEU A 305 57.20 7.38 -32.71
CA LEU A 305 58.30 8.06 -33.38
C LEU A 305 59.53 8.14 -32.48
N LEU A 306 59.33 8.69 -31.29
CA LEU A 306 60.45 9.00 -30.42
C LEU A 306 61.09 7.81 -29.72
N GLU A 307 60.39 6.69 -29.61
CA GLU A 307 61.02 5.48 -29.10
C GLU A 307 62.09 4.94 -30.06
N ARG A 308 61.93 5.21 -31.36
CA ARG A 308 62.87 4.76 -32.40
C ARG A 308 64.24 5.45 -32.34
N ALA A 309 64.38 6.41 -31.44
CA ALA A 309 65.67 6.95 -31.14
C ALA A 309 66.22 6.05 -30.04
N ALA A 310 67.50 5.72 -30.13
CA ALA A 310 68.02 4.64 -29.30
C ALA A 310 69.52 4.43 -29.45
N LYS A 311 70.14 3.98 -28.37
CA LYS A 311 71.53 3.53 -28.39
C LYS A 311 71.55 2.01 -28.46
N MET A 312 72.07 1.48 -29.56
CA MET A 312 72.18 0.03 -29.74
C MET A 312 73.45 -0.51 -29.06
N ASN A 313 73.39 -1.78 -28.62
CA ASN A 313 74.58 -2.47 -28.07
C ASN A 313 75.57 -2.92 -29.17
N ASP A 314 76.76 -3.36 -28.75
CA ASP A 314 77.78 -3.86 -29.69
C ASP A 314 77.29 -5.03 -30.53
N ALA A 315 76.56 -5.95 -29.89
CA ALA A 315 75.99 -7.10 -30.59
C ALA A 315 75.23 -6.68 -31.85
N PHE A 316 74.58 -5.51 -31.80
CA PHE A 316 73.75 -4.98 -32.87
C PHE A 316 74.40 -3.89 -33.75
N GLY A 317 75.71 -3.69 -33.58
CA GLY A 317 76.46 -2.72 -34.37
C GLY A 317 76.94 -1.53 -33.56
N GLY A 318 76.30 -1.31 -32.42
CA GLY A 318 76.68 -0.19 -31.52
C GLY A 318 76.37 1.23 -31.96
N GLY A 319 75.58 1.39 -33.02
CA GLY A 319 75.20 2.71 -33.50
C GLY A 319 74.04 3.36 -32.74
N SER A 320 73.59 4.52 -33.23
CA SER A 320 72.57 5.26 -32.51
C SER A 320 71.85 6.31 -33.36
N LEU A 321 70.66 6.68 -32.91
CA LEU A 321 69.88 7.77 -33.49
C LEU A 321 69.42 8.64 -32.34
N THR A 322 69.82 9.92 -32.37
CA THR A 322 69.43 10.90 -31.36
C THR A 322 68.34 11.83 -31.91
N ALA A 323 67.31 12.08 -31.10
CA ALA A 323 66.17 12.91 -31.53
C ALA A 323 66.08 14.21 -30.75
N LEU A 324 66.06 15.30 -31.49
CA LEU A 324 65.71 16.61 -30.92
C LEU A 324 64.34 17.04 -31.51
N PRO A 325 63.25 16.52 -30.90
CA PRO A 325 61.92 16.94 -31.29
C PRO A 325 61.68 18.39 -30.92
N VAL A 326 60.95 19.13 -31.76
CA VAL A 326 60.60 20.50 -31.43
C VAL A 326 59.10 20.62 -31.14
N ILE A 327 58.78 21.33 -30.06
CA ILE A 327 57.41 21.63 -29.67
C ILE A 327 57.25 23.14 -29.42
N GLU A 328 56.27 23.73 -30.07
CA GLU A 328 55.92 25.12 -29.81
C GLU A 328 54.85 25.12 -28.71
N THR A 329 55.10 25.84 -27.60
CA THR A 329 54.06 26.14 -26.63
C THR A 329 53.25 27.39 -27.03
N GLN A 330 52.12 27.58 -26.34
CA GLN A 330 51.32 28.81 -26.48
C GLN A 330 51.23 29.54 -25.12
N ALA A 331 51.79 30.76 -25.08
CA ALA A 331 51.99 31.53 -23.81
C ALA A 331 52.61 30.64 -22.73
N GLY A 332 53.68 29.95 -23.12
CA GLY A 332 54.44 29.06 -22.27
C GLY A 332 53.62 28.11 -21.43
N ASP A 333 52.66 27.43 -22.08
CA ASP A 333 51.78 26.43 -21.44
C ASP A 333 52.35 25.05 -21.67
N VAL A 334 53.27 24.64 -20.80
CA VAL A 334 53.88 23.32 -20.89
C VAL A 334 52.90 22.20 -20.53
N SER A 335 51.70 22.57 -20.07
CA SER A 335 50.70 21.60 -19.57
C SER A 335 49.58 21.42 -20.58
N ALA A 336 49.85 21.85 -21.81
CA ALA A 336 48.91 21.71 -22.89
C ALA A 336 49.02 20.28 -23.42
N TYR A 337 47.94 19.77 -23.99
CA TYR A 337 47.89 18.39 -24.42
C TYR A 337 49.16 17.90 -25.13
N ILE A 338 49.46 18.43 -26.31
CA ILE A 338 50.63 17.95 -27.07
C ILE A 338 52.01 18.18 -26.39
N PRO A 339 52.27 19.40 -25.88
CA PRO A 339 53.47 19.55 -25.06
C PRO A 339 53.48 18.50 -23.93
N THR A 340 52.34 18.27 -23.26
CA THR A 340 52.28 17.25 -22.22
C THR A 340 52.77 15.91 -22.75
N ASN A 341 52.34 15.58 -23.95
CA ASN A 341 52.74 14.32 -24.56
C ASN A 341 54.24 14.22 -24.82
N VAL A 342 54.83 15.20 -25.49
CA VAL A 342 56.25 15.07 -25.80
C VAL A 342 57.20 15.23 -24.58
N ILE A 343 56.85 16.11 -23.64
CA ILE A 343 57.58 16.23 -22.38
C ILE A 343 57.59 14.87 -21.70
N SER A 344 56.41 14.25 -21.61
CA SER A 344 56.31 12.96 -20.95
C SER A 344 57.18 11.94 -21.66
N ILE A 345 57.18 12.01 -22.99
CA ILE A 345 57.84 11.00 -23.82
C ILE A 345 59.37 11.09 -23.76
N THR A 346 59.91 12.32 -23.89
CA THR A 346 61.36 12.56 -23.97
C THR A 346 62.16 12.26 -22.68
N ASP A 347 63.49 12.31 -22.80
CA ASP A 347 64.39 12.09 -21.66
C ASP A 347 64.81 13.35 -20.94
N GLY A 348 64.32 14.49 -21.42
CA GLY A 348 64.64 15.79 -20.88
C GLY A 348 64.10 16.87 -21.81
N GLN A 349 64.12 18.12 -21.35
CA GLN A 349 63.63 19.23 -22.15
C GLN A 349 64.57 20.43 -22.06
N ILE A 350 64.79 21.10 -23.20
CA ILE A 350 65.43 22.43 -23.27
C ILE A 350 64.29 23.44 -23.48
N PHE A 351 63.97 24.16 -22.40
CA PHE A 351 62.93 25.17 -22.38
C PHE A 351 63.55 26.51 -22.70
N LEU A 352 62.92 27.25 -23.59
CA LEU A 352 63.35 28.59 -23.96
C LEU A 352 62.26 29.58 -23.57
N GLU A 353 62.66 30.79 -23.18
CA GLU A 353 61.70 31.82 -22.80
C GLU A 353 61.90 33.14 -23.55
N THR A 354 60.80 33.85 -23.80
CA THR A 354 60.84 35.14 -24.48
C THR A 354 61.38 36.25 -23.58
N GLU A 355 61.13 36.15 -22.27
CA GLU A 355 61.63 37.20 -21.37
C GLU A 355 63.15 37.13 -21.21
N LEU A 356 63.68 35.91 -21.09
CA LEU A 356 65.11 35.71 -21.09
C LEU A 356 65.71 36.24 -22.39
N PHE A 357 65.07 35.90 -23.51
CA PHE A 357 65.52 36.39 -24.83
C PHE A 357 65.80 37.88 -24.80
N TYR A 358 64.80 38.67 -24.41
CA TYR A 358 64.93 40.12 -24.47
C TYR A 358 65.75 40.72 -23.33
N LYS A 359 65.94 39.94 -22.25
CA LYS A 359 66.92 40.28 -21.20
C LYS A 359 68.36 40.25 -21.70
N GLY A 360 68.55 39.88 -22.97
CA GLY A 360 69.89 39.70 -23.52
C GLY A 360 70.45 38.30 -23.29
N ILE A 361 69.69 37.44 -22.60
CA ILE A 361 70.06 36.05 -22.41
C ILE A 361 69.73 35.27 -23.68
N ARG A 362 70.71 35.14 -24.56
CA ARG A 362 70.58 34.34 -25.77
C ARG A 362 71.73 33.35 -25.87
N PRO A 363 71.44 32.05 -26.10
CA PRO A 363 70.12 31.49 -26.34
C PRO A 363 69.28 31.54 -25.07
N ALA A 364 67.97 31.69 -25.26
CA ALA A 364 67.05 31.97 -24.18
C ALA A 364 66.69 30.75 -23.30
N ILE A 365 67.66 29.87 -23.06
CA ILE A 365 67.48 28.65 -22.26
C ILE A 365 67.25 28.94 -20.78
N ASN A 366 66.12 28.49 -20.25
CA ASN A 366 65.92 28.51 -18.81
C ASN A 366 66.68 27.39 -18.14
N VAL A 367 67.75 27.77 -17.44
CA VAL A 367 68.70 26.81 -16.92
C VAL A 367 68.17 26.07 -15.69
N GLY A 368 67.25 26.68 -14.96
CA GLY A 368 66.68 26.04 -13.79
C GLY A 368 65.67 24.98 -14.18
N LEU A 369 64.94 25.23 -15.27
CA LEU A 369 63.85 24.35 -15.68
C LEU A 369 64.28 23.24 -16.64
N SER A 370 65.21 23.55 -17.54
CA SER A 370 65.69 22.58 -18.52
C SER A 370 66.29 21.39 -17.79
N VAL A 371 66.14 20.20 -18.36
CA VAL A 371 66.75 19.03 -17.74
C VAL A 371 67.18 17.98 -18.77
N SER A 372 68.00 17.05 -18.32
CA SER A 372 68.45 15.93 -19.11
C SER A 372 68.60 14.84 -18.08
N ARG A 373 67.71 13.85 -18.13
CA ARG A 373 67.79 12.75 -17.14
C ARG A 373 68.98 11.83 -17.43
N VAL A 374 69.53 11.88 -18.64
CA VAL A 374 70.79 11.19 -18.92
C VAL A 374 71.97 11.83 -18.13
N GLY A 375 72.01 13.16 -18.12
CA GLY A 375 72.86 13.92 -17.21
C GLY A 375 74.33 13.72 -17.44
N SER A 376 75.09 13.68 -16.33
CA SER A 376 76.55 13.50 -16.33
C SER A 376 77.00 12.36 -17.23
N ALA A 377 76.13 11.35 -17.37
CA ALA A 377 76.41 10.16 -18.19
C ALA A 377 76.82 10.47 -19.63
N ALA A 378 76.48 11.66 -20.12
CA ALA A 378 76.83 12.02 -21.49
C ALA A 378 77.77 13.22 -21.60
N GLN A 379 78.54 13.48 -20.53
CA GLN A 379 79.59 14.51 -20.52
C GLN A 379 80.97 13.88 -20.43
N THR A 380 81.95 14.53 -21.05
CA THR A 380 83.36 14.20 -20.83
C THR A 380 83.78 14.71 -19.44
N ARG A 381 84.80 14.07 -18.85
CA ARG A 381 85.26 14.40 -17.49
C ARG A 381 85.66 15.87 -17.32
N ALA A 382 86.18 16.44 -18.40
CA ALA A 382 86.51 17.86 -18.46
C ALA A 382 85.30 18.72 -18.12
N MET A 383 84.25 18.61 -18.93
CA MET A 383 83.07 19.44 -18.75
C MET A 383 82.40 19.12 -17.42
N LYS A 384 82.23 17.82 -17.16
CA LYS A 384 81.57 17.33 -15.93
C LYS A 384 82.06 18.06 -14.68
N GLN A 385 83.36 18.34 -14.64
CA GLN A 385 84.01 18.99 -13.52
C GLN A 385 83.54 20.43 -13.33
N VAL A 386 83.87 21.30 -14.29
CA VAL A 386 83.48 22.72 -14.18
C VAL A 386 81.97 22.94 -14.23
N ALA A 387 81.28 22.08 -14.98
CA ALA A 387 79.82 22.11 -15.08
C ALA A 387 79.17 22.04 -13.73
N GLY A 388 79.57 21.03 -12.95
CA GLY A 388 79.01 20.78 -11.63
C GLY A 388 79.07 21.96 -10.69
N THR A 389 80.19 22.67 -10.73
CA THR A 389 80.37 23.90 -9.96
C THR A 389 79.41 24.98 -10.46
N MET A 390 79.50 25.33 -11.75
CA MET A 390 78.57 26.28 -12.37
C MET A 390 77.10 25.98 -11.98
N LYS A 391 76.68 24.72 -12.11
CA LYS A 391 75.31 24.29 -11.81
C LYS A 391 74.92 24.57 -10.36
N LEU A 392 75.82 24.21 -9.44
CA LEU A 392 75.61 24.47 -8.01
C LEU A 392 75.60 25.98 -7.76
N GLU A 393 76.54 26.70 -8.36
CA GLU A 393 76.73 28.11 -8.08
C GLU A 393 75.61 28.99 -8.63
N LEU A 394 75.11 28.66 -9.83
CA LEU A 394 73.95 29.33 -10.40
C LEU A 394 72.65 29.07 -9.63
N ALA A 395 72.60 27.94 -8.90
CA ALA A 395 71.40 27.53 -8.17
C ALA A 395 71.27 28.28 -6.85
N GLN A 396 72.40 28.48 -6.18
CA GLN A 396 72.51 29.34 -5.01
C GLN A 396 72.23 30.78 -5.41
N TYR A 397 72.61 31.12 -6.64
CA TYR A 397 72.30 32.40 -7.24
C TYR A 397 70.79 32.53 -7.38
N ARG A 398 70.17 31.55 -8.01
CA ARG A 398 68.71 31.54 -8.18
C ARG A 398 67.95 31.60 -6.86
N GLU A 399 68.52 31.04 -5.80
CA GLU A 399 67.99 31.19 -4.44
C GLU A 399 67.96 32.67 -4.03
N VAL A 400 68.87 33.45 -4.60
CA VAL A 400 69.12 34.82 -4.17
C VAL A 400 68.73 35.92 -5.20
N ALA A 401 68.81 35.60 -6.49
CA ALA A 401 68.69 36.60 -7.58
C ALA A 401 67.54 37.63 -7.50
N ALA A 402 66.66 37.49 -6.51
CA ALA A 402 65.58 38.43 -6.26
C ALA A 402 66.05 39.59 -5.38
N PHE A 403 67.03 39.32 -4.52
CA PHE A 403 67.61 40.34 -3.66
C PHE A 403 68.67 41.13 -4.43
N ALA A 404 68.64 41.01 -5.77
CA ALA A 404 69.66 41.61 -6.63
C ALA A 404 69.51 43.13 -6.72
N GLN A 405 68.38 43.57 -7.27
CA GLN A 405 68.13 44.98 -7.57
C GLN A 405 67.52 45.73 -6.37
N PHE A 406 67.30 45.00 -5.27
CA PHE A 406 66.75 45.56 -4.04
C PHE A 406 67.64 45.22 -2.85
N GLY A 407 68.91 44.96 -3.14
CA GLY A 407 69.88 44.57 -2.12
C GLY A 407 70.97 45.61 -1.97
N SER A 408 70.84 46.44 -0.95
CA SER A 408 71.85 47.44 -0.63
C SER A 408 72.69 47.02 0.57
N ASP A 409 72.05 46.33 1.52
CA ASP A 409 72.66 45.92 2.80
C ASP A 409 72.81 44.40 2.91
N LEU A 410 73.41 43.77 1.91
CA LEU A 410 73.57 42.32 1.88
C LEU A 410 74.91 41.92 2.48
N ASP A 411 74.97 40.74 3.09
CA ASP A 411 76.21 40.21 3.64
C ASP A 411 77.15 39.78 2.50
N ALA A 412 78.45 39.80 2.79
CA ALA A 412 79.49 39.50 1.81
C ALA A 412 79.27 38.18 1.08
N ALA A 413 78.70 37.21 1.80
CA ALA A 413 78.44 35.87 1.26
C ALA A 413 77.39 35.90 0.14
N THR A 414 76.24 36.52 0.41
CA THR A 414 75.17 36.63 -0.59
C THR A 414 75.50 37.66 -1.68
N GLN A 415 76.40 38.58 -1.37
CA GLN A 415 76.91 39.52 -2.36
C GLN A 415 77.82 38.83 -3.38
N GLN A 416 78.47 37.75 -2.92
CA GLN A 416 79.38 36.99 -3.76
C GLN A 416 78.62 35.97 -4.62
N LEU A 417 77.51 35.46 -4.09
CA LEU A 417 76.62 34.56 -4.81
C LEU A 417 75.99 35.28 -6.01
N LEU A 418 75.61 36.54 -5.82
CA LEU A 418 75.09 37.37 -6.90
C LEU A 418 76.16 37.63 -7.95
N SER A 419 77.30 38.13 -7.50
CA SER A 419 78.40 38.49 -8.36
C SER A 419 78.78 37.33 -9.26
N ARG A 420 79.02 36.18 -8.64
CA ARG A 420 79.33 34.96 -9.36
C ARG A 420 78.16 34.63 -10.29
N GLY A 421 76.96 34.68 -9.73
CA GLY A 421 75.75 34.42 -10.49
C GLY A 421 75.65 35.25 -11.74
N VAL A 422 75.84 36.57 -11.60
CA VAL A 422 75.70 37.48 -12.74
C VAL A 422 76.76 37.21 -13.80
N ARG A 423 77.94 36.77 -13.37
CA ARG A 423 79.03 36.52 -14.30
C ARG A 423 78.94 35.16 -15.00
N LEU A 424 78.58 34.12 -14.27
CA LEU A 424 78.39 32.82 -14.91
C LEU A 424 77.27 32.94 -15.93
N THR A 425 76.25 33.73 -15.57
CA THR A 425 75.16 34.01 -16.50
C THR A 425 75.67 34.59 -17.83
N GLU A 426 76.58 35.55 -17.75
CA GLU A 426 77.13 36.17 -18.95
C GLU A 426 77.95 35.19 -19.78
N LEU A 427 78.61 34.25 -19.10
CA LEU A 427 79.39 33.24 -19.80
C LEU A 427 78.54 32.20 -20.55
N LEU A 428 77.27 32.11 -20.18
CA LEU A 428 76.30 31.23 -20.84
C LEU A 428 75.70 31.86 -22.09
N LYS A 429 75.73 33.18 -22.19
CA LYS A 429 75.36 33.84 -23.44
C LYS A 429 76.29 33.39 -24.56
N GLN A 430 75.76 33.31 -25.78
CA GLN A 430 76.51 32.82 -26.91
C GLN A 430 75.96 33.36 -28.21
N GLY A 431 76.87 33.72 -29.12
CA GLY A 431 76.52 34.16 -30.45
C GLY A 431 75.97 33.03 -31.28
N GLN A 432 75.16 33.36 -32.27
CA GLN A 432 74.59 32.33 -33.11
C GLN A 432 75.60 31.91 -34.20
N TYR A 433 75.40 30.72 -34.76
CA TYR A 433 76.21 30.21 -35.89
C TYR A 433 77.70 29.96 -35.54
N SER A 434 77.99 29.94 -34.25
CA SER A 434 79.35 29.71 -33.80
C SER A 434 79.36 28.77 -32.60
N PRO A 435 79.22 27.46 -32.87
CA PRO A 435 79.30 26.49 -31.79
C PRO A 435 80.76 26.30 -31.39
N MET A 436 80.97 25.89 -30.15
CA MET A 436 82.29 25.83 -29.56
C MET A 436 82.75 24.42 -29.34
N ALA A 437 84.05 24.18 -29.47
CA ALA A 437 84.61 22.89 -29.14
C ALA A 437 84.54 22.73 -27.63
N ILE A 438 84.43 21.48 -27.16
CA ILE A 438 84.14 21.23 -25.74
C ILE A 438 85.20 21.82 -24.76
N GLU A 439 86.47 21.58 -25.07
CA GLU A 439 87.62 22.19 -24.36
C GLU A 439 87.57 23.74 -24.33
N GLU A 440 87.16 24.36 -25.44
CA GLU A 440 86.94 25.81 -25.50
C GLU A 440 85.89 26.27 -24.47
N GLN A 441 84.79 25.52 -24.36
CA GLN A 441 83.76 25.78 -23.35
C GLN A 441 84.31 25.72 -21.91
N VAL A 442 85.06 24.66 -21.61
CA VAL A 442 85.56 24.44 -20.25
C VAL A 442 86.61 25.50 -19.86
N ALA A 443 87.35 25.98 -20.84
CA ALA A 443 88.32 27.03 -20.63
C ALA A 443 87.63 28.34 -20.26
N VAL A 444 86.48 28.60 -20.88
CA VAL A 444 85.73 29.82 -20.60
C VAL A 444 84.88 29.69 -19.32
N ILE A 445 84.30 28.52 -19.10
CA ILE A 445 83.60 28.27 -17.83
C ILE A 445 84.60 28.36 -16.68
N TYR A 446 85.81 27.84 -16.91
CA TYR A 446 86.92 27.92 -15.96
C TYR A 446 87.18 29.35 -15.49
N ALA A 447 87.16 30.30 -16.42
CA ALA A 447 87.39 31.70 -16.08
C ALA A 447 86.46 32.09 -14.93
N GLY A 448 85.19 31.72 -15.07
CA GLY A 448 84.12 32.10 -14.15
C GLY A 448 84.11 31.31 -12.87
N VAL A 449 84.15 29.99 -12.99
CA VAL A 449 84.06 29.13 -11.80
C VAL A 449 85.24 29.29 -10.88
N ARG A 450 86.36 29.76 -11.42
CA ARG A 450 87.55 29.99 -10.59
C ARG A 450 87.62 31.41 -10.07
N GLY A 451 86.68 32.24 -10.51
CA GLY A 451 86.46 33.52 -9.88
C GLY A 451 87.25 34.65 -10.48
N TYR A 452 87.96 34.37 -11.58
CA TYR A 452 88.84 35.37 -12.19
C TYR A 452 88.09 36.58 -12.76
N LEU A 453 86.79 36.41 -13.04
CA LEU A 453 85.99 37.49 -13.60
C LEU A 453 85.17 38.21 -12.54
N ASP A 454 85.26 37.75 -11.30
CA ASP A 454 84.45 38.28 -10.18
C ASP A 454 84.50 39.80 -10.01
N LYS A 455 85.62 40.39 -10.40
CA LYS A 455 85.84 41.84 -10.27
C LYS A 455 85.70 42.59 -11.62
N LEU A 456 85.29 41.87 -12.64
CA LEU A 456 85.14 42.42 -13.98
C LEU A 456 83.68 42.78 -14.20
N GLU A 457 83.45 43.90 -14.88
CA GLU A 457 82.11 44.44 -15.08
C GLU A 457 81.23 43.46 -15.89
N PRO A 458 80.00 43.19 -15.42
CA PRO A 458 79.10 42.32 -16.17
C PRO A 458 79.02 42.65 -17.67
N SER A 459 78.71 43.90 -17.99
CA SER A 459 78.58 44.29 -19.40
C SER A 459 79.81 43.95 -20.25
N LYS A 460 80.98 43.88 -19.62
CA LYS A 460 82.25 43.63 -20.31
C LYS A 460 82.54 42.14 -20.62
N ILE A 461 81.81 41.22 -19.97
CA ILE A 461 82.14 39.78 -20.02
C ILE A 461 82.13 39.14 -21.42
N THR A 462 81.12 39.44 -22.24
CA THR A 462 81.07 38.87 -23.60
C THR A 462 82.23 39.34 -24.47
N LYS A 463 82.59 40.61 -24.33
CA LYS A 463 83.73 41.18 -25.05
C LYS A 463 84.98 40.43 -24.60
N PHE A 464 85.11 40.25 -23.29
CA PHE A 464 86.22 39.52 -22.70
C PHE A 464 86.35 38.13 -23.31
N GLU A 465 85.26 37.38 -23.26
CA GLU A 465 85.25 36.00 -23.69
C GLU A 465 85.76 35.87 -25.13
N ASN A 466 85.31 36.78 -25.98
CA ASN A 466 85.68 36.77 -27.40
C ASN A 466 87.18 36.95 -27.61
N ALA A 467 87.75 37.90 -26.89
CA ALA A 467 89.15 38.18 -26.97
C ALA A 467 89.96 37.07 -26.30
N PHE A 468 89.51 36.61 -25.13
CA PHE A 468 90.22 35.55 -24.39
C PHE A 468 90.26 34.24 -25.14
N LEU A 469 89.16 33.89 -25.79
CA LEU A 469 89.04 32.66 -26.55
C LEU A 469 89.86 32.71 -27.84
N SER A 470 89.81 33.84 -28.54
CA SER A 470 90.62 34.05 -29.74
C SER A 470 92.09 33.83 -29.41
N HIS A 471 92.51 34.38 -28.27
CA HIS A 471 93.88 34.26 -27.75
C HIS A 471 94.26 32.80 -27.47
N VAL A 472 93.39 32.05 -26.79
CA VAL A 472 93.71 30.66 -26.45
C VAL A 472 93.65 29.72 -27.66
N ILE A 473 92.84 30.08 -28.66
CA ILE A 473 92.83 29.30 -29.89
C ILE A 473 94.01 29.71 -30.76
N SER A 474 94.43 30.97 -30.66
CA SER A 474 95.58 31.43 -31.44
C SER A 474 96.91 30.94 -30.88
N GLN A 475 97.18 31.25 -29.62
CA GLN A 475 98.49 30.99 -29.00
C GLN A 475 98.61 29.68 -28.19
N HIS A 476 97.54 29.24 -27.56
CA HIS A 476 97.60 28.05 -26.70
C HIS A 476 96.76 26.88 -27.20
N GLN A 477 96.98 26.53 -28.47
CA GLN A 477 96.37 25.37 -29.08
C GLN A 477 96.83 24.10 -28.36
N ALA A 478 98.11 24.08 -28.02
CA ALA A 478 98.69 23.00 -27.21
C ALA A 478 97.90 22.74 -25.91
N LEU A 479 97.62 23.81 -25.18
CA LEU A 479 96.86 23.75 -23.92
C LEU A 479 95.44 23.26 -24.19
N LEU A 480 94.87 23.69 -25.32
CA LEU A 480 93.57 23.21 -25.73
C LEU A 480 93.68 21.73 -26.05
N SER A 481 94.77 21.34 -26.68
CA SER A 481 95.06 19.93 -26.97
C SER A 481 95.14 19.06 -25.72
N LYS A 482 95.53 19.65 -24.59
CA LYS A 482 95.75 18.90 -23.34
C LYS A 482 94.54 18.80 -22.40
N ILE A 483 93.61 19.74 -22.50
CA ILE A 483 92.38 19.67 -21.70
C ILE A 483 91.52 18.53 -22.23
N ARG A 484 91.59 18.31 -23.54
CA ARG A 484 90.89 17.22 -24.20
C ARG A 484 91.53 15.90 -23.83
N THR A 485 92.74 15.65 -24.36
CA THR A 485 93.52 14.44 -24.10
C THR A 485 93.37 13.90 -22.67
N ASP A 486 93.65 14.76 -21.69
CA ASP A 486 93.72 14.36 -20.28
C ASP A 486 92.39 13.91 -19.70
N GLY A 487 91.30 14.25 -20.38
CA GLY A 487 89.97 13.96 -19.86
C GLY A 487 89.53 15.10 -18.97
N LYS A 488 90.27 15.32 -17.88
CA LYS A 488 90.04 16.46 -16.99
C LYS A 488 91.09 17.58 -17.17
N ILE A 489 91.13 18.51 -16.21
CA ILE A 489 92.10 19.60 -16.19
C ILE A 489 93.22 19.26 -15.21
N SER A 490 94.38 18.93 -15.75
CA SER A 490 95.53 18.54 -14.93
C SER A 490 96.03 19.70 -14.07
N GLU A 491 96.87 19.39 -13.09
CA GLU A 491 97.52 20.42 -12.30
C GLU A 491 98.30 21.37 -13.23
N GLU A 492 98.84 20.80 -14.30
CA GLU A 492 99.59 21.55 -15.29
C GLU A 492 98.69 22.49 -16.08
N SER A 493 97.53 22.01 -16.50
CA SER A 493 96.56 22.84 -17.20
C SER A 493 95.99 23.90 -16.28
N ASP A 494 95.86 23.53 -15.00
CA ASP A 494 95.42 24.45 -13.95
C ASP A 494 96.47 25.54 -13.69
N ALA A 495 97.72 25.24 -14.00
CA ALA A 495 98.80 26.22 -13.90
C ALA A 495 98.79 27.18 -15.08
N LYS A 496 98.74 26.63 -16.30
CA LYS A 496 98.78 27.44 -17.52
C LYS A 496 97.62 28.42 -17.58
N LEU A 497 96.45 27.95 -17.20
CA LEU A 497 95.26 28.79 -17.22
C LEU A 497 95.37 29.87 -16.15
N LYS A 498 95.74 29.48 -14.93
CA LYS A 498 95.88 30.44 -13.85
C LYS A 498 96.70 31.65 -14.30
N GLU A 499 97.72 31.42 -15.12
CA GLU A 499 98.58 32.50 -15.59
C GLU A 499 98.09 33.21 -16.85
N ILE A 500 97.63 32.47 -17.86
CA ILE A 500 97.05 33.09 -19.06
C ILE A 500 95.93 34.06 -18.70
N VAL A 501 95.03 33.66 -17.81
CA VAL A 501 93.90 34.50 -17.47
C VAL A 501 94.36 35.75 -16.71
N THR A 502 95.07 35.55 -15.60
CA THR A 502 95.49 36.66 -14.75
C THR A 502 96.15 37.80 -15.54
N ASN A 503 97.04 37.44 -16.46
CA ASN A 503 97.76 38.40 -17.30
C ASN A 503 96.90 39.00 -18.40
N PHE A 504 96.24 38.13 -19.15
CA PHE A 504 95.27 38.58 -20.13
C PHE A 504 94.30 39.59 -19.53
N LEU A 505 93.70 39.25 -18.40
CA LEU A 505 92.70 40.10 -17.75
C LEU A 505 93.27 41.48 -17.41
N ALA A 506 94.47 41.49 -16.85
CA ALA A 506 95.14 42.73 -16.49
C ALA A 506 95.30 43.60 -17.72
N GLY A 507 95.63 42.95 -18.85
CA GLY A 507 95.80 43.65 -20.13
C GLY A 507 94.50 44.27 -20.59
N PHE A 508 93.42 43.53 -20.42
CA PHE A 508 92.08 43.94 -20.76
C PHE A 508 91.70 45.23 -20.00
N GLU A 509 91.78 45.20 -18.67
CA GLU A 509 91.35 46.32 -17.84
C GLU A 509 92.33 47.50 -17.81
N ALA A 510 93.52 47.30 -18.38
CA ALA A 510 94.55 48.33 -18.43
C ALA A 510 94.13 49.53 -19.27
N VAL B 23 9.88 -17.07 -27.47
CA VAL B 23 8.64 -16.77 -28.24
C VAL B 23 7.91 -15.50 -27.75
N ASP B 24 7.77 -15.35 -26.42
CA ASP B 24 6.95 -14.28 -25.85
C ASP B 24 7.68 -12.96 -25.63
N LEU B 25 7.41 -11.98 -26.50
CA LEU B 25 8.07 -10.67 -26.44
C LEU B 25 7.29 -9.63 -25.65
N GLU B 26 6.37 -10.10 -24.79
CA GLU B 26 5.59 -9.19 -23.96
C GLU B 26 6.14 -9.17 -22.53
N GLU B 27 6.53 -10.36 -22.04
CA GLU B 27 7.15 -10.51 -20.72
C GLU B 27 8.67 -10.70 -20.81
N THR B 28 9.16 -10.78 -22.05
CA THR B 28 10.53 -11.18 -22.29
C THR B 28 11.16 -10.39 -23.44
N GLY B 29 12.47 -10.19 -23.35
CA GLY B 29 13.26 -9.63 -24.44
C GLY B 29 14.63 -10.27 -24.58
N ARG B 30 15.28 -9.98 -25.69
CA ARG B 30 16.65 -10.43 -25.91
C ARG B 30 17.55 -9.22 -26.08
N VAL B 31 18.81 -9.35 -25.66
CA VAL B 31 19.74 -8.23 -25.71
C VAL B 31 20.19 -7.99 -27.16
N LEU B 32 19.92 -6.78 -27.65
CA LEU B 32 20.37 -6.27 -28.96
C LEU B 32 21.82 -5.81 -28.92
N SER B 33 22.15 -4.91 -28.00
CA SER B 33 23.51 -4.41 -27.89
C SER B 33 23.84 -4.06 -26.44
N ILE B 34 25.11 -4.18 -26.13
CA ILE B 34 25.58 -3.94 -24.80
C ILE B 34 27.00 -3.39 -24.86
N GLY B 35 27.36 -2.56 -23.89
CA GLY B 35 28.75 -2.17 -23.74
C GLY B 35 29.01 -0.79 -23.18
N ASP B 36 28.03 0.10 -23.34
CA ASP B 36 28.13 1.46 -22.77
C ASP B 36 27.52 1.52 -21.36
N GLY B 37 27.48 0.38 -20.68
CA GLY B 37 26.74 0.26 -19.42
C GLY B 37 25.24 0.31 -19.64
N ILE B 38 24.84 0.33 -20.92
CA ILE B 38 23.44 0.33 -21.31
C ILE B 38 23.14 -0.82 -22.26
N ALA B 39 22.16 -1.62 -21.88
CA ALA B 39 21.72 -2.77 -22.65
C ALA B 39 20.54 -2.36 -23.48
N ARG B 40 20.66 -2.46 -24.80
CA ARG B 40 19.53 -2.27 -25.69
C ARG B 40 18.82 -3.60 -25.78
N VAL B 41 17.52 -3.62 -25.49
CA VAL B 41 16.78 -4.86 -25.46
C VAL B 41 15.55 -4.88 -26.36
N HIS B 42 15.58 -5.73 -27.38
CA HIS B 42 14.43 -5.99 -28.26
C HIS B 42 13.33 -6.69 -27.48
N GLY B 43 12.07 -6.34 -27.80
CA GLY B 43 10.91 -6.95 -27.15
C GLY B 43 10.50 -6.28 -25.85
N LEU B 44 10.16 -7.12 -24.85
CA LEU B 44 9.68 -6.70 -23.53
C LEU B 44 8.51 -5.73 -23.61
N ARG B 45 7.55 -6.07 -24.45
CA ARG B 45 6.47 -5.14 -24.82
C ARG B 45 5.62 -4.63 -23.67
N ASN B 46 5.50 -5.42 -22.60
CA ASN B 46 4.69 -5.02 -21.44
C ASN B 46 5.46 -4.44 -20.23
N VAL B 47 6.76 -4.14 -20.35
CA VAL B 47 7.51 -3.52 -19.24
C VAL B 47 7.05 -2.12 -18.90
N GLN B 48 7.19 -1.79 -17.62
CA GLN B 48 6.94 -0.44 -17.13
C GLN B 48 8.23 0.41 -17.17
N ALA B 49 8.05 1.73 -17.20
CA ALA B 49 9.14 2.64 -16.87
C ALA B 49 9.65 2.33 -15.46
N GLU B 50 10.97 2.32 -15.30
CA GLU B 50 11.62 2.17 -13.99
C GLU B 50 11.39 0.81 -13.33
N GLU B 51 10.98 -0.18 -14.12
CA GLU B 51 10.71 -1.52 -13.61
C GLU B 51 12.00 -2.32 -13.61
N MET B 52 12.19 -3.16 -12.59
CA MET B 52 13.34 -4.08 -12.57
C MET B 52 13.16 -5.20 -13.60
N VAL B 53 14.19 -5.44 -14.39
CA VAL B 53 14.25 -6.60 -15.28
C VAL B 53 15.36 -7.55 -14.81
N GLU B 54 15.39 -8.75 -15.35
CA GLU B 54 16.28 -9.80 -14.84
C GLU B 54 16.98 -10.54 -15.95
N PHE B 55 18.30 -10.38 -16.01
CA PHE B 55 19.09 -10.94 -17.09
C PHE B 55 19.34 -12.43 -16.90
N SER B 56 19.60 -13.13 -18.00
CA SER B 56 19.76 -14.60 -17.95
C SER B 56 20.93 -15.02 -17.06
N SER B 57 21.86 -14.09 -16.84
CA SER B 57 23.02 -14.35 -15.98
C SER B 57 22.79 -14.01 -14.51
N GLY B 58 21.57 -13.63 -14.14
CA GLY B 58 21.22 -13.34 -12.74
C GLY B 58 21.25 -11.86 -12.33
N LEU B 59 21.85 -11.02 -13.19
CA LEU B 59 21.91 -9.56 -12.96
C LEU B 59 20.55 -8.87 -13.05
N LYS B 60 20.40 -7.82 -12.26
CA LYS B 60 19.17 -7.05 -12.23
C LYS B 60 19.36 -5.84 -13.11
N GLY B 61 18.28 -5.25 -13.58
CA GLY B 61 18.37 -4.09 -14.44
C GLY B 61 17.17 -3.20 -14.24
N MET B 62 17.21 -2.00 -14.82
CA MET B 62 16.09 -1.06 -14.72
C MET B 62 15.71 -0.53 -16.10
N SER B 63 14.44 -0.59 -16.40
CA SER B 63 13.92 -0.03 -17.64
C SER B 63 13.95 1.48 -17.53
N LEU B 64 14.73 2.12 -18.39
CA LEU B 64 14.89 3.56 -18.36
C LEU B 64 14.28 4.17 -19.61
N ASN B 65 14.70 3.63 -20.76
CA ASN B 65 14.21 4.09 -22.06
C ASN B 65 13.21 3.13 -22.69
N LEU B 66 11.94 3.52 -22.69
CA LEU B 66 10.93 2.77 -23.42
C LEU B 66 10.76 3.42 -24.77
N GLU B 67 11.48 2.88 -25.75
CA GLU B 67 11.47 3.39 -27.11
C GLU B 67 10.60 2.50 -28.00
N PRO B 68 10.14 3.00 -29.18
CA PRO B 68 9.33 2.19 -30.09
C PRO B 68 9.88 0.79 -30.37
N ASP B 69 11.20 0.66 -30.57
CA ASP B 69 11.74 -0.64 -30.97
C ASP B 69 12.79 -1.26 -30.05
N ASN B 70 12.91 -0.71 -28.83
CA ASN B 70 13.84 -1.26 -27.81
C ASN B 70 13.56 -0.73 -26.41
N VAL B 71 14.22 -1.35 -25.44
CA VAL B 71 14.26 -0.83 -24.07
C VAL B 71 15.70 -0.53 -23.65
N GLY B 72 15.94 0.69 -23.18
CA GLY B 72 17.21 1.05 -22.57
C GLY B 72 17.17 0.61 -21.13
N VAL B 73 18.08 -0.31 -20.78
CA VAL B 73 18.14 -0.92 -19.45
C VAL B 73 19.47 -0.60 -18.78
N VAL B 74 19.39 0.06 -17.62
CA VAL B 74 20.56 0.38 -16.79
C VAL B 74 20.92 -0.88 -16.01
N VAL B 75 22.21 -1.24 -15.99
CA VAL B 75 22.62 -2.56 -15.46
C VAL B 75 23.16 -2.48 -14.06
N PHE B 76 22.55 -3.22 -13.13
CA PHE B 76 22.90 -3.11 -11.71
C PHE B 76 24.04 -4.02 -11.28
N GLY B 77 25.12 -3.96 -12.05
CA GLY B 77 26.30 -4.79 -11.87
C GLY B 77 27.19 -4.75 -13.12
N ASN B 78 28.09 -5.71 -13.21
CA ASN B 78 29.09 -5.75 -14.25
C ASN B 78 28.53 -6.22 -15.60
N ASP B 79 28.38 -5.28 -16.55
CA ASP B 79 27.84 -5.61 -17.88
C ASP B 79 28.80 -6.36 -18.83
N LYS B 80 29.96 -6.75 -18.30
CA LYS B 80 30.77 -7.77 -18.95
C LYS B 80 29.99 -9.06 -19.06
N LEU B 81 29.15 -9.32 -18.06
CA LEU B 81 28.37 -10.56 -17.98
C LEU B 81 27.18 -10.65 -18.96
N ILE B 82 26.82 -9.53 -19.58
CA ILE B 82 25.71 -9.50 -20.54
C ILE B 82 26.22 -9.60 -21.99
N LYS B 83 25.63 -10.52 -22.75
CA LYS B 83 25.97 -10.70 -24.16
C LYS B 83 24.74 -10.44 -25.04
N GLU B 84 25.01 -10.14 -26.31
CA GLU B 84 23.97 -10.08 -27.34
C GLU B 84 23.27 -11.42 -27.49
N GLY B 85 21.95 -11.40 -27.32
CA GLY B 85 21.16 -12.60 -27.45
C GLY B 85 20.65 -13.09 -26.12
N ASP B 86 21.17 -12.55 -25.03
CA ASP B 86 20.74 -12.98 -23.70
C ASP B 86 19.26 -12.69 -23.45
N ILE B 87 18.63 -13.56 -22.66
CA ILE B 87 17.21 -13.44 -22.35
C ILE B 87 17.04 -12.54 -21.15
N VAL B 88 16.11 -11.59 -21.27
CA VAL B 88 15.73 -10.68 -20.19
C VAL B 88 14.25 -10.91 -19.88
N LYS B 89 13.92 -11.01 -18.59
CA LYS B 89 12.53 -11.17 -18.15
C LYS B 89 12.08 -10.00 -17.27
N ARG B 90 10.83 -9.58 -17.46
CA ARG B 90 10.14 -8.72 -16.50
C ARG B 90 10.11 -9.35 -15.11
N THR B 91 10.11 -8.51 -14.08
CA THR B 91 9.90 -8.95 -12.70
C THR B 91 8.57 -8.40 -12.16
N GLY B 92 7.97 -7.51 -12.95
CA GLY B 92 6.67 -6.91 -12.62
C GLY B 92 6.74 -5.74 -11.64
N ALA B 93 7.90 -5.55 -11.00
CA ALA B 93 8.01 -4.61 -9.91
C ALA B 93 8.89 -3.41 -10.25
N ILE B 94 8.39 -2.23 -9.93
CA ILE B 94 9.18 -1.01 -10.00
C ILE B 94 10.34 -1.26 -9.03
N VAL B 95 11.53 -0.75 -9.35
CA VAL B 95 12.69 -0.97 -8.51
C VAL B 95 12.38 -0.65 -7.05
N ASP B 96 12.49 -1.68 -6.21
CA ASP B 96 12.28 -1.58 -4.77
C ASP B 96 13.35 -2.39 -4.06
N VAL B 97 13.34 -2.35 -2.73
CA VAL B 97 14.35 -3.04 -1.91
C VAL B 97 13.77 -3.60 -0.63
N PRO B 98 14.38 -4.66 -0.07
CA PRO B 98 13.89 -5.21 1.20
C PRO B 98 13.92 -4.14 2.29
N VAL B 99 13.04 -4.26 3.28
CA VAL B 99 12.86 -3.21 4.26
C VAL B 99 12.34 -3.83 5.56
N GLY B 100 12.61 -3.19 6.69
CA GLY B 100 12.11 -3.66 7.98
C GLY B 100 13.21 -3.81 9.00
N GLU B 101 12.89 -4.36 10.17
CA GLU B 101 13.85 -4.45 11.28
C GLU B 101 14.92 -5.55 11.12
N GLU B 102 14.59 -6.60 10.36
CA GLU B 102 15.52 -7.69 10.13
C GLU B 102 16.81 -7.28 9.37
N LEU B 103 16.84 -6.07 8.82
CA LEU B 103 18.04 -5.50 8.19
C LEU B 103 19.08 -4.91 9.17
N LEU B 104 18.68 -4.76 10.43
CA LEU B 104 19.61 -4.25 11.45
C LEU B 104 20.73 -5.26 11.67
N GLY B 105 21.93 -4.76 11.93
CA GLY B 105 23.10 -5.61 12.12
C GLY B 105 23.58 -6.27 10.84
N ARG B 106 23.05 -5.83 9.70
CA ARG B 106 23.41 -6.45 8.42
C ARG B 106 24.19 -5.54 7.48
N VAL B 107 25.02 -6.15 6.67
CA VAL B 107 25.74 -5.43 5.63
C VAL B 107 25.17 -5.89 4.30
N VAL B 108 24.59 -4.97 3.56
CA VAL B 108 23.99 -5.31 2.27
C VAL B 108 24.60 -4.51 1.15
N ASP B 109 24.50 -5.03 -0.06
CA ASP B 109 24.89 -4.28 -1.24
C ASP B 109 23.75 -3.34 -1.60
N ALA B 110 23.84 -2.64 -2.73
CA ALA B 110 22.85 -1.60 -3.07
C ALA B 110 21.47 -2.17 -3.39
N LEU B 111 21.42 -3.42 -3.85
CA LEU B 111 20.13 -4.05 -4.15
C LEU B 111 19.42 -4.63 -2.92
N GLY B 112 20.16 -4.79 -1.81
CA GLY B 112 19.58 -5.39 -0.60
C GLY B 112 20.05 -6.80 -0.31
N ASN B 113 20.54 -7.51 -1.32
CA ASN B 113 21.17 -8.80 -1.11
C ASN B 113 22.28 -8.64 -0.05
N ALA B 114 22.28 -9.55 0.93
CA ALA B 114 23.25 -9.55 2.03
C ALA B 114 24.67 -9.81 1.54
N ILE B 115 25.64 -9.04 2.03
CA ILE B 115 27.05 -9.26 1.66
C ILE B 115 27.94 -9.59 2.85
N ASP B 116 27.33 -9.84 4.00
CA ASP B 116 28.10 -10.12 5.20
C ASP B 116 28.13 -11.61 5.46
N GLY B 117 27.51 -12.35 4.54
CA GLY B 117 27.49 -13.81 4.58
C GLY B 117 26.91 -14.40 5.85
N LYS B 118 25.90 -13.72 6.41
CA LYS B 118 25.19 -14.22 7.58
C LYS B 118 23.82 -14.80 7.19
N GLY B 119 23.72 -15.27 5.94
CA GLY B 119 22.50 -15.88 5.43
C GLY B 119 21.49 -14.83 4.98
N PRO B 120 20.36 -15.30 4.42
CA PRO B 120 19.38 -14.35 3.87
C PRO B 120 18.84 -13.38 4.93
N ILE B 121 18.39 -12.22 4.46
CA ILE B 121 17.60 -11.28 5.25
C ILE B 121 16.19 -11.88 5.31
N GLY B 122 15.66 -12.00 6.52
CA GLY B 122 14.35 -12.62 6.68
C GLY B 122 13.23 -11.61 6.47
N SER B 123 13.40 -10.77 5.46
CA SER B 123 12.60 -9.55 5.30
C SER B 123 11.17 -9.79 4.83
N LYS B 124 10.24 -9.01 5.40
CA LYS B 124 8.79 -9.22 5.22
C LYS B 124 8.07 -8.15 4.37
N ALA B 125 8.58 -6.93 4.35
CA ALA B 125 8.05 -5.90 3.43
C ALA B 125 9.09 -5.43 2.40
N ARG B 126 8.64 -4.71 1.37
CA ARG B 126 9.54 -4.11 0.39
C ARG B 126 9.03 -2.72 0.05
N ARG B 127 9.96 -1.79 -0.23
CA ARG B 127 9.62 -0.40 -0.49
C ARG B 127 10.37 0.11 -1.72
N ARG B 128 9.68 0.89 -2.55
CA ARG B 128 10.27 1.46 -3.75
C ARG B 128 11.41 2.43 -3.43
N VAL B 129 12.49 2.36 -4.21
CA VAL B 129 13.66 3.21 -4.00
C VAL B 129 13.44 4.66 -4.47
N GLY B 130 12.42 4.88 -5.29
CA GLY B 130 12.16 6.18 -5.88
C GLY B 130 10.95 6.92 -5.39
N LEU B 131 10.38 6.48 -4.26
CA LEU B 131 9.17 7.12 -3.72
C LEU B 131 9.42 8.61 -3.45
N LYS B 132 8.47 9.43 -3.88
CA LYS B 132 8.53 10.89 -3.73
C LYS B 132 8.47 11.23 -2.25
N ALA B 133 9.31 12.17 -1.83
CA ALA B 133 9.32 12.62 -0.44
C ALA B 133 7.95 13.11 0.00
N PRO B 134 7.60 12.88 1.28
CA PRO B 134 6.39 13.47 1.89
C PRO B 134 6.20 14.94 1.54
N GLY B 135 4.98 15.30 1.09
CA GLY B 135 4.61 16.69 0.82
C GLY B 135 4.64 17.64 2.01
N ILE B 136 3.82 18.68 1.95
CA ILE B 136 3.80 19.71 3.00
C ILE B 136 3.06 19.33 4.29
N ILE B 137 1.84 18.79 4.17
CA ILE B 137 0.96 18.56 5.34
C ILE B 137 1.47 17.58 6.40
N PRO B 138 1.99 16.41 6.00
CA PRO B 138 2.39 15.43 7.01
C PRO B 138 3.62 15.83 7.85
N ARG B 139 4.21 16.97 7.55
CA ARG B 139 5.45 17.32 8.22
C ARG B 139 5.18 18.28 9.37
N ILE B 140 6.15 18.38 10.27
CA ILE B 140 6.20 19.45 11.26
C ILE B 140 7.66 19.79 11.55
N SER B 141 7.97 21.05 11.84
CA SER B 141 9.37 21.48 12.07
C SER B 141 10.06 20.59 13.10
N VAL B 142 11.36 20.39 12.93
CA VAL B 142 12.13 19.46 13.77
C VAL B 142 12.14 19.96 15.23
N ARG B 143 12.28 19.06 16.18
CA ARG B 143 12.08 19.43 17.59
C ARG B 143 12.67 18.44 18.61
N GLU B 144 13.04 17.26 18.15
CA GLU B 144 13.68 16.30 19.05
C GLU B 144 15.17 16.27 18.76
N PRO B 145 16.00 16.38 19.80
CA PRO B 145 17.45 16.45 19.58
C PRO B 145 17.95 15.20 18.90
N MET B 146 18.91 15.37 18.01
CA MET B 146 19.65 14.25 17.48
C MET B 146 21.04 14.45 18.06
N GLN B 147 21.28 13.83 19.22
CA GLN B 147 22.54 14.01 19.95
C GLN B 147 23.69 13.26 19.30
N THR B 148 24.60 14.00 18.67
CA THR B 148 25.79 13.40 18.07
C THR B 148 26.73 12.83 19.15
N GLY B 149 26.84 13.53 20.27
CA GLY B 149 27.82 13.21 21.32
C GLY B 149 29.12 13.96 21.15
N ILE B 150 29.18 14.80 20.11
CA ILE B 150 30.34 15.59 19.81
C ILE B 150 30.05 16.99 20.31
N LYS B 151 30.82 17.43 21.30
CA LYS B 151 30.58 18.68 21.99
C LYS B 151 30.40 19.85 21.04
N ALA B 152 31.36 20.03 20.13
CA ALA B 152 31.36 21.13 19.17
C ALA B 152 30.10 21.13 18.31
N VAL B 153 29.65 19.95 17.90
CA VAL B 153 28.45 19.82 17.08
C VAL B 153 27.17 20.06 17.87
N ASP B 154 26.97 19.25 18.91
CA ASP B 154 25.73 19.28 19.67
C ASP B 154 25.46 20.64 20.29
N SER B 155 26.53 21.36 20.66
CA SER B 155 26.37 22.73 21.21
C SER B 155 26.32 23.86 20.16
N LEU B 156 27.23 23.83 19.18
CA LEU B 156 27.32 24.92 18.20
C LEU B 156 26.54 24.71 16.91
N VAL B 157 26.54 23.48 16.41
CA VAL B 157 25.82 23.16 15.18
C VAL B 157 24.73 22.11 15.45
N PRO B 158 23.81 22.37 16.42
CA PRO B 158 22.90 21.30 16.91
C PRO B 158 21.93 20.82 15.85
N ILE B 159 21.60 19.52 15.90
CA ILE B 159 20.72 18.87 14.93
C ILE B 159 19.44 18.25 15.56
N GLY B 160 18.33 18.38 14.85
CA GLY B 160 17.07 17.75 15.23
C GLY B 160 16.68 16.61 14.30
N ARG B 161 15.83 15.75 14.80
CA ARG B 161 15.42 14.57 14.06
C ARG B 161 14.49 14.94 12.92
N GLY B 162 14.94 14.70 11.69
CA GLY B 162 14.17 15.03 10.51
C GLY B 162 14.91 16.01 9.63
N GLN B 163 15.96 16.60 10.21
CA GLN B 163 16.74 17.61 9.53
C GLN B 163 17.77 16.95 8.64
N ARG B 164 18.20 17.71 7.63
CA ARG B 164 19.30 17.36 6.77
C ARG B 164 20.45 18.30 7.14
N GLU B 165 21.54 17.74 7.64
CA GLU B 165 22.74 18.53 7.91
C GLU B 165 23.89 17.96 7.09
N LEU B 166 24.47 18.80 6.24
CA LEU B 166 25.60 18.44 5.38
C LEU B 166 26.92 18.37 6.15
N ILE B 167 27.72 17.34 5.89
CA ILE B 167 29.10 17.27 6.37
C ILE B 167 30.04 17.48 5.18
N ILE B 168 30.83 18.56 5.24
CA ILE B 168 31.54 19.02 4.06
C ILE B 168 32.97 19.40 4.37
N GLY B 169 33.88 18.99 3.50
CA GLY B 169 35.30 19.28 3.66
C GLY B 169 36.16 18.51 2.68
N ASP B 170 37.41 18.95 2.57
CA ASP B 170 38.43 18.26 1.79
C ASP B 170 38.61 16.82 2.27
N ARG B 171 39.28 15.99 1.46
CA ARG B 171 39.61 14.65 1.92
C ARG B 171 40.35 14.73 3.24
N GLN B 172 40.14 13.72 4.08
CA GLN B 172 40.92 13.49 5.30
C GLN B 172 40.82 14.64 6.31
N THR B 173 39.62 15.15 6.54
CA THR B 173 39.43 16.25 7.48
C THR B 173 38.58 15.88 8.73
N GLY B 174 38.06 14.65 8.73
CA GLY B 174 37.35 14.12 9.88
C GLY B 174 35.86 13.93 9.62
N LYS B 175 35.50 13.85 8.35
CA LYS B 175 34.09 13.85 7.96
C LYS B 175 33.36 12.60 8.45
N THR B 176 33.77 11.44 7.95
CA THR B 176 33.22 10.17 8.40
C THR B 176 33.15 10.06 9.93
N SER B 177 34.23 10.48 10.62
CA SER B 177 34.28 10.55 12.09
C SER B 177 33.02 11.13 12.71
N ILE B 178 32.56 12.24 12.15
CA ILE B 178 31.34 12.86 12.63
C ILE B 178 30.20 11.86 12.57
N ALA B 179 30.05 11.18 11.44
CA ALA B 179 28.97 10.23 11.27
C ALA B 179 29.09 9.07 12.26
N ILE B 180 30.32 8.56 12.39
CA ILE B 180 30.55 7.33 13.15
C ILE B 180 30.29 7.46 14.65
N ASP B 181 30.81 8.50 15.27
CA ASP B 181 30.59 8.73 16.70
C ASP B 181 29.08 8.95 16.95
N THR B 182 28.45 9.69 16.03
CA THR B 182 27.01 9.89 16.07
C THR B 182 26.29 8.54 16.16
N ILE B 183 26.59 7.65 15.22
CA ILE B 183 26.02 6.31 15.23
C ILE B 183 26.26 5.66 16.59
N ILE B 184 27.53 5.65 17.01
CA ILE B 184 27.95 5.03 18.26
C ILE B 184 27.27 5.68 19.47
N ASN B 185 26.95 6.98 19.37
CA ASN B 185 26.37 7.68 20.51
C ASN B 185 25.01 7.16 20.94
N GLN B 186 24.28 6.61 19.97
CA GLN B 186 22.87 6.26 20.17
C GLN B 186 22.65 5.05 21.07
N LYS B 187 23.70 4.28 21.32
CA LYS B 187 23.63 3.14 22.24
C LYS B 187 22.96 3.52 23.56
N ARG B 188 23.31 4.69 24.09
CA ARG B 188 22.76 5.12 25.37
C ARG B 188 21.23 5.06 25.40
N PHE B 189 20.60 5.37 24.27
CA PHE B 189 19.14 5.34 24.17
C PHE B 189 18.66 3.98 23.69
N ASN B 190 19.35 3.40 22.72
CA ASN B 190 18.99 2.10 22.15
C ASN B 190 19.04 0.90 23.15
N ASP B 191 19.61 1.14 24.32
CA ASP B 191 19.56 0.17 25.43
C ASP B 191 18.56 0.59 26.50
N GLY B 192 17.84 1.68 26.28
CA GLY B 192 16.75 2.07 27.17
C GLY B 192 15.45 1.34 26.80
N THR B 193 14.37 1.67 27.51
CA THR B 193 13.02 1.17 27.16
C THR B 193 12.12 2.30 26.65
N ASP B 194 12.62 3.53 26.76
CA ASP B 194 12.04 4.73 26.14
C ASP B 194 12.12 4.58 24.62
N GLU B 195 11.02 4.16 23.99
CA GLU B 195 11.04 3.83 22.56
C GLU B 195 11.17 5.03 21.62
N LYS B 196 10.63 6.18 22.02
CA LYS B 196 10.65 7.38 21.20
C LYS B 196 12.04 8.03 21.19
N LYS B 197 12.82 7.75 22.23
CA LYS B 197 14.16 8.32 22.40
C LYS B 197 15.21 7.59 21.59
N LYS B 198 14.82 6.54 20.87
CA LYS B 198 15.78 5.67 20.15
C LYS B 198 16.14 6.16 18.73
N LEU B 199 17.23 5.64 18.18
CA LEU B 199 17.65 6.05 16.83
C LEU B 199 18.36 4.97 16.02
N TYR B 200 17.68 4.44 15.01
CA TYR B 200 18.24 3.41 14.14
C TYR B 200 19.06 4.03 13.00
N CYS B 201 20.25 3.49 12.78
CA CYS B 201 21.21 4.10 11.87
C CYS B 201 21.40 3.30 10.58
N ILE B 202 21.69 4.03 9.50
CA ILE B 202 22.00 3.46 8.20
C ILE B 202 23.22 4.18 7.61
N TYR B 203 24.29 3.42 7.37
CA TYR B 203 25.49 3.99 6.78
C TYR B 203 25.57 3.58 5.32
N VAL B 204 25.40 4.55 4.42
CA VAL B 204 25.50 4.28 2.98
C VAL B 204 26.89 4.63 2.46
N ALA B 205 27.64 3.61 2.07
CA ALA B 205 28.97 3.83 1.52
C ALA B 205 28.88 3.88 0.01
N ILE B 206 28.97 5.07 -0.54
CA ILE B 206 29.07 5.22 -1.99
C ILE B 206 30.49 5.62 -2.35
N GLY B 207 31.18 4.73 -3.09
CA GLY B 207 32.49 5.04 -3.65
C GLY B 207 33.73 4.70 -2.83
N GLN B 208 33.52 4.40 -1.54
CA GLN B 208 34.61 4.07 -0.61
C GLN B 208 35.40 2.81 -0.96
N LYS B 209 36.51 2.62 -0.27
CA LYS B 209 37.23 1.36 -0.33
C LYS B 209 36.45 0.34 0.48
N ARG B 210 36.34 -0.86 -0.07
CA ARG B 210 35.68 -1.99 0.61
C ARG B 210 36.33 -2.31 1.95
N SER B 211 37.67 -2.35 1.98
CA SER B 211 38.42 -2.52 3.22
C SER B 211 38.06 -1.46 4.25
N THR B 212 37.76 -0.24 3.79
CA THR B 212 37.35 0.86 4.67
C THR B 212 36.00 0.58 5.29
N VAL B 213 35.13 -0.04 4.49
CA VAL B 213 33.80 -0.33 4.96
C VAL B 213 33.92 -1.48 5.95
N ALA B 214 34.67 -2.51 5.56
CA ALA B 214 34.85 -3.70 6.40
C ALA B 214 35.39 -3.31 7.77
N GLN B 215 36.40 -2.43 7.79
CA GLN B 215 36.94 -1.87 9.02
C GLN B 215 35.87 -1.20 9.86
N LEU B 216 35.09 -0.38 9.18
CA LEU B 216 34.02 0.37 9.80
C LEU B 216 33.02 -0.52 10.56
N VAL B 217 32.51 -1.59 9.94
CA VAL B 217 31.49 -2.39 10.64
C VAL B 217 32.14 -3.11 11.81
N LYS B 218 33.39 -3.52 11.63
CA LYS B 218 34.22 -4.02 12.71
C LYS B 218 34.25 -3.00 13.85
N ARG B 219 34.46 -1.74 13.51
CA ARG B 219 34.45 -0.69 14.51
C ARG B 219 33.10 -0.61 15.21
N LEU B 220 32.04 -0.67 14.42
CA LEU B 220 30.67 -0.59 14.94
C LEU B 220 30.33 -1.78 15.81
N THR B 221 30.60 -2.98 15.29
CA THR B 221 30.48 -4.23 16.04
C THR B 221 31.19 -4.11 17.38
N ASP B 222 32.46 -3.71 17.34
CA ASP B 222 33.26 -3.50 18.56
C ASP B 222 32.55 -2.63 19.60
N ALA B 223 31.81 -1.63 19.12
CA ALA B 223 31.11 -0.70 19.99
C ALA B 223 29.68 -1.13 20.28
N ASP B 224 29.31 -2.30 19.75
CA ASP B 224 27.99 -2.89 19.91
C ASP B 224 26.91 -2.00 19.29
N ALA B 225 27.32 -1.19 18.32
CA ALA B 225 26.43 -0.25 17.60
C ALA B 225 25.80 -0.90 16.37
N MET B 226 26.51 -1.88 15.80
CA MET B 226 26.08 -2.57 14.59
C MET B 226 24.70 -3.20 14.75
N LYS B 227 24.34 -3.57 15.98
CA LYS B 227 23.03 -4.16 16.27
C LYS B 227 21.85 -3.19 16.07
N TYR B 228 22.13 -1.93 15.80
CA TYR B 228 21.07 -1.00 15.42
C TYR B 228 21.38 -0.22 14.14
N THR B 229 22.36 -0.70 13.37
CA THR B 229 22.78 -0.07 12.11
C THR B 229 22.49 -0.95 10.90
N ILE B 230 22.05 -0.33 9.81
CA ILE B 230 22.09 -1.00 8.52
C ILE B 230 23.21 -0.36 7.72
N VAL B 231 24.05 -1.21 7.11
CA VAL B 231 25.10 -0.71 6.23
C VAL B 231 24.75 -1.07 4.79
N VAL B 232 24.64 -0.06 3.93
CA VAL B 232 24.47 -0.28 2.49
C VAL B 232 25.76 0.07 1.76
N SER B 233 26.33 -0.91 1.06
CA SER B 233 27.64 -0.75 0.45
C SER B 233 27.65 -0.84 -1.07
N ALA B 234 28.25 0.18 -1.68
CA ALA B 234 28.38 0.29 -3.13
C ALA B 234 29.74 0.86 -3.35
N THR B 235 30.74 -0.02 -3.40
CA THR B 235 32.12 0.43 -3.30
C THR B 235 32.83 0.76 -4.61
N ALA B 236 34.08 1.21 -4.47
CA ALA B 236 34.92 1.67 -5.56
C ALA B 236 34.87 0.74 -6.76
N SER B 237 34.78 -0.56 -6.54
CA SER B 237 34.74 -1.53 -7.64
C SER B 237 33.32 -2.02 -8.01
N ASP B 238 32.28 -1.52 -7.35
CA ASP B 238 30.94 -1.83 -7.85
C ASP B 238 30.67 -0.99 -9.09
N ALA B 239 29.84 -1.48 -9.99
CA ALA B 239 29.54 -0.72 -11.19
C ALA B 239 28.87 0.61 -10.82
N ALA B 240 29.05 1.60 -11.69
CA ALA B 240 28.50 2.93 -11.43
C ALA B 240 27.00 2.95 -11.04
N PRO B 241 26.11 2.33 -11.87
CA PRO B 241 24.67 2.24 -11.50
C PRO B 241 24.37 1.80 -10.07
N LEU B 242 25.10 0.80 -9.57
CA LEU B 242 25.02 0.42 -8.17
C LEU B 242 25.34 1.56 -7.20
N GLN B 243 26.44 2.29 -7.46
CA GLN B 243 26.88 3.41 -6.62
C GLN B 243 25.81 4.48 -6.60
N TYR B 244 25.23 4.76 -7.76
CA TYR B 244 24.14 5.71 -7.86
C TYR B 244 22.86 5.24 -7.13
N LEU B 245 22.55 3.95 -7.18
CA LEU B 245 21.34 3.44 -6.54
C LEU B 245 21.40 3.41 -5.01
N ALA B 246 22.59 3.09 -4.47
CA ALA B 246 22.78 2.81 -3.05
C ALA B 246 22.07 3.76 -2.09
N PRO B 247 22.20 5.09 -2.30
CA PRO B 247 21.58 6.05 -1.39
C PRO B 247 20.07 5.93 -1.33
N TYR B 248 19.44 5.71 -2.48
CA TYR B 248 18.00 5.57 -2.52
C TYR B 248 17.60 4.28 -1.80
N SER B 249 18.30 3.19 -2.11
CA SER B 249 18.09 1.93 -1.41
C SER B 249 18.20 2.16 0.09
N GLY B 250 19.26 2.85 0.48
CA GLY B 250 19.46 3.22 1.87
C GLY B 250 18.28 3.98 2.42
N CYS B 251 17.78 4.92 1.63
CA CYS B 251 16.76 5.86 2.07
C CYS B 251 15.39 5.23 2.31
N SER B 252 15.03 4.23 1.51
CA SER B 252 13.74 3.57 1.69
C SER B 252 13.79 2.82 3.02
N MET B 253 14.90 2.11 3.25
CA MET B 253 15.10 1.39 4.50
C MET B 253 14.88 2.29 5.69
N GLY B 254 15.27 3.55 5.54
CA GLY B 254 15.10 4.54 6.59
C GLY B 254 13.64 4.89 6.75
N GLU B 255 12.98 5.15 5.61
CA GLU B 255 11.59 5.57 5.56
C GLU B 255 10.67 4.59 6.30
N TYR B 256 11.01 3.30 6.24
CA TYR B 256 10.33 2.30 7.05
C TYR B 256 10.12 2.80 8.47
N PHE B 257 11.16 3.42 9.05
CA PHE B 257 11.14 3.85 10.45
C PHE B 257 10.42 5.17 10.60
N ARG B 258 10.65 6.07 9.64
CA ARG B 258 10.02 7.38 9.59
C ARG B 258 8.51 7.24 9.63
N ASP B 259 7.97 6.44 8.72
CA ASP B 259 6.53 6.32 8.50
C ASP B 259 5.86 5.42 9.54
N ASN B 260 6.65 4.84 10.44
CA ASN B 260 6.12 3.86 11.39
C ASN B 260 6.17 4.27 12.85
N GLY B 261 6.32 5.58 13.10
CA GLY B 261 6.41 6.12 14.45
C GLY B 261 7.79 5.95 15.05
N LYS B 262 8.79 5.70 14.21
CA LYS B 262 10.15 5.52 14.70
C LYS B 262 11.11 6.56 14.09
N HIS B 263 12.36 6.53 14.54
CA HIS B 263 13.35 7.53 14.14
C HIS B 263 14.58 6.89 13.56
N ALA B 264 14.97 7.37 12.40
CA ALA B 264 16.11 6.81 11.68
C ALA B 264 17.07 7.91 11.32
N LEU B 265 18.36 7.59 11.33
CA LEU B 265 19.42 8.46 10.86
C LEU B 265 20.16 7.81 9.71
N ILE B 266 20.34 8.54 8.61
CA ILE B 266 21.01 7.99 7.45
C ILE B 266 22.20 8.84 7.02
N ILE B 267 23.26 8.15 6.61
CA ILE B 267 24.54 8.77 6.24
C ILE B 267 24.89 8.44 4.79
N TYR B 268 24.97 9.47 3.96
CA TYR B 268 25.30 9.27 2.56
C TYR B 268 26.79 9.56 2.37
N ASP B 269 27.59 8.51 2.40
CA ASP B 269 29.04 8.68 2.50
C ASP B 269 29.81 8.13 1.30
N ASP B 270 30.06 8.95 0.29
CA ASP B 270 29.69 10.38 0.29
C ASP B 270 28.99 10.75 -1.03
N LEU B 271 28.27 11.87 -1.05
CA LEU B 271 27.51 12.22 -2.24
C LEU B 271 28.34 12.74 -3.42
N SER B 272 29.52 13.29 -3.15
CA SER B 272 30.49 13.68 -4.20
C SER B 272 30.74 12.51 -5.12
N LYS B 273 31.13 11.38 -4.52
CA LYS B 273 31.39 10.15 -5.25
C LYS B 273 30.17 9.66 -6.03
N GLN B 274 28.98 9.78 -5.43
CA GLN B 274 27.76 9.36 -6.09
C GLN B 274 27.47 10.21 -7.32
N ALA B 275 27.65 11.51 -7.20
CA ALA B 275 27.48 12.36 -8.38
C ALA B 275 28.46 11.93 -9.49
N VAL B 276 29.67 11.54 -9.11
CA VAL B 276 30.64 11.03 -10.08
C VAL B 276 30.11 9.77 -10.79
N ALA B 277 29.56 8.86 -10.00
CA ALA B 277 28.85 7.70 -10.53
C ALA B 277 27.82 8.11 -11.58
N TYR B 278 27.06 9.16 -11.28
CA TYR B 278 25.92 9.52 -12.13
C TYR B 278 26.38 10.19 -13.42
N ARG B 279 27.46 10.97 -13.31
CA ARG B 279 28.03 11.64 -14.46
C ARG B 279 28.51 10.62 -15.47
N GLN B 280 29.11 9.54 -14.97
CA GLN B 280 29.59 8.47 -15.84
C GLN B 280 28.44 7.82 -16.63
N MET B 281 27.31 7.60 -15.96
CA MET B 281 26.12 7.05 -16.60
C MET B 281 25.57 8.02 -17.63
N SER B 282 25.51 9.30 -17.29
CA SER B 282 24.88 10.26 -18.20
C SER B 282 25.75 10.52 -19.44
N LEU B 283 27.07 10.60 -19.27
CA LEU B 283 27.98 10.83 -20.41
C LEU B 283 27.97 9.64 -21.36
N LEU B 284 27.87 8.44 -20.80
CA LEU B 284 27.73 7.25 -21.62
C LEU B 284 26.38 7.23 -22.29
N LEU B 285 25.36 7.76 -21.63
CA LEU B 285 24.03 7.84 -22.23
C LEU B 285 23.94 9.02 -23.22
N ARG B 286 25.05 9.76 -23.31
CA ARG B 286 25.21 10.90 -24.24
C ARG B 286 24.36 12.13 -23.89
N ARG B 287 24.05 12.25 -22.60
CA ARG B 287 23.39 13.42 -22.05
C ARG B 287 24.33 14.63 -22.16
N PRO B 288 23.83 15.75 -22.70
CA PRO B 288 24.67 16.91 -22.87
C PRO B 288 25.33 17.34 -21.55
N PRO B 289 26.67 17.40 -21.55
CA PRO B 289 27.45 17.81 -20.39
C PRO B 289 27.32 19.30 -20.11
N GLY B 290 27.18 19.65 -18.84
CA GLY B 290 27.18 21.05 -18.43
C GLY B 290 28.37 21.39 -17.56
N ARG B 291 28.14 22.23 -16.56
CA ARG B 291 29.19 22.70 -15.68
C ARG B 291 29.95 21.51 -15.07
N GLU B 292 31.25 21.47 -15.35
CA GLU B 292 32.14 20.34 -14.97
C GLU B 292 31.67 19.02 -15.56
N ALA B 293 31.24 19.05 -16.81
CA ALA B 293 30.68 17.86 -17.45
C ALA B 293 29.53 17.14 -16.69
N TYR B 294 29.01 17.74 -15.62
CA TYR B 294 27.78 17.22 -14.94
C TYR B 294 26.46 17.51 -15.70
N PRO B 295 25.51 16.55 -15.67
CA PRO B 295 24.22 16.70 -16.39
C PRO B 295 23.28 17.69 -15.74
N GLY B 296 22.38 18.30 -16.52
CA GLY B 296 21.38 19.20 -15.96
C GLY B 296 20.76 18.72 -14.65
N ASP B 297 20.50 17.41 -14.56
CA ASP B 297 19.73 16.86 -13.45
C ASP B 297 20.58 16.44 -12.23
N VAL B 298 21.84 16.85 -12.20
CA VAL B 298 22.71 16.57 -11.03
C VAL B 298 22.19 17.16 -9.69
N PHE B 299 21.53 18.31 -9.73
CA PHE B 299 20.87 18.84 -8.53
C PHE B 299 19.70 17.93 -8.11
N TYR B 300 18.86 17.59 -9.09
CA TYR B 300 17.66 16.80 -8.85
C TYR B 300 18.03 15.45 -8.27
N LEU B 301 19.17 14.93 -8.71
CA LEU B 301 19.68 13.67 -8.18
C LEU B 301 19.76 13.68 -6.65
N HIS B 302 20.26 14.78 -6.07
CA HIS B 302 20.44 14.89 -4.64
C HIS B 302 19.20 15.45 -3.99
N SER B 303 18.59 16.44 -4.63
CA SER B 303 17.45 17.12 -4.05
C SER B 303 16.34 16.13 -3.63
N ARG B 304 15.87 15.29 -4.57
CA ARG B 304 14.77 14.36 -4.29
C ARG B 304 15.08 13.41 -3.15
N LEU B 305 16.34 12.97 -3.14
CA LEU B 305 16.86 12.07 -2.10
C LEU B 305 16.73 12.69 -0.72
N LEU B 306 17.29 13.87 -0.55
CA LEU B 306 17.38 14.48 0.77
C LEU B 306 16.06 15.06 1.23
N GLU B 307 15.22 15.48 0.28
CA GLU B 307 13.83 15.84 0.58
C GLU B 307 13.13 14.75 1.41
N ARG B 308 13.49 13.50 1.13
CA ARG B 308 12.98 12.33 1.85
C ARG B 308 13.36 12.23 3.33
N ALA B 309 14.38 12.98 3.77
CA ALA B 309 14.58 13.16 5.20
C ALA B 309 13.53 14.16 5.66
N ALA B 310 12.90 13.87 6.79
CA ALA B 310 11.72 14.59 7.21
C ALA B 310 11.37 14.29 8.66
N LYS B 311 10.65 15.22 9.27
CA LYS B 311 10.04 14.98 10.56
C LYS B 311 8.54 14.87 10.32
N MET B 312 7.91 13.82 10.84
CA MET B 312 6.48 13.69 10.63
C MET B 312 5.71 14.13 11.85
N ASN B 313 4.60 14.82 11.64
CA ASN B 313 3.76 15.25 12.75
C ASN B 313 3.09 14.03 13.43
N ASP B 314 2.44 14.25 14.56
CA ASP B 314 1.88 13.13 15.31
C ASP B 314 0.77 12.36 14.58
N ALA B 315 0.11 13.01 13.62
CA ALA B 315 -0.94 12.33 12.85
C ALA B 315 -0.41 11.35 11.80
N PHE B 316 0.89 11.40 11.52
CA PHE B 316 1.50 10.46 10.60
C PHE B 316 2.54 9.60 11.30
N GLY B 317 2.40 9.49 12.63
CA GLY B 317 3.28 8.68 13.47
C GLY B 317 4.24 9.43 14.39
N GLY B 318 4.67 10.62 13.96
CA GLY B 318 5.65 11.36 14.73
C GLY B 318 7.05 10.88 14.43
N GLY B 319 7.18 9.92 13.51
CA GLY B 319 8.48 9.40 13.08
C GLY B 319 9.33 10.43 12.34
N SER B 320 10.57 10.05 12.00
CA SER B 320 11.52 11.00 11.37
C SER B 320 12.70 10.31 10.76
N LEU B 321 13.24 10.90 9.71
CA LEU B 321 14.50 10.43 9.13
C LEU B 321 15.42 11.64 9.12
N THR B 322 16.56 11.52 9.80
CA THR B 322 17.63 12.52 9.75
C THR B 322 18.69 12.11 8.73
N ALA B 323 19.09 13.03 7.87
CA ALA B 323 20.08 12.75 6.83
C ALA B 323 21.36 13.59 6.94
N LEU B 324 22.48 12.90 7.19
CA LEU B 324 23.81 13.51 7.18
C LEU B 324 24.59 13.16 5.92
N PRO B 325 24.43 13.96 4.85
CA PRO B 325 25.13 13.68 3.60
C PRO B 325 26.59 14.14 3.67
N VAL B 326 27.47 13.49 2.93
CA VAL B 326 28.86 13.91 2.95
C VAL B 326 29.24 14.42 1.58
N ILE B 327 29.96 15.53 1.56
CA ILE B 327 30.42 16.16 0.33
C ILE B 327 31.93 16.45 0.49
N GLU B 328 32.68 16.15 -0.56
CA GLU B 328 34.11 16.31 -0.53
C GLU B 328 34.54 17.47 -1.40
N THR B 329 35.05 18.51 -0.73
CA THR B 329 35.51 19.71 -1.42
C THR B 329 36.91 19.49 -1.99
N GLN B 330 37.24 20.22 -3.04
CA GLN B 330 38.60 20.31 -3.56
C GLN B 330 39.23 21.62 -3.11
N ALA B 331 40.19 21.56 -2.19
CA ALA B 331 40.90 22.73 -1.72
C ALA B 331 39.97 23.77 -1.10
N GLY B 332 39.08 23.31 -0.21
CA GLY B 332 38.22 24.18 0.61
C GLY B 332 37.32 25.13 -0.18
N ASP B 333 36.97 24.71 -1.40
CA ASP B 333 36.18 25.51 -2.31
C ASP B 333 34.71 25.14 -2.23
N VAL B 334 33.99 25.88 -1.39
CA VAL B 334 32.58 25.61 -1.16
C VAL B 334 31.72 26.12 -2.30
N SER B 335 32.35 26.83 -3.22
CA SER B 335 31.63 27.48 -4.33
C SER B 335 31.42 26.66 -5.60
N ALA B 336 32.02 25.46 -5.63
CA ALA B 336 31.95 24.62 -6.82
C ALA B 336 30.54 24.05 -7.01
N TYR B 337 30.26 23.54 -8.21
CA TYR B 337 28.90 23.15 -8.63
C TYR B 337 28.19 22.24 -7.62
N ILE B 338 28.80 21.10 -7.32
CA ILE B 338 28.17 20.07 -6.48
C ILE B 338 28.06 20.45 -5.01
N PRO B 339 29.16 20.96 -4.39
CA PRO B 339 29.06 21.53 -3.04
C PRO B 339 27.87 22.48 -2.89
N THR B 340 27.72 23.46 -3.80
CA THR B 340 26.67 24.45 -3.64
C THR B 340 25.27 23.89 -3.90
N ASN B 341 25.15 22.93 -4.83
CA ASN B 341 23.87 22.23 -5.03
C ASN B 341 23.36 21.69 -3.70
N VAL B 342 24.19 20.89 -3.04
CA VAL B 342 23.80 20.27 -1.77
C VAL B 342 23.59 21.22 -0.59
N ILE B 343 24.41 22.27 -0.45
CA ILE B 343 24.14 23.33 0.53
C ILE B 343 22.77 23.98 0.24
N SER B 344 22.42 24.04 -1.06
CA SER B 344 21.13 24.56 -1.50
C SER B 344 19.99 23.57 -1.26
N ILE B 345 20.31 22.43 -0.64
CA ILE B 345 19.32 21.39 -0.36
C ILE B 345 19.14 21.20 1.15
N THR B 346 20.26 21.06 1.87
CA THR B 346 20.25 20.69 3.26
C THR B 346 19.97 21.90 4.18
N ASP B 347 19.85 21.64 5.48
CA ASP B 347 19.46 22.64 6.46
C ASP B 347 20.65 23.17 7.26
N GLY B 348 21.70 23.56 6.55
CA GLY B 348 22.94 23.99 7.18
C GLY B 348 24.02 22.96 6.95
N GLN B 349 25.22 23.29 7.41
CA GLN B 349 26.41 22.49 7.11
C GLN B 349 27.40 22.54 8.25
N ILE B 350 28.03 21.40 8.50
CA ILE B 350 29.23 21.39 9.29
C ILE B 350 30.35 21.48 8.25
N PHE B 351 31.15 22.55 8.32
CA PHE B 351 32.30 22.68 7.41
C PHE B 351 33.59 22.30 8.12
N LEU B 352 34.37 21.43 7.49
CA LEU B 352 35.62 20.95 8.09
C LEU B 352 36.82 21.46 7.29
N GLU B 353 37.68 22.23 7.97
CA GLU B 353 38.85 22.88 7.35
C GLU B 353 40.13 22.07 7.43
N THR B 354 40.85 21.97 6.32
CA THR B 354 42.13 21.27 6.25
C THR B 354 43.13 21.93 7.19
N GLU B 355 43.14 23.27 7.21
CA GLU B 355 44.06 24.01 8.06
C GLU B 355 43.83 23.72 9.54
N LEU B 356 42.56 23.65 9.95
CA LEU B 356 42.25 23.34 11.34
C LEU B 356 42.68 21.92 11.69
N PHE B 357 42.40 21.00 10.78
CA PHE B 357 42.75 19.61 10.95
C PHE B 357 44.24 19.42 11.07
N TYR B 358 44.98 20.13 10.23
CA TYR B 358 46.43 20.06 10.20
C TYR B 358 46.98 20.40 11.57
N LYS B 359 46.63 21.60 12.05
CA LYS B 359 47.05 22.09 13.37
C LYS B 359 46.60 21.20 14.53
N GLY B 360 45.96 20.07 14.20
CA GLY B 360 45.50 19.10 15.19
C GLY B 360 44.20 19.46 15.88
N ILE B 361 43.60 20.58 15.47
CA ILE B 361 42.31 21.00 16.02
C ILE B 361 41.25 20.02 15.52
N ARG B 362 40.70 19.23 16.44
CA ARG B 362 39.83 18.12 16.08
C ARG B 362 38.70 17.88 17.09
N PRO B 363 37.46 17.74 16.60
CA PRO B 363 37.01 17.79 15.20
C PRO B 363 37.26 19.15 14.54
N ALA B 364 37.75 19.14 13.31
CA ALA B 364 38.14 20.39 12.65
C ALA B 364 36.99 21.26 12.12
N ILE B 365 36.15 21.75 13.01
CA ILE B 365 34.94 22.48 12.60
C ILE B 365 35.19 23.98 12.46
N ASN B 366 35.01 24.51 11.27
CA ASN B 366 34.95 25.96 11.12
C ASN B 366 33.58 26.41 11.60
N VAL B 367 33.55 27.10 12.73
CA VAL B 367 32.28 27.49 13.32
C VAL B 367 31.60 28.57 12.45
N GLY B 368 32.37 29.58 12.08
CA GLY B 368 31.86 30.69 11.30
C GLY B 368 31.08 30.23 10.10
N LEU B 369 31.62 29.26 9.38
CA LEU B 369 31.02 28.81 8.12
C LEU B 369 30.01 27.65 8.27
N SER B 370 29.84 27.19 9.51
CA SER B 370 28.92 26.11 9.82
C SER B 370 27.61 26.68 10.34
N VAL B 371 26.50 26.14 9.85
CA VAL B 371 25.17 26.46 10.38
C VAL B 371 24.26 25.26 10.46
N SER B 372 23.31 25.35 11.38
CA SER B 372 22.16 24.50 11.43
C SER B 372 20.97 25.45 11.31
N ARG B 373 20.30 25.41 10.16
CA ARG B 373 19.17 26.33 9.90
C ARG B 373 17.95 26.08 10.79
N VAL B 374 17.88 24.92 11.45
CA VAL B 374 16.66 24.49 12.15
C VAL B 374 16.90 23.77 13.50
N GLY B 375 18.15 23.65 13.92
CA GLY B 375 18.49 22.82 15.07
C GLY B 375 18.28 23.48 16.43
N SER B 376 18.40 24.80 16.47
CA SER B 376 18.23 25.54 17.72
C SER B 376 16.97 25.08 18.45
N ALA B 377 15.90 24.85 17.69
CA ALA B 377 14.63 24.40 18.27
C ALA B 377 14.72 23.03 18.95
N ALA B 378 15.61 22.17 18.48
CA ALA B 378 15.77 20.81 19.03
C ALA B 378 17.05 20.63 19.84
N GLN B 379 17.48 21.67 20.53
CA GLN B 379 18.61 21.59 21.44
C GLN B 379 18.03 21.67 22.86
N THR B 380 18.45 20.76 23.73
CA THR B 380 17.97 20.77 25.13
C THR B 380 18.19 22.14 25.78
N ARG B 381 17.29 22.52 26.69
CA ARG B 381 17.43 23.76 27.45
C ARG B 381 18.77 23.76 28.18
N ALA B 382 19.13 22.61 28.75
CA ALA B 382 20.37 22.46 29.49
C ALA B 382 21.60 22.80 28.65
N MET B 383 21.63 22.35 27.41
CA MET B 383 22.74 22.71 26.54
C MET B 383 22.63 24.19 26.15
N LYS B 384 21.42 24.64 25.81
CA LYS B 384 21.17 26.03 25.40
C LYS B 384 21.63 27.09 26.41
N GLN B 385 21.55 26.76 27.70
CA GLN B 385 21.93 27.66 28.79
C GLN B 385 23.42 27.93 28.90
N VAL B 386 24.25 26.97 28.50
CA VAL B 386 25.70 27.15 28.44
C VAL B 386 26.18 27.44 27.01
N ALA B 387 25.38 27.05 26.03
CA ALA B 387 25.76 27.06 24.61
C ALA B 387 25.64 28.44 23.97
N GLY B 388 24.54 29.12 24.24
CA GLY B 388 24.28 30.46 23.71
C GLY B 388 25.38 31.44 24.06
N THR B 389 25.86 31.37 25.31
CA THR B 389 26.98 32.22 25.75
C THR B 389 28.33 31.76 25.21
N MET B 390 28.46 30.48 24.91
CA MET B 390 29.68 29.96 24.27
C MET B 390 29.75 30.39 22.82
N LYS B 391 28.66 30.23 22.09
CA LYS B 391 28.56 30.75 20.72
C LYS B 391 29.01 32.20 20.70
N LEU B 392 28.48 32.98 21.64
CA LEU B 392 28.74 34.40 21.76
C LEU B 392 30.21 34.73 22.05
N GLU B 393 30.80 34.08 23.06
CA GLU B 393 32.19 34.38 23.44
C GLU B 393 33.18 33.93 22.37
N LEU B 394 32.81 32.90 21.61
CA LEU B 394 33.56 32.44 20.44
C LEU B 394 33.34 33.33 19.23
N ALA B 395 32.19 34.01 19.17
CA ALA B 395 31.93 34.98 18.13
C ALA B 395 32.82 36.23 18.31
N GLN B 396 33.03 36.60 19.56
CA GLN B 396 33.88 37.74 19.94
C GLN B 396 35.36 37.46 19.68
N TYR B 397 35.76 36.21 19.90
CA TYR B 397 37.17 35.77 19.85
C TYR B 397 37.73 35.67 18.44
N ARG B 398 36.90 35.22 17.50
CA ARG B 398 37.24 35.20 16.06
C ARG B 398 37.52 36.59 15.52
N GLU B 399 36.78 37.58 16.04
CA GLU B 399 36.93 38.97 15.62
C GLU B 399 38.30 39.59 15.99
N VAL B 400 39.02 38.96 16.93
CA VAL B 400 40.30 39.51 17.41
C VAL B 400 41.42 38.47 17.58
N ALA B 401 41.61 37.62 16.57
CA ALA B 401 42.65 36.59 16.60
C ALA B 401 44.06 37.17 16.44
N LEU B 410 46.20 44.86 23.93
CA LEU B 410 46.83 44.85 25.25
C LEU B 410 46.05 45.62 26.32
N ASP B 411 44.77 45.93 26.03
CA ASP B 411 43.88 46.57 27.02
C ASP B 411 42.92 45.54 27.64
N ALA B 412 42.39 45.87 28.83
CA ALA B 412 41.65 44.95 29.70
C ALA B 412 40.66 43.97 29.04
N ALA B 413 39.66 44.49 28.34
CA ALA B 413 38.55 43.68 27.80
C ALA B 413 38.96 42.71 26.69
N THR B 414 39.63 43.24 25.66
CA THR B 414 39.90 42.49 24.43
C THR B 414 40.99 41.42 24.57
N GLN B 415 41.70 41.43 25.70
CA GLN B 415 42.66 40.39 26.00
C GLN B 415 41.95 39.22 26.70
N GLN B 416 40.93 39.54 27.49
CA GLN B 416 40.15 38.53 28.22
C GLN B 416 39.35 37.62 27.26
N LEU B 417 38.90 38.19 26.14
CA LEU B 417 38.19 37.43 25.10
C LEU B 417 39.15 36.53 24.33
N LEU B 418 40.42 36.91 24.30
CA LEU B 418 41.49 36.03 23.87
C LEU B 418 41.71 34.92 24.90
N SER B 419 41.85 35.32 26.16
CA SER B 419 42.01 34.39 27.28
C SER B 419 40.91 33.34 27.28
N ARG B 420 39.66 33.79 27.22
CA ARG B 420 38.51 32.90 27.19
C ARG B 420 38.50 32.06 25.92
N GLY B 421 38.74 32.72 24.78
CA GLY B 421 38.63 32.12 23.46
C GLY B 421 39.47 30.89 23.18
N VAL B 422 40.78 30.97 23.44
CA VAL B 422 41.68 29.83 23.26
C VAL B 422 41.19 28.64 24.08
N ARG B 423 40.69 28.91 25.28
CA ARG B 423 40.27 27.88 26.23
C ARG B 423 38.98 27.17 25.82
N LEU B 424 37.99 27.93 25.35
CA LEU B 424 36.78 27.35 24.81
C LEU B 424 37.16 26.49 23.60
N THR B 425 38.14 26.96 22.83
CA THR B 425 38.65 26.22 21.67
C THR B 425 39.25 24.88 22.07
N GLU B 426 39.96 24.84 23.20
CA GLU B 426 40.45 23.56 23.72
C GLU B 426 39.31 22.66 24.23
N LEU B 427 38.24 23.25 24.76
CA LEU B 427 37.09 22.49 25.24
C LEU B 427 36.36 21.77 24.12
N LEU B 428 36.43 22.32 22.91
CA LEU B 428 35.71 21.75 21.77
C LEU B 428 36.48 20.61 21.13
N LYS B 429 37.79 20.57 21.35
CA LYS B 429 38.57 19.39 20.97
C LYS B 429 37.91 18.15 21.55
N GLN B 430 38.12 16.99 20.93
CA GLN B 430 37.55 15.72 21.37
C GLN B 430 38.11 14.60 20.50
N GLY B 431 38.47 13.48 21.13
CA GLY B 431 38.92 12.29 20.39
C GLY B 431 37.76 11.56 19.74
N GLN B 432 38.03 10.37 19.20
CA GLN B 432 37.03 9.58 18.50
C GLN B 432 36.53 8.45 19.37
N TYR B 433 35.33 7.97 19.05
CA TYR B 433 34.78 6.76 19.66
C TYR B 433 34.47 6.92 21.14
N SER B 434 34.49 8.17 21.60
CA SER B 434 34.04 8.53 22.94
C SER B 434 33.03 9.66 22.85
N PRO B 435 31.82 9.36 22.30
CA PRO B 435 30.81 10.41 22.24
C PRO B 435 30.24 10.63 23.62
N MET B 436 29.69 11.82 23.86
CA MET B 436 29.32 12.20 25.21
C MET B 436 27.83 12.40 25.41
N ALA B 437 27.35 11.86 26.51
CA ALA B 437 26.00 12.12 26.99
C ALA B 437 25.80 13.64 27.14
N ILE B 438 24.59 14.11 26.86
CA ILE B 438 24.33 15.55 26.82
C ILE B 438 24.66 16.30 28.13
N GLU B 439 24.37 15.65 29.27
CA GLU B 439 24.61 16.24 30.57
C GLU B 439 26.11 16.36 30.85
N GLU B 440 26.87 15.42 30.30
CA GLU B 440 28.30 15.42 30.42
C GLU B 440 28.89 16.57 29.60
N GLN B 441 28.35 16.77 28.41
CA GLN B 441 28.78 17.89 27.58
C GLN B 441 28.58 19.24 28.27
N VAL B 442 27.41 19.44 28.89
CA VAL B 442 27.08 20.76 29.47
C VAL B 442 27.91 21.09 30.72
N ALA B 443 28.13 20.09 31.58
CA ALA B 443 28.99 20.27 32.75
C ALA B 443 30.38 20.73 32.32
N VAL B 444 30.91 20.12 31.27
CA VAL B 444 32.20 20.51 30.73
C VAL B 444 32.16 21.93 30.21
N ILE B 445 31.18 22.26 29.39
CA ILE B 445 31.06 23.60 28.86
C ILE B 445 30.76 24.62 29.98
N TYR B 446 30.01 24.20 31.00
CA TYR B 446 29.71 25.04 32.17
C TYR B 446 30.99 25.58 32.77
N ALA B 447 31.90 24.66 33.09
CA ALA B 447 33.25 25.00 33.53
C ALA B 447 33.80 26.16 32.72
N GLY B 448 33.80 26.01 31.40
CA GLY B 448 34.29 27.01 30.46
C GLY B 448 33.57 28.35 30.50
N VAL B 449 32.27 28.34 30.21
CA VAL B 449 31.49 29.57 30.12
C VAL B 449 31.26 30.31 31.45
N ARG B 450 31.56 29.63 32.57
CA ARG B 450 31.52 30.29 33.89
C ARG B 450 32.92 30.69 34.39
N GLY B 451 33.85 30.85 33.46
CA GLY B 451 35.15 31.47 33.75
C GLY B 451 36.17 30.65 34.52
N TYR B 452 35.75 29.50 35.02
CA TYR B 452 36.62 28.63 35.81
C TYR B 452 37.89 28.17 35.09
N LEU B 453 37.92 28.26 33.76
CA LEU B 453 39.08 27.82 33.00
C LEU B 453 40.09 28.94 32.76
N ASP B 454 39.66 30.19 32.91
CA ASP B 454 40.48 31.37 32.62
C ASP B 454 41.85 31.39 33.31
N LYS B 455 41.92 30.93 34.55
CA LYS B 455 43.15 30.97 35.34
C LYS B 455 44.21 29.95 34.92
N LEU B 456 43.78 28.90 34.23
CA LEU B 456 44.68 27.82 33.82
C LEU B 456 45.31 28.07 32.45
N GLU B 457 46.38 27.33 32.16
CA GLU B 457 47.07 27.45 30.87
C GLU B 457 46.44 26.57 29.79
N PRO B 458 46.40 27.06 28.53
CA PRO B 458 45.75 26.41 27.40
C PRO B 458 46.12 24.93 27.22
N SER B 459 47.38 24.59 27.45
CA SER B 459 47.87 23.22 27.27
C SER B 459 47.46 22.26 28.40
N LYS B 460 46.66 22.78 29.33
CA LYS B 460 46.13 21.98 30.45
C LYS B 460 44.60 21.82 30.49
N ILE B 461 43.87 22.53 29.61
CA ILE B 461 42.41 22.44 29.55
C ILE B 461 41.93 21.03 29.22
N THR B 462 42.51 20.43 28.18
CA THR B 462 42.23 19.03 27.89
C THR B 462 42.41 18.18 29.17
N LYS B 463 43.54 18.38 29.86
CA LYS B 463 43.82 17.64 31.09
C LYS B 463 42.79 17.89 32.21
N PHE B 464 42.38 19.14 32.38
CA PHE B 464 41.40 19.50 33.38
C PHE B 464 40.05 18.88 33.05
N GLU B 465 39.75 18.87 31.76
CA GLU B 465 38.46 18.39 31.28
C GLU B 465 38.23 16.94 31.64
N ASN B 466 39.24 16.09 31.44
CA ASN B 466 39.12 14.65 31.71
C ASN B 466 39.15 14.31 33.20
N ALA B 467 40.03 14.99 33.93
CA ALA B 467 40.10 14.86 35.38
C ALA B 467 38.78 15.29 36.02
N PHE B 468 38.21 16.37 35.50
CA PHE B 468 36.97 16.94 36.01
C PHE B 468 35.74 16.12 35.64
N LEU B 469 35.69 15.70 34.37
CA LEU B 469 34.58 14.92 33.84
C LEU B 469 34.43 13.56 34.54
N SER B 470 35.55 12.87 34.77
CA SER B 470 35.51 11.55 35.43
C SER B 470 35.28 11.67 36.94
N HIS B 471 35.66 12.81 37.50
CA HIS B 471 35.43 13.06 38.92
C HIS B 471 33.94 13.17 39.20
N VAL B 472 33.26 13.95 38.37
CA VAL B 472 31.82 14.19 38.54
C VAL B 472 30.97 12.98 38.19
N ILE B 473 31.48 12.14 37.27
CA ILE B 473 30.83 10.88 36.91
C ILE B 473 30.88 9.87 38.06
N SER B 474 31.97 9.86 38.81
CA SER B 474 32.17 8.90 39.90
C SER B 474 31.63 9.39 41.24
N GLN B 475 31.56 10.69 41.42
CA GLN B 475 31.18 11.25 42.72
C GLN B 475 29.81 11.94 42.71
N HIS B 476 29.49 12.65 41.63
CA HIS B 476 28.28 13.48 41.59
C HIS B 476 27.26 13.02 40.53
N GLN B 477 26.97 11.71 40.54
CA GLN B 477 25.99 11.09 39.62
C GLN B 477 24.60 11.69 39.76
N ALA B 478 24.20 11.97 41.00
CA ALA B 478 22.88 12.49 41.32
C ALA B 478 22.54 13.74 40.50
N LEU B 479 23.51 14.64 40.39
CA LEU B 479 23.34 15.92 39.70
C LEU B 479 23.32 15.78 38.17
N LEU B 480 24.22 14.98 37.63
CA LEU B 480 24.27 14.70 36.19
C LEU B 480 22.97 14.05 35.71
N SER B 481 22.47 13.08 36.49
CA SER B 481 21.19 12.45 36.22
C SER B 481 20.06 13.47 36.24
N LYS B 482 20.03 14.29 37.30
CA LYS B 482 19.00 15.32 37.45
C LYS B 482 18.99 16.29 36.26
N ILE B 483 20.17 16.62 35.74
CA ILE B 483 20.26 17.47 34.56
C ILE B 483 19.73 16.75 33.32
N ARG B 484 20.10 15.47 33.15
CA ARG B 484 19.56 14.68 32.05
C ARG B 484 18.03 14.55 32.15
N THR B 485 17.56 14.30 33.37
CA THR B 485 16.15 14.08 33.67
C THR B 485 15.32 15.36 33.51
N ASP B 486 15.82 16.47 34.03
CA ASP B 486 15.14 17.76 33.92
C ASP B 486 15.33 18.46 32.58
N GLY B 487 16.29 17.99 31.79
CA GLY B 487 16.62 18.57 30.47
C GLY B 487 17.03 20.03 30.55
N LYS B 488 17.39 20.44 31.77
CA LYS B 488 17.58 21.83 32.13
C LYS B 488 18.67 21.90 33.20
N ILE B 489 19.25 23.06 33.41
CA ILE B 489 20.06 23.31 34.58
C ILE B 489 19.21 24.19 35.48
N SER B 490 18.74 23.62 36.59
CA SER B 490 17.87 24.36 37.53
C SER B 490 18.72 25.25 38.44
N GLU B 491 18.05 26.16 39.15
CA GLU B 491 18.75 27.14 40.00
C GLU B 491 19.48 26.48 41.17
N GLU B 492 18.96 25.33 41.60
CA GLU B 492 19.66 24.49 42.57
C GLU B 492 20.86 23.84 41.89
N SER B 493 20.60 23.15 40.78
CA SER B 493 21.63 22.46 39.99
C SER B 493 22.82 23.35 39.65
N ASP B 494 22.52 24.58 39.24
CA ASP B 494 23.54 25.58 38.92
C ASP B 494 24.40 25.87 40.16
N ALA B 495 23.74 26.22 41.25
CA ALA B 495 24.41 26.52 42.52
C ALA B 495 25.17 25.31 43.04
N LYS B 496 24.64 24.12 42.80
CA LYS B 496 25.31 22.88 43.18
C LYS B 496 26.52 22.64 42.28
N LEU B 497 26.39 22.96 40.99
CA LEU B 497 27.48 22.82 40.04
C LEU B 497 28.53 23.92 40.19
N LYS B 498 28.19 24.97 40.93
CA LYS B 498 29.14 26.04 41.27
C LYS B 498 30.11 25.56 42.35
N GLU B 499 29.59 24.76 43.28
CA GLU B 499 30.37 24.14 44.35
C GLU B 499 31.39 23.14 43.80
N ILE B 500 30.87 22.16 43.05
CA ILE B 500 31.64 21.06 42.50
C ILE B 500 32.88 21.52 41.73
N VAL B 501 32.72 22.58 40.95
CA VAL B 501 33.81 23.11 40.12
C VAL B 501 34.88 23.82 40.94
N THR B 502 34.45 24.70 41.86
CA THR B 502 35.37 25.44 42.75
C THR B 502 36.17 24.50 43.63
N ASN B 503 35.49 23.50 44.19
CA ASN B 503 36.11 22.46 45.00
C ASN B 503 37.15 21.66 44.24
N PHE B 504 36.87 21.41 42.97
CA PHE B 504 37.76 20.60 42.15
C PHE B 504 38.97 21.40 41.65
N LEU B 505 38.70 22.60 41.13
CA LEU B 505 39.73 23.48 40.56
C LEU B 505 40.83 23.88 41.55
N ALA B 506 40.44 24.11 42.80
CA ALA B 506 41.38 24.44 43.87
C ALA B 506 42.25 23.24 44.22
N GLY B 507 41.74 22.04 43.97
CA GLY B 507 42.47 20.78 44.23
C GLY B 507 43.06 20.10 43.01
N PHE B 508 42.90 20.73 41.85
CA PHE B 508 43.50 20.25 40.62
C PHE B 508 44.94 20.73 40.58
N GLU B 509 45.88 19.80 40.38
CA GLU B 509 47.31 20.13 40.48
C GLU B 509 48.11 20.03 39.17
N ILE C 16 -18.57 15.30 -65.70
CA ILE C 16 -17.45 15.08 -64.72
C ILE C 16 -16.94 16.42 -64.19
N LEU C 17 -16.57 16.41 -62.90
CA LEU C 17 -16.30 17.61 -62.11
C LEU C 17 -14.82 18.03 -62.06
N GLY C 18 -14.57 19.34 -62.18
CA GLY C 18 -13.21 19.90 -62.18
C GLY C 18 -12.49 19.87 -60.84
N ALA C 19 -11.40 19.10 -60.78
CA ALA C 19 -10.63 18.91 -59.54
C ALA C 19 -10.13 20.20 -58.89
N ASP C 20 -10.09 20.20 -57.57
CA ASP C 20 -9.60 21.32 -56.79
C ASP C 20 -8.07 21.36 -56.88
N THR C 21 -7.55 22.36 -57.58
CA THR C 21 -6.10 22.48 -57.75
C THR C 21 -5.47 23.61 -56.91
N SER C 22 -6.25 24.18 -55.99
CA SER C 22 -5.78 25.31 -55.19
C SER C 22 -4.63 24.96 -54.23
N VAL C 23 -4.34 23.68 -54.10
CA VAL C 23 -3.41 23.21 -53.09
C VAL C 23 -2.24 22.36 -53.65
N ASP C 24 -1.99 22.46 -54.95
CA ASP C 24 -0.87 21.74 -55.59
C ASP C 24 0.41 21.92 -54.77
N LEU C 25 1.29 20.93 -54.81
CA LEU C 25 2.43 20.92 -53.88
C LEU C 25 3.59 21.83 -54.27
N GLU C 26 3.37 22.68 -55.28
CA GLU C 26 4.39 23.58 -55.77
C GLU C 26 4.31 24.98 -55.15
N GLU C 27 3.11 25.52 -55.02
CA GLU C 27 2.89 26.87 -54.48
C GLU C 27 2.39 26.82 -53.05
N THR C 28 2.18 25.61 -52.55
CA THR C 28 1.85 25.42 -51.14
C THR C 28 2.53 24.16 -50.66
N GLY C 29 2.37 23.86 -49.38
CA GLY C 29 2.94 22.65 -48.78
C GLY C 29 2.15 22.27 -47.54
N ARG C 30 2.59 21.20 -46.87
CA ARG C 30 1.93 20.75 -45.65
C ARG C 30 2.93 20.37 -44.56
N VAL C 31 2.66 20.91 -43.36
CA VAL C 31 3.50 20.73 -42.18
C VAL C 31 3.70 19.26 -41.78
N LEU C 32 4.94 18.79 -41.91
CA LEU C 32 5.27 17.45 -41.43
C LEU C 32 5.44 17.46 -39.90
N SER C 33 6.11 18.48 -39.37
CA SER C 33 6.37 18.57 -37.93
C SER C 33 6.51 20.00 -37.46
N ILE C 34 6.08 20.25 -36.23
CA ILE C 34 6.26 21.57 -35.60
C ILE C 34 6.77 21.47 -34.17
N GLY C 35 7.88 22.14 -33.90
CA GLY C 35 8.49 22.19 -32.58
C GLY C 35 9.27 23.47 -32.39
N ASP C 36 9.17 24.05 -31.20
CA ASP C 36 9.97 25.21 -30.79
C ASP C 36 10.14 26.25 -31.89
N GLY C 37 9.09 26.54 -32.64
CA GLY C 37 9.16 27.62 -33.63
C GLY C 37 9.78 27.21 -34.94
N ILE C 38 10.20 25.95 -35.02
CA ILE C 38 10.64 25.39 -36.30
C ILE C 38 9.56 24.50 -36.89
N ALA C 39 9.01 24.91 -38.03
CA ALA C 39 8.11 24.04 -38.80
C ALA C 39 8.82 23.44 -40.00
N ARG C 40 8.83 22.12 -40.09
CA ARG C 40 9.31 21.43 -41.29
C ARG C 40 8.14 21.22 -42.24
N VAL C 41 8.32 21.56 -43.51
CA VAL C 41 7.23 21.53 -44.48
C VAL C 41 7.52 20.70 -45.75
N HIS C 42 6.65 19.70 -45.98
CA HIS C 42 6.58 18.94 -47.21
C HIS C 42 6.06 19.84 -48.31
N GLY C 43 6.60 19.67 -49.52
CA GLY C 43 6.13 20.41 -50.67
C GLY C 43 6.77 21.78 -50.74
N LEU C 44 5.99 22.77 -51.13
CA LEU C 44 6.47 24.11 -51.36
C LEU C 44 7.58 24.09 -52.40
N ARG C 45 7.42 23.22 -53.41
CA ARG C 45 8.49 23.01 -54.39
C ARG C 45 9.05 24.30 -55.01
N ASN C 46 8.22 25.34 -55.11
CA ASN C 46 8.69 26.58 -55.71
C ASN C 46 9.05 27.69 -54.73
N VAL C 47 9.21 27.40 -53.43
CA VAL C 47 9.66 28.44 -52.49
C VAL C 47 11.03 28.91 -52.87
N GLN C 48 11.35 30.13 -52.49
CA GLN C 48 12.71 30.65 -52.57
C GLN C 48 13.28 30.63 -51.17
N ALA C 49 14.61 30.52 -51.08
CA ALA C 49 15.31 30.76 -49.81
C ALA C 49 15.08 32.19 -49.37
N GLU C 50 14.72 32.35 -48.10
CA GLU C 50 14.35 33.64 -47.49
C GLU C 50 13.00 34.18 -47.93
N GLU C 51 12.21 33.32 -48.57
CA GLU C 51 10.85 33.65 -48.91
C GLU C 51 9.94 33.65 -47.69
N MET C 52 9.03 34.63 -47.65
CA MET C 52 8.00 34.67 -46.64
C MET C 52 6.84 33.74 -47.00
N VAL C 53 6.44 32.91 -46.04
CA VAL C 53 5.34 31.97 -46.23
C VAL C 53 4.21 32.26 -45.26
N GLU C 54 3.04 31.68 -45.53
CA GLU C 54 1.86 31.92 -44.73
C GLU C 54 1.28 30.62 -44.20
N PHE C 55 1.08 30.60 -42.89
CA PHE C 55 0.45 29.48 -42.24
C PHE C 55 -1.05 29.76 -42.18
N SER C 56 -1.86 28.71 -42.33
CA SER C 56 -3.33 28.87 -42.32
C SER C 56 -3.87 29.68 -41.14
N SER C 57 -3.14 29.71 -40.02
CA SER C 57 -3.60 30.44 -38.83
C SER C 57 -3.24 31.95 -38.80
N GLY C 58 -2.75 32.48 -39.92
CA GLY C 58 -2.39 33.92 -40.01
C GLY C 58 -0.94 34.27 -39.62
N LEU C 59 -0.20 33.26 -39.15
CA LEU C 59 1.23 33.39 -38.86
C LEU C 59 2.05 33.49 -40.12
N LYS C 60 3.05 34.34 -40.08
CA LYS C 60 3.96 34.44 -41.18
C LYS C 60 5.21 33.67 -40.79
N GLY C 61 5.92 33.17 -41.79
CA GLY C 61 7.16 32.44 -41.57
C GLY C 61 8.20 32.75 -42.65
N MET C 62 9.40 32.18 -42.48
CA MET C 62 10.49 32.41 -43.42
C MET C 62 11.17 31.10 -43.74
N SER C 63 11.34 30.84 -45.04
CA SER C 63 12.01 29.62 -45.48
C SER C 63 13.52 29.79 -45.38
N LEU C 64 14.15 29.02 -44.52
CA LEU C 64 15.59 29.17 -44.32
C LEU C 64 16.36 27.94 -44.73
N ASN C 65 15.72 26.78 -44.63
CA ASN C 65 16.31 25.55 -45.11
C ASN C 65 15.49 25.00 -46.25
N LEU C 66 16.10 24.93 -47.43
CA LEU C 66 15.50 24.21 -48.53
C LEU C 66 16.29 22.92 -48.66
N GLU C 67 15.69 21.83 -48.22
CA GLU C 67 16.31 20.50 -48.32
C GLU C 67 15.56 19.64 -49.37
N PRO C 68 16.11 18.46 -49.69
CA PRO C 68 15.49 17.65 -50.75
C PRO C 68 14.04 17.24 -50.49
N ASP C 69 13.65 17.10 -49.22
CA ASP C 69 12.31 16.60 -48.90
C ASP C 69 11.53 17.52 -47.94
N ASN C 70 12.21 18.48 -47.33
CA ASN C 70 11.54 19.41 -46.43
C ASN C 70 12.02 20.83 -46.63
N VAL C 71 11.20 21.76 -46.16
CA VAL C 71 11.58 23.16 -46.06
C VAL C 71 11.61 23.52 -44.60
N GLY C 72 12.78 23.98 -44.15
CA GLY C 72 12.97 24.43 -42.77
C GLY C 72 12.45 25.83 -42.62
N VAL C 73 11.28 25.93 -42.01
CA VAL C 73 10.59 27.19 -41.88
C VAL C 73 10.61 27.69 -40.44
N VAL C 74 10.95 28.96 -40.30
CA VAL C 74 11.08 29.63 -39.01
C VAL C 74 9.81 30.45 -38.70
N VAL C 75 9.25 30.32 -37.50
CA VAL C 75 7.94 30.92 -37.20
C VAL C 75 8.04 32.32 -36.59
N PHE C 76 7.56 33.33 -37.32
CA PHE C 76 7.53 34.71 -36.82
C PHE C 76 6.42 34.95 -35.82
N GLY C 77 6.23 34.01 -34.90
CA GLY C 77 5.26 34.14 -33.82
C GLY C 77 5.15 32.88 -32.97
N ASN C 78 4.06 32.79 -32.22
CA ASN C 78 3.78 31.65 -31.36
C ASN C 78 3.53 30.41 -32.19
N ASP C 79 4.22 29.32 -31.88
CA ASP C 79 4.10 28.12 -32.71
C ASP C 79 2.87 27.26 -32.36
N LYS C 80 2.21 27.57 -31.24
CA LYS C 80 1.13 26.72 -30.72
C LYS C 80 -0.06 26.44 -31.65
N LEU C 81 -0.39 27.39 -32.52
CA LEU C 81 -1.52 27.20 -33.40
C LEU C 81 -1.19 26.24 -34.52
N ILE C 82 0.08 26.17 -34.90
CA ILE C 82 0.52 25.30 -36.00
C ILE C 82 0.49 23.83 -35.59
N LYS C 83 -0.03 22.99 -36.50
CA LYS C 83 -0.13 21.55 -36.29
C LYS C 83 0.37 20.79 -37.51
N GLU C 84 0.71 19.51 -37.31
CA GLU C 84 1.00 18.59 -38.39
C GLU C 84 -0.15 18.62 -39.40
N GLY C 85 0.20 18.73 -40.68
CA GLY C 85 -0.77 18.74 -41.78
C GLY C 85 -1.34 20.09 -42.15
N ASP C 86 -1.04 21.13 -41.37
CA ASP C 86 -1.53 22.47 -41.66
C ASP C 86 -1.02 22.91 -43.01
N ILE C 87 -1.79 23.77 -43.67
CA ILE C 87 -1.37 24.27 -44.96
C ILE C 87 -0.44 25.48 -44.84
N VAL C 88 0.57 25.48 -45.69
CA VAL C 88 1.56 26.55 -45.80
C VAL C 88 1.52 27.12 -47.22
N LYS C 89 1.37 28.45 -47.33
CA LYS C 89 1.28 29.12 -48.62
C LYS C 89 2.51 29.95 -48.87
N ARG C 90 2.93 30.04 -50.14
CA ARG C 90 3.98 30.96 -50.57
C ARG C 90 3.44 32.35 -50.73
N THR C 91 4.22 33.35 -50.37
CA THR C 91 3.84 34.74 -50.67
C THR C 91 4.57 35.26 -51.93
N GLY C 92 5.52 34.47 -52.42
CA GLY C 92 6.35 34.85 -53.57
C GLY C 92 7.39 35.91 -53.23
N ALA C 93 7.35 36.42 -52.00
CA ALA C 93 8.19 37.56 -51.64
C ALA C 93 9.26 37.24 -50.61
N ILE C 94 10.50 37.56 -50.95
CA ILE C 94 11.59 37.67 -49.98
C ILE C 94 11.13 38.63 -48.88
N VAL C 95 11.54 38.39 -47.64
CA VAL C 95 11.02 39.15 -46.51
C VAL C 95 11.26 40.67 -46.65
N ASP C 96 10.19 41.44 -46.45
CA ASP C 96 10.23 42.90 -46.52
C ASP C 96 9.49 43.52 -45.33
N VAL C 97 9.64 44.84 -45.17
CA VAL C 97 8.96 45.57 -44.11
C VAL C 97 8.42 46.87 -44.67
N PRO C 98 7.30 47.37 -44.11
CA PRO C 98 6.82 48.70 -44.51
C PRO C 98 7.90 49.71 -44.19
N VAL C 99 7.99 50.79 -44.97
CA VAL C 99 9.05 51.78 -44.84
C VAL C 99 8.52 53.15 -45.26
N GLY C 100 9.09 54.22 -44.69
CA GLY C 100 8.70 55.58 -45.04
C GLY C 100 8.52 56.47 -43.84
N GLU C 101 8.08 57.70 -44.07
CA GLU C 101 7.96 58.70 -43.01
C GLU C 101 6.72 58.51 -42.14
N GLU C 102 5.79 57.70 -42.62
CA GLU C 102 4.57 57.37 -41.88
C GLU C 102 4.90 56.67 -40.55
N LEU C 103 6.11 56.15 -40.45
CA LEU C 103 6.54 55.40 -39.27
C LEU C 103 6.97 56.28 -38.10
N LEU C 104 7.25 57.55 -38.38
CA LEU C 104 7.77 58.49 -37.39
C LEU C 104 6.76 58.77 -36.28
N GLY C 105 7.20 58.60 -35.03
CA GLY C 105 6.32 58.77 -33.89
C GLY C 105 5.51 57.55 -33.55
N ARG C 106 5.65 56.50 -34.36
CA ARG C 106 4.96 55.22 -34.13
C ARG C 106 5.85 54.18 -33.43
N VAL C 107 5.20 53.16 -32.86
CA VAL C 107 5.88 51.99 -32.30
C VAL C 107 5.33 50.74 -32.99
N VAL C 108 6.23 49.99 -33.63
CA VAL C 108 5.86 48.79 -34.41
C VAL C 108 6.61 47.57 -33.90
N ASP C 109 6.14 46.38 -34.26
CA ASP C 109 6.90 45.19 -33.95
C ASP C 109 7.95 44.96 -35.04
N ALA C 110 8.65 43.85 -34.94
CA ALA C 110 9.70 43.53 -35.89
C ALA C 110 9.22 43.43 -37.34
N LEU C 111 7.96 43.08 -37.56
CA LEU C 111 7.45 42.99 -38.94
C LEU C 111 6.88 44.31 -39.47
N GLY C 112 6.86 45.32 -38.60
CA GLY C 112 6.39 46.67 -38.96
C GLY C 112 4.93 46.96 -38.69
N ASN C 113 4.27 46.12 -37.87
CA ASN C 113 2.87 46.30 -37.51
C ASN C 113 2.76 47.13 -36.26
N ALA C 114 1.81 48.06 -36.27
CA ALA C 114 1.56 48.95 -35.14
C ALA C 114 1.35 48.19 -33.83
N ILE C 115 1.99 48.66 -32.76
CA ILE C 115 1.68 48.15 -31.42
C ILE C 115 1.45 49.25 -30.36
N ASP C 116 1.34 50.50 -30.80
CA ASP C 116 1.14 51.62 -29.90
C ASP C 116 -0.34 51.96 -29.74
N GLY C 117 -1.18 51.19 -30.45
CA GLY C 117 -2.63 51.30 -30.35
C GLY C 117 -3.18 52.55 -31.01
N LYS C 118 -2.54 52.95 -32.10
CA LYS C 118 -2.97 54.11 -32.89
C LYS C 118 -3.29 53.72 -34.35
N GLY C 119 -3.63 52.46 -34.57
CA GLY C 119 -4.15 52.00 -35.86
C GLY C 119 -3.08 51.75 -36.91
N PRO C 120 -3.48 51.37 -38.14
CA PRO C 120 -2.53 51.05 -39.21
C PRO C 120 -1.55 52.16 -39.52
N ILE C 121 -0.37 51.77 -39.98
CA ILE C 121 0.65 52.66 -40.53
C ILE C 121 0.26 52.88 -41.99
N GLY C 122 0.29 54.12 -42.43
CA GLY C 122 -0.12 54.42 -43.80
C GLY C 122 1.00 54.30 -44.80
N SER C 123 1.97 53.43 -44.54
CA SER C 123 3.19 53.41 -45.33
C SER C 123 2.85 53.12 -46.79
N LYS C 124 3.44 53.87 -47.70
CA LYS C 124 3.18 53.71 -49.12
C LYS C 124 4.29 52.92 -49.78
N ALA C 125 5.26 52.47 -49.00
CA ALA C 125 6.41 51.77 -49.56
C ALA C 125 6.87 50.53 -48.77
N ARG C 126 7.49 49.58 -49.47
CA ARG C 126 8.12 48.42 -48.80
C ARG C 126 9.60 48.22 -49.18
N ARG C 127 10.31 47.44 -48.37
CA ARG C 127 11.75 47.30 -48.50
C ARG C 127 12.23 45.99 -47.87
N ARG C 128 13.05 45.23 -48.61
CA ARG C 128 13.63 43.98 -48.11
C ARG C 128 14.58 44.19 -46.94
N VAL C 129 14.53 43.31 -45.95
CA VAL C 129 15.44 43.39 -44.82
C VAL C 129 16.84 42.84 -45.14
N GLY C 130 16.97 42.07 -46.21
CA GLY C 130 18.25 41.46 -46.55
C GLY C 130 19.03 42.14 -47.66
N LEU C 131 18.64 43.36 -48.01
CA LEU C 131 19.36 44.10 -49.03
C LEU C 131 20.79 44.34 -48.58
N LYS C 132 21.73 44.16 -49.52
CA LYS C 132 23.14 44.30 -49.21
C LYS C 132 23.45 45.77 -49.07
N ALA C 133 24.40 46.07 -48.19
CA ALA C 133 24.95 47.41 -47.99
C ALA C 133 25.55 47.98 -49.28
N PRO C 134 25.45 49.31 -49.47
CA PRO C 134 26.03 49.93 -50.68
C PRO C 134 27.53 49.68 -50.76
N GLY C 135 28.05 49.51 -51.98
CA GLY C 135 29.46 49.19 -52.18
C GLY C 135 30.38 50.37 -52.05
N ILE C 136 31.46 50.37 -52.84
CA ILE C 136 32.49 51.40 -52.78
C ILE C 136 32.10 52.69 -53.51
N ILE C 137 31.48 52.57 -54.69
CA ILE C 137 31.20 53.79 -55.46
C ILE C 137 30.18 54.73 -54.80
N PRO C 138 29.04 54.20 -54.30
CA PRO C 138 27.94 55.05 -53.78
C PRO C 138 28.29 55.89 -52.54
N ARG C 139 29.43 55.60 -51.94
CA ARG C 139 29.81 56.27 -50.71
C ARG C 139 30.77 57.42 -50.93
N ILE C 140 30.90 58.24 -49.88
CA ILE C 140 31.93 59.27 -49.75
C ILE C 140 32.29 59.32 -48.27
N SER C 141 33.50 59.80 -47.96
CA SER C 141 34.05 59.94 -46.59
C SER C 141 33.08 60.51 -45.56
N VAL C 142 33.09 59.94 -44.36
CA VAL C 142 32.34 60.55 -43.26
C VAL C 142 32.91 61.94 -42.95
N ARG C 143 32.05 62.95 -43.01
CA ARG C 143 32.44 64.36 -42.90
C ARG C 143 31.55 65.16 -41.97
N GLU C 144 30.29 64.77 -41.89
CA GLU C 144 29.31 65.56 -41.18
C GLU C 144 29.24 65.11 -39.73
N PRO C 145 29.18 66.09 -38.81
CA PRO C 145 29.03 65.78 -37.39
C PRO C 145 27.68 65.16 -37.12
N MET C 146 27.64 64.26 -36.15
CA MET C 146 26.41 63.64 -35.66
C MET C 146 26.48 63.83 -34.14
N GLN C 147 25.99 64.97 -33.67
CA GLN C 147 26.25 65.42 -32.29
C GLN C 147 25.42 64.65 -31.26
N THR C 148 26.09 64.15 -30.22
CA THR C 148 25.40 63.46 -29.12
C THR C 148 25.01 64.48 -28.04
N GLY C 149 25.78 65.57 -27.98
CA GLY C 149 25.59 66.55 -26.91
C GLY C 149 26.18 66.07 -25.60
N ILE C 150 26.83 64.89 -25.64
CA ILE C 150 27.58 64.37 -24.51
C ILE C 150 29.06 64.72 -24.68
N LYS C 151 29.52 65.67 -23.85
CA LYS C 151 30.87 66.24 -23.92
C LYS C 151 31.95 65.22 -24.21
N ALA C 152 32.00 64.18 -23.39
CA ALA C 152 33.06 63.19 -23.50
C ALA C 152 33.02 62.42 -24.82
N VAL C 153 31.83 62.21 -25.37
CA VAL C 153 31.72 61.58 -26.68
C VAL C 153 32.13 62.55 -27.79
N ASP C 154 31.41 63.66 -27.92
CA ASP C 154 31.59 64.60 -29.03
C ASP C 154 32.99 65.21 -29.11
N SER C 155 33.77 65.08 -28.04
CA SER C 155 35.13 65.57 -28.05
C SER C 155 36.18 64.45 -28.17
N LEU C 156 36.00 63.32 -27.47
CA LEU C 156 37.07 62.30 -27.43
C LEU C 156 36.96 61.21 -28.51
N VAL C 157 35.71 60.84 -28.81
CA VAL C 157 35.39 59.80 -29.77
C VAL C 157 34.22 60.29 -30.59
N PRO C 158 34.46 61.26 -31.48
CA PRO C 158 33.35 61.88 -32.15
C PRO C 158 32.75 60.99 -33.24
N ILE C 159 31.43 61.15 -33.47
CA ILE C 159 30.66 60.35 -34.42
C ILE C 159 30.20 61.24 -35.59
N GLY C 160 30.39 60.75 -36.83
CA GLY C 160 29.95 61.43 -38.04
C GLY C 160 28.76 60.77 -38.72
N ARG C 161 28.09 61.51 -39.60
CA ARG C 161 26.90 60.98 -40.29
C ARG C 161 27.26 59.88 -41.27
N GLY C 162 26.88 58.66 -40.92
CA GLY C 162 27.18 57.46 -41.73
C GLY C 162 28.13 56.50 -41.03
N GLN C 163 28.53 56.85 -39.81
CA GLN C 163 29.47 56.10 -39.02
C GLN C 163 28.75 55.08 -38.18
N ARG C 164 29.46 53.99 -37.88
CA ARG C 164 29.01 53.00 -36.93
C ARG C 164 29.84 53.19 -35.69
N GLU C 165 29.21 53.14 -34.53
CA GLU C 165 29.89 53.42 -33.26
C GLU C 165 29.23 52.63 -32.14
N LEU C 166 29.98 51.68 -31.56
CA LEU C 166 29.44 50.80 -30.56
C LEU C 166 29.40 51.42 -29.15
N ILE C 167 28.24 51.28 -28.49
CA ILE C 167 28.17 51.52 -27.05
C ILE C 167 28.28 50.16 -26.35
N ILE C 168 29.31 49.99 -25.51
CA ILE C 168 29.68 48.67 -24.99
C ILE C 168 30.07 48.72 -23.52
N GLY C 169 29.59 47.75 -22.73
CA GLY C 169 29.92 47.69 -21.32
C GLY C 169 29.00 46.76 -20.53
N ASP C 170 29.32 46.54 -19.26
CA ASP C 170 28.51 45.69 -18.38
C ASP C 170 27.08 46.21 -18.18
N ARG C 171 26.28 45.46 -17.42
CA ARG C 171 24.91 45.82 -17.08
C ARG C 171 24.86 47.06 -16.20
N GLN C 172 23.86 47.90 -16.41
CA GLN C 172 23.73 49.15 -15.67
C GLN C 172 25.03 49.99 -15.64
N THR C 173 25.67 50.16 -16.79
CA THR C 173 26.79 51.10 -16.91
C THR C 173 26.36 52.40 -17.55
N GLY C 174 25.20 52.38 -18.19
CA GLY C 174 24.63 53.60 -18.78
C GLY C 174 24.55 53.54 -20.29
N LYS C 175 24.56 52.32 -20.83
CA LYS C 175 24.62 52.13 -22.28
C LYS C 175 23.44 52.81 -22.98
N THR C 176 22.23 52.49 -22.56
CA THR C 176 21.05 53.05 -23.21
C THR C 176 21.00 54.58 -23.11
N SER C 177 21.36 55.13 -21.95
CA SER C 177 21.36 56.58 -21.77
C SER C 177 22.20 57.32 -22.82
N ILE C 178 23.30 56.73 -23.26
CA ILE C 178 24.11 57.35 -24.31
C ILE C 178 23.28 57.56 -25.57
N ALA C 179 22.48 56.56 -25.91
CA ALA C 179 21.63 56.63 -27.08
C ALA C 179 20.40 57.50 -26.85
N ILE C 180 19.80 57.41 -25.65
CA ILE C 180 18.62 58.23 -25.34
C ILE C 180 18.91 59.72 -25.49
N ASP C 181 20.00 60.16 -24.85
CA ASP C 181 20.44 61.56 -24.93
C ASP C 181 20.76 62.01 -26.36
N THR C 182 21.39 61.15 -27.15
CA THR C 182 21.70 61.49 -28.55
C THR C 182 20.45 61.75 -29.39
N ILE C 183 19.41 60.92 -29.19
CA ILE C 183 18.15 61.08 -29.94
C ILE C 183 17.47 62.36 -29.49
N ILE C 184 17.43 62.55 -28.17
CA ILE C 184 16.91 63.77 -27.59
C ILE C 184 17.61 64.96 -28.24
N ASN C 185 18.95 64.94 -28.21
CA ASN C 185 19.78 66.03 -28.74
C ASN C 185 19.32 66.58 -30.09
N GLN C 186 18.82 65.72 -30.96
CA GLN C 186 18.50 66.11 -32.33
C GLN C 186 17.37 67.13 -32.42
N LYS C 187 16.67 67.34 -31.31
CA LYS C 187 15.46 68.17 -31.27
C LYS C 187 15.71 69.57 -31.80
N ARG C 188 16.90 70.12 -31.55
CA ARG C 188 17.20 71.49 -31.98
C ARG C 188 17.34 71.61 -33.49
N PHE C 189 17.84 70.55 -34.14
CA PHE C 189 17.97 70.53 -35.58
C PHE C 189 16.65 70.22 -36.24
N ASN C 190 15.91 69.29 -35.65
CA ASN C 190 14.66 68.82 -36.22
C ASN C 190 13.54 69.86 -36.08
N ASP C 191 13.77 70.82 -35.20
CA ASP C 191 12.86 71.93 -35.01
C ASP C 191 13.38 73.16 -35.74
N GLY C 192 14.60 73.08 -36.24
CA GLY C 192 15.24 74.17 -36.96
C GLY C 192 14.86 74.23 -38.43
N THR C 193 15.63 75.00 -39.20
CA THR C 193 15.27 75.30 -40.59
C THR C 193 16.27 74.80 -41.63
N ASP C 194 17.49 74.50 -41.21
CA ASP C 194 18.45 73.83 -42.08
C ASP C 194 18.03 72.38 -42.25
N GLU C 195 17.62 72.03 -43.46
CA GLU C 195 17.09 70.71 -43.77
C GLU C 195 18.16 69.62 -43.71
N LYS C 196 19.37 69.97 -44.16
CA LYS C 196 20.48 69.01 -44.23
C LYS C 196 20.97 68.58 -42.84
N LYS C 197 20.55 69.31 -41.81
CA LYS C 197 20.95 69.00 -40.43
C LYS C 197 19.92 68.13 -39.66
N LYS C 198 18.70 68.01 -40.17
CA LYS C 198 17.72 67.16 -39.50
C LYS C 198 18.19 65.69 -39.37
N LEU C 199 17.81 65.04 -38.28
CA LEU C 199 18.22 63.67 -38.03
C LEU C 199 17.07 62.88 -37.42
N TYR C 200 16.52 61.96 -38.21
CA TYR C 200 15.40 61.13 -37.78
C TYR C 200 15.98 59.89 -37.12
N CYS C 201 15.33 59.48 -36.04
CA CYS C 201 15.86 58.44 -35.20
C CYS C 201 15.02 57.19 -35.27
N ILE C 202 15.70 56.06 -35.04
CA ILE C 202 15.08 54.76 -34.88
C ILE C 202 15.71 54.05 -33.68
N TYR C 203 14.87 53.55 -32.79
CA TYR C 203 15.33 52.79 -31.66
C TYR C 203 14.80 51.37 -31.84
N VAL C 204 15.73 50.42 -31.99
CA VAL C 204 15.37 49.02 -32.04
C VAL C 204 15.63 48.42 -30.69
N ALA C 205 14.59 47.84 -30.09
CA ALA C 205 14.70 47.09 -28.84
C ALA C 205 14.72 45.60 -29.17
N ILE C 206 15.78 44.91 -28.79
CA ILE C 206 15.80 43.47 -28.95
C ILE C 206 15.96 42.87 -27.57
N GLY C 207 14.98 42.06 -27.16
CA GLY C 207 15.10 41.21 -25.98
C GLY C 207 14.77 41.80 -24.63
N GLN C 208 14.44 43.09 -24.58
CA GLN C 208 14.11 43.76 -23.32
C GLN C 208 12.69 43.39 -22.84
N LYS C 209 12.39 43.66 -21.59
CA LYS C 209 11.01 43.54 -21.11
C LYS C 209 10.17 44.70 -21.65
N ARG C 210 8.89 44.44 -21.91
CA ARG C 210 7.97 45.45 -22.45
C ARG C 210 7.82 46.69 -21.61
N SER C 211 7.74 46.56 -20.29
CA SER C 211 7.69 47.74 -19.41
C SER C 211 8.89 48.69 -19.63
N THR C 212 10.10 48.14 -19.76
CA THR C 212 11.27 48.97 -20.04
C THR C 212 11.09 49.82 -21.31
N VAL C 213 10.57 49.19 -22.36
CA VAL C 213 10.40 49.82 -23.66
C VAL C 213 9.34 50.92 -23.60
N ALA C 214 8.40 50.76 -22.67
CA ALA C 214 7.29 51.68 -22.53
C ALA C 214 7.73 52.89 -21.73
N GLN C 215 8.61 52.67 -20.76
CA GLN C 215 9.28 53.78 -20.06
C GLN C 215 10.08 54.60 -21.05
N LEU C 216 10.77 53.90 -21.94
CA LEU C 216 11.55 54.53 -22.99
C LEU C 216 10.75 55.52 -23.86
N VAL C 217 9.64 55.06 -24.43
CA VAL C 217 8.85 55.93 -25.30
C VAL C 217 8.21 57.05 -24.48
N LYS C 218 7.90 56.76 -23.22
CA LYS C 218 7.30 57.77 -22.34
C LYS C 218 8.29 58.88 -22.13
N ARG C 219 9.56 58.51 -22.03
CA ARG C 219 10.65 59.44 -21.84
C ARG C 219 10.90 60.18 -23.14
N LEU C 220 10.75 59.48 -24.28
CA LEU C 220 10.95 60.13 -25.57
C LEU C 220 9.81 61.10 -25.90
N THR C 221 8.60 60.69 -25.52
CA THR C 221 7.40 61.52 -25.71
C THR C 221 7.48 62.76 -24.81
N ASP C 222 7.72 62.55 -23.51
CA ASP C 222 7.84 63.68 -22.60
C ASP C 222 8.88 64.71 -23.04
N ALA C 223 9.94 64.26 -23.71
CA ALA C 223 11.00 65.17 -24.15
C ALA C 223 10.75 65.68 -25.56
N ASP C 224 9.64 65.22 -26.15
CA ASP C 224 9.16 65.64 -27.49
C ASP C 224 10.07 65.18 -28.64
N ALA C 225 10.62 63.97 -28.48
CA ALA C 225 11.48 63.34 -29.47
C ALA C 225 10.81 62.21 -30.26
N MET C 226 9.61 61.81 -29.85
CA MET C 226 8.93 60.71 -30.53
C MET C 226 8.53 61.07 -31.95
N LYS C 227 8.10 62.31 -32.15
CA LYS C 227 7.63 62.78 -33.45
C LYS C 227 8.63 62.58 -34.58
N TYR C 228 9.91 62.45 -34.24
CA TYR C 228 10.93 62.15 -35.26
C TYR C 228 11.57 60.78 -35.06
N THR C 229 10.93 59.94 -34.24
CA THR C 229 11.49 58.63 -33.93
C THR C 229 10.57 57.46 -34.32
N ILE C 230 11.18 56.40 -34.86
CA ILE C 230 10.50 55.13 -35.07
C ILE C 230 11.01 54.19 -33.99
N VAL C 231 10.10 53.50 -33.30
CA VAL C 231 10.53 52.51 -32.32
C VAL C 231 10.15 51.12 -32.82
N VAL C 232 11.16 50.30 -33.10
CA VAL C 232 10.91 48.91 -33.45
C VAL C 232 11.17 48.02 -32.24
N SER C 233 10.15 47.27 -31.81
CA SER C 233 10.24 46.48 -30.58
C SER C 233 10.00 44.98 -30.81
N ALA C 234 11.05 44.19 -30.66
CA ALA C 234 10.90 42.75 -30.53
C ALA C 234 11.40 42.44 -29.15
N THR C 235 10.50 42.08 -28.25
CA THR C 235 10.88 41.99 -26.85
C THR C 235 11.09 40.59 -26.28
N ALA C 236 11.24 40.52 -24.96
CA ALA C 236 11.52 39.28 -24.27
C ALA C 236 10.54 38.15 -24.58
N SER C 237 9.24 38.49 -24.72
CA SER C 237 8.20 37.49 -25.03
C SER C 237 7.98 37.18 -26.51
N ASP C 238 8.59 37.97 -27.40
CA ASP C 238 8.50 37.70 -28.83
C ASP C 238 9.39 36.54 -29.31
N ALA C 239 8.88 35.75 -30.25
CA ALA C 239 9.60 34.60 -30.81
C ALA C 239 11.01 34.95 -31.30
N ALA C 240 11.93 34.01 -31.15
CA ALA C 240 13.35 34.25 -31.47
C ALA C 240 13.58 34.91 -32.82
N PRO C 241 12.91 34.41 -33.88
CA PRO C 241 12.99 34.98 -35.23
C PRO C 241 12.65 36.45 -35.33
N LEU C 242 11.69 36.91 -34.52
CA LEU C 242 11.35 38.33 -34.49
C LEU C 242 12.46 39.16 -33.85
N GLN C 243 13.04 38.66 -32.77
CA GLN C 243 14.18 39.30 -32.13
C GLN C 243 15.38 39.30 -33.08
N TYR C 244 15.55 38.18 -33.80
CA TYR C 244 16.54 38.02 -34.88
C TYR C 244 16.32 39.07 -35.95
N LEU C 245 15.09 39.19 -36.41
CA LEU C 245 14.77 40.04 -37.55
C LEU C 245 14.80 41.53 -37.24
N ALA C 246 14.46 41.89 -36.00
CA ALA C 246 14.14 43.27 -35.67
C ALA C 246 15.21 44.31 -36.08
N PRO C 247 16.50 44.03 -35.85
CA PRO C 247 17.56 44.93 -36.30
C PRO C 247 17.53 45.18 -37.80
N TYR C 248 17.32 44.12 -38.59
CA TYR C 248 17.27 44.24 -40.04
C TYR C 248 16.01 44.99 -40.52
N SER C 249 14.93 44.89 -39.76
CA SER C 249 13.72 45.61 -40.11
C SER C 249 13.91 47.10 -39.82
N GLY C 250 14.50 47.41 -38.68
CA GLY C 250 14.87 48.77 -38.35
C GLY C 250 15.79 49.35 -39.40
N CYS C 251 16.81 48.58 -39.78
CA CYS C 251 17.77 48.99 -40.81
C CYS C 251 17.14 49.46 -42.12
N SER C 252 16.18 48.69 -42.62
CA SER C 252 15.44 49.03 -43.85
C SER C 252 14.70 50.36 -43.75
N MET C 253 14.02 50.53 -42.61
CA MET C 253 13.34 51.77 -42.24
C MET C 253 14.33 52.92 -42.23
N GLY C 254 15.51 52.68 -41.67
CA GLY C 254 16.63 53.60 -41.73
C GLY C 254 17.15 53.86 -43.13
N GLU C 255 17.20 52.82 -43.99
CA GLU C 255 17.76 52.98 -45.32
C GLU C 255 16.91 53.88 -46.22
N TYR C 256 15.64 54.04 -45.87
CA TYR C 256 14.72 54.85 -46.67
C TYR C 256 15.16 56.31 -46.67
N PHE C 257 15.36 56.84 -45.47
CA PHE C 257 15.93 58.18 -45.30
C PHE C 257 17.29 58.30 -46.00
N ARG C 258 18.12 57.27 -45.83
CA ARG C 258 19.51 57.23 -46.35
C ARG C 258 19.60 57.44 -47.87
N ASP C 259 18.68 56.83 -48.59
CA ASP C 259 18.74 56.82 -50.04
C ASP C 259 17.89 57.91 -50.66
N ASN C 260 17.25 58.71 -49.82
CA ASN C 260 16.42 59.82 -50.27
C ASN C 260 16.93 61.15 -49.69
N GLY C 261 18.24 61.31 -49.68
CA GLY C 261 18.89 62.55 -49.26
C GLY C 261 18.59 63.02 -47.86
N LYS C 262 18.21 62.11 -46.97
CA LYS C 262 17.96 62.41 -45.54
C LYS C 262 18.91 61.65 -44.63
N HIS C 263 18.95 62.05 -43.36
CA HIS C 263 19.85 61.43 -42.39
C HIS C 263 19.10 60.78 -41.23
N ALA C 264 19.52 59.57 -40.89
CA ALA C 264 18.85 58.79 -39.84
C ALA C 264 19.85 58.20 -38.86
N LEU C 265 19.35 57.92 -37.66
CA LEU C 265 20.15 57.38 -36.60
C LEU C 265 19.44 56.18 -36.03
N ILE C 266 20.18 55.08 -35.93
CA ILE C 266 19.58 53.84 -35.49
C ILE C 266 20.33 53.25 -34.30
N ILE C 267 19.57 52.92 -33.25
CA ILE C 267 20.13 52.28 -32.07
C ILE C 267 19.65 50.83 -32.07
N TYR C 268 20.58 49.92 -31.82
CA TYR C 268 20.27 48.49 -31.70
C TYR C 268 20.48 48.08 -30.26
N ASP C 269 19.41 48.04 -29.50
CA ASP C 269 19.51 47.85 -28.06
C ASP C 269 18.77 46.57 -27.69
N ASP C 270 19.49 45.45 -27.58
CA ASP C 270 20.94 45.33 -27.85
C ASP C 270 21.27 44.11 -28.75
N LEU C 271 22.47 44.08 -29.34
CA LEU C 271 22.81 42.99 -30.28
C LEU C 271 23.34 41.74 -29.57
N SER C 272 23.62 41.85 -28.28
CA SER C 272 23.94 40.69 -27.48
C SER C 272 22.76 39.76 -27.51
N LYS C 273 21.60 40.33 -27.21
CA LYS C 273 20.33 39.62 -27.08
C LYS C 273 19.83 39.12 -28.42
N GLN C 274 20.15 39.86 -29.48
CA GLN C 274 19.90 39.40 -30.83
C GLN C 274 20.68 38.13 -31.10
N ALA C 275 21.97 38.15 -30.73
CA ALA C 275 22.84 36.98 -30.93
C ALA C 275 22.28 35.78 -30.19
N VAL C 276 21.80 36.00 -28.98
CA VAL C 276 21.22 34.92 -28.19
C VAL C 276 20.05 34.29 -28.93
N ALA C 277 19.24 35.14 -29.59
CA ALA C 277 18.05 34.76 -30.35
C ALA C 277 18.36 34.03 -31.66
N TYR C 278 19.47 34.43 -32.31
CA TYR C 278 19.91 33.77 -33.54
C TYR C 278 20.54 32.43 -33.23
N ARG C 279 21.32 32.39 -32.15
CA ARG C 279 21.83 31.10 -31.60
C ARG C 279 20.68 30.12 -31.33
N GLN C 280 19.59 30.61 -30.73
CA GLN C 280 18.41 29.78 -30.50
C GLN C 280 17.90 29.23 -31.83
N MET C 281 17.49 30.15 -32.72
CA MET C 281 16.97 29.80 -34.05
C MET C 281 17.87 28.84 -34.82
N SER C 282 19.18 29.11 -34.80
CA SER C 282 20.14 28.29 -35.54
C SER C 282 20.23 26.86 -35.01
N LEU C 283 20.21 26.69 -33.68
CA LEU C 283 20.32 25.34 -33.09
C LEU C 283 19.07 24.46 -33.28
N LEU C 284 17.90 25.08 -33.25
CA LEU C 284 16.69 24.32 -33.49
C LEU C 284 16.50 23.93 -34.98
N LEU C 285 17.13 24.69 -35.88
CA LEU C 285 17.20 24.34 -37.30
C LEU C 285 18.28 23.28 -37.52
N ARG C 286 18.82 22.71 -36.44
CA ARG C 286 19.87 21.68 -36.48
C ARG C 286 21.22 22.12 -37.09
N ARG C 287 21.50 23.42 -37.06
CA ARG C 287 22.81 23.91 -37.51
C ARG C 287 23.88 23.82 -36.41
N PRO C 288 24.91 22.98 -36.62
CA PRO C 288 25.87 22.66 -35.56
C PRO C 288 26.45 23.91 -34.88
N PRO C 289 26.44 23.94 -33.53
CA PRO C 289 26.96 25.08 -32.77
C PRO C 289 28.45 25.29 -33.01
N GLY C 290 28.92 26.51 -32.80
CA GLY C 290 30.33 26.84 -32.91
C GLY C 290 30.78 27.51 -31.63
N ARG C 291 31.80 28.35 -31.70
CA ARG C 291 32.40 28.94 -30.51
C ARG C 291 31.34 29.53 -29.58
N GLU C 292 31.46 29.26 -28.29
CA GLU C 292 30.46 29.62 -27.25
C GLU C 292 29.01 29.29 -27.58
N ALA C 293 28.83 28.23 -28.37
CA ALA C 293 27.53 27.67 -28.68
C ALA C 293 26.84 28.45 -29.78
N TYR C 294 27.33 29.66 -30.06
CA TYR C 294 26.81 30.46 -31.19
C TYR C 294 27.20 29.84 -32.52
N PRO C 295 26.52 30.24 -33.60
CA PRO C 295 26.93 29.67 -34.91
C PRO C 295 28.24 30.26 -35.42
N GLY C 296 28.85 29.58 -36.39
CA GLY C 296 30.13 29.99 -36.96
C GLY C 296 30.10 31.34 -37.65
N ASP C 297 28.92 31.85 -37.95
CA ASP C 297 28.78 33.10 -38.64
C ASP C 297 28.15 34.18 -37.79
N VAL C 298 28.24 34.04 -36.47
CA VAL C 298 27.80 35.13 -35.59
C VAL C 298 28.42 36.52 -35.94
N PHE C 299 29.63 36.56 -36.49
CA PHE C 299 30.25 37.82 -36.90
C PHE C 299 29.48 38.43 -38.08
N TYR C 300 29.28 37.59 -39.09
CA TYR C 300 28.51 37.96 -40.26
C TYR C 300 27.12 38.46 -39.90
N LEU C 301 26.55 37.95 -38.81
CA LEU C 301 25.21 38.33 -38.39
C LEU C 301 25.23 39.82 -38.17
N HIS C 302 26.24 40.30 -37.45
CA HIS C 302 26.35 41.72 -37.20
C HIS C 302 27.08 42.52 -38.31
N SER C 303 27.97 41.85 -39.05
CA SER C 303 28.71 42.55 -40.10
C SER C 303 27.77 43.11 -41.20
N ARG C 304 26.82 42.30 -41.66
CA ARG C 304 25.99 42.72 -42.78
C ARG C 304 24.97 43.77 -42.35
N LEU C 305 24.48 43.65 -41.12
CA LEU C 305 23.59 44.64 -40.54
C LEU C 305 24.24 46.02 -40.53
N LEU C 306 25.47 46.09 -40.03
CA LEU C 306 26.09 47.39 -39.71
C LEU C 306 26.81 48.06 -40.88
N GLU C 307 27.23 47.25 -41.88
CA GLU C 307 27.83 47.79 -43.11
C GLU C 307 26.82 48.66 -43.89
N ARG C 308 25.53 48.43 -43.57
CA ARG C 308 24.41 49.13 -44.17
C ARG C 308 24.19 50.52 -43.56
N ALA C 309 24.92 50.82 -42.49
CA ALA C 309 25.03 52.19 -42.02
C ALA C 309 26.16 52.79 -42.84
N ALA C 310 25.85 53.90 -43.51
CA ALA C 310 26.70 54.37 -44.59
C ALA C 310 26.39 55.80 -44.96
N LYS C 311 27.40 56.44 -45.56
CA LYS C 311 27.30 57.81 -46.02
C LYS C 311 27.34 57.78 -47.53
N MET C 312 26.27 58.29 -48.15
CA MET C 312 26.14 58.23 -49.61
C MET C 312 26.70 59.50 -50.20
N ASN C 313 27.25 59.43 -51.41
CA ASN C 313 27.74 60.63 -52.08
C ASN C 313 26.62 61.39 -52.78
N ASP C 314 26.96 62.55 -53.35
CA ASP C 314 25.95 63.44 -53.94
C ASP C 314 25.14 62.79 -55.08
N ALA C 315 25.84 62.07 -55.96
CA ALA C 315 25.18 61.35 -57.04
C ALA C 315 24.11 60.36 -56.54
N PHE C 316 24.26 59.89 -55.30
CA PHE C 316 23.32 58.93 -54.73
C PHE C 316 22.41 59.55 -53.68
N GLY C 317 22.62 60.85 -53.42
CA GLY C 317 21.64 61.61 -52.66
C GLY C 317 22.13 62.40 -51.48
N GLY C 318 23.30 62.03 -50.98
CA GLY C 318 23.92 62.78 -49.88
C GLY C 318 23.41 62.35 -48.53
N GLY C 319 22.45 61.43 -48.54
CA GLY C 319 21.85 60.91 -47.33
C GLY C 319 22.79 59.97 -46.61
N SER C 320 22.44 59.66 -45.37
CA SER C 320 23.32 58.83 -44.54
C SER C 320 22.48 58.03 -43.56
N LEU C 321 23.08 57.00 -42.97
CA LEU C 321 22.49 56.29 -41.83
C LEU C 321 23.60 56.04 -40.83
N THR C 322 23.38 56.44 -39.57
CA THR C 322 24.38 56.28 -38.50
C THR C 322 23.90 55.27 -37.48
N ALA C 323 24.76 54.31 -37.13
CA ALA C 323 24.39 53.25 -36.21
C ALA C 323 25.11 53.33 -34.88
N LEU C 324 24.41 52.90 -33.85
CA LEU C 324 24.97 52.73 -32.53
C LEU C 324 24.53 51.37 -32.01
N PRO C 325 25.24 50.30 -32.41
CA PRO C 325 24.94 49.00 -31.81
C PRO C 325 25.22 49.06 -30.33
N VAL C 326 24.49 48.27 -29.56
CA VAL C 326 24.72 48.12 -28.14
C VAL C 326 25.14 46.67 -27.89
N ILE C 327 26.23 46.48 -27.15
CA ILE C 327 26.67 45.15 -26.70
C ILE C 327 26.85 45.12 -25.20
N GLU C 328 26.30 44.10 -24.56
CA GLU C 328 26.49 43.88 -23.14
C GLU C 328 27.70 42.97 -22.92
N THR C 329 28.60 43.36 -22.03
CA THR C 329 29.72 42.49 -21.68
C THR C 329 29.41 41.68 -20.40
N GLN C 330 30.27 40.72 -20.10
CA GLN C 330 30.19 40.01 -18.83
C GLN C 330 31.42 40.33 -17.98
N ALA C 331 31.18 41.08 -16.91
CA ALA C 331 32.18 41.45 -15.90
C ALA C 331 33.38 42.16 -16.49
N GLY C 332 33.09 43.25 -17.21
CA GLY C 332 34.09 44.19 -17.71
C GLY C 332 35.05 43.71 -18.80
N ASP C 333 34.76 42.58 -19.42
CA ASP C 333 35.70 41.98 -20.36
C ASP C 333 35.51 42.42 -21.81
N VAL C 334 35.94 43.64 -22.14
CA VAL C 334 35.83 44.16 -23.53
C VAL C 334 36.53 43.29 -24.56
N SER C 335 37.33 42.36 -24.08
CA SER C 335 38.24 41.56 -24.91
C SER C 335 37.69 40.20 -25.28
N ALA C 336 36.47 39.89 -24.87
CA ALA C 336 35.88 38.58 -25.10
C ALA C 336 35.54 38.41 -26.58
N TYR C 337 35.44 37.15 -27.01
CA TYR C 337 35.00 36.78 -28.38
C TYR C 337 33.90 37.69 -29.01
N ILE C 338 32.68 37.69 -28.44
CA ILE C 338 31.59 38.50 -29.03
C ILE C 338 31.92 39.99 -29.02
N PRO C 339 32.18 40.58 -27.85
CA PRO C 339 32.58 42.00 -27.88
C PRO C 339 33.60 42.36 -28.99
N THR C 340 34.71 41.64 -29.07
CA THR C 340 35.70 41.95 -30.11
C THR C 340 35.17 41.80 -31.52
N ASN C 341 34.31 40.81 -31.77
CA ASN C 341 33.61 40.71 -33.06
C ASN C 341 32.96 42.04 -33.49
N VAL C 342 32.13 42.57 -32.62
CA VAL C 342 31.40 43.80 -32.92
C VAL C 342 32.35 44.98 -33.04
N ILE C 343 33.30 45.12 -32.10
CA ILE C 343 34.29 46.20 -32.21
C ILE C 343 34.95 46.14 -33.58
N SER C 344 35.12 44.93 -34.09
CA SER C 344 35.78 44.70 -35.35
C SER C 344 34.86 44.98 -36.54
N ILE C 345 33.58 45.23 -36.27
CA ILE C 345 32.70 45.74 -37.32
C ILE C 345 32.62 47.28 -37.34
N THR C 346 32.38 47.89 -36.16
CA THR C 346 32.04 49.32 -36.08
C THR C 346 33.23 50.26 -36.26
N ASP C 347 32.93 51.55 -36.45
CA ASP C 347 33.94 52.59 -36.63
C ASP C 347 34.34 53.23 -35.30
N GLY C 348 34.58 52.41 -34.28
CA GLY C 348 34.87 52.91 -32.96
C GLY C 348 33.97 52.26 -31.92
N GLN C 349 34.21 52.60 -30.66
CA GLN C 349 33.35 52.12 -29.57
C GLN C 349 33.44 53.04 -28.35
N ILE C 350 32.36 53.08 -27.59
CA ILE C 350 32.37 53.73 -26.30
C ILE C 350 32.23 52.64 -25.25
N PHE C 351 33.30 52.39 -24.51
CA PHE C 351 33.31 51.36 -23.49
C PHE C 351 32.99 52.00 -22.15
N LEU C 352 31.92 51.52 -21.50
CA LEU C 352 31.54 51.96 -20.13
C LEU C 352 31.98 50.96 -19.03
N GLU C 353 32.30 51.47 -17.84
CA GLU C 353 32.74 50.61 -16.72
C GLU C 353 32.09 50.98 -15.39
N THR C 354 31.80 49.98 -14.55
CA THR C 354 31.06 50.20 -13.29
C THR C 354 31.90 50.98 -12.29
N GLU C 355 33.17 50.60 -12.18
CA GLU C 355 34.19 51.22 -11.33
C GLU C 355 34.28 52.72 -11.62
N LEU C 356 34.35 53.08 -12.91
CA LEU C 356 34.32 54.49 -13.26
C LEU C 356 32.99 55.07 -12.81
N PHE C 357 31.90 54.41 -13.22
CA PHE C 357 30.55 54.84 -12.86
C PHE C 357 30.37 55.20 -11.38
N TYR C 358 30.81 54.32 -10.49
CA TYR C 358 30.63 54.56 -9.06
C TYR C 358 31.73 55.44 -8.47
N LYS C 359 32.84 55.58 -9.19
CA LYS C 359 33.88 56.51 -8.74
C LYS C 359 33.41 57.95 -8.95
N GLY C 360 32.34 58.11 -9.73
CA GLY C 360 31.72 59.40 -9.97
C GLY C 360 31.89 59.86 -11.40
N ILE C 361 32.67 59.11 -12.17
CA ILE C 361 32.91 59.40 -13.57
C ILE C 361 31.71 58.92 -14.36
N ARG C 362 30.71 59.79 -14.46
CA ARG C 362 29.53 59.51 -15.26
C ARG C 362 29.33 60.64 -16.27
N PRO C 363 29.25 60.33 -17.57
CA PRO C 363 29.31 59.04 -18.26
C PRO C 363 30.57 58.24 -18.05
N ALA C 364 30.40 56.96 -17.73
CA ALA C 364 31.50 56.08 -17.36
C ALA C 364 32.32 55.60 -18.54
N ILE C 365 32.71 56.53 -19.40
CA ILE C 365 33.51 56.26 -20.59
C ILE C 365 34.96 56.05 -20.14
N ASN C 366 35.53 54.91 -20.50
CA ASN C 366 36.93 54.64 -20.30
C ASN C 366 37.68 55.15 -21.54
N VAL C 367 38.46 56.21 -21.38
CA VAL C 367 39.10 56.90 -22.50
C VAL C 367 40.13 56.05 -23.28
N GLY C 368 41.01 55.35 -22.57
CA GLY C 368 42.01 54.50 -23.22
C GLY C 368 41.46 53.49 -24.20
N LEU C 369 40.30 52.91 -23.88
CA LEU C 369 39.79 51.73 -24.57
C LEU C 369 38.73 52.09 -25.59
N SER C 370 38.17 53.29 -25.47
CA SER C 370 37.23 53.85 -26.45
C SER C 370 37.99 54.45 -27.62
N VAL C 371 37.34 54.56 -28.76
CA VAL C 371 37.90 55.27 -29.91
C VAL C 371 36.80 55.73 -30.84
N SER C 372 37.19 56.59 -31.76
CA SER C 372 36.41 56.86 -32.96
C SER C 372 37.36 56.66 -34.11
N ARG C 373 36.92 55.88 -35.09
CA ARG C 373 37.74 55.60 -36.29
C ARG C 373 37.67 56.70 -37.37
N VAL C 374 36.78 57.67 -37.17
CA VAL C 374 36.61 58.78 -38.09
C VAL C 374 37.37 60.00 -37.60
N GLY C 375 37.57 60.08 -36.28
CA GLY C 375 38.27 61.20 -35.63
C GLY C 375 37.79 62.61 -35.99
N SER C 376 38.73 63.57 -36.01
CA SER C 376 38.40 64.99 -36.12
C SER C 376 37.65 65.38 -37.39
N ALA C 377 37.59 64.48 -38.38
CA ALA C 377 36.76 64.70 -39.57
C ALA C 377 35.26 64.79 -39.26
N ALA C 378 34.83 64.20 -38.13
CA ALA C 378 33.43 64.23 -37.70
C ALA C 378 33.13 65.39 -36.76
N GLN C 379 34.14 66.23 -36.48
CA GLN C 379 33.97 67.39 -35.61
C GLN C 379 33.90 68.70 -36.39
N THR C 380 33.24 69.69 -35.83
CA THR C 380 33.34 71.04 -36.37
C THR C 380 34.79 71.50 -36.13
N ARG C 381 35.26 72.45 -36.94
CA ARG C 381 36.56 73.06 -36.73
C ARG C 381 36.66 73.57 -35.27
N ALA C 382 35.59 74.16 -34.76
CA ALA C 382 35.55 74.70 -33.40
C ALA C 382 35.89 73.66 -32.34
N MET C 383 35.30 72.46 -32.45
CA MET C 383 35.56 71.41 -31.45
C MET C 383 36.93 70.76 -31.66
N LYS C 384 37.37 70.69 -32.93
CA LYS C 384 38.72 70.24 -33.28
C LYS C 384 39.78 71.13 -32.64
N GLN C 385 39.59 72.44 -32.78
CA GLN C 385 40.49 73.43 -32.21
C GLN C 385 40.79 73.14 -30.76
N VAL C 386 39.79 72.71 -30.00
CA VAL C 386 39.96 72.47 -28.57
C VAL C 386 40.28 71.03 -28.18
N ALA C 387 39.82 70.05 -28.96
CA ALA C 387 39.93 68.63 -28.58
C ALA C 387 40.98 67.82 -29.35
N GLY C 388 41.59 68.44 -30.35
CA GLY C 388 42.54 67.76 -31.25
C GLY C 388 43.60 66.82 -30.68
N THR C 389 44.11 67.11 -29.48
CA THR C 389 45.17 66.30 -28.88
C THR C 389 44.78 65.77 -27.51
N MET C 390 43.55 66.11 -27.11
CA MET C 390 43.05 65.76 -25.79
C MET C 390 43.07 64.26 -25.51
N LYS C 391 42.63 63.45 -26.47
CA LYS C 391 42.51 62.01 -26.26
C LYS C 391 43.84 61.33 -25.89
N LEU C 392 44.87 61.56 -26.69
CA LEU C 392 46.19 61.00 -26.38
C LEU C 392 46.76 61.60 -25.08
N GLU C 393 46.46 62.87 -24.85
CA GLU C 393 46.85 63.57 -23.63
C GLU C 393 46.29 62.90 -22.37
N LEU C 394 45.00 62.54 -22.42
CA LEU C 394 44.34 61.90 -21.31
C LEU C 394 44.82 60.48 -21.05
N ALA C 395 45.10 59.72 -22.12
CA ALA C 395 45.63 58.36 -21.97
C ALA C 395 47.03 58.40 -21.38
N GLN C 396 47.81 59.37 -21.83
CA GLN C 396 49.08 59.64 -21.19
C GLN C 396 48.90 60.10 -19.75
N TYR C 397 47.95 61.00 -19.51
CA TYR C 397 47.70 61.47 -18.15
C TYR C 397 47.43 60.32 -17.18
N ARG C 398 46.56 59.39 -17.58
CA ARG C 398 46.06 58.37 -16.68
C ARG C 398 47.15 57.36 -16.35
N GLU C 399 48.08 57.19 -17.29
CA GLU C 399 49.21 56.30 -17.12
C GLU C 399 50.22 56.93 -16.13
N VAL C 400 50.37 58.25 -16.20
CA VAL C 400 51.30 58.97 -15.33
C VAL C 400 50.79 59.07 -13.88
N ALA C 401 49.47 59.23 -13.71
CA ALA C 401 48.84 59.20 -12.38
C ALA C 401 49.15 57.89 -11.67
N ALA C 402 48.94 56.79 -12.37
CA ALA C 402 49.26 55.45 -11.86
C ALA C 402 50.76 55.30 -11.54
N PHE C 403 51.64 55.76 -12.43
CA PHE C 403 53.09 55.63 -12.20
C PHE C 403 53.61 56.58 -11.12
N ALA C 404 52.90 57.69 -10.93
CA ALA C 404 53.23 58.64 -9.88
C ALA C 404 52.43 58.38 -8.60
N GLN C 405 51.87 57.19 -8.46
CA GLN C 405 51.03 56.88 -7.31
C GLN C 405 51.86 56.77 -6.04
N PHE C 406 53.06 56.21 -6.15
CA PHE C 406 54.00 56.18 -5.04
C PHE C 406 54.69 57.55 -4.87
N GLY C 407 53.93 58.50 -4.30
CA GLY C 407 54.21 59.94 -4.34
C GLY C 407 55.48 60.49 -3.71
N SER C 408 56.51 60.66 -4.54
CA SER C 408 57.73 61.38 -4.16
C SER C 408 58.10 62.38 -5.27
N ASP C 409 58.86 63.41 -4.90
CA ASP C 409 59.18 64.59 -5.76
C ASP C 409 59.16 64.37 -7.28
N LEU C 410 58.40 65.22 -7.97
CA LEU C 410 58.17 65.09 -9.40
C LEU C 410 58.58 66.36 -10.13
N ASP C 411 58.91 66.24 -11.42
CA ASP C 411 59.28 67.38 -12.26
C ASP C 411 58.09 68.30 -12.51
N ALA C 412 58.34 69.45 -13.13
CA ALA C 412 57.29 70.39 -13.48
C ALA C 412 56.44 69.87 -14.65
N ALA C 413 57.07 69.08 -15.52
CA ALA C 413 56.38 68.48 -16.65
C ALA C 413 55.22 67.59 -16.21
N THR C 414 55.51 66.56 -15.39
CA THR C 414 54.46 65.62 -14.93
C THR C 414 53.50 66.19 -13.89
N GLN C 415 53.95 67.15 -13.10
CA GLN C 415 53.05 67.83 -12.15
C GLN C 415 51.95 68.58 -12.93
N GLN C 416 52.33 69.14 -14.07
CA GLN C 416 51.45 69.91 -14.94
C GLN C 416 50.40 69.06 -15.66
N LEU C 417 50.85 67.91 -16.17
CA LEU C 417 50.00 66.95 -16.86
C LEU C 417 48.89 66.41 -15.93
N LEU C 418 49.29 66.03 -14.71
CA LEU C 418 48.36 65.63 -13.67
C LEU C 418 47.37 66.75 -13.34
N SER C 419 47.89 67.96 -13.12
CA SER C 419 47.02 69.10 -12.83
C SER C 419 45.98 69.28 -13.93
N ARG C 420 46.42 69.09 -15.17
CA ARG C 420 45.54 69.26 -16.32
C ARG C 420 44.51 68.15 -16.30
N GLY C 421 45.00 66.91 -16.20
CA GLY C 421 44.16 65.72 -16.32
C GLY C 421 43.02 65.66 -15.32
N VAL C 422 43.37 65.80 -14.04
CA VAL C 422 42.38 65.80 -12.96
C VAL C 422 41.28 66.83 -13.19
N ARG C 423 41.63 67.92 -13.88
CA ARG C 423 40.68 68.98 -14.14
C ARG C 423 39.89 68.72 -15.42
N LEU C 424 40.58 68.29 -16.46
CA LEU C 424 39.93 67.91 -17.71
C LEU C 424 38.88 66.86 -17.43
N THR C 425 39.24 65.96 -16.51
CA THR C 425 38.42 64.81 -16.20
C THR C 425 37.10 65.23 -15.57
N GLU C 426 37.14 66.25 -14.70
CA GLU C 426 35.92 66.77 -14.09
C GLU C 426 35.08 67.44 -15.16
N LEU C 427 35.75 68.05 -16.15
CA LEU C 427 35.07 68.73 -17.27
C LEU C 427 34.24 67.79 -18.12
N LEU C 428 34.66 66.53 -18.20
CA LEU C 428 33.96 65.57 -19.05
C LEU C 428 32.82 64.86 -18.32
N LYS C 429 32.68 65.16 -17.05
CA LYS C 429 31.52 64.69 -16.30
C LYS C 429 30.26 65.38 -16.82
N GLN C 430 29.16 64.65 -16.87
CA GLN C 430 27.87 65.20 -17.33
C GLN C 430 26.67 64.40 -16.81
N GLY C 431 25.61 65.12 -16.47
CA GLY C 431 24.34 64.53 -16.06
C GLY C 431 23.62 63.95 -17.26
N GLN C 432 22.35 63.63 -17.06
CA GLN C 432 21.52 63.01 -18.08
C GLN C 432 20.50 63.96 -18.66
N TYR C 433 19.91 63.56 -19.78
CA TYR C 433 18.75 64.23 -20.38
C TYR C 433 18.92 65.74 -20.66
N SER C 434 20.14 66.26 -20.57
CA SER C 434 20.44 67.62 -21.03
C SER C 434 21.63 67.67 -22.00
N PRO C 435 21.47 67.09 -23.19
CA PRO C 435 22.63 67.17 -24.09
C PRO C 435 22.94 68.61 -24.40
N MET C 436 24.22 68.93 -24.56
CA MET C 436 24.66 70.28 -24.78
C MET C 436 24.86 70.61 -26.24
N ALA C 437 24.49 71.83 -26.62
CA ALA C 437 24.80 72.36 -27.95
C ALA C 437 26.32 72.43 -28.08
N ILE C 438 26.81 72.26 -29.32
CA ILE C 438 28.25 72.24 -29.61
C ILE C 438 29.03 73.49 -29.13
N GLU C 439 28.54 74.68 -29.45
CA GLU C 439 29.15 75.92 -28.99
C GLU C 439 29.43 75.90 -27.49
N GLU C 440 28.46 75.46 -26.70
CA GLU C 440 28.61 75.42 -25.25
C GLU C 440 29.61 74.36 -24.83
N GLN C 441 29.66 73.24 -25.56
CA GLN C 441 30.65 72.21 -25.28
C GLN C 441 32.04 72.83 -25.45
N VAL C 442 32.20 73.57 -26.55
CA VAL C 442 33.48 74.12 -26.93
C VAL C 442 33.96 75.10 -25.86
N ALA C 443 33.04 75.92 -25.36
CA ALA C 443 33.35 76.92 -24.33
C ALA C 443 33.92 76.27 -23.05
N VAL C 444 33.22 75.26 -22.54
CA VAL C 444 33.66 74.55 -21.36
C VAL C 444 35.06 73.96 -21.54
N ILE C 445 35.22 73.11 -22.56
CA ILE C 445 36.51 72.45 -22.87
C ILE C 445 37.61 73.49 -23.01
N TYR C 446 37.30 74.55 -23.76
CA TYR C 446 38.18 75.69 -23.95
C TYR C 446 38.80 76.15 -22.64
N ALA C 447 37.95 76.41 -21.66
CA ALA C 447 38.42 76.88 -20.36
C ALA C 447 39.44 75.92 -19.76
N GLY C 448 39.21 74.62 -19.96
CA GLY C 448 40.14 73.59 -19.51
C GLY C 448 41.44 73.47 -20.30
N VAL C 449 41.32 73.27 -21.61
CA VAL C 449 42.50 73.00 -22.46
C VAL C 449 43.48 74.17 -22.54
N ARG C 450 42.96 75.38 -22.42
CA ARG C 450 43.84 76.57 -22.47
C ARG C 450 44.53 76.80 -21.12
N GLY C 451 44.14 76.04 -20.11
CA GLY C 451 44.77 76.07 -18.78
C GLY C 451 44.18 77.03 -17.76
N TYR C 452 43.13 77.74 -18.14
CA TYR C 452 42.54 78.77 -17.28
C TYR C 452 42.00 78.26 -15.95
N LEU C 453 41.76 76.96 -15.84
CA LEU C 453 41.29 76.41 -14.57
C LEU C 453 42.39 75.65 -13.84
N ASP C 454 43.63 75.75 -14.33
CA ASP C 454 44.74 74.97 -13.78
C ASP C 454 44.94 75.17 -12.28
N LYS C 455 44.61 76.37 -11.78
CA LYS C 455 44.85 76.71 -10.37
C LYS C 455 43.58 76.68 -9.50
N LEU C 456 42.46 76.34 -10.14
CA LEU C 456 41.19 76.18 -9.45
C LEU C 456 41.10 74.78 -8.86
N GLU C 457 40.62 74.70 -7.62
CA GLU C 457 40.45 73.42 -6.91
C GLU C 457 39.60 72.45 -7.74
N PRO C 458 40.07 71.20 -7.90
CA PRO C 458 39.40 70.25 -8.76
C PRO C 458 37.93 69.98 -8.37
N SER C 459 37.61 70.00 -7.08
CA SER C 459 36.24 69.68 -6.65
C SER C 459 35.22 70.81 -6.92
N LYS C 460 35.70 71.93 -7.43
CA LYS C 460 34.82 73.07 -7.73
C LYS C 460 34.58 73.22 -9.23
N ILE C 461 35.32 72.43 -10.01
CA ILE C 461 35.21 72.46 -11.47
C ILE C 461 33.76 72.32 -11.92
N THR C 462 33.07 71.31 -11.41
CA THR C 462 31.66 71.09 -11.76
C THR C 462 30.83 72.35 -11.49
N LYS C 463 30.96 72.90 -10.28
CA LYS C 463 30.24 74.11 -9.91
C LYS C 463 30.61 75.31 -10.79
N PHE C 464 31.89 75.39 -11.18
CA PHE C 464 32.35 76.45 -12.08
C PHE C 464 31.72 76.38 -13.46
N GLU C 465 31.63 75.17 -14.01
CA GLU C 465 31.11 74.97 -15.38
C GLU C 465 29.69 75.47 -15.51
N ASN C 466 28.86 75.13 -14.53
CA ASN C 466 27.45 75.51 -14.55
C ASN C 466 27.26 77.02 -14.40
N ALA C 467 28.09 77.63 -13.55
CA ALA C 467 28.09 79.08 -13.40
C ALA C 467 28.52 79.72 -14.71
N PHE C 468 29.69 79.32 -15.20
CA PHE C 468 30.24 79.85 -16.43
C PHE C 468 29.26 79.71 -17.61
N LEU C 469 28.69 78.50 -17.76
CA LEU C 469 27.74 78.23 -18.82
C LEU C 469 26.53 79.17 -18.74
N SER C 470 25.82 79.12 -17.62
CA SER C 470 24.65 79.97 -17.42
C SER C 470 24.98 81.46 -17.59
N HIS C 471 26.26 81.81 -17.46
CA HIS C 471 26.69 83.17 -17.72
C HIS C 471 26.65 83.49 -19.22
N VAL C 472 27.45 82.77 -20.02
CA VAL C 472 27.56 83.08 -21.46
C VAL C 472 26.23 82.91 -22.20
N ILE C 473 25.36 82.02 -21.71
CA ILE C 473 24.07 81.78 -22.33
C ILE C 473 23.19 83.04 -22.37
N SER C 474 23.27 83.85 -21.32
CA SER C 474 22.49 85.09 -21.27
C SER C 474 23.31 86.32 -21.69
N GLN C 475 24.49 86.46 -21.11
CA GLN C 475 25.35 87.61 -21.35
C GLN C 475 26.01 87.64 -22.73
N HIS C 476 26.31 86.46 -23.29
CA HIS C 476 27.10 86.38 -24.53
C HIS C 476 26.52 85.46 -25.56
N GLN C 477 25.25 85.67 -25.89
CA GLN C 477 24.61 84.89 -26.94
C GLN C 477 25.23 85.23 -28.29
N ALA C 478 25.86 86.39 -28.37
CA ALA C 478 26.52 86.82 -29.59
C ALA C 478 27.78 85.99 -29.90
N LEU C 479 28.59 85.75 -28.88
CA LEU C 479 29.77 84.91 -29.00
C LEU C 479 29.35 83.48 -29.37
N LEU C 480 28.46 82.90 -28.57
CA LEU C 480 27.90 81.58 -28.81
C LEU C 480 27.31 81.45 -30.22
N SER C 481 26.56 82.47 -30.62
CA SER C 481 25.94 82.52 -31.94
C SER C 481 27.00 82.47 -33.00
N LYS C 482 28.12 83.16 -32.75
CA LYS C 482 29.17 83.29 -33.75
C LYS C 482 29.95 81.98 -33.92
N ILE C 483 30.22 81.30 -32.81
CA ILE C 483 30.94 80.02 -32.82
C ILE C 483 30.12 78.94 -33.56
N ARG C 484 28.81 78.92 -33.30
CA ARG C 484 27.91 77.95 -33.91
C ARG C 484 27.75 78.18 -35.40
N THR C 485 27.65 79.45 -35.81
CA THR C 485 27.46 79.79 -37.23
C THR C 485 28.75 79.61 -38.02
N ASP C 486 29.86 80.14 -37.48
CA ASP C 486 31.16 80.02 -38.10
C ASP C 486 31.65 78.58 -38.10
N GLY C 487 31.26 77.85 -37.05
CA GLY C 487 31.80 76.51 -36.79
C GLY C 487 33.26 76.56 -36.39
N LYS C 488 33.69 77.68 -35.83
CA LYS C 488 35.08 77.85 -35.43
C LYS C 488 35.25 78.90 -34.34
N ILE C 489 36.43 78.90 -33.72
CA ILE C 489 36.82 79.96 -32.79
C ILE C 489 37.83 80.85 -33.48
N SER C 490 37.35 81.92 -34.11
CA SER C 490 38.21 82.86 -34.82
C SER C 490 39.11 83.59 -33.84
N GLU C 491 40.16 84.24 -34.35
CA GLU C 491 41.06 85.04 -33.50
C GLU C 491 40.27 86.05 -32.64
N GLU C 492 39.13 86.48 -33.15
CA GLU C 492 38.21 87.37 -32.45
C GLU C 492 37.49 86.66 -31.28
N SER C 493 36.85 85.52 -31.56
CA SER C 493 36.16 84.76 -30.53
C SER C 493 37.15 84.36 -29.44
N ASP C 494 38.32 83.89 -29.88
CA ASP C 494 39.41 83.50 -28.98
C ASP C 494 39.72 84.60 -27.96
N ALA C 495 39.77 85.85 -28.42
CA ALA C 495 40.01 87.00 -27.53
C ALA C 495 38.86 87.21 -26.56
N LYS C 496 37.63 87.15 -27.07
CA LYS C 496 36.46 87.31 -26.19
C LYS C 496 36.26 86.16 -25.18
N LEU C 497 36.59 84.94 -25.56
CA LEU C 497 36.51 83.79 -24.66
C LEU C 497 37.51 83.93 -23.52
N LYS C 498 38.76 84.23 -23.87
CA LYS C 498 39.83 84.42 -22.89
C LYS C 498 39.41 85.44 -21.81
N GLU C 499 38.99 86.62 -22.27
CA GLU C 499 38.58 87.72 -21.41
C GLU C 499 37.45 87.32 -20.46
N ILE C 500 36.45 86.59 -20.97
CA ILE C 500 35.32 86.15 -20.15
C ILE C 500 35.77 85.18 -19.05
N VAL C 501 36.49 84.13 -19.42
CA VAL C 501 36.78 83.05 -18.47
C VAL C 501 37.73 83.49 -17.36
N THR C 502 38.72 84.32 -17.69
CA THR C 502 39.65 84.84 -16.69
C THR C 502 38.92 85.63 -15.61
N ASN C 503 38.25 86.69 -16.02
CA ASN C 503 37.56 87.58 -15.10
C ASN C 503 36.35 86.95 -14.40
N PHE C 504 35.76 85.92 -15.01
CA PHE C 504 34.67 85.17 -14.38
C PHE C 504 35.19 84.27 -13.27
N LEU C 505 36.21 83.49 -13.59
CA LEU C 505 36.84 82.57 -12.62
C LEU C 505 37.22 83.33 -11.37
N ALA C 506 37.85 84.49 -11.56
CA ALA C 506 38.28 85.32 -10.43
C ALA C 506 37.10 85.71 -9.55
N GLY C 507 36.06 86.24 -10.18
CA GLY C 507 34.83 86.58 -9.49
C GLY C 507 34.30 85.37 -8.75
N PHE C 508 34.34 84.22 -9.43
CA PHE C 508 33.89 82.96 -8.86
C PHE C 508 34.69 82.55 -7.61
N GLU C 509 36.00 82.81 -7.64
CA GLU C 509 36.90 82.40 -6.56
C GLU C 509 37.08 83.44 -5.46
N ALA C 510 36.18 84.42 -5.35
CA ALA C 510 36.41 85.59 -4.48
C ALA C 510 36.39 85.30 -2.98
N THR D 13 27.30 20.84 -69.74
CA THR D 13 26.42 19.99 -68.87
C THR D 13 25.66 20.85 -67.86
N THR D 14 24.43 20.43 -67.58
CA THR D 14 23.49 21.20 -66.77
C THR D 14 23.13 20.48 -65.47
N GLY D 15 23.11 21.24 -64.37
CA GLY D 15 22.70 20.75 -63.06
C GLY D 15 21.50 21.45 -62.46
N ARG D 16 20.99 20.89 -61.36
CA ARG D 16 19.83 21.42 -60.66
C ARG D 16 20.14 21.58 -59.17
N ILE D 17 19.85 22.77 -58.62
CA ILE D 17 19.94 22.99 -57.18
C ILE D 17 19.00 22.02 -56.47
N VAL D 18 19.50 21.36 -55.43
CA VAL D 18 18.69 20.42 -54.68
C VAL D 18 18.59 20.74 -53.18
N ALA D 19 19.52 21.55 -52.67
CA ALA D 19 19.48 21.99 -51.27
C ALA D 19 20.15 23.35 -51.08
N VAL D 20 19.55 24.16 -50.23
CA VAL D 20 20.06 25.50 -49.95
C VAL D 20 19.98 25.73 -48.46
N ILE D 21 21.14 25.81 -47.82
CA ILE D 21 21.21 26.22 -46.43
C ILE D 21 22.28 27.31 -46.37
N GLY D 22 21.87 28.52 -46.00
CA GLY D 22 22.73 29.70 -46.05
C GLY D 22 23.58 29.80 -47.30
N ALA D 23 24.90 29.77 -47.12
CA ALA D 23 25.89 29.93 -48.20
C ALA D 23 26.17 28.62 -48.89
N VAL D 24 25.67 27.53 -48.32
CA VAL D 24 25.98 26.22 -48.89
C VAL D 24 24.85 25.70 -49.77
N VAL D 25 25.22 25.31 -50.99
CA VAL D 25 24.27 24.89 -52.02
C VAL D 25 24.63 23.53 -52.61
N ASP D 26 23.75 22.55 -52.41
CA ASP D 26 23.92 21.21 -52.98
C ASP D 26 23.28 21.20 -54.36
N VAL D 27 24.05 20.75 -55.36
CA VAL D 27 23.60 20.70 -56.76
C VAL D 27 23.76 19.28 -57.31
N GLN D 28 22.73 18.79 -58.01
CA GLN D 28 22.76 17.47 -58.66
C GLN D 28 23.00 17.58 -60.16
N PHE D 29 23.87 16.71 -60.69
CA PHE D 29 24.21 16.68 -62.12
C PHE D 29 24.00 15.29 -62.67
N ASP D 30 23.08 15.14 -63.63
CA ASP D 30 22.77 13.82 -64.20
C ASP D 30 23.93 13.20 -64.97
N GLU D 31 24.53 13.98 -65.86
CA GLU D 31 25.64 13.51 -66.69
C GLU D 31 26.98 13.88 -66.05
N GLY D 32 27.79 14.65 -66.77
CA GLY D 32 29.12 15.00 -66.29
C GLY D 32 29.11 15.79 -65.00
N LEU D 33 29.94 15.34 -64.06
CA LEU D 33 30.02 15.95 -62.73
C LEU D 33 31.23 16.88 -62.62
N PRO D 34 30.99 18.17 -62.31
CA PRO D 34 32.10 19.14 -62.21
C PRO D 34 33.08 18.85 -61.08
N PRO D 35 34.40 18.84 -61.40
CA PRO D 35 35.42 18.60 -60.40
C PRO D 35 35.49 19.71 -59.37
N ILE D 36 35.93 19.35 -58.17
CA ILE D 36 36.12 20.29 -57.09
C ILE D 36 36.88 21.53 -57.58
N LEU D 37 36.45 22.68 -57.08
CA LEU D 37 37.02 24.01 -57.39
C LEU D 37 36.41 24.68 -58.62
N ASN D 38 35.66 23.94 -59.42
CA ASN D 38 35.02 24.53 -60.59
C ASN D 38 34.01 25.59 -60.20
N ALA D 39 33.94 26.64 -61.00
CA ALA D 39 32.91 27.64 -60.87
C ALA D 39 31.68 27.18 -61.64
N LEU D 40 30.54 27.23 -60.94
CA LEU D 40 29.24 26.97 -61.54
C LEU D 40 28.51 28.31 -61.66
N GLU D 41 27.69 28.43 -62.70
CA GLU D 41 26.92 29.67 -62.95
C GLU D 41 25.42 29.41 -62.75
N VAL D 42 24.83 30.06 -61.74
CA VAL D 42 23.40 29.91 -61.49
C VAL D 42 22.58 30.62 -62.56
N GLN D 43 21.65 29.88 -63.16
CA GLN D 43 20.79 30.42 -64.22
C GLN D 43 19.57 31.14 -63.64
N GLY D 44 19.08 32.15 -64.36
CA GLY D 44 17.93 32.91 -63.91
C GLY D 44 18.19 33.84 -62.73
N ARG D 45 19.35 34.50 -62.74
CA ARG D 45 19.67 35.56 -61.78
C ARG D 45 19.83 36.89 -62.49
N GLU D 46 19.60 37.98 -61.76
CA GLU D 46 19.75 39.32 -62.32
C GLU D 46 21.20 39.72 -62.36
N THR D 47 21.92 39.43 -61.27
CA THR D 47 23.37 39.57 -61.22
C THR D 47 24.00 38.20 -61.15
N ARG D 48 25.15 38.06 -61.82
CA ARG D 48 25.82 36.77 -62.01
C ARG D 48 26.13 36.11 -60.68
N LEU D 49 25.56 34.91 -60.47
CA LEU D 49 25.78 34.14 -59.24
C LEU D 49 26.63 32.87 -59.49
N VAL D 50 27.85 32.88 -58.97
CA VAL D 50 28.78 31.75 -59.12
C VAL D 50 28.75 30.83 -57.88
N LEU D 51 28.62 29.52 -58.10
CA LEU D 51 28.88 28.55 -57.04
C LEU D 51 30.21 27.82 -57.27
N GLU D 52 31.12 27.86 -56.30
CA GLU D 52 32.36 27.07 -56.38
C GLU D 52 32.18 25.64 -55.84
N VAL D 53 32.53 24.63 -56.64
CA VAL D 53 32.43 23.24 -56.18
C VAL D 53 33.41 22.94 -55.04
N ALA D 54 32.88 22.48 -53.89
CA ALA D 54 33.69 22.18 -52.69
C ALA D 54 33.84 20.67 -52.37
N GLN D 55 32.79 19.88 -52.59
CA GLN D 55 32.82 18.46 -52.24
C GLN D 55 32.05 17.63 -53.28
N HIS D 56 32.41 16.36 -53.45
CA HIS D 56 31.50 15.41 -54.05
C HIS D 56 30.84 14.58 -52.96
N LEU D 57 29.54 14.80 -52.76
CA LEU D 57 28.80 14.16 -51.68
C LEU D 57 28.57 12.69 -51.92
N GLY D 58 28.50 12.32 -53.20
CA GLY D 58 27.98 11.03 -53.63
C GLY D 58 26.65 11.22 -54.34
N GLU D 59 26.21 10.21 -55.08
CA GLU D 59 24.89 10.26 -55.74
C GLU D 59 24.77 11.44 -56.70
N SER D 60 25.77 11.63 -57.56
CA SER D 60 25.76 12.69 -58.57
C SER D 60 25.42 14.08 -58.01
N THR D 61 25.80 14.31 -56.76
CA THR D 61 25.49 15.58 -56.08
C THR D 61 26.79 16.22 -55.60
N VAL D 62 26.92 17.51 -55.88
CA VAL D 62 28.09 18.26 -55.44
C VAL D 62 27.73 19.33 -54.42
N ARG D 63 28.62 19.51 -53.43
CA ARG D 63 28.45 20.55 -52.41
C ARG D 63 29.26 21.78 -52.75
N THR D 64 28.58 22.93 -52.79
CA THR D 64 29.19 24.15 -53.29
C THR D 64 29.07 25.30 -52.30
N ILE D 65 30.09 26.16 -52.26
CA ILE D 65 30.02 27.44 -51.51
C ILE D 65 29.70 28.57 -52.48
N ALA D 66 28.83 29.49 -52.05
CA ALA D 66 28.30 30.53 -52.90
C ALA D 66 29.10 31.82 -52.76
N MET D 67 29.24 32.53 -53.88
CA MET D 67 30.01 33.76 -53.96
C MET D 67 29.13 35.00 -53.85
N ASP D 68 27.89 34.78 -53.45
CA ASP D 68 26.91 35.85 -53.25
C ASP D 68 25.74 35.33 -52.42
N GLY D 69 24.79 36.21 -52.11
CA GLY D 69 23.57 35.83 -51.43
C GLY D 69 22.88 34.66 -52.10
N THR D 70 22.18 33.87 -51.30
CA THR D 70 21.49 32.72 -51.86
C THR D 70 19.98 32.95 -51.83
N GLU D 71 19.56 34.03 -51.16
CA GLU D 71 18.17 34.48 -51.28
C GLU D 71 17.65 34.43 -52.74
N GLY D 72 16.43 33.92 -52.90
CA GLY D 72 15.83 33.81 -54.22
C GLY D 72 16.04 32.49 -54.92
N LEU D 73 16.94 31.65 -54.42
CA LEU D 73 17.16 30.36 -55.03
C LEU D 73 16.02 29.42 -54.68
N VAL D 74 15.72 28.52 -55.60
CA VAL D 74 14.61 27.61 -55.49
C VAL D 74 15.15 26.25 -55.88
N ARG D 75 14.73 25.21 -55.17
CA ARG D 75 15.08 23.85 -55.54
C ARG D 75 14.63 23.61 -56.97
N GLY D 76 15.45 22.92 -57.76
CA GLY D 76 15.12 22.67 -59.17
C GLY D 76 15.72 23.66 -60.15
N GLN D 77 16.19 24.80 -59.62
CA GLN D 77 16.76 25.90 -60.44
C GLN D 77 18.03 25.43 -61.12
N LYS D 78 18.24 25.91 -62.35
CA LYS D 78 19.33 25.43 -63.22
C LYS D 78 20.70 26.02 -62.94
N VAL D 79 21.72 25.17 -63.01
CA VAL D 79 23.10 25.57 -62.74
C VAL D 79 23.98 25.03 -63.86
N LEU D 80 24.75 25.92 -64.51
CA LEU D 80 25.73 25.50 -65.50
C LEU D 80 27.09 25.33 -64.86
N ASP D 81 27.89 24.43 -65.41
CA ASP D 81 29.29 24.29 -65.04
C ASP D 81 30.12 25.01 -66.11
N SER D 82 30.91 26.00 -65.68
CA SER D 82 31.74 26.79 -66.58
C SER D 82 32.94 25.99 -67.10
N GLY D 83 33.12 24.80 -66.54
CA GLY D 83 34.20 23.88 -66.94
C GLY D 83 35.59 24.26 -66.46
N ALA D 84 35.64 25.17 -65.48
CA ALA D 84 36.92 25.64 -64.96
C ALA D 84 36.69 26.47 -63.70
N PRO D 85 37.76 26.70 -62.93
CA PRO D 85 37.67 27.50 -61.71
C PRO D 85 37.33 28.95 -62.03
N ILE D 86 37.18 29.77 -60.98
CA ILE D 86 36.95 31.20 -61.16
C ILE D 86 38.19 31.80 -61.84
N ARG D 87 37.95 32.37 -63.02
CA ARG D 87 38.99 33.03 -63.78
C ARG D 87 38.74 34.53 -63.72
N ILE D 88 39.81 35.29 -63.60
CA ILE D 88 39.72 36.74 -63.45
C ILE D 88 40.64 37.44 -64.45
N PRO D 89 40.32 38.70 -64.79
CA PRO D 89 41.26 39.49 -65.58
C PRO D 89 42.59 39.73 -64.84
N VAL D 90 43.70 39.54 -65.54
CA VAL D 90 45.03 39.86 -65.00
C VAL D 90 45.80 40.60 -66.07
N GLY D 91 46.45 41.69 -65.68
CA GLY D 91 47.25 42.46 -66.65
C GLY D 91 47.30 43.93 -66.33
N PRO D 92 47.97 44.71 -67.21
CA PRO D 92 48.02 46.17 -67.06
C PRO D 92 46.62 46.77 -66.87
N GLU D 93 45.63 46.19 -67.52
CA GLU D 93 44.25 46.68 -67.49
C GLU D 93 43.58 46.68 -66.10
N THR D 94 44.07 45.85 -65.18
CA THR D 94 43.52 45.86 -63.83
C THR D 94 43.98 47.05 -63.00
N LEU D 95 44.98 47.77 -63.50
CA LEU D 95 45.54 48.88 -62.74
C LEU D 95 44.56 50.05 -62.65
N GLY D 96 44.45 50.64 -61.47
CA GLY D 96 43.51 51.70 -61.21
C GLY D 96 42.07 51.22 -61.19
N ARG D 97 41.84 49.98 -61.57
CA ARG D 97 40.50 49.43 -61.55
C ARG D 97 40.16 48.82 -60.19
N ILE D 98 38.87 48.59 -59.95
CA ILE D 98 38.46 47.88 -58.74
C ILE D 98 37.68 46.63 -59.12
N MET D 99 38.13 45.48 -58.62
CA MET D 99 37.48 44.19 -58.86
C MET D 99 36.82 43.60 -57.59
N ASN D 100 35.91 42.66 -57.80
CA ASN D 100 35.32 41.89 -56.74
C ASN D 100 35.93 40.48 -56.74
N VAL D 101 35.30 39.52 -56.05
CA VAL D 101 35.82 38.16 -55.95
C VAL D 101 36.02 37.56 -57.32
N ILE D 102 35.07 37.83 -58.21
CA ILE D 102 34.96 37.08 -59.45
C ILE D 102 35.43 37.92 -60.66
N GLY D 103 36.31 38.88 -60.41
CA GLY D 103 36.87 39.68 -61.48
C GLY D 103 35.96 40.65 -62.20
N GLU D 104 34.68 40.73 -61.79
CA GLU D 104 33.78 41.79 -62.30
C GLU D 104 34.32 43.14 -61.82
N PRO D 105 34.26 44.19 -62.69
CA PRO D 105 34.57 45.54 -62.23
C PRO D 105 33.47 46.06 -61.32
N ILE D 106 33.85 46.75 -60.24
CA ILE D 106 32.86 47.33 -59.32
C ILE D 106 33.07 48.81 -59.13
N ASP D 107 33.74 49.45 -60.09
CA ASP D 107 34.01 50.89 -60.06
C ASP D 107 33.16 51.71 -61.03
N GLU D 108 32.13 51.08 -61.60
CA GLU D 108 31.28 51.69 -62.61
C GLU D 108 32.05 52.41 -63.73
N ARG D 109 33.15 51.78 -64.15
CA ARG D 109 33.97 52.31 -65.22
C ARG D 109 34.07 51.41 -66.46
N GLY D 110 33.02 50.62 -66.72
CA GLY D 110 32.96 49.74 -67.88
C GLY D 110 33.79 48.46 -67.81
N PRO D 111 33.82 47.68 -68.91
CA PRO D 111 34.50 46.37 -68.99
C PRO D 111 36.00 46.45 -68.65
N ILE D 112 36.61 45.32 -68.30
CA ILE D 112 38.07 45.27 -68.07
C ILE D 112 38.77 44.53 -69.22
N LYS D 113 39.26 45.34 -70.18
CA LYS D 113 39.76 44.86 -71.46
C LYS D 113 41.14 44.19 -71.43
N THR D 114 41.24 43.00 -70.84
CA THR D 114 42.51 42.25 -70.80
C THR D 114 42.63 41.23 -71.92
N LYS D 115 43.86 40.94 -72.31
CA LYS D 115 44.16 39.94 -73.34
C LYS D 115 43.96 38.52 -72.83
N GLN D 116 44.16 38.33 -71.52
CA GLN D 116 44.05 37.02 -70.89
C GLN D 116 43.56 37.13 -69.46
N PHE D 117 43.15 35.98 -68.93
CA PHE D 117 42.61 35.83 -67.58
C PHE D 117 43.48 34.85 -66.80
N ALA D 118 43.03 34.48 -65.59
CA ALA D 118 43.73 33.49 -64.77
C ALA D 118 42.82 32.89 -63.69
N ALA D 119 42.97 31.59 -63.49
CA ALA D 119 42.28 30.89 -62.41
C ALA D 119 42.80 31.45 -61.10
N ILE D 120 41.90 31.65 -60.15
CA ILE D 120 42.24 32.15 -58.82
C ILE D 120 42.76 31.02 -57.93
N HIS D 121 42.69 29.80 -58.47
CA HIS D 121 43.26 28.63 -57.83
C HIS D 121 44.50 28.15 -58.58
N ALA D 122 45.63 28.14 -57.89
CA ALA D 122 46.88 27.72 -58.50
C ALA D 122 47.79 27.04 -57.49
N GLU D 123 48.64 26.14 -58.00
CA GLU D 123 49.72 25.50 -57.22
C GLU D 123 50.72 26.54 -56.72
N ALA D 124 51.28 26.29 -55.54
CA ALA D 124 52.29 27.19 -55.00
C ALA D 124 53.62 26.98 -55.72
N PRO D 125 54.47 28.03 -55.79
CA PRO D 125 55.81 27.87 -56.32
C PRO D 125 56.55 26.77 -55.56
N GLU D 126 57.35 26.02 -56.29
CA GLU D 126 58.13 24.93 -55.72
C GLU D 126 59.30 25.49 -54.91
N PHE D 127 59.88 24.65 -54.06
CA PHE D 127 61.11 24.97 -53.31
C PHE D 127 62.24 25.50 -54.19
N VAL D 128 62.45 24.92 -55.37
CA VAL D 128 63.48 25.42 -56.29
C VAL D 128 63.19 26.82 -56.80
N GLU D 129 62.00 27.33 -56.54
CA GLU D 129 61.63 28.66 -57.01
C GLU D 129 61.95 29.73 -55.96
N MET D 130 62.47 29.31 -54.81
CA MET D 130 62.63 30.22 -53.68
C MET D 130 63.86 31.09 -53.83
N SER D 131 63.82 32.27 -53.21
CA SER D 131 64.96 33.18 -53.16
C SER D 131 65.44 33.35 -51.73
N VAL D 132 66.74 33.54 -51.55
CA VAL D 132 67.30 33.76 -50.23
C VAL D 132 67.70 35.22 -50.01
N GLU D 133 67.48 36.03 -51.05
CA GLU D 133 67.80 37.46 -51.03
C GLU D 133 66.99 38.18 -49.97
N GLN D 134 67.66 39.04 -49.21
CA GLN D 134 66.99 39.88 -48.21
C GLN D 134 67.81 41.10 -47.83
N GLU D 135 67.22 42.27 -48.12
CA GLU D 135 67.82 43.55 -47.79
C GLU D 135 66.72 44.50 -47.31
N ILE D 136 67.08 45.36 -46.37
CA ILE D 136 66.12 46.17 -45.63
C ILE D 136 65.15 46.99 -46.48
N LEU D 137 63.90 47.03 -46.02
CA LEU D 137 62.91 47.96 -46.53
C LEU D 137 62.64 48.97 -45.42
N VAL D 138 63.21 50.15 -45.58
CA VAL D 138 63.09 51.21 -44.58
C VAL D 138 61.71 51.84 -44.71
N THR D 139 61.05 52.03 -43.56
CA THR D 139 59.68 52.48 -43.53
C THR D 139 59.50 53.92 -43.09
N GLY D 140 60.50 54.47 -42.39
CA GLY D 140 60.41 55.80 -41.79
C GLY D 140 59.63 55.80 -40.48
N ILE D 141 59.29 54.60 -40.00
CA ILE D 141 58.58 54.40 -38.74
C ILE D 141 59.60 53.87 -37.74
N LYS D 142 59.87 54.64 -36.69
CA LYS D 142 61.02 54.35 -35.82
C LYS D 142 61.01 52.90 -35.30
N VAL D 143 59.92 52.48 -34.64
CA VAL D 143 59.86 51.16 -34.00
C VAL D 143 60.03 49.99 -34.97
N VAL D 144 59.52 50.12 -36.19
CA VAL D 144 59.66 49.04 -37.17
C VAL D 144 61.11 48.97 -37.65
N ASP D 145 61.60 50.06 -38.23
CA ASP D 145 62.98 50.14 -38.73
C ASP D 145 64.02 49.74 -37.70
N LEU D 146 63.77 50.08 -36.42
CA LEU D 146 64.75 49.85 -35.35
C LEU D 146 64.74 48.43 -34.81
N LEU D 147 63.58 47.95 -34.37
CA LEU D 147 63.50 46.67 -33.66
C LEU D 147 63.12 45.47 -34.51
N ALA D 148 62.34 45.69 -35.55
CA ALA D 148 61.89 44.58 -36.39
C ALA D 148 61.69 44.97 -37.85
N PRO D 149 62.77 45.36 -38.55
CA PRO D 149 62.55 45.98 -39.86
C PRO D 149 62.21 45.02 -40.99
N TYR D 150 61.52 45.56 -41.98
CA TYR D 150 61.02 44.78 -43.09
C TYR D 150 62.12 44.56 -44.13
N ALA D 151 61.97 43.52 -44.93
CA ALA D 151 62.89 43.22 -46.02
C ALA D 151 62.20 43.41 -47.36
N LYS D 152 62.97 43.79 -48.38
CA LYS D 152 62.40 43.83 -49.75
C LYS D 152 62.06 42.43 -50.23
N GLY D 153 60.83 42.29 -50.76
CA GLY D 153 60.34 41.02 -51.28
C GLY D 153 60.02 40.04 -50.17
N GLY D 154 59.85 40.55 -48.96
CA GLY D 154 59.59 39.72 -47.79
C GLY D 154 58.11 39.61 -47.50
N LYS D 155 57.80 38.69 -46.58
CA LYS D 155 56.44 38.51 -46.09
C LYS D 155 56.36 39.19 -44.75
N ILE D 156 55.67 40.33 -44.72
CA ILE D 156 55.44 41.07 -43.49
C ILE D 156 54.02 40.77 -42.96
N GLY D 157 53.86 40.75 -41.62
CA GLY D 157 52.55 40.57 -40.99
C GLY D 157 52.29 41.52 -39.86
N LEU D 158 51.09 42.10 -39.86
CA LEU D 158 50.68 43.04 -38.82
C LEU D 158 49.64 42.44 -37.86
N PHE D 159 50.09 41.85 -36.76
CA PHE D 159 49.16 41.29 -35.79
C PHE D 159 48.54 42.36 -34.95
N GLY D 160 47.21 42.33 -34.83
CA GLY D 160 46.52 43.21 -33.89
C GLY D 160 45.11 42.79 -33.56
N GLY D 161 44.70 43.01 -32.31
CA GLY D 161 43.32 42.78 -31.90
C GLY D 161 42.42 43.92 -32.39
N ALA D 162 41.18 43.96 -31.92
CA ALA D 162 40.18 44.86 -32.52
C ALA D 162 40.46 46.33 -32.23
N GLY D 163 40.84 47.07 -33.27
CA GLY D 163 41.00 48.52 -33.15
C GLY D 163 42.28 49.04 -32.49
N VAL D 164 43.38 48.33 -32.71
CA VAL D 164 44.65 48.71 -32.09
C VAL D 164 45.58 49.46 -33.07
N GLY D 165 45.38 49.25 -34.37
CA GLY D 165 46.04 50.11 -35.35
C GLY D 165 46.61 49.43 -36.57
N LYS D 166 46.01 48.33 -36.97
CA LYS D 166 46.54 47.60 -38.12
C LYS D 166 46.34 48.42 -39.38
N THR D 167 45.10 48.80 -39.64
CA THR D 167 44.75 49.47 -40.89
C THR D 167 45.48 50.80 -41.05
N VAL D 168 45.48 51.58 -39.98
CA VAL D 168 46.24 52.84 -39.92
C VAL D 168 47.70 52.60 -40.31
N LEU D 169 48.34 51.66 -39.62
CA LEU D 169 49.70 51.25 -39.95
C LEU D 169 49.85 50.89 -41.42
N ILE D 170 48.92 50.11 -41.96
CA ILE D 170 49.05 49.63 -43.36
C ILE D 170 48.83 50.78 -44.34
N MET D 171 47.95 51.71 -43.98
CA MET D 171 47.76 52.96 -44.72
C MET D 171 49.02 53.79 -44.78
N GLU D 172 49.76 53.81 -43.66
CA GLU D 172 51.01 54.57 -43.56
C GLU D 172 52.09 53.86 -44.35
N LEU D 173 52.08 52.53 -44.33
CA LEU D 173 53.03 51.75 -45.11
C LEU D 173 52.78 51.98 -46.58
N ILE D 174 51.51 52.17 -46.92
CA ILE D 174 51.14 52.50 -48.29
C ILE D 174 51.57 53.92 -48.68
N ASN D 175 51.46 54.86 -47.74
CA ASN D 175 51.84 56.24 -47.99
C ASN D 175 53.35 56.38 -48.05
N ASN D 176 54.04 55.89 -47.04
CA ASN D 176 55.49 55.99 -46.95
C ASN D 176 56.27 55.20 -47.98
N VAL D 177 55.70 54.09 -48.46
CA VAL D 177 56.44 53.17 -49.32
C VAL D 177 55.90 52.99 -50.74
N ALA D 178 54.57 53.10 -50.92
CA ALA D 178 53.93 52.75 -52.22
C ALA D 178 53.82 53.86 -53.26
N LYS D 179 53.84 55.12 -52.82
CA LYS D 179 53.95 56.27 -53.74
C LYS D 179 55.30 56.26 -54.44
N ALA D 180 56.37 56.11 -53.68
CA ALA D 180 57.72 56.11 -54.22
C ALA D 180 58.17 54.73 -54.71
N HIS D 181 57.23 53.95 -55.24
CA HIS D 181 57.49 52.60 -55.75
C HIS D 181 57.51 52.59 -57.28
N GLY D 182 58.58 52.05 -57.86
CA GLY D 182 58.70 51.96 -59.32
C GLY D 182 57.80 50.93 -59.97
N GLY D 183 57.48 49.85 -59.25
CA GLY D 183 56.71 48.75 -59.81
C GLY D 183 55.21 48.92 -59.66
N TYR D 184 54.53 47.82 -59.34
CA TYR D 184 53.08 47.84 -59.20
C TYR D 184 52.67 47.45 -57.79
N SER D 185 51.57 48.02 -57.32
CA SER D 185 50.97 47.64 -56.03
C SER D 185 49.67 46.90 -56.26
N VAL D 186 49.30 46.02 -55.34
CA VAL D 186 47.98 45.43 -55.33
C VAL D 186 47.41 45.55 -53.92
N PHE D 187 46.19 46.06 -53.82
CA PHE D 187 45.46 46.02 -52.56
C PHE D 187 44.24 45.09 -52.65
N ALA D 188 44.14 44.17 -51.70
CA ALA D 188 43.01 43.27 -51.62
C ALA D 188 42.27 43.60 -50.34
N GLY D 189 40.98 43.89 -50.48
CA GLY D 189 40.14 44.19 -49.33
C GLY D 189 39.49 42.89 -48.95
N VAL D 190 39.98 42.26 -47.89
CA VAL D 190 39.44 40.96 -47.49
C VAL D 190 38.64 41.02 -46.19
N GLY D 191 37.32 41.06 -46.34
CA GLY D 191 36.41 41.00 -45.20
C GLY D 191 36.45 42.18 -44.24
N GLU D 192 36.94 43.33 -44.71
CA GLU D 192 36.96 44.52 -43.85
C GLU D 192 35.86 45.53 -44.15
N ARG D 193 36.07 46.77 -43.75
CA ARG D 193 35.04 47.82 -43.89
C ARG D 193 34.95 48.40 -45.32
N THR D 194 33.75 48.40 -45.90
CA THR D 194 33.54 49.00 -47.21
C THR D 194 33.86 50.48 -47.20
N ARG D 195 33.63 51.13 -46.06
CA ARG D 195 33.93 52.54 -45.92
C ARG D 195 35.43 52.83 -46.10
N GLU D 196 36.26 51.91 -45.60
CA GLU D 196 37.71 51.99 -45.76
C GLU D 196 38.16 51.90 -47.23
N GLY D 197 37.37 51.21 -48.04
CA GLY D 197 37.71 51.00 -49.46
C GLY D 197 37.41 52.21 -50.32
N ASN D 198 36.23 52.78 -50.12
CA ASN D 198 35.92 54.08 -50.67
C ASN D 198 36.99 55.07 -50.25
N ASP D 199 37.24 55.12 -48.93
CA ASP D 199 38.30 55.94 -48.37
C ASP D 199 39.58 55.77 -49.21
N LEU D 200 40.01 54.52 -49.39
CA LEU D 200 41.27 54.22 -50.06
C LEU D 200 41.26 54.53 -51.56
N TYR D 201 40.09 54.39 -52.17
CA TYR D 201 39.97 54.62 -53.60
C TYR D 201 40.21 56.08 -53.90
N HIS D 202 39.53 56.95 -53.18
CA HIS D 202 39.60 58.39 -53.45
C HIS D 202 40.87 59.06 -52.90
N GLU D 203 41.55 58.42 -51.96
CA GLU D 203 42.81 58.93 -51.46
C GLU D 203 43.91 58.62 -52.47
N MET D 204 43.73 57.54 -53.21
CA MET D 204 44.72 57.18 -54.21
C MET D 204 44.56 57.94 -55.53
N ILE D 205 43.32 58.28 -55.89
CA ILE D 205 43.07 59.16 -57.03
C ILE D 205 43.69 60.53 -56.75
N GLU D 206 43.55 60.99 -55.51
CA GLU D 206 44.11 62.24 -55.06
C GLU D 206 45.64 62.22 -55.12
N SER D 207 46.24 61.14 -54.61
CA SER D 207 47.69 61.01 -54.63
C SER D 207 48.23 60.69 -56.02
N GLY D 208 47.37 60.21 -56.90
CA GLY D 208 47.71 60.04 -58.30
C GLY D 208 48.07 58.62 -58.67
N VAL D 209 48.36 57.77 -57.67
CA VAL D 209 48.74 56.36 -57.92
C VAL D 209 47.66 55.58 -58.66
N ILE D 210 46.41 56.00 -58.49
CA ILE D 210 45.37 55.71 -59.46
C ILE D 210 45.06 57.02 -60.20
N ASN D 211 44.93 56.92 -61.52
CA ASN D 211 44.51 58.01 -62.38
C ASN D 211 43.33 57.52 -63.22
N LEU D 212 42.26 58.31 -63.29
CA LEU D 212 41.06 57.87 -64.02
C LEU D 212 41.08 58.29 -65.49
N LYS D 213 42.11 59.04 -65.88
CA LYS D 213 42.15 59.73 -67.19
C LYS D 213 43.20 59.19 -68.17
N ASP D 214 44.27 58.59 -67.66
CA ASP D 214 45.30 58.00 -68.48
C ASP D 214 45.68 56.64 -67.92
N ALA D 215 46.75 56.05 -68.41
CA ALA D 215 47.13 54.69 -68.02
C ALA D 215 48.32 54.64 -67.07
N THR D 216 48.48 55.67 -66.24
CA THR D 216 49.64 55.74 -65.35
C THR D 216 49.40 55.18 -63.95
N SER D 217 48.24 54.54 -63.74
CA SER D 217 47.87 53.97 -62.44
C SER D 217 48.83 52.85 -62.05
N LYS D 218 49.26 52.83 -60.79
CA LYS D 218 50.27 51.86 -60.35
C LYS D 218 49.72 50.81 -59.35
N VAL D 219 48.41 50.81 -59.15
CA VAL D 219 47.77 50.00 -58.13
C VAL D 219 46.49 49.37 -58.67
N ALA D 220 46.33 48.09 -58.41
CA ALA D 220 45.10 47.40 -58.74
C ALA D 220 44.32 47.12 -57.46
N LEU D 221 43.00 47.22 -57.51
CA LEU D 221 42.20 46.95 -56.32
C LEU D 221 41.29 45.73 -56.49
N VAL D 222 41.11 44.98 -55.39
CA VAL D 222 40.16 43.89 -55.32
C VAL D 222 39.45 43.93 -53.94
N TYR D 223 38.13 43.99 -53.95
CA TYR D 223 37.39 44.12 -52.69
C TYR D 223 36.31 43.08 -52.49
N GLY D 224 36.23 42.57 -51.25
CA GLY D 224 35.15 41.69 -50.83
C GLY D 224 34.91 41.88 -49.35
N GLN D 225 34.11 42.87 -48.99
CA GLN D 225 34.13 43.33 -47.60
C GLN D 225 33.12 42.59 -46.71
N MET D 226 33.08 42.93 -45.42
CA MET D 226 32.29 42.17 -44.44
C MET D 226 30.77 42.21 -44.69
N ASN D 227 30.38 42.95 -45.71
CA ASN D 227 29.00 43.00 -46.12
C ASN D 227 28.72 41.89 -47.13
N GLU D 228 29.78 41.18 -47.52
CA GLU D 228 29.61 40.01 -48.39
C GLU D 228 29.45 38.70 -47.60
N PRO D 229 28.83 37.68 -48.23
CA PRO D 229 28.67 36.36 -47.65
C PRO D 229 29.98 35.58 -47.57
N PRO D 230 30.06 34.56 -46.70
CA PRO D 230 31.27 33.81 -46.41
C PRO D 230 32.07 33.42 -47.66
N GLY D 231 31.44 32.75 -48.64
CA GLY D 231 32.16 32.31 -49.84
C GLY D 231 32.96 33.44 -50.49
N ALA D 232 32.32 34.60 -50.65
CA ALA D 232 32.93 35.72 -51.31
C ALA D 232 34.18 36.08 -50.53
N ARG D 233 34.05 36.13 -49.22
CA ARG D 233 35.18 36.50 -48.37
C ARG D 233 36.26 35.42 -48.37
N ALA D 234 35.86 34.16 -48.48
CA ALA D 234 36.81 33.06 -48.53
C ALA D 234 37.61 32.93 -49.84
N ARG D 235 37.23 33.65 -50.89
CA ARG D 235 37.97 33.56 -52.15
C ARG D 235 38.68 34.85 -52.60
N VAL D 236 38.12 35.99 -52.17
CA VAL D 236 38.60 37.32 -52.55
C VAL D 236 40.11 37.57 -52.29
N ALA D 237 40.66 36.90 -51.27
CA ALA D 237 42.09 36.97 -50.99
C ALA D 237 42.92 36.32 -52.11
N LEU D 238 42.41 35.23 -52.68
CA LEU D 238 43.03 34.56 -53.82
C LEU D 238 42.90 35.35 -55.10
N THR D 239 41.79 36.06 -55.25
CA THR D 239 41.59 36.92 -56.43
C THR D 239 42.68 37.99 -56.45
N GLY D 240 42.87 38.66 -55.30
CA GLY D 240 43.88 39.70 -55.16
C GLY D 240 45.22 39.09 -55.45
N LEU D 241 45.55 38.06 -54.66
CA LEU D 241 46.75 37.26 -54.85
C LEU D 241 47.06 36.91 -56.32
N THR D 242 46.04 36.50 -57.07
CA THR D 242 46.24 36.09 -58.45
C THR D 242 46.62 37.26 -59.37
N VAL D 243 46.08 38.44 -59.07
CA VAL D 243 46.44 39.67 -59.78
C VAL D 243 47.91 39.97 -59.48
N ALA D 244 48.26 39.90 -58.20
CA ALA D 244 49.65 39.99 -57.75
C ALA D 244 50.56 39.02 -58.51
N GLU D 245 50.13 37.76 -58.61
CA GLU D 245 50.94 36.68 -59.21
C GLU D 245 51.32 37.00 -60.63
N TYR D 246 50.34 37.43 -61.42
CA TYR D 246 50.57 37.73 -62.83
C TYR D 246 51.67 38.76 -63.01
N PHE D 247 51.67 39.76 -62.12
CA PHE D 247 52.60 40.88 -62.17
C PHE D 247 54.01 40.45 -61.82
N ARG D 248 54.10 39.50 -60.90
CA ARG D 248 55.36 38.89 -60.50
C ARG D 248 55.98 38.12 -61.65
N ASP D 249 55.21 37.24 -62.27
CA ASP D 249 55.74 36.28 -63.23
C ASP D 249 55.79 36.87 -64.63
N GLN D 250 54.62 37.13 -65.21
CA GLN D 250 54.48 37.53 -66.62
C GLN D 250 55.02 38.93 -66.95
N GLU D 251 55.56 39.60 -65.94
CA GLU D 251 56.29 40.85 -66.14
C GLU D 251 57.60 40.82 -65.35
N GLY D 252 57.62 40.05 -64.27
CA GLY D 252 58.82 39.86 -63.45
C GLY D 252 59.07 40.89 -62.35
N GLN D 253 58.27 41.97 -62.34
CA GLN D 253 58.61 43.20 -61.59
C GLN D 253 58.44 43.18 -60.07
N ASP D 254 58.73 44.31 -59.43
CA ASP D 254 58.55 44.44 -57.98
C ASP D 254 57.09 44.68 -57.67
N VAL D 255 56.44 43.67 -57.11
CA VAL D 255 55.04 43.80 -56.76
C VAL D 255 54.91 44.06 -55.27
N LEU D 256 54.13 45.07 -54.92
CA LEU D 256 53.70 45.23 -53.56
C LEU D 256 52.37 44.53 -53.48
N LEU D 257 52.14 43.82 -52.37
CA LEU D 257 50.82 43.24 -52.16
C LEU D 257 50.34 43.57 -50.78
N PHE D 258 49.25 44.32 -50.69
CA PHE D 258 48.70 44.67 -49.42
C PHE D 258 47.37 43.95 -49.21
N ILE D 259 47.23 43.32 -48.05
CA ILE D 259 46.02 42.59 -47.73
C ILE D 259 45.50 43.01 -46.34
N ASP D 260 44.31 43.64 -46.33
CA ASP D 260 43.60 43.93 -45.07
C ASP D 260 42.17 43.35 -45.12
N ASN D 261 41.85 42.28 -44.36
CA ASN D 261 42.69 41.61 -43.37
C ASN D 261 42.72 40.09 -43.67
N ILE D 262 43.89 39.47 -43.62
CA ILE D 262 43.99 38.06 -44.07
C ILE D 262 43.20 37.08 -43.17
N PHE D 263 43.08 37.39 -41.88
CA PHE D 263 42.27 36.58 -40.96
C PHE D 263 40.92 36.26 -41.55
N ARG D 264 40.29 37.27 -42.14
CA ARG D 264 38.94 37.15 -42.67
C ARG D 264 38.75 35.99 -43.64
N PHE D 265 39.84 35.52 -44.25
CA PHE D 265 39.88 34.29 -45.10
C PHE D 265 39.59 33.05 -44.23
N THR D 266 40.25 32.97 -43.09
CA THR D 266 40.09 31.86 -42.17
C THR D 266 38.69 31.88 -41.47
N GLN D 267 38.24 33.07 -41.10
CA GLN D 267 36.97 33.22 -40.44
C GLN D 267 35.85 32.80 -41.37
N ALA D 268 35.95 33.18 -42.64
CA ALA D 268 34.97 32.82 -43.67
C ALA D 268 34.81 31.31 -43.79
N GLY D 269 35.94 30.60 -43.81
CA GLY D 269 35.96 29.15 -43.93
C GLY D 269 35.28 28.49 -42.75
N SER D 270 35.51 29.03 -41.55
CA SER D 270 34.85 28.53 -40.34
C SER D 270 33.33 28.78 -40.33
N GLU D 271 32.90 29.81 -41.05
CA GLU D 271 31.50 30.19 -41.10
C GLU D 271 30.68 29.12 -41.80
N VAL D 272 31.33 28.44 -42.76
CA VAL D 272 30.72 27.43 -43.61
C VAL D 272 31.10 26.00 -43.24
N SER D 273 31.98 25.84 -42.23
CA SER D 273 32.58 24.54 -41.95
C SER D 273 31.60 23.47 -41.50
N ALA D 274 30.65 23.86 -40.64
CA ALA D 274 29.65 22.91 -40.13
C ALA D 274 28.68 22.49 -41.22
N LEU D 275 28.43 23.39 -42.19
CA LEU D 275 27.50 23.10 -43.26
C LEU D 275 28.17 22.21 -44.29
N LEU D 276 29.48 22.29 -44.32
CA LEU D 276 30.28 21.35 -45.10
C LEU D 276 30.44 19.98 -44.42
N GLY D 277 29.93 19.85 -43.20
CA GLY D 277 29.90 18.57 -42.48
C GLY D 277 31.14 18.18 -41.67
N ARG D 278 31.95 19.17 -41.28
CA ARG D 278 33.14 18.91 -40.50
C ARG D 278 32.82 18.86 -39.02
N ILE D 279 33.53 17.99 -38.31
CA ILE D 279 33.60 18.05 -36.86
C ILE D 279 34.50 19.23 -36.54
N PRO D 280 34.12 20.07 -35.55
CA PRO D 280 34.91 21.28 -35.35
C PRO D 280 36.20 21.00 -34.61
N SER D 281 37.28 21.67 -34.95
CA SER D 281 38.49 21.61 -34.12
C SER D 281 38.35 22.58 -32.95
N ALA D 282 39.44 22.75 -32.21
CA ALA D 282 39.43 23.60 -31.02
C ALA D 282 39.15 25.05 -31.40
N VAL D 283 38.46 25.73 -30.47
CA VAL D 283 38.11 27.16 -30.59
C VAL D 283 37.21 27.35 -31.81
N GLY D 284 36.48 26.29 -32.13
CA GLY D 284 35.47 26.32 -33.17
C GLY D 284 35.93 26.49 -34.60
N TYR D 285 37.20 26.20 -34.88
CA TYR D 285 37.71 26.38 -36.24
C TYR D 285 37.50 25.13 -37.07
N GLN D 286 37.50 25.31 -38.39
CA GLN D 286 37.54 24.21 -39.32
C GLN D 286 38.82 23.41 -39.05
N PRO D 287 38.74 22.07 -39.06
CA PRO D 287 39.96 21.24 -38.91
C PRO D 287 41.03 21.43 -40.00
N THR D 288 40.66 22.02 -41.14
CA THR D 288 41.61 22.23 -42.23
C THR D 288 42.22 23.62 -42.22
N LEU D 289 42.36 24.21 -41.04
CA LEU D 289 42.79 25.61 -40.91
C LEU D 289 44.21 25.84 -41.38
N ALA D 290 45.13 25.04 -40.85
CA ALA D 290 46.55 25.14 -41.17
C ALA D 290 46.83 24.92 -42.65
N THR D 291 46.22 23.90 -43.24
CA THR D 291 46.49 23.58 -44.65
C THR D 291 45.79 24.54 -45.61
N ASP D 292 44.50 24.79 -45.37
CA ASP D 292 43.81 25.81 -46.13
C ASP D 292 44.67 27.05 -46.18
N MET D 293 45.27 27.37 -45.03
CA MET D 293 46.15 28.52 -44.92
C MET D 293 47.41 28.27 -45.71
N GLY D 294 47.97 27.06 -45.55
CA GLY D 294 49.22 26.69 -46.23
C GLY D 294 49.15 26.86 -47.74
N THR D 295 48.10 26.34 -48.37
CA THR D 295 48.01 26.32 -49.83
C THR D 295 47.74 27.71 -50.40
N MET D 296 47.32 28.59 -49.51
CA MET D 296 47.03 29.97 -49.84
C MET D 296 48.28 30.82 -49.57
N GLN D 297 48.79 30.77 -48.34
CA GLN D 297 49.97 31.56 -47.98
C GLN D 297 51.13 31.30 -48.93
N GLU D 298 51.30 30.05 -49.34
CA GLU D 298 52.49 29.68 -50.09
C GLU D 298 52.59 30.26 -51.52
N ARG D 299 51.52 30.89 -52.00
CA ARG D 299 51.55 31.56 -53.30
C ARG D 299 52.02 32.98 -53.10
N ILE D 300 51.83 33.49 -51.88
CA ILE D 300 52.24 34.85 -51.51
C ILE D 300 53.73 34.84 -51.16
N THR D 301 54.56 35.19 -52.13
CA THR D 301 55.98 35.00 -51.98
C THR D 301 56.79 35.50 -53.17
N THR D 302 58.02 35.86 -52.86
CA THR D 302 59.00 36.22 -53.85
C THR D 302 59.51 34.92 -54.41
N THR D 303 59.68 34.88 -55.74
CA THR D 303 60.28 33.72 -56.42
C THR D 303 61.44 34.21 -57.27
N LYS D 304 62.08 33.30 -58.01
CA LYS D 304 63.23 33.68 -58.82
C LYS D 304 62.79 34.54 -60.01
N LYS D 305 61.57 34.29 -60.49
CA LYS D 305 61.00 35.08 -61.58
C LYS D 305 60.64 36.51 -61.18
N GLY D 306 60.28 36.73 -59.91
CA GLY D 306 59.89 38.06 -59.48
C GLY D 306 59.66 38.22 -57.99
N SER D 307 59.66 39.47 -57.55
CA SER D 307 59.65 39.82 -56.14
C SER D 307 58.31 40.42 -55.70
N ILE D 308 57.66 39.77 -54.74
CA ILE D 308 56.51 40.36 -54.07
C ILE D 308 56.90 40.74 -52.64
N THR D 309 56.86 42.04 -52.33
CA THR D 309 56.83 42.49 -50.93
C THR D 309 55.37 42.45 -50.53
N SER D 310 55.05 41.62 -49.54
CA SER D 310 53.68 41.47 -49.08
C SER D 310 53.51 41.91 -47.63
N VAL D 311 52.51 42.76 -47.42
CA VAL D 311 52.14 43.18 -46.09
C VAL D 311 50.72 42.73 -45.80
N GLN D 312 50.53 42.06 -44.66
CA GLN D 312 49.23 41.50 -44.28
C GLN D 312 48.72 41.90 -42.90
N ALA D 313 47.59 42.59 -42.84
CA ALA D 313 46.90 42.83 -41.57
C ALA D 313 46.32 41.51 -41.04
N ILE D 314 46.53 41.23 -39.75
CA ILE D 314 46.14 39.93 -39.19
C ILE D 314 45.42 40.07 -37.86
N TYR D 315 44.11 39.80 -37.90
CA TYR D 315 43.24 40.00 -36.76
C TYR D 315 43.55 38.94 -35.75
N VAL D 316 43.38 39.29 -34.47
CA VAL D 316 43.70 38.42 -33.36
C VAL D 316 42.43 38.27 -32.52
N PRO D 317 41.60 37.28 -32.86
CA PRO D 317 40.32 37.17 -32.13
C PRO D 317 40.51 37.31 -30.62
N ALA D 318 39.56 37.98 -29.96
CA ALA D 318 39.58 38.22 -28.50
C ALA D 318 40.94 38.58 -27.92
N ASP D 319 41.77 39.30 -28.71
CA ASP D 319 43.08 39.76 -28.29
C ASP D 319 44.06 38.63 -27.97
N ASP D 320 43.67 37.38 -28.20
CA ASP D 320 44.48 36.25 -27.77
C ASP D 320 45.28 35.69 -28.91
N LEU D 321 46.57 36.01 -28.91
CA LEU D 321 47.47 35.63 -29.98
C LEU D 321 47.63 34.10 -30.17
N THR D 322 47.31 33.32 -29.13
CA THR D 322 47.40 31.86 -29.26
C THR D 322 46.19 31.29 -29.99
N ASP D 323 45.29 32.18 -30.42
CA ASP D 323 44.11 31.78 -31.16
C ASP D 323 44.59 31.07 -32.41
N PRO D 324 44.13 29.83 -32.60
CA PRO D 324 44.47 29.05 -33.79
C PRO D 324 44.82 29.87 -35.02
N ALA D 325 43.93 30.76 -35.45
CA ALA D 325 44.11 31.59 -36.65
C ALA D 325 45.41 32.43 -36.61
N PRO D 326 45.49 33.45 -35.72
CA PRO D 326 46.72 34.24 -35.73
C PRO D 326 47.96 33.39 -35.40
N ALA D 327 47.83 32.42 -34.50
CA ALA D 327 48.94 31.55 -34.10
C ALA D 327 49.52 30.76 -35.27
N THR D 328 48.66 30.25 -36.15
CA THR D 328 49.11 29.53 -37.32
C THR D 328 49.72 30.43 -38.38
N THR D 329 49.59 31.75 -38.24
CA THR D 329 50.04 32.63 -39.31
C THR D 329 51.51 33.02 -39.16
N PHE D 330 51.99 33.09 -37.92
CA PHE D 330 53.31 33.66 -37.66
C PHE D 330 54.35 33.05 -38.58
N ALA D 331 54.30 31.73 -38.75
CA ALA D 331 55.34 31.02 -39.46
C ALA D 331 55.39 31.31 -40.96
N HIS D 332 54.37 31.99 -41.48
CA HIS D 332 54.33 32.31 -42.90
C HIS D 332 54.97 33.66 -43.17
N LEU D 333 55.71 34.16 -42.20
CA LEU D 333 56.12 35.56 -42.16
C LEU D 333 57.59 35.72 -41.95
N ASP D 334 58.14 36.78 -42.55
CA ASP D 334 59.55 37.07 -42.40
C ASP D 334 59.73 38.16 -41.37
N ALA D 335 58.74 39.03 -41.26
CA ALA D 335 58.72 40.03 -40.19
C ALA D 335 57.36 40.17 -39.56
N THR D 336 57.33 40.28 -38.24
CA THR D 336 56.09 40.38 -37.49
C THR D 336 56.07 41.68 -36.70
N THR D 337 55.06 42.49 -36.98
CA THR D 337 54.76 43.65 -36.18
C THR D 337 53.51 43.30 -35.33
N VAL D 338 53.70 43.17 -34.03
CA VAL D 338 52.60 42.82 -33.13
C VAL D 338 52.18 44.08 -32.38
N LEU D 339 50.90 44.44 -32.50
CA LEU D 339 50.32 45.63 -31.84
C LEU D 339 49.54 45.22 -30.61
N SER D 340 49.52 46.05 -29.58
CA SER D 340 48.89 45.63 -28.31
C SER D 340 47.91 46.64 -27.75
N ARG D 341 46.79 46.15 -27.25
CA ARG D 341 45.76 47.03 -26.73
C ARG D 341 46.27 47.75 -25.48
N ALA D 342 46.87 46.98 -24.57
CA ALA D 342 47.53 47.54 -23.39
C ALA D 342 48.41 48.74 -23.74
N ILE D 343 49.16 48.65 -24.84
CA ILE D 343 50.03 49.75 -25.27
C ILE D 343 49.24 50.86 -25.94
N ALA D 344 48.23 50.52 -26.71
CA ALA D 344 47.40 51.56 -27.32
C ALA D 344 46.67 52.36 -26.24
N GLU D 345 46.28 51.66 -25.18
CA GLU D 345 45.54 52.25 -24.09
C GLU D 345 46.27 53.41 -23.41
N LEU D 346 47.60 53.38 -23.49
CA LEU D 346 48.48 54.39 -22.91
C LEU D 346 48.67 55.57 -23.85
N GLY D 347 48.19 55.43 -25.09
CA GLY D 347 48.32 56.51 -26.05
C GLY D 347 49.57 56.35 -26.89
N ILE D 348 50.31 55.28 -26.63
CA ILE D 348 51.47 54.97 -27.45
C ILE D 348 51.00 54.40 -28.80
N TYR D 349 51.14 55.22 -29.84
CA TYR D 349 50.88 54.77 -31.21
C TYR D 349 52.12 55.03 -32.03
N PRO D 350 52.42 54.16 -33.01
CA PRO D 350 51.69 52.93 -33.27
C PRO D 350 51.89 52.04 -32.06
N ALA D 351 50.87 51.27 -31.71
CA ALA D 351 50.90 50.50 -30.47
C ALA D 351 51.68 49.19 -30.63
N VAL D 352 52.83 49.28 -31.28
CA VAL D 352 53.72 48.13 -31.47
C VAL D 352 54.39 47.67 -30.17
N ASP D 353 54.25 46.39 -29.87
CA ASP D 353 54.90 45.77 -28.70
C ASP D 353 56.33 45.38 -29.03
N PRO D 354 57.32 46.11 -28.48
CA PRO D 354 58.74 45.98 -28.80
C PRO D 354 59.35 44.70 -28.24
N LEU D 355 58.62 44.05 -27.35
CA LEU D 355 59.06 42.76 -26.81
C LEU D 355 58.31 41.59 -27.42
N ASP D 356 57.80 41.78 -28.64
CA ASP D 356 57.07 40.71 -29.34
C ASP D 356 56.99 40.90 -30.84
N SER D 357 57.81 41.81 -31.35
CA SER D 357 57.88 42.05 -32.78
C SER D 357 59.25 41.62 -33.26
N THR D 358 59.30 40.95 -34.41
CA THR D 358 60.55 40.29 -34.85
C THR D 358 60.80 40.43 -36.33
N SER D 359 62.05 40.22 -36.74
CA SER D 359 62.41 40.24 -38.15
C SER D 359 63.56 39.30 -38.40
N ARG D 360 63.49 38.56 -39.49
CA ARG D 360 64.49 37.58 -39.89
C ARG D 360 65.85 38.26 -40.09
N ILE D 361 65.78 39.50 -40.57
CA ILE D 361 66.97 40.26 -40.93
C ILE D 361 67.53 41.07 -39.76
N MET D 362 66.94 40.93 -38.57
CA MET D 362 67.48 41.56 -37.36
C MET D 362 68.66 40.73 -36.87
N ASP D 363 69.81 41.04 -37.47
CA ASP D 363 71.02 40.24 -37.39
C ASP D 363 72.16 41.15 -37.83
N PRO D 364 73.28 41.12 -37.09
CA PRO D 364 74.39 42.03 -37.38
C PRO D 364 75.01 41.83 -38.77
N ASN D 365 75.15 40.58 -39.22
CA ASN D 365 75.67 40.29 -40.56
C ASN D 365 74.86 40.95 -41.67
N ILE D 366 73.70 41.49 -41.30
CA ILE D 366 72.77 42.05 -42.28
C ILE D 366 72.51 43.55 -42.11
N VAL D 367 71.98 43.95 -40.95
CA VAL D 367 71.72 45.37 -40.69
C VAL D 367 72.92 46.07 -40.07
N GLY D 368 73.98 45.29 -39.79
CA GLY D 368 75.20 45.85 -39.23
C GLY D 368 75.17 45.84 -37.71
N SER D 369 76.36 45.91 -37.11
CA SER D 369 76.50 45.73 -35.67
C SER D 369 75.99 46.95 -34.90
N GLU D 370 75.98 48.10 -35.56
CA GLU D 370 75.49 49.30 -34.91
C GLU D 370 73.95 49.27 -34.70
N HIS D 371 73.22 48.95 -35.77
CA HIS D 371 71.76 48.84 -35.74
C HIS D 371 71.33 47.77 -34.74
N TYR D 372 71.99 46.62 -34.82
CA TYR D 372 71.62 45.44 -34.03
C TYR D 372 71.81 45.69 -32.55
N ASP D 373 72.95 46.30 -32.18
CA ASP D 373 73.28 46.54 -30.78
C ASP D 373 72.31 47.51 -30.11
N VAL D 374 71.98 48.58 -30.82
CA VAL D 374 71.03 49.58 -30.35
C VAL D 374 69.70 48.90 -30.04
N ALA D 375 69.13 48.26 -31.07
CA ALA D 375 67.84 47.57 -31.00
C ALA D 375 67.82 46.65 -29.79
N ARG D 376 68.76 45.71 -29.75
CA ARG D 376 68.88 44.77 -28.63
C ARG D 376 68.93 45.47 -27.30
N GLY D 377 69.62 46.61 -27.24
CA GLY D 377 69.69 47.45 -26.03
C GLY D 377 68.31 47.97 -25.64
N VAL D 378 67.62 48.57 -26.60
CA VAL D 378 66.27 49.08 -26.40
C VAL D 378 65.38 48.00 -25.79
N GLN D 379 65.46 46.78 -26.31
CA GLN D 379 64.65 45.69 -25.75
C GLN D 379 65.11 45.32 -24.34
N LYS D 380 66.42 45.39 -24.12
CA LYS D 380 67.01 45.01 -22.84
C LYS D 380 66.46 45.89 -21.71
N ILE D 381 66.60 47.21 -21.87
CA ILE D 381 66.12 48.18 -20.88
C ILE D 381 64.60 48.13 -20.72
N LEU D 382 63.91 47.82 -21.83
CA LEU D 382 62.46 47.76 -21.83
C LEU D 382 62.00 46.53 -21.09
N GLN D 383 62.64 45.40 -21.34
CA GLN D 383 62.33 44.16 -20.63
C GLN D 383 62.73 44.25 -19.16
N ASP D 384 63.87 44.87 -18.88
CA ASP D 384 64.30 45.02 -17.51
C ASP D 384 63.24 45.83 -16.75
N TYR D 385 62.77 46.90 -17.38
CA TYR D 385 61.75 47.78 -16.83
C TYR D 385 60.47 47.02 -16.54
N LYS D 386 60.06 46.18 -17.49
CA LYS D 386 58.80 45.44 -17.43
C LYS D 386 58.73 44.55 -16.20
N SER D 387 59.87 43.96 -15.85
CA SER D 387 59.95 43.07 -14.70
C SER D 387 60.18 43.82 -13.38
N LEU D 388 60.41 45.12 -13.46
CA LEU D 388 60.46 45.97 -12.26
C LEU D 388 59.13 46.64 -11.97
N GLN D 389 58.30 46.79 -13.01
CA GLN D 389 57.00 47.47 -12.95
C GLN D 389 56.11 47.06 -11.79
N ASP D 390 55.50 45.88 -11.93
CA ASP D 390 54.59 45.31 -10.92
C ASP D 390 55.22 45.29 -9.51
N ILE D 391 56.55 45.30 -9.47
CA ILE D 391 57.30 45.17 -8.23
C ILE D 391 57.42 46.50 -7.47
N ILE D 392 57.82 47.56 -8.17
CA ILE D 392 57.99 48.87 -7.55
C ILE D 392 56.66 49.62 -7.45
N ALA D 393 55.63 49.10 -8.10
CA ALA D 393 54.29 49.66 -8.06
C ALA D 393 53.70 49.60 -6.66
N ILE D 394 54.13 48.59 -5.90
CA ILE D 394 53.66 48.36 -4.52
C ILE D 394 54.79 48.60 -3.50
N LEU D 395 56.01 48.20 -3.87
CA LEU D 395 57.17 48.33 -2.98
C LEU D 395 57.87 49.69 -3.00
N GLY D 396 57.28 50.67 -3.68
CA GLY D 396 57.77 52.06 -3.67
C GLY D 396 58.99 52.33 -4.53
N MET D 397 59.00 53.50 -5.17
CA MET D 397 60.08 53.91 -6.08
C MET D 397 61.43 54.11 -5.37
N ASP D 398 61.39 54.69 -4.17
CA ASP D 398 62.58 55.17 -3.45
C ASP D 398 63.60 54.10 -3.06
N GLU D 399 63.16 52.86 -2.98
CA GLU D 399 64.02 51.75 -2.56
C GLU D 399 65.05 51.33 -3.62
N LEU D 400 64.89 51.85 -4.84
CA LEU D 400 65.71 51.46 -5.99
C LEU D 400 67.13 52.01 -5.98
N SER D 401 68.06 51.22 -6.52
CA SER D 401 69.43 51.66 -6.77
C SER D 401 69.42 52.79 -7.79
N GLU D 402 70.34 53.74 -7.62
CA GLU D 402 70.44 54.92 -8.48
C GLU D 402 70.81 54.62 -9.94
N GLU D 403 71.20 53.37 -10.23
CA GLU D 403 71.47 52.91 -11.59
C GLU D 403 70.26 52.17 -12.13
N ASP D 404 69.49 51.59 -11.23
CA ASP D 404 68.22 50.96 -11.57
C ASP D 404 67.16 51.99 -11.92
N LYS D 405 67.02 53.01 -11.08
CA LYS D 405 65.99 54.04 -11.27
C LYS D 405 66.38 55.03 -12.37
N LEU D 406 67.55 54.82 -12.95
CA LEU D 406 67.91 55.48 -14.20
C LEU D 406 67.38 54.64 -15.37
N THR D 407 67.52 53.31 -15.30
CA THR D 407 66.96 52.43 -16.36
C THR D 407 65.42 52.52 -16.37
N VAL D 408 64.85 52.95 -15.25
CA VAL D 408 63.43 53.24 -15.18
C VAL D 408 63.10 54.52 -15.96
N SER D 409 63.84 55.59 -15.69
CA SER D 409 63.65 56.86 -16.40
C SER D 409 63.98 56.77 -17.90
N ARG D 410 64.98 55.97 -18.28
CA ARG D 410 65.39 55.84 -19.68
C ARG D 410 64.43 54.98 -20.54
N ALA D 411 63.99 53.85 -20.00
CA ALA D 411 63.02 52.98 -20.67
C ALA D 411 61.72 53.73 -20.92
N ARG D 412 61.27 54.48 -19.92
CA ARG D 412 60.03 55.26 -20.01
C ARG D 412 60.11 56.34 -21.09
N LYS D 413 61.32 56.81 -21.37
CA LYS D 413 61.53 57.78 -22.43
C LYS D 413 61.59 57.09 -23.79
N ILE D 414 62.32 55.98 -23.87
CA ILE D 414 62.42 55.17 -25.08
C ILE D 414 61.07 54.64 -25.55
N GLN D 415 60.18 54.32 -24.62
CA GLN D 415 58.81 53.91 -24.94
C GLN D 415 58.08 55.00 -25.68
N ARG D 416 58.27 56.21 -25.19
CA ARG D 416 57.62 57.36 -25.77
C ARG D 416 58.26 57.69 -27.10
N PHE D 417 59.57 57.54 -27.16
CA PHE D 417 60.28 57.85 -28.38
C PHE D 417 59.97 56.82 -29.49
N LEU D 418 59.37 55.70 -29.08
CA LEU D 418 58.89 54.68 -30.02
C LEU D 418 57.60 55.14 -30.68
N SER D 419 56.83 55.94 -29.94
CA SER D 419 55.63 56.55 -30.51
C SER D 419 56.01 57.54 -31.59
N GLN D 420 55.07 57.78 -32.50
CA GLN D 420 55.33 58.63 -33.64
C GLN D 420 54.01 59.00 -34.31
N PRO D 421 53.82 60.30 -34.56
CA PRO D 421 52.70 60.83 -35.34
C PRO D 421 52.75 60.34 -36.77
N PHE D 422 51.66 59.74 -37.25
CA PHE D 422 51.56 59.20 -38.62
C PHE D 422 50.86 60.19 -39.56
N GLN D 423 51.31 60.20 -40.82
CA GLN D 423 50.71 61.08 -41.82
C GLN D 423 49.23 60.78 -42.02
N VAL D 424 48.85 59.51 -41.93
CA VAL D 424 47.47 59.10 -42.21
C VAL D 424 46.57 59.19 -40.95
N ALA D 425 47.18 59.51 -39.81
CA ALA D 425 46.44 59.61 -38.56
C ALA D 425 46.36 61.02 -38.01
N GLU D 426 46.47 62.01 -38.90
CA GLU D 426 46.39 63.42 -38.51
C GLU D 426 45.05 63.70 -37.86
N VAL D 427 44.01 63.07 -38.38
CA VAL D 427 42.65 63.19 -37.81
C VAL D 427 42.50 62.60 -36.43
N PHE D 428 43.49 61.83 -35.97
CA PHE D 428 43.44 61.17 -34.66
C PHE D 428 44.35 61.81 -33.62
N THR D 429 45.41 62.45 -34.09
CA THR D 429 46.48 62.92 -33.22
C THR D 429 46.41 64.42 -32.93
N GLY D 430 46.09 65.20 -33.96
CA GLY D 430 46.24 66.64 -33.90
C GLY D 430 47.64 67.07 -34.32
N HIS D 431 48.53 66.08 -34.42
CA HIS D 431 49.92 66.30 -34.75
C HIS D 431 50.19 66.17 -36.23
N LEU D 432 51.27 66.79 -36.68
CA LEU D 432 51.71 66.69 -38.07
C LEU D 432 52.46 65.37 -38.28
N GLY D 433 52.20 64.70 -39.40
CA GLY D 433 52.91 63.46 -39.74
C GLY D 433 54.40 63.63 -39.94
N LYS D 434 55.18 62.66 -39.48
CA LYS D 434 56.63 62.76 -39.52
C LYS D 434 57.26 61.44 -39.93
N LEU D 435 58.19 61.49 -40.87
CA LEU D 435 58.90 60.32 -41.36
C LEU D 435 60.35 60.39 -40.92
N VAL D 436 60.79 59.40 -40.15
CA VAL D 436 62.16 59.37 -39.64
C VAL D 436 63.09 58.42 -40.43
N PRO D 437 64.11 58.99 -41.10
CA PRO D 437 65.14 58.21 -41.81
C PRO D 437 65.82 57.22 -40.88
N LEU D 438 66.35 56.13 -41.43
CA LEU D 438 66.83 55.00 -40.62
C LEU D 438 67.92 55.39 -39.64
N LYS D 439 68.97 56.02 -40.17
CA LYS D 439 70.12 56.43 -39.36
C LYS D 439 69.73 57.33 -38.17
N GLU D 440 68.84 58.28 -38.42
CA GLU D 440 68.32 59.17 -37.38
C GLU D 440 67.60 58.41 -36.26
N THR D 441 66.91 57.32 -36.61
CA THR D 441 66.25 56.48 -35.59
C THR D 441 67.29 55.76 -34.74
N ILE D 442 68.24 55.10 -35.39
CA ILE D 442 69.34 54.48 -34.69
C ILE D 442 70.07 55.48 -33.77
N LYS D 443 70.42 56.64 -34.32
CA LYS D 443 71.13 57.68 -33.55
C LYS D 443 70.32 58.20 -32.36
N GLY D 444 69.05 58.52 -32.58
CA GLY D 444 68.16 58.99 -31.52
C GLY D 444 68.13 58.06 -30.32
N PHE D 445 67.91 56.78 -30.58
CA PHE D 445 67.85 55.76 -29.52
C PHE D 445 69.20 55.47 -28.84
N GLN D 446 70.24 55.37 -29.67
CA GLN D 446 71.62 55.24 -29.21
C GLN D 446 71.88 56.30 -28.13
N GLN D 447 71.45 57.52 -28.42
CA GLN D 447 71.64 58.68 -27.55
C GLN D 447 70.86 58.59 -26.24
N ILE D 448 69.65 58.06 -26.29
CA ILE D 448 68.86 57.89 -25.07
C ILE D 448 69.49 56.84 -24.15
N LEU D 449 69.94 55.73 -24.74
CA LEU D 449 70.61 54.68 -23.98
C LEU D 449 71.88 55.18 -23.34
N ALA D 450 72.58 56.05 -24.06
CA ALA D 450 73.83 56.66 -23.61
C ALA D 450 73.66 57.53 -22.36
N GLY D 451 72.50 58.15 -22.22
CA GLY D 451 72.21 58.99 -21.06
C GLY D 451 72.21 60.47 -21.42
N GLU D 452 72.41 60.76 -22.70
CA GLU D 452 72.48 62.14 -23.21
C GLU D 452 71.22 62.98 -22.95
N TYR D 453 70.14 62.35 -22.51
CA TYR D 453 68.89 63.08 -22.26
C TYR D 453 68.20 62.77 -20.91
N ASP D 454 68.96 62.27 -19.94
CA ASP D 454 68.42 62.04 -18.60
C ASP D 454 67.86 63.30 -17.93
N HIS D 455 68.28 64.46 -18.42
CA HIS D 455 67.88 65.76 -17.87
C HIS D 455 66.60 66.26 -18.52
N LEU D 456 66.33 65.77 -19.74
CA LEU D 456 65.10 66.06 -20.50
C LEU D 456 63.88 65.38 -19.90
N PRO D 457 62.71 66.05 -19.94
CA PRO D 457 61.52 65.45 -19.33
C PRO D 457 60.94 64.32 -20.19
N GLU D 458 60.34 63.34 -19.53
CA GLU D 458 59.70 62.20 -20.21
C GLU D 458 58.87 62.65 -21.40
N GLN D 459 57.86 63.47 -21.11
CA GLN D 459 56.86 63.90 -22.10
C GLN D 459 57.44 64.62 -23.30
N ALA D 460 58.74 64.88 -23.29
CA ALA D 460 59.41 65.55 -24.39
C ALA D 460 59.60 64.61 -25.57
N PHE D 461 59.74 63.32 -25.25
CA PHE D 461 59.96 62.28 -26.25
C PHE D 461 58.64 61.76 -26.83
N TYR D 462 57.52 62.21 -26.27
CA TYR D 462 56.22 61.69 -26.65
C TYR D 462 55.69 62.29 -27.97
N MET D 463 55.24 61.41 -28.86
CA MET D 463 54.59 61.79 -30.13
C MET D 463 55.38 62.84 -30.93
N VAL D 464 56.65 62.53 -31.18
CA VAL D 464 57.51 63.35 -32.02
C VAL D 464 58.19 62.49 -33.09
N GLY D 465 58.77 63.14 -34.07
CA GLY D 465 59.60 62.45 -35.03
C GLY D 465 61.01 62.24 -34.50
N PRO D 466 62.00 62.88 -35.13
CA PRO D 466 63.40 62.62 -34.80
C PRO D 466 63.81 63.27 -33.47
N ILE D 467 64.90 62.76 -32.90
CA ILE D 467 65.41 63.23 -31.59
C ILE D 467 65.47 64.76 -31.39
N GLU D 468 65.67 65.52 -32.48
CA GLU D 468 65.68 66.99 -32.42
C GLU D 468 64.39 67.52 -31.82
N GLU D 469 63.26 67.00 -32.31
CA GLU D 469 61.95 67.50 -31.94
C GLU D 469 61.58 67.20 -30.50
N ALA D 470 62.21 66.18 -29.91
CA ALA D 470 62.11 65.92 -28.48
C ALA D 470 62.83 67.04 -27.70
N VAL D 471 63.97 67.47 -28.23
CA VAL D 471 64.74 68.51 -27.58
C VAL D 471 63.98 69.84 -27.70
N ALA D 472 63.50 70.14 -28.92
CA ALA D 472 62.69 71.32 -29.14
C ALA D 472 61.44 71.29 -28.26
N LYS D 473 60.71 70.17 -28.29
CA LYS D 473 59.53 70.00 -27.44
C LYS D 473 59.84 70.22 -25.94
N ALA D 474 61.08 69.97 -25.54
CA ALA D 474 61.49 70.15 -24.14
C ALA D 474 61.48 71.63 -23.71
N ASP D 475 61.86 72.51 -24.63
CA ASP D 475 61.86 73.94 -24.38
C ASP D 475 60.44 74.52 -24.31
N LYS D 476 59.58 74.09 -25.23
CA LYS D 476 58.19 74.54 -25.23
C LYS D 476 57.47 74.15 -23.92
N LEU D 477 57.95 73.08 -23.29
CA LEU D 477 57.40 72.61 -22.01
C LEU D 477 58.07 73.30 -20.81
N ALA D 478 59.23 73.92 -21.06
CA ALA D 478 59.90 74.69 -20.03
C ALA D 478 59.17 76.02 -19.73
N GLU D 479 58.24 76.38 -20.61
CA GLU D 479 57.29 77.48 -20.39
C GLU D 479 56.26 77.51 -21.52
N THR E 13 35.61 -20.66 -31.54
CA THR E 13 35.00 -20.31 -32.86
C THR E 13 35.61 -19.03 -33.47
N THR E 14 35.32 -18.78 -34.75
CA THR E 14 36.09 -17.81 -35.56
C THR E 14 35.25 -16.71 -36.26
N GLY E 15 35.60 -15.46 -35.99
CA GLY E 15 34.93 -14.31 -36.60
C GLY E 15 35.79 -13.59 -37.61
N ARG E 16 35.23 -12.55 -38.22
CA ARG E 16 35.89 -11.85 -39.32
C ARG E 16 35.96 -10.36 -39.04
N ILE E 17 37.15 -9.78 -39.23
CA ILE E 17 37.32 -8.33 -39.11
C ILE E 17 36.45 -7.64 -40.16
N VAL E 18 35.59 -6.74 -39.69
CA VAL E 18 34.70 -5.98 -40.57
C VAL E 18 35.05 -4.49 -40.65
N ALA E 19 35.79 -3.99 -39.65
CA ALA E 19 36.19 -2.57 -39.57
C ALA E 19 37.47 -2.36 -38.79
N VAL E 20 38.43 -1.68 -39.43
CA VAL E 20 39.67 -1.27 -38.78
C VAL E 20 39.77 0.24 -38.86
N ILE E 21 39.74 0.88 -37.69
CA ILE E 21 39.91 2.34 -37.57
C ILE E 21 40.95 2.57 -36.50
N GLY E 22 42.19 2.85 -36.89
CA GLY E 22 43.28 3.00 -35.94
C GLY E 22 43.31 1.78 -35.04
N ALA E 23 43.52 1.98 -33.75
CA ALA E 23 43.65 0.86 -32.81
C ALA E 23 42.30 0.23 -32.38
N VAL E 24 41.23 0.59 -33.10
CA VAL E 24 39.93 -0.02 -32.84
C VAL E 24 39.59 -0.98 -33.96
N VAL E 25 39.26 -2.21 -33.62
CA VAL E 25 38.94 -3.23 -34.62
C VAL E 25 37.58 -3.85 -34.30
N ASP E 26 36.71 -3.91 -35.31
CA ASP E 26 35.39 -4.53 -35.15
C ASP E 26 35.38 -5.90 -35.83
N VAL E 27 34.94 -6.93 -35.10
CA VAL E 27 34.90 -8.31 -35.62
C VAL E 27 33.49 -8.87 -35.62
N GLN E 28 33.13 -9.62 -36.65
CA GLN E 28 31.81 -10.23 -36.72
C GLN E 28 31.90 -11.75 -36.54
N PHE E 29 31.09 -12.28 -35.63
CA PHE E 29 31.05 -13.73 -35.37
C PHE E 29 29.72 -14.36 -35.81
N ASP E 30 29.81 -15.43 -36.59
CA ASP E 30 28.61 -16.05 -37.14
C ASP E 30 27.77 -16.80 -36.10
N GLU E 31 28.42 -17.40 -35.11
CA GLU E 31 27.71 -18.17 -34.08
C GLU E 31 27.74 -17.51 -32.69
N GLY E 32 28.42 -18.16 -31.73
CA GLY E 32 28.53 -17.63 -30.37
C GLY E 32 29.47 -16.43 -30.28
N LEU E 33 29.01 -15.39 -29.61
CA LEU E 33 29.77 -14.15 -29.48
C LEU E 33 30.64 -14.14 -28.23
N PRO E 34 31.89 -13.65 -28.36
CA PRO E 34 32.82 -13.53 -27.25
C PRO E 34 32.39 -12.41 -26.32
N PRO E 35 32.14 -12.72 -25.04
CA PRO E 35 31.73 -11.68 -24.09
C PRO E 35 32.76 -10.56 -23.98
N ILE E 36 32.30 -9.40 -23.50
CA ILE E 36 33.16 -8.26 -23.20
C ILE E 36 34.37 -8.73 -22.38
N LEU E 37 35.53 -8.14 -22.66
CA LEU E 37 36.77 -8.42 -21.96
C LEU E 37 37.50 -9.67 -22.47
N ASN E 38 36.83 -10.45 -23.31
CA ASN E 38 37.48 -11.64 -23.89
C ASN E 38 38.63 -11.25 -24.81
N ALA E 39 39.61 -12.14 -24.90
CA ALA E 39 40.79 -11.88 -25.72
C ALA E 39 40.67 -12.58 -27.06
N LEU E 40 40.88 -11.84 -28.14
CA LEU E 40 40.74 -12.38 -29.48
C LEU E 40 42.11 -12.52 -30.17
N GLU E 41 42.36 -13.68 -30.78
CA GLU E 41 43.61 -13.91 -31.48
C GLU E 41 43.43 -13.74 -32.99
N VAL E 42 44.02 -12.68 -33.54
CA VAL E 42 43.96 -12.43 -34.98
C VAL E 42 44.96 -13.31 -35.71
N GLN E 43 44.46 -13.99 -36.75
CA GLN E 43 45.25 -14.94 -37.52
C GLN E 43 46.08 -14.26 -38.60
N GLY E 44 47.06 -15.00 -39.14
CA GLY E 44 47.77 -14.59 -40.34
C GLY E 44 48.72 -13.44 -40.11
N ARG E 45 49.23 -13.38 -38.88
CA ARG E 45 50.17 -12.35 -38.48
C ARG E 45 51.46 -12.93 -37.93
N GLU E 46 52.56 -12.25 -38.21
CA GLU E 46 53.88 -12.73 -37.84
C GLU E 46 54.05 -12.72 -36.32
N THR E 47 53.50 -11.70 -35.67
CA THR E 47 53.50 -11.64 -34.21
C THR E 47 52.07 -11.64 -33.65
N ARG E 48 51.93 -11.86 -32.35
CA ARG E 48 50.62 -12.00 -31.72
C ARG E 48 49.80 -10.71 -31.66
N LEU E 49 48.61 -10.75 -32.25
CA LEU E 49 47.70 -9.61 -32.20
C LEU E 49 46.43 -9.94 -31.43
N VAL E 50 46.40 -9.51 -30.17
CA VAL E 50 45.28 -9.73 -29.27
C VAL E 50 44.29 -8.55 -29.36
N LEU E 51 43.01 -8.88 -29.53
CA LEU E 51 41.95 -7.87 -29.50
C LEU E 51 41.08 -8.10 -28.27
N GLU E 52 41.05 -7.12 -27.37
CA GLU E 52 40.16 -7.20 -26.22
C GLU E 52 38.75 -6.71 -26.56
N VAL E 53 37.76 -7.61 -26.46
CA VAL E 53 36.37 -7.23 -26.64
C VAL E 53 36.03 -6.10 -25.66
N ALA E 54 35.55 -5.00 -26.23
CA ALA E 54 35.15 -3.84 -25.47
C ALA E 54 33.64 -3.69 -25.47
N GLN E 55 32.99 -3.96 -26.60
CA GLN E 55 31.54 -3.75 -26.74
C GLN E 55 30.84 -4.79 -27.63
N HIS E 56 29.52 -4.90 -27.46
CA HIS E 56 28.66 -5.64 -28.35
C HIS E 56 27.76 -4.65 -29.08
N LEU E 57 28.07 -4.43 -30.35
CA LEU E 57 27.41 -3.44 -31.18
C LEU E 57 26.00 -3.82 -31.65
N GLY E 58 25.65 -5.10 -31.50
CA GLY E 58 24.45 -5.65 -32.11
C GLY E 58 24.80 -6.16 -33.49
N GLU E 59 23.93 -6.99 -34.07
CA GLU E 59 24.19 -7.60 -35.38
C GLU E 59 25.43 -8.50 -35.37
N SER E 60 25.71 -9.14 -34.24
CA SER E 60 26.76 -10.15 -34.13
C SER E 60 28.17 -9.56 -34.20
N THR E 61 28.28 -8.25 -34.04
CA THR E 61 29.58 -7.58 -34.18
C THR E 61 30.10 -7.05 -32.85
N VAL E 62 31.37 -7.34 -32.58
CA VAL E 62 32.01 -6.81 -31.40
C VAL E 62 32.95 -5.69 -31.75
N ARG E 63 33.08 -4.73 -30.83
CA ARG E 63 34.10 -3.70 -30.91
C ARG E 63 35.23 -4.06 -29.96
N THR E 64 36.45 -4.04 -30.49
CA THR E 64 37.65 -4.46 -29.78
C THR E 64 38.68 -3.35 -29.72
N ILE E 65 39.54 -3.39 -28.69
CA ILE E 65 40.70 -2.51 -28.65
C ILE E 65 41.97 -3.32 -28.83
N ALA E 66 42.77 -2.93 -29.82
CA ALA E 66 43.98 -3.66 -30.18
C ALA E 66 45.08 -3.48 -29.16
N MET E 67 45.81 -4.59 -28.90
CA MET E 67 46.95 -4.61 -27.98
C MET E 67 48.31 -4.34 -28.64
N ASP E 68 48.32 -4.26 -29.99
CA ASP E 68 49.49 -3.91 -30.79
C ASP E 68 49.03 -3.12 -32.04
N GLY E 69 49.97 -2.69 -32.88
CA GLY E 69 49.65 -1.98 -34.12
C GLY E 69 48.64 -2.73 -34.98
N THR E 70 47.88 -2.02 -35.80
CA THR E 70 46.91 -2.67 -36.67
C THR E 70 47.24 -2.60 -38.14
N GLU E 71 48.36 -1.93 -38.46
CA GLU E 71 48.87 -1.88 -39.82
C GLU E 71 48.80 -3.27 -40.45
N GLY E 72 48.20 -3.36 -41.64
CA GLY E 72 48.20 -4.63 -42.38
C GLY E 72 46.92 -5.44 -42.32
N LEU E 73 46.12 -5.23 -41.28
CA LEU E 73 44.86 -5.94 -41.12
C LEU E 73 43.98 -5.74 -42.32
N VAL E 74 43.33 -6.82 -42.76
CA VAL E 74 42.47 -6.80 -43.94
C VAL E 74 41.04 -7.12 -43.49
N ARG E 75 40.04 -6.49 -44.11
CA ARG E 75 38.63 -6.82 -43.86
C ARG E 75 38.30 -8.25 -44.30
N GLY E 76 37.99 -9.10 -43.32
CA GLY E 76 37.75 -10.53 -43.55
C GLY E 76 38.78 -11.44 -42.88
N GLN E 77 39.82 -10.83 -42.29
CA GLN E 77 40.91 -11.58 -41.67
C GLN E 77 40.43 -12.29 -40.42
N LYS E 78 40.63 -13.60 -40.38
CA LYS E 78 40.05 -14.46 -39.36
C LYS E 78 40.49 -14.07 -37.96
N VAL E 79 39.58 -14.22 -37.00
CA VAL E 79 39.83 -13.90 -35.59
C VAL E 79 39.28 -14.99 -34.69
N LEU E 80 40.16 -15.62 -33.91
CA LEU E 80 39.79 -16.73 -33.03
C LEU E 80 39.49 -16.25 -31.61
N ASP E 81 38.25 -16.48 -31.16
CA ASP E 81 37.88 -16.26 -29.76
C ASP E 81 38.58 -17.29 -28.89
N SER E 82 39.44 -16.82 -27.99
CA SER E 82 40.15 -17.70 -27.07
C SER E 82 39.23 -18.27 -25.96
N GLY E 83 38.05 -17.68 -25.80
CA GLY E 83 37.07 -18.15 -24.83
C GLY E 83 37.23 -17.56 -23.42
N ALA E 84 38.30 -16.79 -23.24
CA ALA E 84 38.60 -16.16 -21.94
C ALA E 84 39.16 -14.74 -22.10
N PRO E 85 39.29 -13.98 -21.00
CA PRO E 85 40.01 -12.71 -21.07
C PRO E 85 41.48 -12.98 -21.31
N ILE E 86 42.31 -11.92 -21.31
CA ILE E 86 43.73 -12.11 -21.52
C ILE E 86 44.31 -12.91 -20.36
N ARG E 87 44.82 -14.10 -20.66
CA ARG E 87 45.49 -14.99 -19.68
C ARG E 87 47.02 -14.93 -19.78
N ILE E 88 47.68 -14.71 -18.65
CA ILE E 88 49.13 -14.53 -18.61
C ILE E 88 49.79 -15.55 -17.66
N PRO E 89 51.08 -15.88 -17.88
CA PRO E 89 51.74 -16.84 -17.00
C PRO E 89 51.99 -16.26 -15.62
N VAL E 90 51.72 -17.05 -14.58
CA VAL E 90 51.92 -16.62 -13.18
C VAL E 90 52.56 -17.78 -12.40
N GLY E 91 53.19 -17.45 -11.28
CA GLY E 91 53.90 -18.45 -10.51
C GLY E 91 55.35 -18.02 -10.35
N PRO E 92 56.16 -18.82 -9.66
CA PRO E 92 57.55 -18.44 -9.34
C PRO E 92 58.50 -18.30 -10.56
N GLU E 93 58.13 -18.90 -11.69
CA GLU E 93 58.97 -18.88 -12.89
C GLU E 93 58.96 -17.51 -13.60
N THR E 94 58.16 -16.59 -13.08
CA THR E 94 58.04 -15.24 -13.64
C THR E 94 59.06 -14.29 -13.03
N LEU E 95 59.62 -14.69 -11.89
CA LEU E 95 60.54 -13.84 -11.16
C LEU E 95 61.87 -13.73 -11.91
N GLY E 96 62.26 -12.49 -12.21
CA GLY E 96 63.47 -12.18 -12.99
C GLY E 96 63.18 -12.01 -14.46
N ARG E 97 61.97 -12.37 -14.85
CA ARG E 97 61.49 -12.23 -16.23
C ARG E 97 60.85 -10.87 -16.51
N ILE E 98 60.93 -10.43 -17.76
CA ILE E 98 60.14 -9.29 -18.20
C ILE E 98 59.12 -9.81 -19.19
N MET E 99 57.85 -9.64 -18.85
CA MET E 99 56.78 -9.93 -19.79
C MET E 99 56.09 -8.66 -20.32
N ASN E 100 55.38 -8.79 -21.43
CA ASN E 100 54.53 -7.71 -21.90
C ASN E 100 53.08 -7.91 -21.43
N VAL E 101 52.18 -7.05 -21.92
CA VAL E 101 50.79 -7.02 -21.43
C VAL E 101 49.98 -8.30 -21.63
N ILE E 102 50.27 -9.05 -22.70
CA ILE E 102 49.59 -10.30 -22.99
C ILE E 102 50.35 -11.54 -22.48
N GLY E 103 51.39 -11.32 -21.68
CA GLY E 103 52.12 -12.39 -20.99
C GLY E 103 53.33 -13.02 -21.67
N GLU E 104 53.72 -12.52 -22.84
CA GLU E 104 54.91 -12.98 -23.56
C GLU E 104 56.20 -12.46 -22.93
N PRO E 105 57.28 -13.27 -22.98
CA PRO E 105 58.56 -12.74 -22.51
C PRO E 105 59.17 -11.77 -23.52
N ILE E 106 59.68 -10.66 -23.01
CA ILE E 106 60.36 -9.67 -23.87
C ILE E 106 61.82 -9.43 -23.44
N ASP E 107 62.33 -10.32 -22.58
CA ASP E 107 63.74 -10.31 -22.19
C ASP E 107 64.56 -11.33 -22.99
N GLU E 108 63.92 -11.98 -23.95
CA GLU E 108 64.59 -12.89 -24.90
C GLU E 108 65.36 -14.03 -24.23
N ARG E 109 64.71 -14.65 -23.25
CA ARG E 109 65.28 -15.74 -22.51
C ARG E 109 64.44 -16.99 -22.67
N GLY E 110 63.41 -16.92 -23.51
CA GLY E 110 62.62 -18.09 -23.82
C GLY E 110 61.37 -18.19 -22.97
N PRO E 111 60.51 -19.19 -23.26
CA PRO E 111 59.18 -19.29 -22.64
C PRO E 111 59.21 -19.14 -21.13
N ILE E 112 58.18 -18.53 -20.57
CA ILE E 112 57.99 -18.56 -19.12
C ILE E 112 57.18 -19.81 -18.81
N LYS E 113 57.87 -20.84 -18.33
CA LYS E 113 57.33 -22.18 -18.11
C LYS E 113 56.71 -22.33 -16.73
N THR E 114 55.42 -21.99 -16.61
CA THR E 114 54.67 -22.11 -15.37
C THR E 114 53.60 -23.19 -15.49
N LYS E 115 53.15 -23.71 -14.35
CA LYS E 115 52.08 -24.73 -14.35
C LYS E 115 50.69 -24.11 -14.24
N GLN E 116 50.64 -22.77 -14.10
CA GLN E 116 49.39 -22.03 -14.05
C GLN E 116 49.38 -20.86 -15.04
N PHE E 117 48.20 -20.55 -15.54
CA PHE E 117 47.92 -19.28 -16.21
C PHE E 117 46.72 -18.62 -15.50
N ALA E 118 46.63 -17.30 -15.61
CA ALA E 118 45.58 -16.54 -14.95
C ALA E 118 45.08 -15.38 -15.83
N ALA E 119 43.79 -15.09 -15.73
CA ALA E 119 43.17 -13.98 -16.45
C ALA E 119 43.48 -12.66 -15.77
N ILE E 120 43.75 -11.63 -16.57
CA ILE E 120 44.12 -10.32 -16.05
C ILE E 120 42.92 -9.52 -15.50
N HIS E 121 41.71 -9.90 -15.91
CA HIS E 121 40.50 -9.29 -15.35
C HIS E 121 39.87 -10.15 -14.25
N ALA E 122 40.03 -9.71 -13.00
CA ALA E 122 39.40 -10.37 -11.86
C ALA E 122 38.67 -9.34 -10.99
N GLU E 123 37.50 -9.74 -10.48
CA GLU E 123 36.77 -8.91 -9.55
C GLU E 123 37.49 -8.83 -8.21
N ALA E 124 37.26 -7.74 -7.50
CA ALA E 124 37.93 -7.50 -6.23
C ALA E 124 37.49 -8.49 -5.13
N PRO E 125 38.39 -8.83 -4.20
CA PRO E 125 37.96 -9.62 -3.04
C PRO E 125 36.65 -9.12 -2.42
N GLU E 126 35.76 -10.06 -2.13
CA GLU E 126 34.44 -9.78 -1.55
C GLU E 126 34.53 -9.17 -0.16
N PHE E 127 33.43 -8.58 0.30
CA PHE E 127 33.37 -7.97 1.64
C PHE E 127 33.85 -8.93 2.75
N VAL E 128 33.48 -10.19 2.63
CA VAL E 128 33.84 -11.17 3.65
C VAL E 128 35.32 -11.55 3.60
N GLU E 129 35.93 -11.42 2.43
CA GLU E 129 37.31 -11.84 2.22
C GLU E 129 38.30 -10.80 2.73
N MET E 130 37.77 -9.74 3.34
CA MET E 130 38.57 -8.62 3.81
C MET E 130 39.06 -8.79 5.26
N SER E 131 40.32 -8.43 5.48
CA SER E 131 40.88 -8.31 6.80
C SER E 131 40.38 -7.02 7.43
N VAL E 132 39.72 -7.14 8.58
CA VAL E 132 39.23 -5.97 9.32
C VAL E 132 40.31 -5.27 10.16
N GLU E 133 41.52 -5.82 10.14
CA GLU E 133 42.65 -5.31 10.92
C GLU E 133 43.51 -4.39 10.05
N GLN E 134 44.16 -3.41 10.69
CA GLN E 134 45.12 -2.56 10.02
C GLN E 134 46.52 -2.84 10.57
N GLU E 135 47.34 -3.45 9.72
CA GLU E 135 48.70 -3.80 10.09
C GLU E 135 49.72 -2.90 9.36
N ILE E 136 50.84 -2.66 10.02
CA ILE E 136 51.99 -1.98 9.43
C ILE E 136 52.70 -2.98 8.55
N LEU E 137 53.21 -2.53 7.40
CA LEU E 137 54.12 -3.37 6.62
C LEU E 137 55.51 -2.81 6.83
N VAL E 138 56.22 -3.43 7.77
CA VAL E 138 57.56 -2.97 8.15
C VAL E 138 58.46 -3.03 6.91
N THR E 139 59.11 -1.90 6.61
CA THR E 139 59.95 -1.85 5.42
C THR E 139 61.40 -2.06 5.81
N GLY E 140 61.69 -1.80 7.08
CA GLY E 140 63.06 -1.81 7.60
C GLY E 140 63.76 -0.48 7.43
N ILE E 141 63.15 0.40 6.63
CA ILE E 141 63.64 1.75 6.37
C ILE E 141 63.12 2.71 7.44
N LYS E 142 64.04 3.24 8.24
CA LYS E 142 63.72 4.05 9.42
C LYS E 142 62.72 5.22 9.20
N VAL E 143 63.02 6.12 8.26
CA VAL E 143 62.16 7.28 7.97
C VAL E 143 60.71 6.86 7.81
N VAL E 144 60.51 5.88 6.94
CA VAL E 144 59.19 5.37 6.56
C VAL E 144 58.42 4.81 7.77
N ASP E 145 58.94 3.72 8.34
CA ASP E 145 58.33 3.02 9.46
C ASP E 145 57.92 3.97 10.59
N LEU E 146 58.84 4.82 11.02
CA LEU E 146 58.56 5.74 12.11
C LEU E 146 57.49 6.78 11.78
N LEU E 147 57.64 7.43 10.62
CA LEU E 147 56.88 8.64 10.32
C LEU E 147 55.74 8.50 9.32
N ALA E 148 56.00 7.82 8.19
CA ALA E 148 54.97 7.57 7.17
C ALA E 148 54.84 6.08 6.84
N PRO E 149 54.43 5.26 7.83
CA PRO E 149 54.48 3.79 7.68
C PRO E 149 53.46 3.24 6.71
N TYR E 150 53.86 2.16 6.03
CA TYR E 150 53.02 1.48 5.04
C TYR E 150 51.98 0.57 5.68
N ALA E 151 50.75 0.70 5.25
CA ALA E 151 49.74 -0.25 5.62
C ALA E 151 49.87 -1.50 4.75
N LYS E 152 49.93 -2.65 5.42
CA LYS E 152 49.78 -3.94 4.79
C LYS E 152 48.54 -3.90 3.88
N GLY E 153 48.76 -3.94 2.57
CA GLY E 153 47.64 -3.93 1.64
C GLY E 153 47.17 -2.54 1.25
N GLY E 154 47.82 -1.51 1.79
CA GLY E 154 47.51 -0.15 1.42
C GLY E 154 48.22 0.27 0.14
N LYS E 155 47.91 1.49 -0.29
CA LYS E 155 48.51 2.05 -1.46
C LYS E 155 49.34 3.25 -1.05
N ILE E 156 50.46 3.45 -1.72
CA ILE E 156 51.39 4.52 -1.39
C ILE E 156 51.74 5.29 -2.64
N GLY E 157 51.56 6.61 -2.59
CA GLY E 157 52.01 7.47 -3.66
C GLY E 157 53.47 7.83 -3.49
N LEU E 158 54.22 7.74 -4.59
CA LEU E 158 55.64 8.03 -4.58
C LEU E 158 55.90 9.28 -5.40
N PHE E 159 56.22 10.38 -4.73
CA PHE E 159 56.51 11.63 -5.41
C PHE E 159 58.01 11.86 -5.47
N GLY E 160 58.43 12.61 -6.48
CA GLY E 160 59.85 12.89 -6.65
C GLY E 160 60.22 13.10 -8.10
N GLY E 161 60.02 12.08 -8.93
CA GLY E 161 60.45 12.13 -10.31
C GLY E 161 61.87 11.60 -10.42
N ALA E 162 62.75 12.35 -11.08
CA ALA E 162 64.09 11.83 -11.38
C ALA E 162 65.18 12.19 -10.34
N GLY E 163 66.26 11.41 -10.37
CA GLY E 163 67.49 11.66 -9.59
C GLY E 163 67.27 11.95 -8.13
N VAL E 164 66.49 11.10 -7.45
CA VAL E 164 66.14 11.29 -6.03
C VAL E 164 66.21 9.98 -5.23
N GLY E 165 66.79 8.95 -5.84
CA GLY E 165 66.93 7.63 -5.19
C GLY E 165 65.73 6.74 -5.43
N LYS E 166 64.97 7.06 -6.49
CA LYS E 166 63.70 6.40 -6.79
C LYS E 166 63.86 4.93 -7.13
N THR E 167 64.91 4.60 -7.87
CA THR E 167 65.18 3.23 -8.30
C THR E 167 65.80 2.43 -7.17
N VAL E 168 66.69 3.09 -6.43
CA VAL E 168 67.38 2.51 -5.28
C VAL E 168 66.35 2.16 -4.20
N LEU E 169 65.41 3.08 -3.95
CA LEU E 169 64.37 2.86 -2.94
C LEU E 169 63.50 1.69 -3.32
N ILE E 170 63.07 1.67 -4.58
CA ILE E 170 62.27 0.56 -5.09
C ILE E 170 63.05 -0.71 -4.85
N MET E 171 64.27 -0.79 -5.36
CA MET E 171 65.09 -2.02 -5.24
C MET E 171 65.32 -2.46 -3.79
N GLU E 172 65.50 -1.50 -2.88
CA GLU E 172 65.66 -1.84 -1.45
C GLU E 172 64.34 -2.35 -0.86
N LEU E 173 63.22 -1.73 -1.25
CA LEU E 173 61.90 -2.19 -0.83
C LEU E 173 61.65 -3.66 -1.18
N ILE E 174 62.02 -4.02 -2.41
CA ILE E 174 61.89 -5.39 -2.90
C ILE E 174 62.68 -6.34 -1.99
N ASN E 175 63.94 -5.95 -1.78
CA ASN E 175 64.88 -6.73 -1.01
C ASN E 175 64.44 -6.94 0.45
N ASN E 176 63.97 -5.87 1.09
CA ASN E 176 63.60 -5.87 2.50
C ASN E 176 62.33 -6.65 2.77
N VAL E 177 61.43 -6.66 1.80
CA VAL E 177 60.16 -7.37 1.92
C VAL E 177 60.32 -8.87 1.68
N ALA E 178 61.29 -9.22 0.84
CA ALA E 178 61.64 -10.63 0.63
C ALA E 178 62.26 -11.20 1.90
N LYS E 179 63.13 -10.42 2.52
CA LYS E 179 63.87 -10.85 3.70
C LYS E 179 62.99 -10.94 4.96
N ALA E 180 62.31 -9.86 5.28
CA ALA E 180 61.62 -9.71 6.56
C ALA E 180 60.22 -10.32 6.59
N HIS E 181 59.63 -10.51 5.41
CA HIS E 181 58.21 -10.93 5.32
C HIS E 181 58.05 -12.10 4.37
N GLY E 182 59.13 -12.46 3.69
CA GLY E 182 59.14 -13.58 2.75
C GLY E 182 58.15 -13.44 1.62
N GLY E 183 57.97 -12.22 1.12
CA GLY E 183 57.10 -11.95 -0.01
C GLY E 183 57.91 -11.46 -1.19
N TYR E 184 57.41 -11.71 -2.40
CA TYR E 184 58.07 -11.20 -3.61
C TYR E 184 57.45 -9.87 -4.08
N SER E 185 57.98 -9.36 -5.19
CA SER E 185 57.58 -8.08 -5.71
C SER E 185 57.25 -8.18 -7.19
N VAL E 186 56.40 -7.25 -7.65
CA VAL E 186 56.08 -7.12 -9.06
C VAL E 186 56.22 -5.66 -9.45
N PHE E 187 56.76 -5.43 -10.64
CA PHE E 187 56.93 -4.11 -11.17
C PHE E 187 56.16 -3.96 -12.45
N ALA E 188 55.20 -3.05 -12.44
CA ALA E 188 54.39 -2.78 -13.62
C ALA E 188 54.75 -1.44 -14.25
N GLY E 189 55.39 -1.53 -15.40
CA GLY E 189 55.84 -0.36 -16.12
C GLY E 189 54.71 0.10 -17.01
N VAL E 190 53.91 1.04 -16.52
CA VAL E 190 52.85 1.59 -17.32
C VAL E 190 53.37 2.83 -18.04
N GLY E 191 53.54 2.71 -19.35
CA GLY E 191 54.17 3.75 -20.14
C GLY E 191 55.64 3.79 -19.82
N GLU E 192 56.24 2.62 -19.66
CA GLU E 192 57.67 2.53 -19.44
C GLU E 192 58.40 2.99 -20.72
N ARG E 193 59.39 3.85 -20.53
CA ARG E 193 60.24 4.29 -21.61
C ARG E 193 61.23 3.18 -21.90
N THR E 194 61.25 2.69 -23.14
CA THR E 194 62.09 1.55 -23.50
C THR E 194 63.48 1.71 -22.89
N ARG E 195 64.06 2.89 -23.09
CA ARG E 195 65.38 3.19 -22.58
C ARG E 195 65.44 2.98 -21.09
N GLU E 196 64.48 3.53 -20.36
CA GLU E 196 64.53 3.44 -18.90
C GLU E 196 64.25 2.05 -18.37
N GLY E 197 63.45 1.28 -19.12
CA GLY E 197 63.17 -0.12 -18.82
C GLY E 197 64.37 -1.04 -19.02
N ASN E 198 65.23 -0.69 -19.98
CA ASN E 198 66.53 -1.34 -20.17
C ASN E 198 67.43 -1.06 -18.98
N ASP E 199 67.45 0.20 -18.56
CA ASP E 199 68.30 0.64 -17.46
C ASP E 199 67.88 0.02 -16.13
N LEU E 200 66.57 0.05 -15.84
CA LEU E 200 66.04 -0.48 -14.57
C LEU E 200 66.28 -1.98 -14.43
N TYR E 201 66.10 -2.69 -15.53
CA TYR E 201 66.31 -4.14 -15.58
C TYR E 201 67.76 -4.46 -15.22
N HIS E 202 68.72 -3.82 -15.88
CA HIS E 202 70.12 -3.98 -15.54
C HIS E 202 70.48 -3.53 -14.13
N GLU E 203 69.96 -2.37 -13.71
CA GLU E 203 70.18 -1.90 -12.34
C GLU E 203 69.73 -2.93 -11.29
N MET E 204 68.64 -3.63 -11.60
CA MET E 204 68.12 -4.71 -10.76
C MET E 204 69.02 -5.96 -10.78
N ILE E 205 69.56 -6.28 -11.96
CA ILE E 205 70.49 -7.41 -12.10
C ILE E 205 71.74 -7.17 -11.26
N GLU E 206 72.28 -5.96 -11.37
CA GLU E 206 73.48 -5.56 -10.66
C GLU E 206 73.32 -5.43 -9.15
N SER E 207 72.11 -5.18 -8.67
CA SER E 207 71.91 -5.04 -7.23
C SER E 207 71.51 -6.38 -6.57
N GLY E 208 71.24 -7.38 -7.40
CA GLY E 208 70.97 -8.72 -6.91
C GLY E 208 69.51 -9.13 -6.96
N VAL E 209 68.61 -8.15 -6.85
CA VAL E 209 67.16 -8.41 -6.76
C VAL E 209 66.61 -9.21 -7.96
N ILE E 210 67.22 -9.05 -9.13
CA ILE E 210 67.05 -10.02 -10.20
C ILE E 210 68.37 -10.79 -10.28
N ASN E 211 68.29 -12.11 -10.44
CA ASN E 211 69.47 -12.94 -10.66
C ASN E 211 69.25 -13.89 -11.86
N LEU E 212 70.11 -13.75 -12.86
CA LEU E 212 69.95 -14.45 -14.13
C LEU E 212 70.56 -15.84 -14.16
N LYS E 213 71.32 -16.19 -13.11
CA LYS E 213 72.06 -17.45 -13.05
C LYS E 213 71.22 -18.55 -12.45
N ASP E 214 70.71 -18.32 -11.24
CA ASP E 214 69.91 -19.31 -10.52
C ASP E 214 68.42 -18.91 -10.51
N ALA E 215 67.74 -19.14 -9.40
CA ALA E 215 66.33 -18.77 -9.27
C ALA E 215 66.03 -17.95 -8.01
N THR E 216 66.98 -17.11 -7.59
CA THR E 216 66.85 -16.31 -6.37
C THR E 216 66.18 -14.94 -6.57
N SER E 217 65.71 -14.69 -7.79
CA SER E 217 65.05 -13.42 -8.11
C SER E 217 63.87 -13.06 -7.19
N LYS E 218 63.70 -11.76 -6.94
CA LYS E 218 62.66 -11.26 -6.03
C LYS E 218 61.57 -10.38 -6.69
N VAL E 219 61.88 -9.76 -7.84
CA VAL E 219 60.89 -9.02 -8.67
C VAL E 219 60.52 -9.77 -9.94
N ALA E 220 59.29 -9.55 -10.40
CA ALA E 220 58.86 -9.93 -11.74
C ALA E 220 58.49 -8.63 -12.48
N LEU E 221 59.00 -8.45 -13.70
CA LEU E 221 58.76 -7.23 -14.48
C LEU E 221 57.69 -7.39 -15.54
N VAL E 222 56.81 -6.40 -15.60
CA VAL E 222 55.78 -6.33 -16.63
C VAL E 222 55.86 -4.93 -17.22
N TYR E 223 56.21 -4.84 -18.49
CA TYR E 223 56.46 -3.56 -19.16
C TYR E 223 55.39 -3.23 -20.19
N GLY E 224 54.77 -2.06 -20.04
CA GLY E 224 53.86 -1.54 -21.05
C GLY E 224 54.48 -0.29 -21.65
N GLN E 225 55.31 -0.49 -22.67
CA GLN E 225 56.12 0.62 -23.19
C GLN E 225 55.30 1.69 -23.89
N MET E 226 55.83 2.91 -23.88
CA MET E 226 55.10 4.07 -24.35
C MET E 226 54.70 3.94 -25.79
N ASN E 227 55.50 3.27 -26.62
CA ASN E 227 55.14 3.11 -28.04
C ASN E 227 54.09 2.03 -28.37
N GLU E 228 53.42 1.52 -27.36
CA GLU E 228 52.37 0.56 -27.56
C GLU E 228 51.07 1.34 -27.56
N PRO E 229 50.03 0.82 -28.25
CA PRO E 229 48.67 1.35 -28.35
C PRO E 229 48.06 1.68 -27.00
N PRO E 230 47.06 2.58 -26.97
CA PRO E 230 46.29 2.89 -25.75
C PRO E 230 45.85 1.66 -24.90
N GLY E 231 45.17 0.70 -25.51
CA GLY E 231 44.72 -0.49 -24.77
C GLY E 231 45.81 -1.29 -24.05
N ALA E 232 47.03 -1.24 -24.56
CA ALA E 232 48.14 -2.00 -23.98
C ALA E 232 48.53 -1.32 -22.68
N ARG E 233 48.87 -0.04 -22.78
CA ARG E 233 49.26 0.72 -21.61
C ARG E 233 48.15 0.79 -20.52
N ALA E 234 46.88 0.61 -20.91
CA ALA E 234 45.77 0.69 -19.94
C ALA E 234 45.68 -0.60 -19.12
N ARG E 235 46.13 -1.68 -19.74
CA ARG E 235 46.05 -3.03 -19.19
C ARG E 235 47.30 -3.56 -18.47
N VAL E 236 48.49 -3.04 -18.79
CA VAL E 236 49.69 -3.53 -18.12
C VAL E 236 49.52 -3.61 -16.62
N ALA E 237 48.97 -2.56 -16.00
CA ALA E 237 48.73 -2.58 -14.55
C ALA E 237 48.07 -3.88 -14.15
N LEU E 238 46.98 -4.22 -14.83
CA LEU E 238 46.23 -5.45 -14.55
C LEU E 238 47.11 -6.71 -14.67
N THR E 239 47.90 -6.77 -15.73
CA THR E 239 48.83 -7.90 -15.93
C THR E 239 49.74 -8.13 -14.73
N GLY E 240 50.46 -7.09 -14.34
CA GLY E 240 51.31 -7.10 -13.16
C GLY E 240 50.51 -7.40 -11.89
N LEU E 241 49.32 -6.83 -11.81
CA LEU E 241 48.45 -7.04 -10.67
C LEU E 241 48.11 -8.52 -10.44
N THR E 242 47.96 -9.26 -11.55
CA THR E 242 47.57 -10.65 -11.50
C THR E 242 48.75 -11.56 -11.13
N VAL E 243 49.92 -11.23 -11.67
CA VAL E 243 51.19 -11.81 -11.26
C VAL E 243 51.33 -11.70 -9.74
N ALA E 244 50.97 -10.54 -9.19
CA ALA E 244 50.97 -10.32 -7.74
C ALA E 244 49.88 -11.09 -6.99
N GLU E 245 48.71 -11.22 -7.62
CA GLU E 245 47.58 -11.93 -7.02
C GLU E 245 47.86 -13.41 -6.84
N TYR E 246 48.68 -13.98 -7.73
CA TYR E 246 49.15 -15.36 -7.54
C TYR E 246 49.86 -15.53 -6.20
N PHE E 247 50.85 -14.68 -5.93
CA PHE E 247 51.66 -14.81 -4.72
C PHE E 247 50.84 -14.61 -3.45
N ARG E 248 49.94 -13.64 -3.45
CA ARG E 248 49.06 -13.46 -2.30
C ARG E 248 48.12 -14.65 -2.16
N ASP E 249 47.46 -15.03 -3.25
CA ASP E 249 46.35 -15.98 -3.19
C ASP E 249 46.76 -17.45 -3.12
N GLN E 250 47.83 -17.81 -3.83
CA GLN E 250 48.23 -19.22 -3.92
C GLN E 250 49.32 -19.61 -2.95
N GLU E 251 50.04 -18.60 -2.43
CA GLU E 251 51.24 -18.83 -1.64
C GLU E 251 51.15 -18.17 -0.25
N GLY E 252 50.15 -17.30 -0.09
CA GLY E 252 49.81 -16.72 1.22
C GLY E 252 50.72 -15.60 1.67
N GLN E 253 51.43 -15.02 0.70
CA GLN E 253 52.46 -14.00 0.95
C GLN E 253 51.88 -12.60 1.19
N ASP E 254 52.75 -11.72 1.70
CA ASP E 254 52.53 -10.29 1.69
C ASP E 254 53.40 -9.64 0.62
N VAL E 255 52.77 -9.30 -0.51
CA VAL E 255 53.43 -8.97 -1.77
C VAL E 255 53.57 -7.46 -1.97
N LEU E 256 54.65 -7.05 -2.60
CA LEU E 256 54.84 -5.66 -3.05
C LEU E 256 54.54 -5.53 -4.53
N LEU E 257 53.70 -4.55 -4.88
CA LEU E 257 53.38 -4.25 -6.28
C LEU E 257 53.68 -2.79 -6.63
N PHE E 258 54.67 -2.61 -7.51
CA PHE E 258 55.05 -1.28 -7.95
C PHE E 258 54.33 -0.93 -9.23
N ILE E 259 53.73 0.25 -9.24
CA ILE E 259 53.07 0.74 -10.43
C ILE E 259 53.75 2.05 -10.82
N ASP E 260 54.35 2.05 -12.02
CA ASP E 260 55.09 3.20 -12.53
C ASP E 260 54.71 3.44 -13.98
N ASN E 261 53.94 4.50 -14.23
CA ASN E 261 53.38 5.27 -13.14
C ASN E 261 51.86 5.38 -13.22
N ILE E 262 51.22 5.64 -12.08
CA ILE E 262 49.77 5.60 -11.99
C ILE E 262 49.06 6.66 -12.86
N PHE E 263 49.73 7.79 -13.11
CA PHE E 263 49.11 8.77 -13.97
C PHE E 263 48.93 8.27 -15.40
N ARG E 264 49.83 7.40 -15.86
CA ARG E 264 49.83 6.96 -17.26
C ARG E 264 48.86 5.82 -17.46
N PHE E 265 48.41 5.25 -16.34
CA PHE E 265 47.31 4.29 -16.29
C PHE E 265 46.01 5.02 -16.51
N THR E 266 45.87 6.17 -15.88
CA THR E 266 44.72 7.04 -16.09
C THR E 266 44.68 7.46 -17.55
N GLN E 267 45.75 8.09 -18.03
CA GLN E 267 45.77 8.65 -19.37
C GLN E 267 45.49 7.60 -20.42
N ALA E 268 46.09 6.43 -20.25
CA ALA E 268 45.92 5.34 -21.19
C ALA E 268 44.45 4.97 -21.28
N GLY E 269 43.76 4.99 -20.13
CA GLY E 269 42.35 4.68 -20.03
C GLY E 269 41.51 5.78 -20.64
N SER E 270 42.01 7.02 -20.54
CA SER E 270 41.43 8.21 -21.20
C SER E 270 41.50 8.13 -22.71
N GLU E 271 42.58 7.57 -23.22
CA GLU E 271 42.78 7.43 -24.64
C GLU E 271 41.91 6.32 -25.22
N VAL E 272 41.80 5.23 -24.47
CA VAL E 272 40.93 4.11 -24.79
C VAL E 272 39.54 4.67 -24.87
N SER E 273 39.12 5.32 -23.79
CA SER E 273 37.81 5.95 -23.76
C SER E 273 37.56 6.80 -25.00
N ALA E 274 38.56 7.59 -25.40
CA ALA E 274 38.38 8.49 -26.52
C ALA E 274 38.23 7.75 -27.86
N LEU E 275 38.94 6.64 -28.02
CA LEU E 275 38.85 5.84 -29.24
C LEU E 275 37.50 5.10 -29.41
N LEU E 276 36.88 4.77 -28.27
CA LEU E 276 35.60 4.05 -28.25
C LEU E 276 34.40 4.98 -28.51
N GLY E 277 34.70 6.25 -28.79
CA GLY E 277 33.68 7.22 -29.16
C GLY E 277 32.94 7.81 -27.97
N ARG E 278 33.38 7.50 -26.77
CA ARG E 278 32.72 8.00 -25.56
C ARG E 278 32.93 9.51 -25.34
N ILE E 279 32.00 10.14 -24.62
CA ILE E 279 32.09 11.58 -24.36
C ILE E 279 33.09 11.84 -23.23
N PRO E 280 34.08 12.70 -23.47
CA PRO E 280 34.97 13.09 -22.39
C PRO E 280 34.24 13.79 -21.22
N SER E 281 34.79 13.64 -20.03
CA SER E 281 34.28 14.26 -18.81
C SER E 281 35.22 15.40 -18.47
N ALA E 282 35.01 16.03 -17.31
CA ALA E 282 35.78 17.20 -16.88
C ALA E 282 37.26 17.06 -17.21
N VAL E 283 37.77 18.06 -17.92
CA VAL E 283 39.18 18.17 -18.26
C VAL E 283 39.60 17.08 -19.25
N GLY E 284 38.63 16.51 -19.94
CA GLY E 284 38.93 15.57 -21.00
C GLY E 284 39.29 14.18 -20.55
N TYR E 285 39.08 13.85 -19.28
CA TYR E 285 39.23 12.46 -18.81
C TYR E 285 38.01 11.61 -19.13
N GLN E 286 38.25 10.33 -19.38
CA GLN E 286 37.18 9.33 -19.50
C GLN E 286 36.07 9.52 -18.45
N PRO E 287 34.81 9.27 -18.83
CA PRO E 287 33.75 9.38 -17.81
C PRO E 287 33.86 8.27 -16.76
N THR E 288 34.50 7.16 -17.14
CA THR E 288 34.68 6.04 -16.23
C THR E 288 35.97 6.18 -15.45
N LEU E 289 36.42 7.44 -15.29
CA LEU E 289 37.68 7.71 -14.60
C LEU E 289 37.76 6.99 -13.27
N ALA E 290 36.77 7.24 -12.43
CA ALA E 290 36.71 6.68 -11.06
C ALA E 290 36.53 5.18 -11.03
N THR E 291 35.69 4.65 -11.91
CA THR E 291 35.51 3.19 -11.95
C THR E 291 36.73 2.47 -12.52
N ASP E 292 37.25 2.93 -13.67
CA ASP E 292 38.50 2.40 -14.23
C ASP E 292 39.54 2.23 -13.13
N MET E 293 39.71 3.27 -12.33
CA MET E 293 40.63 3.29 -11.21
C MET E 293 40.17 2.31 -10.14
N GLY E 294 38.88 2.37 -9.81
CA GLY E 294 38.33 1.55 -8.73
C GLY E 294 38.46 0.05 -8.89
N THR E 295 38.16 -0.46 -10.08
CA THR E 295 38.25 -1.90 -10.32
C THR E 295 39.68 -2.46 -10.33
N MET E 296 40.66 -1.58 -10.53
CA MET E 296 42.06 -1.98 -10.47
C MET E 296 42.57 -1.90 -9.03
N GLN E 297 42.27 -0.79 -8.35
CA GLN E 297 42.77 -0.55 -7.00
C GLN E 297 42.25 -1.56 -5.99
N GLU E 298 40.96 -1.87 -6.05
CA GLU E 298 40.34 -2.63 -4.98
C GLU E 298 40.95 -4.01 -4.87
N ARG E 299 41.57 -4.47 -5.95
CA ARG E 299 42.28 -5.76 -5.95
C ARG E 299 43.50 -5.71 -5.04
N ILE E 300 44.07 -4.52 -4.87
CA ILE E 300 45.18 -4.31 -3.96
C ILE E 300 44.63 -4.22 -2.53
N THR E 301 44.90 -5.24 -1.73
CA THR E 301 44.35 -5.31 -0.39
C THR E 301 44.75 -6.57 0.39
N THR E 302 44.42 -6.58 1.68
CA THR E 302 44.63 -7.73 2.54
C THR E 302 43.41 -8.64 2.49
N THR E 303 43.62 -9.90 2.12
CA THR E 303 42.62 -10.93 2.24
C THR E 303 42.96 -11.70 3.51
N LYS E 304 42.21 -12.76 3.82
CA LYS E 304 42.52 -13.59 4.97
C LYS E 304 43.74 -14.50 4.71
N LYS E 305 44.11 -14.63 3.44
CA LYS E 305 45.15 -15.54 2.98
C LYS E 305 46.48 -14.83 2.86
N GLY E 306 46.42 -13.55 2.45
CA GLY E 306 47.60 -12.71 2.30
C GLY E 306 47.27 -11.27 1.90
N SER E 307 48.29 -10.50 1.50
CA SER E 307 48.11 -9.10 1.13
C SER E 307 48.95 -8.66 -0.05
N ILE E 308 48.44 -7.70 -0.81
CA ILE E 308 49.24 -7.02 -1.82
C ILE E 308 49.32 -5.54 -1.44
N THR E 309 50.54 -5.05 -1.26
CA THR E 309 50.78 -3.65 -0.94
C THR E 309 51.35 -3.04 -2.22
N SER E 310 50.91 -1.83 -2.56
CA SER E 310 51.35 -1.23 -3.82
C SER E 310 52.01 0.12 -3.66
N VAL E 311 53.18 0.25 -4.26
CA VAL E 311 53.89 1.50 -4.32
C VAL E 311 53.71 2.08 -5.72
N GLN E 312 53.04 3.22 -5.75
CA GLN E 312 52.60 3.83 -6.99
C GLN E 312 53.21 5.20 -7.14
N ALA E 313 53.91 5.39 -8.26
CA ALA E 313 54.54 6.66 -8.57
C ALA E 313 53.49 7.60 -9.18
N ILE E 314 53.39 8.81 -8.63
CA ILE E 314 52.41 9.80 -9.10
C ILE E 314 53.07 10.98 -9.82
N TYR E 315 52.45 11.36 -10.94
CA TYR E 315 52.75 12.63 -11.60
C TYR E 315 51.54 13.51 -11.39
N VAL E 316 51.76 14.73 -10.91
CA VAL E 316 50.64 15.65 -10.77
C VAL E 316 50.62 16.63 -11.93
N PRO E 317 49.69 16.44 -12.88
CA PRO E 317 49.53 17.36 -14.00
C PRO E 317 49.35 18.80 -13.53
N ALA E 318 50.08 19.70 -14.17
CA ALA E 318 49.97 21.16 -13.96
C ALA E 318 50.26 21.61 -12.53
N ASP E 319 50.88 20.71 -11.77
CA ASP E 319 51.04 20.84 -10.34
C ASP E 319 49.72 21.05 -9.63
N ASP E 320 48.67 20.42 -10.16
CA ASP E 320 47.34 20.62 -9.64
C ASP E 320 46.80 19.41 -8.88
N LEU E 321 46.84 19.50 -7.56
CA LEU E 321 46.33 18.42 -6.70
C LEU E 321 44.83 18.22 -6.81
N THR E 322 44.14 19.19 -7.41
CA THR E 322 42.70 19.11 -7.66
C THR E 322 42.33 18.72 -9.09
N ASP E 323 43.33 18.42 -9.93
CA ASP E 323 43.10 17.83 -11.26
C ASP E 323 42.45 16.49 -11.02
N PRO E 324 41.37 16.18 -11.77
CA PRO E 324 40.68 14.90 -11.63
C PRO E 324 41.60 13.67 -11.50
N ALA E 325 42.70 13.60 -12.25
CA ALA E 325 43.59 12.43 -12.16
C ALA E 325 44.19 12.18 -10.76
N PRO E 326 44.99 13.13 -10.24
CA PRO E 326 45.48 12.97 -8.84
C PRO E 326 44.41 12.98 -7.74
N ALA E 327 43.39 13.83 -7.87
CA ALA E 327 42.17 13.75 -7.01
C ALA E 327 41.63 12.34 -6.90
N THR E 328 41.28 11.73 -8.03
CA THR E 328 40.73 10.39 -8.04
C THR E 328 41.70 9.39 -7.40
N THR E 329 42.99 9.56 -7.74
CA THR E 329 44.03 8.67 -7.24
C THR E 329 44.08 8.73 -5.71
N PHE E 330 44.19 9.94 -5.18
CA PHE E 330 44.39 10.12 -3.74
C PHE E 330 43.39 9.42 -2.84
N ALA E 331 42.20 9.18 -3.39
CA ALA E 331 41.13 8.49 -2.68
C ALA E 331 41.56 7.09 -2.28
N HIS E 332 42.52 6.51 -3.00
CA HIS E 332 42.97 5.14 -2.71
C HIS E 332 44.29 5.03 -1.94
N LEU E 333 44.97 6.15 -1.70
CA LEU E 333 46.28 6.09 -1.06
C LEU E 333 46.13 6.14 0.45
N ASP E 334 46.98 5.37 1.14
CA ASP E 334 47.00 5.32 2.60
C ASP E 334 48.24 5.99 3.16
N ALA E 335 49.18 6.33 2.28
CA ALA E 335 50.44 6.93 2.68
C ALA E 335 51.14 7.50 1.46
N THR E 336 52.00 8.49 1.70
CA THR E 336 52.82 9.08 0.65
C THR E 336 54.26 9.02 1.10
N THR E 337 55.13 8.55 0.22
CA THR E 337 56.56 8.76 0.37
C THR E 337 56.92 9.89 -0.58
N VAL E 338 57.44 10.98 -0.02
CA VAL E 338 57.89 12.11 -0.83
C VAL E 338 59.41 12.12 -0.87
N LEU E 339 59.96 11.97 -2.09
CA LEU E 339 61.40 12.08 -2.33
C LEU E 339 61.77 13.47 -2.83
N SER E 340 62.59 14.18 -2.06
CA SER E 340 62.92 15.57 -2.38
C SER E 340 64.38 15.77 -2.76
N ARG E 341 64.59 16.68 -3.72
CA ARG E 341 65.91 17.02 -4.27
C ARG E 341 66.70 17.84 -3.26
N ALA E 342 65.99 18.68 -2.51
CA ALA E 342 66.56 19.46 -1.42
C ALA E 342 67.27 18.55 -0.44
N ILE E 343 66.58 17.51 0.00
CA ILE E 343 67.11 16.60 1.02
C ILE E 343 68.31 15.80 0.51
N ALA E 344 68.27 15.43 -0.78
CA ALA E 344 69.35 14.69 -1.42
C ALA E 344 70.63 15.53 -1.44
N GLU E 345 70.47 16.81 -1.80
CA GLU E 345 71.57 17.79 -1.82
C GLU E 345 72.14 18.05 -0.43
N LEU E 346 71.49 17.54 0.60
CA LEU E 346 72.01 17.61 1.96
C LEU E 346 72.59 16.26 2.37
N GLY E 347 72.65 15.34 1.40
CA GLY E 347 73.31 14.06 1.57
C GLY E 347 72.54 13.05 2.38
N ILE E 348 71.23 13.26 2.52
CA ILE E 348 70.35 12.33 3.23
C ILE E 348 69.82 11.27 2.26
N TYR E 349 70.15 10.02 2.53
CA TYR E 349 69.68 8.91 1.70
C TYR E 349 69.05 7.86 2.61
N PRO E 350 67.75 7.55 2.39
CA PRO E 350 66.89 8.00 1.28
C PRO E 350 66.47 9.47 1.33
N ALA E 351 66.39 10.13 0.18
CA ALA E 351 66.00 11.53 0.06
C ALA E 351 64.55 11.83 0.50
N VAL E 352 64.08 11.08 1.49
CA VAL E 352 62.70 11.20 1.98
C VAL E 352 62.49 12.46 2.81
N ASP E 353 61.49 13.26 2.44
CA ASP E 353 61.09 14.39 3.25
C ASP E 353 60.24 13.91 4.42
N PRO E 354 60.72 14.12 5.65
CA PRO E 354 60.03 13.64 6.84
C PRO E 354 58.79 14.47 7.24
N LEU E 355 58.62 15.65 6.63
CA LEU E 355 57.47 16.52 6.92
C LEU E 355 56.37 16.38 5.89
N ASP E 356 56.77 16.09 4.65
CA ASP E 356 55.84 15.99 3.55
C ASP E 356 55.20 14.62 3.46
N SER E 357 55.94 13.59 3.89
CA SER E 357 55.48 12.19 3.81
C SER E 357 54.52 11.82 4.92
N THR E 358 53.28 11.49 4.55
CA THR E 358 52.25 11.19 5.54
C THR E 358 51.77 9.74 5.41
N SER E 359 51.03 9.30 6.43
CA SER E 359 50.36 8.01 6.44
C SER E 359 49.02 8.10 7.14
N ARG E 360 48.00 7.45 6.58
CA ARG E 360 46.66 7.37 7.18
C ARG E 360 46.67 6.58 8.48
N ILE E 361 47.57 5.59 8.56
CA ILE E 361 47.72 4.76 9.75
C ILE E 361 48.66 5.35 10.82
N MET E 362 49.18 6.56 10.58
CA MET E 362 49.82 7.31 11.66
C MET E 362 48.77 7.73 12.71
N ASP E 363 48.24 6.73 13.43
CA ASP E 363 47.12 6.87 14.36
C ASP E 363 47.36 5.91 15.54
N PRO E 364 47.37 6.41 16.78
CA PRO E 364 47.69 5.56 17.92
C PRO E 364 46.84 4.27 18.02
N ASN E 365 45.56 4.37 17.63
CA ASN E 365 44.67 3.20 17.58
C ASN E 365 45.09 2.09 16.58
N ILE E 366 46.03 2.39 15.69
CA ILE E 366 46.54 1.41 14.72
C ILE E 366 47.97 0.96 15.00
N VAL E 367 48.87 1.92 15.21
CA VAL E 367 50.30 1.61 15.36
C VAL E 367 50.75 1.56 16.82
N GLY E 368 49.89 2.01 17.72
CA GLY E 368 50.17 1.99 19.15
C GLY E 368 50.52 3.37 19.69
N SER E 369 49.90 3.69 20.83
CA SER E 369 50.16 4.91 21.59
C SER E 369 51.61 5.38 21.51
N GLU E 370 52.53 4.44 21.75
CA GLU E 370 53.96 4.73 21.80
C GLU E 370 54.51 5.16 20.43
N HIS E 371 54.28 4.33 19.41
CA HIS E 371 54.74 4.62 18.05
C HIS E 371 54.20 5.97 17.60
N TYR E 372 52.98 6.28 18.04
CA TYR E 372 52.38 7.58 17.75
C TYR E 372 53.20 8.74 18.35
N ASP E 373 53.40 8.71 19.66
CA ASP E 373 54.02 9.83 20.38
C ASP E 373 55.44 10.17 19.90
N VAL E 374 56.22 9.15 19.55
CA VAL E 374 57.60 9.34 19.07
C VAL E 374 57.63 10.03 17.69
N ALA E 375 56.82 9.51 16.77
CA ALA E 375 56.64 10.12 15.45
C ALA E 375 56.27 11.60 15.55
N ARG E 376 55.25 11.90 16.35
CA ARG E 376 54.79 13.28 16.59
C ARG E 376 55.83 14.17 17.29
N GLY E 377 56.73 13.58 18.06
CA GLY E 377 57.86 14.32 18.63
C GLY E 377 58.96 14.61 17.60
N VAL E 378 59.28 13.59 16.80
CA VAL E 378 60.21 13.70 15.68
C VAL E 378 59.70 14.73 14.66
N GLN E 379 58.40 14.67 14.35
CA GLN E 379 57.78 15.64 13.45
C GLN E 379 57.88 17.05 14.05
N LYS E 380 57.50 17.17 15.32
CA LYS E 380 57.52 18.45 16.04
C LYS E 380 58.93 19.07 16.12
N ILE E 381 59.92 18.27 16.52
CA ILE E 381 61.27 18.83 16.69
C ILE E 381 61.88 19.31 15.37
N LEU E 382 61.47 18.68 14.26
CA LEU E 382 61.94 19.04 12.92
C LEU E 382 61.23 20.30 12.40
N GLN E 383 59.97 20.44 12.79
CA GLN E 383 59.18 21.62 12.49
C GLN E 383 59.76 22.81 13.24
N ASP E 384 60.10 22.58 14.51
CA ASP E 384 60.62 23.63 15.37
C ASP E 384 62.06 23.98 15.02
N TYR E 385 62.77 23.05 14.39
CA TYR E 385 64.11 23.30 13.88
C TYR E 385 64.07 24.20 12.63
N LYS E 386 62.95 24.15 11.92
CA LYS E 386 62.75 24.97 10.74
C LYS E 386 62.43 26.41 11.15
N SER E 387 61.78 26.55 12.31
CA SER E 387 61.43 27.85 12.88
C SER E 387 62.65 28.69 13.29
N LEU E 388 63.71 28.00 13.71
CA LEU E 388 64.91 28.68 14.22
C LEU E 388 65.96 29.04 13.17
N GLN E 389 65.98 28.33 12.04
CA GLN E 389 67.02 28.51 11.02
C GLN E 389 67.17 29.95 10.49
N ASP E 390 66.13 30.75 10.63
CA ASP E 390 66.19 32.18 10.29
C ASP E 390 66.95 32.95 11.36
N ILE E 391 66.64 32.66 12.62
CA ILE E 391 67.31 33.27 13.77
C ILE E 391 68.76 32.77 13.86
N ILE E 392 69.01 31.57 13.34
CA ILE E 392 70.35 31.03 13.16
C ILE E 392 71.13 31.89 12.15
N ALA E 393 70.46 32.27 11.07
CA ALA E 393 71.06 33.15 10.06
C ALA E 393 71.19 34.59 10.57
N ILE E 394 70.34 34.97 11.53
CA ILE E 394 70.28 36.35 12.03
C ILE E 394 71.15 36.62 13.25
N LEU E 395 71.09 35.74 14.25
CA LEU E 395 71.80 35.97 15.51
C LEU E 395 72.92 34.96 15.75
N GLY E 396 73.12 34.04 14.82
CA GLY E 396 74.09 32.95 15.00
C GLY E 396 73.52 31.88 15.90
N MET E 397 74.27 30.80 16.07
CA MET E 397 73.81 29.65 16.86
C MET E 397 73.96 29.87 18.37
N ASP E 398 74.84 30.80 18.77
CA ASP E 398 75.12 31.05 20.18
C ASP E 398 74.29 32.18 20.81
N GLU E 399 73.16 32.51 20.17
CA GLU E 399 72.17 33.41 20.75
C GLU E 399 70.82 32.69 20.88
N LEU E 400 70.90 31.38 21.08
CA LEU E 400 69.74 30.55 21.39
C LEU E 400 69.69 30.34 22.90
N SER E 401 68.48 30.13 23.43
CA SER E 401 68.32 29.74 24.82
C SER E 401 68.86 28.32 25.00
N GLU E 402 69.09 27.91 26.25
CA GLU E 402 69.69 26.61 26.52
C GLU E 402 68.78 25.44 26.16
N GLU E 403 67.47 25.64 26.26
CA GLU E 403 66.50 24.65 25.79
C GLU E 403 66.50 24.62 24.26
N ASP E 404 66.72 25.79 23.65
CA ASP E 404 66.75 25.93 22.20
C ASP E 404 68.04 25.42 21.57
N LYS E 405 69.15 25.53 22.29
CA LYS E 405 70.42 24.97 21.86
C LYS E 405 70.26 23.46 21.66
N LEU E 406 69.56 22.83 22.61
CA LEU E 406 69.27 21.40 22.58
C LEU E 406 68.39 20.99 21.39
N THR E 407 67.25 21.66 21.20
CA THR E 407 66.36 21.32 20.07
C THR E 407 67.12 21.26 18.75
N VAL E 408 68.06 22.18 18.54
CA VAL E 408 68.85 22.19 17.32
C VAL E 408 69.75 20.96 17.23
N SER E 409 70.58 20.73 18.25
CA SER E 409 71.44 19.55 18.32
C SER E 409 70.61 18.32 17.99
N ARG E 410 69.60 18.09 18.82
CA ARG E 410 68.73 16.92 18.73
C ARG E 410 68.08 16.80 17.35
N ALA E 411 67.51 17.90 16.87
CA ALA E 411 66.91 17.96 15.55
C ALA E 411 67.90 17.49 14.49
N ARG E 412 69.06 18.16 14.44
CA ARG E 412 70.13 17.80 13.50
C ARG E 412 70.57 16.35 13.66
N LYS E 413 70.47 15.84 14.90
CA LYS E 413 70.86 14.47 15.21
C LYS E 413 69.78 13.49 14.81
N ILE E 414 68.52 13.92 14.90
CA ILE E 414 67.40 13.15 14.38
C ILE E 414 67.41 13.11 12.84
N GLN E 415 67.67 14.26 12.22
CA GLN E 415 67.76 14.38 10.76
C GLN E 415 68.67 13.32 10.14
N ARG E 416 69.81 13.09 10.77
CA ARG E 416 70.81 12.17 10.25
C ARG E 416 70.45 10.72 10.55
N PHE E 417 69.84 10.48 11.72
CA PHE E 417 69.47 9.11 12.07
C PHE E 417 68.35 8.60 11.19
N LEU E 418 67.64 9.52 10.53
CA LEU E 418 66.62 9.17 9.54
C LEU E 418 67.26 8.68 8.24
N SER E 419 68.51 9.05 8.01
CA SER E 419 69.28 8.49 6.90
C SER E 419 69.70 7.07 7.26
N GLN E 420 70.08 6.29 6.26
CA GLN E 420 70.36 4.86 6.46
C GLN E 420 70.96 4.24 5.21
N PRO E 421 71.97 3.36 5.39
CA PRO E 421 72.57 2.69 4.23
C PRO E 421 71.70 1.55 3.71
N PHE E 422 71.62 1.42 2.40
CA PHE E 422 70.81 0.39 1.77
C PHE E 422 71.64 -0.79 1.28
N GLN E 423 71.09 -2.00 1.44
CA GLN E 423 71.74 -3.22 1.00
C GLN E 423 71.89 -3.17 -0.50
N VAL E 424 70.89 -2.59 -1.15
CA VAL E 424 70.80 -2.63 -2.59
C VAL E 424 71.93 -1.83 -3.23
N ALA E 425 72.58 -1.00 -2.43
CA ALA E 425 73.73 -0.20 -2.86
C ALA E 425 75.05 -0.58 -2.18
N GLU E 426 75.15 -1.80 -1.66
CA GLU E 426 76.38 -2.29 -1.03
C GLU E 426 77.52 -2.38 -2.05
N VAL E 427 77.14 -2.62 -3.30
CA VAL E 427 78.07 -2.74 -4.43
C VAL E 427 78.78 -1.41 -4.72
N PHE E 428 77.98 -0.33 -4.75
CA PHE E 428 78.45 1.01 -5.13
C PHE E 428 79.29 1.74 -4.07
N THR E 429 79.18 1.32 -2.81
CA THR E 429 79.69 2.13 -1.69
C THR E 429 80.72 1.45 -0.78
N GLY E 430 80.59 0.14 -0.58
CA GLY E 430 81.46 -0.60 0.34
C GLY E 430 80.93 -0.66 1.77
N HIS E 431 79.84 0.05 2.01
CA HIS E 431 79.17 0.03 3.31
C HIS E 431 78.03 -0.98 3.37
N LEU E 432 78.01 -1.76 4.46
CA LEU E 432 76.99 -2.78 4.68
C LEU E 432 75.66 -2.10 4.97
N GLY E 433 74.61 -2.55 4.30
CA GLY E 433 73.28 -1.98 4.47
C GLY E 433 72.58 -2.48 5.72
N LYS E 434 71.47 -1.83 6.08
CA LYS E 434 70.72 -2.16 7.28
C LYS E 434 69.21 -2.21 7.04
N LEU E 435 68.62 -3.37 7.29
CA LEU E 435 67.19 -3.48 7.54
C LEU E 435 67.03 -3.35 9.04
N VAL E 436 66.44 -2.23 9.47
CA VAL E 436 66.30 -1.92 10.89
C VAL E 436 64.91 -2.28 11.41
N PRO E 437 64.85 -3.19 12.41
CA PRO E 437 63.56 -3.66 12.94
C PRO E 437 62.76 -2.50 13.52
N LEU E 438 61.43 -2.60 13.43
CA LEU E 438 60.54 -1.50 13.83
C LEU E 438 60.81 -1.00 15.26
N LYS E 439 60.99 -1.92 16.21
CA LYS E 439 61.16 -1.54 17.62
C LYS E 439 62.46 -0.80 17.90
N GLU E 440 63.52 -1.12 17.13
CA GLU E 440 64.79 -0.40 17.22
C GLU E 440 64.68 1.01 16.63
N THR E 441 63.88 1.16 15.57
CA THR E 441 63.58 2.46 14.98
C THR E 441 62.86 3.31 16.04
N ILE E 442 61.79 2.75 16.61
CA ILE E 442 60.99 3.44 17.61
C ILE E 442 61.89 3.85 18.76
N LYS E 443 62.76 2.95 19.18
CA LYS E 443 63.66 3.16 20.32
C LYS E 443 64.74 4.23 20.07
N GLY E 444 65.44 4.12 18.94
CA GLY E 444 66.48 5.07 18.55
C GLY E 444 66.07 6.54 18.65
N PHE E 445 64.95 6.88 18.03
CA PHE E 445 64.44 8.24 18.05
C PHE E 445 63.79 8.60 19.38
N GLN E 446 63.22 7.59 20.04
CA GLN E 446 62.69 7.69 21.40
C GLN E 446 63.78 8.20 22.34
N GLN E 447 64.93 7.52 22.29
CA GLN E 447 66.08 7.85 23.12
C GLN E 447 66.77 9.16 22.72
N ILE E 448 66.78 9.49 21.42
CA ILE E 448 67.35 10.78 20.97
C ILE E 448 66.56 11.96 21.53
N LEU E 449 65.25 11.96 21.30
CA LEU E 449 64.34 12.97 21.85
C LEU E 449 64.49 13.24 23.35
N ALA E 450 64.82 12.19 24.11
CA ALA E 450 65.01 12.27 25.56
C ALA E 450 66.37 12.84 25.94
N GLY E 451 67.22 13.00 24.95
CA GLY E 451 68.55 13.58 25.16
C GLY E 451 69.55 12.57 25.69
N GLU E 452 69.23 11.29 25.54
CA GLU E 452 70.10 10.22 26.00
C GLU E 452 71.35 10.08 25.13
N TYR E 453 71.46 10.91 24.09
CA TYR E 453 72.63 10.95 23.23
C TYR E 453 73.06 12.36 22.80
N ASP E 454 72.77 13.37 23.63
CA ASP E 454 73.17 14.75 23.34
C ASP E 454 74.68 14.96 23.37
N HIS E 455 75.36 14.17 24.21
CA HIS E 455 76.80 14.27 24.40
C HIS E 455 77.56 13.72 23.19
N LEU E 456 76.93 12.83 22.45
CA LEU E 456 77.53 12.23 21.26
C LEU E 456 77.66 13.23 20.13
N PRO E 457 78.74 13.11 19.32
CA PRO E 457 78.92 14.00 18.17
C PRO E 457 77.80 13.84 17.13
N GLU E 458 77.41 14.97 16.55
CA GLU E 458 76.39 15.05 15.51
C GLU E 458 76.54 13.99 14.40
N GLN E 459 77.78 13.73 13.98
CA GLN E 459 78.08 12.87 12.83
C GLN E 459 78.03 11.37 13.10
N ALA E 460 77.74 11.00 14.35
CA ALA E 460 77.67 9.59 14.75
C ALA E 460 76.38 8.91 14.26
N PHE E 461 75.36 9.71 14.02
CA PHE E 461 74.02 9.22 13.70
C PHE E 461 73.81 9.08 12.21
N TYR E 462 74.68 9.76 11.44
CA TYR E 462 74.64 9.78 9.99
C TYR E 462 74.98 8.44 9.36
N MET E 463 74.20 8.05 8.34
CA MET E 463 74.35 6.80 7.58
C MET E 463 74.54 5.54 8.41
N VAL E 464 73.63 5.31 9.34
CA VAL E 464 73.77 4.25 10.33
C VAL E 464 72.48 3.38 10.40
N GLY E 465 72.62 2.15 10.87
CA GLY E 465 71.48 1.30 11.14
C GLY E 465 70.83 1.64 12.47
N PRO E 466 70.79 0.67 13.40
CA PRO E 466 70.17 0.86 14.71
C PRO E 466 71.00 1.81 15.59
N ILE E 467 70.50 2.12 16.79
CA ILE E 467 71.14 3.12 17.64
C ILE E 467 72.46 2.65 18.25
N GLU E 468 72.63 1.34 18.39
CA GLU E 468 73.89 0.77 18.86
C GLU E 468 75.06 1.12 17.93
N GLU E 469 74.79 1.13 16.63
CA GLU E 469 75.81 1.44 15.62
C GLU E 469 76.12 2.93 15.50
N ALA E 470 75.40 3.75 16.26
CA ALA E 470 75.70 5.17 16.38
C ALA E 470 76.72 5.37 17.51
N VAL E 471 76.49 4.68 18.63
CA VAL E 471 77.41 4.67 19.76
C VAL E 471 78.72 4.03 19.30
N ALA E 472 78.61 2.99 18.47
CA ALA E 472 79.77 2.35 17.86
C ALA E 472 80.54 3.29 16.91
N LYS E 473 79.81 4.14 16.19
CA LYS E 473 80.42 5.11 15.27
C LYS E 473 81.05 6.28 16.04
N ALA E 474 80.52 6.60 17.21
CA ALA E 474 81.04 7.68 18.04
C ALA E 474 82.32 7.29 18.79
N ASP E 475 82.39 6.03 19.20
CA ASP E 475 83.55 5.48 19.90
C ASP E 475 84.75 5.27 18.98
N LYS E 476 84.48 5.14 17.68
CA LYS E 476 85.54 4.89 16.69
C LYS E 476 86.18 6.19 16.20
N LEU E 477 85.53 7.32 16.46
CA LEU E 477 86.05 8.61 16.00
C LEU E 477 87.16 9.16 16.91
N ALA E 478 88.28 8.43 16.95
CA ALA E 478 89.52 8.83 17.65
C ALA E 478 89.32 9.76 18.84
N THR F 13 -8.78 12.50 -30.10
CA THR F 13 -9.61 11.38 -29.57
C THR F 13 -8.82 10.64 -28.49
N THR F 14 -8.51 9.38 -28.75
CA THR F 14 -7.72 8.56 -27.82
C THR F 14 -6.34 8.15 -28.40
N GLY F 15 -5.29 8.33 -27.60
CA GLY F 15 -3.91 8.09 -28.04
C GLY F 15 -3.17 7.03 -27.25
N ARG F 16 -2.11 6.48 -27.83
CA ARG F 16 -1.34 5.42 -27.19
C ARG F 16 0.11 5.87 -26.98
N ILE F 17 0.68 5.55 -25.81
CA ILE F 17 2.09 5.87 -25.56
C ILE F 17 2.95 4.95 -26.43
N VAL F 18 3.94 5.53 -27.10
CA VAL F 18 4.89 4.77 -27.93
C VAL F 18 6.33 4.91 -27.43
N ALA F 19 6.56 5.86 -26.51
CA ALA F 19 7.88 6.10 -25.93
C ALA F 19 7.77 6.81 -24.60
N VAL F 20 8.63 6.40 -23.65
CA VAL F 20 8.79 7.08 -22.36
C VAL F 20 10.28 7.24 -22.02
N ILE F 21 10.65 8.40 -21.50
CA ILE F 21 12.01 8.61 -20.95
C ILE F 21 12.00 9.78 -19.96
N GLY F 22 12.11 9.44 -18.68
CA GLY F 22 11.91 10.40 -17.60
C GLY F 22 10.65 11.18 -17.89
N ALA F 23 10.73 12.50 -17.79
CA ALA F 23 9.60 13.38 -17.94
C ALA F 23 8.99 13.38 -19.33
N VAL F 24 9.73 12.87 -20.32
CA VAL F 24 9.30 13.02 -21.69
C VAL F 24 8.65 11.76 -22.22
N VAL F 25 7.41 11.90 -22.67
CA VAL F 25 6.61 10.80 -23.16
C VAL F 25 6.13 11.17 -24.54
N ASP F 26 6.26 10.24 -25.48
CA ASP F 26 5.67 10.39 -26.81
C ASP F 26 4.34 9.64 -26.91
N VAL F 27 3.37 10.25 -27.58
CA VAL F 27 2.03 9.67 -27.72
C VAL F 27 1.53 9.74 -29.17
N GLN F 28 1.09 8.60 -29.72
CA GLN F 28 0.57 8.53 -31.08
C GLN F 28 -0.95 8.51 -31.07
N PHE F 29 -1.55 9.36 -31.90
CA PHE F 29 -3.00 9.44 -32.08
C PHE F 29 -3.37 9.09 -33.52
N ASP F 30 -4.41 8.28 -33.74
CA ASP F 30 -4.78 7.91 -35.11
C ASP F 30 -5.60 8.98 -35.83
N GLU F 31 -6.64 9.49 -35.16
CA GLU F 31 -7.32 10.71 -35.57
C GLU F 31 -7.23 11.70 -34.43
N GLY F 32 -7.38 12.98 -34.75
CA GLY F 32 -7.39 14.03 -33.74
C GLY F 32 -6.05 14.20 -33.04
N LEU F 33 -5.18 15.00 -33.63
CA LEU F 33 -3.89 15.29 -33.02
C LEU F 33 -4.01 16.53 -32.14
N PRO F 34 -3.72 16.39 -30.83
CA PRO F 34 -3.86 17.51 -29.91
C PRO F 34 -2.84 18.62 -30.16
N PRO F 35 -3.31 19.86 -30.24
CA PRO F 35 -2.42 21.00 -30.37
C PRO F 35 -1.32 21.07 -29.29
N ILE F 36 -0.24 21.77 -29.62
CA ILE F 36 0.82 22.10 -28.67
C ILE F 36 0.24 22.88 -27.50
N LEU F 37 0.60 22.45 -26.29
CA LEU F 37 0.18 23.09 -25.03
C LEU F 37 -1.06 22.46 -24.39
N ASN F 38 -1.84 21.72 -25.17
CA ASN F 38 -2.93 20.91 -24.67
C ASN F 38 -2.45 19.96 -23.56
N ALA F 39 -3.26 19.86 -22.50
CA ALA F 39 -3.00 18.91 -21.44
C ALA F 39 -3.66 17.57 -21.76
N LEU F 40 -2.93 16.48 -21.58
CA LEU F 40 -3.42 15.14 -21.86
C LEU F 40 -3.50 14.34 -20.57
N GLU F 41 -4.57 13.55 -20.44
CA GLU F 41 -4.82 12.76 -19.23
C GLU F 41 -4.47 11.31 -19.53
N VAL F 42 -3.49 10.79 -18.79
CA VAL F 42 -3.05 9.42 -18.96
C VAL F 42 -4.00 8.54 -18.19
N GLN F 43 -4.52 7.53 -18.88
CA GLN F 43 -5.48 6.57 -18.31
C GLN F 43 -4.81 5.41 -17.57
N GLY F 44 -5.53 4.79 -16.64
CA GLY F 44 -4.99 3.64 -15.92
C GLY F 44 -4.09 4.01 -14.76
N ARG F 45 -4.25 5.23 -14.23
CA ARG F 45 -3.45 5.72 -13.10
C ARG F 45 -4.29 5.99 -11.85
N GLU F 46 -3.65 5.85 -10.68
CA GLU F 46 -4.33 6.08 -9.39
C GLU F 46 -4.41 7.55 -9.02
N THR F 47 -3.40 8.32 -9.41
CA THR F 47 -3.42 9.78 -9.28
C THR F 47 -3.26 10.40 -10.66
N ARG F 48 -3.78 11.61 -10.86
CA ARG F 48 -3.89 12.20 -12.18
C ARG F 48 -2.55 12.55 -12.76
N LEU F 49 -2.20 11.88 -13.86
CA LEU F 49 -0.95 12.16 -14.56
C LEU F 49 -1.15 12.95 -15.84
N VAL F 50 -0.88 14.24 -15.77
CA VAL F 50 -1.02 15.12 -16.93
C VAL F 50 0.25 15.13 -17.80
N LEU F 51 0.06 15.00 -19.11
CA LEU F 51 1.11 15.30 -20.09
C LEU F 51 0.76 16.59 -20.85
N GLU F 52 1.73 17.46 -21.06
CA GLU F 52 1.52 18.66 -21.86
C GLU F 52 2.14 18.45 -23.23
N VAL F 53 1.38 18.70 -24.29
CA VAL F 53 1.93 18.55 -25.63
C VAL F 53 2.95 19.66 -25.86
N ALA F 54 4.16 19.24 -26.22
CA ALA F 54 5.27 20.15 -26.38
C ALA F 54 5.57 20.38 -27.85
N GLN F 55 5.59 19.31 -28.65
CA GLN F 55 5.94 19.40 -30.08
C GLN F 55 5.13 18.40 -30.89
N HIS F 56 5.06 18.65 -32.20
CA HIS F 56 4.46 17.69 -33.13
C HIS F 56 5.56 16.98 -33.89
N LEU F 57 5.95 15.80 -33.42
CA LEU F 57 7.06 15.03 -34.00
C LEU F 57 6.77 14.60 -35.42
N GLY F 58 5.52 14.72 -35.84
CA GLY F 58 5.08 14.16 -37.10
C GLY F 58 4.59 12.74 -36.96
N GLU F 59 4.14 12.15 -38.07
CA GLU F 59 3.58 10.80 -38.11
C GLU F 59 2.53 10.60 -37.01
N SER F 60 1.60 11.54 -36.92
CA SER F 60 0.51 11.47 -35.94
C SER F 60 1.01 11.20 -34.52
N THR F 61 2.24 11.61 -34.22
CA THR F 61 2.86 11.44 -32.91
C THR F 61 3.20 12.80 -32.30
N VAL F 62 2.94 12.97 -31.00
CA VAL F 62 3.36 14.19 -30.30
C VAL F 62 4.34 13.94 -29.16
N ARG F 63 5.30 14.86 -28.99
CA ARG F 63 6.17 14.80 -27.83
C ARG F 63 5.60 15.68 -26.72
N THR F 64 5.49 15.08 -25.53
CA THR F 64 4.87 15.72 -24.37
C THR F 64 5.80 15.74 -23.14
N ILE F 65 5.48 16.58 -22.15
CA ILE F 65 6.23 16.64 -20.88
C ILE F 65 5.34 16.32 -19.68
N ALA F 66 5.81 15.43 -18.80
CA ALA F 66 4.96 14.93 -17.71
C ALA F 66 5.00 15.87 -16.52
N MET F 67 3.86 16.00 -15.85
CA MET F 67 3.73 16.88 -14.69
C MET F 67 3.91 16.09 -13.42
N ASP F 68 4.28 14.82 -13.58
CA ASP F 68 4.54 13.93 -12.46
C ASP F 68 5.29 12.63 -12.92
N GLY F 69 5.58 11.74 -11.95
CA GLY F 69 6.43 10.57 -12.17
C GLY F 69 5.88 9.70 -13.28
N THR F 70 6.77 9.09 -14.06
CA THR F 70 6.30 8.29 -15.18
C THR F 70 6.59 6.82 -14.99
N GLU F 71 6.95 6.46 -13.76
CA GLU F 71 7.11 5.05 -13.41
C GLU F 71 5.77 4.37 -13.51
N GLY F 72 5.76 3.18 -14.10
CA GLY F 72 4.51 2.43 -14.25
C GLY F 72 3.97 2.51 -15.65
N LEU F 73 4.31 3.56 -16.39
CA LEU F 73 3.85 3.71 -17.76
C LEU F 73 4.36 2.59 -18.65
N VAL F 74 3.45 2.07 -19.46
CA VAL F 74 3.75 0.99 -20.40
C VAL F 74 3.56 1.54 -21.81
N ARG F 75 4.33 1.06 -22.77
CA ARG F 75 3.97 1.30 -24.17
C ARG F 75 2.59 0.68 -24.45
N GLY F 76 1.81 1.37 -25.26
CA GLY F 76 0.43 0.99 -25.50
C GLY F 76 -0.56 1.70 -24.60
N GLN F 77 -0.10 2.11 -23.41
CA GLN F 77 -0.98 2.76 -22.43
C GLN F 77 -1.78 3.89 -23.07
N LYS F 78 -3.02 4.07 -22.62
CA LYS F 78 -3.96 4.99 -23.27
C LYS F 78 -3.86 6.42 -22.73
N VAL F 79 -4.07 7.39 -23.62
CA VAL F 79 -4.07 8.81 -23.24
C VAL F 79 -5.25 9.52 -23.87
N LEU F 80 -5.90 10.39 -23.09
CA LEU F 80 -7.00 11.23 -23.59
C LEU F 80 -6.59 12.69 -23.72
N ASP F 81 -6.96 13.32 -24.82
CA ASP F 81 -6.88 14.77 -24.93
C ASP F 81 -7.95 15.42 -24.04
N SER F 82 -7.54 16.37 -23.20
CA SER F 82 -8.53 17.14 -22.43
C SER F 82 -9.16 18.26 -23.28
N GLY F 83 -8.58 18.55 -24.45
CA GLY F 83 -9.07 19.57 -25.36
C GLY F 83 -8.52 20.95 -25.10
N ALA F 84 -7.96 21.15 -23.90
CA ALA F 84 -7.31 22.41 -23.52
C ALA F 84 -5.95 22.16 -22.81
N PRO F 85 -5.15 23.23 -22.59
CA PRO F 85 -3.97 23.13 -21.70
C PRO F 85 -4.38 22.91 -20.26
N ILE F 86 -3.41 22.64 -19.39
CA ILE F 86 -3.67 22.52 -17.95
C ILE F 86 -4.52 23.68 -17.49
N ARG F 87 -5.69 23.39 -16.95
CA ARG F 87 -6.50 24.42 -16.36
C ARG F 87 -6.50 24.27 -14.84
N ILE F 88 -6.48 25.40 -14.15
CA ILE F 88 -6.39 25.39 -12.69
C ILE F 88 -7.40 26.33 -12.08
N PRO F 89 -7.82 26.04 -10.83
CA PRO F 89 -8.71 26.97 -10.13
C PRO F 89 -8.07 28.35 -10.06
N VAL F 90 -8.91 29.36 -10.14
CA VAL F 90 -8.50 30.74 -9.93
C VAL F 90 -9.66 31.43 -9.25
N GLY F 91 -9.35 32.49 -8.49
CA GLY F 91 -10.38 33.28 -7.84
C GLY F 91 -10.27 33.25 -6.34
N PRO F 92 -11.31 33.72 -5.64
CA PRO F 92 -11.27 33.91 -4.19
C PRO F 92 -11.01 32.65 -3.34
N GLU F 93 -11.45 31.48 -3.80
CA GLU F 93 -11.24 30.29 -2.96
C GLU F 93 -9.88 29.59 -3.14
N THR F 94 -8.96 30.22 -3.87
CA THR F 94 -7.55 29.73 -3.88
C THR F 94 -6.82 30.23 -2.65
N LEU F 95 -7.33 31.32 -2.08
CA LEU F 95 -6.82 31.93 -0.85
C LEU F 95 -6.90 31.01 0.37
N GLY F 96 -5.76 30.76 1.01
CA GLY F 96 -5.70 29.88 2.18
C GLY F 96 -5.41 28.43 1.84
N ARG F 97 -5.48 28.13 0.55
CA ARG F 97 -5.28 26.77 0.05
C ARG F 97 -3.89 26.62 -0.50
N ILE F 98 -3.39 25.39 -0.50
CA ILE F 98 -2.18 25.07 -1.23
C ILE F 98 -2.58 24.17 -2.40
N MET F 99 -2.20 24.57 -3.61
CA MET F 99 -2.43 23.74 -4.79
C MET F 99 -1.11 23.33 -5.44
N ASN F 100 -1.14 22.28 -6.24
CA ASN F 100 0.07 21.91 -6.98
C ASN F 100 0.13 22.54 -8.36
N VAL F 101 1.10 22.11 -9.16
CA VAL F 101 1.23 22.60 -10.52
C VAL F 101 -0.05 22.46 -11.34
N ILE F 102 -0.81 21.38 -11.15
CA ILE F 102 -2.06 21.17 -11.92
C ILE F 102 -3.33 21.55 -11.17
N GLY F 103 -3.20 22.40 -10.16
CA GLY F 103 -4.37 22.96 -9.47
C GLY F 103 -5.06 22.07 -8.47
N GLU F 104 -4.57 20.85 -8.29
CA GLU F 104 -5.14 19.93 -7.31
C GLU F 104 -4.94 20.46 -5.91
N PRO F 105 -5.90 20.22 -5.01
CA PRO F 105 -5.61 20.65 -3.64
C PRO F 105 -4.53 19.73 -3.07
N ILE F 106 -3.58 20.30 -2.33
CA ILE F 106 -2.57 19.49 -1.64
C ILE F 106 -2.51 19.79 -0.14
N ASP F 107 -3.58 20.37 0.41
CA ASP F 107 -3.61 20.60 1.87
C ASP F 107 -4.55 19.69 2.66
N GLU F 108 -5.13 18.71 1.95
CA GLU F 108 -6.10 17.76 2.50
C GLU F 108 -7.35 18.45 3.10
N ARG F 109 -7.80 19.52 2.47
CA ARG F 109 -8.98 20.24 2.94
C ARG F 109 -10.13 20.18 1.91
N GLY F 110 -9.98 19.27 0.94
CA GLY F 110 -11.05 18.87 0.02
C GLY F 110 -10.98 19.53 -1.36
N PRO F 111 -12.08 19.42 -2.13
CA PRO F 111 -12.20 20.15 -3.39
C PRO F 111 -11.92 21.64 -3.24
N ILE F 112 -11.36 22.25 -4.28
CA ILE F 112 -11.33 23.71 -4.38
C ILE F 112 -12.43 24.07 -5.38
N LYS F 113 -13.48 24.72 -4.89
CA LYS F 113 -14.65 24.98 -5.72
C LYS F 113 -14.83 26.44 -6.15
N THR F 114 -14.06 26.82 -7.18
CA THR F 114 -14.16 28.13 -7.83
C THR F 114 -15.16 28.11 -8.97
N LYS F 115 -15.63 29.31 -9.30
CA LYS F 115 -16.48 29.50 -10.46
C LYS F 115 -15.61 29.51 -11.71
N GLN F 116 -14.50 30.23 -11.65
CA GLN F 116 -13.59 30.34 -12.78
C GLN F 116 -12.51 29.28 -12.79
N PHE F 117 -12.03 28.99 -13.99
CA PHE F 117 -10.76 28.31 -14.16
C PHE F 117 -9.90 29.09 -15.14
N ALA F 118 -8.58 28.95 -15.06
CA ALA F 118 -7.71 29.59 -16.04
C ALA F 118 -6.71 28.60 -16.59
N ALA F 119 -6.24 28.85 -17.81
CA ALA F 119 -5.18 28.09 -18.42
C ALA F 119 -3.88 28.66 -17.87
N ILE F 120 -2.91 27.81 -17.58
CA ILE F 120 -1.62 28.27 -17.07
C ILE F 120 -0.79 28.94 -18.17
N HIS F 121 -1.09 28.64 -19.44
CA HIS F 121 -0.44 29.31 -20.55
C HIS F 121 -1.29 30.44 -21.10
N ALA F 122 -0.77 31.66 -21.02
CA ALA F 122 -1.41 32.80 -21.64
C ALA F 122 -0.33 33.60 -22.40
N GLU F 123 -0.74 34.47 -23.30
CA GLU F 123 0.22 35.38 -23.91
C GLU F 123 0.47 36.57 -22.99
N ALA F 124 1.60 37.25 -23.15
CA ALA F 124 1.99 38.31 -22.23
C ALA F 124 1.22 39.60 -22.51
N PRO F 125 0.91 40.39 -21.46
CA PRO F 125 0.23 41.65 -21.72
C PRO F 125 0.87 42.40 -22.87
N GLU F 126 0.03 43.06 -23.67
CA GLU F 126 0.48 43.74 -24.89
C GLU F 126 1.21 45.01 -24.52
N PHE F 127 1.86 45.62 -25.51
CA PHE F 127 2.63 46.83 -25.26
C PHE F 127 1.74 47.95 -24.75
N VAL F 128 0.51 48.05 -25.27
CA VAL F 128 -0.40 49.12 -24.84
C VAL F 128 -0.91 48.94 -23.41
N GLU F 129 -0.73 47.74 -22.85
CA GLU F 129 -1.22 47.43 -21.51
C GLU F 129 -0.24 47.78 -20.40
N MET F 130 0.95 48.28 -20.78
CA MET F 130 1.95 48.66 -19.79
C MET F 130 1.64 49.92 -18.97
N SER F 131 2.05 49.92 -17.72
CA SER F 131 1.95 51.09 -16.89
C SER F 131 3.30 51.78 -16.82
N VAL F 132 3.27 53.10 -16.65
CA VAL F 132 4.50 53.90 -16.69
C VAL F 132 4.84 54.51 -15.33
N GLU F 133 4.06 54.17 -14.32
CA GLU F 133 4.16 54.83 -13.02
C GLU F 133 5.20 54.19 -12.11
N GLN F 134 6.08 55.03 -11.57
CA GLN F 134 7.16 54.56 -10.71
C GLN F 134 7.08 55.24 -9.37
N GLU F 135 6.77 54.44 -8.36
CA GLU F 135 6.59 54.94 -7.01
C GLU F 135 7.39 54.05 -6.08
N ILE F 136 8.20 54.68 -5.24
CA ILE F 136 9.08 53.95 -4.32
C ILE F 136 8.30 53.09 -3.35
N LEU F 137 8.83 51.89 -3.09
CA LEU F 137 8.27 51.05 -2.04
C LEU F 137 9.33 50.91 -0.95
N VAL F 138 9.06 51.55 0.19
CA VAL F 138 9.98 51.52 1.32
C VAL F 138 9.87 50.18 2.08
N THR F 139 10.99 49.46 2.18
CA THR F 139 11.02 48.14 2.82
C THR F 139 11.43 48.14 4.30
N GLY F 140 12.01 49.24 4.76
CA GLY F 140 12.60 49.29 6.11
C GLY F 140 14.00 48.70 6.22
N ILE F 141 14.47 48.08 5.13
CA ILE F 141 15.85 47.57 5.07
C ILE F 141 16.78 48.68 4.53
N LYS F 142 17.74 49.10 5.36
CA LYS F 142 18.66 50.19 5.01
C LYS F 142 19.35 50.06 3.66
N VAL F 143 19.99 48.92 3.41
CA VAL F 143 20.82 48.77 2.20
C VAL F 143 19.99 48.94 0.95
N VAL F 144 18.82 48.29 0.94
CA VAL F 144 17.89 48.30 -0.18
C VAL F 144 17.32 49.70 -0.38
N ASP F 145 16.66 50.24 0.64
CA ASP F 145 15.97 51.54 0.54
C ASP F 145 16.93 52.67 0.18
N LEU F 146 18.21 52.50 0.51
CA LEU F 146 19.21 53.50 0.21
C LEU F 146 19.74 53.41 -1.22
N LEU F 147 20.41 52.29 -1.53
CA LEU F 147 21.17 52.17 -2.76
C LEU F 147 20.39 51.72 -3.99
N ALA F 148 19.40 50.86 -3.78
CA ALA F 148 18.64 50.26 -4.88
C ALA F 148 17.21 49.95 -4.44
N PRO F 149 16.42 51.01 -4.15
CA PRO F 149 15.06 50.88 -3.60
C PRO F 149 14.07 50.19 -4.54
N TYR F 150 13.09 49.49 -3.96
CA TYR F 150 12.06 48.78 -4.74
C TYR F 150 10.93 49.73 -5.14
N ALA F 151 10.09 49.29 -6.06
CA ALA F 151 9.02 50.13 -6.57
C ALA F 151 7.71 49.37 -6.56
N LYS F 152 6.66 50.02 -6.06
CA LYS F 152 5.30 49.50 -6.08
C LYS F 152 4.95 49.08 -7.49
N GLY F 153 4.58 47.82 -7.68
CA GLY F 153 4.20 47.29 -8.99
C GLY F 153 5.39 46.93 -9.84
N GLY F 154 6.56 46.87 -9.24
CA GLY F 154 7.80 46.68 -9.97
C GLY F 154 8.26 45.24 -9.93
N LYS F 155 9.37 44.98 -10.60
CA LYS F 155 9.94 43.63 -10.59
C LYS F 155 11.24 43.64 -9.81
N ILE F 156 11.19 42.93 -8.67
CA ILE F 156 12.29 42.84 -7.73
C ILE F 156 12.91 41.48 -7.90
N GLY F 157 14.24 41.39 -7.86
CA GLY F 157 14.96 40.14 -8.06
C GLY F 157 16.00 40.00 -6.97
N LEU F 158 16.02 38.84 -6.32
CA LEU F 158 16.93 38.57 -5.22
C LEU F 158 17.96 37.50 -5.61
N PHE F 159 19.12 37.96 -6.06
CA PHE F 159 20.19 37.07 -6.48
C PHE F 159 20.99 36.58 -5.30
N GLY F 160 21.39 35.31 -5.34
CA GLY F 160 22.30 34.80 -4.31
C GLY F 160 22.71 33.38 -4.53
N GLY F 161 23.96 33.08 -4.18
CA GLY F 161 24.48 31.73 -4.20
C GLY F 161 23.89 30.87 -3.09
N ALA F 162 24.25 29.60 -3.08
CA ALA F 162 23.80 28.65 -2.05
C ALA F 162 24.07 29.15 -0.64
N GLY F 163 23.02 29.39 0.12
CA GLY F 163 23.15 29.66 1.55
C GLY F 163 23.55 31.07 1.96
N VAL F 164 23.38 32.04 1.07
CA VAL F 164 23.87 33.38 1.36
C VAL F 164 22.79 34.32 1.90
N GLY F 165 21.52 33.96 1.78
CA GLY F 165 20.45 34.72 2.41
C GLY F 165 19.23 35.09 1.59
N LYS F 166 18.99 34.36 0.50
CA LYS F 166 17.90 34.68 -0.43
C LYS F 166 16.55 34.57 0.24
N THR F 167 16.37 33.46 0.94
CA THR F 167 15.08 33.09 1.52
C THR F 167 14.80 33.83 2.81
N VAL F 168 15.85 34.15 3.56
CA VAL F 168 15.68 34.99 4.74
C VAL F 168 15.21 36.37 4.29
N LEU F 169 15.87 36.94 3.27
CA LEU F 169 15.52 38.27 2.78
C LEU F 169 14.06 38.33 2.29
N ILE F 170 13.63 37.33 1.52
CA ILE F 170 12.22 37.26 1.07
C ILE F 170 11.22 37.12 2.22
N MET F 171 11.50 36.22 3.16
CA MET F 171 10.64 36.09 4.33
C MET F 171 10.60 37.40 5.09
N GLU F 172 11.76 38.04 5.27
CA GLU F 172 11.78 39.33 5.94
C GLU F 172 10.88 40.33 5.22
N LEU F 173 10.99 40.37 3.88
CA LEU F 173 10.17 41.28 3.08
C LEU F 173 8.68 41.00 3.25
N ILE F 174 8.31 39.72 3.28
CA ILE F 174 6.90 39.34 3.52
C ILE F 174 6.40 39.88 4.85
N ASN F 175 7.19 39.72 5.91
CA ASN F 175 6.93 40.37 7.18
C ASN F 175 6.78 41.91 7.03
N ASN F 176 7.80 42.54 6.45
CA ASN F 176 7.90 44.02 6.42
C ASN F 176 6.99 44.76 5.42
N VAL F 177 6.49 44.06 4.39
CA VAL F 177 5.74 44.70 3.31
C VAL F 177 4.31 44.16 3.18
N ALA F 178 4.18 42.84 3.22
CA ALA F 178 2.88 42.18 3.02
C ALA F 178 1.85 42.53 4.10
N LYS F 179 2.15 42.22 5.36
CA LYS F 179 1.24 42.47 6.50
C LYS F 179 0.47 43.80 6.36
N ALA F 180 1.20 44.89 6.18
CA ALA F 180 0.62 46.22 6.03
C ALA F 180 0.34 46.54 4.56
N HIS F 181 -0.49 45.69 3.95
CA HIS F 181 -0.90 45.84 2.55
C HIS F 181 -2.26 45.20 2.35
N GLY F 182 -3.27 46.04 2.11
CA GLY F 182 -4.65 45.59 1.92
C GLY F 182 -4.87 45.10 0.50
N GLY F 183 -4.36 43.91 0.22
CA GLY F 183 -4.59 43.24 -1.06
C GLY F 183 -4.42 41.74 -0.87
N TYR F 184 -4.23 41.02 -1.97
CA TYR F 184 -3.95 39.60 -1.87
C TYR F 184 -2.50 39.32 -2.23
N SER F 185 -2.01 38.15 -1.81
CA SER F 185 -0.65 37.73 -2.07
C SER F 185 -0.63 36.32 -2.63
N VAL F 186 0.34 36.04 -3.49
CA VAL F 186 0.56 34.67 -3.95
C VAL F 186 2.02 34.32 -3.66
N PHE F 187 2.24 33.23 -2.94
CA PHE F 187 3.59 32.67 -2.80
C PHE F 187 3.71 31.39 -3.62
N ALA F 188 4.64 31.39 -4.58
CA ALA F 188 4.92 30.22 -5.41
C ALA F 188 6.26 29.62 -5.04
N GLY F 189 6.22 28.56 -4.24
CA GLY F 189 7.40 27.74 -3.93
C GLY F 189 7.75 26.97 -5.18
N VAL F 190 8.89 27.30 -5.78
CA VAL F 190 9.31 26.70 -7.04
C VAL F 190 10.65 26.03 -6.86
N GLY F 191 10.63 24.70 -6.88
CA GLY F 191 11.85 23.90 -6.81
C GLY F 191 12.68 24.11 -5.55
N GLU F 192 12.05 24.57 -4.48
CA GLU F 192 12.77 24.72 -3.24
C GLU F 192 12.43 23.65 -2.23
N ARG F 193 12.63 23.97 -0.95
CA ARG F 193 12.47 22.99 0.14
C ARG F 193 10.99 22.79 0.49
N THR F 194 10.63 21.54 0.74
CA THR F 194 9.29 21.24 1.19
C THR F 194 9.09 21.67 2.64
N ARG F 195 10.05 21.39 3.50
CA ARG F 195 9.93 21.79 4.91
C ARG F 195 9.85 23.32 5.05
N GLU F 196 10.28 24.04 4.03
CA GLU F 196 10.14 25.50 4.04
C GLU F 196 8.72 25.87 3.74
N GLY F 197 8.10 25.14 2.82
CA GLY F 197 6.66 25.21 2.61
C GLY F 197 5.94 24.98 3.93
N ASN F 198 6.26 23.87 4.60
CA ASN F 198 5.66 23.56 5.88
C ASN F 198 5.87 24.66 6.92
N ASP F 199 7.03 25.28 6.90
CA ASP F 199 7.30 26.43 7.74
C ASP F 199 6.40 27.59 7.36
N LEU F 200 6.35 27.91 6.08
CA LEU F 200 5.67 29.10 5.62
C LEU F 200 4.17 29.01 5.90
N TYR F 201 3.61 27.82 5.70
CA TYR F 201 2.18 27.54 5.86
C TYR F 201 1.68 27.72 7.29
N HIS F 202 2.39 27.11 8.24
CA HIS F 202 2.03 27.22 9.65
C HIS F 202 2.31 28.60 10.23
N GLU F 203 3.35 29.26 9.73
CA GLU F 203 3.70 30.60 10.18
C GLU F 203 2.55 31.54 9.84
N MET F 204 1.98 31.35 8.66
CA MET F 204 0.86 32.15 8.21
C MET F 204 -0.42 31.86 9.00
N ILE F 205 -0.62 30.59 9.36
CA ILE F 205 -1.71 30.19 10.26
C ILE F 205 -1.53 30.82 11.64
N GLU F 206 -0.30 30.77 12.14
CA GLU F 206 0.06 31.36 13.44
C GLU F 206 -0.21 32.86 13.45
N SER F 207 0.07 33.53 12.33
CA SER F 207 -0.14 34.97 12.21
C SER F 207 -1.54 35.31 11.69
N GLY F 208 -2.27 34.28 11.26
CA GLY F 208 -3.64 34.45 10.82
C GLY F 208 -3.81 35.09 9.45
N VAL F 209 -2.73 35.27 8.69
CA VAL F 209 -2.86 35.76 7.31
C VAL F 209 -3.46 34.63 6.46
N ILE F 210 -3.37 33.42 6.99
CA ILE F 210 -4.15 32.31 6.55
C ILE F 210 -5.05 31.95 7.72
N ASN F 211 -6.35 31.89 7.48
CA ASN F 211 -7.31 31.44 8.47
C ASN F 211 -7.99 30.16 7.98
N LEU F 212 -8.00 29.13 8.83
CA LEU F 212 -8.50 27.81 8.42
C LEU F 212 -10.02 27.64 8.55
N LYS F 213 -10.69 28.68 9.06
CA LYS F 213 -12.10 28.58 9.39
C LYS F 213 -12.89 29.82 8.91
N ASP F 214 -12.18 30.93 8.73
CA ASP F 214 -12.74 32.15 8.17
C ASP F 214 -12.70 32.10 6.66
N ALA F 215 -13.13 33.20 6.06
CA ALA F 215 -12.86 33.48 4.66
C ALA F 215 -11.78 34.56 4.54
N THR F 216 -11.15 34.89 5.67
CA THR F 216 -10.24 36.05 5.76
C THR F 216 -8.82 35.82 5.24
N SER F 217 -8.58 34.69 4.59
CA SER F 217 -7.26 34.38 4.05
C SER F 217 -6.83 35.40 3.00
N LYS F 218 -5.54 35.77 3.02
CA LYS F 218 -5.01 36.81 2.15
C LYS F 218 -3.91 36.32 1.19
N VAL F 219 -3.33 35.15 1.46
CA VAL F 219 -2.32 34.53 0.56
C VAL F 219 -2.86 33.24 -0.07
N ALA F 220 -2.50 33.01 -1.34
CA ALA F 220 -2.76 31.72 -2.00
C ALA F 220 -1.41 31.02 -2.17
N LEU F 221 -1.35 29.73 -1.87
CA LEU F 221 -0.09 28.98 -2.00
C LEU F 221 -0.09 28.00 -3.16
N VAL F 222 0.99 28.06 -3.93
CA VAL F 222 1.26 27.16 -5.05
C VAL F 222 2.68 26.60 -4.82
N TYR F 223 2.82 25.28 -4.83
CA TYR F 223 4.11 24.64 -4.53
C TYR F 223 4.38 23.48 -5.48
N GLY F 224 5.61 23.48 -6.01
CA GLY F 224 6.19 22.34 -6.69
C GLY F 224 7.67 22.30 -6.37
N GLN F 225 8.00 21.73 -5.21
CA GLN F 225 9.34 21.74 -4.63
C GLN F 225 10.34 20.74 -5.25
N MET F 226 11.53 20.60 -4.65
CA MET F 226 12.64 19.78 -5.21
C MET F 226 12.49 18.27 -5.06
N ASN F 227 11.29 17.83 -4.71
CA ASN F 227 10.93 16.42 -4.73
C ASN F 227 10.17 16.09 -6.02
N GLU F 228 9.67 17.12 -6.70
CA GLU F 228 8.91 16.94 -7.94
C GLU F 228 9.85 16.67 -9.13
N PRO F 229 9.33 15.94 -10.15
CA PRO F 229 10.11 15.77 -11.35
C PRO F 229 10.16 17.06 -12.19
N PRO F 230 11.01 17.09 -13.24
CA PRO F 230 11.36 18.38 -13.86
C PRO F 230 10.20 19.14 -14.51
N GLY F 231 9.30 18.44 -15.19
CA GLY F 231 8.09 19.05 -15.77
C GLY F 231 7.30 19.90 -14.78
N ALA F 232 7.17 19.39 -13.56
CA ALA F 232 6.37 19.99 -12.51
C ALA F 232 7.02 21.29 -12.07
N ARG F 233 8.33 21.23 -11.80
CA ARG F 233 9.14 22.41 -11.47
C ARG F 233 9.21 23.36 -12.66
N ALA F 234 9.13 22.80 -13.87
CA ALA F 234 9.22 23.60 -15.08
C ALA F 234 7.95 24.40 -15.30
N ARG F 235 6.86 23.96 -14.67
CA ARG F 235 5.57 24.61 -14.84
C ARG F 235 4.98 25.30 -13.60
N VAL F 236 5.40 24.88 -12.39
CA VAL F 236 4.84 25.50 -11.16
C VAL F 236 4.77 27.01 -11.16
N ALA F 237 5.82 27.64 -11.71
CA ALA F 237 5.85 29.09 -11.84
C ALA F 237 4.63 29.63 -12.60
N LEU F 238 4.21 28.88 -13.63
CA LEU F 238 3.11 29.30 -14.49
C LEU F 238 1.80 29.23 -13.72
N THR F 239 1.60 28.11 -13.04
CA THR F 239 0.52 27.96 -12.07
C THR F 239 0.51 29.16 -11.11
N GLY F 240 1.56 29.30 -10.30
CA GLY F 240 1.62 30.33 -9.27
C GLY F 240 1.29 31.69 -9.85
N LEU F 241 1.95 31.96 -10.96
CA LEU F 241 1.81 33.18 -11.76
C LEU F 241 0.35 33.39 -12.14
N THR F 242 -0.25 32.36 -12.74
CA THR F 242 -1.62 32.41 -13.23
C THR F 242 -2.61 32.85 -12.18
N VAL F 243 -2.55 32.24 -11.00
CA VAL F 243 -3.30 32.65 -9.83
C VAL F 243 -3.11 34.15 -9.57
N ALA F 244 -1.89 34.65 -9.72
CA ALA F 244 -1.64 36.09 -9.53
C ALA F 244 -2.29 36.91 -10.61
N GLU F 245 -2.39 36.38 -11.83
CA GLU F 245 -2.96 37.15 -12.93
C GLU F 245 -4.42 37.44 -12.65
N TYR F 246 -5.19 36.37 -12.35
CA TYR F 246 -6.60 36.52 -11.98
C TYR F 246 -6.81 37.71 -11.03
N PHE F 247 -6.13 37.70 -9.88
CA PHE F 247 -6.32 38.75 -8.88
C PHE F 247 -5.98 40.15 -9.38
N ARG F 248 -5.02 40.26 -10.30
CA ARG F 248 -4.62 41.54 -10.88
C ARG F 248 -5.68 42.05 -11.83
N ASP F 249 -6.15 41.17 -12.72
CA ASP F 249 -7.09 41.50 -13.78
C ASP F 249 -8.58 41.51 -13.36
N GLN F 250 -9.07 40.38 -12.82
CA GLN F 250 -10.49 40.21 -12.48
C GLN F 250 -10.89 40.83 -11.13
N GLU F 251 -10.12 41.84 -10.72
CA GLU F 251 -10.42 42.66 -9.53
C GLU F 251 -9.80 44.07 -9.68
N GLY F 252 -8.71 44.16 -10.44
CA GLY F 252 -7.97 45.41 -10.62
C GLY F 252 -7.03 45.72 -9.48
N GLN F 253 -6.85 44.76 -8.58
CA GLN F 253 -6.32 44.99 -7.23
C GLN F 253 -4.80 45.07 -7.12
N ASP F 254 -4.31 45.28 -5.90
CA ASP F 254 -2.87 45.28 -5.64
C ASP F 254 -2.42 43.90 -5.17
N VAL F 255 -1.70 43.22 -6.05
CA VAL F 255 -1.25 41.86 -5.79
C VAL F 255 0.25 41.82 -5.50
N LEU F 256 0.62 41.08 -4.46
CA LEU F 256 2.02 40.77 -4.21
C LEU F 256 2.29 39.33 -4.62
N LEU F 257 3.44 39.13 -5.28
CA LEU F 257 3.86 37.80 -5.71
C LEU F 257 5.30 37.51 -5.33
N PHE F 258 5.46 36.51 -4.46
CA PHE F 258 6.76 36.07 -4.03
C PHE F 258 7.01 34.72 -4.64
N ILE F 259 8.13 34.59 -5.34
CA ILE F 259 8.55 33.30 -5.85
C ILE F 259 9.88 32.92 -5.22
N ASP F 260 9.97 31.70 -4.70
CA ASP F 260 11.25 31.12 -4.29
C ASP F 260 11.21 29.65 -4.67
N ASN F 261 11.94 29.28 -5.73
CA ASN F 261 12.98 30.10 -6.37
C ASN F 261 12.89 30.01 -7.92
N ILE F 262 12.96 31.15 -8.61
CA ILE F 262 12.65 31.16 -10.05
C ILE F 262 13.71 30.48 -10.91
N PHE F 263 14.93 30.40 -10.40
CA PHE F 263 16.04 29.77 -11.11
C PHE F 263 15.63 28.36 -11.41
N ARG F 264 15.12 27.70 -10.38
CA ARG F 264 14.59 26.35 -10.49
C ARG F 264 13.72 26.08 -11.75
N PHE F 265 13.02 27.10 -12.27
CA PHE F 265 12.27 26.98 -13.53
C PHE F 265 13.18 26.74 -14.74
N THR F 266 14.31 27.43 -14.78
CA THR F 266 15.24 27.29 -15.90
C THR F 266 16.02 25.97 -15.81
N GLN F 267 16.47 25.65 -14.59
CA GLN F 267 17.10 24.37 -14.29
C GLN F 267 16.19 23.21 -14.66
N ALA F 268 14.95 23.27 -14.19
CA ALA F 268 13.97 22.29 -14.59
C ALA F 268 13.91 22.20 -16.12
N GLY F 269 13.68 23.35 -16.78
CA GLY F 269 13.83 23.51 -18.21
C GLY F 269 15.03 22.80 -18.81
N SER F 270 16.20 22.98 -18.19
CA SER F 270 17.43 22.31 -18.59
C SER F 270 17.32 20.78 -18.60
N GLU F 271 16.67 20.23 -17.58
CA GLU F 271 16.51 18.77 -17.41
C GLU F 271 15.65 18.07 -18.47
N VAL F 272 14.65 18.75 -19.03
CA VAL F 272 13.79 18.11 -20.04
C VAL F 272 14.35 18.32 -21.44
N SER F 273 15.19 19.35 -21.60
CA SER F 273 15.68 19.74 -22.94
C SER F 273 16.60 18.71 -23.59
N ALA F 274 17.37 18.03 -22.75
CA ALA F 274 18.15 16.91 -23.20
C ALA F 274 17.20 15.83 -23.76
N LEU F 275 16.21 15.46 -22.94
CA LEU F 275 15.26 14.41 -23.30
C LEU F 275 14.43 14.78 -24.55
N LEU F 276 13.98 16.04 -24.62
CA LEU F 276 13.27 16.53 -25.80
C LEU F 276 14.12 16.53 -27.08
N GLY F 277 15.40 16.19 -26.95
CA GLY F 277 16.30 16.05 -28.09
C GLY F 277 16.62 17.34 -28.83
N ARG F 278 16.82 18.42 -28.06
CA ARG F 278 17.36 19.70 -28.56
C ARG F 278 18.87 19.63 -28.60
N ILE F 279 19.52 20.37 -29.51
CA ILE F 279 20.98 20.54 -29.41
C ILE F 279 21.21 21.57 -28.31
N PRO F 280 22.05 21.25 -27.32
CA PRO F 280 22.23 22.15 -26.17
C PRO F 280 22.90 23.40 -26.59
N SER F 281 22.73 24.43 -25.78
CA SER F 281 23.41 25.70 -25.92
C SER F 281 24.55 25.79 -24.89
N ALA F 282 24.94 27.01 -24.53
CA ALA F 282 26.02 27.28 -23.55
C ALA F 282 25.87 26.63 -22.15
N VAL F 283 26.96 26.00 -21.69
CA VAL F 283 27.04 25.40 -20.35
C VAL F 283 25.98 24.28 -20.16
N GLY F 284 25.56 23.65 -21.25
CA GLY F 284 24.61 22.53 -21.19
C GLY F 284 23.14 22.92 -21.23
N TYR F 285 22.87 24.23 -21.17
CA TYR F 285 21.52 24.72 -21.01
C TYR F 285 20.69 24.55 -22.27
N GLN F 286 19.38 24.75 -22.11
CA GLN F 286 18.44 24.64 -23.21
C GLN F 286 18.62 25.82 -24.16
N PRO F 287 18.64 25.56 -25.47
CA PRO F 287 18.88 26.72 -26.32
C PRO F 287 17.68 27.67 -26.38
N THR F 288 16.57 27.28 -25.75
CA THR F 288 15.39 28.12 -25.63
C THR F 288 15.40 28.89 -24.30
N LEU F 289 16.53 28.89 -23.59
CA LEU F 289 16.60 29.50 -22.25
C LEU F 289 15.96 30.90 -22.19
N ALA F 290 16.38 31.74 -23.14
CA ALA F 290 16.02 33.16 -23.19
C ALA F 290 14.53 33.39 -23.41
N THR F 291 14.01 32.82 -24.50
CA THR F 291 12.59 32.94 -24.83
C THR F 291 11.65 32.22 -23.84
N ASP F 292 11.97 30.99 -23.44
CA ASP F 292 11.27 30.34 -22.33
C ASP F 292 11.04 31.31 -21.19
N MET F 293 12.14 31.87 -20.68
CA MET F 293 12.10 32.79 -19.54
C MET F 293 11.33 34.07 -19.87
N GLY F 294 11.55 34.59 -21.07
CA GLY F 294 10.86 35.79 -21.53
C GLY F 294 9.35 35.61 -21.56
N THR F 295 8.87 34.49 -22.12
CA THR F 295 7.42 34.29 -22.23
C THR F 295 6.83 34.19 -20.83
N MET F 296 7.59 33.61 -19.92
CA MET F 296 7.13 33.48 -18.54
C MET F 296 7.28 34.80 -17.76
N GLN F 297 8.44 35.45 -17.86
CA GLN F 297 8.66 36.68 -17.07
C GLN F 297 7.70 37.83 -17.46
N GLU F 298 7.49 38.01 -18.76
CA GLU F 298 6.65 39.10 -19.28
C GLU F 298 5.22 39.01 -18.75
N ARG F 299 4.87 37.85 -18.22
CA ARG F 299 3.54 37.71 -17.63
C ARG F 299 3.51 38.23 -16.19
N ILE F 300 4.69 38.36 -15.59
CA ILE F 300 4.82 38.75 -14.19
C ILE F 300 4.97 40.27 -14.12
N THR F 301 3.85 40.99 -14.27
CA THR F 301 3.92 42.43 -14.56
C THR F 301 2.70 43.23 -14.11
N THR F 302 2.94 44.51 -13.77
CA THR F 302 1.91 45.51 -13.57
C THR F 302 1.35 45.86 -14.94
N THR F 303 0.02 46.00 -15.03
CA THR F 303 -0.63 46.47 -16.26
C THR F 303 -1.53 47.67 -15.97
N LYS F 304 -2.10 48.28 -17.00
CA LYS F 304 -3.02 49.39 -16.77
C LYS F 304 -4.19 48.94 -15.89
N LYS F 305 -4.44 47.63 -15.89
CA LYS F 305 -5.61 47.03 -15.25
C LYS F 305 -5.41 46.74 -13.76
N GLY F 306 -4.16 46.78 -13.31
CA GLY F 306 -3.84 46.41 -11.93
C GLY F 306 -2.37 46.12 -11.72
N SER F 307 -1.93 46.34 -10.49
CA SER F 307 -0.52 46.27 -10.13
C SER F 307 -0.12 44.93 -9.49
N ILE F 308 1.02 44.39 -9.92
CA ILE F 308 1.67 43.26 -9.24
C ILE F 308 3.07 43.69 -8.78
N THR F 309 3.32 43.54 -7.48
CA THR F 309 4.63 43.79 -6.97
C THR F 309 5.28 42.43 -6.79
N SER F 310 6.25 42.11 -7.66
CA SER F 310 6.87 40.78 -7.62
C SER F 310 8.27 40.74 -7.01
N VAL F 311 8.45 39.82 -6.06
CA VAL F 311 9.74 39.60 -5.41
C VAL F 311 10.13 38.15 -5.63
N GLN F 312 11.07 37.94 -6.54
CA GLN F 312 11.49 36.60 -6.92
C GLN F 312 12.90 36.33 -6.44
N ALA F 313 13.07 35.23 -5.71
CA ALA F 313 14.40 34.74 -5.32
C ALA F 313 15.07 34.08 -6.54
N ILE F 314 16.32 34.44 -6.81
CA ILE F 314 17.02 33.96 -8.00
C ILE F 314 18.35 33.35 -7.61
N TYR F 315 18.45 32.02 -7.73
CA TYR F 315 19.62 31.26 -7.31
C TYR F 315 20.71 31.31 -8.37
N VAL F 316 21.94 31.43 -7.90
CA VAL F 316 23.13 31.55 -8.73
C VAL F 316 23.94 30.25 -8.64
N PRO F 317 23.97 29.46 -9.72
CA PRO F 317 24.71 28.20 -9.61
C PRO F 317 26.19 28.48 -9.57
N ALA F 318 26.89 27.87 -8.61
CA ALA F 318 28.35 27.93 -8.50
C ALA F 318 28.89 29.36 -8.25
N ASP F 319 28.02 30.21 -7.67
CA ASP F 319 28.32 31.62 -7.42
C ASP F 319 28.64 32.42 -8.70
N ASP F 320 28.37 31.83 -9.87
CA ASP F 320 28.67 32.47 -11.14
C ASP F 320 27.50 33.30 -11.68
N LEU F 321 27.55 34.61 -11.50
CA LEU F 321 26.53 35.51 -12.04
C LEU F 321 26.72 35.72 -13.55
N THR F 322 27.71 35.06 -14.16
CA THR F 322 27.79 35.07 -15.62
C THR F 322 27.14 33.83 -16.25
N ASP F 323 26.61 32.94 -15.39
CA ASP F 323 25.88 31.74 -15.84
C ASP F 323 24.61 32.17 -16.57
N PRO F 324 24.33 31.56 -17.72
CA PRO F 324 23.12 31.86 -18.49
C PRO F 324 21.83 32.09 -17.68
N ALA F 325 21.60 31.32 -16.61
CA ALA F 325 20.32 31.44 -15.90
C ALA F 325 20.18 32.82 -15.28
N PRO F 326 21.05 33.17 -14.31
CA PRO F 326 20.93 34.52 -13.76
C PRO F 326 21.26 35.62 -14.76
N ALA F 327 22.23 35.39 -15.65
CA ALA F 327 22.68 36.47 -16.55
C ALA F 327 21.48 36.94 -17.35
N THR F 328 20.69 35.99 -17.84
CA THR F 328 19.51 36.30 -18.62
C THR F 328 18.39 36.91 -17.79
N THR F 329 18.39 36.63 -16.49
CA THR F 329 17.37 37.14 -15.58
C THR F 329 17.45 38.66 -15.35
N PHE F 330 18.68 39.21 -15.28
CA PHE F 330 18.86 40.65 -14.93
C PHE F 330 17.95 41.64 -15.66
N ALA F 331 17.72 41.39 -16.94
CA ALA F 331 17.03 42.35 -17.79
C ALA F 331 15.53 42.31 -17.60
N HIS F 332 15.06 41.43 -16.72
CA HIS F 332 13.64 41.33 -16.42
C HIS F 332 13.23 42.08 -15.15
N LEU F 333 14.20 42.73 -14.49
CA LEU F 333 13.95 43.30 -13.19
C LEU F 333 13.98 44.82 -13.15
N ASP F 334 13.20 45.41 -12.25
CA ASP F 334 13.23 46.85 -12.03
C ASP F 334 14.19 47.25 -10.93
N ALA F 335 14.46 46.31 -10.01
CA ALA F 335 15.44 46.47 -8.93
C ALA F 335 16.13 45.14 -8.65
N THR F 336 17.46 45.18 -8.51
CA THR F 336 18.20 43.97 -8.17
C THR F 336 18.80 44.07 -6.78
N THR F 337 18.90 42.94 -6.11
CA THR F 337 19.54 42.86 -4.82
C THR F 337 20.46 41.67 -4.94
N VAL F 338 21.72 41.93 -5.25
CA VAL F 338 22.70 40.88 -5.44
C VAL F 338 23.42 40.60 -4.13
N LEU F 339 23.23 39.40 -3.60
CA LEU F 339 23.85 38.93 -2.36
C LEU F 339 25.21 38.34 -2.68
N SER F 340 26.14 38.42 -1.73
CA SER F 340 27.54 38.06 -1.98
C SER F 340 28.06 37.14 -0.87
N ARG F 341 28.39 35.90 -1.25
CA ARG F 341 28.95 34.96 -0.30
C ARG F 341 30.04 35.65 0.54
N ALA F 342 31.04 36.23 -0.13
CA ALA F 342 32.15 36.88 0.55
C ALA F 342 31.71 37.85 1.65
N ILE F 343 30.64 38.58 1.37
CA ILE F 343 30.10 39.57 2.30
C ILE F 343 29.43 38.88 3.49
N ALA F 344 28.65 37.83 3.21
CA ALA F 344 28.00 37.05 4.26
C ALA F 344 29.02 36.41 5.18
N GLU F 345 30.15 35.99 4.61
CA GLU F 345 31.22 35.34 5.37
C GLU F 345 31.99 36.34 6.22
N LEU F 346 31.81 37.63 5.94
CA LEU F 346 32.35 38.68 6.81
C LEU F 346 31.37 39.06 7.91
N GLY F 347 30.17 38.48 7.90
CA GLY F 347 29.18 38.74 8.94
C GLY F 347 28.14 39.80 8.60
N ILE F 348 28.34 40.51 7.50
CA ILE F 348 27.37 41.53 7.06
C ILE F 348 26.12 40.86 6.51
N TYR F 349 25.01 41.08 7.22
CA TYR F 349 23.70 40.61 6.81
C TYR F 349 22.73 41.78 6.85
N PRO F 350 21.85 41.89 5.85
CA PRO F 350 21.78 41.04 4.67
C PRO F 350 23.05 41.26 3.83
N ALA F 351 23.50 40.19 3.20
CA ALA F 351 24.82 40.17 2.56
C ALA F 351 24.78 40.89 1.22
N VAL F 352 24.17 42.07 1.20
CA VAL F 352 23.97 42.82 -0.03
C VAL F 352 25.27 43.40 -0.57
N ASP F 353 25.53 43.16 -1.84
CA ASP F 353 26.59 43.84 -2.55
C ASP F 353 26.09 45.24 -2.90
N PRO F 354 26.70 46.28 -2.32
CA PRO F 354 26.20 47.65 -2.51
C PRO F 354 26.57 48.22 -3.88
N LEU F 355 27.58 47.62 -4.54
CA LEU F 355 28.02 48.06 -5.87
C LEU F 355 27.66 47.10 -6.99
N ASP F 356 26.62 46.31 -6.79
CA ASP F 356 26.13 45.40 -7.83
C ASP F 356 24.63 45.33 -7.83
N SER F 357 24.03 45.90 -6.79
CA SER F 357 22.60 46.08 -6.75
C SER F 357 22.30 47.43 -7.36
N THR F 358 21.27 47.44 -8.20
CA THR F 358 20.87 48.63 -8.94
C THR F 358 19.36 48.75 -8.85
N SER F 359 18.83 49.90 -9.22
CA SER F 359 17.39 50.15 -9.27
C SER F 359 17.06 51.23 -10.27
N ARG F 360 15.97 51.06 -10.97
CA ARG F 360 15.67 51.93 -12.09
C ARG F 360 15.03 53.23 -11.63
N ILE F 361 14.71 53.28 -10.34
CA ILE F 361 14.20 54.52 -9.73
C ILE F 361 15.29 55.24 -8.93
N MET F 362 16.54 54.79 -9.05
CA MET F 362 17.66 55.55 -8.52
C MET F 362 17.95 56.73 -9.45
N ASP F 363 17.16 57.78 -9.26
CA ASP F 363 17.11 58.95 -10.13
C ASP F 363 16.64 60.14 -9.28
N PRO F 364 17.37 61.29 -9.35
CA PRO F 364 17.11 62.44 -8.45
C PRO F 364 15.69 62.99 -8.55
N ASN F 365 15.04 62.79 -9.70
CA ASN F 365 13.71 63.30 -9.92
C ASN F 365 12.62 62.37 -9.38
N ILE F 366 12.99 61.20 -8.90
CA ILE F 366 12.02 60.23 -8.37
C ILE F 366 12.16 60.12 -6.86
N VAL F 367 13.41 59.99 -6.41
CA VAL F 367 13.70 59.82 -4.98
C VAL F 367 14.18 61.10 -4.28
N GLY F 368 14.31 62.19 -5.04
CA GLY F 368 14.77 63.45 -4.50
C GLY F 368 16.28 63.54 -4.48
N SER F 369 16.80 64.75 -4.68
CA SER F 369 18.24 64.95 -4.80
C SER F 369 19.01 64.53 -3.55
N GLU F 370 18.42 64.71 -2.37
CA GLU F 370 19.12 64.36 -1.13
C GLU F 370 19.46 62.87 -1.09
N HIS F 371 18.42 62.04 -1.21
CA HIS F 371 18.56 60.59 -1.31
C HIS F 371 19.61 60.19 -2.36
N TYR F 372 19.48 60.75 -3.56
CA TYR F 372 20.37 60.40 -4.66
C TYR F 372 21.82 60.75 -4.32
N ASP F 373 22.06 61.94 -3.78
CA ASP F 373 23.40 62.41 -3.44
C ASP F 373 24.09 61.54 -2.37
N VAL F 374 23.36 61.18 -1.31
CA VAL F 374 23.95 60.35 -0.25
C VAL F 374 24.31 58.97 -0.79
N ALA F 375 23.38 58.35 -1.53
CA ALA F 375 23.56 57.04 -2.14
C ALA F 375 24.82 57.02 -3.00
N ARG F 376 24.93 57.97 -3.91
CA ARG F 376 26.10 58.06 -4.79
C ARG F 376 27.39 58.29 -4.00
N GLY F 377 27.30 59.11 -2.95
CA GLY F 377 28.36 59.28 -1.99
C GLY F 377 28.74 57.99 -1.26
N VAL F 378 27.75 57.25 -0.75
CA VAL F 378 28.00 55.94 -0.10
C VAL F 378 28.70 54.97 -1.06
N GLN F 379 28.18 54.87 -2.28
CA GLN F 379 28.77 54.00 -3.28
C GLN F 379 30.10 54.53 -3.79
N LYS F 380 30.33 55.83 -3.73
CA LYS F 380 31.63 56.36 -4.16
C LYS F 380 32.72 55.91 -3.17
N ILE F 381 32.52 56.18 -1.89
CA ILE F 381 33.51 55.84 -0.87
C ILE F 381 33.73 54.33 -0.79
N LEU F 382 32.70 53.55 -1.10
CA LEU F 382 32.81 52.09 -1.09
C LEU F 382 33.65 51.57 -2.26
N GLN F 383 33.57 52.24 -3.41
CA GLN F 383 34.36 51.88 -4.58
C GLN F 383 35.84 52.33 -4.43
N ASP F 384 36.05 53.56 -3.99
CA ASP F 384 37.40 54.04 -3.68
C ASP F 384 38.12 53.11 -2.68
N TYR F 385 37.38 52.66 -1.67
CA TYR F 385 37.88 51.70 -0.68
C TYR F 385 38.19 50.35 -1.32
N LYS F 386 37.33 49.91 -2.23
CA LYS F 386 37.51 48.66 -2.95
C LYS F 386 38.77 48.70 -3.84
N SER F 387 39.05 49.89 -4.38
CA SER F 387 40.27 50.10 -5.18
C SER F 387 41.53 50.01 -4.33
N LEU F 388 41.41 50.42 -3.07
CA LEU F 388 42.54 50.45 -2.16
C LEU F 388 42.83 49.11 -1.50
N GLN F 389 41.99 48.12 -1.74
CA GLN F 389 42.09 46.88 -0.98
C GLN F 389 43.22 45.94 -1.38
N ASP F 390 43.74 46.10 -2.60
CA ASP F 390 44.92 45.35 -3.02
C ASP F 390 46.21 45.87 -2.41
N ILE F 391 46.37 47.19 -2.36
CA ILE F 391 47.49 47.80 -1.63
C ILE F 391 47.44 47.42 -0.15
N ILE F 392 46.22 47.32 0.38
CA ILE F 392 46.00 46.89 1.77
C ILE F 392 46.43 45.45 2.02
N ALA F 393 46.13 44.56 1.07
CA ALA F 393 46.29 43.11 1.27
C ALA F 393 47.73 42.66 1.25
N ILE F 394 48.59 43.48 0.66
CA ILE F 394 50.04 43.22 0.70
C ILE F 394 50.73 44.03 1.80
N LEU F 395 50.49 45.33 1.84
CA LEU F 395 51.21 46.23 2.75
C LEU F 395 50.40 46.71 3.96
N GLY F 396 49.09 46.53 3.91
CA GLY F 396 48.21 46.87 5.04
C GLY F 396 48.01 48.34 5.29
N MET F 397 47.15 48.62 6.27
CA MET F 397 46.75 49.97 6.69
C MET F 397 47.84 51.01 6.61
N ASP F 398 48.95 50.75 7.31
CA ASP F 398 50.02 51.73 7.54
C ASP F 398 50.57 52.49 6.33
N GLU F 399 50.67 51.81 5.19
CA GLU F 399 51.34 52.40 4.01
C GLU F 399 50.51 53.42 3.25
N LEU F 400 49.26 53.58 3.67
CA LEU F 400 48.36 54.54 3.06
C LEU F 400 48.59 55.95 3.56
N SER F 401 48.46 56.92 2.66
CA SER F 401 48.42 58.35 3.01
C SER F 401 47.32 58.59 4.05
N GLU F 402 47.39 59.72 4.75
CA GLU F 402 46.41 60.04 5.79
C GLU F 402 44.97 60.08 5.26
N GLU F 403 44.85 60.49 4.00
CA GLU F 403 43.57 60.61 3.29
C GLU F 403 42.90 59.25 3.04
N ASP F 404 43.68 58.31 2.51
CA ASP F 404 43.18 56.97 2.20
C ASP F 404 42.67 56.32 3.47
N LYS F 405 43.40 56.52 4.56
CA LYS F 405 43.01 55.97 5.87
C LYS F 405 41.62 56.42 6.27
N LEU F 406 41.24 57.62 5.82
CA LEU F 406 39.96 58.20 6.18
C LEU F 406 38.85 57.61 5.33
N THR F 407 39.15 57.40 4.05
CA THR F 407 38.19 56.75 3.14
C THR F 407 37.99 55.30 3.58
N VAL F 408 39.05 54.68 4.08
CA VAL F 408 39.00 53.33 4.65
C VAL F 408 38.10 53.28 5.90
N SER F 409 38.47 54.04 6.93
CA SER F 409 37.71 54.07 8.17
C SER F 409 36.22 54.34 7.94
N ARG F 410 35.92 55.34 7.12
CA ARG F 410 34.52 55.70 6.79
C ARG F 410 33.79 54.63 6.00
N ALA F 411 34.45 54.05 5.00
CA ALA F 411 33.83 52.98 4.22
C ALA F 411 33.49 51.82 5.11
N ARG F 412 34.44 51.42 5.96
CA ARG F 412 34.24 50.26 6.84
C ARG F 412 33.11 50.47 7.84
N LYS F 413 32.98 51.70 8.31
CA LYS F 413 31.85 52.04 9.16
C LYS F 413 30.54 52.01 8.35
N ILE F 414 30.63 52.41 7.10
CA ILE F 414 29.49 52.37 6.15
C ILE F 414 29.06 50.94 5.76
N GLN F 415 30.02 50.04 5.54
CA GLN F 415 29.71 48.63 5.29
C GLN F 415 28.96 48.02 6.46
N ARG F 416 29.41 48.33 7.66
CA ARG F 416 28.81 47.76 8.87
C ARG F 416 27.41 48.30 9.10
N PHE F 417 27.22 49.60 8.81
CA PHE F 417 25.92 50.21 9.05
C PHE F 417 24.88 49.84 7.99
N LEU F 418 25.34 49.15 6.95
CA LEU F 418 24.46 48.62 5.91
C LEU F 418 23.80 47.33 6.39
N SER F 419 24.44 46.69 7.35
CA SER F 419 23.92 45.46 7.94
C SER F 419 22.76 45.81 8.86
N GLN F 420 21.94 44.80 9.14
CA GLN F 420 20.70 44.98 9.88
C GLN F 420 20.30 43.64 10.45
N PRO F 421 19.85 43.62 11.72
CA PRO F 421 19.18 42.45 12.25
C PRO F 421 17.73 42.34 11.75
N PHE F 422 17.40 41.18 11.19
CA PHE F 422 16.06 40.86 10.72
C PHE F 422 15.27 40.11 11.79
N GLN F 423 13.99 40.47 11.92
CA GLN F 423 13.09 39.84 12.87
C GLN F 423 13.02 38.34 12.61
N VAL F 424 13.19 37.98 11.35
CA VAL F 424 13.16 36.59 10.91
C VAL F 424 14.48 35.86 11.19
N ALA F 425 15.54 36.59 11.55
CA ALA F 425 16.87 36.00 11.71
C ALA F 425 17.46 36.14 13.12
N GLU F 426 16.60 36.44 14.08
CA GLU F 426 17.00 36.72 15.46
C GLU F 426 17.74 35.57 16.15
N VAL F 427 17.52 34.35 15.68
CA VAL F 427 18.17 33.18 16.27
C VAL F 427 19.66 33.11 15.88
N PHE F 428 19.96 33.58 14.68
CA PHE F 428 21.34 33.54 14.16
C PHE F 428 22.15 34.77 14.58
N THR F 429 21.46 35.89 14.79
CA THR F 429 22.11 37.17 15.05
C THR F 429 22.29 37.50 16.54
N GLY F 430 21.31 37.10 17.35
CA GLY F 430 21.32 37.39 18.79
C GLY F 430 20.84 38.80 19.10
N HIS F 431 20.19 39.41 18.10
CA HIS F 431 19.66 40.76 18.21
C HIS F 431 18.18 40.79 17.82
N LEU F 432 17.40 41.60 18.53
CA LEU F 432 16.01 41.87 18.18
C LEU F 432 16.01 42.60 16.84
N GLY F 433 15.10 42.19 15.96
CA GLY F 433 15.03 42.71 14.59
C GLY F 433 14.69 44.18 14.51
N LYS F 434 15.28 44.86 13.52
CA LYS F 434 15.11 46.29 13.38
C LYS F 434 14.63 46.68 12.00
N LEU F 435 13.82 47.74 11.96
CA LEU F 435 13.25 48.25 10.75
C LEU F 435 13.37 49.77 10.80
N VAL F 436 14.11 50.32 9.84
CA VAL F 436 14.50 51.73 9.83
C VAL F 436 13.71 52.53 8.81
N PRO F 437 13.04 53.61 9.25
CA PRO F 437 12.38 54.55 8.32
C PRO F 437 13.36 55.13 7.30
N LEU F 438 12.88 55.39 6.08
CA LEU F 438 13.73 55.89 4.99
C LEU F 438 14.54 57.14 5.35
N LYS F 439 13.89 58.13 5.96
CA LYS F 439 14.57 59.35 6.41
C LYS F 439 15.78 58.98 7.25
N GLU F 440 15.53 58.20 8.30
CA GLU F 440 16.56 57.78 9.26
C GLU F 440 17.74 57.10 8.59
N THR F 441 17.45 56.26 7.59
CA THR F 441 18.49 55.62 6.77
C THR F 441 19.37 56.66 6.06
N ILE F 442 18.75 57.64 5.41
CA ILE F 442 19.47 58.70 4.71
C ILE F 442 20.39 59.48 5.66
N LYS F 443 19.81 59.95 6.77
CA LYS F 443 20.48 60.81 7.74
C LYS F 443 21.65 60.08 8.36
N GLY F 444 21.51 58.77 8.51
CA GLY F 444 22.56 57.94 9.08
C GLY F 444 23.81 57.88 8.20
N PHE F 445 23.62 57.57 6.93
CA PHE F 445 24.73 57.53 6.00
C PHE F 445 25.28 58.91 5.66
N GLN F 446 24.36 59.87 5.54
CA GLN F 446 24.72 61.27 5.39
C GLN F 446 25.76 61.64 6.46
N GLN F 447 25.39 61.42 7.72
CA GLN F 447 26.21 61.78 8.88
C GLN F 447 27.56 61.06 8.91
N ILE F 448 27.60 59.82 8.43
CA ILE F 448 28.85 59.07 8.36
C ILE F 448 29.73 59.59 7.23
N LEU F 449 29.11 60.22 6.23
CA LEU F 449 29.86 60.81 5.12
C LEU F 449 30.41 62.19 5.42
N ALA F 450 29.69 62.96 6.24
CA ALA F 450 30.16 64.29 6.64
C ALA F 450 31.26 64.21 7.71
N GLY F 451 31.49 62.99 8.20
CA GLY F 451 32.59 62.71 9.13
C GLY F 451 32.19 62.83 10.58
N GLU F 452 30.88 62.94 10.82
CA GLU F 452 30.34 63.20 12.16
C GLU F 452 30.66 62.12 13.20
N TYR F 453 30.98 60.93 12.73
CA TYR F 453 31.24 59.80 13.62
C TYR F 453 32.63 59.21 13.44
N ASP F 454 33.52 59.99 12.82
CA ASP F 454 34.91 59.57 12.62
C ASP F 454 35.59 59.09 13.91
N HIS F 455 35.13 59.62 15.05
CA HIS F 455 35.65 59.28 16.37
C HIS F 455 35.12 57.97 16.94
N LEU F 456 34.03 57.46 16.35
CA LEU F 456 33.43 56.21 16.80
C LEU F 456 34.14 54.99 16.23
N PRO F 457 34.19 53.89 17.00
CA PRO F 457 34.82 52.65 16.50
C PRO F 457 33.84 51.79 15.69
N GLU F 458 34.33 51.24 14.59
CA GLU F 458 33.53 50.48 13.61
C GLU F 458 32.42 49.62 14.21
N GLN F 459 32.83 48.73 15.11
CA GLN F 459 31.99 47.75 15.77
C GLN F 459 30.62 48.29 16.23
N ALA F 460 30.53 49.61 16.39
CA ALA F 460 29.31 50.27 16.85
C ALA F 460 28.25 50.30 15.75
N PHE F 461 28.69 50.21 14.51
CA PHE F 461 27.81 50.31 13.36
C PHE F 461 27.30 48.97 12.92
N TYR F 462 27.97 47.91 13.38
CA TYR F 462 27.59 46.55 13.00
C TYR F 462 26.30 46.14 13.72
N MET F 463 25.32 45.68 12.94
CA MET F 463 24.08 45.07 13.44
C MET F 463 23.19 46.00 14.26
N VAL F 464 22.97 47.21 13.76
CA VAL F 464 22.05 48.14 14.40
C VAL F 464 21.00 48.63 13.43
N GLY F 465 20.08 49.46 13.89
CA GLY F 465 19.01 49.99 13.04
C GLY F 465 19.28 51.45 12.70
N PRO F 466 18.60 52.39 13.39
CA PRO F 466 18.86 53.80 13.20
C PRO F 466 20.25 54.18 13.70
N ILE F 467 20.81 55.25 13.15
CA ILE F 467 22.14 55.78 13.56
C ILE F 467 22.30 55.96 15.08
N GLU F 468 21.20 56.33 15.74
CA GLU F 468 21.19 56.59 17.18
C GLU F 468 21.57 55.37 18.02
N GLU F 469 21.22 54.19 17.51
CA GLU F 469 21.59 52.92 18.15
C GLU F 469 23.08 52.67 18.04
N ALA F 470 23.69 53.08 16.94
CA ALA F 470 25.15 52.96 16.78
C ALA F 470 25.86 53.78 17.84
N VAL F 471 25.37 55.00 18.03
CA VAL F 471 25.86 55.92 19.06
C VAL F 471 25.76 55.28 20.44
N ALA F 472 24.61 54.69 20.75
CA ALA F 472 24.34 54.06 22.04
C ALA F 472 25.28 52.88 22.27
N LYS F 473 25.57 52.14 21.20
CA LYS F 473 26.48 50.99 21.25
C LYS F 473 27.93 51.45 21.41
N ALA F 474 28.24 52.66 20.92
CA ALA F 474 29.55 53.24 21.11
C ALA F 474 29.82 53.58 22.57
N ASP F 475 28.86 54.27 23.21
CA ASP F 475 28.92 54.63 24.66
C ASP F 475 28.93 53.39 25.54
N LYS F 476 28.15 52.39 25.14
CA LYS F 476 28.08 51.09 25.81
C LYS F 476 29.41 50.37 25.78
N LEU F 477 30.22 50.65 24.74
CA LEU F 477 31.56 50.08 24.64
C LEU F 477 32.58 50.78 25.55
N ALA F 478 32.19 51.90 26.15
CA ALA F 478 32.98 52.61 27.16
C ALA F 478 34.32 53.12 26.64
N ALA G 1 39.90 36.91 -13.69
CA ALA G 1 39.18 36.72 -14.99
C ALA G 1 39.80 35.59 -15.83
N THR G 2 40.89 35.89 -16.57
CA THR G 2 41.48 34.98 -17.56
C THR G 2 42.76 34.34 -17.07
N LEU G 3 43.12 33.21 -17.68
CA LEU G 3 44.37 32.52 -17.38
C LEU G 3 45.56 33.47 -17.48
N LYS G 4 45.53 34.33 -18.49
CA LYS G 4 46.56 35.34 -18.75
C LYS G 4 46.70 36.36 -17.62
N ASP G 5 45.56 36.87 -17.14
CA ASP G 5 45.52 37.81 -16.01
C ASP G 5 46.16 37.19 -14.77
N ILE G 6 45.63 36.03 -14.38
CA ILE G 6 46.06 35.31 -13.20
C ILE G 6 47.54 34.93 -13.25
N THR G 7 48.02 34.51 -14.42
CA THR G 7 49.43 34.11 -14.54
C THR G 7 50.35 35.27 -14.23
N ARG G 8 49.96 36.48 -14.63
CA ARG G 8 50.80 37.63 -14.38
C ARG G 8 50.74 38.10 -12.93
N ARG G 9 49.53 38.33 -12.42
CA ARG G 9 49.36 38.63 -11.00
C ARG G 9 50.18 37.67 -10.15
N LEU G 10 50.24 36.41 -10.59
CA LEU G 10 51.09 35.41 -9.92
C LEU G 10 52.58 35.76 -9.99
N LYS G 11 53.07 36.08 -11.19
CA LYS G 11 54.50 36.38 -11.42
C LYS G 11 55.02 37.49 -10.53
N SER G 12 54.24 38.56 -10.40
CA SER G 12 54.63 39.73 -9.62
C SER G 12 54.55 39.52 -8.10
N ILE G 13 53.50 38.85 -7.62
CA ILE G 13 53.32 38.62 -6.19
C ILE G 13 54.20 37.50 -5.65
N LYS G 14 54.77 36.68 -6.54
CA LYS G 14 55.81 35.72 -6.16
C LYS G 14 57.14 36.45 -6.00
N ASN G 15 57.34 37.47 -6.84
CA ASN G 15 58.49 38.37 -6.74
C ASN G 15 58.45 39.17 -5.45
N ILE G 16 57.30 39.82 -5.22
CA ILE G 16 57.08 40.66 -4.05
C ILE G 16 57.35 39.90 -2.76
N GLN G 17 56.80 38.70 -2.66
CA GLN G 17 56.98 37.82 -1.50
C GLN G 17 58.46 37.59 -1.12
N LYS G 18 59.32 37.46 -2.12
CA LYS G 18 60.75 37.15 -1.92
C LYS G 18 61.55 38.35 -1.41
N ILE G 19 61.26 39.53 -1.96
CA ILE G 19 61.93 40.77 -1.54
C ILE G 19 61.56 41.15 -0.10
N THR G 20 60.26 41.20 0.18
CA THR G 20 59.75 41.51 1.51
C THR G 20 60.31 40.56 2.58
N LYS G 21 60.61 39.32 2.18
CA LYS G 21 61.21 38.31 3.05
C LYS G 21 62.68 38.62 3.28
N SER G 22 63.34 39.17 2.26
CA SER G 22 64.76 39.52 2.34
C SER G 22 64.98 40.83 3.10
N MET G 23 64.11 41.80 2.84
CA MET G 23 64.13 43.06 3.57
C MET G 23 63.82 42.80 5.04
N LYS G 24 62.90 41.87 5.32
CA LYS G 24 62.67 41.38 6.68
C LYS G 24 63.98 40.89 7.30
N MET G 25 64.75 40.12 6.54
CA MET G 25 66.05 39.59 6.98
C MET G 25 67.12 40.68 7.16
N VAL G 26 67.06 41.71 6.31
CA VAL G 26 67.96 42.85 6.42
C VAL G 26 67.60 43.66 7.67
N ALA G 27 66.30 43.94 7.83
CA ALA G 27 65.82 44.65 9.00
C ALA G 27 66.18 43.92 10.28
N ALA G 28 65.99 42.61 10.31
CA ALA G 28 66.37 41.78 11.45
C ALA G 28 67.85 41.94 11.82
N ALA G 29 68.71 41.94 10.80
CA ALA G 29 70.15 42.07 10.98
C ALA G 29 70.56 43.43 11.55
N LYS G 30 69.90 44.49 11.09
CA LYS G 30 70.13 45.84 11.58
C LYS G 30 69.44 46.08 12.92
N TYR G 31 68.38 45.32 13.19
CA TYR G 31 67.65 45.44 14.45
C TYR G 31 68.44 44.88 15.64
N ALA G 32 68.96 43.67 15.49
CA ALA G 32 69.73 42.99 16.54
C ALA G 32 71.01 43.75 16.91
N ARG G 33 71.65 44.32 15.90
CA ARG G 33 72.82 45.17 16.09
C ARG G 33 72.43 46.48 16.76
N ALA G 34 71.21 46.93 16.52
CA ALA G 34 70.69 48.15 17.15
C ALA G 34 70.17 47.88 18.56
N GLU G 35 69.69 46.66 18.79
CA GLU G 35 69.11 46.28 20.08
C GLU G 35 70.19 46.05 21.13
N ARG G 36 71.26 45.37 20.72
CA ARG G 36 72.41 45.12 21.57
C ARG G 36 73.36 46.33 21.61
N GLU G 37 72.87 47.46 21.10
CA GLU G 37 73.60 48.72 21.12
C GLU G 37 72.73 49.79 21.79
N LEU G 38 71.49 49.40 22.10
CA LEU G 38 70.56 50.25 22.83
C LEU G 38 70.81 50.21 24.34
N LYS G 39 71.34 49.08 24.81
CA LYS G 39 71.56 48.86 26.24
C LYS G 39 72.56 49.84 26.90
N PRO G 40 73.79 50.00 26.36
CA PRO G 40 74.76 50.88 27.03
C PRO G 40 74.46 52.38 26.85
N ALA G 41 73.72 52.72 25.80
CA ALA G 41 73.37 54.12 25.52
C ALA G 41 72.03 54.55 26.15
N ARG G 42 71.42 53.65 26.93
CA ARG G 42 70.18 53.95 27.65
C ARG G 42 70.44 54.40 29.08
N VAL G 43 71.35 53.70 29.77
CA VAL G 43 71.85 54.12 31.07
C VAL G 43 72.56 55.47 30.90
N TYR G 44 73.16 55.65 29.74
CA TYR G 44 73.82 56.90 29.31
C TYR G 44 72.78 57.98 28.94
N GLY G 45 71.50 57.62 29.00
CA GLY G 45 70.41 58.51 28.57
C GLY G 45 69.89 59.49 29.61
N VAL G 46 69.74 59.03 30.85
CA VAL G 46 69.19 59.86 31.93
C VAL G 46 70.18 60.95 32.39
N GLY G 47 71.47 60.73 32.14
CA GLY G 47 72.50 61.73 32.42
C GLY G 47 73.14 62.28 31.16
N SER G 72 62.91 60.44 12.95
CA SER G 72 62.79 59.10 12.36
C SER G 72 63.92 58.76 11.39
N SER G 73 63.62 58.71 10.09
CA SER G 73 64.59 58.35 9.05
C SER G 73 64.13 58.72 7.63
N ASP G 74 64.90 58.28 6.62
CA ASP G 74 64.58 58.46 5.20
C ASP G 74 63.64 57.37 4.69
N ARG G 75 63.91 56.13 5.11
CA ARG G 75 63.34 54.94 4.51
C ARG G 75 61.98 54.54 5.09
N GLY G 76 61.00 54.42 4.20
CA GLY G 76 59.65 54.02 4.58
C GLY G 76 59.54 52.53 4.76
N LEU G 77 58.33 52.00 4.60
CA LEU G 77 58.04 50.58 4.75
C LEU G 77 58.39 50.02 6.14
N CYS G 78 58.18 50.85 7.17
CA CYS G 78 58.35 50.45 8.55
C CYS G 78 57.07 50.80 9.30
N GLY G 79 55.95 50.50 8.66
CA GLY G 79 54.64 50.73 9.24
C GLY G 79 54.45 52.14 9.77
N ALA G 80 53.87 52.21 10.96
CA ALA G 80 53.37 53.45 11.53
C ALA G 80 54.45 54.37 12.12
N ILE G 81 55.72 53.98 11.98
CA ILE G 81 56.88 54.74 12.48
C ILE G 81 56.81 56.24 12.18
N HIS G 82 56.89 56.64 10.91
CA HIS G 82 56.98 58.05 10.54
C HIS G 82 55.67 58.79 10.78
N SER G 83 54.56 58.06 10.69
CA SER G 83 53.23 58.64 10.85
C SER G 83 52.95 58.97 12.31
N SER G 84 53.42 58.09 13.20
CA SER G 84 53.20 58.21 14.64
C SER G 84 53.81 59.48 15.24
N VAL G 85 54.98 59.89 14.75
CA VAL G 85 55.62 61.12 15.22
C VAL G 85 55.14 62.37 14.46
N ALA G 86 54.68 62.16 13.22
CA ALA G 86 54.04 63.22 12.44
C ALA G 86 52.68 63.60 13.01
N LYS G 87 52.05 62.64 13.70
CA LYS G 87 50.82 62.85 14.47
C LYS G 87 51.09 63.75 15.70
N GLN G 88 52.20 63.49 16.37
CA GLN G 88 52.63 64.27 17.53
C GLN G 88 53.14 65.66 17.13
N MET G 89 53.37 65.85 15.83
CA MET G 89 53.92 67.10 15.28
C MET G 89 52.79 68.10 14.99
N ILE G 106 62.42 72.04 13.13
CA ILE G 106 63.35 71.19 12.39
C ILE G 106 63.20 69.70 12.71
N GLY G 107 63.19 68.88 11.64
CA GLY G 107 63.02 67.44 11.75
C GLY G 107 64.28 66.65 11.43
N VAL G 108 64.41 65.50 12.07
CA VAL G 108 65.53 64.59 11.87
C VAL G 108 65.08 63.36 11.08
N GLY G 109 65.62 63.21 9.88
CA GLY G 109 65.20 62.13 8.97
C GLY G 109 64.31 62.64 7.85
N ASP G 110 64.56 62.16 6.64
CA ASP G 110 63.94 62.71 5.44
C ASP G 110 62.44 62.48 5.32
N LYS G 111 61.96 61.34 5.82
CA LYS G 111 60.54 61.00 5.73
C LYS G 111 59.67 61.95 6.58
N ILE G 112 60.31 62.71 7.46
CA ILE G 112 59.65 63.78 8.21
C ILE G 112 59.37 65.02 7.33
N ARG G 113 60.36 65.44 6.55
CA ARG G 113 60.23 66.64 5.70
C ARG G 113 59.15 66.51 4.62
N SER G 114 59.09 65.35 3.95
CA SER G 114 58.09 65.11 2.89
C SER G 114 56.69 64.83 3.45
N ILE G 115 56.61 64.52 4.74
CA ILE G 115 55.33 64.28 5.41
C ILE G 115 54.93 65.49 6.26
N LYS G 129 68.86 64.56 6.16
CA LYS G 129 68.73 63.49 5.16
C LYS G 129 69.85 62.47 5.32
N GLU G 130 69.69 61.34 4.65
CA GLU G 130 70.62 60.20 4.70
C GLU G 130 70.83 59.65 6.12
N VAL G 131 69.71 59.45 6.81
CA VAL G 131 69.69 58.88 8.16
C VAL G 131 68.82 57.63 8.20
N GLY G 132 69.16 56.72 9.11
CA GLY G 132 68.49 55.43 9.24
C GLY G 132 69.37 54.32 8.69
N ARG G 133 69.93 54.56 7.51
CA ARG G 133 70.75 53.60 6.79
C ARG G 133 71.92 53.05 7.60
N ARG G 134 72.81 53.95 8.02
CA ARG G 134 73.95 53.57 8.85
C ARG G 134 73.66 53.80 10.32
N PRO G 135 74.01 52.83 11.20
CA PRO G 135 73.72 52.96 12.63
C PRO G 135 74.26 54.29 13.17
N PRO G 136 73.36 55.17 13.64
CA PRO G 136 73.71 56.53 14.06
C PRO G 136 74.75 56.61 15.19
N THR G 137 75.83 57.35 14.94
CA THR G 137 76.92 57.54 15.89
C THR G 137 76.76 58.86 16.62
N PHE G 138 77.57 59.05 17.67
CA PHE G 138 77.56 60.29 18.45
C PHE G 138 77.73 61.51 17.55
N GLY G 139 78.72 61.46 16.65
CA GLY G 139 79.03 62.55 15.72
C GLY G 139 77.82 63.08 14.97
N ASP G 140 76.89 62.17 14.69
CA ASP G 140 75.63 62.51 14.03
C ASP G 140 74.62 63.11 15.02
N ILE G 161 60.74 64.75 19.79
CA ILE G 161 59.74 63.69 19.60
C ILE G 161 60.35 62.48 18.87
N PHE G 162 60.24 61.31 19.50
CA PHE G 162 60.89 60.10 19.02
C PHE G 162 60.12 58.84 19.40
N ASN G 163 60.48 57.73 18.75
CA ASN G 163 59.90 56.44 19.07
C ASN G 163 60.78 55.62 20.02
N ARG G 164 60.17 55.17 21.11
CA ARG G 164 60.87 54.42 22.15
C ARG G 164 60.54 52.92 22.04
N PHE G 165 61.58 52.12 21.85
CA PHE G 165 61.45 50.68 21.66
C PHE G 165 60.92 49.95 22.91
N ARG G 166 60.06 48.96 22.69
CA ARG G 166 59.61 48.07 23.77
C ARG G 166 59.94 46.63 23.43
N SER G 167 59.26 46.08 22.43
CA SER G 167 59.54 44.72 21.92
C SER G 167 59.67 44.73 20.40
N VAL G 168 59.88 43.56 19.80
CA VAL G 168 59.93 43.44 18.34
C VAL G 168 58.66 43.96 17.68
N ILE G 169 57.53 43.75 18.36
CA ILE G 169 56.21 44.15 17.84
C ILE G 169 55.79 45.53 18.35
N SER G 170 56.53 46.08 19.32
CA SER G 170 56.07 47.30 20.01
C SER G 170 57.09 48.45 20.10
N TYR G 171 56.52 49.66 20.18
CA TYR G 171 57.25 50.91 20.40
C TYR G 171 56.24 52.01 20.78
N LYS G 172 56.62 52.87 21.72
CA LYS G 172 55.77 54.00 22.11
C LYS G 172 56.41 55.33 21.70
N THR G 173 55.60 56.25 21.17
CA THR G 173 56.08 57.58 20.82
C THR G 173 56.17 58.50 22.05
N GLU G 206 74.98 72.18 26.25
CA GLU G 206 75.41 71.82 24.91
C GLU G 206 75.82 70.36 24.81
N TYR G 207 76.42 69.83 25.87
CA TYR G 207 76.75 68.42 25.96
C TYR G 207 75.51 67.62 26.34
N SER G 208 74.70 68.18 27.23
CA SER G 208 73.42 67.58 27.60
C SER G 208 72.40 67.64 26.44
N LEU G 209 72.74 68.43 25.42
CA LEU G 209 71.93 68.54 24.19
C LEU G 209 72.28 67.44 23.19
N ALA G 210 73.58 67.28 22.90
CA ALA G 210 74.05 66.17 22.07
C ALA G 210 73.62 64.85 22.70
N ASN G 211 73.61 64.81 24.04
CA ASN G 211 73.09 63.67 24.81
C ASN G 211 71.65 63.31 24.43
N ILE G 212 70.77 64.30 24.45
CA ILE G 212 69.35 64.10 24.12
C ILE G 212 69.13 63.75 22.64
N ILE G 213 69.97 64.31 21.76
CA ILE G 213 69.95 63.95 20.33
C ILE G 213 70.36 62.48 20.16
N TYR G 214 71.49 62.11 20.78
CA TYR G 214 72.03 60.76 20.68
C TYR G 214 71.09 59.71 21.29
N TYR G 215 70.39 60.05 22.38
CA TYR G 215 69.48 59.10 23.04
C TYR G 215 68.29 58.72 22.16
N SER G 216 67.63 59.72 21.59
CA SER G 216 66.46 59.51 20.73
C SER G 216 66.84 58.82 19.41
N LEU G 217 67.92 59.30 18.79
CA LEU G 217 68.39 58.82 17.50
C LEU G 217 68.67 57.31 17.50
N LYS G 218 69.29 56.83 18.57
CA LYS G 218 69.57 55.40 18.71
C LYS G 218 68.34 54.60 19.16
N GLU G 219 67.40 55.28 19.81
CA GLU G 219 66.11 54.68 20.15
C GLU G 219 65.23 54.62 18.90
N SER G 220 65.46 55.56 17.98
CA SER G 220 64.70 55.71 16.76
C SER G 220 64.92 54.55 15.78
N THR G 221 66.17 54.14 15.60
CA THR G 221 66.48 53.12 14.60
C THR G 221 66.21 51.71 15.11
N THR G 222 66.26 51.56 16.43
CA THR G 222 65.90 50.29 17.07
C THR G 222 64.44 49.98 16.79
N SER G 223 63.60 50.99 16.96
CA SER G 223 62.18 50.87 16.67
C SER G 223 61.88 50.75 15.18
N GLU G 224 62.67 51.43 14.35
CA GLU G 224 62.52 51.38 12.90
C GLU G 224 62.73 49.99 12.32
N GLN G 225 63.93 49.45 12.48
CA GLN G 225 64.26 48.12 11.97
C GLN G 225 63.44 47.03 12.64
N SER G 226 62.99 47.29 13.87
CA SER G 226 62.09 46.40 14.56
C SER G 226 60.76 46.34 13.82
N ALA G 227 60.20 47.53 13.56
CA ALA G 227 58.92 47.66 12.89
C ALA G 227 58.99 47.18 11.43
N ARG G 228 60.05 47.58 10.72
CA ARG G 228 60.24 47.19 9.33
C ARG G 228 60.34 45.68 9.21
N MET G 229 61.12 45.08 10.11
CA MET G 229 61.20 43.63 10.20
C MET G 229 59.80 43.06 10.28
N THR G 230 58.99 43.58 11.21
CA THR G 230 57.63 43.09 11.40
C THR G 230 56.75 43.33 10.16
N ALA G 231 56.76 44.55 9.64
CA ALA G 231 55.94 44.91 8.45
C ALA G 231 56.22 44.01 7.25
N MET G 232 57.50 43.84 6.94
CA MET G 232 57.94 42.99 5.84
C MET G 232 57.66 41.51 6.07
N ASP G 233 57.74 41.07 7.33
CA ASP G 233 57.33 39.72 7.73
C ASP G 233 55.87 39.50 7.37
N ASN G 234 55.03 40.45 7.73
CA ASN G 234 53.60 40.44 7.43
C ASN G 234 53.27 40.61 5.94
N ALA G 235 53.98 41.52 5.28
CA ALA G 235 53.86 41.68 3.82
C ALA G 235 54.18 40.38 3.06
N SER G 236 55.28 39.74 3.43
CA SER G 236 55.68 38.44 2.88
C SER G 236 54.64 37.34 3.12
N LYS G 237 54.15 37.23 4.36
CA LYS G 237 53.15 36.22 4.73
C LYS G 237 51.80 36.44 4.02
N ASN G 238 51.39 37.71 3.93
CA ASN G 238 50.20 38.10 3.15
C ASN G 238 50.34 37.69 1.71
N ALA G 239 51.49 38.02 1.12
CA ALA G 239 51.80 37.66 -0.26
C ALA G 239 51.73 36.16 -0.46
N SER G 240 52.29 35.41 0.49
CA SER G 240 52.30 33.96 0.41
C SER G 240 50.87 33.40 0.40
N GLU G 241 50.04 33.89 1.33
CA GLU G 241 48.61 33.57 1.35
C GLU G 241 47.89 33.94 0.04
N MET G 242 48.28 35.05 -0.56
CA MET G 242 47.76 35.47 -1.86
C MET G 242 48.24 34.61 -3.03
N ILE G 243 49.45 34.06 -2.91
CA ILE G 243 49.97 33.17 -3.94
C ILE G 243 49.07 31.94 -4.03
N ASP G 244 48.80 31.31 -2.88
CA ASP G 244 47.93 30.13 -2.82
C ASP G 244 46.56 30.39 -3.43
N LYS G 245 45.91 31.47 -2.99
CA LYS G 245 44.57 31.80 -3.42
C LYS G 245 44.45 31.99 -4.93
N LEU G 246 45.46 32.63 -5.53
CA LEU G 246 45.51 32.81 -6.98
C LEU G 246 45.85 31.49 -7.67
N THR G 247 46.65 30.65 -7.00
CA THR G 247 47.04 29.36 -7.54
C THR G 247 45.81 28.46 -7.63
N LEU G 248 44.97 28.57 -6.61
CA LEU G 248 43.73 27.80 -6.60
C LEU G 248 42.82 28.30 -7.72
N THR G 249 42.66 29.62 -7.81
CA THR G 249 41.85 30.19 -8.90
C THR G 249 42.36 29.76 -10.29
N PHE G 250 43.64 29.92 -10.53
CA PHE G 250 44.24 29.55 -11.81
C PHE G 250 43.75 28.17 -12.26
N ASN G 251 43.88 27.18 -11.38
CA ASN G 251 43.56 25.80 -11.72
C ASN G 251 42.08 25.57 -11.84
N ARG G 252 41.30 26.29 -11.06
CA ARG G 252 39.87 26.26 -11.25
C ARG G 252 39.52 26.85 -12.59
N THR G 253 40.24 27.90 -13.00
CA THR G 253 40.01 28.46 -14.33
C THR G 253 40.58 27.51 -15.37
N ARG G 254 41.79 27.04 -15.12
CA ARG G 254 42.48 26.12 -16.04
C ARG G 254 41.60 24.91 -16.38
N GLN G 255 40.99 24.30 -15.36
CA GLN G 255 40.10 23.15 -15.57
C GLN G 255 38.83 23.47 -16.35
N ALA G 256 38.18 24.57 -15.99
CA ALA G 256 36.99 25.05 -16.70
C ALA G 256 37.22 25.37 -18.18
N VAL G 257 38.30 26.08 -18.52
CA VAL G 257 38.61 26.42 -19.94
C VAL G 257 38.70 25.15 -20.77
N ILE G 258 39.43 24.17 -20.23
CA ILE G 258 39.68 22.94 -20.93
C ILE G 258 38.36 22.27 -21.13
N THR G 259 37.62 22.00 -20.06
CA THR G 259 36.29 21.39 -20.16
C THR G 259 35.42 22.18 -21.13
N LYS G 260 35.38 23.51 -20.99
CA LYS G 260 34.57 24.34 -21.90
C LYS G 260 34.92 24.11 -23.38
N GLU G 261 36.20 24.08 -23.68
CA GLU G 261 36.67 23.90 -25.04
C GLU G 261 36.23 22.56 -25.58
N LEU G 262 36.07 21.60 -24.67
CA LEU G 262 35.80 20.24 -25.07
C LEU G 262 34.31 20.04 -25.33
N ILE G 263 33.49 20.64 -24.47
CA ILE G 263 32.05 20.55 -24.66
C ILE G 263 31.65 21.26 -25.96
N GLU G 264 32.35 22.34 -26.32
CA GLU G 264 32.11 23.00 -27.61
C GLU G 264 32.38 22.09 -28.81
N ILE G 265 33.45 21.30 -28.72
CA ILE G 265 33.80 20.36 -29.78
C ILE G 265 32.77 19.23 -29.88
N ILE G 266 32.35 18.72 -28.74
CA ILE G 266 31.45 17.58 -28.67
C ILE G 266 30.10 17.94 -29.24
N SER G 267 29.53 19.02 -28.73
CA SER G 267 28.29 19.57 -29.27
C SER G 267 28.34 19.77 -30.79
N GLY G 268 29.50 20.21 -31.29
CA GLY G 268 29.70 20.42 -32.72
C GLY G 268 29.67 19.14 -33.56
N ALA G 269 30.26 18.06 -33.03
CA ALA G 269 30.30 16.75 -33.69
C ALA G 269 28.98 16.01 -33.55
N ALA G 270 28.33 16.16 -32.39
CA ALA G 270 27.07 15.48 -32.14
C ALA G 270 25.92 16.05 -32.99
N ALA G 271 25.97 17.35 -33.29
CA ALA G 271 24.92 18.00 -34.10
C ALA G 271 24.86 17.55 -35.57
N LEU G 272 25.97 16.98 -36.06
CA LEU G 272 26.03 16.45 -37.41
C LEU G 272 25.10 15.27 -37.54
N ASP H 24 -38.07 13.78 53.21
CA ASP H 24 -38.14 12.44 53.87
C ASP H 24 -38.07 11.32 52.84
N LEU H 25 -36.98 10.55 52.88
CA LEU H 25 -36.75 9.44 51.95
C LEU H 25 -37.35 8.11 52.45
N GLU H 26 -38.08 8.17 53.55
CA GLU H 26 -38.80 7.01 54.11
C GLU H 26 -40.28 6.97 53.70
N GLU H 27 -40.94 8.12 53.65
CA GLU H 27 -42.36 8.17 53.26
C GLU H 27 -42.53 8.56 51.82
N THR H 28 -41.51 9.18 51.24
CA THR H 28 -41.53 9.55 49.84
C THR H 28 -40.28 9.10 49.07
N GLY H 29 -40.27 9.38 47.77
CA GLY H 29 -39.09 9.18 46.94
C GLY H 29 -39.18 10.02 45.67
N ARG H 30 -38.10 10.03 44.90
CA ARG H 30 -38.10 10.65 43.57
C ARG H 30 -37.75 9.62 42.49
N VAL H 31 -38.31 9.82 41.30
CA VAL H 31 -38.09 8.91 40.18
C VAL H 31 -36.68 9.11 39.61
N LEU H 32 -35.94 8.01 39.51
CA LEU H 32 -34.62 7.98 38.92
C LEU H 32 -34.76 7.82 37.42
N SER H 33 -35.62 6.90 37.03
CA SER H 33 -35.82 6.56 35.62
C SER H 33 -37.21 6.00 35.37
N ILE H 34 -37.78 6.39 34.24
CA ILE H 34 -39.13 5.96 33.88
C ILE H 34 -39.21 5.50 32.43
N GLY H 35 -39.97 4.43 32.21
CA GLY H 35 -40.16 3.92 30.85
C GLY H 35 -40.73 2.51 30.75
N ASP H 36 -41.59 2.35 29.76
CA ASP H 36 -42.22 1.06 29.49
C ASP H 36 -43.03 0.58 30.70
N GLY H 37 -43.66 1.53 31.40
CA GLY H 37 -44.52 1.22 32.52
C GLY H 37 -43.79 0.85 33.80
N ILE H 38 -42.51 1.19 33.84
CA ILE H 38 -41.67 0.97 35.01
C ILE H 38 -41.03 2.25 35.50
N ALA H 39 -41.23 2.54 36.78
CA ALA H 39 -40.58 3.68 37.42
C ALA H 39 -39.61 3.16 38.44
N ARG H 40 -38.35 3.50 38.26
CA ARG H 40 -37.33 3.25 39.28
C ARG H 40 -37.30 4.45 40.21
N VAL H 41 -37.56 4.22 41.49
CA VAL H 41 -37.69 5.30 42.45
C VAL H 41 -36.63 5.20 43.52
N HIS H 42 -35.90 6.30 43.73
CA HIS H 42 -34.96 6.40 44.83
C HIS H 42 -35.74 6.87 46.05
N GLY H 43 -35.45 6.29 47.20
CA GLY H 43 -36.17 6.59 48.42
C GLY H 43 -37.27 5.59 48.72
N LEU H 44 -38.33 6.06 49.37
CA LEU H 44 -39.43 5.20 49.81
C LEU H 44 -38.90 4.04 50.65
N ARG H 45 -38.04 4.34 51.61
CA ARG H 45 -37.42 3.29 52.44
C ARG H 45 -38.43 2.39 53.15
N ASN H 46 -39.54 2.98 53.60
CA ASN H 46 -40.51 2.21 54.35
C ASN H 46 -41.67 1.61 53.55
N VAL H 47 -41.56 1.56 52.22
CA VAL H 47 -42.63 0.91 51.43
C VAL H 47 -42.70 -0.56 51.71
N GLN H 48 -43.91 -1.11 51.62
CA GLN H 48 -44.09 -2.55 51.75
C GLN H 48 -44.21 -3.17 50.37
N ALA H 49 -43.61 -4.35 50.21
CA ALA H 49 -43.70 -5.10 48.96
C ALA H 49 -45.15 -5.19 48.48
N GLU H 50 -45.37 -4.82 47.23
CA GLU H 50 -46.70 -4.86 46.59
C GLU H 50 -47.62 -3.70 47.02
N GLU H 51 -47.06 -2.66 47.65
CA GLU H 51 -47.86 -1.51 48.09
C GLU H 51 -48.13 -0.49 46.99
N MET H 52 -49.27 0.19 47.11
CA MET H 52 -49.72 1.21 46.16
C MET H 52 -49.29 2.59 46.57
N VAL H 53 -48.44 3.18 45.72
CA VAL H 53 -47.90 4.51 45.93
C VAL H 53 -48.46 5.45 44.85
N GLU H 54 -48.27 6.75 45.07
CA GLU H 54 -48.88 7.77 44.22
C GLU H 54 -47.86 8.72 43.63
N PHE H 55 -47.92 8.92 42.32
CA PHE H 55 -47.02 9.87 41.65
C PHE H 55 -47.58 11.28 41.75
N SER H 56 -46.69 12.27 41.57
CA SER H 56 -47.07 13.70 41.64
C SER H 56 -48.19 14.08 40.67
N SER H 57 -48.22 13.45 39.50
CA SER H 57 -49.27 13.72 38.53
C SER H 57 -50.65 13.17 38.96
N GLY H 58 -50.63 12.25 39.93
CA GLY H 58 -51.85 11.57 40.38
C GLY H 58 -52.10 10.17 39.80
N LEU H 59 -51.15 9.64 39.05
CA LEU H 59 -51.22 8.24 38.61
C LEU H 59 -50.84 7.30 39.74
N LYS H 60 -51.41 6.11 39.72
CA LYS H 60 -51.10 5.13 40.75
C LYS H 60 -49.92 4.24 40.33
N GLY H 61 -49.27 3.65 41.32
CA GLY H 61 -48.18 2.73 41.08
C GLY H 61 -48.18 1.67 42.17
N MET H 62 -47.70 0.47 41.81
CA MET H 62 -47.57 -0.64 42.76
C MET H 62 -46.14 -1.11 42.79
N SER H 63 -45.61 -1.25 44.00
CA SER H 63 -44.17 -1.46 44.20
C SER H 63 -43.85 -2.94 44.19
N LEU H 64 -43.50 -3.46 43.02
CA LEU H 64 -43.29 -4.90 42.87
C LEU H 64 -41.88 -5.41 43.15
N ASN H 65 -40.88 -4.56 42.90
CA ASN H 65 -39.48 -4.82 43.22
C ASN H 65 -38.99 -3.85 44.29
N LEU H 66 -38.48 -4.40 45.39
CA LEU H 66 -37.75 -3.60 46.38
C LEU H 66 -36.30 -3.98 46.25
N GLU H 67 -35.50 -3.09 45.70
CA GLU H 67 -34.10 -3.38 45.51
C GLU H 67 -33.29 -2.49 46.43
N PRO H 68 -32.01 -2.84 46.67
CA PRO H 68 -31.23 -2.12 47.68
C PRO H 68 -31.17 -0.59 47.48
N ASP H 69 -31.09 -0.14 46.23
CA ASP H 69 -30.88 1.29 45.97
C ASP H 69 -32.02 1.95 45.18
N ASN H 70 -33.07 1.17 44.88
CA ASN H 70 -34.21 1.63 44.10
C ASN H 70 -35.46 0.74 44.31
N VAL H 71 -36.65 1.25 43.98
CA VAL H 71 -37.89 0.47 44.01
C VAL H 71 -38.47 0.41 42.61
N GLY H 72 -38.62 -0.79 42.08
CA GLY H 72 -39.26 -1.01 40.79
C GLY H 72 -40.76 -0.83 40.95
N VAL H 73 -41.26 0.32 40.51
CA VAL H 73 -42.69 0.62 40.60
C VAL H 73 -43.40 0.39 39.26
N VAL H 74 -44.54 -0.28 39.34
CA VAL H 74 -45.34 -0.65 38.17
C VAL H 74 -46.52 0.32 37.97
N VAL H 75 -46.56 0.95 36.78
CA VAL H 75 -47.35 2.17 36.51
C VAL H 75 -48.78 1.93 36.02
N PHE H 76 -49.75 2.49 36.76
CA PHE H 76 -51.17 2.40 36.43
C PHE H 76 -51.65 3.53 35.50
N GLY H 77 -51.01 3.66 34.32
CA GLY H 77 -51.40 4.68 33.35
C GLY H 77 -50.31 5.01 32.36
N ASN H 78 -50.47 6.15 31.69
CA ASN H 78 -49.52 6.60 30.69
C ASN H 78 -48.21 7.08 31.32
N ASP H 79 -47.08 6.66 30.77
CA ASP H 79 -45.77 7.09 31.30
C ASP H 79 -45.49 8.59 31.06
N LYS H 80 -46.14 9.17 30.05
CA LYS H 80 -45.89 10.57 29.68
C LYS H 80 -46.09 11.53 30.84
N LEU H 81 -46.90 11.14 31.81
CA LEU H 81 -47.19 11.95 32.98
C LEU H 81 -46.08 11.96 34.03
N ILE H 82 -45.16 10.99 33.94
CA ILE H 82 -44.09 10.83 34.93
C ILE H 82 -42.71 11.19 34.34
N LYS H 83 -41.99 12.08 35.03
CA LYS H 83 -40.64 12.49 34.61
C LYS H 83 -39.60 12.11 35.68
N GLU H 84 -38.32 12.17 35.31
CA GLU H 84 -37.19 12.08 36.25
C GLU H 84 -37.33 13.16 37.33
N GLY H 85 -37.18 12.77 38.59
CA GLY H 85 -37.30 13.71 39.71
C GLY H 85 -38.71 13.83 40.30
N ASP H 86 -39.69 13.18 39.65
CA ASP H 86 -41.08 13.23 40.12
C ASP H 86 -41.20 12.65 41.53
N ILE H 87 -41.95 13.35 42.38
CA ILE H 87 -42.16 12.92 43.75
C ILE H 87 -43.14 11.75 43.79
N VAL H 88 -42.76 10.72 44.54
CA VAL H 88 -43.58 9.53 44.73
C VAL H 88 -43.90 9.32 46.21
N LYS H 89 -45.19 9.40 46.54
CA LYS H 89 -45.68 9.28 47.91
C LYS H 89 -46.18 7.89 48.24
N ARG H 90 -45.96 7.47 49.48
CA ARG H 90 -46.85 6.52 50.12
C ARG H 90 -48.01 7.36 50.66
N THR H 91 -49.24 6.97 50.37
CA THR H 91 -50.38 7.65 50.98
C THR H 91 -51.09 6.71 51.95
N GLY H 92 -50.38 5.66 52.35
CA GLY H 92 -50.91 4.62 53.22
C GLY H 92 -52.03 3.87 52.53
N ALA H 93 -51.86 3.66 51.23
CA ALA H 93 -52.87 2.99 50.40
C ALA H 93 -53.00 1.49 50.70
N ILE H 94 -54.19 0.95 50.46
CA ILE H 94 -54.49 -0.47 50.67
C ILE H 94 -55.23 -1.03 49.43
N VAL H 95 -54.57 -1.93 48.68
CA VAL H 95 -55.07 -2.39 47.38
C VAL H 95 -56.31 -3.23 47.56
N ASP H 96 -57.45 -2.54 47.63
CA ASP H 96 -58.72 -3.17 47.95
C ASP H 96 -59.78 -2.77 46.93
N VAL H 97 -60.93 -3.44 46.96
CA VAL H 97 -62.01 -3.14 46.02
C VAL H 97 -63.35 -3.00 46.70
N PRO H 98 -64.21 -2.10 46.18
CA PRO H 98 -65.59 -2.02 46.64
C PRO H 98 -66.26 -3.37 46.44
N VAL H 99 -67.06 -3.77 47.42
CA VAL H 99 -67.67 -5.08 47.36
C VAL H 99 -69.13 -5.05 47.80
N GLY H 100 -69.94 -5.91 47.19
CA GLY H 100 -71.32 -6.04 47.61
C GLY H 100 -72.36 -6.11 46.50
N GLU H 101 -73.63 -6.15 46.91
CA GLU H 101 -74.77 -6.23 46.01
C GLU H 101 -74.97 -4.98 45.14
N GLU H 102 -74.40 -3.86 45.58
CA GLU H 102 -74.50 -2.58 44.85
C GLU H 102 -73.67 -2.58 43.57
N LEU H 103 -72.80 -3.57 43.45
CA LEU H 103 -72.05 -3.77 42.22
C LEU H 103 -72.88 -4.44 41.14
N LEU H 104 -73.97 -5.11 41.53
CA LEU H 104 -74.84 -5.83 40.60
C LEU H 104 -75.49 -4.87 39.61
N GLY H 105 -75.48 -5.25 38.34
CA GLY H 105 -75.97 -4.39 37.28
C GLY H 105 -74.99 -3.33 36.87
N ARG H 106 -73.75 -3.43 37.36
CA ARG H 106 -72.76 -2.41 37.07
C ARG H 106 -71.60 -2.90 36.19
N VAL H 107 -71.02 -1.98 35.44
CA VAL H 107 -69.77 -2.22 34.73
C VAL H 107 -68.70 -1.30 35.33
N VAL H 108 -67.61 -1.93 35.79
CA VAL H 108 -66.53 -1.26 36.53
C VAL H 108 -65.18 -1.65 35.94
N ASP H 109 -64.14 -0.91 36.30
CA ASP H 109 -62.79 -1.25 35.86
C ASP H 109 -62.16 -2.24 36.85
N ALA H 110 -60.87 -2.51 36.67
CA ALA H 110 -60.15 -3.45 37.53
C ALA H 110 -60.09 -3.02 39.01
N LEU H 111 -60.46 -1.77 39.30
CA LEU H 111 -60.45 -1.28 40.69
C LEU H 111 -61.87 -0.96 41.21
N GLY H 112 -62.88 -1.39 40.46
CA GLY H 112 -64.26 -1.20 40.86
C GLY H 112 -64.83 0.18 40.56
N ASN H 113 -64.05 1.03 39.92
CA ASN H 113 -64.53 2.32 39.45
C ASN H 113 -65.56 2.14 38.36
N ALA H 114 -66.70 2.81 38.46
CA ALA H 114 -67.74 2.67 37.46
C ALA H 114 -67.26 3.24 36.13
N ILE H 115 -67.59 2.52 35.04
CA ILE H 115 -67.25 2.95 33.67
C ILE H 115 -68.44 2.80 32.72
N ASP H 116 -69.61 2.46 33.29
CA ASP H 116 -70.85 2.38 32.50
C ASP H 116 -71.62 3.71 32.46
N GLY H 117 -71.12 4.71 33.19
CA GLY H 117 -71.63 6.08 33.11
C GLY H 117 -72.88 6.29 33.92
N LYS H 118 -73.07 5.44 34.94
CA LYS H 118 -74.27 5.49 35.81
C LYS H 118 -73.93 5.93 37.23
N GLY H 119 -72.80 6.64 37.34
CA GLY H 119 -72.42 7.32 38.57
C GLY H 119 -71.85 6.40 39.63
N PRO H 120 -71.84 6.86 40.88
CA PRO H 120 -71.15 6.19 41.98
C PRO H 120 -71.67 4.77 42.21
N ILE H 121 -70.77 3.89 42.62
CA ILE H 121 -71.09 2.59 43.18
C ILE H 121 -71.46 2.84 44.65
N GLY H 122 -72.69 2.54 45.03
CA GLY H 122 -73.15 2.82 46.40
C GLY H 122 -72.62 1.84 47.41
N SER H 123 -71.30 1.62 47.38
CA SER H 123 -70.66 0.52 48.10
C SER H 123 -70.46 0.83 49.57
N LYS H 124 -70.83 -0.10 50.44
CA LYS H 124 -70.71 0.09 51.89
C LYS H 124 -69.62 -0.77 52.53
N ALA H 125 -69.03 -1.65 51.72
CA ALA H 125 -67.96 -2.53 52.19
C ALA H 125 -66.86 -2.63 51.15
N ARG H 126 -65.68 -3.05 51.60
CA ARG H 126 -64.56 -3.25 50.70
C ARG H 126 -63.82 -4.53 51.08
N ARG H 127 -63.16 -5.14 50.09
CA ARG H 127 -62.32 -6.32 50.34
C ARG H 127 -60.98 -6.14 49.66
N ARG H 128 -59.92 -6.61 50.30
CA ARG H 128 -58.58 -6.64 49.68
C ARG H 128 -58.60 -7.60 48.50
N VAL H 129 -57.80 -7.30 47.48
CA VAL H 129 -57.83 -8.08 46.25
C VAL H 129 -56.85 -9.24 46.30
N GLY H 130 -55.91 -9.17 47.24
CA GLY H 130 -54.88 -10.21 47.42
C GLY H 130 -54.98 -10.86 48.79
N LEU H 131 -55.64 -12.02 48.84
CA LEU H 131 -55.90 -12.72 50.10
C LEU H 131 -55.77 -14.21 49.92
N LYS H 132 -55.40 -14.92 50.98
CA LYS H 132 -55.28 -16.38 50.97
C LYS H 132 -56.62 -17.08 50.71
N ALA H 133 -56.60 -18.19 49.98
CA ALA H 133 -57.84 -18.98 49.79
C ALA H 133 -58.26 -19.67 51.09
N PRO H 134 -59.58 -19.92 51.27
CA PRO H 134 -59.95 -20.80 52.37
C PRO H 134 -59.11 -22.07 52.35
N GLY H 135 -58.62 -22.47 53.51
CA GLY H 135 -57.79 -23.66 53.64
C GLY H 135 -58.58 -24.95 53.54
N ILE H 136 -57.99 -26.02 54.08
CA ILE H 136 -58.54 -27.36 53.98
C ILE H 136 -59.75 -27.58 54.86
N ILE H 137 -59.69 -27.07 56.09
CA ILE H 137 -60.72 -27.31 57.09
C ILE H 137 -62.06 -26.62 56.81
N PRO H 138 -62.04 -25.34 56.37
CA PRO H 138 -63.28 -24.57 56.18
C PRO H 138 -64.18 -24.98 55.01
N ARG H 139 -63.92 -26.11 54.37
CA ARG H 139 -64.68 -26.53 53.19
C ARG H 139 -65.40 -27.87 53.36
N ILE H 140 -66.49 -28.09 52.64
CA ILE H 140 -67.11 -29.42 52.48
C ILE H 140 -67.09 -29.82 50.99
N SER H 141 -67.19 -31.11 50.68
CA SER H 141 -67.18 -31.60 49.29
C SER H 141 -68.07 -30.79 48.36
N VAL H 142 -67.65 -30.63 47.11
CA VAL H 142 -68.53 -30.03 46.10
C VAL H 142 -69.67 -30.99 45.79
N ARG H 143 -70.90 -30.54 46.05
CA ARG H 143 -72.11 -31.37 46.00
C ARG H 143 -73.26 -30.77 45.17
N GLU H 144 -73.49 -29.46 45.33
CA GLU H 144 -74.64 -28.80 44.70
C GLU H 144 -74.40 -28.44 43.23
N PRO H 145 -75.38 -28.74 42.37
CA PRO H 145 -75.20 -28.50 40.94
C PRO H 145 -75.00 -27.02 40.62
N MET H 146 -74.29 -26.77 39.51
CA MET H 146 -74.14 -25.44 38.93
C MET H 146 -74.59 -25.60 37.50
N GLN H 147 -75.85 -25.28 37.27
CA GLN H 147 -76.51 -25.64 36.02
C GLN H 147 -76.19 -24.63 34.92
N THR H 148 -75.46 -25.07 33.91
CA THR H 148 -75.09 -24.20 32.77
C THR H 148 -76.23 -23.95 31.77
N GLY H 149 -77.14 -24.92 31.66
CA GLY H 149 -78.23 -24.84 30.70
C GLY H 149 -77.83 -25.38 29.34
N ILE H 150 -76.56 -25.73 29.19
CA ILE H 150 -76.04 -26.35 27.97
C ILE H 150 -76.04 -27.86 28.16
N LYS H 151 -76.68 -28.57 27.24
CA LYS H 151 -76.88 -30.01 27.36
C LYS H 151 -75.57 -30.79 27.45
N ALA H 152 -74.68 -30.57 26.48
CA ALA H 152 -73.35 -31.18 26.48
C ALA H 152 -72.61 -31.02 27.82
N VAL H 153 -72.76 -29.86 28.47
CA VAL H 153 -72.10 -29.60 29.76
C VAL H 153 -72.80 -30.27 30.94
N ASP H 154 -74.08 -29.94 31.14
CA ASP H 154 -74.84 -30.44 32.30
C ASP H 154 -74.99 -31.97 32.33
N SER H 155 -74.92 -32.60 31.16
CA SER H 155 -75.01 -34.05 31.07
C SER H 155 -73.66 -34.74 31.16
N LEU H 156 -72.70 -34.31 30.33
CA LEU H 156 -71.43 -35.03 30.16
C LEU H 156 -70.18 -34.46 30.83
N VAL H 157 -70.27 -33.23 31.33
CA VAL H 157 -69.14 -32.56 32.00
C VAL H 157 -69.67 -31.66 33.10
N PRO H 158 -70.52 -32.21 34.00
CA PRO H 158 -71.33 -31.37 34.89
C PRO H 158 -70.52 -30.61 35.91
N ILE H 159 -70.79 -29.32 36.05
CA ILE H 159 -70.06 -28.47 37.00
C ILE H 159 -70.81 -28.39 38.33
N GLY H 160 -70.11 -27.97 39.38
CA GLY H 160 -70.66 -27.94 40.72
C GLY H 160 -70.21 -26.73 41.49
N ARG H 161 -71.05 -26.30 42.43
CA ARG H 161 -70.83 -25.05 43.12
C ARG H 161 -69.60 -25.15 43.99
N GLY H 162 -68.56 -24.41 43.60
CA GLY H 162 -67.27 -24.44 44.31
C GLY H 162 -66.14 -24.90 43.41
N GLN H 163 -66.48 -25.68 42.40
CA GLN H 163 -65.52 -26.27 41.48
C GLN H 163 -64.86 -25.22 40.61
N ARG H 164 -63.73 -25.57 40.02
CA ARG H 164 -63.10 -24.74 38.99
C ARG H 164 -63.02 -25.55 37.70
N GLU H 165 -63.80 -25.14 36.70
CA GLU H 165 -63.87 -25.82 35.42
C GLU H 165 -63.38 -24.93 34.29
N LEU H 166 -62.33 -25.40 33.61
CA LEU H 166 -61.67 -24.59 32.58
C LEU H 166 -62.45 -24.66 31.30
N ILE H 167 -62.57 -23.51 30.64
CA ILE H 167 -63.09 -23.37 29.27
C ILE H 167 -61.91 -23.08 28.35
N ILE H 168 -61.62 -24.02 27.46
CA ILE H 168 -60.37 -23.98 26.70
C ILE H 168 -60.50 -24.43 25.24
N GLY H 169 -59.93 -23.63 24.35
CA GLY H 169 -59.90 -23.96 22.93
C GLY H 169 -59.16 -22.91 22.16
N ASP H 170 -58.95 -23.14 20.86
CA ASP H 170 -58.31 -22.10 20.02
C ASP H 170 -59.21 -20.86 19.90
N ARG H 171 -58.68 -19.83 19.25
CA ARG H 171 -59.45 -18.60 19.03
C ARG H 171 -60.79 -18.95 18.41
N GLN H 172 -61.83 -18.19 18.76
CA GLN H 172 -63.06 -18.19 17.97
C GLN H 172 -63.72 -19.59 17.92
N THR H 173 -63.61 -20.34 19.01
CA THR H 173 -64.18 -21.68 19.08
C THR H 173 -65.49 -21.75 19.86
N GLY H 174 -65.84 -20.68 20.55
CA GLY H 174 -67.10 -20.62 21.29
C GLY H 174 -66.91 -20.57 22.79
N LYS H 175 -65.74 -20.07 23.21
CA LYS H 175 -65.36 -20.12 24.62
C LYS H 175 -66.15 -19.14 25.46
N THR H 176 -66.35 -17.92 24.97
CA THR H 176 -67.10 -16.93 25.73
C THR H 176 -68.58 -17.32 25.78
N SER H 177 -69.07 -17.84 24.67
CA SER H 177 -70.41 -18.37 24.58
C SER H 177 -70.81 -19.27 25.74
N ILE H 178 -69.94 -20.20 26.14
CA ILE H 178 -70.23 -21.14 27.24
C ILE H 178 -70.45 -20.39 28.55
N ALA H 179 -69.61 -19.39 28.80
CA ALA H 179 -69.75 -18.54 29.96
C ALA H 179 -71.07 -17.76 29.90
N ILE H 180 -71.32 -17.11 28.76
CA ILE H 180 -72.48 -16.23 28.60
C ILE H 180 -73.80 -16.94 28.88
N ASP H 181 -74.04 -18.04 28.15
CA ASP H 181 -75.27 -18.79 28.28
C ASP H 181 -75.42 -19.25 29.73
N THR H 182 -74.32 -19.69 30.34
CA THR H 182 -74.33 -20.10 31.74
C THR H 182 -74.87 -19.00 32.64
N ILE H 183 -74.48 -17.74 32.40
CA ILE H 183 -74.96 -16.61 33.19
C ILE H 183 -76.45 -16.37 32.89
N ILE H 184 -76.80 -16.41 31.60
CA ILE H 184 -78.19 -16.16 31.15
C ILE H 184 -79.12 -17.20 31.79
N ASN H 185 -78.56 -18.37 32.09
CA ASN H 185 -79.33 -19.50 32.63
C ASN H 185 -79.79 -19.32 34.07
N GLN H 186 -79.03 -18.56 34.84
CA GLN H 186 -79.26 -18.46 36.28
C GLN H 186 -80.52 -17.66 36.61
N LYS H 187 -80.93 -16.82 35.65
CA LYS H 187 -82.17 -16.04 35.69
C LYS H 187 -83.32 -16.85 36.28
N ARG H 188 -83.50 -18.06 35.75
CA ARG H 188 -84.60 -18.94 36.14
C ARG H 188 -84.57 -19.34 37.62
N PHE H 189 -83.42 -19.19 38.27
CA PHE H 189 -83.30 -19.48 39.69
C PHE H 189 -83.36 -18.17 40.46
N ASN H 190 -82.75 -17.14 39.91
CA ASN H 190 -82.63 -15.86 40.58
C ASN H 190 -83.96 -15.15 40.73
N ASP H 191 -84.88 -15.40 39.81
CA ASP H 191 -86.22 -14.83 39.91
C ASP H 191 -87.14 -15.69 40.77
N GLY H 192 -86.67 -16.88 41.15
CA GLY H 192 -87.40 -17.79 42.03
C GLY H 192 -87.36 -17.36 43.49
N THR H 193 -87.93 -18.19 44.35
CA THR H 193 -87.97 -17.88 45.78
C THR H 193 -87.14 -18.87 46.60
N ASP H 194 -86.29 -19.63 45.90
CA ASP H 194 -85.30 -20.48 46.55
C ASP H 194 -83.94 -19.77 46.64
N GLU H 195 -83.60 -19.29 47.83
CA GLU H 195 -82.30 -18.64 48.11
C GLU H 195 -81.12 -19.59 47.97
N LYS H 196 -81.36 -20.86 48.29
CA LYS H 196 -80.45 -21.98 48.04
C LYS H 196 -79.91 -22.01 46.62
N LYS H 197 -80.80 -21.85 45.64
CA LYS H 197 -80.45 -22.05 44.25
C LYS H 197 -79.88 -20.82 43.52
N LYS H 198 -80.09 -19.64 44.10
CA LYS H 198 -79.65 -18.38 43.49
C LYS H 198 -78.14 -18.33 43.26
N LEU H 199 -77.74 -17.63 42.21
CA LEU H 199 -76.35 -17.53 41.78
C LEU H 199 -76.00 -16.15 41.21
N TYR H 200 -75.12 -15.43 41.91
CA TYR H 200 -74.63 -14.14 41.46
C TYR H 200 -73.39 -14.29 40.57
N CYS H 201 -73.36 -13.55 39.46
CA CYS H 201 -72.33 -13.74 38.45
C CYS H 201 -71.32 -12.59 38.35
N ILE H 202 -70.09 -12.92 38.02
CA ILE H 202 -69.07 -11.90 37.77
C ILE H 202 -68.32 -12.21 36.47
N TYR H 203 -68.54 -11.38 35.45
CA TYR H 203 -67.78 -11.51 34.22
C TYR H 203 -66.60 -10.55 34.19
N VAL H 204 -65.39 -11.13 34.30
CA VAL H 204 -64.10 -10.42 34.20
C VAL H 204 -63.53 -10.46 32.77
N ALA H 205 -63.53 -9.32 32.10
CA ALA H 205 -62.93 -9.25 30.78
C ALA H 205 -61.53 -8.66 30.90
N ILE H 206 -60.53 -9.50 30.64
CA ILE H 206 -59.15 -9.12 30.64
C ILE H 206 -58.63 -9.07 29.21
N GLY H 207 -58.19 -7.90 28.79
CA GLY H 207 -57.45 -7.76 27.54
C GLY H 207 -58.26 -7.73 26.26
N GLN H 208 -59.59 -7.81 26.39
CA GLN H 208 -60.50 -7.66 25.26
C GLN H 208 -60.59 -6.20 24.85
N LYS H 209 -61.24 -5.92 23.72
CA LYS H 209 -61.50 -4.53 23.30
C LYS H 209 -62.84 -4.06 23.83
N ARG H 210 -62.95 -2.76 24.09
CA ARG H 210 -64.16 -2.19 24.68
C ARG H 210 -65.44 -2.46 23.90
N SER H 211 -65.39 -2.37 22.58
CA SER H 211 -66.59 -2.60 21.79
C SER H 211 -67.07 -4.06 21.84
N THR H 212 -66.14 -4.97 22.09
CA THR H 212 -66.49 -6.38 22.32
C THR H 212 -67.15 -6.57 23.68
N VAL H 213 -66.61 -5.95 24.72
CA VAL H 213 -67.21 -5.96 26.05
C VAL H 213 -68.63 -5.37 25.98
N ALA H 214 -68.79 -4.30 25.21
CA ALA H 214 -70.03 -3.55 25.10
C ALA H 214 -71.17 -4.41 24.56
N GLN H 215 -70.88 -5.15 23.47
CA GLN H 215 -71.81 -6.08 22.84
C GLN H 215 -72.19 -7.14 23.84
N LEU H 216 -71.17 -7.55 24.59
CA LEU H 216 -71.31 -8.50 25.65
C LEU H 216 -72.40 -8.04 26.61
N VAL H 217 -72.25 -6.86 27.23
CA VAL H 217 -73.24 -6.40 28.23
C VAL H 217 -74.60 -6.01 27.62
N LYS H 218 -74.64 -5.74 26.32
CA LYS H 218 -75.87 -5.51 25.60
C LYS H 218 -76.67 -6.81 25.58
N ARG H 219 -75.97 -7.90 25.30
CA ARG H 219 -76.53 -9.24 25.27
C ARG H 219 -77.07 -9.67 26.63
N LEU H 220 -76.31 -9.39 27.69
CA LEU H 220 -76.73 -9.73 29.05
C LEU H 220 -77.89 -8.85 29.50
N THR H 221 -77.93 -7.62 28.98
CA THR H 221 -79.03 -6.70 29.29
C THR H 221 -80.30 -7.16 28.58
N ASP H 222 -80.16 -7.51 27.31
CA ASP H 222 -81.28 -8.02 26.51
C ASP H 222 -81.93 -9.26 27.12
N ALA H 223 -81.11 -10.15 27.65
CA ALA H 223 -81.61 -11.37 28.30
C ALA H 223 -81.89 -11.13 29.79
N ASP H 224 -81.93 -9.85 30.17
CA ASP H 224 -82.27 -9.41 31.54
C ASP H 224 -81.45 -10.20 32.56
N ALA H 225 -80.17 -10.40 32.23
CA ALA H 225 -79.23 -11.11 33.10
C ALA H 225 -78.31 -10.14 33.83
N MET H 226 -78.27 -8.89 33.37
CA MET H 226 -77.33 -7.92 33.94
C MET H 226 -77.60 -7.62 35.41
N LYS H 227 -78.87 -7.76 35.83
CA LYS H 227 -79.30 -7.36 37.19
C LYS H 227 -78.65 -8.15 38.33
N TYR H 228 -78.11 -9.32 38.02
CA TYR H 228 -77.38 -10.12 39.00
C TYR H 228 -75.94 -10.42 38.56
N THR H 229 -75.44 -9.63 37.61
CA THR H 229 -74.10 -9.81 37.07
C THR H 229 -73.27 -8.53 37.22
N ILE H 230 -72.04 -8.71 37.68
CA ILE H 230 -71.04 -7.64 37.77
C ILE H 230 -70.03 -7.84 36.65
N VAL H 231 -69.85 -6.83 35.82
CA VAL H 231 -68.81 -6.86 34.80
C VAL H 231 -67.60 -6.07 35.26
N VAL H 232 -66.47 -6.77 35.40
CA VAL H 232 -65.19 -6.16 35.81
C VAL H 232 -64.32 -6.21 34.57
N SER H 233 -64.15 -5.06 33.90
CA SER H 233 -63.50 -5.03 32.58
C SER H 233 -62.20 -4.21 32.54
N ALA H 234 -61.06 -4.90 32.38
CA ALA H 234 -59.76 -4.24 32.22
C ALA H 234 -59.18 -4.52 30.82
N THR H 235 -59.34 -3.54 29.93
CA THR H 235 -59.33 -3.79 28.49
C THR H 235 -57.97 -3.55 27.81
N ALA H 236 -57.92 -3.69 26.48
CA ALA H 236 -56.64 -3.73 25.74
C ALA H 236 -55.75 -2.49 25.84
N SER H 237 -56.35 -1.35 26.12
CA SER H 237 -55.61 -0.12 26.40
C SER H 237 -55.53 0.21 27.90
N ASP H 238 -55.97 -0.69 28.77
CA ASP H 238 -55.74 -0.51 30.19
C ASP H 238 -54.33 -1.02 30.42
N ALA H 239 -53.52 -0.25 31.14
CA ALA H 239 -52.14 -0.61 31.46
C ALA H 239 -51.97 -2.04 32.00
N ALA H 240 -50.80 -2.61 31.78
CA ALA H 240 -50.53 -3.99 32.18
C ALA H 240 -51.02 -4.37 33.59
N PRO H 241 -50.59 -3.62 34.64
CA PRO H 241 -50.91 -4.01 36.01
C PRO H 241 -52.41 -4.01 36.35
N LEU H 242 -53.21 -3.30 35.57
CA LEU H 242 -54.65 -3.31 35.77
C LEU H 242 -55.18 -4.65 35.30
N GLN H 243 -54.79 -5.04 34.09
CA GLN H 243 -55.18 -6.32 33.53
C GLN H 243 -54.77 -7.44 34.49
N TYR H 244 -53.65 -7.21 35.17
CA TYR H 244 -53.07 -8.13 36.15
C TYR H 244 -53.99 -8.33 37.34
N LEU H 245 -54.44 -7.24 37.95
CA LEU H 245 -55.24 -7.33 39.17
C LEU H 245 -56.68 -7.75 38.91
N ALA H 246 -57.22 -7.26 37.78
CA ALA H 246 -58.61 -7.51 37.43
C ALA H 246 -59.18 -8.86 37.93
N PRO H 247 -58.56 -10.00 37.56
CA PRO H 247 -59.14 -11.28 38.00
C PRO H 247 -59.28 -11.36 39.51
N TYR H 248 -58.26 -10.88 40.23
CA TYR H 248 -58.26 -10.86 41.70
C TYR H 248 -59.37 -9.94 42.23
N SER H 249 -59.45 -8.73 41.65
CA SER H 249 -60.52 -7.79 42.01
C SER H 249 -61.90 -8.45 41.92
N GLY H 250 -62.16 -9.10 40.79
CA GLY H 250 -63.43 -9.76 40.54
C GLY H 250 -63.56 -10.91 41.51
N CYS H 251 -62.45 -11.60 41.76
CA CYS H 251 -62.44 -12.72 42.70
C CYS H 251 -62.88 -12.29 44.11
N SER H 252 -62.30 -11.21 44.61
CA SER H 252 -62.73 -10.66 45.88
C SER H 252 -64.22 -10.27 45.92
N MET H 253 -64.75 -9.68 44.84
CA MET H 253 -66.19 -9.36 44.75
C MET H 253 -67.10 -10.60 44.82
N GLY H 254 -66.66 -11.70 44.24
CA GLY H 254 -67.41 -12.94 44.33
C GLY H 254 -67.23 -13.63 45.67
N GLU H 255 -66.25 -13.17 46.45
CA GLU H 255 -65.98 -13.78 47.74
C GLU H 255 -66.91 -13.24 48.83
N TYR H 256 -67.34 -11.99 48.67
CA TYR H 256 -68.36 -11.39 49.53
C TYR H 256 -69.58 -12.30 49.65
N PHE H 257 -70.01 -12.84 48.51
CA PHE H 257 -71.11 -13.78 48.43
C PHE H 257 -70.73 -15.09 49.09
N ARG H 258 -69.63 -15.70 48.65
CA ARG H 258 -69.12 -16.96 49.21
C ARG H 258 -69.08 -16.96 50.76
N ASP H 259 -68.58 -15.88 51.35
CA ASP H 259 -68.43 -15.78 52.82
C ASP H 259 -69.71 -15.43 53.59
N ASN H 260 -70.62 -14.69 52.96
CA ASN H 260 -71.91 -14.36 53.56
C ASN H 260 -73.03 -15.26 53.08
N GLY H 261 -72.75 -16.56 53.08
CA GLY H 261 -73.76 -17.60 52.87
C GLY H 261 -74.34 -17.75 51.48
N LYS H 262 -73.78 -17.02 50.54
CA LYS H 262 -74.32 -16.94 49.18
C LYS H 262 -73.44 -17.56 48.08
N HIS H 263 -74.01 -17.66 46.89
CA HIS H 263 -73.34 -18.36 45.81
C HIS H 263 -72.99 -17.41 44.66
N ALA H 264 -71.74 -17.49 44.21
CA ALA H 264 -71.27 -16.66 43.13
C ALA H 264 -70.61 -17.52 42.07
N LEU H 265 -70.69 -17.07 40.82
CA LEU H 265 -70.01 -17.70 39.68
C LEU H 265 -69.12 -16.66 39.09
N ILE H 266 -67.91 -17.06 38.73
CA ILE H 266 -66.94 -16.09 38.20
C ILE H 266 -66.27 -16.60 36.92
N ILE H 267 -66.32 -15.76 35.90
CA ILE H 267 -65.68 -16.06 34.63
C ILE H 267 -64.47 -15.17 34.45
N TYR H 268 -63.31 -15.77 34.26
CA TYR H 268 -62.09 -15.03 33.94
C TYR H 268 -61.85 -15.11 32.46
N ASP H 269 -62.04 -13.98 31.75
CA ASP H 269 -62.00 -13.99 30.28
C ASP H 269 -61.05 -12.95 29.65
N ASP H 270 -59.79 -13.31 29.41
CA ASP H 270 -59.27 -14.66 29.68
C ASP H 270 -57.90 -14.61 30.37
N LEU H 271 -57.38 -15.77 30.77
CA LEU H 271 -56.18 -15.81 31.61
C LEU H 271 -54.89 -15.74 30.82
N SER H 272 -54.96 -16.21 29.57
CA SER H 272 -53.85 -16.11 28.62
C SER H 272 -53.32 -14.68 28.58
N LYS H 273 -54.25 -13.75 28.32
CA LYS H 273 -53.97 -12.32 28.27
C LYS H 273 -53.50 -11.73 29.61
N GLN H 274 -54.07 -12.24 30.70
CA GLN H 274 -53.63 -11.84 32.02
C GLN H 274 -52.17 -12.25 32.25
N ALA H 275 -51.82 -13.47 31.84
CA ALA H 275 -50.43 -13.90 31.90
C ALA H 275 -49.55 -12.95 31.08
N VAL H 276 -50.01 -12.61 29.86
CA VAL H 276 -49.26 -11.73 28.99
C VAL H 276 -48.95 -10.41 29.70
N ALA H 277 -49.93 -9.88 30.41
CA ALA H 277 -49.76 -8.63 31.13
C ALA H 277 -48.70 -8.75 32.20
N TYR H 278 -48.77 -9.82 33.00
CA TYR H 278 -47.79 -10.04 34.06
C TYR H 278 -46.39 -10.31 33.50
N ARG H 279 -46.32 -11.13 32.47
CA ARG H 279 -45.05 -11.41 31.80
C ARG H 279 -44.40 -10.11 31.37
N GLN H 280 -45.20 -9.19 30.81
CA GLN H 280 -44.71 -7.87 30.43
C GLN H 280 -44.02 -7.21 31.63
N MET H 281 -44.78 -7.07 32.72
CA MET H 281 -44.29 -6.42 33.91
C MET H 281 -43.02 -7.09 34.37
N SER H 282 -42.99 -8.42 34.39
CA SER H 282 -41.82 -9.12 34.93
C SER H 282 -40.58 -8.87 34.06
N LEU H 283 -40.73 -9.05 32.74
CA LEU H 283 -39.61 -8.86 31.83
C LEU H 283 -39.05 -7.45 31.94
N LEU H 284 -39.94 -6.48 32.10
CA LEU H 284 -39.55 -5.08 32.18
C LEU H 284 -38.98 -4.73 33.55
N LEU H 285 -39.47 -5.42 34.57
CA LEU H 285 -38.81 -5.45 35.88
C LEU H 285 -37.44 -6.16 35.85
N ARG H 286 -37.10 -6.75 34.70
CA ARG H 286 -35.86 -7.52 34.52
C ARG H 286 -35.75 -8.75 35.42
N ARG H 287 -36.91 -9.33 35.75
CA ARG H 287 -36.99 -10.58 36.47
C ARG H 287 -36.67 -11.64 35.44
N PRO H 288 -36.20 -12.84 35.86
CA PRO H 288 -35.71 -13.84 34.89
C PRO H 288 -36.78 -14.53 34.01
N PRO H 289 -36.55 -14.53 32.69
CA PRO H 289 -37.39 -15.22 31.69
C PRO H 289 -37.26 -16.75 31.72
N GLY H 290 -38.39 -17.45 31.67
CA GLY H 290 -38.39 -18.90 31.57
C GLY H 290 -39.04 -19.36 30.28
N ARG H 291 -39.70 -20.51 30.31
CA ARG H 291 -40.37 -21.04 29.13
C ARG H 291 -41.31 -20.00 28.55
N GLU H 292 -41.31 -19.90 27.22
CA GLU H 292 -42.09 -18.87 26.51
C GLU H 292 -41.95 -17.50 27.16
N ALA H 293 -40.76 -17.23 27.75
CA ALA H 293 -40.42 -15.96 28.43
C ALA H 293 -41.32 -15.59 29.64
N TYR H 294 -42.03 -16.57 30.17
CA TYR H 294 -42.80 -16.39 31.38
C TYR H 294 -41.92 -16.51 32.63
N PRO H 295 -42.30 -15.85 33.73
CA PRO H 295 -41.45 -15.96 34.91
C PRO H 295 -41.79 -17.20 35.72
N GLY H 296 -40.97 -17.53 36.70
CA GLY H 296 -41.18 -18.71 37.53
C GLY H 296 -42.37 -18.66 38.49
N ASP H 297 -42.96 -17.48 38.69
CA ASP H 297 -44.18 -17.41 39.50
C ASP H 297 -45.48 -17.27 38.71
N VAL H 298 -45.45 -17.62 37.43
CA VAL H 298 -46.66 -17.54 36.61
C VAL H 298 -47.75 -18.58 37.00
N PHE H 299 -47.38 -19.83 37.27
CA PHE H 299 -48.25 -20.84 37.90
C PHE H 299 -48.83 -20.35 39.25
N TYR H 300 -47.98 -19.72 40.04
CA TYR H 300 -48.32 -19.14 41.34
C TYR H 300 -49.36 -18.03 41.17
N LEU H 301 -49.20 -17.23 40.13
CA LEU H 301 -50.18 -16.23 39.79
C LEU H 301 -51.57 -16.90 39.73
N HIS H 302 -51.71 -17.87 38.82
CA HIS H 302 -53.00 -18.45 38.51
C HIS H 302 -53.51 -19.37 39.61
N SER H 303 -52.60 -20.11 40.24
CA SER H 303 -53.04 -21.06 41.27
C SER H 303 -53.62 -20.34 42.49
N ARG H 304 -53.06 -19.18 42.83
CA ARG H 304 -53.52 -18.48 44.00
C ARG H 304 -54.84 -17.78 43.73
N LEU H 305 -55.05 -17.41 42.48
CA LEU H 305 -56.34 -16.92 42.04
C LEU H 305 -57.39 -18.04 42.17
N LEU H 306 -57.16 -19.17 41.52
CA LEU H 306 -58.15 -20.24 41.40
C LEU H 306 -58.42 -21.10 42.63
N GLU H 307 -57.52 -21.13 43.61
CA GLU H 307 -57.83 -21.88 44.83
C GLU H 307 -58.95 -21.19 45.60
N ARG H 308 -59.11 -19.89 45.36
CA ARG H 308 -60.05 -19.06 46.10
C ARG H 308 -61.51 -19.38 45.75
N ALA H 309 -61.70 -20.16 44.70
CA ALA H 309 -63.01 -20.73 44.40
C ALA H 309 -63.12 -21.91 45.33
N ALA H 310 -64.29 -22.07 45.96
CA ALA H 310 -64.42 -22.98 47.09
C ALA H 310 -65.86 -23.16 47.53
N LYS H 311 -66.13 -24.34 48.07
CA LYS H 311 -67.38 -24.66 48.75
C LYS H 311 -67.12 -24.63 50.24
N MET H 312 -67.71 -23.66 50.92
CA MET H 312 -67.60 -23.51 52.37
C MET H 312 -68.59 -24.43 53.09
N ASN H 313 -68.16 -24.98 54.23
CA ASN H 313 -69.08 -25.78 55.05
C ASN H 313 -70.09 -24.90 55.82
N ASP H 314 -71.01 -25.53 56.55
CA ASP H 314 -72.07 -24.82 57.28
C ASP H 314 -71.53 -23.99 58.44
N ALA H 315 -70.54 -24.49 59.13
CA ALA H 315 -69.87 -23.70 60.17
C ALA H 315 -69.55 -22.29 59.68
N PHE H 316 -69.13 -22.19 58.41
CA PHE H 316 -68.67 -20.93 57.77
C PHE H 316 -69.68 -20.18 56.86
N GLY H 317 -70.95 -20.59 56.87
CA GLY H 317 -71.98 -19.92 56.08
C GLY H 317 -72.58 -20.79 55.00
N GLY H 318 -71.83 -21.80 54.57
CA GLY H 318 -72.29 -22.71 53.52
C GLY H 318 -72.22 -22.20 52.08
N GLY H 319 -71.71 -20.99 51.88
CA GLY H 319 -71.68 -20.37 50.55
C GLY H 319 -70.60 -20.90 49.63
N SER H 320 -70.48 -20.31 48.45
CA SER H 320 -69.52 -20.82 47.47
C SER H 320 -69.19 -19.84 46.37
N LEU H 321 -68.02 -20.04 45.76
CA LEU H 321 -67.60 -19.29 44.58
C LEU H 321 -67.13 -20.28 43.53
N THR H 322 -67.81 -20.33 42.39
CA THR H 322 -67.48 -21.24 41.28
C THR H 322 -66.77 -20.48 40.17
N ALA H 323 -65.63 -21.01 39.69
CA ALA H 323 -64.84 -20.34 38.66
C ALA H 323 -64.83 -21.04 37.31
N LEU H 324 -65.08 -20.25 36.28
CA LEU H 324 -64.88 -20.71 34.90
C LEU H 324 -63.81 -19.84 34.24
N PRO H 325 -62.53 -20.20 34.45
CA PRO H 325 -61.39 -19.52 33.86
C PRO H 325 -61.33 -19.80 32.38
N VAL H 326 -60.90 -18.82 31.59
CA VAL H 326 -60.78 -19.05 30.16
C VAL H 326 -59.33 -19.02 29.71
N ILE H 327 -58.99 -19.98 28.85
CA ILE H 327 -57.65 -20.11 28.28
C ILE H 327 -57.75 -20.28 26.77
N GLU H 328 -56.95 -19.51 26.06
CA GLU H 328 -56.82 -19.63 24.64
C GLU H 328 -55.64 -20.55 24.36
N THR H 329 -55.82 -21.60 23.57
CA THR H 329 -54.69 -22.39 23.03
C THR H 329 -54.22 -21.78 21.69
N GLN H 330 -53.02 -22.16 21.22
CA GLN H 330 -52.58 -21.84 19.85
C GLN H 330 -52.35 -23.12 19.02
N ALA H 331 -53.22 -23.32 18.03
CA ALA H 331 -53.33 -24.59 17.24
C ALA H 331 -53.50 -25.82 18.13
N GLY H 332 -54.46 -25.75 19.06
CA GLY H 332 -54.88 -26.87 19.90
C GLY H 332 -53.76 -27.49 20.74
N ASP H 333 -52.87 -26.65 21.26
CA ASP H 333 -51.71 -27.09 22.02
C ASP H 333 -51.97 -26.95 23.51
N VAL H 334 -52.58 -27.97 24.09
CA VAL H 334 -52.91 -28.00 25.52
C VAL H 334 -51.69 -28.28 26.38
N SER H 335 -50.55 -28.50 25.71
CA SER H 335 -49.26 -28.76 26.37
C SER H 335 -48.37 -27.52 26.38
N ALA H 336 -48.95 -26.39 26.00
CA ALA H 336 -48.25 -25.13 26.10
C ALA H 336 -48.24 -24.68 27.57
N TYR H 337 -47.29 -23.82 27.91
CA TYR H 337 -46.98 -23.52 29.30
C TYR H 337 -48.19 -23.07 30.11
N ILE H 338 -48.88 -22.04 29.63
CA ILE H 338 -50.04 -21.48 30.34
C ILE H 338 -51.26 -22.42 30.35
N PRO H 339 -51.64 -23.01 29.19
CA PRO H 339 -52.62 -24.08 29.24
C PRO H 339 -52.23 -25.17 30.24
N THR H 340 -50.98 -25.62 30.21
CA THR H 340 -50.50 -26.65 31.16
C THR H 340 -50.75 -26.25 32.62
N ASN H 341 -50.43 -25.01 32.95
CA ASN H 341 -50.70 -24.52 34.28
C ASN H 341 -52.17 -24.57 34.68
N VAL H 342 -53.06 -23.94 33.93
CA VAL H 342 -54.45 -23.88 34.35
C VAL H 342 -55.20 -25.25 34.31
N ILE H 343 -54.92 -26.07 33.29
CA ILE H 343 -55.47 -27.41 33.23
C ILE H 343 -55.11 -28.13 34.52
N SER H 344 -53.85 -27.98 34.91
CA SER H 344 -53.31 -28.65 36.08
C SER H 344 -54.03 -28.17 37.34
N ILE H 345 -54.33 -26.88 37.39
CA ILE H 345 -54.89 -26.23 38.58
C ILE H 345 -56.39 -26.58 38.76
N THR H 346 -57.13 -26.54 37.65
CA THR H 346 -58.58 -26.75 37.62
C THR H 346 -59.03 -28.17 37.93
N ASP H 347 -60.34 -28.34 38.15
CA ASP H 347 -60.94 -29.65 38.48
C ASP H 347 -61.45 -30.38 37.26
N GLY H 348 -61.21 -29.80 36.09
CA GLY H 348 -61.70 -30.37 34.84
C GLY H 348 -61.64 -29.32 33.75
N GLN H 349 -61.89 -29.76 32.52
CA GLN H 349 -61.75 -28.91 31.36
C GLN H 349 -62.91 -29.13 30.40
N ILE H 350 -63.46 -28.02 29.88
CA ILE H 350 -64.29 -28.05 28.69
C ILE H 350 -63.43 -27.58 27.49
N PHE H 351 -63.02 -28.56 26.66
CA PHE H 351 -62.26 -28.33 25.43
C PHE H 351 -63.18 -28.11 24.24
N LEU H 352 -62.90 -27.07 23.45
CA LEU H 352 -63.66 -26.79 22.22
C LEU H 352 -62.73 -26.89 21.03
N GLU H 353 -63.22 -27.45 19.94
CA GLU H 353 -62.40 -27.57 18.73
C GLU H 353 -63.03 -26.87 17.53
N THR H 354 -62.18 -26.32 16.66
CA THR H 354 -62.63 -25.66 15.45
C THR H 354 -63.20 -26.66 14.45
N GLU H 355 -62.65 -27.87 14.45
CA GLU H 355 -63.10 -28.90 13.54
C GLU H 355 -64.57 -29.22 13.80
N LEU H 356 -64.87 -29.59 15.04
CA LEU H 356 -66.24 -29.93 15.41
C LEU H 356 -67.14 -28.76 15.07
N PHE H 357 -66.72 -27.56 15.43
CA PHE H 357 -67.47 -26.34 15.10
C PHE H 357 -68.05 -26.39 13.68
N TYR H 358 -67.20 -26.58 12.68
CA TYR H 358 -67.65 -26.55 11.29
C TYR H 358 -68.36 -27.82 10.81
N LYS H 359 -68.22 -28.93 11.53
CA LYS H 359 -69.09 -30.12 11.30
C LYS H 359 -70.55 -29.82 11.61
N GLY H 360 -70.79 -28.71 12.29
CA GLY H 360 -72.12 -28.35 12.74
C GLY H 360 -72.32 -28.69 14.21
N ILE H 361 -71.28 -29.26 14.83
CA ILE H 361 -71.27 -29.52 16.28
C ILE H 361 -71.05 -28.20 17.01
N ARG H 362 -72.15 -27.56 17.38
CA ARG H 362 -72.11 -26.33 18.15
C ARG H 362 -73.07 -26.47 19.35
N PRO H 363 -72.57 -26.25 20.58
CA PRO H 363 -71.21 -25.84 20.93
C PRO H 363 -70.19 -26.90 20.54
N ALA H 364 -68.98 -26.44 20.23
CA ALA H 364 -67.95 -27.29 19.70
C ALA H 364 -67.20 -28.08 20.76
N ILE H 365 -67.93 -28.56 21.76
CA ILE H 365 -67.34 -29.31 22.87
C ILE H 365 -66.91 -30.71 22.42
N ASN H 366 -65.65 -31.02 22.66
CA ASN H 366 -65.17 -32.40 22.54
C ASN H 366 -65.61 -33.23 23.74
N VAL H 367 -66.55 -34.13 23.49
CA VAL H 367 -67.14 -34.93 24.57
C VAL H 367 -66.15 -35.92 25.18
N GLY H 368 -65.27 -36.47 24.35
CA GLY H 368 -64.31 -37.46 24.82
C GLY H 368 -63.24 -36.89 25.72
N LEU H 369 -62.81 -35.67 25.43
CA LEU H 369 -61.70 -35.07 26.13
C LEU H 369 -62.12 -34.26 27.34
N SER H 370 -63.20 -33.49 27.20
CA SER H 370 -63.70 -32.68 28.30
C SER H 370 -63.96 -33.58 29.49
N VAL H 371 -63.71 -33.08 30.69
CA VAL H 371 -63.94 -33.85 31.90
C VAL H 371 -64.27 -32.94 33.08
N SER H 372 -64.76 -33.55 34.15
CA SER H 372 -65.08 -32.87 35.38
C SER H 372 -64.85 -33.90 36.45
N ARG H 373 -63.85 -33.67 37.29
CA ARG H 373 -63.49 -34.67 38.29
C ARG H 373 -64.46 -34.63 39.48
N VAL H 374 -65.28 -33.58 39.58
CA VAL H 374 -66.41 -33.59 40.52
C VAL H 374 -67.49 -34.60 40.04
N GLY H 375 -67.84 -34.54 38.76
CA GLY H 375 -68.60 -35.59 38.10
C GLY H 375 -70.01 -35.74 38.63
N SER H 376 -70.50 -36.99 38.64
CA SER H 376 -71.86 -37.33 39.11
C SER H 376 -72.29 -36.61 40.38
N ALA H 377 -71.31 -36.34 41.25
CA ALA H 377 -71.53 -35.65 42.52
C ALA H 377 -72.12 -34.24 42.40
N ALA H 378 -72.19 -33.72 41.18
CA ALA H 378 -72.74 -32.40 40.92
C ALA H 378 -73.96 -32.42 40.00
N GLN H 379 -74.55 -33.61 39.83
CA GLN H 379 -75.76 -33.79 39.04
C GLN H 379 -76.96 -34.17 39.91
N THR H 380 -78.14 -33.73 39.49
CA THR H 380 -79.39 -34.21 40.05
C THR H 380 -79.58 -35.68 39.60
N ARG H 381 -80.39 -36.42 40.35
CA ARG H 381 -80.66 -37.85 40.09
C ARG H 381 -81.29 -38.13 38.71
N ALA H 382 -82.06 -37.16 38.22
CA ALA H 382 -82.70 -37.27 36.91
C ALA H 382 -81.66 -37.22 35.79
N MET H 383 -80.80 -36.20 35.84
CA MET H 383 -79.77 -36.06 34.83
C MET H 383 -78.82 -37.24 34.92
N LYS H 384 -78.31 -37.50 36.14
CA LYS H 384 -77.32 -38.56 36.37
C LYS H 384 -77.69 -39.83 35.64
N GLN H 385 -78.98 -40.17 35.70
CA GLN H 385 -79.52 -41.40 35.14
C GLN H 385 -79.37 -41.47 33.62
N VAL H 386 -80.06 -40.60 32.89
CA VAL H 386 -79.97 -40.60 31.41
C VAL H 386 -78.56 -40.29 30.90
N ALA H 387 -77.86 -39.40 31.62
CA ALA H 387 -76.53 -38.97 31.22
C ALA H 387 -75.58 -40.14 31.14
N GLY H 388 -75.61 -40.98 32.17
CA GLY H 388 -74.70 -42.13 32.28
C GLY H 388 -74.82 -43.13 31.15
N THR H 389 -76.01 -43.17 30.55
CA THR H 389 -76.27 -44.02 29.39
C THR H 389 -75.70 -43.36 28.14
N MET H 390 -76.16 -42.13 27.87
CA MET H 390 -75.64 -41.34 26.77
C MET H 390 -74.10 -41.34 26.74
N LYS H 391 -73.48 -41.10 27.90
CA LYS H 391 -72.02 -41.16 28.05
C LYS H 391 -71.43 -42.47 27.56
N LEU H 392 -72.00 -43.58 28.02
CA LEU H 392 -71.58 -44.93 27.63
C LEU H 392 -71.87 -45.17 26.16
N GLU H 393 -73.05 -44.74 25.70
CA GLU H 393 -73.47 -45.03 24.33
C GLU H 393 -72.65 -44.26 23.31
N LEU H 394 -72.29 -43.01 23.64
CA LEU H 394 -71.39 -42.23 22.78
C LEU H 394 -69.96 -42.73 22.81
N ALA H 395 -69.58 -43.38 23.91
CA ALA H 395 -68.23 -43.94 24.05
C ALA H 395 -67.99 -45.10 23.10
N GLN H 396 -68.97 -46.00 23.06
CA GLN H 396 -68.96 -47.15 22.16
C GLN H 396 -69.12 -46.69 20.72
N TYR H 397 -69.72 -45.52 20.56
CA TYR H 397 -69.85 -44.88 19.27
C TYR H 397 -68.47 -44.45 18.82
N ARG H 398 -67.76 -43.73 19.70
CA ARG H 398 -66.41 -43.25 19.40
C ARG H 398 -65.43 -44.37 19.11
N GLU H 399 -65.64 -45.53 19.71
CA GLU H 399 -64.88 -46.73 19.37
C GLU H 399 -65.12 -47.14 17.89
N VAL H 400 -66.31 -46.80 17.38
CA VAL H 400 -66.77 -47.24 16.07
C VAL H 400 -66.77 -46.13 15.00
N ALA H 401 -66.93 -44.88 15.43
CA ALA H 401 -67.19 -43.72 14.55
C ALA H 401 -66.34 -43.57 13.27
N ALA H 402 -65.29 -44.36 13.12
CA ALA H 402 -64.44 -44.31 11.92
C ALA H 402 -64.91 -45.32 10.88
N PHE H 403 -65.65 -46.33 11.34
CA PHE H 403 -66.27 -47.32 10.44
C PHE H 403 -67.59 -46.76 9.91
N ALA H 404 -67.76 -45.44 10.04
CA ALA H 404 -69.01 -44.76 9.70
C ALA H 404 -69.21 -44.61 8.19
N GLN H 405 -68.31 -43.88 7.55
CA GLN H 405 -68.43 -43.53 6.14
C GLN H 405 -67.77 -44.55 5.20
N PHE H 406 -67.19 -45.59 5.81
CA PHE H 406 -66.55 -46.68 5.07
C PHE H 406 -67.13 -48.04 5.50
N GLY H 407 -68.35 -48.01 6.02
CA GLY H 407 -69.01 -49.19 6.55
C GLY H 407 -70.26 -49.54 5.78
N SER H 408 -70.12 -50.46 4.84
CA SER H 408 -71.24 -50.93 4.05
C SER H 408 -71.73 -52.30 4.56
N ASP H 409 -70.78 -53.08 5.07
CA ASP H 409 -71.01 -54.47 5.48
C ASP H 409 -70.82 -54.69 6.99
N LEU H 410 -71.43 -53.81 7.78
CA LEU H 410 -71.31 -53.88 9.24
C LEU H 410 -72.40 -54.79 9.79
N ASP H 411 -72.12 -55.41 10.93
CA ASP H 411 -73.13 -56.19 11.64
C ASP H 411 -74.14 -55.26 12.31
N ALA H 412 -75.31 -55.80 12.64
CA ALA H 412 -76.43 -55.01 13.15
C ALA H 412 -76.11 -54.27 14.44
N ALA H 413 -75.24 -54.85 15.26
CA ALA H 413 -74.84 -54.27 16.54
C ALA H 413 -74.01 -52.99 16.38
N THR H 414 -72.95 -53.07 15.58
CA THR H 414 -72.10 -51.91 15.29
C THR H 414 -72.81 -50.88 14.40
N GLN H 415 -73.88 -51.30 13.74
CA GLN H 415 -74.73 -50.40 12.96
C GLN H 415 -75.71 -49.64 13.85
N GLN H 416 -76.07 -50.24 14.98
CA GLN H 416 -76.93 -49.60 15.97
C GLN H 416 -76.14 -48.64 16.86
N LEU H 417 -74.85 -48.94 17.08
CA LEU H 417 -73.99 -48.05 17.84
C LEU H 417 -73.73 -46.76 17.05
N LEU H 418 -73.66 -46.87 15.73
CA LEU H 418 -73.51 -45.72 14.84
C LEU H 418 -74.74 -44.85 14.85
N SER H 419 -75.90 -45.50 14.70
CA SER H 419 -77.17 -44.80 14.60
C SER H 419 -77.44 -44.04 15.89
N ARG H 420 -77.42 -44.76 17.01
CA ARG H 420 -77.61 -44.13 18.32
C ARG H 420 -76.58 -43.02 18.45
N GLY H 421 -75.33 -43.36 18.13
CA GLY H 421 -74.23 -42.42 18.15
C GLY H 421 -74.50 -41.12 17.41
N VAL H 422 -74.86 -41.23 16.12
CA VAL H 422 -75.11 -40.03 15.28
C VAL H 422 -76.30 -39.21 15.75
N ARG H 423 -77.26 -39.88 16.41
CA ARG H 423 -78.44 -39.20 16.92
C ARG H 423 -78.25 -38.54 18.29
N LEU H 424 -77.58 -39.20 19.23
CA LEU H 424 -77.20 -38.55 20.49
C LEU H 424 -76.32 -37.32 20.22
N THR H 425 -75.43 -37.43 19.23
CA THR H 425 -74.62 -36.31 18.80
C THR H 425 -75.47 -35.11 18.34
N GLU H 426 -76.55 -35.39 17.62
CA GLU H 426 -77.46 -34.32 17.22
C GLU H 426 -78.17 -33.72 18.44
N LEU H 427 -78.47 -34.57 19.42
CA LEU H 427 -79.16 -34.11 20.63
C LEU H 427 -78.31 -33.24 21.54
N LEU H 428 -77.01 -33.24 21.28
CA LEU H 428 -76.05 -32.42 22.03
C LEU H 428 -75.81 -31.09 21.36
N LYS H 429 -76.29 -30.95 20.13
CA LYS H 429 -76.24 -29.67 19.44
C LYS H 429 -77.20 -28.72 20.16
N GLN H 430 -76.87 -27.43 20.20
CA GLN H 430 -77.70 -26.48 20.93
C GLN H 430 -77.58 -25.07 20.35
N GLY H 431 -78.69 -24.33 20.31
CA GLY H 431 -78.71 -22.95 19.83
C GLY H 431 -78.12 -22.03 20.88
N GLN H 432 -77.55 -20.91 20.44
CA GLN H 432 -76.97 -19.96 21.38
C GLN H 432 -78.09 -19.14 22.04
N TYR H 433 -77.76 -18.52 23.18
CA TYR H 433 -78.66 -17.63 23.94
C TYR H 433 -80.02 -18.27 24.33
N SER H 434 -80.04 -19.59 24.40
CA SER H 434 -81.21 -20.28 24.87
C SER H 434 -80.82 -21.51 25.70
N PRO H 435 -80.37 -21.26 26.95
CA PRO H 435 -80.10 -22.35 27.86
C PRO H 435 -81.38 -23.06 28.25
N MET H 436 -81.28 -24.31 28.64
CA MET H 436 -82.44 -25.12 29.00
C MET H 436 -82.47 -25.46 30.47
N ALA H 437 -83.69 -25.62 30.98
CA ALA H 437 -83.91 -26.15 32.33
C ALA H 437 -83.52 -27.61 32.35
N ILE H 438 -83.08 -28.09 33.50
CA ILE H 438 -82.50 -29.44 33.60
C ILE H 438 -83.48 -30.53 33.17
N GLU H 439 -84.71 -30.48 33.68
CA GLU H 439 -85.78 -31.39 33.28
C GLU H 439 -86.04 -31.41 31.76
N GLU H 440 -85.95 -30.25 31.13
CA GLU H 440 -86.07 -30.12 29.68
C GLU H 440 -84.95 -30.90 28.99
N GLN H 441 -83.73 -30.78 29.51
CA GLN H 441 -82.59 -31.55 29.00
C GLN H 441 -82.84 -33.06 29.12
N VAL H 442 -83.22 -33.53 30.31
CA VAL H 442 -83.43 -34.96 30.50
C VAL H 442 -84.50 -35.52 29.55
N ALA H 443 -85.56 -34.76 29.32
CA ALA H 443 -86.65 -35.19 28.46
C ALA H 443 -86.13 -35.41 27.05
N VAL H 444 -85.34 -34.46 26.55
CA VAL H 444 -84.77 -34.51 25.20
C VAL H 444 -83.69 -35.61 25.05
N ILE H 445 -82.93 -35.87 26.12
CA ILE H 445 -81.95 -36.95 26.08
C ILE H 445 -82.67 -38.28 26.12
N TYR H 446 -83.72 -38.33 26.95
CA TYR H 446 -84.62 -39.49 27.02
C TYR H 446 -85.06 -39.93 25.63
N ALA H 447 -85.44 -38.95 24.80
CA ALA H 447 -85.84 -39.22 23.44
C ALA H 447 -84.83 -40.11 22.75
N GLY H 448 -83.55 -39.74 22.91
CA GLY H 448 -82.44 -40.45 22.29
C GLY H 448 -82.07 -41.76 22.95
N VAL H 449 -81.79 -41.73 24.25
CA VAL H 449 -81.25 -42.91 24.95
C VAL H 449 -82.26 -44.04 25.02
N ARG H 450 -83.54 -43.69 24.83
CA ARG H 450 -84.61 -44.67 24.82
C ARG H 450 -84.91 -45.21 23.43
N GLY H 451 -84.20 -44.69 22.44
CA GLY H 451 -84.22 -45.27 21.11
C GLY H 451 -85.34 -44.81 20.21
N TYR H 452 -86.13 -43.82 20.67
CA TYR H 452 -87.25 -43.30 19.86
C TYR H 452 -86.79 -42.59 18.58
N LEU H 453 -85.58 -42.05 18.57
CA LEU H 453 -85.11 -41.31 17.41
C LEU H 453 -84.28 -42.15 16.42
N ASP H 454 -84.07 -43.42 16.77
CA ASP H 454 -83.25 -44.33 15.97
C ASP H 454 -83.61 -44.45 14.50
N LYS H 455 -84.90 -44.30 14.18
CA LYS H 455 -85.40 -44.46 12.81
C LYS H 455 -85.71 -43.11 12.14
N LEU H 456 -85.22 -42.04 12.75
CA LEU H 456 -85.44 -40.69 12.27
C LEU H 456 -84.14 -40.15 11.68
N GLU H 457 -84.23 -39.42 10.57
CA GLU H 457 -83.04 -38.89 9.89
C GLU H 457 -82.21 -37.94 10.75
N PRO H 458 -80.88 -38.12 10.77
CA PRO H 458 -80.03 -37.22 11.55
C PRO H 458 -80.28 -35.74 11.26
N SER H 459 -80.37 -35.37 9.99
CA SER H 459 -80.63 -33.97 9.64
C SER H 459 -81.93 -33.44 10.27
N LYS H 460 -82.88 -34.34 10.52
CA LYS H 460 -84.19 -33.94 11.07
C LYS H 460 -84.25 -33.76 12.60
N ILE H 461 -83.23 -34.24 13.32
CA ILE H 461 -83.27 -34.27 14.80
C ILE H 461 -83.41 -32.89 15.47
N THR H 462 -82.69 -31.89 14.98
CA THR H 462 -82.70 -30.57 15.61
C THR H 462 -84.07 -29.89 15.47
N LYS H 463 -84.67 -30.03 14.29
CA LYS H 463 -86.02 -29.55 14.02
C LYS H 463 -86.98 -30.27 14.95
N PHE H 464 -86.77 -31.58 15.12
CA PHE H 464 -87.61 -32.43 15.97
C PHE H 464 -87.59 -31.94 17.39
N GLU H 465 -86.37 -31.75 17.90
CA GLU H 465 -86.19 -31.34 19.28
C GLU H 465 -86.94 -30.04 19.54
N ASN H 466 -86.75 -29.06 18.66
CA ASN H 466 -87.38 -27.75 18.79
C ASN H 466 -88.89 -27.82 18.96
N ALA H 467 -89.52 -28.61 18.10
CA ALA H 467 -90.96 -28.82 18.15
C ALA H 467 -91.32 -29.68 19.34
N PHE H 468 -90.53 -30.74 19.58
CA PHE H 468 -90.81 -31.66 20.69
C PHE H 468 -90.79 -30.95 22.03
N LEU H 469 -89.75 -30.17 22.23
CA LEU H 469 -89.57 -29.39 23.44
C LEU H 469 -90.66 -28.34 23.59
N SER H 470 -91.01 -27.66 22.51
CA SER H 470 -92.09 -26.66 22.51
C SER H 470 -93.38 -27.26 23.04
N HIS H 471 -93.72 -28.45 22.52
CA HIS H 471 -94.88 -29.22 22.94
C HIS H 471 -94.87 -29.48 24.44
N VAL H 472 -93.82 -30.16 24.94
CA VAL H 472 -93.77 -30.51 26.37
C VAL H 472 -93.78 -29.28 27.28
N ILE H 473 -93.19 -28.17 26.82
CA ILE H 473 -93.21 -26.95 27.62
C ILE H 473 -94.59 -26.29 27.59
N SER H 474 -95.28 -26.39 26.47
CA SER H 474 -96.62 -25.83 26.36
C SER H 474 -97.67 -26.71 27.03
N GLN H 475 -97.71 -28.00 26.68
CA GLN H 475 -98.80 -28.90 27.12
C GLN H 475 -98.55 -29.72 28.39
N HIS H 476 -97.33 -30.21 28.57
CA HIS H 476 -97.06 -31.11 29.70
C HIS H 476 -96.11 -30.51 30.70
N GLN H 477 -96.43 -29.28 31.10
CA GLN H 477 -95.71 -28.56 32.14
C GLN H 477 -95.78 -29.34 33.45
N ALA H 478 -96.92 -29.97 33.71
CA ALA H 478 -97.11 -30.83 34.89
C ALA H 478 -96.14 -32.00 34.90
N LEU H 479 -95.94 -32.60 33.72
CA LEU H 479 -95.00 -33.69 33.58
C LEU H 479 -93.57 -33.17 33.75
N LEU H 480 -93.30 -31.98 33.21
CA LEU H 480 -92.03 -31.32 33.46
C LEU H 480 -91.87 -31.02 34.95
N SER H 481 -92.98 -30.63 35.59
CA SER H 481 -93.02 -30.43 37.03
C SER H 481 -92.70 -31.67 37.83
N LYS H 482 -93.00 -32.86 37.30
CA LYS H 482 -92.77 -34.12 38.02
C LYS H 482 -91.39 -34.78 37.79
N ILE H 483 -90.72 -34.42 36.70
CA ILE H 483 -89.36 -34.93 36.47
C ILE H 483 -88.37 -34.27 37.44
N ARG H 484 -88.66 -33.02 37.78
CA ARG H 484 -87.87 -32.27 38.75
C ARG H 484 -88.16 -32.81 40.16
N THR H 485 -89.38 -32.55 40.64
CA THR H 485 -89.85 -32.99 41.95
C THR H 485 -89.31 -34.37 42.33
N ASP H 486 -89.64 -35.38 41.52
CA ASP H 486 -89.31 -36.78 41.82
C ASP H 486 -87.82 -37.06 42.03
N GLY H 487 -86.97 -36.19 41.47
CA GLY H 487 -85.53 -36.41 41.51
C GLY H 487 -85.09 -37.22 40.30
N LYS H 488 -85.68 -38.39 40.12
CA LYS H 488 -85.48 -39.20 38.92
C LYS H 488 -86.74 -39.25 38.05
N ILE H 489 -86.79 -40.22 37.13
CA ILE H 489 -87.94 -40.40 36.24
C ILE H 489 -88.76 -41.58 36.75
N SER H 490 -89.95 -41.30 37.28
CA SER H 490 -90.81 -42.34 37.84
C SER H 490 -91.38 -43.24 36.74
N GLU H 491 -91.92 -44.39 37.15
CA GLU H 491 -92.60 -45.27 36.20
C GLU H 491 -93.71 -44.49 35.53
N GLU H 492 -94.28 -43.55 36.27
CA GLU H 492 -95.33 -42.69 35.76
C GLU H 492 -94.78 -41.77 34.67
N SER H 493 -93.64 -41.12 34.93
CA SER H 493 -93.02 -40.26 33.93
C SER H 493 -92.55 -41.06 32.73
N ASP H 494 -92.10 -42.29 32.99
CA ASP H 494 -91.66 -43.23 31.96
C ASP H 494 -92.83 -43.66 31.07
N ALA H 495 -94.02 -43.67 31.65
CA ALA H 495 -95.22 -43.96 30.88
C ALA H 495 -95.61 -42.76 30.00
N LYS H 496 -95.76 -41.58 30.61
CA LYS H 496 -96.21 -40.39 29.88
C LYS H 496 -95.31 -40.07 28.70
N LEU H 497 -94.00 -40.11 28.95
CA LEU H 497 -93.03 -39.83 27.90
C LEU H 497 -93.12 -40.85 26.79
N LYS H 498 -93.26 -42.13 27.16
CA LYS H 498 -93.41 -43.19 26.17
C LYS H 498 -94.55 -42.90 25.18
N GLU H 499 -95.67 -42.39 25.68
CA GLU H 499 -96.81 -42.08 24.80
C GLU H 499 -96.66 -40.73 24.06
N ILE H 500 -96.32 -39.67 24.78
CA ILE H 500 -96.06 -38.36 24.16
C ILE H 500 -95.08 -38.46 22.98
N VAL H 501 -93.97 -39.15 23.17
CA VAL H 501 -92.97 -39.23 22.12
C VAL H 501 -93.49 -40.04 20.92
N THR H 502 -93.96 -41.25 21.19
CA THR H 502 -94.39 -42.18 20.13
C THR H 502 -95.37 -41.54 19.16
N ASN H 503 -96.37 -40.83 19.70
CA ASN H 503 -97.38 -40.15 18.89
C ASN H 503 -96.83 -38.88 18.25
N PHE H 504 -96.19 -38.04 19.06
CA PHE H 504 -95.53 -36.87 18.51
C PHE H 504 -94.72 -37.20 17.26
N LEU H 505 -93.84 -38.19 17.40
CA LEU H 505 -92.94 -38.61 16.32
C LEU H 505 -93.71 -39.04 15.07
N ALA H 506 -94.76 -39.84 15.27
CA ALA H 506 -95.60 -40.28 14.17
C ALA H 506 -96.18 -39.08 13.43
N GLY H 507 -96.58 -38.06 14.19
CA GLY H 507 -97.14 -36.84 13.64
C GLY H 507 -96.12 -36.10 12.80
N PHE H 508 -94.88 -36.11 13.28
CA PHE H 508 -93.76 -35.44 12.65
C PHE H 508 -93.47 -36.05 11.27
N GLU H 509 -93.38 -37.38 11.22
CA GLU H 509 -93.01 -38.07 9.98
C GLU H 509 -94.16 -38.26 9.01
N ALA H 510 -95.38 -38.02 9.49
CA ALA H 510 -96.59 -38.08 8.66
C ALA H 510 -96.61 -36.99 7.60
N VAL I 23 -4.13 -13.62 56.80
CA VAL I 23 -2.92 -12.78 56.49
C VAL I 23 -2.33 -13.07 55.09
N ASP I 24 -1.94 -14.32 54.83
CA ASP I 24 -1.26 -14.68 53.57
C ASP I 24 -2.24 -14.97 52.42
N LEU I 25 -2.30 -14.06 51.44
CA LEU I 25 -3.18 -14.22 50.28
C LEU I 25 -2.50 -14.89 49.07
N GLU I 26 -1.32 -15.45 49.27
CA GLU I 26 -0.59 -16.13 48.21
C GLU I 26 -0.87 -17.65 48.22
N GLU I 27 -0.90 -18.23 49.41
CA GLU I 27 -1.22 -19.66 49.59
C GLU I 27 -2.63 -19.88 50.16
N THR I 28 -3.33 -18.77 50.40
CA THR I 28 -4.59 -18.77 51.12
C THR I 28 -5.57 -17.79 50.45
N GLY I 29 -6.85 -18.08 50.61
CA GLY I 29 -7.91 -17.19 50.17
C GLY I 29 -9.10 -17.32 51.07
N ARG I 30 -10.05 -16.42 50.90
CA ARG I 30 -11.31 -16.49 51.63
C ARG I 30 -12.45 -16.46 50.63
N VAL I 31 -13.61 -16.99 51.01
CA VAL I 31 -14.75 -17.06 50.10
C VAL I 31 -15.49 -15.73 50.02
N LEU I 32 -15.51 -15.16 48.81
CA LEU I 32 -16.33 -13.99 48.45
C LEU I 32 -17.82 -14.34 48.27
N SER I 33 -18.12 -15.39 47.49
CA SER I 33 -19.52 -15.78 47.20
C SER I 33 -19.66 -17.26 46.84
N ILE I 34 -20.81 -17.83 47.21
CA ILE I 34 -21.07 -19.23 46.97
C ILE I 34 -22.55 -19.44 46.68
N GLY I 35 -22.87 -20.39 45.81
CA GLY I 35 -24.26 -20.85 45.69
C GLY I 35 -24.76 -21.28 44.32
N ASP I 36 -23.99 -20.98 43.27
CA ASP I 36 -24.24 -21.55 41.94
C ASP I 36 -23.34 -22.77 41.79
N GLY I 37 -22.99 -23.40 42.91
CA GLY I 37 -22.01 -24.48 42.91
C GLY I 37 -20.62 -24.02 42.52
N ILE I 38 -20.50 -22.70 42.32
CA ILE I 38 -19.23 -22.05 42.05
C ILE I 38 -18.95 -21.06 43.19
N ALA I 39 -17.78 -21.19 43.80
CA ALA I 39 -17.37 -20.31 44.87
C ALA I 39 -16.37 -19.31 44.32
N ARG I 40 -16.68 -18.04 44.50
CA ARG I 40 -15.76 -16.96 44.17
C ARG I 40 -14.84 -16.75 45.36
N VAL I 41 -13.53 -16.84 45.11
CA VAL I 41 -12.58 -16.79 46.20
C VAL I 41 -11.56 -15.69 46.02
N HIS I 42 -11.56 -14.75 46.96
CA HIS I 42 -10.59 -13.67 47.02
C HIS I 42 -9.28 -14.20 47.54
N GLY I 43 -8.18 -13.73 46.97
CA GLY I 43 -6.86 -14.20 47.35
C GLY I 43 -6.36 -15.37 46.52
N LEU I 44 -5.63 -16.28 47.18
CA LEU I 44 -4.99 -17.43 46.51
C LEU I 44 -4.11 -17.02 45.34
N ARG I 45 -3.25 -16.02 45.56
CA ARG I 45 -2.50 -15.38 44.47
C ARG I 45 -1.55 -16.30 43.70
N ASN I 46 -1.03 -17.32 44.37
CA ASN I 46 -0.11 -18.27 43.74
C ASN I 46 -0.73 -19.61 43.29
N VAL I 47 -2.06 -19.76 43.28
CA VAL I 47 -2.67 -21.01 42.77
C VAL I 47 -2.39 -21.23 41.29
N GLN I 48 -2.45 -22.49 40.88
CA GLN I 48 -2.36 -22.85 39.49
C GLN I 48 -3.74 -23.16 38.93
N ALA I 49 -3.86 -23.05 37.61
CA ALA I 49 -5.03 -23.55 36.90
C ALA I 49 -5.19 -25.04 37.19
N GLU I 50 -6.43 -25.44 37.45
CA GLU I 50 -6.82 -26.83 37.65
C GLU I 50 -6.27 -27.50 38.91
N GLU I 51 -5.80 -26.68 39.86
CA GLU I 51 -5.20 -27.19 41.09
C GLU I 51 -6.30 -27.44 42.10
N MET I 52 -6.12 -28.48 42.92
CA MET I 52 -7.04 -28.71 44.02
C MET I 52 -6.81 -27.66 45.10
N VAL I 53 -7.89 -27.06 45.57
CA VAL I 53 -7.84 -26.30 46.83
C VAL I 53 -8.60 -27.03 47.94
N GLU I 54 -8.53 -26.52 49.16
CA GLU I 54 -9.05 -27.23 50.32
C GLU I 54 -9.79 -26.27 51.23
N PHE I 55 -11.10 -26.44 51.35
CA PHE I 55 -11.92 -25.51 52.13
C PHE I 55 -11.82 -25.82 53.62
N SER I 56 -12.15 -24.84 54.45
CA SER I 56 -12.03 -24.97 55.92
C SER I 56 -12.92 -26.08 56.47
N SER I 57 -13.89 -26.51 55.67
CA SER I 57 -14.82 -27.57 56.06
C SER I 57 -14.42 -28.99 55.63
N GLY I 58 -13.23 -29.14 55.05
CA GLY I 58 -12.78 -30.46 54.58
C GLY I 58 -12.98 -30.74 53.09
N LEU I 59 -13.92 -30.04 52.46
CA LEU I 59 -14.20 -30.17 51.03
C LEU I 59 -13.06 -29.75 50.13
N LYS I 60 -12.93 -30.46 49.00
CA LYS I 60 -11.90 -30.19 48.02
C LYS I 60 -12.51 -29.40 46.89
N GLY I 61 -11.69 -28.64 46.17
CA GLY I 61 -12.17 -27.86 45.04
C GLY I 61 -11.15 -27.78 43.93
N MET I 62 -11.56 -27.25 42.79
CA MET I 62 -10.66 -27.09 41.66
C MET I 62 -10.67 -25.64 41.19
N SER I 63 -9.48 -25.10 41.01
CA SER I 63 -9.30 -23.79 40.41
C SER I 63 -9.68 -23.85 38.94
N LEU I 64 -10.72 -23.12 38.58
CA LEU I 64 -11.21 -23.14 37.21
C LEU I 64 -10.87 -21.81 36.56
N ASN I 65 -11.38 -20.74 37.18
CA ASN I 65 -11.23 -19.38 36.67
C ASN I 65 -10.22 -18.56 37.46
N LEU I 66 -9.06 -18.33 36.85
CA LEU I 66 -8.06 -17.41 37.41
C LEU I 66 -8.30 -16.02 36.86
N GLU I 67 -9.01 -15.22 37.64
CA GLU I 67 -9.36 -13.86 37.24
C GLU I 67 -8.54 -12.82 38.03
N PRO I 68 -8.40 -11.59 37.49
CA PRO I 68 -7.71 -10.50 38.18
C PRO I 68 -8.02 -10.35 39.68
N ASP I 69 -9.27 -10.52 40.08
CA ASP I 69 -9.62 -10.29 41.50
C ASP I 69 -10.23 -11.44 42.29
N ASN I 70 -10.25 -12.62 41.69
CA ASN I 70 -10.83 -13.82 42.32
C ASN I 70 -10.47 -15.12 41.58
N VAL I 71 -10.70 -16.23 42.26
CA VAL I 71 -10.60 -17.56 41.67
C VAL I 71 -12.01 -18.20 41.57
N GLY I 72 -12.33 -18.76 40.40
CA GLY I 72 -13.55 -19.55 40.23
C GLY I 72 -13.24 -20.98 40.62
N VAL I 73 -13.87 -21.46 41.69
CA VAL I 73 -13.59 -22.80 42.25
C VAL I 73 -14.77 -23.77 42.14
N VAL I 74 -14.62 -24.81 41.32
CA VAL I 74 -15.63 -25.86 41.18
C VAL I 74 -15.55 -26.77 42.41
N VAL I 75 -16.68 -26.99 43.08
CA VAL I 75 -16.69 -27.67 44.39
C VAL I 75 -17.00 -29.15 44.30
N PHE I 76 -16.06 -29.97 44.79
CA PHE I 76 -16.18 -31.42 44.69
C PHE I 76 -16.99 -32.04 45.83
N GLY I 77 -18.12 -31.38 46.12
CA GLY I 77 -19.06 -31.85 47.14
C GLY I 77 -20.23 -30.90 47.28
N ASN I 78 -20.92 -31.00 48.42
CA ASN I 78 -22.08 -30.16 48.69
C ASN I 78 -21.63 -28.77 49.11
N ASP I 79 -21.99 -27.76 48.33
CA ASP I 79 -21.63 -26.36 48.65
C ASP I 79 -22.54 -25.70 49.69
N LYS I 80 -23.50 -26.45 50.21
CA LYS I 80 -24.20 -26.04 51.42
C LYS I 80 -23.16 -25.73 52.50
N LEU I 81 -22.15 -26.59 52.55
CA LEU I 81 -21.11 -26.52 53.58
C LEU I 81 -20.15 -25.33 53.45
N ILE I 82 -20.16 -24.64 52.30
CA ILE I 82 -19.30 -23.48 52.09
C ILE I 82 -20.03 -22.17 52.39
N LYS I 83 -19.39 -21.33 53.20
CA LYS I 83 -19.93 -20.02 53.57
C LYS I 83 -18.96 -18.91 53.14
N GLU I 84 -19.50 -17.70 52.98
CA GLU I 84 -18.70 -16.51 52.75
C GLU I 84 -17.83 -16.24 53.96
N GLY I 85 -16.53 -16.11 53.71
CA GLY I 85 -15.58 -15.84 54.77
C GLY I 85 -14.81 -17.08 55.13
N ASP I 86 -15.18 -18.22 54.55
CA ASP I 86 -14.48 -19.47 54.82
C ASP I 86 -13.08 -19.46 54.21
N ILE I 87 -12.13 -20.08 54.90
CA ILE I 87 -10.74 -20.05 54.49
C ILE I 87 -10.43 -21.20 53.54
N VAL I 88 -9.71 -20.87 52.46
CA VAL I 88 -9.36 -21.79 51.38
C VAL I 88 -7.83 -21.84 51.29
N LYS I 89 -7.28 -23.04 51.32
CA LYS I 89 -5.83 -23.27 51.20
C LYS I 89 -5.47 -23.98 49.92
N ARG I 90 -4.33 -23.61 49.33
CA ARG I 90 -3.70 -24.38 48.26
C ARG I 90 -3.34 -25.77 48.77
N THR I 91 -3.23 -26.72 47.84
CA THR I 91 -2.69 -28.04 48.15
C THR I 91 -1.42 -28.27 47.31
N GLY I 92 -1.21 -27.38 46.34
CA GLY I 92 -0.03 -27.42 45.48
C GLY I 92 -0.17 -28.32 44.28
N ALA I 93 -1.22 -29.13 44.27
CA ALA I 93 -1.32 -30.21 43.29
C ALA I 93 -2.47 -30.02 42.33
N ILE I 94 -2.18 -30.19 41.04
CA ILE I 94 -3.17 -30.29 40.00
C ILE I 94 -4.03 -31.51 40.35
N VAL I 95 -5.34 -31.39 40.21
CA VAL I 95 -6.24 -32.48 40.57
C VAL I 95 -5.70 -33.84 40.12
N ASP I 96 -5.44 -34.69 41.11
CA ASP I 96 -4.99 -36.05 40.91
C ASP I 96 -5.76 -36.98 41.85
N VAL I 97 -5.59 -38.29 41.65
CA VAL I 97 -6.25 -39.27 42.48
C VAL I 97 -5.23 -40.35 42.86
N PRO I 98 -5.46 -41.06 43.99
CA PRO I 98 -4.62 -42.24 44.31
C PRO I 98 -4.70 -43.31 43.21
N VAL I 99 -3.74 -44.21 43.19
CA VAL I 99 -3.59 -45.13 42.06
C VAL I 99 -2.71 -46.31 42.48
N GLY I 100 -2.86 -47.45 41.80
CA GLY I 100 -2.04 -48.62 42.05
C GLY I 100 -2.86 -49.83 42.33
N GLU I 101 -2.21 -50.91 42.75
CA GLU I 101 -2.87 -52.21 42.97
C GLU I 101 -3.72 -52.25 44.24
N GLU I 102 -3.44 -51.35 45.18
CA GLU I 102 -4.11 -51.36 46.47
C GLU I 102 -5.55 -50.89 46.39
N LEU I 103 -5.92 -50.34 45.24
CA LEU I 103 -7.32 -49.96 44.99
C LEU I 103 -8.22 -51.14 44.54
N LEU I 104 -7.62 -52.30 44.29
CA LEU I 104 -8.38 -53.46 43.85
C LEU I 104 -9.25 -53.96 45.01
N GLY I 105 -10.46 -54.41 44.70
CA GLY I 105 -11.39 -54.88 45.73
C GLY I 105 -12.01 -53.77 46.56
N ARG I 106 -11.77 -52.52 46.16
CA ARG I 106 -12.25 -51.39 46.93
C ARG I 106 -13.31 -50.58 46.21
N VAL I 107 -14.14 -49.92 47.00
CA VAL I 107 -15.14 -49.02 46.49
C VAL I 107 -14.73 -47.64 46.94
N VAL I 108 -14.68 -46.69 46.00
CA VAL I 108 -14.26 -45.36 46.36
C VAL I 108 -15.18 -44.33 45.76
N ASP I 109 -15.14 -43.12 46.30
CA ASP I 109 -15.82 -42.00 45.68
C ASP I 109 -14.99 -41.46 44.50
N ALA I 110 -15.51 -40.41 43.85
CA ALA I 110 -14.86 -39.82 42.69
C ALA I 110 -13.47 -39.26 43.00
N LEU I 111 -13.22 -38.94 44.27
CA LEU I 111 -11.95 -38.32 44.66
C LEU I 111 -10.84 -39.32 45.03
N GLY I 112 -11.20 -40.59 45.19
CA GLY I 112 -10.26 -41.59 45.65
C GLY I 112 -10.51 -42.08 47.06
N ASN I 113 -11.14 -41.26 47.90
CA ASN I 113 -11.46 -41.64 49.28
C ASN I 113 -12.32 -42.90 49.33
N ALA I 114 -11.88 -43.86 50.16
CA ALA I 114 -12.58 -45.12 50.35
C ALA I 114 -13.96 -44.91 50.96
N ILE I 115 -14.97 -45.58 50.39
CA ILE I 115 -16.35 -45.48 50.87
C ILE I 115 -16.96 -46.83 51.28
N ASP I 116 -16.14 -47.88 51.26
CA ASP I 116 -16.59 -49.23 51.61
C ASP I 116 -16.32 -49.53 53.08
N GLY I 117 -15.82 -48.51 53.79
CA GLY I 117 -15.58 -48.59 55.23
C GLY I 117 -14.51 -49.57 55.64
N LYS I 118 -13.67 -49.99 54.70
CA LYS I 118 -12.60 -50.95 54.99
C LYS I 118 -11.24 -50.30 55.30
N GLY I 119 -11.28 -49.05 55.77
CA GLY I 119 -10.07 -48.34 56.16
C GLY I 119 -9.31 -47.76 54.98
N PRO I 120 -8.22 -47.03 55.26
CA PRO I 120 -7.52 -46.32 54.20
C PRO I 120 -7.09 -47.22 53.04
N ILE I 121 -7.00 -46.64 51.85
CA ILE I 121 -6.31 -47.24 50.75
C ILE I 121 -4.85 -47.01 51.06
N GLY I 122 -4.05 -48.07 50.94
CA GLY I 122 -2.62 -47.99 51.27
C GLY I 122 -1.82 -47.50 50.09
N SER I 123 -2.36 -46.52 49.39
CA SER I 123 -1.86 -46.09 48.08
C SER I 123 -0.48 -45.43 48.11
N LYS I 124 0.34 -45.75 47.12
CA LYS I 124 1.73 -45.28 47.08
C LYS I 124 2.04 -44.23 46.02
N ALA I 125 1.33 -44.28 44.89
CA ALA I 125 1.47 -43.27 43.83
C ALA I 125 0.17 -42.48 43.61
N ARG I 126 0.26 -41.36 42.88
CA ARG I 126 -0.93 -40.62 42.47
C ARG I 126 -0.77 -40.15 41.03
N ARG I 127 -1.87 -40.14 40.29
CA ARG I 127 -1.83 -39.74 38.89
C ARG I 127 -2.85 -38.62 38.64
N ARG I 128 -2.50 -37.66 37.77
CA ARG I 128 -3.43 -36.59 37.44
C ARG I 128 -4.64 -37.12 36.65
N VAL I 129 -5.82 -36.59 36.97
CA VAL I 129 -7.08 -37.01 36.33
C VAL I 129 -7.23 -36.47 34.90
N GLY I 130 -6.46 -35.44 34.56
CA GLY I 130 -6.57 -34.83 33.23
C GLY I 130 -5.44 -35.04 32.24
N LEU I 131 -4.61 -36.06 32.43
CA LEU I 131 -3.47 -36.28 31.56
C LEU I 131 -3.95 -36.57 30.14
N LYS I 132 -3.27 -35.97 29.17
CA LYS I 132 -3.64 -36.06 27.77
C LYS I 132 -3.33 -37.46 27.27
N ALA I 133 -4.20 -38.01 26.44
CA ALA I 133 -4.02 -39.37 25.97
C ALA I 133 -2.74 -39.51 25.17
N PRO I 134 -2.05 -40.64 25.33
CA PRO I 134 -0.89 -41.00 24.52
C PRO I 134 -1.12 -40.69 23.05
N GLY I 135 -0.22 -39.91 22.47
CA GLY I 135 -0.24 -39.57 21.05
C GLY I 135 -0.06 -40.75 20.11
N ILE I 136 0.42 -40.48 18.91
CA ILE I 136 0.43 -41.45 17.82
C ILE I 136 1.43 -42.62 17.97
N ILE I 137 2.70 -42.31 18.25
CA ILE I 137 3.77 -43.30 18.23
C ILE I 137 3.64 -44.45 19.23
N PRO I 138 3.30 -44.16 20.51
CA PRO I 138 3.34 -45.23 21.48
C PRO I 138 2.32 -46.34 21.24
N ARG I 139 1.36 -46.11 20.35
CA ARG I 139 0.23 -47.02 20.21
C ARG I 139 0.48 -48.06 19.11
N ILE I 140 -0.36 -49.08 19.10
CA ILE I 140 -0.41 -50.05 18.00
C ILE I 140 -1.81 -50.65 18.01
N SER I 141 -2.31 -51.01 16.82
CA SER I 141 -3.71 -51.48 16.67
C SER I 141 -4.03 -52.61 17.65
N VAL I 142 -5.27 -52.71 18.09
CA VAL I 142 -5.62 -53.70 19.12
C VAL I 142 -5.50 -55.12 18.55
N ARG I 143 -5.13 -56.08 19.39
CA ARG I 143 -4.74 -57.38 18.88
C ARG I 143 -4.88 -58.55 19.84
N GLU I 144 -5.17 -58.25 21.10
CA GLU I 144 -5.44 -59.30 22.07
C GLU I 144 -6.93 -59.34 22.37
N PRO I 145 -7.54 -60.53 22.34
CA PRO I 145 -8.96 -60.66 22.64
C PRO I 145 -9.31 -60.05 23.98
N MET I 146 -10.44 -59.37 24.04
CA MET I 146 -11.02 -58.99 25.30
C MET I 146 -12.33 -59.79 25.37
N GLN I 147 -12.22 -61.00 25.90
CA GLN I 147 -13.32 -61.94 25.90
C GLN I 147 -14.38 -61.51 26.92
N THR I 148 -15.56 -61.18 26.43
CA THR I 148 -16.63 -60.79 27.33
C THR I 148 -17.24 -62.02 27.99
N GLY I 149 -17.30 -63.13 27.25
CA GLY I 149 -17.95 -64.34 27.73
C GLY I 149 -19.40 -64.41 27.29
N ILE I 150 -19.81 -63.41 26.51
CA ILE I 150 -21.14 -63.32 25.95
C ILE I 150 -21.01 -63.71 24.50
N LYS I 151 -21.78 -64.72 24.10
CA LYS I 151 -21.63 -65.35 22.78
C LYS I 151 -21.88 -64.38 21.63
N ALA I 152 -23.03 -63.74 21.66
CA ALA I 152 -23.41 -62.78 20.63
C ALA I 152 -22.35 -61.70 20.45
N VAL I 153 -21.76 -61.24 21.56
CA VAL I 153 -20.71 -60.20 21.51
C VAL I 153 -19.39 -60.74 20.99
N ASP I 154 -18.83 -61.71 21.70
CA ASP I 154 -17.49 -62.20 21.41
C ASP I 154 -17.36 -62.74 20.00
N SER I 155 -18.45 -63.26 19.44
CA SER I 155 -18.46 -63.74 18.05
C SER I 155 -18.82 -62.66 17.03
N LEU I 156 -19.86 -61.89 17.31
CA LEU I 156 -20.36 -60.94 16.30
C LEU I 156 -19.76 -59.55 16.44
N VAL I 157 -19.63 -59.06 17.68
CA VAL I 157 -19.15 -57.71 17.96
C VAL I 157 -17.85 -57.78 18.79
N PRO I 158 -16.81 -58.48 18.28
CA PRO I 158 -15.69 -58.84 19.15
C PRO I 158 -14.80 -57.66 19.50
N ILE I 159 -14.29 -57.65 20.73
CA ILE I 159 -13.48 -56.56 21.26
C ILE I 159 -12.03 -56.98 21.54
N GLY I 160 -11.11 -56.08 21.23
CA GLY I 160 -9.70 -56.23 21.60
C GLY I 160 -9.26 -55.24 22.67
N ARG I 161 -8.19 -55.58 23.36
CA ARG I 161 -7.69 -54.76 24.47
C ARG I 161 -7.11 -53.48 23.92
N GLY I 162 -7.68 -52.36 24.37
CA GLY I 162 -7.21 -51.06 23.96
C GLY I 162 -8.30 -50.33 23.21
N GLN I 163 -9.33 -51.08 22.84
CA GLN I 163 -10.44 -50.57 22.04
C GLN I 163 -11.44 -49.82 22.92
N ARG I 164 -12.13 -48.86 22.30
CA ARG I 164 -13.32 -48.27 22.88
C ARG I 164 -14.53 -48.91 22.17
N GLU I 165 -15.43 -49.52 22.93
CA GLU I 165 -16.66 -50.07 22.38
C GLU I 165 -17.82 -49.55 23.18
N LEU I 166 -18.76 -48.92 22.50
CA LEU I 166 -19.87 -48.24 23.15
C LEU I 166 -21.00 -49.22 23.44
N ILE I 167 -21.55 -49.16 24.64
CA ILE I 167 -22.80 -49.87 24.93
C ILE I 167 -23.95 -48.86 24.94
N ILE I 168 -24.88 -49.01 24.00
CA ILE I 168 -25.88 -47.98 23.74
C ILE I 168 -27.27 -48.56 23.72
N GLY I 169 -28.23 -47.87 24.33
CA GLY I 169 -29.59 -48.36 24.40
C GLY I 169 -30.47 -47.57 25.34
N ASP I 170 -31.78 -47.74 25.16
CA ASP I 170 -32.80 -47.18 26.06
C ASP I 170 -32.62 -47.68 27.51
N ARG I 171 -33.32 -47.07 28.46
CA ARG I 171 -33.33 -47.62 29.81
C ARG I 171 -33.82 -49.07 29.82
N GLN I 172 -33.27 -49.86 30.74
CA GLN I 172 -33.77 -51.22 31.00
C GLN I 172 -33.68 -52.12 29.78
N THR I 173 -32.56 -52.10 29.08
CA THR I 173 -32.40 -52.93 27.87
C THR I 173 -31.26 -53.97 28.02
N GLY I 174 -30.56 -53.94 29.14
CA GLY I 174 -29.51 -54.92 29.40
C GLY I 174 -28.09 -54.40 29.25
N LYS I 175 -27.91 -53.09 29.39
CA LYS I 175 -26.62 -52.46 29.09
C LYS I 175 -25.55 -52.78 30.13
N THR I 176 -25.85 -52.50 31.39
CA THR I 176 -25.01 -52.90 32.50
C THR I 176 -24.64 -54.39 32.50
N SER I 177 -25.62 -55.26 32.25
CA SER I 177 -25.37 -56.72 32.18
C SER I 177 -24.22 -57.08 31.25
N ILE I 178 -24.11 -56.39 30.12
CA ILE I 178 -22.94 -56.57 29.26
C ILE I 178 -21.65 -56.31 30.06
N ALA I 179 -21.58 -55.15 30.70
CA ALA I 179 -20.38 -54.77 31.45
C ALA I 179 -20.08 -55.76 32.58
N ILE I 180 -21.13 -56.19 33.29
CA ILE I 180 -20.96 -57.03 34.50
C ILE I 180 -20.50 -58.45 34.22
N ASP I 181 -21.09 -59.11 33.23
CA ASP I 181 -20.63 -60.44 32.84
C ASP I 181 -19.20 -60.39 32.29
N THR I 182 -18.86 -59.30 31.62
CA THR I 182 -17.47 -59.08 31.16
C THR I 182 -16.51 -59.10 32.36
N ILE I 183 -16.79 -58.30 33.37
CA ILE I 183 -15.94 -58.25 34.56
C ILE I 183 -15.81 -59.66 35.15
N ILE I 184 -16.95 -60.31 35.33
CA ILE I 184 -17.03 -61.64 35.92
C ILE I 184 -16.29 -62.67 35.07
N ASN I 185 -16.24 -62.45 33.76
CA ASN I 185 -15.62 -63.40 32.83
C ASN I 185 -14.14 -63.56 33.10
N GLN I 186 -13.52 -62.48 33.59
CA GLN I 186 -12.06 -62.39 33.72
C GLN I 186 -11.46 -63.31 34.79
N LYS I 187 -12.28 -63.78 35.72
CA LYS I 187 -11.81 -64.67 36.77
C LYS I 187 -10.97 -65.82 36.21
N ARG I 188 -11.40 -66.41 35.09
CA ARG I 188 -10.66 -67.52 34.49
C ARG I 188 -9.18 -67.18 34.26
N PHE I 189 -8.91 -65.93 33.92
CA PHE I 189 -7.56 -65.46 33.61
C PHE I 189 -6.84 -64.94 34.85
N ASN I 190 -7.56 -64.19 35.70
CA ASN I 190 -7.00 -63.64 36.93
C ASN I 190 -6.69 -64.66 38.04
N ASP I 191 -7.00 -65.93 37.78
CA ASP I 191 -6.60 -67.03 38.66
C ASP I 191 -5.56 -67.95 38.01
N GLY I 192 -5.15 -67.63 36.78
CA GLY I 192 -4.00 -68.28 36.15
C GLY I 192 -2.71 -67.60 36.60
N THR I 193 -1.60 -68.01 35.98
CA THR I 193 -0.28 -67.38 36.24
C THR I 193 0.28 -66.67 34.99
N ASP I 194 -0.41 -66.84 33.87
CA ASP I 194 -0.12 -66.08 32.65
C ASP I 194 -0.48 -64.60 32.89
N GLU I 195 0.51 -63.78 33.18
CA GLU I 195 0.24 -62.39 33.58
C GLU I 195 -0.29 -61.47 32.47
N LYS I 196 0.08 -61.75 31.23
CA LYS I 196 -0.34 -60.94 30.08
C LYS I 196 -1.79 -61.22 29.71
N LYS I 197 -2.28 -62.42 30.03
CA LYS I 197 -3.67 -62.79 29.74
C LYS I 197 -4.70 -62.26 30.74
N LYS I 198 -4.25 -61.47 31.71
CA LYS I 198 -5.12 -60.98 32.78
C LYS I 198 -5.79 -59.63 32.48
N LEU I 199 -6.82 -59.29 33.25
CA LEU I 199 -7.53 -58.03 33.03
C LEU I 199 -8.13 -57.46 34.30
N TYR I 200 -7.61 -56.32 34.71
CA TYR I 200 -8.11 -55.62 35.89
C TYR I 200 -9.29 -54.71 35.52
N CYS I 201 -10.28 -54.68 36.41
CA CYS I 201 -11.53 -54.04 36.09
C CYS I 201 -11.79 -52.82 36.93
N ILE I 202 -12.38 -51.81 36.29
CA ILE I 202 -12.85 -50.61 36.97
C ILE I 202 -14.27 -50.33 36.50
N TYR I 203 -15.20 -50.29 37.44
CA TYR I 203 -16.57 -49.95 37.13
C TYR I 203 -16.89 -48.57 37.69
N VAL I 204 -17.06 -47.60 36.79
CA VAL I 204 -17.34 -46.22 37.19
C VAL I 204 -18.84 -45.96 37.11
N ALA I 205 -19.44 -45.71 38.28
CA ALA I 205 -20.85 -45.44 38.39
C ALA I 205 -21.07 -43.94 38.42
N ILE I 206 -21.65 -43.41 37.35
CA ILE I 206 -22.04 -42.01 37.32
C ILE I 206 -23.56 -41.95 37.20
N GLY I 207 -24.21 -41.32 38.18
CA GLY I 207 -25.64 -41.03 38.12
C GLY I 207 -26.55 -42.09 38.71
N GLN I 208 -26.03 -43.29 38.88
CA GLN I 208 -26.82 -44.45 39.33
C GLN I 208 -27.35 -44.33 40.75
N LYS I 209 -28.33 -45.15 41.07
CA LYS I 209 -28.78 -45.28 42.45
C LYS I 209 -27.69 -45.97 43.25
N ARG I 210 -27.46 -45.48 44.46
CA ARG I 210 -26.41 -46.00 45.34
C ARG I 210 -26.70 -47.46 45.71
N SER I 211 -27.95 -47.76 46.06
CA SER I 211 -28.31 -49.16 46.31
C SER I 211 -27.97 -50.03 45.11
N THR I 212 -28.05 -49.48 43.89
CA THR I 212 -27.74 -50.27 42.70
C THR I 212 -26.27 -50.66 42.74
N VAL I 213 -25.42 -49.68 43.05
CA VAL I 213 -23.99 -49.90 43.13
C VAL I 213 -23.65 -50.84 44.30
N ALA I 214 -24.24 -50.59 45.47
CA ALA I 214 -24.11 -51.49 46.62
C ALA I 214 -24.40 -52.96 46.28
N GLN I 215 -25.54 -53.20 45.62
CA GLN I 215 -25.93 -54.54 45.16
C GLN I 215 -24.93 -55.09 44.13
N LEU I 216 -24.43 -54.20 43.27
CA LEU I 216 -23.48 -54.58 42.23
C LEU I 216 -22.17 -55.10 42.81
N VAL I 217 -21.62 -54.39 43.80
CA VAL I 217 -20.39 -54.82 44.46
C VAL I 217 -20.63 -56.20 45.08
N LYS I 218 -21.78 -56.34 45.74
CA LYS I 218 -22.19 -57.59 46.34
C LYS I 218 -22.20 -58.68 45.27
N ARG I 219 -22.82 -58.38 44.15
CA ARG I 219 -22.87 -59.31 43.03
C ARG I 219 -21.45 -59.74 42.69
N LEU I 220 -20.56 -58.76 42.55
CA LEU I 220 -19.17 -59.02 42.14
C LEU I 220 -18.36 -59.80 43.18
N THR I 221 -18.54 -59.44 44.46
CA THR I 221 -18.02 -60.17 45.61
C THR I 221 -18.44 -61.64 45.55
N ASP I 222 -19.75 -61.89 45.46
CA ASP I 222 -20.28 -63.26 45.36
C ASP I 222 -19.68 -64.02 44.19
N ALA I 223 -19.27 -63.29 43.15
CA ALA I 223 -18.64 -63.89 41.97
C ALA I 223 -17.15 -64.06 42.18
N ASP I 224 -16.63 -63.47 43.26
CA ASP I 224 -15.19 -63.45 43.54
C ASP I 224 -14.41 -62.66 42.49
N ALA I 225 -15.09 -61.64 41.93
CA ALA I 225 -14.53 -60.76 40.90
C ALA I 225 -14.02 -59.45 41.50
N MET I 226 -14.59 -59.10 42.65
CA MET I 226 -14.28 -57.84 43.32
C MET I 226 -12.79 -57.71 43.61
N LYS I 227 -12.13 -58.85 43.85
CA LYS I 227 -10.69 -58.88 44.12
C LYS I 227 -9.82 -58.29 42.98
N TYR I 228 -10.41 -58.14 41.80
CA TYR I 228 -9.69 -57.57 40.66
C TYR I 228 -10.41 -56.36 40.04
N THR I 229 -11.33 -55.77 40.80
CA THR I 229 -12.14 -54.66 40.30
C THR I 229 -12.05 -53.47 41.22
N ILE I 230 -11.90 -52.28 40.65
CA ILE I 230 -12.05 -51.06 41.40
C ILE I 230 -13.39 -50.47 41.02
N VAL I 231 -14.18 -50.08 42.02
CA VAL I 231 -15.43 -49.39 41.75
C VAL I 231 -15.26 -47.92 42.12
N VAL I 232 -15.51 -47.03 41.15
CA VAL I 232 -15.54 -45.58 41.40
C VAL I 232 -17.00 -45.14 41.38
N SER I 233 -17.46 -44.55 42.49
CA SER I 233 -18.86 -44.23 42.67
C SER I 233 -19.15 -42.73 42.87
N ALA I 234 -20.00 -42.19 42.00
CA ALA I 234 -20.52 -40.83 42.13
C ALA I 234 -22.00 -40.91 41.78
N THR I 235 -22.79 -41.19 42.80
CA THR I 235 -24.18 -41.52 42.62
C THR I 235 -25.12 -40.30 42.45
N ALA I 236 -26.41 -40.62 42.25
CA ALA I 236 -27.50 -39.66 42.04
C ALA I 236 -27.57 -38.53 43.05
N SER I 237 -27.19 -38.77 44.30
CA SER I 237 -27.18 -37.71 45.32
C SER I 237 -25.81 -37.05 45.49
N ASP I 238 -24.81 -37.51 44.75
CA ASP I 238 -23.53 -36.83 44.79
C ASP I 238 -23.61 -35.54 43.98
N ALA I 239 -22.85 -34.53 44.38
CA ALA I 239 -22.88 -33.27 43.70
C ALA I 239 -22.43 -33.49 42.26
N ALA I 240 -22.88 -32.62 41.37
CA ALA I 240 -22.60 -32.73 39.92
C ALA I 240 -21.11 -32.83 39.59
N PRO I 241 -20.27 -31.91 40.09
CA PRO I 241 -18.82 -31.98 39.81
C PRO I 241 -18.22 -33.34 40.13
N LEU I 242 -18.70 -33.98 41.17
CA LEU I 242 -18.23 -35.31 41.49
C LEU I 242 -18.55 -36.25 40.35
N GLN I 243 -19.80 -36.20 39.89
CA GLN I 243 -20.30 -37.11 38.86
C GLN I 243 -19.51 -36.89 37.58
N TYR I 244 -19.16 -35.63 37.38
CA TYR I 244 -18.39 -35.21 36.24
C TYR I 244 -16.93 -35.67 36.32
N LEU I 245 -16.34 -35.61 37.52
CA LEU I 245 -14.96 -36.01 37.74
C LEU I 245 -14.74 -37.53 37.77
N ALA I 246 -15.74 -38.28 38.22
CA ALA I 246 -15.60 -39.71 38.48
C ALA I 246 -14.98 -40.54 37.36
N PRO I 247 -15.31 -40.24 36.09
CA PRO I 247 -14.76 -41.11 35.06
C PRO I 247 -13.27 -40.83 34.79
N TYR I 248 -12.89 -39.57 34.93
CA TYR I 248 -11.50 -39.19 34.77
C TYR I 248 -10.67 -39.83 35.88
N SER I 249 -11.15 -39.75 37.13
CA SER I 249 -10.53 -40.45 38.24
C SER I 249 -10.38 -41.93 37.91
N GLY I 250 -11.48 -42.52 37.41
CA GLY I 250 -11.49 -43.91 37.05
C GLY I 250 -10.42 -44.17 36.02
N CYS I 251 -10.34 -43.29 35.02
CA CYS I 251 -9.48 -43.48 33.86
C CYS I 251 -7.99 -43.47 34.21
N SER I 252 -7.62 -42.69 35.22
CA SER I 252 -6.24 -42.62 35.67
C SER I 252 -5.82 -43.93 36.33
N MET I 253 -6.68 -44.41 37.23
CA MET I 253 -6.53 -45.69 37.89
C MET I 253 -6.35 -46.82 36.91
N GLY I 254 -7.02 -46.70 35.76
CA GLY I 254 -6.85 -47.63 34.64
C GLY I 254 -5.50 -47.46 33.97
N GLU I 255 -5.10 -46.21 33.75
CA GLU I 255 -3.82 -45.90 33.10
C GLU I 255 -2.61 -46.42 33.85
N TYR I 256 -2.71 -46.48 35.17
CA TYR I 256 -1.68 -47.13 35.97
C TYR I 256 -1.32 -48.48 35.32
N PHE I 257 -2.32 -49.25 34.89
CA PHE I 257 -2.08 -50.58 34.33
C PHE I 257 -1.63 -50.50 32.87
N ARG I 258 -2.19 -49.57 32.13
CA ARG I 258 -1.86 -49.39 30.72
C ARG I 258 -0.36 -49.18 30.57
N ASP I 259 0.16 -48.20 31.31
CA ASP I 259 1.53 -47.74 31.18
C ASP I 259 2.52 -48.67 31.86
N ASN I 260 2.01 -49.63 32.62
CA ASN I 260 2.88 -50.54 33.37
C ASN I 260 2.92 -51.99 32.86
N GLY I 261 2.65 -52.16 31.57
CA GLY I 261 2.68 -53.49 30.96
C GLY I 261 1.52 -54.37 31.35
N LYS I 262 0.46 -53.77 31.91
CA LYS I 262 -0.70 -54.53 32.31
C LYS I 262 -1.97 -54.12 31.53
N HIS I 263 -3.06 -54.85 31.74
CA HIS I 263 -4.26 -54.64 30.96
C HIS I 263 -5.42 -54.32 31.86
N ALA I 264 -6.19 -53.34 31.45
CA ALA I 264 -7.27 -52.89 32.28
C ALA I 264 -8.44 -52.58 31.37
N LEU I 265 -9.63 -52.88 31.89
CA LEU I 265 -10.87 -52.50 31.24
C LEU I 265 -11.61 -51.60 32.20
N ILE I 266 -12.19 -50.52 31.65
CA ILE I 266 -12.94 -49.58 32.46
C ILE I 266 -14.31 -49.35 31.87
N ILE I 267 -15.30 -49.25 32.75
CA ILE I 267 -16.71 -49.09 32.33
C ILE I 267 -17.22 -47.77 32.86
N TYR I 268 -17.70 -46.92 31.96
CA TYR I 268 -18.25 -45.63 32.34
C TYR I 268 -19.76 -45.78 32.31
N ASP I 269 -20.35 -45.99 33.48
CA ASP I 269 -21.78 -46.29 33.57
C ASP I 269 -22.56 -45.23 34.35
N ASP I 270 -23.08 -44.21 33.66
CA ASP I 270 -23.04 -44.10 32.22
C ASP I 270 -22.74 -42.66 31.80
N LEU I 271 -22.25 -42.48 30.57
CA LEU I 271 -21.82 -41.19 30.10
C LEU I 271 -23.01 -40.23 29.81
N SER I 272 -24.18 -40.77 29.49
CA SER I 272 -25.39 -39.97 29.36
C SER I 272 -25.57 -39.13 30.62
N LYS I 273 -25.51 -39.81 31.77
CA LYS I 273 -25.75 -39.16 33.05
C LYS I 273 -24.64 -38.17 33.41
N GLN I 274 -23.41 -38.49 33.04
CA GLN I 274 -22.27 -37.58 33.24
C GLN I 274 -22.44 -36.31 32.44
N ALA I 275 -22.86 -36.42 31.19
CA ALA I 275 -23.09 -35.20 30.41
C ALA I 275 -24.13 -34.32 31.09
N VAL I 276 -25.18 -34.91 31.65
CA VAL I 276 -26.17 -34.19 32.47
C VAL I 276 -25.48 -33.34 33.56
N ALA I 277 -24.73 -34.01 34.43
CA ALA I 277 -23.95 -33.31 35.45
C ALA I 277 -23.15 -32.17 34.86
N TYR I 278 -22.52 -32.40 33.69
CA TYR I 278 -21.68 -31.36 33.07
C TYR I 278 -22.50 -30.15 32.60
N ARG I 279 -23.64 -30.42 31.97
CA ARG I 279 -24.60 -29.39 31.54
C ARG I 279 -25.04 -28.51 32.70
N GLN I 280 -25.42 -29.16 33.82
CA GLN I 280 -25.80 -28.44 35.02
C GLN I 280 -24.71 -27.44 35.46
N MET I 281 -23.47 -27.90 35.50
CA MET I 281 -22.32 -27.05 35.82
C MET I 281 -22.20 -25.92 34.81
N SER I 282 -22.36 -26.23 33.52
CA SER I 282 -22.12 -25.24 32.45
C SER I 282 -23.14 -24.10 32.43
N LEU I 283 -24.41 -24.44 32.59
CA LEU I 283 -25.48 -23.45 32.61
C LEU I 283 -25.42 -22.63 33.88
N LEU I 284 -24.91 -23.22 34.96
CA LEU I 284 -24.72 -22.46 36.19
C LEU I 284 -23.54 -21.50 36.02
N LEU I 285 -22.55 -21.93 35.25
CA LEU I 285 -21.42 -21.08 34.86
C LEU I 285 -21.82 -20.05 33.78
N ARG I 286 -23.04 -20.20 33.27
CA ARG I 286 -23.65 -19.32 32.27
C ARG I 286 -23.06 -19.47 30.86
N ARG I 287 -22.50 -20.65 30.62
CA ARG I 287 -21.93 -21.03 29.32
C ARG I 287 -23.05 -21.14 28.29
N PRO I 288 -22.83 -20.58 27.09
CA PRO I 288 -23.87 -20.53 26.05
C PRO I 288 -24.45 -21.90 25.75
N PRO I 289 -25.74 -22.12 26.07
CA PRO I 289 -26.41 -23.38 25.75
C PRO I 289 -26.49 -23.64 24.26
N GLY I 290 -26.11 -24.83 23.84
CA GLY I 290 -26.25 -25.23 22.44
C GLY I 290 -27.38 -26.23 22.26
N ARG I 291 -27.23 -27.12 21.26
CA ARG I 291 -28.19 -28.14 20.96
C ARG I 291 -28.54 -28.91 22.24
N GLU I 292 -29.83 -28.86 22.61
CA GLU I 292 -30.38 -29.47 23.85
C GLU I 292 -29.80 -28.86 25.12
N ALA I 293 -29.56 -27.56 25.09
CA ALA I 293 -28.97 -26.84 26.22
C ALA I 293 -27.56 -27.33 26.65
N TYR I 294 -26.98 -28.26 25.88
CA TYR I 294 -25.56 -28.68 26.11
C TYR I 294 -24.55 -27.66 25.61
N PRO I 295 -23.43 -27.48 26.35
CA PRO I 295 -22.39 -26.50 26.02
C PRO I 295 -21.51 -26.96 24.86
N GLY I 296 -20.82 -26.05 24.19
CA GLY I 296 -20.03 -26.40 23.01
C GLY I 296 -19.05 -27.56 23.16
N ASP I 297 -18.54 -27.77 24.38
CA ASP I 297 -17.48 -28.73 24.64
C ASP I 297 -18.01 -30.05 25.20
N VAL I 298 -19.28 -30.32 24.96
CA VAL I 298 -19.84 -31.58 25.39
C VAL I 298 -19.18 -32.79 24.70
N PHE I 299 -18.75 -32.60 23.46
CA PHE I 299 -18.00 -33.61 22.74
C PHE I 299 -16.61 -33.84 23.35
N TYR I 300 -15.89 -32.74 23.56
CA TYR I 300 -14.53 -32.79 24.12
C TYR I 300 -14.56 -33.46 25.49
N LEU I 301 -15.63 -33.21 26.23
CA LEU I 301 -15.81 -33.82 27.54
C LEU I 301 -15.61 -35.33 27.46
N HIS I 302 -16.18 -35.96 26.44
CA HIS I 302 -16.09 -37.40 26.31
C HIS I 302 -14.91 -37.81 25.45
N SER I 303 -14.61 -36.99 24.42
CA SER I 303 -13.51 -37.29 23.52
C SER I 303 -12.18 -37.52 24.24
N ARG I 304 -11.77 -36.59 25.13
CA ARG I 304 -10.44 -36.71 25.77
C ARG I 304 -10.37 -37.88 26.75
N LEU I 305 -11.50 -38.20 27.38
CA LEU I 305 -11.61 -39.32 28.31
C LEU I 305 -11.47 -40.66 27.58
N LEU I 306 -12.16 -40.80 26.44
CA LEU I 306 -12.12 -42.04 25.69
C LEU I 306 -10.86 -42.23 24.85
N GLU I 307 -10.26 -41.12 24.41
CA GLU I 307 -8.95 -41.18 23.75
C GLU I 307 -7.92 -41.93 24.59
N ARG I 308 -8.08 -41.87 25.92
CA ARG I 308 -7.16 -42.48 26.87
C ARG I 308 -7.22 -44.01 26.94
N ALA I 309 -8.26 -44.61 26.39
CA ALA I 309 -8.24 -46.04 26.17
C ALA I 309 -7.33 -46.23 24.97
N ALA I 310 -6.44 -47.21 25.07
CA ALA I 310 -5.33 -47.29 24.17
C ALA I 310 -4.64 -48.61 24.31
N LYS I 311 -4.11 -49.09 23.20
CA LYS I 311 -3.21 -50.21 23.19
C LYS I 311 -1.78 -49.67 23.03
N MET I 312 -0.89 -50.04 23.93
CA MET I 312 0.51 -49.61 23.81
C MET I 312 1.35 -50.66 23.09
N ASN I 313 2.28 -50.21 22.26
CA ASN I 313 3.22 -51.14 21.65
C ASN I 313 4.20 -51.72 22.68
N ASP I 314 5.06 -52.65 22.27
CA ASP I 314 5.97 -53.29 23.22
C ASP I 314 7.00 -52.31 23.78
N ALA I 315 7.25 -51.20 23.09
CA ALA I 315 8.24 -50.23 23.57
C ALA I 315 7.73 -49.41 24.76
N PHE I 316 6.44 -49.44 25.00
CA PHE I 316 5.89 -48.68 26.10
C PHE I 316 5.25 -49.60 27.11
N GLY I 317 5.66 -50.87 27.05
CA GLY I 317 5.15 -51.93 27.92
C GLY I 317 4.27 -52.96 27.22
N GLY I 318 3.36 -52.51 26.35
CA GLY I 318 2.46 -53.44 25.67
C GLY I 318 1.16 -53.56 26.43
N GLY I 319 1.01 -52.75 27.48
CA GLY I 319 -0.23 -52.67 28.25
C GLY I 319 -1.33 -51.99 27.47
N SER I 320 -2.52 -51.95 28.05
CA SER I 320 -3.67 -51.34 27.37
C SER I 320 -4.76 -50.94 28.35
N LEU I 321 -5.56 -49.95 27.97
CA LEU I 321 -6.83 -49.69 28.64
C LEU I 321 -7.96 -49.95 27.66
N THR I 322 -8.94 -50.74 28.05
CA THR I 322 -10.15 -50.94 27.22
C THR I 322 -11.34 -50.24 27.87
N ALA I 323 -12.06 -49.42 27.09
CA ALA I 323 -13.17 -48.65 27.61
C ALA I 323 -14.53 -49.04 27.02
N LEU I 324 -15.43 -49.46 27.92
CA LEU I 324 -16.83 -49.72 27.58
C LEU I 324 -17.76 -48.61 28.12
N PRO I 325 -17.88 -47.50 27.36
CA PRO I 325 -18.74 -46.40 27.80
C PRO I 325 -20.21 -46.74 27.56
N VAL I 326 -21.06 -46.27 28.45
CA VAL I 326 -22.47 -46.58 28.33
C VAL I 326 -23.21 -45.29 27.99
N ILE I 327 -24.08 -45.37 26.99
CA ILE I 327 -24.95 -44.26 26.60
C ILE I 327 -26.43 -44.71 26.64
N GLU I 328 -27.27 -43.91 27.28
CA GLU I 328 -28.70 -44.16 27.31
C GLU I 328 -29.41 -43.32 26.25
N THR I 329 -30.03 -44.01 25.28
CA THR I 329 -30.83 -43.34 24.26
C THR I 329 -32.26 -43.11 24.75
N GLN I 330 -32.92 -42.11 24.18
CA GLN I 330 -34.36 -41.92 24.35
C GLN I 330 -35.03 -42.55 23.14
N ALA I 331 -35.80 -43.61 23.35
CA ALA I 331 -36.65 -44.20 22.32
C ALA I 331 -35.85 -44.63 21.07
N GLY I 332 -34.82 -45.44 21.30
CA GLY I 332 -33.94 -45.93 20.24
C GLY I 332 -33.46 -44.88 19.25
N ASP I 333 -33.34 -43.62 19.72
CA ASP I 333 -32.95 -42.48 18.87
C ASP I 333 -31.44 -42.32 18.93
N VAL I 334 -30.76 -42.86 17.94
CA VAL I 334 -29.29 -42.84 17.93
C VAL I 334 -28.76 -41.56 17.30
N SER I 335 -29.67 -40.80 16.69
CA SER I 335 -29.32 -39.59 15.97
C SER I 335 -29.25 -38.32 16.84
N ALA I 336 -29.51 -38.45 18.14
CA ALA I 336 -29.49 -37.29 19.02
C ALA I 336 -28.05 -36.91 19.35
N TYR I 337 -27.88 -35.72 19.94
CA TYR I 337 -26.58 -35.07 20.09
C TYR I 337 -25.52 -35.92 20.79
N ILE I 338 -25.86 -36.42 21.98
CA ILE I 338 -24.86 -37.11 22.81
C ILE I 338 -24.54 -38.52 22.31
N PRO I 339 -25.56 -39.32 21.96
CA PRO I 339 -25.30 -40.61 21.33
C PRO I 339 -24.36 -40.50 20.12
N THR I 340 -24.64 -39.57 19.19
CA THR I 340 -23.82 -39.43 17.99
C THR I 340 -22.40 -38.97 18.31
N ASN I 341 -22.27 -38.01 19.23
CA ASN I 341 -20.95 -37.61 19.76
C ASN I 341 -20.09 -38.82 20.15
N VAL I 342 -20.62 -39.66 21.03
CA VAL I 342 -19.89 -40.81 21.53
C VAL I 342 -19.63 -41.89 20.46
N ILE I 343 -20.58 -42.09 19.55
CA ILE I 343 -20.37 -42.96 18.38
C ILE I 343 -19.23 -42.42 17.51
N SER I 344 -19.04 -41.10 17.52
CA SER I 344 -18.00 -40.46 16.71
C SER I 344 -16.67 -40.42 17.45
N ILE I 345 -16.58 -41.20 18.53
CA ILE I 345 -15.39 -41.27 19.38
C ILE I 345 -14.94 -42.73 19.52
N THR I 346 -15.89 -43.60 19.85
CA THR I 346 -15.58 -45.00 20.14
C THR I 346 -15.36 -45.80 18.84
N ASP I 347 -14.97 -47.06 18.94
CA ASP I 347 -14.64 -47.87 17.76
C ASP I 347 -15.73 -48.88 17.37
N GLY I 348 -16.97 -48.42 17.32
CA GLY I 348 -18.10 -49.32 17.12
C GLY I 348 -19.01 -49.32 18.33
N GLN I 349 -20.13 -50.00 18.21
CA GLN I 349 -21.18 -49.91 19.22
C GLN I 349 -21.86 -51.25 19.34
N ILE I 350 -22.20 -51.61 20.56
CA ILE I 350 -23.22 -52.63 20.76
C ILE I 350 -24.53 -51.85 20.89
N PHE I 351 -25.47 -52.09 19.97
CA PHE I 351 -26.79 -51.49 20.13
C PHE I 351 -27.83 -52.45 20.70
N LEU I 352 -28.46 -52.03 21.82
CA LEU I 352 -29.48 -52.83 22.47
C LEU I 352 -30.89 -52.27 22.27
N GLU I 353 -31.73 -53.04 21.57
CA GLU I 353 -33.11 -52.65 21.20
C GLU I 353 -34.16 -53.03 22.24
N THR I 354 -35.02 -52.08 22.59
CA THR I 354 -36.12 -52.29 23.52
C THR I 354 -37.00 -53.42 23.01
N GLU I 355 -37.29 -53.38 21.70
CA GLU I 355 -38.15 -54.38 21.06
C GLU I 355 -37.61 -55.80 21.24
N LEU I 356 -36.32 -55.99 20.95
CA LEU I 356 -35.68 -57.29 21.16
C LEU I 356 -35.78 -57.73 22.61
N PHE I 357 -35.49 -56.80 23.52
CA PHE I 357 -35.52 -57.05 24.95
C PHE I 357 -36.92 -57.38 25.45
N TYR I 358 -37.91 -56.72 24.87
CA TYR I 358 -39.30 -56.95 25.23
C TYR I 358 -39.69 -58.39 24.90
N LYS I 359 -39.38 -58.79 23.68
CA LYS I 359 -39.67 -60.14 23.18
C LYS I 359 -38.88 -61.23 23.93
N GLY I 360 -38.08 -60.81 24.92
CA GLY I 360 -37.27 -61.73 25.72
C GLY I 360 -35.94 -62.17 25.10
N ILE I 361 -35.63 -61.65 23.90
CA ILE I 361 -34.36 -61.94 23.23
C ILE I 361 -33.25 -61.26 24.03
N ARG I 362 -32.35 -62.07 24.60
CA ARG I 362 -31.38 -61.57 25.58
C ARG I 362 -30.02 -62.30 25.53
N PRO I 363 -28.91 -61.55 25.40
CA PRO I 363 -28.79 -60.08 25.31
C PRO I 363 -29.49 -59.50 24.08
N ALA I 364 -30.16 -58.36 24.24
CA ALA I 364 -30.97 -57.78 23.18
C ALA I 364 -30.17 -57.02 22.14
N ILE I 365 -29.20 -57.70 21.53
CA ILE I 365 -28.29 -57.06 20.58
C ILE I 365 -28.90 -56.97 19.18
N ASN I 366 -29.04 -55.75 18.69
CA ASN I 366 -29.33 -55.56 17.29
C ASN I 366 -28.02 -55.73 16.54
N VAL I 367 -27.91 -56.78 15.75
CA VAL I 367 -26.66 -57.08 15.05
C VAL I 367 -26.39 -56.09 13.91
N GLY I 368 -27.39 -55.85 13.08
CA GLY I 368 -27.25 -54.97 11.94
C GLY I 368 -26.69 -53.61 12.27
N LEU I 369 -27.09 -53.08 13.42
CA LEU I 369 -26.72 -51.72 13.82
C LEU I 369 -25.50 -51.68 14.75
N SER I 370 -24.95 -52.87 15.04
CA SER I 370 -23.79 -53.03 15.89
C SER I 370 -22.54 -53.26 15.05
N VAL I 371 -21.44 -52.63 15.46
CA VAL I 371 -20.15 -52.83 14.83
C VAL I 371 -19.01 -52.77 15.85
N SER I 372 -17.95 -53.51 15.53
CA SER I 372 -16.66 -53.37 16.16
C SER I 372 -15.73 -52.95 15.02
N ARG I 373 -15.21 -51.73 15.08
CA ARG I 373 -14.45 -51.19 13.95
C ARG I 373 -13.07 -51.83 13.82
N VAL I 374 -12.59 -52.41 14.93
CA VAL I 374 -11.22 -52.90 15.01
C VAL I 374 -11.05 -54.25 15.72
N GLY I 375 -12.14 -54.88 16.12
CA GLY I 375 -12.06 -56.09 16.93
C GLY I 375 -11.80 -57.39 16.18
N SER I 376 -12.03 -57.39 14.88
CA SER I 376 -11.84 -58.61 14.09
C SER I 376 -10.42 -59.14 14.19
N ALA I 377 -9.45 -58.23 14.36
CA ALA I 377 -8.05 -58.60 14.46
C ALA I 377 -7.69 -59.24 15.80
N ALA I 378 -8.52 -59.00 16.82
CA ALA I 378 -8.32 -59.56 18.15
C ALA I 378 -9.35 -60.61 18.53
N GLN I 379 -9.83 -61.34 17.53
CA GLN I 379 -10.74 -62.46 17.76
C GLN I 379 -9.98 -63.77 17.48
N THR I 380 -10.01 -64.70 18.45
CA THR I 380 -9.33 -66.00 18.30
C THR I 380 -9.72 -66.66 16.97
N ARG I 381 -8.74 -67.31 16.35
CA ARG I 381 -8.97 -67.99 15.09
C ARG I 381 -10.11 -69.01 15.24
N ALA I 382 -10.13 -69.69 16.38
CA ALA I 382 -11.16 -70.68 16.69
C ALA I 382 -12.56 -70.07 16.67
N MET I 383 -12.71 -68.88 17.24
CA MET I 383 -13.98 -68.19 17.13
C MET I 383 -14.22 -67.75 15.67
N LYS I 384 -13.17 -67.20 15.04
CA LYS I 384 -13.23 -66.75 13.64
C LYS I 384 -13.76 -67.77 12.63
N GLN I 385 -13.45 -69.06 12.85
CA GLN I 385 -13.79 -70.14 11.93
C GLN I 385 -15.25 -70.57 11.99
N VAL I 386 -15.90 -70.30 13.12
CA VAL I 386 -17.33 -70.58 13.28
C VAL I 386 -18.15 -69.30 13.17
N ALA I 387 -17.51 -68.16 13.46
CA ALA I 387 -18.21 -66.89 13.55
C ALA I 387 -18.42 -66.20 12.20
N GLY I 388 -17.43 -66.28 11.32
CA GLY I 388 -17.50 -65.67 9.99
C GLY I 388 -18.69 -66.18 9.18
N THR I 389 -18.94 -67.48 9.26
CA THR I 389 -20.11 -68.08 8.59
C THR I 389 -21.43 -67.84 9.36
N MET I 390 -21.35 -67.64 10.68
CA MET I 390 -22.55 -67.29 11.45
C MET I 390 -23.00 -65.86 11.20
N LYS I 391 -22.05 -64.94 11.14
CA LYS I 391 -22.35 -63.56 10.77
C LYS I 391 -23.05 -63.58 9.41
N LEU I 392 -22.51 -64.37 8.49
CA LEU I 392 -23.00 -64.45 7.12
C LEU I 392 -24.40 -65.07 7.00
N GLU I 393 -24.67 -66.14 7.75
CA GLU I 393 -25.98 -66.81 7.73
C GLU I 393 -27.06 -66.03 8.47
N LEU I 394 -26.62 -65.16 9.39
CA LEU I 394 -27.48 -64.18 10.07
C LEU I 394 -27.70 -62.92 9.23
N ALA I 395 -26.78 -62.66 8.31
CA ALA I 395 -26.91 -61.56 7.36
C ALA I 395 -27.97 -61.88 6.29
N GLN I 396 -27.97 -63.14 5.83
CA GLN I 396 -28.94 -63.63 4.85
C GLN I 396 -30.35 -63.66 5.44
N TYR I 397 -30.44 -64.01 6.73
CA TYR I 397 -31.71 -64.19 7.46
C TYR I 397 -32.48 -62.90 7.77
N ARG I 398 -31.75 -61.82 8.10
CA ARG I 398 -32.32 -60.49 8.31
C ARG I 398 -33.03 -60.00 7.05
N GLU I 399 -32.47 -60.36 5.89
CA GLU I 399 -32.99 -59.96 4.59
C GLU I 399 -34.33 -60.61 4.23
N VAL I 400 -34.70 -61.68 4.94
CA VAL I 400 -35.94 -62.42 4.63
C VAL I 400 -36.81 -62.79 5.85
N ALA I 401 -36.98 -61.84 6.77
CA ALA I 401 -37.77 -62.04 7.99
C ALA I 401 -39.26 -62.18 7.69
N LEU I 410 -41.38 -69.75 0.16
CA LEU I 410 -41.72 -71.17 0.23
C LEU I 410 -40.94 -72.04 -0.78
N ASP I 411 -39.85 -71.52 -1.33
CA ASP I 411 -38.96 -72.32 -2.19
C ASP I 411 -37.70 -72.76 -1.45
N ALA I 412 -37.05 -73.80 -1.98
CA ALA I 412 -35.93 -74.51 -1.32
C ALA I 412 -34.95 -73.68 -0.46
N ALA I 413 -34.22 -72.77 -1.10
CA ALA I 413 -33.13 -72.05 -0.42
C ALA I 413 -33.59 -71.07 0.65
N THR I 414 -34.53 -70.19 0.30
CA THR I 414 -34.93 -69.07 1.16
C THR I 414 -35.71 -69.48 2.42
N GLN I 415 -36.17 -70.73 2.47
CA GLN I 415 -36.80 -71.27 3.67
C GLN I 415 -35.72 -71.81 4.61
N GLN I 416 -34.67 -72.38 4.03
CA GLN I 416 -33.57 -72.95 4.78
C GLN I 416 -32.82 -71.90 5.61
N LEU I 417 -32.67 -70.69 5.07
CA LEU I 417 -32.00 -69.59 5.77
C LEU I 417 -32.87 -69.02 6.88
N LEU I 418 -34.18 -69.28 6.80
CA LEU I 418 -35.10 -69.06 7.91
C LEU I 418 -34.96 -70.15 8.97
N SER I 419 -34.92 -71.41 8.52
CA SER I 419 -34.68 -72.55 9.42
C SER I 419 -33.39 -72.35 10.20
N ARG I 420 -32.32 -71.97 9.50
CA ARG I 420 -31.02 -71.71 10.12
C ARG I 420 -31.06 -70.45 10.96
N GLY I 421 -31.68 -69.40 10.44
CA GLY I 421 -31.69 -68.09 11.09
C GLY I 421 -32.31 -68.04 12.48
N VAL I 422 -33.52 -68.57 12.63
CA VAL I 422 -34.19 -68.59 13.92
C VAL I 422 -33.34 -69.33 14.96
N ARG I 423 -32.70 -70.41 14.50
CA ARG I 423 -31.89 -71.27 15.34
C ARG I 423 -30.62 -70.61 15.83
N LEU I 424 -29.91 -69.94 14.91
CA LEU I 424 -28.73 -69.19 15.29
C LEU I 424 -29.10 -68.13 16.31
N THR I 425 -30.29 -67.53 16.12
CA THR I 425 -30.81 -66.49 17.01
C THR I 425 -31.12 -67.06 18.40
N GLU I 426 -31.52 -68.32 18.46
CA GLU I 426 -31.74 -68.96 19.75
C GLU I 426 -30.40 -69.24 20.42
N LEU I 427 -29.39 -69.56 19.61
CA LEU I 427 -28.04 -69.81 20.07
C LEU I 427 -27.42 -68.61 20.76
N LEU I 428 -27.77 -67.40 20.31
CA LEU I 428 -27.16 -66.20 20.86
C LEU I 428 -27.82 -65.73 22.16
N LYS I 429 -29.03 -66.23 22.44
CA LYS I 429 -29.65 -66.02 23.74
C LYS I 429 -28.67 -66.48 24.81
N GLN I 430 -28.73 -65.87 25.99
CA GLN I 430 -27.85 -66.22 27.10
C GLN I 430 -28.33 -65.51 28.35
N GLY I 431 -28.39 -66.23 29.48
CA GLY I 431 -28.69 -65.60 30.78
C GLY I 431 -27.53 -64.76 31.31
N GLN I 432 -27.65 -64.30 32.55
CA GLN I 432 -26.63 -63.44 33.16
C GLN I 432 -25.73 -64.26 34.07
N TYR I 433 -24.56 -63.71 34.37
CA TYR I 433 -23.66 -64.24 35.41
C TYR I 433 -23.04 -65.59 35.08
N SER I 434 -23.36 -66.13 33.90
CA SER I 434 -22.71 -67.33 33.38
C SER I 434 -21.97 -66.99 32.08
N PRO I 435 -20.89 -66.19 32.17
CA PRO I 435 -20.14 -65.90 30.97
C PRO I 435 -19.34 -67.11 30.56
N MET I 436 -19.08 -67.26 29.27
CA MET I 436 -18.49 -68.48 28.77
C MET I 436 -17.05 -68.32 28.33
N ALA I 437 -16.27 -69.33 28.66
CA ALA I 437 -14.93 -69.49 28.13
C ALA I 437 -15.04 -69.55 26.62
N ILE I 438 -14.02 -69.06 25.92
CA ILE I 438 -14.07 -68.98 24.47
C ILE I 438 -14.32 -70.31 23.73
N GLU I 439 -13.66 -71.37 24.17
CA GLU I 439 -13.76 -72.70 23.54
C GLU I 439 -15.16 -73.26 23.66
N GLU I 440 -15.77 -73.01 24.81
CA GLU I 440 -17.13 -73.43 25.04
C GLU I 440 -18.04 -72.72 24.06
N GLN I 441 -17.83 -71.42 23.88
CA GLN I 441 -18.62 -70.65 22.94
C GLN I 441 -18.51 -71.21 21.52
N VAL I 442 -17.31 -71.55 21.08
CA VAL I 442 -17.11 -72.01 19.69
C VAL I 442 -17.76 -73.39 19.39
N ALA I 443 -17.73 -74.28 20.39
CA ALA I 443 -18.39 -75.58 20.31
C ALA I 443 -19.90 -75.43 20.13
N VAL I 444 -20.50 -74.52 20.89
CA VAL I 444 -21.91 -74.29 20.76
C VAL I 444 -22.21 -73.71 19.39
N ILE I 445 -21.46 -72.69 18.97
CA ILE I 445 -21.65 -72.09 17.65
C ILE I 445 -21.42 -73.13 16.57
N TYR I 446 -20.44 -74.00 16.78
CA TYR I 446 -20.08 -75.03 15.80
C TYR I 446 -21.31 -75.86 15.46
N ALA I 447 -21.93 -76.45 16.48
CA ALA I 447 -23.21 -77.14 16.35
C ALA I 447 -24.15 -76.38 15.41
N GLY I 448 -24.31 -75.09 15.65
CA GLY I 448 -25.17 -74.24 14.82
C GLY I 448 -24.71 -74.12 13.39
N VAL I 449 -23.52 -73.56 13.19
CA VAL I 449 -22.98 -73.29 11.85
C VAL I 449 -22.69 -74.55 10.99
N ARG I 450 -22.71 -75.72 11.62
CA ARG I 450 -22.55 -76.97 10.89
C ARG I 450 -23.87 -77.74 10.73
N GLY I 451 -24.97 -77.02 10.92
CA GLY I 451 -26.30 -77.52 10.56
C GLY I 451 -26.97 -78.53 11.46
N TYR I 452 -26.28 -78.95 12.52
CA TYR I 452 -26.83 -79.95 13.42
C TYR I 452 -28.07 -79.48 14.19
N LEU I 453 -28.36 -78.19 14.17
CA LEU I 453 -29.53 -77.68 14.86
C LEU I 453 -30.77 -77.60 13.97
N ASP I 454 -30.56 -77.67 12.65
CA ASP I 454 -31.64 -77.51 11.67
C ASP I 454 -32.84 -78.44 11.85
N LYS I 455 -32.58 -79.69 12.24
CA LYS I 455 -33.64 -80.71 12.33
C LYS I 455 -34.50 -80.53 13.58
N LEU I 456 -33.99 -79.74 14.52
CA LEU I 456 -34.61 -79.50 15.82
C LEU I 456 -35.61 -78.33 15.80
N GLU I 457 -36.55 -78.33 16.73
CA GLU I 457 -37.48 -77.22 16.85
C GLU I 457 -36.88 -76.07 17.68
N PRO I 458 -37.14 -74.82 17.24
CA PRO I 458 -36.59 -73.60 17.84
C PRO I 458 -36.73 -73.51 19.37
N SER I 459 -37.88 -73.93 19.88
CA SER I 459 -38.18 -73.89 21.31
C SER I 459 -37.29 -74.80 22.15
N LYS I 460 -36.43 -75.56 21.47
CA LYS I 460 -35.59 -76.55 22.12
C LYS I 460 -34.08 -76.35 21.93
N ILE I 461 -33.68 -75.32 21.16
CA ILE I 461 -32.25 -75.03 20.98
C ILE I 461 -31.58 -74.65 22.30
N THR I 462 -32.23 -73.80 23.07
CA THR I 462 -31.72 -73.46 24.40
C THR I 462 -31.46 -74.77 25.17
N LYS I 463 -32.45 -75.65 25.21
CA LYS I 463 -32.31 -76.93 25.92
C LYS I 463 -31.14 -77.79 25.40
N PHE I 464 -31.05 -77.95 24.08
CA PHE I 464 -29.96 -78.71 23.45
C PHE I 464 -28.60 -78.11 23.82
N GLU I 465 -28.55 -76.79 23.81
CA GLU I 465 -27.31 -76.05 24.08
C GLU I 465 -26.74 -76.38 25.45
N ASN I 466 -27.61 -76.43 26.46
CA ASN I 466 -27.16 -76.66 27.85
C ASN I 466 -26.83 -78.13 28.11
N ALA I 467 -27.62 -79.02 27.50
CA ALA I 467 -27.41 -80.46 27.60
C ALA I 467 -26.15 -80.88 26.83
N PHE I 468 -25.92 -80.21 25.69
CA PHE I 468 -24.74 -80.45 24.86
C PHE I 468 -23.46 -79.90 25.48
N LEU I 469 -23.52 -78.65 25.92
CA LEU I 469 -22.40 -77.96 26.56
C LEU I 469 -21.88 -78.68 27.82
N SER I 470 -22.79 -79.12 28.70
CA SER I 470 -22.40 -79.81 29.94
C SER I 470 -21.89 -81.22 29.69
N HIS I 471 -22.34 -81.84 28.60
CA HIS I 471 -21.87 -83.16 28.23
C HIS I 471 -20.43 -83.09 27.76
N VAL I 472 -20.10 -82.10 26.93
CA VAL I 472 -18.74 -81.94 26.43
C VAL I 472 -17.74 -81.54 27.53
N ILE I 473 -18.20 -80.71 28.47
CA ILE I 473 -17.41 -80.26 29.61
C ILE I 473 -17.03 -81.44 30.53
N SER I 474 -17.97 -82.37 30.70
CA SER I 474 -17.81 -83.49 31.61
C SER I 474 -17.08 -84.67 30.97
N GLN I 475 -17.18 -84.78 29.65
CA GLN I 475 -16.70 -85.95 28.95
C GLN I 475 -15.51 -85.66 28.03
N HIS I 476 -15.55 -84.52 27.34
CA HIS I 476 -14.58 -84.24 26.30
C HIS I 476 -13.73 -83.01 26.62
N GLN I 477 -13.22 -82.97 27.85
CA GLN I 477 -12.30 -81.92 28.31
C GLN I 477 -11.08 -81.80 27.43
N ALA I 478 -10.54 -82.95 27.02
CA ALA I 478 -9.33 -83.02 26.21
C ALA I 478 -9.41 -82.14 24.96
N LEU I 479 -10.57 -82.15 24.30
CA LEU I 479 -10.80 -81.38 23.07
C LEU I 479 -10.93 -79.89 23.34
N LEU I 480 -11.79 -79.54 24.31
CA LEU I 480 -12.03 -78.15 24.70
C LEU I 480 -10.72 -77.49 25.12
N SER I 481 -9.92 -78.21 25.90
CA SER I 481 -8.59 -77.76 26.29
C SER I 481 -7.72 -77.48 25.07
N LYS I 482 -7.68 -78.44 24.15
CA LYS I 482 -6.85 -78.35 22.95
C LYS I 482 -7.24 -77.16 22.07
N ILE I 483 -8.54 -76.89 21.97
CA ILE I 483 -9.02 -75.75 21.21
C ILE I 483 -8.64 -74.44 21.89
N ARG I 484 -8.80 -74.37 23.21
CA ARG I 484 -8.33 -73.20 23.98
C ARG I 484 -6.82 -72.99 23.78
N THR I 485 -6.08 -74.09 23.89
CA THR I 485 -4.62 -74.05 23.88
C THR I 485 -4.05 -73.74 22.49
N ASP I 486 -4.63 -74.35 21.45
CA ASP I 486 -4.24 -74.07 20.06
C ASP I 486 -4.81 -72.75 19.51
N GLY I 487 -5.81 -72.20 20.20
CA GLY I 487 -6.51 -71.00 19.74
C GLY I 487 -7.19 -71.19 18.40
N LYS I 488 -7.29 -72.44 17.98
CA LYS I 488 -7.71 -72.81 16.63
C LYS I 488 -8.60 -74.05 16.68
N ILE I 489 -9.34 -74.29 15.60
CA ILE I 489 -9.99 -75.57 15.38
C ILE I 489 -9.16 -76.31 14.34
N SER I 490 -8.39 -77.30 14.80
CA SER I 490 -7.55 -78.10 13.89
C SER I 490 -8.36 -79.13 13.11
N GLU I 491 -7.81 -79.59 11.98
CA GLU I 491 -8.51 -80.54 11.10
C GLU I 491 -8.89 -81.85 11.82
N GLU I 492 -8.10 -82.20 12.84
CA GLU I 492 -8.45 -83.28 13.76
C GLU I 492 -9.60 -82.86 14.69
N SER I 493 -9.41 -81.74 15.40
CA SER I 493 -10.41 -81.21 16.34
C SER I 493 -11.78 -81.09 15.69
N ASP I 494 -11.79 -80.62 14.46
CA ASP I 494 -13.01 -80.48 13.68
C ASP I 494 -13.68 -81.85 13.49
N ALA I 495 -12.94 -82.79 12.92
CA ALA I 495 -13.44 -84.15 12.66
C ALA I 495 -13.72 -84.88 13.98
N LYS I 496 -13.05 -84.45 15.04
CA LYS I 496 -13.29 -84.98 16.38
C LYS I 496 -14.58 -84.37 16.91
N LEU I 497 -14.83 -83.10 16.61
CA LEU I 497 -16.04 -82.42 17.07
C LEU I 497 -17.26 -82.76 16.20
N LYS I 498 -17.03 -83.36 15.03
CA LYS I 498 -18.11 -83.84 14.17
C LYS I 498 -18.75 -85.11 14.74
N GLU I 499 -17.90 -85.94 15.33
CA GLU I 499 -18.29 -87.16 16.04
C GLU I 499 -19.12 -86.85 17.29
N ILE I 500 -18.54 -86.05 18.18
CA ILE I 500 -19.18 -85.68 19.45
C ILE I 500 -20.61 -85.17 19.26
N VAL I 501 -20.82 -84.33 18.26
CA VAL I 501 -22.14 -83.72 18.03
C VAL I 501 -23.15 -84.71 17.48
N THR I 502 -22.75 -85.45 16.44
CA THR I 502 -23.61 -86.46 15.82
C THR I 502 -24.09 -87.50 16.85
N ASN I 503 -23.15 -87.99 17.66
CA ASN I 503 -23.41 -88.97 18.72
C ASN I 503 -24.36 -88.46 19.78
N PHE I 504 -24.27 -87.17 20.06
CA PHE I 504 -25.07 -86.58 21.10
C PHE I 504 -26.48 -86.27 20.62
N LEU I 505 -26.58 -85.68 19.43
CA LEU I 505 -27.85 -85.29 18.81
C LEU I 505 -28.77 -86.49 18.50
N ALA I 506 -28.17 -87.62 18.11
CA ALA I 506 -28.90 -88.86 17.91
C ALA I 506 -29.48 -89.39 19.23
N GLY I 507 -28.81 -89.06 20.33
CA GLY I 507 -29.22 -89.49 21.67
C GLY I 507 -29.88 -88.40 22.51
N PHE I 508 -30.05 -87.23 21.92
CA PHE I 508 -30.78 -86.13 22.53
C PHE I 508 -32.27 -86.45 22.39
N GLU I 509 -32.97 -86.48 23.52
CA GLU I 509 -34.39 -86.88 23.57
C GLU I 509 -35.38 -85.73 23.64
N ILE J 16 9.83 29.91 22.30
CA ILE J 16 9.09 28.63 22.55
C ILE J 16 8.41 28.20 21.25
N LEU J 17 8.32 26.90 21.01
CA LEU J 17 7.79 26.37 19.74
C LEU J 17 6.33 25.93 19.77
N GLY J 18 5.70 25.98 18.60
CA GLY J 18 4.28 25.69 18.43
C GLY J 18 3.93 24.20 18.50
N ALA J 19 3.10 23.87 19.49
CA ALA J 19 2.68 22.50 19.75
C ALA J 19 2.02 21.84 18.54
N ASP J 20 2.29 20.55 18.38
CA ASP J 20 1.71 19.74 17.32
C ASP J 20 0.23 19.53 17.60
N THR J 21 -0.62 20.10 16.75
CA THR J 21 -2.07 19.99 16.94
C THR J 21 -2.75 19.09 15.90
N SER J 22 -1.95 18.29 15.19
CA SER J 22 -2.48 17.42 14.14
C SER J 22 -3.32 16.25 14.65
N VAL J 23 -3.29 16.00 15.96
CA VAL J 23 -3.95 14.84 16.53
C VAL J 23 -5.03 15.17 17.57
N ASP J 24 -5.55 16.40 17.54
CA ASP J 24 -6.59 16.80 18.52
C ASP J 24 -7.67 15.74 18.59
N LEU J 25 -8.31 15.61 19.76
CA LEU J 25 -9.25 14.51 19.95
C LEU J 25 -10.60 14.69 19.24
N GLU J 26 -10.77 15.81 18.55
CA GLU J 26 -12.02 16.10 17.85
C GLU J 26 -12.15 15.44 16.46
N GLU J 27 -11.10 15.55 15.65
CA GLU J 27 -11.08 15.11 14.26
C GLU J 27 -10.36 13.77 14.09
N THR J 28 -9.92 13.20 15.21
CA THR J 28 -9.17 11.96 15.23
C THR J 28 -9.42 11.34 16.58
N GLY J 29 -9.01 10.09 16.75
CA GLY J 29 -9.19 9.38 18.00
C GLY J 29 -8.14 8.30 18.17
N ARG J 30 -8.18 7.61 19.31
CA ARG J 30 -7.24 6.53 19.56
C ARG J 30 -7.91 5.24 19.99
N VAL J 31 -7.51 4.14 19.34
CA VAL J 31 -8.01 2.79 19.60
C VAL J 31 -7.86 2.39 21.06
N LEU J 32 -8.98 2.17 21.73
CA LEU J 32 -8.96 1.63 23.08
C LEU J 32 -8.78 0.13 23.03
N SER J 33 -9.50 -0.53 22.11
CA SER J 33 -9.50 -1.99 22.01
C SER J 33 -9.85 -2.47 20.61
N ILE J 34 -9.23 -3.56 20.18
CA ILE J 34 -9.57 -4.13 18.89
C ILE J 34 -9.80 -5.61 19.05
N GLY J 35 -10.92 -6.09 18.50
CA GLY J 35 -11.29 -7.51 18.53
C GLY J 35 -12.28 -7.83 17.44
N ASP J 36 -12.07 -8.97 16.78
CA ASP J 36 -12.97 -9.49 15.73
C ASP J 36 -13.52 -8.45 14.76
N GLY J 37 -12.70 -7.50 14.33
CA GLY J 37 -13.16 -6.49 13.39
C GLY J 37 -13.98 -5.37 14.00
N ILE J 38 -14.12 -5.38 15.32
CA ILE J 38 -14.72 -4.26 16.02
C ILE J 38 -13.64 -3.45 16.72
N ALA J 39 -13.44 -2.21 16.30
CA ALA J 39 -12.47 -1.34 16.97
C ALA J 39 -13.20 -0.30 17.81
N ARG J 40 -13.00 -0.37 19.12
CA ARG J 40 -13.52 0.67 20.02
C ARG J 40 -12.54 1.86 20.06
N VAL J 41 -13.06 3.09 19.91
CA VAL J 41 -12.20 4.24 19.71
C VAL J 41 -12.51 5.43 20.63
N HIS J 42 -11.49 5.88 21.34
CA HIS J 42 -11.53 7.06 22.19
C HIS J 42 -11.49 8.30 21.31
N GLY J 43 -12.21 9.34 21.70
CA GLY J 43 -12.16 10.60 20.98
C GLY J 43 -13.03 10.58 19.75
N LEU J 44 -12.48 11.09 18.64
CA LEU J 44 -13.27 11.30 17.42
C LEU J 44 -14.54 12.08 17.80
N ARG J 45 -14.36 13.15 18.58
CA ARG J 45 -15.51 13.89 19.10
C ARG J 45 -16.46 14.35 17.99
N ASN J 46 -15.91 14.60 16.81
CA ASN J 46 -16.70 15.11 15.69
C ASN J 46 -17.11 14.14 14.57
N VAL J 47 -16.89 12.83 14.74
CA VAL J 47 -17.42 11.91 13.72
C VAL J 47 -18.92 11.92 13.67
N GLN J 48 -19.42 11.59 12.49
CA GLN J 48 -20.83 11.42 12.23
C GLN J 48 -21.12 9.93 12.32
N ALA J 49 -22.35 9.59 12.68
CA ALA J 49 -22.84 8.22 12.53
C ALA J 49 -22.82 7.83 11.05
N GLU J 50 -22.28 6.67 10.74
CA GLU J 50 -22.11 6.17 9.36
C GLU J 50 -20.96 6.83 8.58
N GLU J 51 -20.16 7.65 9.27
CA GLU J 51 -18.98 8.25 8.68
C GLU J 51 -17.89 7.22 8.49
N MET J 52 -17.19 7.35 7.36
CA MET J 52 -16.00 6.56 7.04
C MET J 52 -14.76 7.13 7.76
N VAL J 53 -13.97 6.24 8.37
CA VAL J 53 -12.75 6.61 9.09
C VAL J 53 -11.53 5.89 8.52
N GLU J 54 -10.35 6.39 8.81
CA GLU J 54 -9.13 5.79 8.32
C GLU J 54 -8.24 5.43 9.49
N PHE J 55 -7.83 4.16 9.53
CA PHE J 55 -6.82 3.73 10.48
C PHE J 55 -5.45 4.03 9.89
N SER J 56 -4.42 4.11 10.75
CA SER J 56 -3.05 4.39 10.30
C SER J 56 -2.56 3.36 9.27
N SER J 57 -2.93 2.11 9.47
CA SER J 57 -2.50 1.02 8.58
C SER J 57 -3.15 0.99 7.19
N GLY J 58 -3.96 2.01 6.86
CA GLY J 58 -4.59 2.13 5.54
C GLY J 58 -5.95 1.49 5.40
N LEU J 59 -6.38 0.78 6.45
CA LEU J 59 -7.72 0.21 6.51
C LEU J 59 -8.76 1.29 6.70
N LYS J 60 -9.87 1.15 5.99
CA LYS J 60 -11.00 2.01 6.21
C LYS J 60 -11.99 1.34 7.17
N GLY J 61 -12.80 2.16 7.83
CA GLY J 61 -13.79 1.68 8.77
C GLY J 61 -15.01 2.58 8.79
N MET J 62 -16.10 2.09 9.39
CA MET J 62 -17.35 2.85 9.47
C MET J 62 -17.78 3.02 10.92
N SER J 63 -18.13 4.25 11.31
CA SER J 63 -18.63 4.50 12.66
C SER J 63 -20.10 4.13 12.72
N LEU J 64 -20.45 3.23 13.62
CA LEU J 64 -21.82 2.78 13.73
C LEU J 64 -22.38 2.99 15.13
N ASN J 65 -21.51 2.88 16.13
CA ASN J 65 -21.88 3.17 17.49
C ASN J 65 -21.18 4.44 17.95
N LEU J 66 -21.96 5.50 18.15
CA LEU J 66 -21.45 6.68 18.83
C LEU J 66 -21.98 6.56 20.23
N GLU J 67 -21.06 6.41 21.16
CA GLU J 67 -21.37 6.28 22.57
C GLU J 67 -20.69 7.38 23.38
N PRO J 68 -21.12 7.59 24.65
CA PRO J 68 -20.59 8.73 25.42
C PRO J 68 -19.06 8.80 25.50
N ASP J 69 -18.41 7.64 25.57
CA ASP J 69 -16.94 7.56 25.75
C ASP J 69 -16.19 6.76 24.67
N ASN J 70 -16.92 6.02 23.83
CA ASN J 70 -16.31 5.30 22.72
C ASN J 70 -17.02 5.49 21.39
N VAL J 71 -16.37 5.07 20.31
CA VAL J 71 -16.99 4.96 19.01
C VAL J 71 -16.87 3.52 18.53
N GLY J 72 -18.01 2.87 18.30
CA GLY J 72 -18.05 1.52 17.77
C GLY J 72 -17.73 1.56 16.29
N VAL J 73 -16.56 1.07 15.92
CA VAL J 73 -16.09 1.16 14.55
C VAL J 73 -15.93 -0.22 13.97
N VAL J 74 -16.47 -0.39 12.77
CA VAL J 74 -16.48 -1.66 12.07
C VAL J 74 -15.40 -1.70 10.98
N VAL J 75 -14.53 -2.72 10.98
CA VAL J 75 -13.35 -2.69 10.12
C VAL J 75 -13.66 -3.27 8.75
N PHE J 76 -13.48 -2.46 7.71
CA PHE J 76 -13.66 -2.88 6.32
C PHE J 76 -12.46 -3.66 5.81
N GLY J 77 -11.88 -4.48 6.68
CA GLY J 77 -10.79 -5.36 6.26
C GLY J 77 -10.27 -6.23 7.39
N ASN J 78 -9.05 -6.73 7.21
CA ASN J 78 -8.41 -7.59 8.20
C ASN J 78 -8.10 -6.76 9.44
N ASP J 79 -8.53 -7.21 10.61
CA ASP J 79 -8.32 -6.40 11.82
C ASP J 79 -6.91 -6.55 12.41
N LYS J 80 -6.13 -7.52 11.92
CA LYS J 80 -4.82 -7.84 12.50
C LYS J 80 -3.80 -6.69 12.67
N LEU J 81 -3.78 -5.76 11.72
CA LEU J 81 -2.79 -4.69 11.72
C LEU J 81 -3.09 -3.64 12.78
N ILE J 82 -4.38 -3.56 13.16
CA ILE J 82 -4.86 -2.59 14.14
C ILE J 82 -4.49 -3.00 15.57
N LYS J 83 -3.97 -2.05 16.33
CA LYS J 83 -3.52 -2.29 17.69
C LYS J 83 -4.03 -1.18 18.58
N GLU J 84 -4.11 -1.47 19.88
CA GLU J 84 -4.42 -0.48 20.90
C GLU J 84 -3.53 0.75 20.71
N GLY J 85 -4.14 1.93 20.82
CA GLY J 85 -3.41 3.19 20.67
C GLY J 85 -3.22 3.70 19.26
N ASP J 86 -3.62 2.91 18.27
CA ASP J 86 -3.54 3.28 16.86
C ASP J 86 -4.38 4.52 16.61
N ILE J 87 -3.89 5.37 15.69
CA ILE J 87 -4.58 6.60 15.34
C ILE J 87 -5.63 6.33 14.28
N VAL J 88 -6.82 6.88 14.54
CA VAL J 88 -7.96 6.79 13.65
C VAL J 88 -8.29 8.21 13.16
N LYS J 89 -8.44 8.37 11.85
CA LYS J 89 -8.75 9.68 11.25
C LYS J 89 -10.18 9.73 10.70
N ARG J 90 -10.84 10.87 10.89
CA ARG J 90 -12.08 11.19 10.21
C ARG J 90 -11.86 11.45 8.73
N THR J 91 -12.80 10.99 7.90
CA THR J 91 -12.80 11.26 6.47
C THR J 91 -13.79 12.40 6.16
N GLY J 92 -14.60 12.74 7.17
CA GLY J 92 -15.68 13.70 7.00
C GLY J 92 -16.86 13.18 6.18
N ALA J 93 -16.69 12.00 5.57
CA ALA J 93 -17.69 11.53 4.60
C ALA J 93 -18.43 10.26 4.99
N ILE J 94 -19.75 10.35 4.94
CA ILE J 94 -20.63 9.17 4.96
C ILE J 94 -20.16 8.23 3.87
N VAL J 95 -20.29 6.93 4.13
CA VAL J 95 -19.76 5.94 3.20
C VAL J 95 -20.30 6.12 1.77
N ASP J 96 -19.39 6.10 0.82
CA ASP J 96 -19.76 6.23 -0.59
C ASP J 96 -18.94 5.24 -1.45
N VAL J 97 -19.31 5.08 -2.71
CA VAL J 97 -18.57 4.20 -3.60
C VAL J 97 -18.35 4.87 -4.95
N PRO J 98 -17.30 4.44 -5.69
CA PRO J 98 -17.21 4.90 -7.08
C PRO J 98 -18.46 4.44 -7.82
N VAL J 99 -18.79 5.12 -8.92
CA VAL J 99 -20.03 4.88 -9.64
C VAL J 99 -19.83 5.44 -11.05
N GLY J 100 -20.52 4.88 -12.04
CA GLY J 100 -20.44 5.37 -13.42
C GLY J 100 -20.24 4.25 -14.41
N GLU J 101 -20.10 4.61 -15.69
CA GLU J 101 -20.00 3.63 -16.78
C GLU J 101 -18.62 3.04 -16.93
N GLU J 102 -17.65 3.65 -16.24
CA GLU J 102 -16.28 3.18 -16.16
C GLU J 102 -16.20 1.78 -15.52
N LEU J 103 -17.28 1.41 -14.83
CA LEU J 103 -17.32 0.16 -14.08
C LEU J 103 -17.75 -1.07 -14.89
N LEU J 104 -18.26 -0.84 -16.10
CA LEU J 104 -18.73 -1.92 -16.96
C LEU J 104 -17.58 -2.78 -17.47
N GLY J 105 -17.68 -4.09 -17.25
CA GLY J 105 -16.66 -5.04 -17.68
C GLY J 105 -15.56 -5.26 -16.66
N ARG J 106 -15.69 -4.57 -15.53
CA ARG J 106 -14.73 -4.64 -14.43
C ARG J 106 -15.24 -5.43 -13.25
N VAL J 107 -14.30 -5.96 -12.46
CA VAL J 107 -14.61 -6.64 -11.22
C VAL J 107 -14.05 -5.83 -10.07
N VAL J 108 -14.91 -5.38 -9.17
CA VAL J 108 -14.51 -4.62 -7.99
C VAL J 108 -14.91 -5.30 -6.71
N ASP J 109 -14.31 -4.88 -5.60
CA ASP J 109 -14.66 -5.40 -4.30
C ASP J 109 -15.78 -4.53 -3.76
N ALA J 110 -16.11 -4.72 -2.48
CA ALA J 110 -17.25 -4.05 -1.88
C ALA J 110 -17.13 -2.54 -1.85
N LEU J 111 -15.90 -2.03 -1.83
CA LEU J 111 -15.70 -0.59 -1.75
C LEU J 111 -15.44 0.03 -3.13
N GLY J 112 -15.55 -0.80 -4.17
CA GLY J 112 -15.35 -0.34 -5.55
C GLY J 112 -13.91 -0.28 -6.06
N ASN J 113 -13.03 -1.06 -5.44
CA ASN J 113 -11.63 -1.14 -5.84
C ASN J 113 -11.47 -2.28 -6.82
N ALA J 114 -10.76 -2.02 -7.92
CA ALA J 114 -10.49 -3.03 -8.93
C ALA J 114 -9.87 -4.28 -8.31
N ILE J 115 -10.34 -5.46 -8.74
CA ILE J 115 -9.72 -6.72 -8.31
C ILE J 115 -9.50 -7.73 -9.45
N ASP J 116 -9.74 -7.27 -10.68
CA ASP J 116 -9.54 -8.09 -11.86
C ASP J 116 -8.18 -7.90 -12.52
N GLY J 117 -7.34 -7.07 -11.91
CA GLY J 117 -5.96 -6.87 -12.34
C GLY J 117 -5.84 -6.05 -13.61
N LYS J 118 -6.70 -5.06 -13.76
CA LYS J 118 -6.70 -4.20 -14.95
C LYS J 118 -6.56 -2.71 -14.60
N GLY J 119 -6.09 -2.43 -13.38
CA GLY J 119 -5.79 -1.06 -12.95
C GLY J 119 -6.99 -0.28 -12.42
N PRO J 120 -6.76 0.98 -11.99
CA PRO J 120 -7.80 1.84 -11.45
C PRO J 120 -9.04 1.98 -12.34
N ILE J 121 -10.19 2.12 -11.69
CA ILE J 121 -11.43 2.48 -12.34
C ILE J 121 -11.35 3.98 -12.57
N GLY J 122 -11.66 4.42 -13.79
CA GLY J 122 -11.55 5.84 -14.10
C GLY J 122 -12.75 6.65 -13.65
N SER J 123 -13.46 6.17 -12.62
CA SER J 123 -14.77 6.72 -12.30
C SER J 123 -14.68 8.21 -11.99
N LYS J 124 -15.61 8.96 -12.55
CA LYS J 124 -15.60 10.39 -12.41
C LYS J 124 -16.61 10.81 -11.34
N ALA J 125 -17.29 9.83 -10.75
CA ALA J 125 -18.35 10.16 -9.80
C ALA J 125 -18.44 9.24 -8.58
N ARG J 126 -19.04 9.75 -7.51
CA ARG J 126 -19.26 8.99 -6.29
C ARG J 126 -20.72 9.04 -5.82
N ARG J 127 -21.11 8.06 -4.99
CA ARG J 127 -22.48 7.95 -4.53
C ARG J 127 -22.54 7.22 -3.17
N ARG J 128 -23.31 7.77 -2.23
CA ARG J 128 -23.48 7.16 -0.91
C ARG J 128 -24.20 5.82 -1.00
N VAL J 129 -23.79 4.84 -0.21
CA VAL J 129 -24.49 3.54 -0.20
C VAL J 129 -25.80 3.55 0.61
N GLY J 130 -25.99 4.55 1.44
CA GLY J 130 -27.12 4.57 2.35
C GLY J 130 -28.25 5.45 1.90
N LEU J 131 -28.23 5.86 0.63
CA LEU J 131 -29.27 6.75 0.15
C LEU J 131 -30.63 6.07 0.17
N LYS J 132 -31.63 6.81 0.65
CA LYS J 132 -32.98 6.28 0.73
C LYS J 132 -33.50 6.07 -0.67
N ALA J 133 -34.38 5.07 -0.82
CA ALA J 133 -35.10 4.83 -2.06
C ALA J 133 -35.98 6.04 -2.45
N PRO J 134 -36.14 6.29 -3.76
CA PRO J 134 -37.08 7.34 -4.20
C PRO J 134 -38.49 7.12 -3.66
N GLY J 135 -39.15 8.20 -3.24
CA GLY J 135 -40.49 8.15 -2.67
C GLY J 135 -41.59 7.87 -3.66
N ILE J 136 -42.78 8.36 -3.37
CA ILE J 136 -43.95 8.07 -4.19
C ILE J 136 -43.93 8.84 -5.51
N ILE J 137 -43.56 10.12 -5.46
CA ILE J 137 -43.69 10.95 -6.67
C ILE J 137 -42.80 10.57 -7.87
N PRO J 138 -41.48 10.38 -7.65
CA PRO J 138 -40.60 10.20 -8.80
C PRO J 138 -40.83 8.89 -9.56
N ARG J 139 -41.76 8.08 -9.09
CA ARG J 139 -42.02 6.78 -9.71
C ARG J 139 -43.18 6.82 -10.70
N ILE J 140 -43.31 5.73 -11.46
CA ILE J 140 -44.45 5.42 -12.30
C ILE J 140 -44.55 3.90 -12.39
N SER J 141 -45.76 3.38 -12.61
CA SER J 141 -46.01 1.93 -12.73
C SER J 141 -44.96 1.17 -13.53
N VAL J 142 -44.59 -0.02 -13.05
CA VAL J 142 -43.80 -0.96 -13.87
C VAL J 142 -44.57 -1.32 -15.15
N ARG J 143 -43.95 -1.08 -16.31
CA ARG J 143 -44.62 -1.26 -17.59
C ARG J 143 -43.74 -1.97 -18.61
N GLU J 144 -42.45 -1.69 -18.52
CA GLU J 144 -41.50 -2.15 -19.54
C GLU J 144 -41.04 -3.58 -19.22
N PRO J 145 -41.14 -4.48 -20.21
CA PRO J 145 -40.64 -5.83 -20.04
C PRO J 145 -39.16 -5.88 -19.68
N MET J 146 -38.80 -6.82 -18.82
CA MET J 146 -37.42 -7.16 -18.51
C MET J 146 -37.30 -8.64 -18.81
N GLN J 147 -37.05 -8.98 -20.07
CA GLN J 147 -37.07 -10.37 -20.53
C GLN J 147 -35.87 -11.17 -20.01
N THR J 148 -36.16 -12.35 -19.45
CA THR J 148 -35.12 -13.28 -18.96
C THR J 148 -34.75 -14.27 -20.05
N GLY J 149 -35.66 -14.47 -20.99
CA GLY J 149 -35.49 -15.46 -22.03
C GLY J 149 -35.76 -16.85 -21.52
N ILE J 150 -36.20 -16.95 -20.26
CA ILE J 150 -36.59 -18.21 -19.68
C ILE J 150 -38.10 -18.31 -19.78
N LYS J 151 -38.55 -19.20 -20.65
CA LYS J 151 -39.97 -19.39 -20.96
C LYS J 151 -40.85 -19.34 -19.73
N ALA J 152 -40.49 -20.15 -18.73
CA ALA J 152 -41.27 -20.31 -17.50
C ALA J 152 -41.33 -19.03 -16.65
N VAL J 153 -40.24 -18.27 -16.60
CA VAL J 153 -40.31 -16.95 -15.95
C VAL J 153 -41.13 -15.97 -16.77
N ASP J 154 -40.72 -15.78 -18.04
CA ASP J 154 -41.25 -14.72 -18.88
C ASP J 154 -42.74 -14.86 -19.22
N SER J 155 -43.32 -16.01 -18.88
CA SER J 155 -44.71 -16.27 -19.17
C SER J 155 -45.56 -16.41 -17.91
N LEU J 156 -45.02 -17.02 -16.86
CA LEU J 156 -45.79 -17.30 -15.64
C LEU J 156 -45.60 -16.28 -14.52
N VAL J 157 -44.40 -15.71 -14.43
CA VAL J 157 -44.05 -14.75 -13.40
C VAL J 157 -43.17 -13.69 -14.04
N PRO J 158 -43.73 -12.90 -14.96
CA PRO J 158 -42.85 -12.03 -15.73
C PRO J 158 -42.34 -10.89 -14.88
N ILE J 159 -41.15 -10.40 -15.22
CA ILE J 159 -40.53 -9.29 -14.51
C ILE J 159 -40.48 -8.07 -15.45
N GLY J 160 -40.78 -6.90 -14.91
CA GLY J 160 -40.69 -5.64 -15.64
C GLY J 160 -39.60 -4.72 -15.10
N ARG J 161 -39.31 -3.63 -15.82
CA ARG J 161 -38.18 -2.78 -15.47
C ARG J 161 -38.48 -1.89 -14.26
N GLY J 162 -37.77 -2.15 -13.16
CA GLY J 162 -38.00 -1.48 -11.87
C GLY J 162 -38.54 -2.41 -10.79
N GLN J 163 -38.79 -3.65 -11.18
CA GLN J 163 -39.40 -4.63 -10.32
C GLN J 163 -38.37 -5.29 -9.44
N ARG J 164 -38.81 -5.73 -8.26
CA ARG J 164 -38.01 -6.66 -7.44
C ARG J 164 -38.64 -8.05 -7.55
N GLU J 165 -37.81 -9.07 -7.76
CA GLU J 165 -38.29 -10.42 -8.00
C GLU J 165 -37.31 -11.41 -7.42
N LEU J 166 -37.70 -12.05 -6.33
CA LEU J 166 -36.84 -13.02 -5.65
C LEU J 166 -36.59 -14.34 -6.42
N ILE J 167 -35.34 -14.78 -6.44
CA ILE J 167 -35.02 -16.16 -6.84
C ILE J 167 -34.74 -16.94 -5.54
N ILE J 168 -35.58 -17.93 -5.20
CA ILE J 168 -35.46 -18.58 -3.89
C ILE J 168 -35.58 -20.10 -3.99
N GLY J 169 -34.80 -20.79 -3.16
CA GLY J 169 -34.80 -22.25 -3.16
C GLY J 169 -33.60 -22.85 -2.43
N ASP J 170 -33.62 -24.17 -2.30
CA ASP J 170 -32.52 -24.89 -1.65
C ASP J 170 -31.21 -24.74 -2.41
N ARG J 171 -30.13 -25.26 -1.83
CA ARG J 171 -28.85 -25.33 -2.52
C ARG J 171 -28.96 -26.14 -3.81
N GLN J 172 -28.16 -25.77 -4.81
CA GLN J 172 -28.10 -26.54 -6.04
C GLN J 172 -29.47 -26.80 -6.73
N THR J 173 -30.37 -25.80 -6.68
CA THR J 173 -31.65 -25.85 -7.40
C THR J 173 -31.66 -25.01 -8.67
N GLY J 174 -30.56 -24.29 -8.94
CA GLY J 174 -30.45 -23.49 -10.17
C GLY J 174 -30.70 -21.99 -10.00
N LYS J 175 -30.64 -21.51 -8.74
CA LYS J 175 -30.85 -20.08 -8.45
C LYS J 175 -29.93 -19.16 -9.29
N THR J 176 -28.64 -19.38 -9.24
CA THR J 176 -27.71 -18.51 -9.94
C THR J 176 -27.90 -18.58 -11.47
N SER J 177 -28.14 -19.78 -12.00
CA SER J 177 -28.42 -19.95 -13.43
C SER J 177 -29.59 -19.09 -13.94
N ILE J 178 -30.57 -18.80 -13.09
CA ILE J 178 -31.67 -17.93 -13.51
C ILE J 178 -31.11 -16.53 -13.78
N ALA J 179 -30.28 -16.07 -12.86
CA ALA J 179 -29.66 -14.77 -12.97
C ALA J 179 -28.72 -14.70 -14.18
N ILE J 180 -27.86 -15.73 -14.33
CA ILE J 180 -26.85 -15.75 -15.38
C ILE J 180 -27.48 -15.71 -16.76
N ASP J 181 -28.48 -16.56 -16.97
CA ASP J 181 -29.22 -16.56 -18.21
C ASP J 181 -29.89 -15.21 -18.50
N THR J 182 -30.47 -14.58 -17.48
CA THR J 182 -31.08 -13.26 -17.64
C THR J 182 -30.08 -12.21 -18.11
N ILE J 183 -28.87 -12.24 -17.55
CA ILE J 183 -27.84 -11.24 -17.89
C ILE J 183 -27.34 -11.48 -19.31
N ILE J 184 -27.08 -12.75 -19.62
CA ILE J 184 -26.69 -13.11 -20.98
C ILE J 184 -27.76 -12.63 -21.96
N ASN J 185 -29.04 -12.88 -21.62
CA ASN J 185 -30.16 -12.58 -22.51
C ASN J 185 -30.14 -11.16 -23.09
N GLN J 186 -29.64 -10.22 -22.28
CA GLN J 186 -29.66 -8.81 -22.65
C GLN J 186 -28.75 -8.44 -23.85
N LYS J 187 -27.95 -9.41 -24.31
CA LYS J 187 -26.96 -9.19 -25.37
C LYS J 187 -27.57 -8.66 -26.67
N ARG J 188 -28.76 -9.14 -27.04
CA ARG J 188 -29.40 -8.68 -28.28
C ARG J 188 -29.80 -7.20 -28.22
N PHE J 189 -30.27 -6.74 -27.08
CA PHE J 189 -30.64 -5.32 -26.90
C PHE J 189 -29.40 -4.45 -26.83
N ASN J 190 -28.41 -4.91 -26.10
CA ASN J 190 -27.21 -4.12 -25.85
C ASN J 190 -26.32 -4.00 -27.07
N ASP J 191 -26.46 -4.96 -28.00
CA ASP J 191 -25.78 -4.90 -29.29
C ASP J 191 -26.65 -4.18 -30.33
N GLY J 192 -27.91 -3.96 -29.98
CA GLY J 192 -28.91 -3.36 -30.86
C GLY J 192 -28.90 -1.84 -30.85
N THR J 193 -29.91 -1.25 -31.49
CA THR J 193 -29.94 0.19 -31.75
C THR J 193 -30.98 0.98 -30.94
N ASP J 194 -32.00 0.28 -30.42
CA ASP J 194 -33.00 0.92 -29.56
C ASP J 194 -32.34 1.20 -28.20
N GLU J 195 -32.20 2.47 -27.86
CA GLU J 195 -31.42 2.85 -26.67
C GLU J 195 -32.19 2.68 -25.36
N LYS J 196 -33.51 2.91 -25.42
CA LYS J 196 -34.42 2.67 -24.29
C LYS J 196 -34.50 1.19 -23.92
N LYS J 197 -34.07 0.32 -24.83
CA LYS J 197 -34.13 -1.13 -24.59
C LYS J 197 -32.86 -1.77 -23.99
N LYS J 198 -31.76 -1.02 -23.92
CA LYS J 198 -30.54 -1.55 -23.34
C LYS J 198 -30.67 -1.82 -21.84
N LEU J 199 -29.96 -2.84 -21.36
CA LEU J 199 -30.00 -3.23 -19.95
C LEU J 199 -28.62 -3.55 -19.41
N TYR J 200 -28.07 -2.64 -18.60
CA TYR J 200 -26.76 -2.85 -18.00
C TYR J 200 -26.94 -3.67 -16.72
N CYS J 201 -26.00 -4.59 -16.50
CA CYS J 201 -26.13 -5.58 -15.45
C CYS J 201 -25.04 -5.40 -14.40
N ILE J 202 -25.38 -5.85 -13.19
CA ILE J 202 -24.51 -5.81 -12.02
C ILE J 202 -24.75 -7.12 -11.28
N TYR J 203 -23.68 -7.83 -10.98
CA TYR J 203 -23.82 -9.08 -10.27
C TYR J 203 -23.03 -8.97 -8.97
N VAL J 204 -23.74 -8.95 -7.85
CA VAL J 204 -23.12 -8.85 -6.53
C VAL J 204 -23.03 -10.23 -5.90
N ALA J 205 -21.81 -10.61 -5.54
CA ALA J 205 -21.55 -11.90 -4.92
C ALA J 205 -21.31 -11.62 -3.47
N ILE J 206 -22.10 -12.24 -2.61
CA ILE J 206 -21.85 -12.14 -1.18
C ILE J 206 -21.60 -13.52 -0.62
N GLY J 207 -20.40 -13.76 -0.12
CA GLY J 207 -20.10 -14.96 0.67
C GLY J 207 -19.68 -16.19 -0.09
N GLN J 208 -19.67 -16.11 -1.41
CA GLN J 208 -19.28 -17.23 -2.28
C GLN J 208 -17.77 -17.43 -2.23
N LYS J 209 -17.30 -18.60 -2.66
CA LYS J 209 -15.88 -18.79 -2.79
C LYS J 209 -15.33 -18.11 -4.05
N ARG J 210 -14.12 -17.57 -3.93
CA ARG J 210 -13.48 -16.85 -5.04
C ARG J 210 -13.43 -17.61 -6.35
N SER J 211 -13.10 -18.90 -6.31
CA SER J 211 -13.05 -19.69 -7.55
C SER J 211 -14.40 -19.73 -8.27
N THR J 212 -15.50 -19.81 -7.51
CA THR J 212 -16.86 -19.75 -8.08
C THR J 212 -17.12 -18.44 -8.84
N VAL J 213 -16.76 -17.31 -8.23
CA VAL J 213 -16.95 -15.97 -8.83
C VAL J 213 -16.07 -15.75 -10.07
N ALA J 214 -14.97 -16.47 -10.17
CA ALA J 214 -14.13 -16.33 -11.33
C ALA J 214 -14.70 -17.14 -12.48
N GLN J 215 -15.29 -18.30 -12.17
CA GLN J 215 -16.03 -19.11 -13.16
C GLN J 215 -17.22 -18.36 -13.74
N LEU J 216 -17.87 -17.59 -12.87
CA LEU J 216 -18.96 -16.71 -13.26
C LEU J 216 -18.54 -15.73 -14.35
N VAL J 217 -17.46 -14.97 -14.10
CA VAL J 217 -17.04 -13.97 -15.07
C VAL J 217 -16.42 -14.65 -16.29
N LYS J 218 -15.87 -15.83 -16.10
CA LYS J 218 -15.32 -16.57 -17.22
C LYS J 218 -16.47 -16.92 -18.15
N ARG J 219 -17.57 -17.33 -17.52
CA ARG J 219 -18.81 -17.67 -18.21
C ARG J 219 -19.39 -16.42 -18.86
N LEU J 220 -19.38 -15.31 -18.13
CA LEU J 220 -19.91 -14.05 -18.66
C LEU J 220 -19.05 -13.50 -19.80
N THR J 221 -17.72 -13.60 -19.66
CA THR J 221 -16.82 -13.13 -20.68
C THR J 221 -17.00 -13.97 -21.95
N ASP J 222 -16.88 -15.30 -21.86
CA ASP J 222 -17.01 -16.15 -23.04
C ASP J 222 -18.31 -15.90 -23.81
N ALA J 223 -19.37 -15.51 -23.12
CA ALA J 223 -20.67 -15.29 -23.77
C ALA J 223 -20.85 -13.83 -24.22
N ASP J 224 -19.82 -13.02 -23.94
CA ASP J 224 -19.71 -11.62 -24.37
C ASP J 224 -20.73 -10.73 -23.62
N ALA J 225 -20.94 -11.07 -22.35
CA ALA J 225 -21.84 -10.31 -21.48
C ALA J 225 -21.11 -9.44 -20.47
N MET J 226 -19.79 -9.61 -20.35
CA MET J 226 -18.99 -8.86 -19.37
C MET J 226 -18.98 -7.39 -19.69
N LYS J 227 -18.84 -7.07 -20.97
CA LYS J 227 -18.77 -5.69 -21.44
C LYS J 227 -19.89 -4.76 -20.95
N TYR J 228 -21.01 -5.35 -20.56
CA TYR J 228 -22.13 -4.58 -20.00
C TYR J 228 -22.45 -4.99 -18.56
N THR J 229 -21.53 -5.69 -17.92
CA THR J 229 -21.73 -6.14 -16.54
C THR J 229 -20.69 -5.56 -15.59
N ILE J 230 -21.14 -5.12 -14.43
CA ILE J 230 -20.26 -4.81 -13.31
C ILE J 230 -20.39 -5.98 -12.35
N VAL J 231 -19.26 -6.50 -11.88
CA VAL J 231 -19.30 -7.55 -10.87
C VAL J 231 -18.73 -7.00 -9.58
N VAL J 232 -19.58 -6.94 -8.55
CA VAL J 232 -19.15 -6.56 -7.23
C VAL J 232 -19.01 -7.84 -6.42
N SER J 233 -17.80 -8.11 -5.90
CA SER J 233 -17.55 -9.36 -5.20
C SER J 233 -16.98 -9.15 -3.82
N ALA J 234 -17.78 -9.52 -2.80
CA ALA J 234 -17.37 -9.53 -1.40
C ALA J 234 -17.43 -10.97 -0.92
N THR J 235 -16.32 -11.69 -1.07
CA THR J 235 -16.34 -13.17 -1.00
C THR J 235 -16.21 -13.76 0.40
N ALA J 236 -16.16 -15.08 0.48
CA ALA J 236 -16.09 -15.78 1.76
C ALA J 236 -14.94 -15.34 2.68
N SER J 237 -13.81 -14.93 2.10
CA SER J 237 -12.64 -14.51 2.90
C SER J 237 -12.68 -13.05 3.38
N ASP J 238 -13.55 -12.24 2.78
CA ASP J 238 -13.67 -10.83 3.12
C ASP J 238 -14.39 -10.57 4.44
N ALA J 239 -13.88 -9.60 5.19
CA ALA J 239 -14.43 -9.24 6.48
C ALA J 239 -15.94 -9.02 6.43
N ALA J 240 -16.61 -9.36 7.52
CA ALA J 240 -18.07 -9.39 7.55
C ALA J 240 -18.69 -8.10 7.05
N PRO J 241 -18.18 -6.95 7.50
CA PRO J 241 -18.66 -5.66 7.02
C PRO J 241 -18.64 -5.47 5.51
N LEU J 242 -17.73 -6.12 4.80
CA LEU J 242 -17.62 -5.91 3.34
C LEU J 242 -18.71 -6.68 2.65
N GLN J 243 -19.01 -7.86 3.18
CA GLN J 243 -20.12 -8.67 2.72
C GLN J 243 -21.42 -7.96 3.06
N TYR J 244 -21.43 -7.28 4.21
CA TYR J 244 -22.60 -6.51 4.68
C TYR J 244 -22.86 -5.40 3.72
N LEU J 245 -21.79 -4.71 3.35
CA LEU J 245 -21.87 -3.50 2.53
C LEU J 245 -22.11 -3.79 1.06
N ALA J 246 -21.60 -4.91 0.57
CA ALA J 246 -21.56 -5.20 -0.87
C ALA J 246 -22.86 -4.89 -1.63
N PRO J 247 -24.02 -5.41 -1.17
CA PRO J 247 -25.27 -5.15 -1.88
C PRO J 247 -25.59 -3.66 -2.01
N TYR J 248 -25.46 -2.93 -0.91
CA TYR J 248 -25.63 -1.48 -0.93
C TYR J 248 -24.68 -0.76 -1.92
N SER J 249 -23.46 -1.27 -2.05
CA SER J 249 -22.47 -0.68 -2.94
C SER J 249 -22.86 -0.90 -4.39
N GLY J 250 -23.30 -2.13 -4.68
CA GLY J 250 -23.74 -2.50 -6.01
C GLY J 250 -24.95 -1.70 -6.40
N CYS J 251 -25.86 -1.53 -5.44
CA CYS J 251 -27.09 -0.80 -5.63
C CYS J 251 -26.88 0.66 -6.03
N SER J 252 -25.86 1.30 -5.46
CA SER J 252 -25.52 2.69 -5.78
C SER J 252 -25.02 2.80 -7.22
N MET J 253 -24.20 1.84 -7.61
CA MET J 253 -23.73 1.73 -8.98
C MET J 253 -24.90 1.54 -9.92
N GLY J 254 -25.88 0.75 -9.48
CA GLY J 254 -27.13 0.60 -10.21
C GLY J 254 -27.90 1.91 -10.31
N GLU J 255 -27.95 2.65 -9.21
CA GLU J 255 -28.77 3.85 -9.12
C GLU J 255 -28.32 4.92 -10.11
N TYR J 256 -27.05 4.88 -10.49
CA TYR J 256 -26.49 5.82 -11.46
C TYR J 256 -27.15 5.72 -12.83
N PHE J 257 -27.29 4.48 -13.34
CA PHE J 257 -28.07 4.23 -14.55
C PHE J 257 -29.53 4.65 -14.35
N ARG J 258 -30.05 4.38 -13.16
CA ARG J 258 -31.48 4.56 -12.86
C ARG J 258 -31.89 6.02 -12.88
N ASP J 259 -30.97 6.89 -12.49
CA ASP J 259 -31.30 8.30 -12.37
C ASP J 259 -30.82 9.10 -13.55
N ASN J 260 -30.26 8.41 -14.55
CA ASN J 260 -29.82 9.08 -15.78
C ASN J 260 -30.44 8.44 -17.02
N GLY J 261 -31.70 8.04 -16.89
CA GLY J 261 -32.51 7.64 -18.04
C GLY J 261 -32.08 6.35 -18.67
N LYS J 262 -31.36 5.53 -17.90
CA LYS J 262 -30.88 4.21 -18.34
C LYS J 262 -31.45 3.09 -17.47
N HIS J 263 -31.38 1.86 -17.97
CA HIS J 263 -31.90 0.72 -17.27
C HIS J 263 -30.79 -0.24 -16.84
N ALA J 264 -30.93 -0.74 -15.61
CA ALA J 264 -29.91 -1.61 -14.99
C ALA J 264 -30.57 -2.78 -14.31
N LEU J 265 -29.82 -3.87 -14.19
CA LEU J 265 -30.31 -5.07 -13.57
C LEU J 265 -29.27 -5.52 -12.59
N ILE J 266 -29.70 -5.76 -11.35
CA ILE J 266 -28.78 -6.12 -10.29
C ILE J 266 -29.18 -7.44 -9.66
N ILE J 267 -28.17 -8.30 -9.44
CA ILE J 267 -28.35 -9.60 -8.83
C ILE J 267 -27.65 -9.58 -7.48
N TYR J 268 -28.37 -9.99 -6.44
CA TYR J 268 -27.83 -10.04 -5.10
C TYR J 268 -27.68 -11.51 -4.72
N ASP J 269 -26.48 -12.02 -4.92
CA ASP J 269 -26.28 -13.45 -4.84
C ASP J 269 -25.22 -13.78 -3.79
N ASP J 270 -25.63 -14.06 -2.55
CA ASP J 270 -27.05 -14.02 -2.12
C ASP J 270 -27.25 -13.22 -0.82
N LEU J 271 -28.52 -12.93 -0.50
CA LEU J 271 -28.83 -12.13 0.68
C LEU J 271 -28.90 -12.94 1.98
N SER J 272 -28.95 -14.26 1.87
CA SER J 272 -28.86 -15.13 3.04
C SER J 272 -27.50 -14.94 3.66
N LYS J 273 -26.49 -14.89 2.80
CA LYS J 273 -25.10 -14.84 3.23
C LYS J 273 -24.79 -13.48 3.76
N GLN J 274 -25.44 -12.47 3.20
CA GLN J 274 -25.35 -11.13 3.71
C GLN J 274 -25.99 -11.05 5.10
N ALA J 275 -27.18 -11.64 5.24
CA ALA J 275 -27.82 -11.71 6.55
C ALA J 275 -26.92 -12.41 7.59
N VAL J 276 -26.16 -13.41 7.16
CA VAL J 276 -25.25 -14.05 8.10
C VAL J 276 -24.15 -13.08 8.55
N ALA J 277 -23.66 -12.25 7.60
CA ALA J 277 -22.54 -11.34 7.84
C ALA J 277 -22.94 -10.13 8.68
N TYR J 278 -24.21 -9.73 8.58
CA TYR J 278 -24.76 -8.65 9.42
C TYR J 278 -25.02 -9.16 10.83
N ARG J 279 -25.61 -10.35 10.94
CA ARG J 279 -25.73 -10.99 12.27
C ARG J 279 -24.39 -11.00 12.98
N GLN J 280 -23.32 -11.40 12.30
CA GLN J 280 -21.98 -11.37 12.91
C GLN J 280 -21.61 -9.95 13.36
N MET J 281 -21.70 -9.01 12.42
CA MET J 281 -21.40 -7.61 12.71
C MET J 281 -22.17 -7.08 13.92
N SER J 282 -23.48 -7.29 13.90
CA SER J 282 -24.35 -6.80 14.96
C SER J 282 -24.08 -7.46 16.31
N LEU J 283 -23.76 -8.76 16.33
CA LEU J 283 -23.50 -9.43 17.63
C LEU J 283 -22.14 -9.02 18.26
N LEU J 284 -21.11 -8.91 17.42
CA LEU J 284 -19.83 -8.42 17.92
C LEU J 284 -19.92 -6.96 18.41
N LEU J 285 -20.85 -6.19 17.86
CA LEU J 285 -21.11 -4.80 18.29
C LEU J 285 -21.91 -4.75 19.56
N ARG J 286 -22.12 -5.92 20.19
CA ARG J 286 -22.88 -6.05 21.44
C ARG J 286 -24.38 -5.72 21.33
N ARG J 287 -24.92 -5.72 20.11
CA ARG J 287 -26.38 -5.53 19.92
C ARG J 287 -27.17 -6.84 20.07
N PRO J 288 -28.04 -6.91 21.10
CA PRO J 288 -28.62 -8.19 21.52
C PRO J 288 -29.36 -8.90 20.37
N PRO J 289 -29.13 -10.22 20.21
CA PRO J 289 -29.79 -11.02 19.16
C PRO J 289 -31.28 -11.04 19.32
N GLY J 290 -31.98 -11.22 18.20
CA GLY J 290 -33.41 -11.41 18.20
C GLY J 290 -33.69 -12.76 17.58
N ARG J 291 -34.82 -12.89 16.89
CA ARG J 291 -35.25 -14.19 16.38
C ARG J 291 -34.20 -14.87 15.49
N GLU J 292 -33.91 -16.14 15.80
CA GLU J 292 -32.85 -16.93 15.15
C GLU J 292 -31.49 -16.27 15.20
N ALA J 293 -31.27 -15.53 16.29
CA ALA J 293 -29.99 -14.91 16.60
C ALA J 293 -29.69 -13.70 15.71
N TYR J 294 -30.47 -13.58 14.63
CA TYR J 294 -30.40 -12.42 13.75
C TYR J 294 -30.90 -11.20 14.49
N PRO J 295 -30.46 -10.00 14.09
CA PRO J 295 -30.98 -8.83 14.79
C PRO J 295 -32.48 -8.58 14.53
N GLY J 296 -33.02 -7.59 15.24
CA GLY J 296 -34.46 -7.28 15.18
C GLY J 296 -34.85 -6.69 13.85
N ASP J 297 -33.90 -6.01 13.21
CA ASP J 297 -34.14 -5.31 11.97
C ASP J 297 -33.61 -6.05 10.77
N VAL J 298 -33.58 -7.38 10.85
CA VAL J 298 -33.12 -8.16 9.68
C VAL J 298 -33.99 -7.92 8.43
N PHE J 299 -35.30 -7.72 8.62
CA PHE J 299 -36.20 -7.35 7.53
C PHE J 299 -35.74 -6.02 6.90
N TYR J 300 -35.67 -5.00 7.74
CA TYR J 300 -35.22 -3.68 7.37
C TYR J 300 -33.90 -3.67 6.57
N LEU J 301 -32.98 -4.56 6.91
CA LEU J 301 -31.70 -4.72 6.20
C LEU J 301 -31.97 -4.84 4.73
N HIS J 302 -32.90 -5.75 4.41
CA HIS J 302 -33.26 -6.02 3.01
C HIS J 302 -34.36 -5.09 2.50
N SER J 303 -35.23 -4.63 3.40
CA SER J 303 -36.28 -3.79 2.96
C SER J 303 -35.71 -2.51 2.32
N ARG J 304 -34.71 -1.87 2.95
CA ARG J 304 -34.19 -0.64 2.40
C ARG J 304 -33.35 -0.83 1.13
N LEU J 305 -32.64 -1.95 1.06
CA LEU J 305 -31.83 -2.26 -0.11
C LEU J 305 -32.70 -2.40 -1.36
N LEU J 306 -33.84 -3.06 -1.19
CA LEU J 306 -34.64 -3.49 -2.36
C LEU J 306 -35.61 -2.43 -2.82
N GLU J 307 -36.00 -1.54 -1.90
CA GLU J 307 -36.90 -0.42 -2.19
C GLU J 307 -36.28 0.48 -3.25
N ARG J 308 -34.94 0.46 -3.29
CA ARG J 308 -34.13 1.24 -4.23
C ARG J 308 -34.17 0.73 -5.66
N ALA J 309 -34.56 -0.52 -5.87
CA ALA J 309 -34.92 -1.00 -7.21
C ALA J 309 -36.24 -0.34 -7.48
N ALA J 310 -36.35 0.30 -8.63
CA ALA J 310 -37.44 1.24 -8.88
C ALA J 310 -37.52 1.69 -10.33
N LYS J 311 -38.72 2.10 -10.71
CA LYS J 311 -39.01 2.65 -12.04
C LYS J 311 -39.34 4.14 -11.86
N MET J 312 -38.56 4.99 -12.50
CA MET J 312 -38.75 6.43 -12.40
C MET J 312 -39.69 6.91 -13.48
N ASN J 313 -40.33 8.06 -13.26
CA ASN J 313 -41.17 8.67 -14.29
C ASN J 313 -40.37 9.60 -15.20
N ASP J 314 -41.02 10.09 -16.27
CA ASP J 314 -40.34 10.88 -17.29
C ASP J 314 -39.66 12.15 -16.76
N ALA J 315 -40.35 12.87 -15.87
CA ALA J 315 -39.77 14.01 -15.21
C ALA J 315 -38.43 13.68 -14.51
N PHE J 316 -38.29 12.44 -14.05
CA PHE J 316 -37.06 12.01 -13.36
C PHE J 316 -36.12 11.21 -14.25
N GLY J 317 -36.53 10.98 -15.50
CA GLY J 317 -35.62 10.49 -16.53
C GLY J 317 -36.01 9.23 -17.26
N GLY J 318 -37.00 8.51 -16.75
CA GLY J 318 -37.46 7.27 -17.39
C GLY J 318 -36.62 6.04 -17.06
N GLY J 319 -35.53 6.24 -16.34
CA GLY J 319 -34.61 5.16 -15.96
C GLY J 319 -35.22 4.20 -14.96
N SER J 320 -34.63 3.01 -14.85
CA SER J 320 -35.13 1.97 -13.94
C SER J 320 -33.99 1.16 -13.33
N LEU J 321 -34.22 0.60 -12.14
CA LEU J 321 -33.35 -0.44 -11.55
C LEU J 321 -34.18 -1.65 -11.20
N THR J 322 -33.83 -2.82 -11.76
CA THR J 322 -34.54 -4.09 -11.52
C THR J 322 -33.67 -5.03 -10.71
N ALA J 323 -34.27 -5.62 -9.68
CA ALA J 323 -33.51 -6.45 -8.74
C ALA J 323 -34.00 -7.87 -8.69
N LEU J 324 -33.06 -8.77 -8.47
CA LEU J 324 -33.32 -10.18 -8.31
C LEU J 324 -32.50 -10.65 -7.13
N PRO J 325 -33.04 -10.44 -5.92
CA PRO J 325 -32.37 -10.94 -4.73
C PRO J 325 -32.37 -12.44 -4.79
N VAL J 326 -31.38 -13.07 -4.16
CA VAL J 326 -31.30 -14.53 -4.11
C VAL J 326 -31.31 -14.91 -2.64
N ILE J 327 -32.11 -15.91 -2.30
CA ILE J 327 -32.19 -16.39 -0.92
C ILE J 327 -32.11 -17.88 -0.95
N GLU J 328 -31.26 -18.45 -0.10
CA GLU J 328 -31.20 -19.88 0.01
C GLU J 328 -32.10 -20.40 1.14
N THR J 329 -32.85 -21.47 0.85
CA THR J 329 -33.69 -22.09 1.85
C THR J 329 -33.02 -23.32 2.49
N GLN J 330 -33.56 -23.72 3.64
CA GLN J 330 -33.13 -24.94 4.28
C GLN J 330 -34.22 -25.99 4.15
N ALA J 331 -33.93 -27.01 3.34
CA ALA J 331 -34.80 -28.19 3.17
C ALA J 331 -36.18 -27.81 2.66
N GLY J 332 -36.20 -27.05 1.56
CA GLY J 332 -37.42 -26.71 0.83
C GLY J 332 -38.51 -25.95 1.59
N ASP J 333 -38.14 -25.17 2.60
CA ASP J 333 -39.12 -24.46 3.43
C ASP J 333 -39.25 -22.96 3.09
N VAL J 334 -39.97 -22.65 2.02
CA VAL J 334 -40.21 -21.26 1.62
C VAL J 334 -40.95 -20.47 2.67
N SER J 335 -41.43 -21.16 3.70
CA SER J 335 -42.33 -20.61 4.70
C SER J 335 -41.63 -20.14 5.97
N ALA J 336 -40.32 -20.32 6.03
CA ALA J 336 -39.56 -20.00 7.22
C ALA J 336 -39.42 -18.48 7.38
N TYR J 337 -39.04 -18.08 8.59
CA TYR J 337 -38.85 -16.65 8.97
C TYR J 337 -38.03 -15.77 7.98
N ILE J 338 -36.79 -16.16 7.66
CA ILE J 338 -36.01 -15.33 6.70
C ILE J 338 -36.64 -15.34 5.30
N PRO J 339 -36.81 -16.52 4.66
CA PRO J 339 -37.54 -16.54 3.38
C PRO J 339 -38.78 -15.62 3.34
N THR J 340 -39.69 -15.76 4.31
CA THR J 340 -40.92 -14.97 4.26
C THR J 340 -40.68 -13.46 4.35
N ASN J 341 -39.80 -13.03 5.26
CA ASN J 341 -39.30 -11.65 5.31
C ASN J 341 -38.96 -11.05 3.93
N VAL J 342 -38.17 -11.78 3.14
CA VAL J 342 -37.76 -11.30 1.80
C VAL J 342 -38.90 -11.34 0.76
N ILE J 343 -39.64 -12.44 0.70
CA ILE J 343 -40.84 -12.51 -0.14
C ILE J 343 -41.70 -11.28 0.13
N SER J 344 -41.78 -10.90 1.40
CA SER J 344 -42.61 -9.77 1.79
C SER J 344 -42.01 -8.43 1.41
N ILE J 345 -40.83 -8.41 0.81
CA ILE J 345 -40.24 -7.18 0.27
C ILE J 345 -40.41 -7.11 -1.26
N THR J 346 -40.01 -8.20 -1.92
CA THR J 346 -40.01 -8.32 -3.38
C THR J 346 -41.41 -8.18 -4.01
N ASP J 347 -41.43 -7.91 -5.31
CA ASP J 347 -42.67 -7.92 -6.11
C ASP J 347 -42.87 -9.28 -6.74
N GLY J 348 -42.67 -10.33 -5.96
CA GLY J 348 -42.83 -11.70 -6.47
C GLY J 348 -41.62 -12.55 -6.15
N GLN J 349 -41.73 -13.85 -6.41
CA GLN J 349 -40.61 -14.76 -6.20
C GLN J 349 -40.67 -15.98 -7.13
N ILE J 350 -39.50 -16.41 -7.60
CA ILE J 350 -39.37 -17.65 -8.35
C ILE J 350 -38.82 -18.65 -7.37
N PHE J 351 -39.63 -19.64 -7.00
CA PHE J 351 -39.22 -20.61 -6.01
C PHE J 351 -38.84 -21.93 -6.69
N LEU J 352 -37.57 -22.34 -6.49
CA LEU J 352 -37.03 -23.57 -7.10
C LEU J 352 -37.03 -24.78 -6.12
N GLU J 353 -37.33 -25.98 -6.63
CA GLU J 353 -37.38 -27.20 -5.79
C GLU J 353 -36.55 -28.37 -6.34
N THR J 354 -35.91 -29.15 -5.46
CA THR J 354 -35.00 -30.23 -5.91
C THR J 354 -35.75 -31.39 -6.51
N GLU J 355 -36.85 -31.75 -5.85
CA GLU J 355 -37.82 -32.77 -6.29
C GLU J 355 -38.19 -32.53 -7.74
N LEU J 356 -38.49 -31.26 -8.05
CA LEU J 356 -38.82 -30.86 -9.40
C LEU J 356 -37.59 -31.05 -10.29
N PHE J 357 -36.49 -30.43 -9.89
CA PHE J 357 -35.21 -30.50 -10.60
C PHE J 357 -34.87 -31.91 -11.07
N TYR J 358 -34.94 -32.87 -10.16
CA TYR J 358 -34.61 -34.26 -10.46
C TYR J 358 -35.74 -35.00 -11.19
N LYS J 359 -36.96 -34.48 -11.11
CA LYS J 359 -38.06 -35.07 -11.91
C LYS J 359 -37.89 -34.73 -13.37
N GLY J 360 -37.07 -33.72 -13.65
CA GLY J 360 -36.72 -33.33 -15.02
C GLY J 360 -37.34 -32.00 -15.39
N ILE J 361 -38.09 -31.44 -14.44
CA ILE J 361 -38.65 -30.11 -14.56
C ILE J 361 -37.53 -29.12 -14.30
N ARG J 362 -36.82 -28.75 -15.37
CA ARG J 362 -35.74 -27.76 -15.27
C ARG J 362 -35.92 -26.64 -16.30
N PRO J 363 -36.04 -25.36 -15.85
CA PRO J 363 -35.96 -24.79 -14.51
C PRO J 363 -36.95 -25.37 -13.54
N ALA J 364 -36.49 -25.64 -12.32
CA ALA J 364 -37.33 -26.34 -11.35
C ALA J 364 -38.25 -25.37 -10.62
N ILE J 365 -38.99 -24.59 -11.39
CA ILE J 365 -39.91 -23.58 -10.84
C ILE J 365 -41.19 -24.28 -10.32
N ASN J 366 -41.56 -24.03 -9.07
CA ASN J 366 -42.86 -24.42 -8.54
C ASN J 366 -43.87 -23.33 -8.92
N VAL J 367 -44.89 -23.69 -9.68
CA VAL J 367 -45.74 -22.70 -10.32
C VAL J 367 -46.73 -22.11 -9.32
N GLY J 368 -47.29 -22.96 -8.46
CA GLY J 368 -48.20 -22.52 -7.40
C GLY J 368 -47.60 -21.51 -6.45
N LEU J 369 -46.36 -21.73 -6.02
CA LEU J 369 -45.78 -20.95 -4.91
C LEU J 369 -45.03 -19.70 -5.38
N SER J 370 -44.52 -19.73 -6.61
CA SER J 370 -43.99 -18.56 -7.32
C SER J 370 -45.07 -17.56 -7.75
N VAL J 371 -44.71 -16.29 -7.85
CA VAL J 371 -45.63 -15.28 -8.37
C VAL J 371 -44.88 -14.13 -9.04
N SER J 372 -45.65 -13.25 -9.66
CA SER J 372 -45.20 -11.96 -10.08
C SER J 372 -46.29 -11.00 -9.61
N ARG J 373 -45.88 -9.91 -9.00
CA ARG J 373 -46.86 -8.95 -8.46
C ARG J 373 -47.21 -7.84 -9.45
N VAL J 374 -46.51 -7.84 -10.59
CA VAL J 374 -46.71 -6.88 -11.66
C VAL J 374 -47.62 -7.46 -12.74
N GLY J 375 -47.60 -8.79 -12.88
CA GLY J 375 -48.46 -9.48 -13.83
C GLY J 375 -48.31 -9.02 -15.28
N SER J 376 -49.39 -9.14 -16.05
CA SER J 376 -49.40 -8.91 -17.51
C SER J 376 -48.73 -7.61 -17.91
N ALA J 377 -48.71 -6.65 -16.98
CA ALA J 377 -48.18 -5.31 -17.24
C ALA J 377 -46.71 -5.32 -17.66
N ALA J 378 -46.00 -6.39 -17.30
CA ALA J 378 -44.60 -6.54 -17.62
C ALA J 378 -44.37 -7.31 -18.93
N GLN J 379 -45.47 -7.74 -19.57
CA GLN J 379 -45.38 -8.54 -20.80
C GLN J 379 -45.75 -7.72 -22.02
N THR J 380 -45.16 -8.07 -23.15
CA THR J 380 -45.63 -7.54 -24.43
C THR J 380 -47.08 -8.00 -24.62
N ARG J 381 -47.79 -7.37 -25.55
CA ARG J 381 -49.15 -7.80 -25.84
C ARG J 381 -49.11 -9.25 -26.32
N ALA J 382 -48.15 -9.57 -27.18
CA ALA J 382 -48.01 -10.90 -27.76
C ALA J 382 -47.93 -12.01 -26.73
N MET J 383 -47.09 -11.83 -25.72
CA MET J 383 -46.89 -12.86 -24.71
C MET J 383 -48.11 -12.97 -23.79
N LYS J 384 -48.76 -11.83 -23.52
CA LYS J 384 -49.99 -11.80 -22.71
C LYS J 384 -51.10 -12.54 -23.43
N GLN J 385 -51.13 -12.40 -24.75
CA GLN J 385 -52.13 -13.04 -25.59
C GLN J 385 -52.13 -14.54 -25.45
N VAL J 386 -50.95 -15.12 -25.22
CA VAL J 386 -50.83 -16.57 -25.09
C VAL J 386 -50.78 -17.07 -23.66
N ALA J 387 -50.30 -16.24 -22.73
CA ALA J 387 -50.04 -16.71 -21.38
C ALA J 387 -51.04 -16.22 -20.31
N GLY J 388 -51.95 -15.34 -20.73
CA GLY J 388 -52.84 -14.59 -19.83
C GLY J 388 -53.50 -15.38 -18.72
N THR J 389 -53.99 -16.58 -19.04
CA THR J 389 -54.70 -17.41 -18.06
C THR J 389 -53.92 -18.68 -17.71
N MET J 390 -52.74 -18.83 -18.31
CA MET J 390 -51.89 -19.99 -18.11
C MET J 390 -51.58 -20.29 -16.63
N LYS J 391 -51.26 -19.26 -15.84
CA LYS J 391 -50.79 -19.49 -14.46
C LYS J 391 -51.83 -20.10 -13.51
N LEU J 392 -53.03 -19.56 -13.52
CA LEU J 392 -54.10 -20.14 -12.75
C LEU J 392 -54.54 -21.51 -13.27
N GLU J 393 -54.49 -21.68 -14.61
CA GLU J 393 -54.75 -22.98 -15.24
C GLU J 393 -53.83 -24.09 -14.75
N LEU J 394 -52.52 -23.80 -14.73
CA LEU J 394 -51.53 -24.78 -14.37
C LEU J 394 -51.64 -25.21 -12.89
N ALA J 395 -51.93 -24.24 -12.02
CA ALA J 395 -52.14 -24.51 -10.59
C ALA J 395 -53.38 -25.35 -10.41
N GLN J 396 -54.43 -25.03 -11.18
CA GLN J 396 -55.62 -25.90 -11.21
C GLN J 396 -55.30 -27.29 -11.77
N TYR J 397 -54.45 -27.34 -12.80
CA TYR J 397 -54.10 -28.63 -13.39
C TYR J 397 -53.40 -29.55 -12.40
N ARG J 398 -52.44 -29.00 -11.66
CA ARG J 398 -51.63 -29.80 -10.74
C ARG J 398 -52.45 -30.29 -9.55
N GLU J 399 -53.50 -29.55 -9.22
CA GLU J 399 -54.44 -29.97 -8.19
C GLU J 399 -55.28 -31.15 -8.68
N VAL J 400 -55.71 -31.09 -9.93
CA VAL J 400 -56.55 -32.14 -10.51
C VAL J 400 -55.76 -33.43 -10.76
N ALA J 401 -54.51 -33.29 -11.22
CA ALA J 401 -53.60 -34.43 -11.38
C ALA J 401 -53.46 -35.24 -10.07
N ALA J 402 -53.29 -34.52 -8.97
CA ALA J 402 -53.20 -35.14 -7.65
C ALA J 402 -54.51 -35.80 -7.22
N PHE J 403 -55.64 -35.08 -7.34
CA PHE J 403 -56.95 -35.62 -6.94
C PHE J 403 -57.41 -36.78 -7.85
N ALA J 404 -56.97 -36.77 -9.11
CA ALA J 404 -57.29 -37.84 -10.07
C ALA J 404 -56.25 -38.96 -10.08
N GLN J 405 -55.40 -39.03 -9.06
CA GLN J 405 -54.33 -40.04 -9.01
C GLN J 405 -54.86 -41.44 -8.76
N PHE J 406 -55.95 -41.55 -8.00
CA PHE J 406 -56.65 -42.83 -7.85
C PHE J 406 -57.54 -43.09 -9.08
N GLY J 407 -56.88 -43.42 -10.18
CA GLY J 407 -57.45 -43.38 -11.54
C GLY J 407 -58.64 -44.24 -11.89
N SER J 408 -59.82 -43.62 -11.88
CA SER J 408 -61.06 -44.23 -12.37
C SER J 408 -61.87 -43.22 -13.19
N ASP J 409 -62.69 -43.74 -14.11
CA ASP J 409 -63.50 -42.96 -15.08
C ASP J 409 -63.68 -41.45 -14.80
N LEU J 410 -63.20 -40.64 -15.74
CA LEU J 410 -63.18 -39.19 -15.58
C LEU J 410 -64.01 -38.53 -16.67
N ASP J 411 -64.53 -37.32 -16.39
CA ASP J 411 -65.27 -36.55 -17.38
C ASP J 411 -64.35 -36.01 -18.48
N ALA J 412 -64.94 -35.47 -19.55
CA ALA J 412 -64.16 -34.88 -20.65
C ALA J 412 -63.45 -33.59 -20.22
N ALA J 413 -64.08 -32.81 -19.34
CA ALA J 413 -63.51 -31.57 -18.83
C ALA J 413 -62.12 -31.79 -18.20
N THR J 414 -62.06 -32.65 -17.18
CA THR J 414 -60.82 -32.95 -16.46
C THR J 414 -59.78 -33.71 -17.29
N GLN J 415 -60.25 -34.61 -18.16
CA GLN J 415 -59.36 -35.34 -19.07
C GLN J 415 -58.60 -34.39 -19.99
N GLN J 416 -59.27 -33.33 -20.43
CA GLN J 416 -58.67 -32.31 -21.28
C GLN J 416 -57.69 -31.38 -20.52
N LEU J 417 -58.05 -31.01 -19.28
CA LEU J 417 -57.18 -30.19 -18.43
C LEU J 417 -55.83 -30.90 -18.22
N LEU J 418 -55.88 -32.16 -17.80
CA LEU J 418 -54.68 -32.95 -17.68
C LEU J 418 -53.93 -33.01 -19.00
N SER J 419 -54.63 -33.35 -20.09
CA SER J 419 -53.99 -33.45 -21.41
C SER J 419 -53.25 -32.16 -21.76
N ARG J 420 -53.88 -31.02 -21.47
CA ARG J 420 -53.22 -29.74 -21.65
C ARG J 420 -52.04 -29.61 -20.69
N GLY J 421 -52.29 -29.84 -19.40
CA GLY J 421 -51.29 -29.64 -18.34
C GLY J 421 -49.97 -30.35 -18.57
N VAL J 422 -50.03 -31.68 -18.76
CA VAL J 422 -48.82 -32.47 -19.04
C VAL J 422 -48.04 -31.90 -20.21
N ARG J 423 -48.75 -31.40 -21.22
CA ARG J 423 -48.11 -30.88 -22.42
C ARG J 423 -47.53 -29.48 -22.23
N LEU J 424 -48.28 -28.63 -21.52
CA LEU J 424 -47.84 -27.27 -21.24
C LEU J 424 -46.57 -27.36 -20.42
N THR J 425 -46.61 -28.28 -19.46
CA THR J 425 -45.52 -28.50 -18.51
C THR J 425 -44.23 -28.84 -19.23
N GLU J 426 -44.33 -29.66 -20.29
CA GLU J 426 -43.20 -30.02 -21.13
C GLU J 426 -42.68 -28.81 -21.89
N LEU J 427 -43.57 -27.89 -22.24
CA LEU J 427 -43.17 -26.73 -23.03
C LEU J 427 -42.37 -25.72 -22.21
N LEU J 428 -42.49 -25.79 -20.88
CA LEU J 428 -41.84 -24.85 -19.99
C LEU J 428 -40.47 -25.35 -19.56
N LYS J 429 -40.15 -26.58 -19.94
CA LYS J 429 -38.80 -27.09 -19.79
C LYS J 429 -37.86 -26.32 -20.71
N GLN J 430 -36.64 -26.07 -20.24
CA GLN J 430 -35.64 -25.35 -21.02
C GLN J 430 -34.22 -25.59 -20.51
N GLY J 431 -33.28 -25.76 -21.45
CA GLY J 431 -31.86 -25.89 -21.15
C GLY J 431 -31.27 -24.61 -20.58
N GLN J 432 -29.95 -24.54 -20.61
CA GLN J 432 -29.23 -23.44 -19.99
C GLN J 432 -28.49 -22.65 -21.05
N TYR J 433 -28.05 -21.46 -20.67
CA TYR J 433 -27.21 -20.58 -21.52
C TYR J 433 -27.72 -20.28 -22.94
N SER J 434 -29.00 -20.56 -23.22
CA SER J 434 -29.62 -20.10 -24.48
C SER J 434 -30.99 -19.48 -24.25
N PRO J 435 -31.02 -18.29 -23.62
CA PRO J 435 -32.28 -17.62 -23.37
C PRO J 435 -32.92 -17.24 -24.69
N MET J 436 -34.22 -17.47 -24.82
CA MET J 436 -34.94 -17.28 -26.08
C MET J 436 -35.53 -15.89 -26.28
N ALA J 437 -35.45 -15.39 -27.51
CA ALA J 437 -36.08 -14.13 -27.88
C ALA J 437 -37.57 -14.30 -27.69
N ILE J 438 -38.23 -13.20 -27.28
CA ILE J 438 -39.65 -13.26 -26.94
C ILE J 438 -40.56 -13.84 -28.04
N GLU J 439 -40.45 -13.35 -29.27
CA GLU J 439 -41.23 -13.91 -30.38
C GLU J 439 -41.21 -15.45 -30.43
N GLU J 440 -40.02 -16.05 -30.28
CA GLU J 440 -39.86 -17.49 -30.28
C GLU J 440 -40.58 -18.15 -29.09
N GLN J 441 -40.48 -17.52 -27.92
CA GLN J 441 -41.19 -17.99 -26.74
C GLN J 441 -42.68 -18.02 -27.07
N VAL J 442 -43.14 -16.96 -27.73
CA VAL J 442 -44.55 -16.76 -28.00
C VAL J 442 -45.00 -17.84 -28.96
N ALA J 443 -44.11 -18.18 -29.90
CA ALA J 443 -44.41 -19.21 -30.91
C ALA J 443 -44.65 -20.57 -30.27
N VAL J 444 -43.73 -21.00 -29.40
CA VAL J 444 -43.89 -22.30 -28.74
C VAL J 444 -45.14 -22.35 -27.84
N ILE J 445 -45.29 -21.38 -26.92
CA ILE J 445 -46.44 -21.34 -25.98
C ILE J 445 -47.72 -21.48 -26.80
N TYR J 446 -47.78 -20.71 -27.88
CA TYR J 446 -48.90 -20.64 -28.80
C TYR J 446 -49.37 -22.02 -29.22
N ALA J 447 -48.42 -22.84 -29.68
CA ALA J 447 -48.77 -24.18 -30.15
C ALA J 447 -49.44 -24.95 -29.03
N GLY J 448 -49.00 -24.69 -27.80
CA GLY J 448 -49.56 -25.38 -26.65
C GLY J 448 -50.94 -24.89 -26.31
N VAL J 449 -51.06 -23.59 -26.03
CA VAL J 449 -52.28 -23.04 -25.44
C VAL J 449 -53.46 -23.09 -26.38
N ARG J 450 -53.19 -23.04 -27.67
CA ARG J 450 -54.23 -23.19 -28.68
C ARG J 450 -54.63 -24.66 -28.92
N GLY J 451 -53.86 -25.58 -28.32
CA GLY J 451 -54.19 -27.00 -28.30
C GLY J 451 -53.65 -27.88 -29.41
N TYR J 452 -52.86 -27.31 -30.31
CA TYR J 452 -52.39 -28.03 -31.50
C TYR J 452 -51.53 -29.24 -31.16
N LEU J 453 -51.04 -29.28 -29.94
CA LEU J 453 -50.21 -30.39 -29.50
C LEU J 453 -50.98 -31.38 -28.62
N ASP J 454 -52.27 -31.15 -28.47
CA ASP J 454 -53.07 -31.96 -27.55
C ASP J 454 -53.00 -33.45 -27.85
N LYS J 455 -52.93 -33.82 -29.13
CA LYS J 455 -52.86 -35.23 -29.56
C LYS J 455 -51.43 -35.76 -29.72
N LEU J 456 -50.44 -34.89 -29.54
CA LEU J 456 -49.05 -35.33 -29.65
C LEU J 456 -48.62 -36.00 -28.33
N GLU J 457 -47.83 -37.06 -28.43
CA GLU J 457 -47.33 -37.75 -27.24
C GLU J 457 -46.51 -36.79 -26.39
N PRO J 458 -46.77 -36.76 -25.07
CA PRO J 458 -46.04 -35.88 -24.17
C PRO J 458 -44.51 -35.99 -24.30
N SER J 459 -43.99 -37.21 -24.49
CA SER J 459 -42.54 -37.45 -24.52
C SER J 459 -41.83 -36.90 -25.79
N LYS J 460 -42.63 -36.48 -26.76
CA LYS J 460 -42.10 -35.93 -28.01
C LYS J 460 -42.14 -34.40 -28.03
N ILE J 461 -42.85 -33.82 -27.07
CA ILE J 461 -43.06 -32.39 -27.02
C ILE J 461 -41.71 -31.64 -27.18
N THR J 462 -40.73 -32.01 -26.35
CA THR J 462 -39.44 -31.33 -26.37
C THR J 462 -38.79 -31.40 -27.77
N LYS J 463 -38.76 -32.60 -28.35
CA LYS J 463 -38.23 -32.81 -29.70
C LYS J 463 -38.97 -31.97 -30.74
N PHE J 464 -40.30 -31.88 -30.60
CA PHE J 464 -41.10 -31.05 -31.50
C PHE J 464 -40.72 -29.58 -31.40
N GLU J 465 -40.59 -29.07 -30.18
CA GLU J 465 -40.28 -27.65 -29.97
C GLU J 465 -39.03 -27.23 -30.74
N ASN J 466 -37.99 -28.05 -30.67
CA ASN J 466 -36.72 -27.73 -31.31
C ASN J 466 -36.85 -27.79 -32.83
N ALA J 467 -37.60 -28.76 -33.32
CA ALA J 467 -37.86 -28.89 -34.74
C ALA J 467 -38.65 -27.67 -35.21
N PHE J 468 -39.79 -27.43 -34.56
CA PHE J 468 -40.66 -26.33 -34.92
C PHE J 468 -39.90 -25.00 -34.90
N LEU J 469 -39.19 -24.76 -33.80
CA LEU J 469 -38.42 -23.55 -33.63
C LEU J 469 -37.44 -23.34 -34.78
N SER J 470 -36.51 -24.29 -34.96
CA SER J 470 -35.53 -24.18 -36.03
C SER J 470 -36.18 -24.06 -37.42
N HIS J 471 -37.46 -24.42 -37.51
CA HIS J 471 -38.19 -24.23 -38.76
C HIS J 471 -38.52 -22.76 -38.95
N VAL J 472 -39.24 -22.17 -38.00
CA VAL J 472 -39.69 -20.77 -38.13
C VAL J 472 -38.54 -19.76 -38.19
N ILE J 473 -37.39 -20.12 -37.61
CA ILE J 473 -36.22 -19.24 -37.62
C ILE J 473 -35.64 -19.09 -39.03
N SER J 474 -35.65 -20.16 -39.80
CA SER J 474 -35.12 -20.13 -41.15
C SER J 474 -36.19 -19.75 -42.19
N GLN J 475 -37.33 -20.43 -42.15
CA GLN J 475 -38.38 -20.28 -43.14
C GLN J 475 -39.29 -19.04 -42.94
N HIS J 476 -39.50 -18.64 -41.69
CA HIS J 476 -40.45 -17.58 -41.40
C HIS J 476 -39.90 -16.47 -40.54
N GLN J 477 -38.74 -15.94 -40.92
CA GLN J 477 -38.17 -14.81 -40.20
C GLN J 477 -39.06 -13.59 -40.38
N ALA J 478 -39.97 -13.63 -41.37
CA ALA J 478 -40.92 -12.53 -41.58
C ALA J 478 -42.04 -12.51 -40.55
N LEU J 479 -42.51 -13.69 -40.16
CA LEU J 479 -43.56 -13.82 -39.16
C LEU J 479 -43.04 -13.43 -37.79
N LEU J 480 -41.85 -13.94 -37.46
CA LEU J 480 -41.18 -13.59 -36.20
C LEU J 480 -40.82 -12.11 -36.18
N SER J 481 -40.32 -11.62 -37.33
CA SER J 481 -39.99 -10.21 -37.48
C SER J 481 -41.22 -9.39 -37.12
N LYS J 482 -42.37 -9.80 -37.65
CA LYS J 482 -43.62 -9.07 -37.47
C LYS J 482 -44.18 -9.09 -36.03
N ILE J 483 -44.10 -10.26 -35.38
CA ILE J 483 -44.52 -10.43 -33.99
C ILE J 483 -43.67 -9.58 -33.03
N ARG J 484 -42.35 -9.58 -33.25
CA ARG J 484 -41.40 -8.80 -32.43
C ARG J 484 -41.54 -7.29 -32.58
N THR J 485 -41.73 -6.82 -33.83
CA THR J 485 -41.90 -5.39 -34.09
C THR J 485 -43.24 -4.91 -33.56
N ASP J 486 -44.32 -5.56 -33.97
CA ASP J 486 -45.67 -5.20 -33.51
C ASP J 486 -45.85 -5.38 -32.01
N GLY J 487 -45.15 -6.36 -31.43
CA GLY J 487 -45.32 -6.74 -30.04
C GLY J 487 -46.63 -7.48 -29.81
N LYS J 488 -47.21 -8.03 -30.88
CA LYS J 488 -48.47 -8.76 -30.78
C LYS J 488 -48.60 -9.85 -31.85
N ILE J 489 -49.65 -10.66 -31.70
CA ILE J 489 -50.06 -11.62 -32.70
C ILE J 489 -51.35 -11.08 -33.32
N SER J 490 -51.21 -10.43 -34.47
CA SER J 490 -52.36 -9.86 -35.17
C SER J 490 -53.20 -10.97 -35.76
N GLU J 491 -54.44 -10.63 -36.14
CA GLU J 491 -55.32 -11.58 -36.85
C GLU J 491 -54.58 -12.25 -38.02
N GLU J 492 -53.59 -11.53 -38.57
CA GLU J 492 -52.79 -12.01 -39.68
C GLU J 492 -51.73 -13.04 -39.24
N SER J 493 -50.93 -12.69 -38.25
CA SER J 493 -49.93 -13.59 -37.70
C SER J 493 -50.59 -14.85 -37.19
N ASP J 494 -51.69 -14.66 -36.47
CA ASP J 494 -52.49 -15.76 -35.93
C ASP J 494 -52.80 -16.79 -37.01
N ALA J 495 -53.35 -16.33 -38.14
CA ALA J 495 -53.56 -17.16 -39.33
C ALA J 495 -52.27 -17.88 -39.81
N LYS J 496 -51.20 -17.11 -40.01
CA LYS J 496 -49.90 -17.69 -40.38
C LYS J 496 -49.33 -18.71 -39.37
N LEU J 497 -49.47 -18.41 -38.07
CA LEU J 497 -49.04 -19.32 -37.01
C LEU J 497 -49.79 -20.66 -37.00
N LYS J 498 -51.11 -20.60 -37.06
CA LYS J 498 -51.96 -21.79 -37.03
C LYS J 498 -51.60 -22.73 -38.17
N GLU J 499 -51.60 -22.17 -39.39
CA GLU J 499 -51.25 -22.88 -40.63
C GLU J 499 -49.87 -23.57 -40.55
N ILE J 500 -48.86 -22.86 -40.03
CA ILE J 500 -47.54 -23.45 -39.89
C ILE J 500 -47.60 -24.69 -38.99
N VAL J 501 -48.00 -24.52 -37.73
CA VAL J 501 -47.90 -25.60 -36.73
C VAL J 501 -48.69 -26.86 -37.10
N THR J 502 -49.90 -26.70 -37.64
CA THR J 502 -50.72 -27.88 -37.99
C THR J 502 -50.02 -28.79 -39.00
N ASN J 503 -49.59 -28.19 -40.11
CA ASN J 503 -48.94 -28.93 -41.20
C ASN J 503 -47.52 -29.42 -40.87
N PHE J 504 -46.84 -28.69 -39.98
CA PHE J 504 -45.53 -29.14 -39.49
C PHE J 504 -45.69 -30.31 -38.52
N LEU J 505 -46.58 -30.15 -37.55
CA LEU J 505 -46.86 -31.20 -36.54
C LEU J 505 -47.16 -32.52 -37.23
N ALA J 506 -48.00 -32.45 -38.27
CA ALA J 506 -48.33 -33.63 -39.08
C ALA J 506 -47.12 -34.22 -39.80
N GLY J 507 -46.34 -33.37 -40.47
CA GLY J 507 -45.10 -33.79 -41.12
C GLY J 507 -44.20 -34.44 -40.10
N PHE J 508 -44.11 -33.82 -38.93
CA PHE J 508 -43.33 -34.33 -37.80
C PHE J 508 -43.78 -35.74 -37.36
N GLU J 509 -45.10 -36.00 -37.40
CA GLU J 509 -45.67 -37.25 -36.87
C GLU J 509 -45.94 -38.35 -37.91
N ALA J 510 -45.29 -38.26 -39.07
CA ALA J 510 -45.61 -39.10 -40.22
C ALA J 510 -45.32 -40.60 -40.01
N THR K 13 -36.18 25.11 25.52
CA THR K 13 -35.11 24.33 26.21
C THR K 13 -34.30 23.47 25.23
N THR K 14 -32.98 23.51 25.39
CA THR K 14 -32.04 22.89 24.45
C THR K 14 -31.33 21.67 25.05
N GLY K 15 -31.25 20.59 24.26
CA GLY K 15 -30.52 19.38 24.62
C GLY K 15 -29.38 19.05 23.66
N ARG K 16 -28.58 18.03 24.02
CA ARG K 16 -27.42 17.62 23.25
C ARG K 16 -27.39 16.11 23.04
N ILE K 17 -27.24 15.68 21.79
CA ILE K 17 -27.07 14.26 21.45
C ILE K 17 -25.85 13.67 22.15
N VAL K 18 -26.06 12.61 22.92
CA VAL K 18 -24.96 11.94 23.60
C VAL K 18 -24.62 10.55 23.08
N ALA K 19 -25.58 9.88 22.45
CA ALA K 19 -25.37 8.54 21.94
C ALA K 19 -26.23 8.30 20.73
N VAL K 20 -25.68 7.57 19.76
CA VAL K 20 -26.40 7.18 18.55
C VAL K 20 -26.08 5.72 18.21
N ILE K 21 -27.07 4.86 18.33
CA ILE K 21 -26.97 3.49 17.82
C ILE K 21 -28.19 3.30 16.93
N GLY K 22 -27.96 3.17 15.63
CA GLY K 22 -29.03 3.07 14.65
C GLY K 22 -30.09 4.14 14.82
N ALA K 23 -31.33 3.69 14.98
CA ALA K 23 -32.48 4.56 15.15
C ALA K 23 -32.65 5.10 16.59
N VAL K 24 -31.98 4.49 17.55
CA VAL K 24 -32.10 4.95 18.94
C VAL K 24 -31.02 5.99 19.29
N VAL K 25 -31.48 7.12 19.81
CA VAL K 25 -30.61 8.26 20.11
C VAL K 25 -30.83 8.70 21.57
N ASP K 26 -29.72 8.80 22.32
CA ASP K 26 -29.77 9.35 23.67
C ASP K 26 -29.46 10.85 23.63
N VAL K 27 -30.31 11.63 24.28
CA VAL K 27 -30.16 13.08 24.35
C VAL K 27 -30.13 13.54 25.81
N GLN K 28 -29.23 14.48 26.13
CA GLN K 28 -29.06 15.00 27.49
C GLN K 28 -29.51 16.45 27.59
N PHE K 29 -30.33 16.76 28.59
CA PHE K 29 -30.88 18.11 28.80
C PHE K 29 -30.47 18.65 30.17
N ASP K 30 -29.84 19.81 30.22
CA ASP K 30 -29.39 20.35 31.50
C ASP K 30 -30.52 20.89 32.35
N GLU K 31 -31.44 21.60 31.70
CA GLU K 31 -32.60 22.23 32.33
C GLU K 31 -33.85 21.35 32.24
N GLY K 32 -34.90 21.90 31.63
CA GLY K 32 -36.18 21.22 31.48
C GLY K 32 -36.07 19.97 30.65
N LEU K 33 -36.54 18.87 31.23
CA LEU K 33 -36.46 17.56 30.62
C LEU K 33 -37.81 17.21 29.95
N PRO K 34 -37.78 16.97 28.63
CA PRO K 34 -38.99 16.69 27.85
C PRO K 34 -39.69 15.40 28.28
N PRO K 35 -41.02 15.46 28.46
CA PRO K 35 -41.76 14.28 28.89
C PRO K 35 -41.84 13.26 27.78
N ILE K 36 -42.02 12.00 28.18
CA ILE K 36 -42.15 10.92 27.22
C ILE K 36 -43.21 11.26 26.16
N LEU K 37 -42.89 10.92 24.92
CA LEU K 37 -43.75 11.08 23.73
C LEU K 37 -43.57 12.44 23.06
N ASN K 38 -42.85 13.35 23.71
CA ASN K 38 -42.58 14.63 23.10
C ASN K 38 -41.77 14.50 21.81
N ALA K 39 -42.09 15.35 20.83
CA ALA K 39 -41.29 15.47 19.61
C ALA K 39 -40.11 16.42 19.85
N LEU K 40 -38.92 15.93 19.55
CA LEU K 40 -37.70 16.75 19.63
C LEU K 40 -37.22 17.02 18.21
N GLU K 41 -36.72 18.22 17.95
CA GLU K 41 -36.28 18.60 16.59
C GLU K 41 -34.76 18.71 16.52
N VAL K 42 -34.13 17.80 15.79
CA VAL K 42 -32.66 17.84 15.63
C VAL K 42 -32.20 19.06 14.83
N GLN K 43 -31.27 19.83 15.41
CA GLN K 43 -30.76 21.05 14.77
C GLN K 43 -29.62 20.78 13.78
N GLY K 44 -29.51 21.62 12.76
CA GLY K 44 -28.45 21.48 11.78
C GLY K 44 -28.65 20.30 10.85
N ARG K 45 -29.91 20.07 10.46
CA ARG K 45 -30.26 19.09 9.42
C ARG K 45 -30.79 19.78 8.17
N GLU K 46 -30.60 19.13 7.03
CA GLU K 46 -31.07 19.66 5.76
C GLU K 46 -32.58 19.47 5.67
N THR K 47 -33.03 18.27 6.01
CA THR K 47 -34.46 17.97 6.11
C THR K 47 -34.81 17.67 7.56
N ARG K 48 -36.05 17.99 7.93
CA ARG K 48 -36.52 17.89 9.31
C ARG K 48 -36.27 16.52 9.97
N LEU K 49 -35.49 16.52 11.06
CA LEU K 49 -35.30 15.29 11.84
C LEU K 49 -35.93 15.38 13.26
N VAL K 50 -37.00 14.61 13.47
CA VAL K 50 -37.70 14.58 14.75
C VAL K 50 -37.22 13.38 15.56
N LEU K 51 -36.99 13.58 16.86
CA LEU K 51 -36.82 12.47 17.80
C LEU K 51 -37.99 12.38 18.78
N GLU K 52 -38.69 11.24 18.80
CA GLU K 52 -39.78 11.05 19.78
C GLU K 52 -39.26 10.50 21.12
N VAL K 53 -39.56 11.16 22.23
CA VAL K 53 -39.01 10.72 23.51
C VAL K 53 -39.62 9.38 23.90
N ALA K 54 -38.76 8.39 24.14
CA ALA K 54 -39.17 7.02 24.55
C ALA K 54 -39.01 6.72 26.05
N GLN K 55 -37.92 7.18 26.64
CA GLN K 55 -37.55 6.76 27.98
C GLN K 55 -36.84 7.89 28.73
N HIS K 56 -37.00 7.95 30.04
CA HIS K 56 -36.11 8.73 30.88
C HIS K 56 -35.15 7.76 31.55
N LEU K 57 -33.90 7.77 31.07
CA LEU K 57 -32.91 6.82 31.53
C LEU K 57 -32.38 7.19 32.90
N GLY K 58 -32.51 8.46 33.26
CA GLY K 58 -31.87 9.01 34.46
C GLY K 58 -30.78 9.99 34.08
N GLU K 59 -30.19 10.66 35.08
CA GLU K 59 -29.09 11.60 34.83
C GLU K 59 -29.38 12.60 33.70
N SER K 60 -30.55 13.25 33.77
CA SER K 60 -30.94 14.27 32.79
C SER K 60 -30.75 13.84 31.31
N THR K 61 -30.93 12.54 31.06
CA THR K 61 -30.76 11.97 29.74
C THR K 61 -32.04 11.24 29.34
N VAL K 62 -32.49 11.47 28.11
CA VAL K 62 -33.66 10.77 27.60
C VAL K 62 -33.31 9.93 26.37
N ARG K 63 -33.98 8.80 26.24
CA ARG K 63 -33.83 7.91 25.08
C ARG K 63 -34.95 8.13 24.08
N THR K 64 -34.57 8.18 22.81
CA THR K 64 -35.52 8.54 21.78
C THR K 64 -35.48 7.56 20.61
N ILE K 65 -36.62 7.40 19.93
CA ILE K 65 -36.64 6.73 18.63
C ILE K 65 -36.75 7.82 17.57
N ALA K 66 -36.01 7.67 16.48
CA ALA K 66 -35.92 8.73 15.49
C ALA K 66 -36.81 8.45 14.29
N MET K 67 -37.41 9.51 13.77
CA MET K 67 -38.41 9.44 12.69
C MET K 67 -37.81 9.36 11.29
N ASP K 68 -36.49 9.44 11.20
CA ASP K 68 -35.79 9.39 9.94
C ASP K 68 -34.39 8.77 10.19
N GLY K 69 -33.56 8.67 9.15
CA GLY K 69 -32.18 8.20 9.27
C GLY K 69 -31.34 9.00 10.25
N THR K 70 -30.38 8.34 10.87
CA THR K 70 -29.54 8.97 11.89
C THR K 70 -28.11 9.18 11.39
N GLU K 71 -27.83 8.71 10.18
CA GLU K 71 -26.60 9.08 9.48
C GLU K 71 -26.33 10.60 9.56
N GLY K 72 -25.07 10.96 9.81
CA GLY K 72 -24.68 12.36 9.88
C GLY K 72 -24.74 13.00 11.26
N LEU K 73 -25.41 12.34 12.21
CA LEU K 73 -25.48 12.85 13.57
C LEU K 73 -24.13 12.81 14.26
N VAL K 74 -23.92 13.77 15.15
CA VAL K 74 -22.67 13.90 15.86
C VAL K 74 -22.99 14.08 17.34
N ARG K 75 -22.25 13.38 18.19
CA ARG K 75 -22.37 13.60 19.61
C ARG K 75 -22.13 15.09 19.88
N GLY K 76 -23.06 15.73 20.58
CA GLY K 76 -22.92 17.13 20.91
C GLY K 76 -23.88 18.01 20.15
N GLN K 77 -24.44 17.46 19.06
CA GLN K 77 -25.36 18.19 18.17
C GLN K 77 -26.60 18.61 18.95
N LYS K 78 -27.18 19.75 18.57
CA LYS K 78 -28.28 20.32 19.34
C LYS K 78 -29.69 19.82 19.01
N VAL K 79 -30.48 19.67 20.06
CA VAL K 79 -31.81 19.12 19.97
C VAL K 79 -32.71 20.10 20.70
N LEU K 80 -33.75 20.57 20.01
CA LEU K 80 -34.79 21.35 20.67
C LEU K 80 -35.97 20.45 21.01
N ASP K 81 -36.64 20.77 22.12
CA ASP K 81 -37.87 20.15 22.54
C ASP K 81 -39.01 20.99 21.99
N SER K 82 -39.86 20.40 21.14
CA SER K 82 -40.99 21.16 20.56
C SER K 82 -42.03 21.46 21.63
N GLY K 83 -41.91 20.78 22.76
CA GLY K 83 -42.78 21.00 23.90
C GLY K 83 -44.12 20.31 23.81
N ALA K 84 -44.21 19.30 22.92
CA ALA K 84 -45.42 18.50 22.69
C ALA K 84 -45.13 17.33 21.74
N PRO K 85 -46.04 16.34 21.68
CA PRO K 85 -45.84 15.21 20.75
C PRO K 85 -45.92 15.64 19.30
N ILE K 86 -45.65 14.71 18.38
CA ILE K 86 -45.81 14.96 16.94
C ILE K 86 -47.25 15.38 16.68
N ARG K 87 -47.40 16.56 16.11
CA ARG K 87 -48.71 17.08 15.71
C ARG K 87 -48.74 17.11 14.20
N ILE K 88 -49.89 16.76 13.64
CA ILE K 88 -50.05 16.68 12.19
C ILE K 88 -51.30 17.47 11.76
N PRO K 89 -51.31 17.99 10.51
CA PRO K 89 -52.51 18.57 9.94
C PRO K 89 -53.69 17.59 9.85
N VAL K 90 -54.87 17.99 10.34
CA VAL K 90 -56.12 17.23 10.16
C VAL K 90 -57.24 18.17 9.71
N GLY K 91 -58.06 17.71 8.78
CA GLY K 91 -59.11 18.55 8.23
C GLY K 91 -59.33 18.27 6.76
N PRO K 92 -60.41 18.83 6.17
CA PRO K 92 -60.63 18.84 4.73
C PRO K 92 -59.32 18.89 3.94
N GLU K 93 -58.41 19.75 4.37
CA GLU K 93 -57.20 20.06 3.61
C GLU K 93 -56.23 18.86 3.38
N THR K 94 -56.46 17.76 4.09
CA THR K 94 -55.65 16.57 3.92
C THR K 94 -56.17 15.71 2.77
N LEU K 95 -57.40 15.99 2.35
CA LEU K 95 -58.04 15.20 1.30
C LEU K 95 -57.33 15.33 -0.06
N GLY K 96 -56.99 14.19 -0.65
CA GLY K 96 -56.24 14.15 -1.90
C GLY K 96 -54.77 14.45 -1.72
N ARG K 97 -54.37 14.75 -0.49
CA ARG K 97 -52.97 15.01 -0.21
C ARG K 97 -52.25 13.75 0.26
N ILE K 98 -50.93 13.72 0.08
CA ILE K 98 -50.11 12.63 0.62
C ILE K 98 -49.22 13.16 1.75
N MET K 99 -49.38 12.58 2.94
CA MET K 99 -48.60 12.89 4.13
C MET K 99 -47.61 11.77 4.50
N ASN K 100 -46.55 12.13 5.22
CA ASN K 100 -45.67 11.16 5.85
C ASN K 100 -45.92 11.10 7.35
N VAL K 101 -45.00 10.52 8.12
CA VAL K 101 -45.21 10.27 9.55
C VAL K 101 -45.53 11.53 10.30
N ILE K 102 -44.93 12.62 9.86
CA ILE K 102 -44.90 13.87 10.63
C ILE K 102 -45.74 14.96 9.99
N GLY K 103 -46.68 14.56 9.14
CA GLY K 103 -47.59 15.51 8.52
C GLY K 103 -47.04 16.44 7.44
N GLU K 104 -45.76 16.28 7.09
CA GLU K 104 -45.24 16.96 5.92
C GLU K 104 -45.87 16.39 4.66
N PRO K 105 -46.22 17.26 3.70
CA PRO K 105 -46.66 16.79 2.38
C PRO K 105 -45.53 16.10 1.65
N ILE K 106 -45.84 15.02 0.95
CA ILE K 106 -44.84 14.34 0.16
C ILE K 106 -45.26 14.15 -1.28
N ASP K 107 -46.23 14.95 -1.72
CA ASP K 107 -46.74 14.88 -3.09
C ASP K 107 -46.22 16.03 -3.98
N GLU K 108 -45.32 16.85 -3.45
CA GLU K 108 -44.77 18.01 -4.15
C GLU K 108 -45.83 18.99 -4.62
N ARG K 109 -46.88 19.15 -3.83
CA ARG K 109 -47.94 20.09 -4.13
C ARG K 109 -48.02 21.25 -3.15
N GLY K 110 -46.92 21.53 -2.47
CA GLY K 110 -46.84 22.67 -1.56
C GLY K 110 -47.40 22.42 -0.17
N PRO K 111 -47.50 23.50 0.64
CA PRO K 111 -47.98 23.42 2.04
C PRO K 111 -49.35 22.70 2.22
N ILE K 112 -49.66 22.31 3.45
CA ILE K 112 -50.99 21.79 3.76
C ILE K 112 -51.70 22.74 4.72
N LYS K 113 -52.53 23.62 4.14
CA LYS K 113 -53.11 24.78 4.83
C LYS K 113 -54.34 24.48 5.70
N THR K 114 -54.13 23.84 6.86
CA THR K 114 -55.24 23.50 7.76
C THR K 114 -55.35 24.47 8.94
N LYS K 115 -56.57 24.63 9.44
CA LYS K 115 -56.85 25.57 10.51
C LYS K 115 -56.31 25.06 11.85
N GLN K 116 -56.27 23.73 11.96
CA GLN K 116 -55.87 23.08 13.19
C GLN K 116 -55.11 21.80 12.89
N PHE K 117 -54.25 21.42 13.84
CA PHE K 117 -53.46 20.20 13.81
C PHE K 117 -53.93 19.28 14.93
N ALA K 118 -53.23 18.16 15.14
CA ALA K 118 -53.57 17.22 16.21
C ALA K 118 -52.41 16.28 16.53
N ALA K 119 -52.26 15.98 17.82
CA ALA K 119 -51.24 15.07 18.29
C ALA K 119 -51.55 13.68 17.76
N ILE K 120 -50.52 12.93 17.40
CA ILE K 120 -50.68 11.57 16.90
C ILE K 120 -50.78 10.61 18.09
N HIS K 121 -50.52 11.14 19.29
CA HIS K 121 -50.70 10.38 20.52
C HIS K 121 -51.97 10.82 21.27
N ALA K 122 -52.90 9.89 21.48
CA ALA K 122 -54.16 10.22 22.11
C ALA K 122 -54.80 9.03 22.87
N GLU K 123 -55.57 9.36 23.91
CA GLU K 123 -56.32 8.36 24.68
C GLU K 123 -57.37 7.69 23.82
N ALA K 124 -57.62 6.40 24.06
CA ALA K 124 -58.70 5.70 23.34
C ALA K 124 -60.07 6.20 23.84
N PRO K 125 -61.10 6.14 22.97
CA PRO K 125 -62.49 6.30 23.45
C PRO K 125 -62.80 5.41 24.64
N GLU K 126 -63.53 5.97 25.60
CA GLU K 126 -63.95 5.24 26.80
C GLU K 126 -65.05 4.26 26.43
N PHE K 127 -65.26 3.29 27.29
CA PHE K 127 -66.33 2.29 27.15
C PHE K 127 -67.70 2.91 26.93
N VAL K 128 -67.99 4.04 27.58
CA VAL K 128 -69.27 4.74 27.37
C VAL K 128 -69.41 5.38 26.00
N GLU K 129 -68.33 5.40 25.23
CA GLU K 129 -68.40 5.94 23.87
C GLU K 129 -68.68 4.85 22.81
N MET K 130 -68.77 3.59 23.23
CA MET K 130 -68.96 2.48 22.29
C MET K 130 -70.37 2.40 21.68
N SER K 131 -70.47 1.73 20.54
CA SER K 131 -71.71 1.59 19.80
C SER K 131 -71.97 0.12 19.51
N VAL K 132 -73.21 -0.32 19.70
CA VAL K 132 -73.52 -1.72 19.47
C VAL K 132 -74.13 -1.97 18.09
N GLU K 133 -74.29 -0.90 17.32
CA GLU K 133 -74.84 -1.00 15.96
C GLU K 133 -73.99 -1.86 15.06
N GLN K 134 -74.63 -2.76 14.33
CA GLN K 134 -73.96 -3.58 13.34
C GLN K 134 -74.90 -4.06 12.26
N GLU K 135 -74.62 -3.65 11.03
CA GLU K 135 -75.40 -4.09 9.89
C GLU K 135 -74.46 -4.31 8.72
N ILE K 136 -74.88 -5.18 7.81
CA ILE K 136 -73.97 -5.75 6.83
C ILE K 136 -73.35 -4.72 5.87
N LEU K 137 -72.05 -4.87 5.64
CA LEU K 137 -71.36 -4.18 4.60
C LEU K 137 -71.11 -5.20 3.49
N VAL K 138 -71.91 -5.09 2.42
CA VAL K 138 -71.83 -6.03 1.32
C VAL K 138 -70.69 -5.62 0.41
N THR K 139 -69.87 -6.61 0.02
CA THR K 139 -68.64 -6.31 -0.72
C THR K 139 -68.69 -6.68 -2.20
N GLY K 140 -69.61 -7.59 -2.54
CA GLY K 140 -69.71 -8.14 -3.90
C GLY K 140 -68.72 -9.27 -4.12
N ILE K 141 -68.09 -9.73 -3.03
CA ILE K 141 -67.08 -10.78 -3.05
C ILE K 141 -67.68 -11.99 -2.37
N LYS K 142 -67.87 -13.08 -3.12
CA LYS K 142 -68.74 -14.17 -2.69
C LYS K 142 -68.37 -14.74 -1.31
N VAL K 143 -67.13 -15.18 -1.15
CA VAL K 143 -66.70 -15.87 0.08
C VAL K 143 -66.82 -15.00 1.34
N VAL K 144 -66.60 -13.69 1.19
CA VAL K 144 -66.65 -12.80 2.33
C VAL K 144 -68.10 -12.57 2.70
N ASP K 145 -68.89 -12.12 1.72
CA ASP K 145 -70.29 -11.81 1.95
C ASP K 145 -71.05 -13.01 2.50
N LEU K 146 -70.72 -14.20 2.00
CA LEU K 146 -71.43 -15.41 2.38
C LEU K 146 -71.06 -15.96 3.74
N LEU K 147 -69.76 -16.18 4.00
CA LEU K 147 -69.33 -16.93 5.18
C LEU K 147 -68.90 -16.04 6.34
N ALA K 148 -68.38 -14.86 6.02
CA ALA K 148 -67.87 -14.00 7.06
C ALA K 148 -68.00 -12.50 6.70
N PRO K 149 -69.25 -12.01 6.62
CA PRO K 149 -69.48 -10.67 6.06
C PRO K 149 -69.08 -9.53 6.99
N TYR K 150 -68.57 -8.46 6.39
CA TYR K 150 -68.14 -7.29 7.12
C TYR K 150 -69.38 -6.47 7.56
N ALA K 151 -69.24 -5.72 8.65
CA ALA K 151 -70.27 -4.84 9.17
C ALA K 151 -69.91 -3.37 8.94
N LYS K 152 -70.92 -2.51 8.82
CA LYS K 152 -70.70 -1.06 8.72
C LYS K 152 -70.19 -0.46 10.04
N GLY K 153 -69.11 0.31 9.95
CA GLY K 153 -68.47 0.88 11.14
C GLY K 153 -67.72 -0.18 11.93
N GLY K 154 -67.48 -1.33 11.30
CA GLY K 154 -66.85 -2.46 11.99
C GLY K 154 -65.34 -2.51 11.81
N LYS K 155 -64.70 -3.37 12.60
CA LYS K 155 -63.26 -3.56 12.53
C LYS K 155 -62.91 -4.83 11.77
N ILE K 156 -62.55 -4.67 10.51
CA ILE K 156 -62.20 -5.82 9.68
C ILE K 156 -60.68 -6.05 9.74
N GLY K 157 -60.29 -7.33 9.78
CA GLY K 157 -58.89 -7.73 9.60
C GLY K 157 -58.68 -8.71 8.45
N LEU K 158 -57.65 -8.46 7.65
CA LEU K 158 -57.23 -9.36 6.58
C LEU K 158 -55.91 -10.14 6.89
N PHE K 159 -56.01 -11.33 7.49
CA PHE K 159 -54.82 -12.10 7.84
C PHE K 159 -54.24 -12.81 6.64
N GLY K 160 -52.94 -12.63 6.41
CA GLY K 160 -52.27 -13.38 5.34
C GLY K 160 -50.74 -13.47 5.39
N GLY K 161 -50.22 -14.63 5.01
CA GLY K 161 -48.79 -14.81 4.89
C GLY K 161 -48.25 -14.07 3.69
N ALA K 162 -46.95 -14.18 3.45
CA ALA K 162 -46.27 -13.38 2.43
C ALA K 162 -46.77 -13.70 1.03
N GLY K 163 -47.42 -12.72 0.42
CA GLY K 163 -47.88 -12.86 -0.98
C GLY K 163 -49.07 -13.74 -1.30
N VAL K 164 -50.06 -13.79 -0.40
CA VAL K 164 -51.25 -14.61 -0.64
C VAL K 164 -52.43 -13.76 -1.14
N GLY K 165 -52.37 -12.45 -0.95
CA GLY K 165 -53.32 -11.54 -1.56
C GLY K 165 -54.05 -10.56 -0.66
N LYS K 166 -53.38 -10.06 0.38
CA LYS K 166 -54.01 -9.09 1.30
C LYS K 166 -54.22 -7.77 0.59
N THR K 167 -53.16 -7.25 0.00
CA THR K 167 -53.19 -5.97 -0.75
C THR K 167 -54.22 -6.01 -1.89
N VAL K 168 -54.13 -7.03 -2.75
CA VAL K 168 -55.10 -7.20 -3.83
C VAL K 168 -56.55 -7.23 -3.32
N LEU K 169 -56.79 -7.98 -2.24
CA LEU K 169 -58.10 -7.96 -1.58
C LEU K 169 -58.47 -6.54 -1.11
N ILE K 170 -57.52 -5.83 -0.54
CA ILE K 170 -57.85 -4.52 0.04
C ILE K 170 -58.09 -3.47 -1.06
N MET K 171 -57.38 -3.62 -2.19
CA MET K 171 -57.59 -2.77 -3.39
C MET K 171 -58.94 -3.01 -3.98
N GLU K 172 -59.42 -4.26 -3.90
CA GLU K 172 -60.74 -4.62 -4.40
C GLU K 172 -61.80 -4.03 -3.49
N LEU K 173 -61.59 -4.15 -2.17
CA LEU K 173 -62.48 -3.52 -1.18
C LEU K 173 -62.47 -2.00 -1.32
N ILE K 174 -61.34 -1.43 -1.71
CA ILE K 174 -61.28 -0.01 -2.09
C ILE K 174 -62.07 0.29 -3.39
N ASN K 175 -61.91 -0.57 -4.39
CA ASN K 175 -62.63 -0.45 -5.65
C ASN K 175 -64.12 -0.59 -5.44
N ASN K 176 -64.53 -1.73 -4.88
CA ASN K 176 -65.94 -2.03 -4.72
C ASN K 176 -66.70 -1.20 -3.69
N VAL K 177 -65.99 -0.69 -2.69
CA VAL K 177 -66.65 -0.07 -1.55
C VAL K 177 -66.39 1.44 -1.41
N ALA K 178 -65.20 1.90 -1.81
CA ALA K 178 -64.78 3.28 -1.52
C ALA K 178 -65.21 4.36 -2.54
N LYS K 179 -65.37 3.95 -3.80
CA LYS K 179 -65.89 4.84 -4.84
C LYS K 179 -67.33 5.24 -4.52
N ALA K 180 -68.16 4.23 -4.24
CA ALA K 180 -69.58 4.40 -3.92
C ALA K 180 -69.83 4.86 -2.48
N HIS K 181 -68.86 5.54 -1.88
CA HIS K 181 -68.95 5.99 -0.48
C HIS K 181 -69.18 7.50 -0.42
N GLY K 182 -70.09 7.92 0.45
CA GLY K 182 -70.46 9.33 0.57
C GLY K 182 -69.56 10.14 1.50
N GLY K 183 -68.93 9.46 2.45
CA GLY K 183 -68.08 10.14 3.43
C GLY K 183 -66.63 10.31 2.99
N TYR K 184 -65.72 10.04 3.92
CA TYR K 184 -64.29 10.17 3.65
C TYR K 184 -63.53 8.89 3.86
N SER K 185 -62.46 8.73 3.10
CA SER K 185 -61.58 7.58 3.23
C SER K 185 -60.18 8.00 3.61
N VAL K 186 -59.51 7.15 4.38
CA VAL K 186 -58.11 7.36 4.73
C VAL K 186 -57.35 6.10 4.38
N PHE K 187 -56.26 6.24 3.64
CA PHE K 187 -55.36 5.13 3.42
C PHE K 187 -54.03 5.39 4.07
N ALA K 188 -53.68 4.56 5.04
CA ALA K 188 -52.39 4.61 5.68
C ALA K 188 -51.53 3.48 5.13
N GLY K 189 -50.39 3.85 4.55
CA GLY K 189 -49.39 2.88 4.08
C GLY K 189 -48.37 2.67 5.16
N VAL K 190 -48.47 1.55 5.86
CA VAL K 190 -47.57 1.25 6.99
C VAL K 190 -46.58 0.15 6.65
N GLY K 191 -45.33 0.54 6.42
CA GLY K 191 -44.23 -0.39 6.18
C GLY K 191 -44.34 -1.31 4.97
N GLU K 192 -45.15 -0.93 3.99
CA GLU K 192 -45.22 -1.76 2.78
C GLU K 192 -44.48 -1.14 1.62
N ARG K 193 -44.85 -1.54 0.42
CA ARG K 193 -44.09 -1.22 -0.79
C ARG K 193 -44.36 0.20 -1.29
N THR K 194 -43.29 0.99 -1.43
CA THR K 194 -43.42 2.33 -2.02
C THR K 194 -44.05 2.26 -3.42
N ARG K 195 -43.67 1.26 -4.20
CA ARG K 195 -44.31 0.97 -5.51
C ARG K 195 -45.83 0.93 -5.43
N GLU K 196 -46.36 0.31 -4.40
CA GLU K 196 -47.82 0.13 -4.27
C GLU K 196 -48.57 1.43 -4.03
N GLY K 197 -47.86 2.38 -3.39
CA GLY K 197 -48.39 3.68 -3.02
C GLY K 197 -48.49 4.59 -4.21
N ASN K 198 -47.42 4.65 -5.02
CA ASN K 198 -47.47 5.36 -6.30
C ASN K 198 -48.58 4.76 -7.16
N ASP K 199 -48.57 3.43 -7.28
CA ASP K 199 -49.65 2.68 -7.92
C ASP K 199 -50.99 3.21 -7.42
N LEU K 200 -51.14 3.35 -6.10
CA LEU K 200 -52.43 3.72 -5.51
C LEU K 200 -52.84 5.16 -5.78
N TYR K 201 -51.86 6.06 -5.74
CA TYR K 201 -52.08 7.48 -5.90
C TYR K 201 -52.63 7.78 -7.29
N HIS K 202 -52.00 7.21 -8.30
CA HIS K 202 -52.39 7.48 -9.68
C HIS K 202 -53.65 6.73 -10.12
N GLU K 203 -53.91 5.58 -9.51
CA GLU K 203 -55.17 4.88 -9.74
C GLU K 203 -56.39 5.61 -9.15
N MET K 204 -56.16 6.42 -8.13
CA MET K 204 -57.26 7.19 -7.53
C MET K 204 -57.46 8.55 -8.18
N ILE K 205 -56.39 9.14 -8.69
CA ILE K 205 -56.52 10.31 -9.56
C ILE K 205 -57.38 9.94 -10.78
N GLU K 206 -57.05 8.80 -11.39
CA GLU K 206 -57.77 8.27 -12.53
C GLU K 206 -59.24 7.98 -12.20
N SER K 207 -59.50 7.40 -11.03
CA SER K 207 -60.86 7.07 -10.62
C SER K 207 -61.63 8.32 -10.17
N GLY K 208 -60.88 9.40 -9.91
CA GLY K 208 -61.49 10.66 -9.52
C GLY K 208 -61.49 10.97 -8.03
N VAL K 209 -61.54 9.92 -7.19
CA VAL K 209 -61.64 10.10 -5.72
C VAL K 209 -60.55 11.00 -5.13
N ILE K 210 -59.39 11.01 -5.78
CA ILE K 210 -58.48 12.15 -5.65
C ILE K 210 -58.60 12.98 -6.91
N ASN K 211 -58.76 14.29 -6.73
CA ASN K 211 -58.72 15.22 -7.82
C ASN K 211 -57.65 16.25 -7.50
N LEU K 212 -56.77 16.48 -8.48
CA LEU K 212 -55.65 17.37 -8.28
C LEU K 212 -56.00 18.84 -8.54
N LYS K 213 -57.18 19.07 -9.11
CA LYS K 213 -57.56 20.39 -9.64
C LYS K 213 -58.66 21.14 -8.87
N ASP K 214 -59.45 20.42 -8.08
CA ASP K 214 -60.51 21.01 -7.26
C ASP K 214 -60.56 20.28 -5.91
N ALA K 215 -61.56 20.63 -5.10
CA ALA K 215 -61.64 20.09 -3.74
C ALA K 215 -62.66 18.97 -3.59
N THR K 216 -62.81 18.15 -4.63
CA THR K 216 -63.73 17.01 -4.61
C THR K 216 -63.10 15.68 -4.12
N SER K 217 -61.85 15.73 -3.65
CA SER K 217 -61.13 14.55 -3.16
C SER K 217 -61.83 13.94 -1.93
N LYS K 218 -61.91 12.61 -1.88
CA LYS K 218 -62.62 11.93 -0.81
C LYS K 218 -61.69 11.07 0.06
N VAL K 219 -60.41 11.04 -0.28
CA VAL K 219 -59.47 10.17 0.41
C VAL K 219 -58.14 10.87 0.75
N ALA K 220 -57.76 10.79 2.02
CA ALA K 220 -56.46 11.30 2.45
C ALA K 220 -55.44 10.17 2.47
N LEU K 221 -54.19 10.50 2.15
CA LEU K 221 -53.14 9.48 2.16
C LEU K 221 -51.99 9.82 3.12
N VAL K 222 -51.52 8.79 3.82
CA VAL K 222 -50.42 8.88 4.76
C VAL K 222 -49.51 7.66 4.48
N TYR K 223 -48.24 7.93 4.16
CA TYR K 223 -47.32 6.85 3.79
C TYR K 223 -46.01 6.83 4.57
N GLY K 224 -45.65 5.63 5.04
CA GLY K 224 -44.36 5.39 5.68
C GLY K 224 -43.85 4.01 5.35
N GLN K 225 -43.17 3.87 4.20
CA GLN K 225 -42.94 2.54 3.65
C GLN K 225 -41.68 1.84 4.14
N MET K 226 -41.46 0.61 3.71
CA MET K 226 -40.38 -0.22 4.25
C MET K 226 -38.96 0.30 3.90
N ASN K 227 -38.90 1.38 3.12
CA ASN K 227 -37.68 2.12 2.89
C ASN K 227 -37.38 3.10 4.03
N GLU K 228 -38.29 3.17 5.01
CA GLU K 228 -38.08 4.06 6.15
C GLU K 228 -37.51 3.30 7.34
N PRO K 229 -36.78 4.02 8.23
CA PRO K 229 -36.27 3.43 9.46
C PRO K 229 -37.42 3.10 10.45
N PRO K 230 -37.16 2.26 11.47
CA PRO K 230 -38.21 1.73 12.34
C PRO K 230 -39.11 2.79 12.97
N GLY K 231 -38.54 3.78 13.65
CA GLY K 231 -39.34 4.83 14.28
C GLY K 231 -40.45 5.36 13.38
N ALA K 232 -40.10 5.67 12.13
CA ALA K 232 -41.04 6.19 11.15
C ALA K 232 -42.13 5.17 10.93
N ARG K 233 -41.75 3.91 10.82
CA ARG K 233 -42.76 2.87 10.62
C ARG K 233 -43.65 2.64 11.86
N ALA K 234 -43.07 2.76 13.05
CA ALA K 234 -43.83 2.57 14.27
C ALA K 234 -44.76 3.75 14.65
N ARG K 235 -44.70 4.85 13.91
CA ARG K 235 -45.59 5.98 14.21
C ARG K 235 -46.62 6.31 13.12
N VAL K 236 -46.25 6.05 11.87
CA VAL K 236 -47.06 6.35 10.68
C VAL K 236 -48.51 5.78 10.70
N ALA K 237 -48.72 4.65 11.38
CA ALA K 237 -50.07 4.10 11.54
C ALA K 237 -50.93 5.01 12.41
N LEU K 238 -50.29 5.68 13.38
CA LEU K 238 -50.97 6.62 14.25
C LEU K 238 -51.27 7.92 13.53
N THR K 239 -50.35 8.37 12.67
CA THR K 239 -50.56 9.58 11.86
C THR K 239 -51.82 9.38 11.05
N GLY K 240 -51.88 8.25 10.34
CA GLY K 240 -53.03 7.85 9.53
C GLY K 240 -54.29 7.80 10.39
N LEU K 241 -54.22 7.01 11.47
CA LEU K 241 -55.30 6.91 12.45
C LEU K 241 -55.82 8.27 12.94
N THR K 242 -54.91 9.18 13.23
CA THR K 242 -55.29 10.49 13.74
C THR K 242 -56.10 11.31 12.75
N VAL K 243 -55.76 11.18 11.46
CA VAL K 243 -56.47 11.88 10.38
C VAL K 243 -57.88 11.33 10.34
N ALA K 244 -57.97 10.00 10.38
CA ALA K 244 -59.24 9.31 10.49
C ALA K 244 -60.06 9.79 11.71
N GLU K 245 -59.38 9.96 12.85
CA GLU K 245 -60.03 10.37 14.10
C GLU K 245 -60.73 11.72 14.00
N TYR K 246 -60.02 12.72 13.49
CA TYR K 246 -60.59 14.07 13.29
C TYR K 246 -61.90 14.02 12.49
N PHE K 247 -61.92 13.19 11.45
CA PHE K 247 -63.04 13.10 10.54
C PHE K 247 -64.25 12.41 11.18
N ARG K 248 -63.95 11.42 12.02
CA ARG K 248 -64.96 10.78 12.84
C ARG K 248 -65.62 11.75 13.81
N ASP K 249 -64.83 12.52 14.55
CA ASP K 249 -65.36 13.33 15.62
C ASP K 249 -65.79 14.72 15.14
N GLN K 250 -64.82 15.50 14.65
CA GLN K 250 -65.05 16.92 14.35
C GLN K 250 -65.91 17.20 13.11
N GLU K 251 -66.40 16.13 12.49
CA GLU K 251 -67.44 16.23 11.48
C GLU K 251 -68.51 15.16 11.72
N GLY K 252 -68.11 14.07 12.36
CA GLY K 252 -69.05 12.99 12.74
C GLY K 252 -69.27 11.90 11.71
N GLN K 253 -68.69 12.07 10.51
CA GLN K 253 -69.10 11.29 9.32
C GLN K 253 -68.67 9.84 9.24
N ASP K 254 -69.14 9.17 8.19
CA ASP K 254 -68.74 7.81 7.91
C ASP K 254 -67.34 7.84 7.36
N VAL K 255 -66.41 7.33 8.14
CA VAL K 255 -65.03 7.28 7.73
C VAL K 255 -64.67 5.86 7.38
N LEU K 256 -64.03 5.69 6.23
CA LEU K 256 -63.38 4.45 5.94
C LEU K 256 -61.93 4.62 6.34
N LEU K 257 -61.33 3.55 6.84
CA LEU K 257 -59.91 3.54 7.13
C LEU K 257 -59.30 2.25 6.63
N PHE K 258 -58.32 2.39 5.73
CA PHE K 258 -57.57 1.27 5.21
C PHE K 258 -56.11 1.36 5.65
N ILE K 259 -55.62 0.28 6.23
CA ILE K 259 -54.25 0.20 6.71
C ILE K 259 -53.59 -1.06 6.13
N ASP K 260 -52.64 -0.86 5.23
CA ASP K 260 -51.79 -1.96 4.77
C ASP K 260 -50.37 -1.55 5.04
N ASN K 261 -49.66 -2.19 5.98
CA ASN K 261 -50.06 -3.38 6.75
C ASN K 261 -49.86 -3.12 8.25
N ILE K 262 -50.88 -3.42 9.06
CA ILE K 262 -50.79 -3.09 10.49
C ILE K 262 -49.65 -3.83 11.24
N PHE K 263 -49.33 -5.06 10.83
CA PHE K 263 -48.21 -5.79 11.40
C PHE K 263 -46.99 -4.91 11.55
N ARG K 264 -46.66 -4.16 10.50
CA ARG K 264 -45.45 -3.35 10.43
C ARG K 264 -45.26 -2.40 11.61
N PHE K 265 -46.35 -2.03 12.28
CA PHE K 265 -46.31 -1.25 13.55
C PHE K 265 -45.62 -2.08 14.64
N THR K 266 -45.98 -3.36 14.71
CA THR K 266 -45.43 -4.22 15.73
C THR K 266 -43.96 -4.55 15.39
N GLN K 267 -43.71 -4.93 14.12
CA GLN K 267 -42.35 -5.25 13.67
C GLN K 267 -41.36 -4.11 13.93
N ALA K 268 -41.75 -2.90 13.55
CA ALA K 268 -40.92 -1.73 13.77
C ALA K 268 -40.48 -1.64 15.25
N GLY K 269 -41.44 -1.82 16.16
CA GLY K 269 -41.20 -1.74 17.60
C GLY K 269 -40.24 -2.79 18.09
N SER K 270 -40.32 -3.98 17.51
CA SER K 270 -39.35 -5.03 17.82
C SER K 270 -37.93 -4.71 17.29
N GLU K 271 -37.84 -3.92 16.21
CA GLU K 271 -36.55 -3.62 15.60
C GLU K 271 -35.72 -2.78 16.56
N VAL K 272 -36.39 -2.00 17.41
CA VAL K 272 -35.73 -1.09 18.34
C VAL K 272 -35.77 -1.59 19.78
N SER K 273 -36.47 -2.70 20.02
CA SER K 273 -36.77 -3.12 21.39
C SER K 273 -35.55 -3.46 22.24
N ALA K 274 -34.56 -4.15 21.67
CA ALA K 274 -33.31 -4.43 22.37
C ALA K 274 -32.44 -3.19 22.64
N LEU K 275 -32.50 -2.19 21.75
CA LEU K 275 -31.75 -0.95 21.94
C LEU K 275 -32.42 -0.10 22.99
N LEU K 276 -33.72 -0.34 23.16
CA LEU K 276 -34.46 0.26 24.26
C LEU K 276 -34.19 -0.44 25.60
N GLY K 277 -33.43 -1.53 25.56
CA GLY K 277 -33.01 -2.25 26.77
C GLY K 277 -33.94 -3.33 27.30
N ARG K 278 -34.83 -3.85 26.46
CA ARG K 278 -35.82 -4.86 26.90
C ARG K 278 -35.25 -6.26 26.85
N ILE K 279 -35.66 -7.10 27.79
CA ILE K 279 -35.50 -8.54 27.66
C ILE K 279 -36.56 -8.95 26.62
N PRO K 280 -36.19 -9.76 25.62
CA PRO K 280 -37.19 -10.14 24.66
C PRO K 280 -38.20 -11.14 25.21
N SER K 281 -39.44 -11.01 24.77
CA SER K 281 -40.43 -12.05 25.01
C SER K 281 -40.27 -13.14 23.95
N ALA K 282 -41.22 -14.07 23.88
CA ALA K 282 -41.11 -15.20 22.97
C ALA K 282 -41.07 -14.73 21.52
N VAL K 283 -40.48 -15.56 20.65
CA VAL K 283 -40.43 -15.30 19.21
C VAL K 283 -39.84 -13.94 18.89
N GLY K 284 -38.97 -13.47 19.77
CA GLY K 284 -38.16 -12.28 19.55
C GLY K 284 -38.90 -10.95 19.55
N TYR K 285 -40.05 -10.89 20.21
CA TYR K 285 -40.85 -9.68 20.23
C TYR K 285 -40.61 -8.86 21.49
N GLN K 286 -41.02 -7.60 21.44
CA GLN K 286 -40.96 -6.72 22.60
C GLN K 286 -41.90 -7.31 23.63
N PRO K 287 -41.58 -7.16 24.91
CA PRO K 287 -42.49 -7.58 25.96
C PRO K 287 -43.79 -6.79 26.00
N THR K 288 -43.78 -5.60 25.42
CA THR K 288 -44.96 -4.72 25.44
C THR K 288 -45.82 -4.81 24.17
N LEU K 289 -45.75 -5.94 23.47
CA LEU K 289 -46.44 -6.10 22.19
C LEU K 289 -47.96 -5.87 22.30
N ALA K 290 -48.59 -6.53 23.28
CA ALA K 290 -50.05 -6.52 23.42
C ALA K 290 -50.59 -5.16 23.86
N THR K 291 -49.87 -4.49 24.76
CA THR K 291 -50.31 -3.17 25.22
C THR K 291 -50.04 -2.08 24.19
N ASP K 292 -48.84 -2.07 23.58
CA ASP K 292 -48.61 -1.19 22.44
C ASP K 292 -49.72 -1.40 21.44
N MET K 293 -50.06 -2.66 21.17
CA MET K 293 -51.17 -2.97 20.28
C MET K 293 -52.47 -2.39 20.84
N GLY K 294 -52.70 -2.61 22.15
CA GLY K 294 -53.90 -2.15 22.83
C GLY K 294 -54.16 -0.67 22.70
N THR K 295 -53.20 0.16 23.13
CA THR K 295 -53.40 1.62 23.13
C THR K 295 -53.51 2.19 21.72
N MET K 296 -53.05 1.41 20.74
CA MET K 296 -53.17 1.79 19.33
C MET K 296 -54.48 1.28 18.72
N GLN K 297 -54.74 -0.02 18.84
CA GLN K 297 -55.94 -0.59 18.21
C GLN K 297 -57.23 0.04 18.72
N GLU K 298 -57.25 0.42 19.99
CA GLU K 298 -58.46 0.92 20.62
C GLU K 298 -58.86 2.33 20.13
N ARG K 299 -57.94 3.05 19.50
CA ARG K 299 -58.29 4.35 18.91
C ARG K 299 -59.04 4.12 17.60
N ILE K 300 -58.72 3.01 16.92
CA ILE K 300 -59.43 2.58 15.71
C ILE K 300 -60.80 1.95 16.08
N THR K 301 -61.85 2.75 15.95
CA THR K 301 -63.17 2.29 16.33
C THR K 301 -64.26 3.26 15.92
N THR K 302 -65.48 2.73 15.84
CA THR K 302 -66.69 3.50 15.76
C THR K 302 -66.95 3.97 17.18
N THR K 303 -67.53 5.16 17.34
CA THR K 303 -67.97 5.65 18.64
C THR K 303 -69.35 6.26 18.43
N LYS K 304 -69.94 6.78 19.50
CA LYS K 304 -71.23 7.46 19.40
C LYS K 304 -71.17 8.73 18.55
N LYS K 305 -70.02 9.41 18.55
CA LYS K 305 -69.84 10.63 17.76
C LYS K 305 -69.73 10.40 16.24
N GLY K 306 -69.25 9.22 15.85
CA GLY K 306 -69.02 8.92 14.44
C GLY K 306 -68.58 7.48 14.17
N SER K 307 -68.79 7.05 12.94
CA SER K 307 -68.49 5.68 12.55
C SER K 307 -67.22 5.60 11.72
N ILE K 308 -66.30 4.73 12.12
CA ILE K 308 -65.15 4.37 11.30
C ILE K 308 -65.27 2.91 10.89
N THR K 309 -65.37 2.66 9.60
CA THR K 309 -65.26 1.30 9.09
C THR K 309 -63.77 1.13 8.85
N SER K 310 -63.17 0.10 9.43
CA SER K 310 -61.71 -0.06 9.35
C SER K 310 -61.32 -1.42 8.83
N VAL K 311 -60.52 -1.40 7.77
CA VAL K 311 -60.00 -2.63 7.21
C VAL K 311 -58.51 -2.60 7.35
N GLN K 312 -57.95 -3.64 7.97
CA GLN K 312 -56.50 -3.75 8.22
C GLN K 312 -55.85 -5.01 7.64
N ALA K 313 -54.89 -4.82 6.73
CA ALA K 313 -54.03 -5.92 6.27
C ALA K 313 -53.09 -6.37 7.40
N ILE K 314 -53.06 -7.67 7.68
CA ILE K 314 -52.30 -8.23 8.81
C ILE K 314 -51.36 -9.36 8.42
N TYR K 315 -50.06 -9.08 8.47
CA TYR K 315 -49.07 -10.01 7.98
C TYR K 315 -48.87 -11.06 9.03
N VAL K 316 -48.65 -12.29 8.57
CA VAL K 316 -48.50 -13.45 9.45
C VAL K 316 -47.13 -14.03 9.20
N PRO K 317 -46.14 -13.59 9.99
CA PRO K 317 -44.76 -14.07 9.74
C PRO K 317 -44.67 -15.60 9.59
N ALA K 318 -43.73 -16.05 8.76
CA ALA K 318 -43.57 -17.48 8.43
C ALA K 318 -44.87 -18.26 8.39
N ASP K 319 -45.95 -17.58 7.95
CA ASP K 319 -47.28 -18.18 7.74
C ASP K 319 -47.91 -18.80 8.98
N ASP K 320 -47.34 -18.54 10.15
CA ASP K 320 -47.80 -19.18 11.35
C ASP K 320 -48.69 -18.23 12.10
N LEU K 321 -49.98 -18.55 12.13
CA LEU K 321 -51.01 -17.66 12.69
C LEU K 321 -50.96 -17.57 14.22
N THR K 322 -50.14 -18.43 14.84
CA THR K 322 -49.95 -18.40 16.29
C THR K 322 -48.89 -17.39 16.68
N ASP K 323 -48.25 -16.79 15.67
CA ASP K 323 -47.16 -15.84 15.87
C ASP K 323 -47.72 -14.72 16.73
N PRO K 324 -47.07 -14.46 17.88
CA PRO K 324 -47.45 -13.38 18.78
C PRO K 324 -48.24 -12.26 18.12
N ALA K 325 -47.67 -11.65 17.08
CA ALA K 325 -48.28 -10.49 16.44
C ALA K 325 -49.65 -10.81 15.81
N PRO K 326 -49.69 -11.63 14.74
CA PRO K 326 -51.02 -11.85 14.20
C PRO K 326 -52.00 -12.46 15.21
N ALA K 327 -51.52 -13.31 16.10
CA ALA K 327 -52.35 -13.92 17.17
C ALA K 327 -52.97 -12.90 18.12
N THR K 328 -52.17 -11.93 18.56
CA THR K 328 -52.69 -10.87 19.43
C THR K 328 -53.63 -9.89 18.70
N THR K 329 -53.74 -10.00 17.37
CA THR K 329 -54.56 -9.02 16.64
C THR K 329 -56.04 -9.42 16.56
N PHE K 330 -56.29 -10.74 16.62
CA PHE K 330 -57.57 -11.28 16.25
C PHE K 330 -58.68 -10.66 17.09
N ALA K 331 -58.38 -10.45 18.37
CA ALA K 331 -59.37 -10.01 19.34
C ALA K 331 -59.75 -8.52 19.14
N HIS K 332 -58.96 -7.79 18.36
CA HIS K 332 -59.29 -6.40 18.10
C HIS K 332 -60.19 -6.27 16.86
N LEU K 333 -60.78 -7.39 16.45
CA LEU K 333 -61.56 -7.42 15.20
C LEU K 333 -63.01 -7.84 15.36
N ASP K 334 -63.84 -7.37 14.44
CA ASP K 334 -65.24 -7.79 14.39
C ASP K 334 -65.46 -8.78 13.28
N ALA K 335 -64.62 -8.72 12.25
CA ALA K 335 -64.60 -9.75 11.20
C ALA K 335 -63.19 -10.10 10.75
N THR K 336 -62.95 -11.37 10.49
CA THR K 336 -61.63 -11.83 10.12
C THR K 336 -61.69 -12.55 8.78
N THR K 337 -60.82 -12.14 7.88
CA THR K 337 -60.65 -12.81 6.62
C THR K 337 -59.22 -13.36 6.60
N VAL K 338 -59.08 -14.66 6.84
CA VAL K 338 -57.79 -15.35 6.86
C VAL K 338 -57.56 -15.91 5.47
N LEU K 339 -56.46 -15.51 4.84
CA LEU K 339 -56.04 -16.07 3.56
C LEU K 339 -55.04 -17.20 3.81
N SER K 340 -54.84 -18.11 2.85
CA SER K 340 -53.90 -19.23 3.04
C SER K 340 -53.08 -19.60 1.81
N ARG K 341 -51.80 -19.90 2.00
CA ARG K 341 -50.94 -20.17 0.86
C ARG K 341 -51.30 -21.48 0.21
N ALA K 342 -51.75 -22.44 1.01
CA ALA K 342 -52.12 -23.74 0.48
C ALA K 342 -53.30 -23.57 -0.48
N ILE K 343 -54.21 -22.66 -0.14
CA ILE K 343 -55.39 -22.38 -0.97
C ILE K 343 -54.99 -21.56 -2.19
N ALA K 344 -54.07 -20.61 -2.02
CA ALA K 344 -53.59 -19.80 -3.15
C ALA K 344 -52.77 -20.62 -4.13
N GLU K 345 -52.04 -21.61 -3.60
CA GLU K 345 -51.23 -22.50 -4.39
C GLU K 345 -52.06 -23.36 -5.37
N LEU K 346 -53.37 -23.40 -5.17
CA LEU K 346 -54.25 -24.22 -5.98
C LEU K 346 -54.91 -23.39 -7.06
N GLY K 347 -54.68 -22.09 -7.04
CA GLY K 347 -55.26 -21.20 -8.03
C GLY K 347 -56.49 -20.53 -7.48
N ILE K 348 -56.85 -20.91 -6.26
CA ILE K 348 -58.05 -20.38 -5.65
C ILE K 348 -57.77 -18.99 -5.08
N TYR K 349 -58.21 -17.98 -5.84
CA TYR K 349 -58.15 -16.59 -5.44
C TYR K 349 -59.57 -16.00 -5.44
N PRO K 350 -59.89 -15.11 -4.47
CA PRO K 350 -59.05 -14.79 -3.34
C PRO K 350 -58.89 -16.03 -2.51
N ALA K 351 -57.68 -16.27 -2.04
CA ALA K 351 -57.34 -17.45 -1.25
C ALA K 351 -57.88 -17.44 0.17
N VAL K 352 -59.11 -16.98 0.34
CA VAL K 352 -59.75 -16.99 1.66
C VAL K 352 -60.01 -18.40 2.16
N ASP K 353 -59.63 -18.65 3.41
CA ASP K 353 -59.88 -19.94 4.08
C ASP K 353 -61.26 -19.90 4.71
N PRO K 354 -62.20 -20.69 4.18
CA PRO K 354 -63.59 -20.68 4.63
C PRO K 354 -63.85 -21.40 5.95
N LEU K 355 -62.89 -22.17 6.45
CA LEU K 355 -63.03 -22.86 7.74
C LEU K 355 -62.21 -22.18 8.84
N ASP K 356 -61.90 -20.90 8.61
CA ASP K 356 -61.07 -20.08 9.51
C ASP K 356 -61.24 -18.58 9.34
N SER K 357 -62.31 -18.17 8.68
CA SER K 357 -62.68 -16.78 8.55
C SER K 357 -64.00 -16.56 9.30
N THR K 358 -64.08 -15.51 10.13
CA THR K 358 -65.30 -15.32 10.95
C THR K 358 -65.91 -13.93 10.84
N SER K 359 -67.16 -13.79 11.30
CA SER K 359 -67.77 -12.46 11.45
C SER K 359 -68.74 -12.38 12.62
N ARG K 360 -68.66 -11.31 13.38
CA ARG K 360 -69.48 -11.15 14.59
C ARG K 360 -70.97 -11.21 14.22
N ILE K 361 -71.26 -10.77 12.99
CA ILE K 361 -72.62 -10.65 12.49
C ILE K 361 -73.13 -11.90 11.78
N MET K 362 -72.33 -12.97 11.76
CA MET K 362 -72.76 -14.23 11.16
C MET K 362 -73.64 -14.94 12.17
N ASP K 363 -74.94 -14.61 12.09
CA ASP K 363 -75.96 -14.90 13.11
C ASP K 363 -77.29 -14.68 12.42
N PRO K 364 -78.26 -15.61 12.60
CA PRO K 364 -79.55 -15.55 11.92
C PRO K 364 -80.39 -14.33 12.31
N ASN K 365 -80.31 -13.92 13.57
CA ASN K 365 -81.00 -12.70 14.03
C ASN K 365 -80.52 -11.45 13.32
N ILE K 366 -79.37 -11.55 12.65
CA ILE K 366 -78.80 -10.41 11.95
C ILE K 366 -78.82 -10.55 10.42
N VAL K 367 -78.27 -11.64 9.89
CA VAL K 367 -78.23 -11.81 8.43
C VAL K 367 -79.41 -12.63 7.94
N GLY K 368 -80.24 -13.08 8.89
CA GLY K 368 -81.43 -13.86 8.56
C GLY K 368 -81.12 -15.34 8.47
N SER K 369 -82.18 -16.15 8.49
CA SER K 369 -82.06 -17.60 8.52
C SER K 369 -81.52 -18.19 7.22
N GLU K 370 -81.89 -17.60 6.09
CA GLU K 370 -81.49 -18.15 4.78
C GLU K 370 -79.98 -17.99 4.51
N HIS K 371 -79.44 -16.81 4.82
CA HIS K 371 -78.02 -16.52 4.68
C HIS K 371 -77.22 -17.39 5.64
N TYR K 372 -77.62 -17.37 6.91
CA TYR K 372 -76.94 -18.15 7.95
C TYR K 372 -76.84 -19.63 7.55
N ASP K 373 -77.98 -20.26 7.27
CA ASP K 373 -78.03 -21.71 6.98
C ASP K 373 -77.18 -22.12 5.80
N VAL K 374 -77.20 -21.32 4.73
CA VAL K 374 -76.37 -21.57 3.53
C VAL K 374 -74.87 -21.54 3.87
N ALA K 375 -74.42 -20.45 4.49
CA ALA K 375 -73.06 -20.36 5.02
C ALA K 375 -72.71 -21.64 5.76
N ARG K 376 -73.39 -21.88 6.90
CA ARG K 376 -73.07 -23.03 7.75
C ARG K 376 -73.03 -24.32 6.97
N GLY K 377 -73.87 -24.40 5.93
CA GLY K 377 -73.90 -25.54 5.01
C GLY K 377 -72.63 -25.64 4.18
N VAL K 378 -72.22 -24.52 3.59
CA VAL K 378 -70.96 -24.45 2.85
C VAL K 378 -69.81 -24.92 3.75
N GLN K 379 -69.79 -24.46 4.99
CA GLN K 379 -68.75 -24.88 5.93
C GLN K 379 -68.86 -26.35 6.32
N LYS K 380 -70.10 -26.84 6.49
CA LYS K 380 -70.28 -28.25 6.81
C LYS K 380 -69.68 -29.17 5.74
N ILE K 381 -70.14 -29.04 4.50
CA ILE K 381 -69.70 -29.91 3.41
C ILE K 381 -68.20 -29.77 3.09
N LEU K 382 -67.66 -28.57 3.38
CA LEU K 382 -66.24 -28.30 3.18
C LEU K 382 -65.38 -28.98 4.24
N GLN K 383 -65.82 -28.90 5.50
CA GLN K 383 -65.08 -29.50 6.62
C GLN K 383 -65.19 -31.01 6.54
N ASP K 384 -66.35 -31.50 6.11
CA ASP K 384 -66.54 -32.92 5.93
C ASP K 384 -65.55 -33.45 4.88
N TYR K 385 -65.45 -32.74 3.76
CA TYR K 385 -64.57 -33.11 2.65
C TYR K 385 -63.12 -33.13 3.09
N LYS K 386 -62.72 -32.09 3.82
CA LYS K 386 -61.35 -31.96 4.33
C LYS K 386 -60.94 -33.19 5.14
N SER K 387 -61.85 -33.68 5.97
CA SER K 387 -61.59 -34.86 6.79
C SER K 387 -61.59 -36.17 5.98
N LEU K 388 -62.16 -36.15 4.77
CA LEU K 388 -62.07 -37.31 3.90
C LEU K 388 -60.85 -37.29 2.98
N GLN K 389 -60.30 -36.09 2.77
CA GLN K 389 -59.15 -35.86 1.86
C GLN K 389 -58.01 -36.84 2.04
N ASP K 390 -57.23 -36.62 3.10
CA ASP K 390 -56.06 -37.45 3.45
C ASP K 390 -56.41 -38.94 3.44
N ILE K 391 -57.68 -39.23 3.69
CA ILE K 391 -58.20 -40.58 3.84
C ILE K 391 -58.40 -41.31 2.51
N ILE K 392 -59.12 -40.68 1.59
CA ILE K 392 -59.41 -41.28 0.28
C ILE K 392 -58.25 -41.12 -0.70
N ALA K 393 -57.29 -40.26 -0.35
CA ALA K 393 -56.10 -40.05 -1.16
C ALA K 393 -55.27 -41.32 -1.28
N ILE K 394 -55.34 -42.16 -0.24
CA ILE K 394 -54.58 -43.40 -0.15
C ILE K 394 -55.51 -44.62 -0.21
N LEU K 395 -56.69 -44.51 0.40
CA LEU K 395 -57.66 -45.62 0.45
C LEU K 395 -58.59 -45.74 -0.76
N GLY K 396 -58.33 -44.97 -1.81
CA GLY K 396 -59.11 -45.04 -3.05
C GLY K 396 -60.48 -44.36 -3.02
N MET K 397 -60.88 -43.81 -4.16
CA MET K 397 -62.15 -43.08 -4.29
C MET K 397 -63.38 -44.01 -4.27
N ASP K 398 -63.27 -45.17 -4.90
CA ASP K 398 -64.41 -46.03 -5.19
C ASP K 398 -65.06 -46.70 -3.98
N GLU K 399 -64.33 -46.76 -2.86
CA GLU K 399 -64.83 -47.40 -1.65
C GLU K 399 -65.94 -46.61 -0.96
N LEU K 400 -66.17 -45.38 -1.44
CA LEU K 400 -67.08 -44.47 -0.77
C LEU K 400 -68.55 -44.73 -1.04
N SER K 401 -69.38 -44.38 -0.05
CA SER K 401 -70.83 -44.36 -0.19
C SER K 401 -71.24 -43.32 -1.25
N GLU K 402 -72.25 -43.67 -2.04
CA GLU K 402 -72.73 -42.81 -3.14
C GLU K 402 -73.32 -41.47 -2.68
N GLU K 403 -73.53 -41.32 -1.37
CA GLU K 403 -73.97 -40.07 -0.75
C GLU K 403 -72.76 -39.25 -0.27
N ASP K 404 -71.74 -39.96 0.16
CA ASP K 404 -70.47 -39.36 0.57
C ASP K 404 -69.65 -38.85 -0.63
N LYS K 405 -69.68 -39.61 -1.73
CA LYS K 405 -68.95 -39.21 -2.94
C LYS K 405 -69.68 -38.13 -3.75
N LEU K 406 -70.90 -37.82 -3.33
CA LEU K 406 -71.59 -36.63 -3.80
C LEU K 406 -71.10 -35.40 -3.01
N THR K 407 -70.98 -35.51 -1.69
CA THR K 407 -70.44 -34.38 -0.91
C THR K 407 -68.99 -34.07 -1.28
N VAL K 408 -68.30 -35.06 -1.87
CA VAL K 408 -66.96 -34.83 -2.40
C VAL K 408 -67.03 -33.96 -3.65
N SER K 409 -67.88 -34.33 -4.61
CA SER K 409 -68.01 -33.55 -5.85
C SER K 409 -68.67 -32.18 -5.64
N ARG K 410 -69.55 -32.08 -4.64
CA ARG K 410 -70.26 -30.81 -4.34
C ARG K 410 -69.38 -29.79 -3.62
N ALA K 411 -68.55 -30.26 -2.69
CA ALA K 411 -67.60 -29.43 -1.97
C ALA K 411 -66.53 -28.90 -2.91
N ARG K 412 -66.07 -29.75 -3.82
CA ARG K 412 -65.03 -29.40 -4.79
C ARG K 412 -65.51 -28.37 -5.81
N LYS K 413 -66.83 -28.27 -5.98
CA LYS K 413 -67.42 -27.23 -6.82
C LYS K 413 -67.65 -25.93 -6.04
N ILE K 414 -68.14 -26.04 -4.80
CA ILE K 414 -68.32 -24.87 -3.91
C ILE K 414 -67.01 -24.15 -3.65
N GLN K 415 -65.93 -24.93 -3.54
CA GLN K 415 -64.58 -24.38 -3.40
C GLN K 415 -64.25 -23.46 -4.54
N ARG K 416 -64.60 -23.89 -5.74
CA ARG K 416 -64.26 -23.18 -6.95
C ARG K 416 -65.16 -21.98 -7.09
N PHE K 417 -66.42 -22.15 -6.73
CA PHE K 417 -67.38 -21.06 -6.80
C PHE K 417 -67.05 -20.02 -5.73
N LEU K 418 -66.12 -20.36 -4.83
CA LEU K 418 -65.64 -19.41 -3.82
C LEU K 418 -64.62 -18.48 -4.43
N SER K 419 -63.87 -18.98 -5.41
CA SER K 419 -62.98 -18.15 -6.19
C SER K 419 -63.79 -17.16 -7.00
N GLN K 420 -63.17 -16.04 -7.35
CA GLN K 420 -63.85 -14.99 -8.10
C GLN K 420 -62.82 -14.01 -8.67
N PRO K 421 -62.94 -13.67 -9.97
CA PRO K 421 -62.03 -12.70 -10.60
C PRO K 421 -62.23 -11.30 -10.03
N PHE K 422 -61.14 -10.63 -9.69
CA PHE K 422 -61.17 -9.26 -9.18
C PHE K 422 -60.87 -8.23 -10.27
N GLN K 423 -61.58 -7.10 -10.21
CA GLN K 423 -61.32 -5.98 -11.11
C GLN K 423 -59.86 -5.52 -10.98
N VAL K 424 -59.31 -5.54 -9.77
CA VAL K 424 -57.94 -5.07 -9.53
C VAL K 424 -56.87 -6.11 -9.89
N ALA K 425 -57.31 -7.34 -10.17
CA ALA K 425 -56.39 -8.43 -10.48
C ALA K 425 -56.53 -8.94 -11.91
N GLU K 426 -56.98 -8.06 -12.81
CA GLU K 426 -57.06 -8.38 -14.25
C GLU K 426 -55.70 -8.71 -14.85
N VAL K 427 -54.65 -8.05 -14.35
CA VAL K 427 -53.27 -8.30 -14.79
C VAL K 427 -52.71 -9.65 -14.33
N PHE K 428 -53.47 -10.35 -13.48
CA PHE K 428 -53.03 -11.63 -12.92
C PHE K 428 -53.82 -12.81 -13.44
N THR K 429 -55.05 -12.55 -13.87
CA THR K 429 -56.01 -13.61 -14.15
C THR K 429 -56.22 -13.84 -15.64
N GLY K 430 -56.23 -12.73 -16.39
CA GLY K 430 -56.66 -12.73 -17.79
C GLY K 430 -58.17 -12.61 -17.85
N HIS K 431 -58.81 -12.74 -16.70
CA HIS K 431 -60.27 -12.72 -16.59
C HIS K 431 -60.79 -11.32 -16.29
N LEU K 432 -61.98 -11.00 -16.78
CA LEU K 432 -62.66 -9.76 -16.44
C LEU K 432 -63.21 -9.78 -15.01
N GLY K 433 -63.07 -8.66 -14.30
CA GLY K 433 -63.64 -8.51 -12.95
C GLY K 433 -65.15 -8.67 -12.84
N LYS K 434 -65.60 -9.39 -11.82
CA LYS K 434 -67.02 -9.62 -11.57
C LYS K 434 -67.36 -9.30 -10.13
N LEU K 435 -68.47 -8.57 -9.96
CA LEU K 435 -68.99 -8.23 -8.64
C LEU K 435 -70.33 -8.96 -8.49
N VAL K 436 -70.43 -9.82 -7.48
CA VAL K 436 -71.64 -10.60 -7.27
C VAL K 436 -72.46 -10.03 -6.12
N PRO K 437 -73.68 -9.50 -6.43
CA PRO K 437 -74.61 -9.04 -5.40
C PRO K 437 -74.85 -10.11 -4.33
N LEU K 438 -75.24 -9.70 -3.14
CA LEU K 438 -75.31 -10.62 -2.01
C LEU K 438 -76.35 -11.71 -2.20
N LYS K 439 -77.56 -11.35 -2.61
CA LYS K 439 -78.64 -12.32 -2.77
C LYS K 439 -78.27 -13.42 -3.78
N GLU K 440 -77.63 -13.01 -4.87
CA GLU K 440 -77.17 -13.89 -5.94
C GLU K 440 -76.06 -14.85 -5.49
N THR K 441 -75.28 -14.45 -4.48
CA THR K 441 -74.28 -15.34 -3.86
C THR K 441 -74.95 -16.41 -3.00
N ILE K 442 -75.94 -16.00 -2.21
CA ILE K 442 -76.69 -16.91 -1.37
C ILE K 442 -77.36 -17.95 -2.26
N LYS K 443 -78.01 -17.49 -3.32
CA LYS K 443 -78.75 -18.38 -4.23
C LYS K 443 -77.84 -19.35 -4.97
N GLY K 444 -76.70 -18.86 -5.47
CA GLY K 444 -75.72 -19.71 -6.15
C GLY K 444 -75.31 -20.90 -5.32
N PHE K 445 -74.87 -20.63 -4.08
CA PHE K 445 -74.42 -21.68 -3.14
C PHE K 445 -75.55 -22.58 -2.64
N GLN K 446 -76.69 -21.96 -2.33
CA GLN K 446 -77.94 -22.68 -2.01
C GLN K 446 -78.20 -23.76 -3.06
N GLN K 447 -78.06 -23.38 -4.33
CA GLN K 447 -78.34 -24.26 -5.46
C GLN K 447 -77.34 -25.39 -5.61
N ILE K 448 -76.07 -25.11 -5.35
CA ILE K 448 -75.05 -26.14 -5.45
C ILE K 448 -75.23 -27.17 -4.33
N LEU K 449 -75.57 -26.70 -3.13
CA LEU K 449 -75.83 -27.58 -2.00
C LEU K 449 -77.04 -28.47 -2.22
N ALA K 450 -78.05 -27.90 -2.87
CA ALA K 450 -79.28 -28.63 -3.15
C ALA K 450 -79.08 -29.72 -4.22
N GLY K 451 -77.99 -29.65 -4.98
CA GLY K 451 -77.68 -30.67 -5.99
C GLY K 451 -78.07 -30.31 -7.42
N GLU K 452 -78.55 -29.09 -7.62
CA GLU K 452 -78.98 -28.62 -8.94
C GLU K 452 -77.89 -28.56 -10.02
N TYR K 453 -76.63 -28.82 -9.64
CA TYR K 453 -75.51 -28.73 -10.58
C TYR K 453 -74.54 -29.90 -10.55
N ASP K 454 -74.98 -31.02 -9.97
CA ASP K 454 -74.16 -32.23 -9.89
C ASP K 454 -73.85 -32.82 -11.27
N HIS K 455 -74.55 -32.33 -12.28
CA HIS K 455 -74.31 -32.74 -13.66
C HIS K 455 -73.23 -31.88 -14.31
N LEU K 456 -73.10 -30.65 -13.81
CA LEU K 456 -72.12 -29.68 -14.31
C LEU K 456 -70.68 -30.10 -14.00
N PRO K 457 -69.72 -29.75 -14.89
CA PRO K 457 -68.33 -30.10 -14.61
C PRO K 457 -67.71 -29.17 -13.56
N GLU K 458 -66.83 -29.73 -12.73
CA GLU K 458 -66.10 -29.00 -11.68
C GLU K 458 -65.59 -27.65 -12.18
N GLN K 459 -64.83 -27.73 -13.27
CA GLN K 459 -64.11 -26.61 -13.81
C GLN K 459 -64.95 -25.46 -14.33
N ALA K 460 -66.26 -25.65 -14.34
CA ALA K 460 -67.15 -24.60 -14.79
C ALA K 460 -67.42 -23.61 -13.67
N PHE K 461 -67.22 -24.05 -12.43
CA PHE K 461 -67.44 -23.18 -11.26
C PHE K 461 -66.19 -22.38 -10.90
N TYR K 462 -65.09 -22.71 -11.57
CA TYR K 462 -63.82 -22.07 -11.30
C TYR K 462 -63.73 -20.69 -11.95
N MET K 463 -63.27 -19.70 -11.18
CA MET K 463 -63.03 -18.32 -11.64
C MET K 463 -64.13 -17.71 -12.49
N VAL K 464 -65.32 -17.61 -11.88
CA VAL K 464 -66.43 -16.88 -12.47
C VAL K 464 -67.12 -16.04 -11.40
N GLY K 465 -68.03 -15.18 -11.84
CA GLY K 465 -68.88 -14.44 -10.90
C GLY K 465 -70.12 -15.22 -10.46
N PRO K 466 -71.30 -14.77 -10.90
CA PRO K 466 -72.57 -15.37 -10.48
C PRO K 466 -72.76 -16.77 -11.07
N ILE K 467 -73.64 -17.55 -10.46
CA ILE K 467 -73.90 -18.94 -10.87
C ILE K 467 -74.22 -19.10 -12.34
N GLU K 468 -74.90 -18.11 -12.95
CA GLU K 468 -75.19 -18.16 -14.38
C GLU K 468 -73.93 -18.48 -15.14
N GLU K 469 -72.86 -17.75 -14.84
CA GLU K 469 -71.62 -17.80 -15.60
C GLU K 469 -70.90 -19.14 -15.51
N ALA K 470 -71.13 -19.87 -14.40
CA ALA K 470 -70.70 -21.26 -14.28
C ALA K 470 -71.47 -22.14 -15.27
N VAL K 471 -72.77 -21.84 -15.42
CA VAL K 471 -73.62 -22.57 -16.35
C VAL K 471 -73.17 -22.26 -17.78
N ALA K 472 -72.92 -20.98 -18.05
CA ALA K 472 -72.41 -20.56 -19.36
C ALA K 472 -71.07 -21.22 -19.64
N LYS K 473 -70.13 -21.06 -18.71
CA LYS K 473 -68.80 -21.65 -18.85
C LYS K 473 -68.86 -23.16 -19.10
N ALA K 474 -69.92 -23.81 -18.63
CA ALA K 474 -70.10 -25.26 -18.80
C ALA K 474 -70.33 -25.67 -20.26
N ASP K 475 -71.04 -24.82 -21.01
CA ASP K 475 -71.29 -25.07 -22.43
C ASP K 475 -70.04 -24.85 -23.28
N LYS K 476 -69.29 -23.78 -22.99
CA LYS K 476 -68.05 -23.50 -23.70
C LYS K 476 -67.08 -24.68 -23.57
N LEU K 477 -67.19 -25.40 -22.45
CA LEU K 477 -66.33 -26.54 -22.18
C LEU K 477 -66.90 -27.82 -22.78
N ALA K 478 -68.16 -27.75 -23.21
CA ALA K 478 -68.81 -28.84 -23.95
C ALA K 478 -68.23 -28.96 -25.36
N GLU K 479 -67.58 -27.88 -25.82
CA GLU K 479 -66.70 -27.89 -26.99
C GLU K 479 -65.97 -26.56 -27.14
N THR L 13 -28.63 -15.01 65.54
CA THR L 13 -28.51 -13.52 65.35
C THR L 13 -29.48 -12.95 64.29
N THR L 14 -29.39 -11.65 64.01
CA THR L 14 -30.46 -10.91 63.32
C THR L 14 -30.01 -10.10 62.08
N GLY L 15 -30.61 -10.42 60.94
CA GLY L 15 -30.31 -9.73 59.69
C GLY L 15 -31.49 -8.93 59.19
N ARG L 16 -31.24 -8.13 58.16
CA ARG L 16 -32.22 -7.17 57.67
C ARG L 16 -32.53 -7.43 56.21
N ILE L 17 -33.81 -7.44 55.86
CA ILE L 17 -34.25 -7.53 54.46
C ILE L 17 -33.67 -6.39 53.62
N VAL L 18 -32.89 -6.72 52.60
CA VAL L 18 -32.35 -5.70 51.69
C VAL L 18 -33.03 -5.61 50.30
N ALA L 19 -33.65 -6.72 49.86
CA ALA L 19 -34.34 -6.80 48.55
C ALA L 19 -35.50 -7.81 48.51
N VAL L 20 -36.66 -7.36 48.04
CA VAL L 20 -37.82 -8.23 47.88
C VAL L 20 -38.27 -8.17 46.43
N ILE L 21 -38.14 -9.31 45.76
CA ILE L 21 -38.56 -9.44 44.37
C ILE L 21 -39.40 -10.68 44.29
N GLY L 22 -40.72 -10.51 44.37
CA GLY L 22 -41.65 -11.63 44.38
C GLY L 22 -41.28 -12.58 45.51
N ALA L 23 -41.21 -13.86 45.17
CA ALA L 23 -40.94 -14.88 46.19
C ALA L 23 -39.47 -15.00 46.58
N VAL L 24 -38.63 -14.10 46.07
CA VAL L 24 -37.20 -14.10 46.43
C VAL L 24 -36.88 -12.94 47.36
N VAL L 25 -36.33 -13.24 48.53
CA VAL L 25 -35.99 -12.21 49.54
C VAL L 25 -34.51 -12.25 49.85
N ASP L 26 -33.84 -11.11 49.76
CA ASP L 26 -32.42 -11.01 50.11
C ASP L 26 -32.25 -10.40 51.49
N VAL L 27 -31.43 -11.02 52.33
CA VAL L 27 -31.21 -10.54 53.71
C VAL L 27 -29.72 -10.27 53.97
N GLN L 28 -29.42 -9.15 54.62
CA GLN L 28 -28.06 -8.85 55.06
C GLN L 28 -27.90 -9.18 56.54
N PHE L 29 -26.76 -9.78 56.89
CA PHE L 29 -26.41 -10.08 58.28
C PHE L 29 -25.11 -9.39 58.68
N ASP L 30 -25.12 -8.73 59.83
CA ASP L 30 -23.94 -7.98 60.27
C ASP L 30 -22.79 -8.87 60.75
N GLU L 31 -23.13 -9.96 61.42
CA GLU L 31 -22.13 -10.86 62.02
C GLU L 31 -21.98 -12.20 61.27
N GLY L 32 -22.36 -13.29 61.92
CA GLY L 32 -22.29 -14.61 61.32
C GLY L 32 -23.40 -14.83 60.33
N LEU L 33 -23.04 -15.30 59.13
CA LEU L 33 -24.02 -15.62 58.11
C LEU L 33 -24.61 -17.02 58.32
N PRO L 34 -25.92 -17.16 58.07
CA PRO L 34 -26.59 -18.46 57.99
C PRO L 34 -26.16 -19.23 56.74
N PRO L 35 -25.65 -20.48 56.91
CA PRO L 35 -25.34 -21.33 55.76
C PRO L 35 -26.53 -21.65 54.83
N ILE L 36 -26.23 -22.05 53.59
CA ILE L 36 -27.25 -22.39 52.61
C ILE L 36 -28.14 -23.50 53.18
N LEU L 37 -29.43 -23.42 52.90
CA LEU L 37 -30.45 -24.36 53.36
C LEU L 37 -30.98 -24.02 54.76
N ASN L 38 -30.35 -23.05 55.42
CA ASN L 38 -30.83 -22.58 56.71
C ASN L 38 -32.20 -21.90 56.64
N ALA L 39 -32.94 -22.04 57.74
CA ALA L 39 -34.30 -21.51 57.83
C ALA L 39 -34.24 -20.14 58.47
N LEU L 40 -34.91 -19.18 57.85
CA LEU L 40 -34.91 -17.82 58.36
C LEU L 40 -36.31 -17.42 58.84
N GLU L 41 -36.36 -16.82 60.03
CA GLU L 41 -37.63 -16.43 60.64
C GLU L 41 -37.83 -14.91 60.60
N VAL L 42 -38.68 -14.47 59.67
CA VAL L 42 -38.98 -13.05 59.49
C VAL L 42 -39.89 -12.60 60.62
N GLN L 43 -39.49 -11.50 61.26
CA GLN L 43 -40.24 -10.95 62.38
C GLN L 43 -41.33 -9.98 61.91
N GLY L 44 -42.22 -9.62 62.84
CA GLY L 44 -43.22 -8.57 62.63
C GLY L 44 -44.32 -9.00 61.69
N ARG L 45 -44.61 -10.30 61.69
CA ARG L 45 -45.61 -10.91 60.82
C ARG L 45 -46.64 -11.70 61.59
N GLU L 46 -47.89 -11.65 61.12
CA GLU L 46 -48.99 -12.30 61.82
C GLU L 46 -48.88 -13.81 61.71
N THR L 47 -48.48 -14.29 60.54
CA THR L 47 -48.25 -15.73 60.34
C THR L 47 -46.77 -15.99 60.01
N ARG L 48 -46.31 -17.22 60.25
CA ARG L 48 -44.89 -17.57 60.10
C ARG L 48 -44.35 -17.38 58.69
N LEU L 49 -43.31 -16.56 58.56
CA LEU L 49 -42.63 -16.43 57.28
C LEU L 49 -41.20 -16.97 57.32
N VAL L 50 -41.05 -18.20 56.84
CA VAL L 50 -39.75 -18.88 56.77
C VAL L 50 -39.07 -18.61 55.44
N LEU L 51 -37.77 -18.28 55.48
CA LEU L 51 -36.97 -18.07 54.27
C LEU L 51 -35.83 -19.06 54.22
N GLU L 52 -35.88 -19.97 53.25
CA GLU L 52 -34.79 -20.95 53.09
C GLU L 52 -33.63 -20.35 52.30
N VAL L 53 -32.49 -20.18 52.98
CA VAL L 53 -31.28 -19.62 52.37
C VAL L 53 -30.87 -20.49 51.19
N ALA L 54 -30.67 -19.86 50.04
CA ALA L 54 -30.30 -20.56 48.80
C ALA L 54 -28.88 -20.24 48.36
N GLN L 55 -28.47 -18.99 48.51
CA GLN L 55 -27.15 -18.53 48.04
C GLN L 55 -26.43 -17.56 49.01
N HIS L 56 -25.11 -17.47 48.87
CA HIS L 56 -24.35 -16.39 49.48
C HIS L 56 -23.83 -15.49 48.35
N LEU L 57 -24.42 -14.30 48.27
CA LEU L 57 -24.12 -13.34 47.20
C LEU L 57 -22.78 -12.58 47.37
N GLY L 58 -22.20 -12.65 48.57
CA GLY L 58 -21.04 -11.83 48.91
C GLY L 58 -21.54 -10.57 49.57
N GLU L 59 -20.63 -9.84 50.22
CA GLU L 59 -20.99 -8.60 50.95
C GLU L 59 -22.00 -8.87 52.08
N SER L 60 -21.91 -10.06 52.67
CA SER L 60 -22.68 -10.45 53.86
C SER L 60 -24.17 -10.62 53.55
N THR L 61 -24.50 -10.96 52.31
CA THR L 61 -25.90 -10.98 51.86
C THR L 61 -26.35 -12.34 51.33
N VAL L 62 -27.38 -12.90 51.96
CA VAL L 62 -27.96 -14.14 51.49
C VAL L 62 -29.14 -13.90 50.55
N ARG L 63 -29.35 -14.85 49.65
CA ARG L 63 -30.57 -14.90 48.84
C ARG L 63 -31.42 -16.04 49.35
N THR L 64 -32.70 -15.75 49.60
CA THR L 64 -33.61 -16.71 50.19
C THR L 64 -34.79 -17.00 49.26
N ILE L 65 -35.37 -18.19 49.38
CA ILE L 65 -36.65 -18.48 48.75
C ILE L 65 -37.74 -18.51 49.81
N ALA L 66 -38.84 -17.80 49.54
CA ALA L 66 -39.93 -17.65 50.49
C ALA L 66 -40.79 -18.89 50.57
N MET L 67 -41.26 -19.20 51.77
CA MET L 67 -42.12 -20.35 52.01
C MET L 67 -43.61 -19.98 51.98
N ASP L 68 -43.89 -18.70 51.77
CA ASP L 68 -45.26 -18.17 51.71
C ASP L 68 -45.17 -16.81 51.02
N GLY L 69 -46.32 -16.15 50.78
CA GLY L 69 -46.36 -14.79 50.22
C GLY L 69 -45.41 -13.76 50.85
N THR L 70 -45.10 -12.72 50.09
CA THR L 70 -44.13 -11.73 50.53
C THR L 70 -44.71 -10.35 50.60
N GLU L 71 -45.99 -10.24 50.27
CA GLU L 71 -46.71 -8.97 50.37
C GLU L 71 -46.51 -8.41 51.77
N GLY L 72 -46.15 -7.14 51.85
CA GLY L 72 -46.07 -6.47 53.14
C GLY L 72 -44.67 -6.31 53.71
N LEU L 73 -43.74 -7.15 53.27
CA LEU L 73 -42.35 -7.08 53.69
C LEU L 73 -41.75 -5.71 53.42
N VAL L 74 -40.97 -5.20 54.37
CA VAL L 74 -40.32 -3.87 54.25
C VAL L 74 -38.80 -4.01 54.27
N ARG L 75 -38.11 -3.20 53.49
CA ARG L 75 -36.64 -3.17 53.51
C ARG L 75 -36.12 -2.69 54.88
N GLY L 76 -35.49 -3.61 55.60
CA GLY L 76 -35.08 -3.35 56.98
C GLY L 76 -35.81 -4.22 58.02
N GLN L 77 -36.78 -5.01 57.56
CA GLN L 77 -37.55 -5.90 58.43
C GLN L 77 -36.68 -7.05 58.93
N LYS L 78 -36.63 -7.20 60.26
CA LYS L 78 -35.69 -8.10 60.92
C LYS L 78 -35.93 -9.57 60.60
N VAL L 79 -34.84 -10.33 60.46
CA VAL L 79 -34.90 -11.74 60.10
C VAL L 79 -33.95 -12.52 60.99
N LEU L 80 -34.52 -13.40 61.81
CA LEU L 80 -33.77 -14.17 62.80
C LEU L 80 -33.35 -15.54 62.24
N ASP L 81 -32.04 -15.77 62.19
CA ASP L 81 -31.47 -17.06 61.77
C ASP L 81 -31.72 -18.08 62.88
N SER L 82 -32.43 -19.16 62.54
CA SER L 82 -32.75 -20.19 63.53
C SER L 82 -31.54 -21.09 63.77
N GLY L 83 -30.50 -20.92 62.95
CA GLY L 83 -29.25 -21.65 63.08
C GLY L 83 -29.23 -23.04 62.44
N ALA L 84 -30.35 -23.41 61.79
CA ALA L 84 -30.51 -24.74 61.17
C ALA L 84 -31.48 -24.72 59.99
N PRO L 85 -31.49 -25.78 59.14
CA PRO L 85 -32.51 -25.94 58.11
C PRO L 85 -33.93 -25.98 58.67
N ILE L 86 -34.91 -26.07 57.79
CA ILE L 86 -36.30 -26.18 58.21
C ILE L 86 -36.51 -27.44 59.05
N ARG L 87 -36.78 -27.23 60.35
CA ARG L 87 -37.10 -28.34 61.27
C ARG L 87 -38.60 -28.56 61.44
N ILE L 88 -39.02 -29.82 61.42
CA ILE L 88 -40.44 -30.17 61.49
C ILE L 88 -40.69 -31.23 62.57
N PRO L 89 -41.92 -31.28 63.14
CA PRO L 89 -42.21 -32.30 64.15
C PRO L 89 -42.25 -33.69 63.55
N VAL L 90 -41.58 -34.64 64.21
CA VAL L 90 -41.50 -36.04 63.77
C VAL L 90 -41.82 -36.96 64.94
N GLY L 91 -42.32 -38.15 64.65
CA GLY L 91 -42.73 -39.08 65.70
C GLY L 91 -44.17 -39.54 65.53
N PRO L 92 -44.67 -40.37 66.47
CA PRO L 92 -46.01 -40.98 66.40
C PRO L 92 -47.19 -39.99 66.48
N GLU L 93 -46.93 -38.81 67.05
CA GLU L 93 -47.95 -37.77 67.23
C GLU L 93 -48.34 -37.11 65.91
N THR L 94 -47.62 -37.44 64.85
CA THR L 94 -47.87 -36.87 63.51
C THR L 94 -48.93 -37.67 62.77
N LEU L 95 -49.20 -38.87 63.26
CA LEU L 95 -50.15 -39.76 62.61
C LEU L 95 -51.58 -39.27 62.79
N GLY L 96 -52.26 -39.02 61.67
CA GLY L 96 -53.62 -38.50 61.67
C GLY L 96 -53.66 -36.99 61.51
N ARG L 97 -52.49 -36.37 61.63
CA ARG L 97 -52.35 -34.93 61.47
C ARG L 97 -52.14 -34.51 60.01
N ILE L 98 -52.49 -33.26 59.72
CA ILE L 98 -52.03 -32.65 58.50
C ILE L 98 -51.04 -31.55 58.88
N MET L 99 -49.85 -31.59 58.29
CA MET L 99 -48.95 -30.46 58.42
C MET L 99 -48.63 -29.78 57.08
N ASN L 100 -48.08 -28.57 57.16
CA ASN L 100 -47.61 -27.88 55.97
C ASN L 100 -46.11 -28.10 55.80
N VAL L 101 -45.50 -27.37 54.88
CA VAL L 101 -44.07 -27.52 54.58
C VAL L 101 -43.10 -27.23 55.75
N ILE L 102 -43.45 -26.25 56.60
CA ILE L 102 -42.60 -25.86 57.72
C ILE L 102 -43.02 -26.54 59.04
N GLY L 103 -43.96 -27.47 58.95
CA GLY L 103 -44.31 -28.35 60.07
C GLY L 103 -45.44 -27.95 60.99
N GLU L 104 -46.14 -26.87 60.65
CA GLU L 104 -47.32 -26.43 61.39
C GLU L 104 -48.54 -27.33 61.13
N PRO L 105 -49.39 -27.53 62.16
CA PRO L 105 -50.64 -28.25 61.88
C PRO L 105 -51.62 -27.35 61.13
N ILE L 106 -52.24 -27.89 60.09
CA ILE L 106 -53.20 -27.14 59.30
C ILE L 106 -54.57 -27.85 59.31
N ASP L 107 -54.70 -28.80 60.24
CA ASP L 107 -55.95 -29.51 60.48
C ASP L 107 -56.76 -28.86 61.61
N GLU L 108 -56.22 -27.79 62.18
CA GLU L 108 -56.85 -27.02 63.27
C GLU L 108 -57.23 -27.87 64.48
N ARG L 109 -56.30 -28.74 64.88
CA ARG L 109 -56.46 -29.62 66.02
C ARG L 109 -55.39 -29.35 67.08
N GLY L 110 -54.68 -28.24 66.96
CA GLY L 110 -53.72 -27.85 67.99
C GLY L 110 -52.32 -28.36 67.74
N PRO L 111 -51.36 -27.89 68.57
CA PRO L 111 -49.95 -28.28 68.45
C PRO L 111 -49.74 -29.76 68.17
N ILE L 112 -48.76 -30.07 67.32
CA ILE L 112 -48.29 -31.44 67.21
C ILE L 112 -47.18 -31.58 68.25
N LYS L 113 -47.48 -32.34 69.31
CA LYS L 113 -46.63 -32.44 70.49
C LYS L 113 -45.73 -33.67 70.43
N THR L 114 -44.57 -33.54 69.81
CA THR L 114 -43.58 -34.63 69.78
C THR L 114 -42.37 -34.31 70.64
N LYS L 115 -41.64 -35.35 71.03
CA LYS L 115 -40.41 -35.19 71.81
C LYS L 115 -39.19 -34.94 70.91
N GLN L 116 -39.40 -35.00 69.59
CA GLN L 116 -38.32 -34.79 68.62
C GLN L 116 -38.76 -33.86 67.48
N PHE L 117 -37.82 -33.09 66.97
CA PHE L 117 -37.99 -32.38 65.71
C PHE L 117 -36.83 -32.76 64.80
N ALA L 118 -37.02 -32.62 63.50
CA ALA L 118 -36.01 -33.00 62.53
C ALA L 118 -35.92 -32.00 61.39
N ALA L 119 -34.71 -31.86 60.83
CA ALA L 119 -34.45 -30.99 59.69
C ALA L 119 -34.88 -31.68 58.41
N ILE L 120 -35.58 -30.96 57.53
CA ILE L 120 -36.11 -31.55 56.28
C ILE L 120 -35.02 -31.87 55.24
N HIS L 121 -33.82 -31.30 55.44
CA HIS L 121 -32.66 -31.63 54.60
C HIS L 121 -31.72 -32.60 55.30
N ALA L 122 -31.60 -33.79 54.74
CA ALA L 122 -30.63 -34.76 55.21
C ALA L 122 -29.97 -35.42 54.02
N GLU L 123 -28.68 -35.73 54.17
CA GLU L 123 -27.96 -36.44 53.13
C GLU L 123 -28.45 -37.87 53.03
N ALA L 124 -28.25 -38.48 51.86
CA ALA L 124 -28.68 -39.85 51.65
C ALA L 124 -27.85 -40.82 52.50
N PRO L 125 -28.48 -41.91 52.95
CA PRO L 125 -27.74 -43.02 53.55
C PRO L 125 -26.45 -43.41 52.78
N GLU L 126 -25.36 -43.59 53.53
CA GLU L 126 -24.04 -43.85 52.96
C GLU L 126 -23.93 -45.25 52.36
N PHE L 127 -22.92 -45.44 51.50
CA PHE L 127 -22.73 -46.70 50.80
C PHE L 127 -22.81 -47.91 51.72
N VAL L 128 -22.25 -47.79 52.92
CA VAL L 128 -22.21 -48.89 53.85
C VAL L 128 -23.56 -49.14 54.51
N GLU L 129 -24.37 -48.09 54.63
CA GLU L 129 -25.66 -48.15 55.31
C GLU L 129 -26.74 -48.88 54.50
N MET L 130 -26.42 -49.23 53.26
CA MET L 130 -27.37 -49.84 52.32
C MET L 130 -27.48 -51.34 52.50
N SER L 131 -28.72 -51.85 52.42
CA SER L 131 -28.95 -53.29 52.33
C SER L 131 -28.64 -53.75 50.92
N VAL L 132 -27.84 -54.80 50.80
CA VAL L 132 -27.41 -55.29 49.49
C VAL L 132 -28.37 -56.33 48.95
N GLU L 133 -29.42 -56.59 49.71
CA GLU L 133 -30.42 -57.60 49.38
C GLU L 133 -31.66 -56.94 48.84
N GLN L 134 -32.34 -57.64 47.93
CA GLN L 134 -33.55 -57.14 47.32
C GLN L 134 -34.74 -57.95 47.79
N GLU L 135 -35.59 -57.31 48.58
CA GLU L 135 -36.78 -57.92 49.16
C GLU L 135 -38.06 -57.42 48.52
N ILE L 136 -39.06 -58.30 48.45
CA ILE L 136 -40.43 -57.97 48.06
C ILE L 136 -41.05 -57.23 49.24
N LEU L 137 -41.80 -56.16 48.95
CA LEU L 137 -42.67 -55.60 49.98
C LEU L 137 -44.09 -56.06 49.65
N VAL L 138 -44.46 -57.19 50.22
CA VAL L 138 -45.77 -57.79 50.01
C VAL L 138 -46.85 -56.78 50.36
N THR L 139 -47.77 -56.55 49.43
CA THR L 139 -48.87 -55.61 49.70
C THR L 139 -50.09 -56.36 50.17
N GLY L 140 -50.18 -57.62 49.74
CA GLY L 140 -51.35 -58.45 50.02
C GLY L 140 -52.38 -58.27 48.93
N ILE L 141 -52.05 -57.40 47.96
CA ILE L 141 -52.85 -57.19 46.77
C ILE L 141 -52.34 -58.13 45.67
N LYS L 142 -53.18 -59.06 45.25
CA LYS L 142 -52.80 -60.16 44.36
C LYS L 142 -52.10 -59.71 43.06
N VAL L 143 -52.79 -58.88 42.27
CA VAL L 143 -52.27 -58.31 41.02
C VAL L 143 -50.81 -57.88 41.18
N VAL L 144 -50.58 -57.05 42.19
CA VAL L 144 -49.29 -56.38 42.39
C VAL L 144 -48.21 -57.39 42.78
N ASP L 145 -48.42 -58.10 43.89
CA ASP L 145 -47.47 -59.07 44.39
C ASP L 145 -47.09 -60.12 43.34
N LEU L 146 -48.09 -60.63 42.61
CA LEU L 146 -47.82 -61.63 41.56
C LEU L 146 -47.00 -61.09 40.37
N LEU L 147 -47.39 -59.94 39.85
CA LEU L 147 -46.98 -59.51 38.51
C LEU L 147 -46.06 -58.30 38.43
N ALA L 148 -46.35 -57.27 39.24
CA ALA L 148 -45.52 -56.08 39.32
C ALA L 148 -45.21 -55.80 40.79
N PRO L 149 -44.44 -56.71 41.44
CA PRO L 149 -44.27 -56.61 42.88
C PRO L 149 -43.36 -55.46 43.29
N TYR L 150 -43.62 -54.96 44.50
CA TYR L 150 -42.92 -53.80 45.05
C TYR L 150 -41.62 -54.23 45.71
N ALA L 151 -40.55 -53.53 45.40
CA ALA L 151 -39.27 -53.71 46.07
C ALA L 151 -39.29 -52.92 47.37
N LYS L 152 -39.09 -53.61 48.48
CA LYS L 152 -38.87 -52.98 49.78
C LYS L 152 -37.77 -51.92 49.60
N GLY L 153 -38.10 -50.67 49.86
CA GLY L 153 -37.16 -49.57 49.63
C GLY L 153 -37.10 -49.01 48.21
N GLY L 154 -37.90 -49.57 47.30
CA GLY L 154 -37.92 -49.14 45.91
C GLY L 154 -38.86 -47.98 45.68
N LYS L 155 -38.93 -47.53 44.42
CA LYS L 155 -39.83 -46.46 44.01
C LYS L 155 -40.82 -47.02 42.98
N ILE L 156 -42.11 -46.75 43.19
CA ILE L 156 -43.14 -47.16 42.23
C ILE L 156 -43.85 -45.93 41.69
N GLY L 157 -43.95 -45.86 40.36
CA GLY L 157 -44.72 -44.81 39.71
C GLY L 157 -46.14 -45.25 39.47
N LEU L 158 -47.08 -44.38 39.83
CA LEU L 158 -48.49 -44.69 39.78
C LEU L 158 -49.17 -43.91 38.66
N PHE L 159 -49.52 -44.61 37.59
CA PHE L 159 -50.21 -44.03 36.44
C PHE L 159 -51.72 -44.24 36.50
N GLY L 160 -52.46 -43.29 35.95
CA GLY L 160 -53.91 -43.39 35.89
C GLY L 160 -54.61 -42.05 35.89
N GLY L 161 -54.46 -41.32 36.99
CA GLY L 161 -55.15 -40.04 37.17
C GLY L 161 -56.50 -40.22 37.84
N ALA L 162 -57.52 -39.61 37.27
CA ALA L 162 -58.85 -39.55 37.89
C ALA L 162 -59.64 -40.85 37.80
N GLY L 163 -60.52 -41.05 38.79
CA GLY L 163 -61.53 -42.13 38.79
C GLY L 163 -61.05 -43.49 38.33
N VAL L 164 -60.04 -44.04 39.02
CA VAL L 164 -59.50 -45.37 38.73
C VAL L 164 -59.21 -46.20 40.00
N GLY L 165 -59.73 -45.71 41.14
CA GLY L 165 -59.52 -46.34 42.44
C GLY L 165 -58.21 -45.92 43.11
N LYS L 166 -57.69 -44.75 42.71
CA LYS L 166 -56.36 -44.31 43.11
C LYS L 166 -56.28 -43.97 44.59
N THR L 167 -57.33 -43.35 45.11
CA THR L 167 -57.43 -43.05 46.54
C THR L 167 -57.66 -44.34 47.37
N VAL L 168 -58.49 -45.24 46.83
CA VAL L 168 -58.78 -46.51 47.46
C VAL L 168 -57.53 -47.40 47.54
N LEU L 169 -56.77 -47.46 46.44
CA LEU L 169 -55.54 -48.26 46.40
C LEU L 169 -54.57 -47.71 47.41
N ILE L 170 -54.42 -46.39 47.38
CA ILE L 170 -53.56 -45.69 48.33
C ILE L 170 -53.98 -46.08 49.74
N MET L 171 -55.24 -45.84 50.08
CA MET L 171 -55.74 -46.15 51.42
C MET L 171 -55.61 -47.62 51.81
N GLU L 172 -55.82 -48.52 50.85
CA GLU L 172 -55.62 -49.94 51.14
C GLU L 172 -54.14 -50.24 51.39
N LEU L 173 -53.26 -49.68 50.56
CA LEU L 173 -51.80 -49.82 50.73
C LEU L 173 -51.34 -49.48 52.16
N ILE L 174 -51.78 -48.33 52.65
CA ILE L 174 -51.57 -47.92 54.05
C ILE L 174 -52.00 -49.00 55.08
N ASN L 175 -53.23 -49.49 54.94
CA ASN L 175 -53.82 -50.44 55.85
C ASN L 175 -53.08 -51.79 55.86
N ASN L 176 -52.69 -52.26 54.68
CA ASN L 176 -52.06 -53.56 54.54
C ASN L 176 -50.64 -53.52 55.07
N VAL L 177 -49.95 -52.41 54.83
CA VAL L 177 -48.57 -52.27 55.27
C VAL L 177 -48.46 -52.10 56.79
N ALA L 178 -49.48 -51.49 57.40
CA ALA L 178 -49.51 -51.38 58.85
C ALA L 178 -49.82 -52.73 59.50
N LYS L 179 -50.73 -53.48 58.89
CA LYS L 179 -51.19 -54.77 59.42
C LYS L 179 -50.13 -55.86 59.24
N ALA L 180 -49.61 -56.01 58.04
CA ALA L 180 -48.71 -57.11 57.68
C ALA L 180 -47.22 -56.88 57.97
N HIS L 181 -46.81 -55.62 58.15
CA HIS L 181 -45.39 -55.28 58.25
C HIS L 181 -45.13 -54.33 59.42
N GLY L 182 -46.21 -53.90 60.06
CA GLY L 182 -46.11 -53.01 61.22
C GLY L 182 -45.46 -51.67 60.93
N GLY L 183 -45.59 -51.18 59.70
CA GLY L 183 -45.06 -49.87 59.30
C GLY L 183 -46.15 -48.85 59.03
N TYR L 184 -45.85 -47.57 59.22
CA TYR L 184 -46.79 -46.52 58.92
C TYR L 184 -46.55 -45.87 57.55
N SER L 185 -47.48 -44.99 57.16
CA SER L 185 -47.42 -44.36 55.87
C SER L 185 -47.31 -42.85 56.04
N VAL L 186 -46.79 -42.22 54.98
CA VAL L 186 -46.77 -40.79 54.87
C VAL L 186 -47.32 -40.40 53.48
N PHE L 187 -48.12 -39.33 53.47
CA PHE L 187 -48.64 -38.77 52.26
C PHE L 187 -48.10 -37.37 52.04
N ALA L 188 -47.36 -37.20 50.95
CA ALA L 188 -46.83 -35.90 50.58
C ALA L 188 -47.62 -35.35 49.41
N GLY L 189 -48.36 -34.28 49.67
CA GLY L 189 -49.17 -33.66 48.63
C GLY L 189 -48.37 -32.53 48.04
N VAL L 190 -47.70 -32.81 46.92
CA VAL L 190 -46.92 -31.78 46.25
C VAL L 190 -47.76 -31.13 45.17
N GLY L 191 -48.21 -29.90 45.44
CA GLY L 191 -49.24 -29.27 44.61
C GLY L 191 -50.59 -29.89 44.88
N GLU L 192 -50.91 -30.10 46.14
CA GLU L 192 -52.21 -30.64 46.48
C GLU L 192 -53.27 -29.56 46.26
N ARG L 193 -54.32 -29.92 45.53
CA ARG L 193 -55.49 -29.06 45.36
C ARG L 193 -56.29 -29.05 46.66
N THR L 194 -56.38 -27.87 47.28
CA THR L 194 -57.06 -27.73 48.56
C THR L 194 -58.34 -28.55 48.59
N ARG L 195 -59.15 -28.42 47.55
CA ARG L 195 -60.37 -29.19 47.46
C ARG L 195 -60.09 -30.67 47.70
N GLU L 196 -59.18 -31.24 46.92
CA GLU L 196 -58.95 -32.68 46.93
C GLU L 196 -58.26 -33.13 48.22
N GLY L 197 -57.53 -32.19 48.83
CA GLY L 197 -56.86 -32.41 50.11
C GLY L 197 -57.87 -32.53 51.24
N ASN L 198 -58.94 -31.74 51.14
CA ASN L 198 -60.09 -31.82 52.02
C ASN L 198 -60.83 -33.16 51.84
N ASP L 199 -61.04 -33.56 50.57
CA ASP L 199 -61.71 -34.82 50.25
C ASP L 199 -60.90 -36.04 50.69
N LEU L 200 -59.60 -36.02 50.40
CA LEU L 200 -58.71 -37.12 50.75
C LEU L 200 -58.67 -37.33 52.26
N TYR L 201 -58.50 -36.23 52.99
CA TYR L 201 -58.52 -36.25 54.45
C TYR L 201 -59.78 -36.98 54.98
N HIS L 202 -60.96 -36.45 54.67
CA HIS L 202 -62.21 -37.11 55.08
C HIS L 202 -62.38 -38.55 54.60
N GLU L 203 -61.94 -38.87 53.37
CA GLU L 203 -62.02 -40.24 52.87
C GLU L 203 -61.19 -41.21 53.73
N MET L 204 -60.08 -40.71 54.24
CA MET L 204 -59.23 -41.49 55.11
C MET L 204 -59.88 -41.67 56.48
N ILE L 205 -60.51 -40.61 56.98
CA ILE L 205 -61.25 -40.66 58.27
C ILE L 205 -62.39 -41.66 58.16
N GLU L 206 -63.07 -41.63 57.02
CA GLU L 206 -64.14 -42.59 56.67
C GLU L 206 -63.68 -44.05 56.68
N SER L 207 -62.53 -44.32 56.08
CA SER L 207 -62.06 -45.70 55.92
C SER L 207 -61.33 -46.25 57.15
N GLY L 208 -61.02 -45.35 58.10
CA GLY L 208 -60.39 -45.75 59.34
C GLY L 208 -58.92 -45.42 59.43
N VAL L 209 -58.21 -45.46 58.31
CA VAL L 209 -56.76 -45.25 58.28
C VAL L 209 -56.31 -43.98 59.01
N ILE L 210 -57.17 -42.97 59.05
CA ILE L 210 -57.03 -41.88 60.01
C ILE L 210 -58.18 -42.04 61.03
N ASN L 211 -57.84 -41.98 62.30
CA ASN L 211 -58.84 -41.98 63.39
C ASN L 211 -58.69 -40.76 64.30
N LEU L 212 -59.74 -39.95 64.37
CA LEU L 212 -59.72 -38.70 65.13
C LEU L 212 -59.97 -38.87 66.63
N LYS L 213 -60.46 -40.04 67.04
CA LYS L 213 -60.88 -40.27 68.43
C LYS L 213 -59.73 -40.71 69.35
N ASP L 214 -58.99 -41.72 68.92
CA ASP L 214 -57.91 -42.30 69.72
C ASP L 214 -56.56 -42.04 69.05
N ALA L 215 -55.67 -43.03 69.09
CA ALA L 215 -54.34 -42.89 68.50
C ALA L 215 -53.95 -44.01 67.51
N THR L 216 -54.94 -44.62 66.87
CA THR L 216 -54.70 -45.74 65.95
C THR L 216 -54.40 -45.35 64.49
N SER L 217 -54.25 -44.06 64.22
CA SER L 217 -53.93 -43.57 62.85
C SER L 217 -52.65 -44.15 62.21
N LYS L 218 -52.73 -44.42 60.91
CA LYS L 218 -51.66 -45.11 60.20
C LYS L 218 -50.91 -44.22 59.18
N VAL L 219 -51.58 -43.16 58.72
CA VAL L 219 -50.99 -42.17 57.80
C VAL L 219 -50.68 -40.88 58.53
N ALA L 220 -49.62 -40.20 58.10
CA ALA L 220 -49.36 -38.82 58.47
C ALA L 220 -49.45 -38.01 57.18
N LEU L 221 -50.18 -36.90 57.20
CA LEU L 221 -50.41 -36.10 55.99
C LEU L 221 -49.60 -34.81 55.96
N VAL L 222 -48.96 -34.57 54.82
CA VAL L 222 -48.20 -33.35 54.59
C VAL L 222 -48.61 -32.77 53.23
N TYR L 223 -49.14 -31.54 53.27
CA TYR L 223 -49.75 -30.91 52.11
C TYR L 223 -49.01 -29.66 51.67
N GLY L 224 -48.57 -29.65 50.43
CA GLY L 224 -47.99 -28.46 49.82
C GLY L 224 -48.96 -27.98 48.76
N GLN L 225 -49.91 -27.14 49.17
CA GLN L 225 -51.03 -26.80 48.30
C GLN L 225 -50.62 -25.92 47.13
N MET L 226 -51.40 -26.00 46.06
CA MET L 226 -51.05 -25.34 44.81
C MET L 226 -50.93 -23.84 44.98
N ASN L 227 -51.79 -23.24 45.80
CA ASN L 227 -51.73 -21.79 46.00
C ASN L 227 -50.52 -21.26 46.79
N GLU L 228 -49.53 -22.11 47.03
CA GLU L 228 -48.35 -21.71 47.78
C GLU L 228 -47.19 -21.48 46.79
N PRO L 229 -46.23 -20.60 47.16
CA PRO L 229 -45.12 -20.21 46.27
C PRO L 229 -44.22 -21.37 45.83
N PRO L 230 -43.37 -21.15 44.82
CA PRO L 230 -42.49 -22.19 44.28
C PRO L 230 -41.62 -22.94 45.32
N GLY L 231 -41.02 -22.23 46.26
CA GLY L 231 -40.16 -22.85 47.25
C GLY L 231 -40.87 -23.84 48.16
N ALA L 232 -42.16 -23.60 48.42
CA ALA L 232 -42.92 -24.45 49.33
C ALA L 232 -43.23 -25.77 48.66
N ARG L 233 -43.79 -25.71 47.46
CA ARG L 233 -44.17 -26.93 46.76
C ARG L 233 -42.97 -27.82 46.42
N ALA L 234 -41.78 -27.22 46.33
CA ALA L 234 -40.58 -27.98 45.99
C ALA L 234 -40.03 -28.70 47.21
N ARG L 235 -40.29 -28.10 48.38
CA ARG L 235 -39.83 -28.64 49.66
C ARG L 235 -40.75 -29.66 50.33
N VAL L 236 -42.06 -29.61 50.06
CA VAL L 236 -42.98 -30.51 50.76
C VAL L 236 -42.57 -31.96 50.69
N ALA L 237 -42.07 -32.42 49.54
CA ALA L 237 -41.62 -33.82 49.43
C ALA L 237 -40.68 -34.11 50.57
N LEU L 238 -39.69 -33.22 50.74
CA LEU L 238 -38.67 -33.34 51.80
C LEU L 238 -39.27 -33.43 53.20
N THR L 239 -40.27 -32.61 53.47
CA THR L 239 -40.96 -32.60 54.76
C THR L 239 -41.57 -33.97 55.11
N GLY L 240 -42.44 -34.47 54.23
CA GLY L 240 -43.02 -35.79 54.35
C GLY L 240 -41.97 -36.90 54.37
N LEU L 241 -40.95 -36.73 53.54
CA LEU L 241 -39.81 -37.65 53.50
C LEU L 241 -39.15 -37.75 54.88
N THR L 242 -39.04 -36.62 55.57
CA THR L 242 -38.46 -36.56 56.91
C THR L 242 -39.34 -37.27 57.96
N VAL L 243 -40.65 -37.06 57.87
CA VAL L 243 -41.61 -37.73 58.72
C VAL L 243 -41.41 -39.23 58.59
N ALA L 244 -41.18 -39.68 57.37
CA ALA L 244 -40.97 -41.12 57.09
C ALA L 244 -39.63 -41.62 57.60
N GLU L 245 -38.61 -40.78 57.51
CA GLU L 245 -37.27 -41.13 57.96
C GLU L 245 -37.22 -41.42 59.45
N TYR L 246 -38.07 -40.73 60.23
CA TYR L 246 -38.20 -41.05 61.66
C TYR L 246 -38.57 -42.51 61.89
N PHE L 247 -39.61 -42.96 61.20
CA PHE L 247 -40.12 -44.33 61.35
C PHE L 247 -39.11 -45.39 60.90
N ARG L 248 -38.41 -45.14 59.81
CA ARG L 248 -37.40 -46.08 59.37
C ARG L 248 -36.24 -46.09 60.34
N ASP L 249 -35.72 -44.90 60.64
CA ASP L 249 -34.48 -44.74 61.41
C ASP L 249 -34.62 -44.91 62.93
N GLN L 250 -35.72 -44.44 63.53
CA GLN L 250 -35.83 -44.43 65.00
C GLN L 250 -36.64 -45.59 65.59
N GLU L 251 -37.46 -46.22 64.74
CA GLU L 251 -38.38 -47.26 65.16
C GLU L 251 -38.22 -48.56 64.34
N GLY L 252 -37.36 -48.51 63.33
CA GLY L 252 -36.92 -49.71 62.61
C GLY L 252 -37.93 -50.34 61.66
N GLN L 253 -38.91 -49.55 61.24
CA GLN L 253 -40.02 -50.04 60.43
C GLN L 253 -39.69 -50.10 58.93
N ASP L 254 -40.59 -50.72 58.18
CA ASP L 254 -40.64 -50.59 56.74
C ASP L 254 -41.81 -49.68 56.39
N VAL L 255 -41.48 -48.47 55.94
CA VAL L 255 -42.43 -47.35 55.83
C VAL L 255 -42.95 -47.19 54.42
N LEU L 256 -44.20 -46.76 54.27
CA LEU L 256 -44.74 -46.32 52.97
C LEU L 256 -44.76 -44.80 52.83
N LEU L 257 -44.24 -44.29 51.71
CA LEU L 257 -44.26 -42.86 51.43
C LEU L 257 -44.88 -42.53 50.07
N PHE L 258 -46.01 -41.83 50.12
CA PHE L 258 -46.70 -41.43 48.91
C PHE L 258 -46.30 -40.03 48.57
N ILE L 259 -45.91 -39.83 47.32
CA ILE L 259 -45.68 -38.49 46.81
C ILE L 259 -46.71 -38.25 45.70
N ASP L 260 -47.57 -37.25 45.91
CA ASP L 260 -48.57 -36.87 44.93
C ASP L 260 -48.51 -35.36 44.66
N ASN L 261 -47.98 -34.99 43.48
CA ASN L 261 -47.40 -35.96 42.57
C ASN L 261 -45.97 -35.59 42.20
N ILE L 262 -45.23 -36.57 41.69
CA ILE L 262 -43.81 -36.39 41.38
C ILE L 262 -43.57 -35.29 40.35
N PHE L 263 -44.40 -35.21 39.32
CA PHE L 263 -44.19 -34.19 38.31
C PHE L 263 -44.20 -32.76 38.88
N ARG L 264 -45.04 -32.52 39.88
CA ARG L 264 -45.17 -31.18 40.46
C ARG L 264 -44.02 -30.82 41.37
N PHE L 265 -43.22 -31.83 41.73
CA PHE L 265 -41.99 -31.64 42.49
C PHE L 265 -40.93 -31.13 41.53
N THR L 266 -40.86 -31.74 40.37
CA THR L 266 -39.96 -31.27 39.33
C THR L 266 -40.29 -29.83 39.04
N GLN L 267 -41.56 -29.58 38.72
CA GLN L 267 -41.99 -28.26 38.26
C GLN L 267 -41.74 -27.14 39.25
N ALA L 268 -42.02 -27.44 40.52
CA ALA L 268 -41.75 -26.51 41.60
C ALA L 268 -40.27 -26.15 41.59
N GLY L 269 -39.44 -27.18 41.43
CA GLY L 269 -38.00 -27.02 41.37
C GLY L 269 -37.60 -26.17 40.19
N SER L 270 -38.28 -26.39 39.06
CA SER L 270 -38.09 -25.59 37.84
C SER L 270 -38.44 -24.15 38.09
N GLU L 271 -39.52 -23.92 38.82
CA GLU L 271 -39.94 -22.56 39.10
C GLU L 271 -38.97 -21.82 40.04
N VAL L 272 -38.48 -22.53 41.04
CA VAL L 272 -37.48 -22.01 41.97
C VAL L 272 -36.21 -21.68 41.23
N SER L 273 -35.77 -22.59 40.38
CA SER L 273 -34.60 -22.32 39.57
C SER L 273 -34.80 -21.08 38.70
N ALA L 274 -36.01 -20.90 38.22
CA ALA L 274 -36.31 -19.73 37.38
C ALA L 274 -36.11 -18.44 38.16
N LEU L 275 -36.57 -18.39 39.39
CA LEU L 275 -36.53 -17.18 40.18
C LEU L 275 -35.11 -16.81 40.69
N LEU L 276 -34.22 -17.79 40.70
CA LEU L 276 -32.87 -17.56 41.20
C LEU L 276 -31.91 -17.10 40.11
N GLY L 277 -32.47 -16.74 38.95
CA GLY L 277 -31.68 -16.26 37.81
C GLY L 277 -30.92 -17.33 37.07
N ARG L 278 -31.14 -18.60 37.40
CA ARG L 278 -30.44 -19.70 36.74
C ARG L 278 -30.96 -19.93 35.34
N ILE L 279 -30.09 -20.35 34.43
CA ILE L 279 -30.43 -20.47 33.01
C ILE L 279 -31.10 -21.80 32.79
N PRO L 280 -32.29 -21.82 32.14
CA PRO L 280 -33.00 -23.07 31.91
C PRO L 280 -32.22 -24.06 31.07
N SER L 281 -32.51 -25.34 31.32
CA SER L 281 -31.98 -26.45 30.53
C SER L 281 -33.01 -26.83 29.48
N ALA L 282 -32.78 -27.94 28.78
CA ALA L 282 -33.64 -28.41 27.71
C ALA L 282 -35.10 -28.35 28.12
N VAL L 283 -35.92 -27.71 27.27
CA VAL L 283 -37.36 -27.71 27.45
C VAL L 283 -37.74 -26.95 28.70
N GLY L 284 -36.85 -26.07 29.13
CA GLY L 284 -37.18 -25.11 30.18
C GLY L 284 -37.11 -25.64 31.58
N TYR L 285 -36.64 -26.86 31.77
CA TYR L 285 -36.41 -27.40 33.11
C TYR L 285 -35.12 -26.86 33.70
N GLN L 286 -35.05 -26.81 35.03
CA GLN L 286 -33.85 -26.41 35.76
C GLN L 286 -32.62 -27.23 35.34
N PRO L 287 -31.45 -26.59 35.26
CA PRO L 287 -30.25 -27.41 34.97
C PRO L 287 -29.95 -28.46 36.05
N THR L 288 -30.32 -28.14 37.29
CA THR L 288 -30.18 -29.07 38.41
C THR L 288 -31.32 -30.11 38.46
N LEU L 289 -31.98 -30.36 37.33
CA LEU L 289 -33.13 -31.29 37.27
C LEU L 289 -32.81 -32.60 37.94
N ALA L 290 -31.72 -33.21 37.48
CA ALA L 290 -31.38 -34.59 37.81
C ALA L 290 -30.87 -34.69 39.23
N THR L 291 -30.18 -33.64 39.67
CA THR L 291 -29.69 -33.66 41.03
C THR L 291 -30.80 -33.34 42.04
N ASP L 292 -31.57 -32.29 41.79
CA ASP L 292 -32.80 -32.02 42.56
C ASP L 292 -33.54 -33.33 42.85
N MET L 293 -33.78 -34.11 41.80
CA MET L 293 -34.47 -35.38 41.88
C MET L 293 -33.70 -36.35 42.76
N GLY L 294 -32.39 -36.43 42.54
CA GLY L 294 -31.56 -37.46 43.17
C GLY L 294 -31.30 -37.27 44.65
N THR L 295 -31.26 -36.02 45.10
CA THR L 295 -31.01 -35.75 46.51
C THR L 295 -32.27 -35.99 47.35
N MET L 296 -33.41 -36.09 46.67
CA MET L 296 -34.66 -36.43 47.31
C MET L 296 -34.88 -37.93 47.24
N GLN L 297 -34.69 -38.52 46.06
CA GLN L 297 -34.96 -39.96 45.88
C GLN L 297 -34.04 -40.88 46.68
N GLU L 298 -32.75 -40.56 46.78
CA GLU L 298 -31.82 -41.56 47.29
C GLU L 298 -32.08 -41.81 48.76
N ARG L 299 -32.77 -40.88 49.40
CA ARG L 299 -33.21 -41.03 50.79
C ARG L 299 -34.30 -42.11 50.91
N ILE L 300 -35.03 -42.34 49.83
CA ILE L 300 -35.96 -43.47 49.75
C ILE L 300 -35.19 -44.76 49.45
N THR L 301 -35.08 -45.63 50.45
CA THR L 301 -34.21 -46.80 50.36
C THR L 301 -34.25 -47.68 51.63
N THR L 302 -33.72 -48.90 51.52
CA THR L 302 -33.57 -49.81 52.66
C THR L 302 -32.22 -49.58 53.34
N THR L 303 -32.25 -49.40 54.65
CA THR L 303 -31.02 -49.30 55.42
C THR L 303 -30.76 -50.67 56.07
N LYS L 304 -29.93 -50.70 57.11
CA LYS L 304 -29.77 -51.92 57.90
C LYS L 304 -30.81 -51.91 59.03
N LYS L 305 -31.29 -50.71 59.33
CA LYS L 305 -32.20 -50.45 60.42
C LYS L 305 -33.65 -50.58 59.96
N GLY L 306 -33.93 -50.14 58.73
CA GLY L 306 -35.28 -50.21 58.14
C GLY L 306 -35.36 -49.78 56.69
N SER L 307 -36.59 -49.60 56.18
CA SER L 307 -36.79 -49.17 54.79
C SER L 307 -37.94 -48.17 54.63
N ILE L 308 -37.78 -47.25 53.68
CA ILE L 308 -38.90 -46.47 53.18
C ILE L 308 -39.18 -46.94 51.77
N THR L 309 -40.44 -47.26 51.47
CA THR L 309 -40.86 -47.52 50.08
C THR L 309 -41.83 -46.43 49.63
N SER L 310 -41.68 -45.98 48.38
CA SER L 310 -42.40 -44.79 47.93
C SER L 310 -43.28 -45.03 46.71
N VAL L 311 -44.58 -44.88 46.90
CA VAL L 311 -45.54 -44.85 45.80
C VAL L 311 -45.71 -43.40 45.33
N GLN L 312 -45.35 -43.18 44.07
CA GLN L 312 -45.29 -41.84 43.55
C GLN L 312 -46.17 -41.74 42.34
N ALA L 313 -47.06 -40.75 42.36
CA ALA L 313 -47.96 -40.47 41.23
C ALA L 313 -47.20 -39.77 40.10
N ILE L 314 -47.34 -40.28 38.87
CA ILE L 314 -46.66 -39.70 37.70
C ILE L 314 -47.63 -39.06 36.72
N TYR L 315 -47.26 -37.87 36.24
CA TYR L 315 -47.94 -37.22 35.12
C TYR L 315 -46.94 -37.09 33.98
N VAL L 316 -47.35 -37.46 32.79
CA VAL L 316 -46.43 -37.45 31.67
C VAL L 316 -46.79 -36.32 30.74
N PRO L 317 -46.09 -35.17 30.86
CA PRO L 317 -46.36 -34.02 29.98
C PRO L 317 -46.45 -34.45 28.52
N ALA L 318 -47.40 -33.87 27.79
CA ALA L 318 -47.54 -34.11 26.34
C ALA L 318 -47.62 -35.59 25.95
N ASP L 319 -47.77 -36.45 26.95
CA ASP L 319 -47.73 -37.90 26.79
C ASP L 319 -46.43 -38.30 26.17
N ASP L 320 -45.39 -37.59 26.58
CA ASP L 320 -44.06 -37.81 26.04
C ASP L 320 -43.20 -38.46 27.10
N LEU L 321 -42.98 -39.76 26.95
CA LEU L 321 -42.13 -40.50 27.88
C LEU L 321 -40.71 -40.02 27.85
N THR L 322 -40.29 -39.44 26.71
CA THR L 322 -38.93 -38.90 26.59
C THR L 322 -38.76 -37.45 27.11
N ASP L 323 -39.84 -36.82 27.58
CA ASP L 323 -39.73 -35.48 28.21
C ASP L 323 -38.84 -35.58 29.45
N PRO L 324 -37.83 -34.69 29.56
CA PRO L 324 -36.89 -34.73 30.66
C PRO L 324 -37.50 -35.10 32.01
N ALA L 325 -38.69 -34.58 32.32
CA ALA L 325 -39.27 -34.80 33.65
C ALA L 325 -39.52 -36.30 33.91
N PRO L 326 -40.38 -36.95 33.10
CA PRO L 326 -40.52 -38.41 33.28
C PRO L 326 -39.25 -39.25 33.00
N ALA L 327 -38.43 -38.83 32.03
CA ALA L 327 -37.14 -39.49 31.76
C ALA L 327 -36.29 -39.53 33.01
N THR L 328 -36.15 -38.39 33.67
CA THR L 328 -35.36 -38.30 34.90
C THR L 328 -35.97 -39.16 35.98
N THR L 329 -37.29 -39.10 36.08
CA THR L 329 -38.02 -39.83 37.11
C THR L 329 -37.76 -41.33 36.97
N PHE L 330 -38.04 -41.87 35.79
CA PHE L 330 -37.97 -43.33 35.56
C PHE L 330 -36.66 -43.97 35.98
N ALA L 331 -35.57 -43.18 35.93
CA ALA L 331 -34.25 -43.64 36.37
C ALA L 331 -34.30 -44.15 37.80
N HIS L 332 -35.22 -43.63 38.61
CA HIS L 332 -35.31 -44.01 40.02
C HIS L 332 -36.36 -45.06 40.32
N LEU L 333 -37.23 -45.37 39.35
CA LEU L 333 -38.37 -46.27 39.59
C LEU L 333 -38.03 -47.76 39.48
N ASP L 334 -38.60 -48.55 40.37
CA ASP L 334 -38.34 -49.99 40.45
C ASP L 334 -39.55 -50.80 39.97
N ALA L 335 -40.67 -50.09 39.76
CA ALA L 335 -41.95 -50.71 39.46
C ALA L 335 -42.96 -49.65 39.06
N THR L 336 -43.93 -50.06 38.27
CA THR L 336 -45.01 -49.20 37.87
C THR L 336 -46.32 -49.92 38.14
N THR L 337 -47.21 -49.27 38.86
CA THR L 337 -48.59 -49.72 38.94
C THR L 337 -49.38 -48.83 37.98
N VAL L 338 -50.06 -49.45 37.03
CA VAL L 338 -50.81 -48.73 36.01
C VAL L 338 -52.31 -48.96 36.27
N LEU L 339 -53.01 -47.88 36.61
CA LEU L 339 -54.46 -47.93 36.79
C LEU L 339 -55.15 -47.46 35.51
N SER L 340 -55.95 -48.34 34.90
CA SER L 340 -56.60 -48.04 33.62
C SER L 340 -58.11 -47.98 33.73
N ARG L 341 -58.70 -47.13 32.89
CA ARG L 341 -60.13 -46.89 32.86
C ARG L 341 -60.83 -48.06 32.18
N ALA L 342 -60.18 -48.60 31.15
CA ALA L 342 -60.70 -49.77 30.45
C ALA L 342 -60.98 -50.90 31.46
N ILE L 343 -60.02 -51.14 32.35
CA ILE L 343 -60.12 -52.24 33.29
C ILE L 343 -61.25 -52.03 34.32
N ALA L 344 -61.42 -50.79 34.76
CA ALA L 344 -62.48 -50.47 35.73
C ALA L 344 -63.87 -50.59 35.12
N GLU L 345 -64.00 -50.22 33.85
CA GLU L 345 -65.25 -50.39 33.08
C GLU L 345 -65.57 -51.85 32.82
N LEU L 346 -64.62 -52.74 33.14
CA LEU L 346 -64.87 -54.18 33.13
C LEU L 346 -65.13 -54.68 34.55
N GLY L 347 -65.23 -53.75 35.49
CA GLY L 347 -65.53 -54.08 36.88
C GLY L 347 -64.42 -54.82 37.61
N ILE L 348 -63.18 -54.58 37.21
CA ILE L 348 -62.03 -55.11 37.93
C ILE L 348 -61.53 -54.08 38.95
N TYR L 349 -61.58 -54.45 40.22
CA TYR L 349 -61.04 -53.59 41.27
C TYR L 349 -60.04 -54.41 42.10
N PRO L 350 -58.78 -53.91 42.22
CA PRO L 350 -58.30 -52.61 41.69
C PRO L 350 -58.14 -52.55 40.17
N ALA L 351 -58.39 -51.38 39.58
CA ALA L 351 -58.29 -51.15 38.12
C ALA L 351 -56.92 -51.35 37.48
N VAL L 352 -56.12 -52.26 38.02
CA VAL L 352 -54.73 -52.42 37.58
C VAL L 352 -54.61 -53.17 36.26
N ASP L 353 -53.88 -52.60 35.31
CA ASP L 353 -53.57 -53.27 34.05
C ASP L 353 -52.44 -54.28 34.29
N PRO L 354 -52.74 -55.59 34.12
CA PRO L 354 -51.78 -56.67 34.30
C PRO L 354 -50.64 -56.77 33.26
N LEU L 355 -50.74 -56.02 32.15
CA LEU L 355 -49.71 -56.08 31.10
C LEU L 355 -48.81 -54.84 31.04
N ASP L 356 -49.36 -53.68 31.41
CA ASP L 356 -48.61 -52.42 31.54
C ASP L 356 -47.75 -52.35 32.79
N SER L 357 -48.27 -52.85 33.91
CA SER L 357 -47.59 -52.77 35.20
C SER L 357 -46.33 -53.62 35.26
N THR L 358 -45.17 -52.94 35.27
CA THR L 358 -43.88 -53.62 35.32
C THR L 358 -43.21 -53.53 36.69
N SER L 359 -42.16 -54.34 36.85
CA SER L 359 -41.32 -54.38 38.04
C SER L 359 -39.90 -54.77 37.64
N ARG L 360 -38.91 -54.07 38.21
CA ARG L 360 -37.49 -54.37 37.99
C ARG L 360 -37.12 -55.68 38.67
N ILE L 361 -37.84 -56.01 39.75
CA ILE L 361 -37.56 -57.21 40.52
C ILE L 361 -38.35 -58.45 40.06
N MET L 362 -39.14 -58.30 39.00
CA MET L 362 -39.75 -59.46 38.36
C MET L 362 -38.67 -60.30 37.66
N ASP L 363 -37.87 -60.98 38.47
CA ASP L 363 -36.65 -61.66 38.06
C ASP L 363 -36.40 -62.82 39.03
N PRO L 364 -36.20 -64.04 38.48
CA PRO L 364 -36.08 -65.25 39.31
C PRO L 364 -35.02 -65.13 40.41
N ASN L 365 -33.86 -64.55 40.09
CA ASN L 365 -32.78 -64.28 41.06
C ASN L 365 -33.18 -63.45 42.30
N ILE L 366 -34.28 -62.71 42.19
CA ILE L 366 -34.79 -61.89 43.30
C ILE L 366 -36.00 -62.50 44.03
N VAL L 367 -37.01 -62.90 43.26
CA VAL L 367 -38.31 -63.32 43.81
C VAL L 367 -38.50 -64.83 43.82
N GLY L 368 -37.58 -65.55 43.18
CA GLY L 368 -37.64 -67.01 43.16
C GLY L 368 -38.16 -67.55 41.83
N SER L 369 -37.38 -68.47 41.27
CA SER L 369 -37.71 -69.16 40.02
C SER L 369 -39.21 -69.43 39.88
N GLU L 370 -39.83 -69.88 40.98
CA GLU L 370 -41.23 -70.27 41.02
C GLU L 370 -42.17 -69.07 40.87
N HIS L 371 -41.97 -68.05 41.70
CA HIS L 371 -42.74 -66.79 41.57
C HIS L 371 -42.55 -66.22 40.16
N TYR L 372 -41.36 -66.40 39.59
CA TYR L 372 -41.08 -65.92 38.24
C TYR L 372 -41.90 -66.62 37.15
N ASP L 373 -41.91 -67.95 37.17
CA ASP L 373 -42.62 -68.75 36.14
C ASP L 373 -44.14 -68.55 36.12
N VAL L 374 -44.75 -68.41 37.30
CA VAL L 374 -46.21 -68.21 37.44
C VAL L 374 -46.65 -66.84 36.89
N ALA L 375 -45.90 -65.80 37.28
CA ALA L 375 -46.11 -64.47 36.74
C ALA L 375 -46.05 -64.48 35.22
N ARG L 376 -44.93 -64.99 34.67
CA ARG L 376 -44.72 -65.09 33.21
C ARG L 376 -45.77 -65.95 32.51
N GLY L 377 -46.33 -66.93 33.21
CA GLY L 377 -47.44 -67.74 32.70
C GLY L 377 -48.73 -66.94 32.64
N VAL L 378 -49.07 -66.27 33.75
CA VAL L 378 -50.23 -65.36 33.79
C VAL L 378 -50.12 -64.25 32.74
N GLN L 379 -48.96 -63.60 32.67
CA GLN L 379 -48.68 -62.60 31.63
C GLN L 379 -48.88 -63.17 30.23
N LYS L 380 -48.40 -64.40 30.02
CA LYS L 380 -48.48 -65.08 28.72
C LYS L 380 -49.92 -65.44 28.34
N ILE L 381 -50.69 -65.97 29.29
CA ILE L 381 -52.05 -66.39 29.01
C ILE L 381 -52.99 -65.21 28.69
N LEU L 382 -52.74 -64.07 29.35
CA LEU L 382 -53.51 -62.84 29.11
C LEU L 382 -53.12 -62.17 27.79
N GLN L 383 -51.84 -62.27 27.43
CA GLN L 383 -51.36 -61.84 26.10
C GLN L 383 -52.01 -62.67 25.03
N ASP L 384 -52.07 -63.98 25.27
CA ASP L 384 -52.64 -64.94 24.32
C ASP L 384 -54.17 -64.82 24.23
N TYR L 385 -54.80 -64.32 25.29
CA TYR L 385 -56.24 -64.07 25.28
C TYR L 385 -56.58 -62.85 24.42
N LYS L 386 -55.67 -61.88 24.39
CA LYS L 386 -55.80 -60.70 23.55
C LYS L 386 -55.73 -61.05 22.06
N SER L 387 -54.92 -62.03 21.72
CA SER L 387 -54.74 -62.46 20.33
C SER L 387 -55.96 -63.18 19.74
N LEU L 388 -56.76 -63.79 20.61
CA LEU L 388 -57.94 -64.53 20.16
C LEU L 388 -59.23 -63.68 20.05
N GLN L 389 -59.31 -62.60 20.82
CA GLN L 389 -60.54 -61.78 20.91
C GLN L 389 -61.06 -61.23 19.57
N ASP L 390 -60.18 -61.20 18.57
CA ASP L 390 -60.56 -60.84 17.21
C ASP L 390 -61.28 -62.00 16.53
N ILE L 391 -60.73 -63.20 16.68
CA ILE L 391 -61.32 -64.43 16.15
C ILE L 391 -62.59 -64.82 16.94
N ILE L 392 -62.65 -64.41 18.21
CA ILE L 392 -63.88 -64.50 19.01
C ILE L 392 -64.99 -63.68 18.36
N ALA L 393 -64.64 -62.47 17.93
CA ALA L 393 -65.56 -61.60 17.21
C ALA L 393 -65.84 -62.12 15.79
N ILE L 394 -64.89 -62.84 15.21
CA ILE L 394 -64.98 -63.29 13.81
C ILE L 394 -65.70 -64.64 13.63
N LEU L 395 -65.32 -65.63 14.44
CA LEU L 395 -65.83 -66.99 14.27
C LEU L 395 -66.66 -67.48 15.46
N GLY L 396 -66.87 -66.62 16.44
CA GLY L 396 -67.54 -67.00 17.68
C GLY L 396 -66.62 -67.82 18.57
N MET L 397 -67.06 -68.10 19.80
CA MET L 397 -66.25 -68.85 20.76
C MET L 397 -66.16 -70.35 20.46
N ASP L 398 -67.10 -70.87 19.67
CA ASP L 398 -67.15 -72.30 19.40
C ASP L 398 -66.47 -72.73 18.09
N GLU L 399 -65.57 -71.89 17.59
CA GLU L 399 -64.69 -72.26 16.49
C GLU L 399 -63.22 -72.14 16.90
N LEU L 400 -62.96 -72.37 18.19
CA LEU L 400 -61.61 -72.46 18.73
C LEU L 400 -61.22 -73.93 18.89
N SER L 401 -59.91 -74.21 18.81
CA SER L 401 -59.40 -75.55 19.10
C SER L 401 -59.60 -75.87 20.58
N GLU L 402 -59.51 -77.15 20.93
CA GLU L 402 -59.79 -77.58 22.31
C GLU L 402 -58.76 -77.04 23.32
N GLU L 403 -57.52 -76.87 22.87
CA GLU L 403 -56.49 -76.24 23.70
C GLU L 403 -56.80 -74.75 23.87
N ASP L 404 -57.31 -74.14 22.80
CA ASP L 404 -57.64 -72.71 22.80
C ASP L 404 -58.94 -72.39 23.54
N LYS L 405 -59.85 -73.36 23.58
CA LYS L 405 -61.06 -73.27 24.40
C LYS L 405 -60.66 -73.02 25.85
N LEU L 406 -59.69 -73.81 26.30
CA LEU L 406 -59.13 -73.75 27.65
C LEU L 406 -58.45 -72.43 27.96
N THR L 407 -57.52 -72.01 27.08
CA THR L 407 -56.82 -70.74 27.23
C THR L 407 -57.79 -69.59 27.58
N VAL L 408 -58.92 -69.54 26.88
CA VAL L 408 -59.95 -68.51 27.11
C VAL L 408 -60.58 -68.61 28.50
N SER L 409 -61.13 -69.78 28.84
CA SER L 409 -61.72 -70.02 30.16
C SER L 409 -60.73 -69.59 31.23
N ARG L 410 -59.55 -70.21 31.19
CA ARG L 410 -58.50 -69.98 32.17
C ARG L 410 -58.08 -68.52 32.27
N ALA L 411 -57.90 -67.88 31.11
CA ALA L 411 -57.52 -66.48 31.06
C ALA L 411 -58.57 -65.62 31.77
N ARG L 412 -59.81 -65.74 31.32
CA ARG L 412 -60.96 -65.04 31.90
C ARG L 412 -61.11 -65.37 33.38
N LYS L 413 -60.64 -66.55 33.77
CA LYS L 413 -60.68 -66.99 35.17
C LYS L 413 -59.50 -66.43 35.95
N ILE L 414 -58.38 -66.23 35.25
CA ILE L 414 -57.22 -65.53 35.84
C ILE L 414 -57.52 -64.03 36.02
N GLN L 415 -58.08 -63.41 34.97
CA GLN L 415 -58.49 -62.00 34.98
C GLN L 415 -59.31 -61.64 36.22
N ARG L 416 -60.28 -62.49 36.53
CA ARG L 416 -61.18 -62.25 37.66
C ARG L 416 -60.48 -62.44 39.00
N PHE L 417 -59.67 -63.49 39.10
CA PHE L 417 -58.96 -63.76 40.35
C PHE L 417 -57.94 -62.66 40.67
N LEU L 418 -57.53 -61.90 39.64
CA LEU L 418 -56.67 -60.74 39.83
C LEU L 418 -57.40 -59.60 40.55
N SER L 419 -58.73 -59.63 40.51
CA SER L 419 -59.55 -58.66 41.23
C SER L 419 -59.59 -59.06 42.69
N GLN L 420 -59.95 -58.12 43.55
CA GLN L 420 -59.82 -58.32 44.99
C GLN L 420 -60.68 -57.31 45.75
N PRO L 421 -61.41 -57.77 46.79
CA PRO L 421 -62.11 -56.86 47.70
C PRO L 421 -61.16 -56.21 48.73
N PHE L 422 -61.27 -54.89 48.90
CA PHE L 422 -60.40 -54.15 49.80
C PHE L 422 -61.06 -53.89 51.14
N GLN L 423 -60.26 -53.95 52.21
CA GLN L 423 -60.76 -53.66 53.55
C GLN L 423 -61.17 -52.21 53.65
N VAL L 424 -60.37 -51.33 53.05
CA VAL L 424 -60.61 -49.90 53.06
C VAL L 424 -61.97 -49.48 52.50
N ALA L 425 -62.61 -50.42 51.79
CA ALA L 425 -63.94 -50.22 51.22
C ALA L 425 -65.03 -51.13 51.82
N GLU L 426 -64.80 -51.68 53.01
CA GLU L 426 -65.78 -52.53 53.69
C GLU L 426 -67.05 -51.75 54.02
N VAL L 427 -66.88 -50.46 54.30
CA VAL L 427 -67.98 -49.56 54.64
C VAL L 427 -68.94 -49.40 53.45
N PHE L 428 -68.37 -49.16 52.27
CA PHE L 428 -69.14 -48.86 51.06
C PHE L 428 -69.83 -50.08 50.40
N THR L 429 -69.39 -51.29 50.73
CA THR L 429 -69.84 -52.50 50.02
C THR L 429 -70.59 -53.56 50.84
N GLY L 430 -70.18 -53.77 52.09
CA GLY L 430 -70.72 -54.84 52.91
C GLY L 430 -69.95 -56.15 52.75
N HIS L 431 -69.00 -56.15 51.82
CA HIS L 431 -68.08 -57.27 51.62
C HIS L 431 -66.81 -57.08 52.47
N LEU L 432 -66.35 -58.16 53.10
CA LEU L 432 -65.14 -58.12 53.89
C LEU L 432 -63.94 -58.16 52.95
N GLY L 433 -62.92 -57.37 53.27
CA GLY L 433 -61.72 -57.26 52.45
C GLY L 433 -60.72 -58.36 52.73
N LYS L 434 -59.74 -58.50 51.83
CA LYS L 434 -58.76 -59.57 51.92
C LYS L 434 -57.33 -59.09 51.74
N LEU L 435 -56.51 -59.28 52.77
CA LEU L 435 -55.08 -59.23 52.60
C LEU L 435 -54.64 -60.66 52.32
N VAL L 436 -54.19 -60.89 51.08
CA VAL L 436 -53.85 -62.22 50.59
C VAL L 436 -52.34 -62.48 50.66
N PRO L 437 -51.92 -63.46 51.50
CA PRO L 437 -50.49 -63.74 51.68
C PRO L 437 -49.81 -64.09 50.36
N LEU L 438 -48.54 -63.71 50.22
CA LEU L 438 -47.81 -63.94 48.97
C LEU L 438 -47.88 -65.40 48.45
N LYS L 439 -47.69 -66.36 49.34
CA LYS L 439 -47.71 -67.79 48.98
C LYS L 439 -49.04 -68.26 48.39
N GLU L 440 -50.14 -67.72 48.90
CA GLU L 440 -51.48 -68.08 48.42
C GLU L 440 -51.77 -67.46 47.07
N THR L 441 -51.21 -66.26 46.86
CA THR L 441 -51.30 -65.58 45.57
C THR L 441 -50.59 -66.46 44.53
N ILE L 442 -49.33 -66.78 44.80
CA ILE L 442 -48.52 -67.58 43.89
C ILE L 442 -49.25 -68.88 43.59
N LYS L 443 -49.78 -69.52 44.64
CA LYS L 443 -50.50 -70.80 44.55
C LYS L 443 -51.78 -70.72 43.74
N GLY L 444 -52.65 -69.77 44.09
CA GLY L 444 -53.93 -69.58 43.39
C GLY L 444 -53.80 -69.60 41.88
N PHE L 445 -52.93 -68.73 41.36
CA PHE L 445 -52.70 -68.59 39.92
C PHE L 445 -51.93 -69.76 39.34
N GLN L 446 -51.07 -70.35 40.17
CA GLN L 446 -50.31 -71.55 39.84
C GLN L 446 -51.28 -72.68 39.52
N GLN L 447 -52.32 -72.80 40.34
CA GLN L 447 -53.35 -73.85 40.23
C GLN L 447 -54.38 -73.61 39.13
N ILE L 448 -54.67 -72.33 38.82
CA ILE L 448 -55.57 -72.01 37.71
C ILE L 448 -54.93 -72.39 36.37
N LEU L 449 -53.69 -71.92 36.15
CA LEU L 449 -52.92 -72.23 34.94
C LEU L 449 -52.82 -73.72 34.61
N ALA L 450 -52.75 -74.55 35.65
CA ALA L 450 -52.62 -76.00 35.50
C ALA L 450 -53.98 -76.66 35.26
N GLY L 451 -55.03 -75.85 35.30
CA GLY L 451 -56.38 -76.32 35.02
C GLY L 451 -57.03 -77.07 36.17
N GLU L 452 -56.47 -76.92 37.37
CA GLU L 452 -57.03 -77.53 38.58
C GLU L 452 -58.40 -76.96 38.94
N TYR L 453 -58.83 -75.93 38.22
CA TYR L 453 -60.16 -75.31 38.44
C TYR L 453 -60.89 -74.94 37.15
N ASP L 454 -60.71 -75.75 36.10
CA ASP L 454 -61.41 -75.53 34.82
C ASP L 454 -62.89 -75.84 34.91
N HIS L 455 -63.25 -76.76 35.81
CA HIS L 455 -64.63 -77.19 35.99
C HIS L 455 -65.47 -76.16 36.73
N LEU L 456 -64.81 -75.29 37.49
CA LEU L 456 -65.49 -74.24 38.26
C LEU L 456 -66.05 -73.14 37.36
N PRO L 457 -67.24 -72.60 37.71
CA PRO L 457 -67.80 -71.46 36.97
C PRO L 457 -66.87 -70.24 37.00
N GLU L 458 -66.81 -69.55 35.87
CA GLU L 458 -65.99 -68.36 35.68
C GLU L 458 -66.18 -67.30 36.79
N GLN L 459 -67.42 -67.13 37.22
CA GLN L 459 -67.77 -66.09 38.20
C GLN L 459 -67.47 -66.46 39.67
N ALA L 460 -66.79 -67.59 39.87
CA ALA L 460 -66.38 -67.99 41.22
C ALA L 460 -65.11 -67.27 41.68
N PHE L 461 -64.33 -66.80 40.70
CA PHE L 461 -62.99 -66.25 40.94
C PHE L 461 -63.01 -64.73 41.10
N TYR L 462 -64.09 -64.13 40.61
CA TYR L 462 -64.36 -62.71 40.71
C TYR L 462 -64.47 -62.25 42.17
N MET L 463 -63.83 -61.12 42.47
CA MET L 463 -63.92 -60.42 43.77
C MET L 463 -63.79 -61.30 45.02
N VAL L 464 -62.73 -62.10 45.06
CA VAL L 464 -62.46 -62.92 46.24
C VAL L 464 -61.00 -62.77 46.70
N GLY L 465 -60.71 -63.35 47.86
CA GLY L 465 -59.35 -63.37 48.40
C GLY L 465 -58.58 -64.56 47.87
N PRO L 466 -58.23 -65.51 48.76
CA PRO L 466 -57.38 -66.66 48.39
C PRO L 466 -58.18 -67.68 47.57
N ILE L 467 -57.51 -68.73 47.10
CA ILE L 467 -58.12 -69.68 46.18
C ILE L 467 -59.23 -70.54 46.80
N GLU L 468 -59.15 -70.78 48.11
CA GLU L 468 -60.19 -71.51 48.84
C GLU L 468 -61.54 -70.80 48.83
N GLU L 469 -61.51 -69.47 48.82
CA GLU L 469 -62.74 -68.66 48.78
C GLU L 469 -63.41 -68.61 47.40
N ALA L 470 -62.74 -69.19 46.41
CA ALA L 470 -63.33 -69.34 45.08
C ALA L 470 -64.09 -70.66 45.00
N VAL L 471 -63.49 -71.72 45.54
CA VAL L 471 -64.17 -73.02 45.72
C VAL L 471 -65.38 -72.82 46.65
N ALA L 472 -65.21 -71.99 47.68
CA ALA L 472 -66.29 -71.58 48.56
C ALA L 472 -67.38 -70.76 47.84
N LYS L 473 -66.96 -69.94 46.88
CA LYS L 473 -67.91 -69.14 46.07
C LYS L 473 -68.62 -69.99 45.02
N ALA L 474 -67.94 -71.02 44.52
CA ALA L 474 -68.52 -71.94 43.54
C ALA L 474 -69.52 -72.93 44.16
N ASP L 475 -69.28 -73.29 45.42
CA ASP L 475 -70.14 -74.23 46.14
C ASP L 475 -71.44 -73.60 46.65
N LYS L 476 -71.45 -72.27 46.81
CA LYS L 476 -72.63 -71.59 47.31
C LYS L 476 -73.59 -71.19 46.18
N LEU L 477 -73.12 -71.28 44.94
CA LEU L 477 -73.94 -70.94 43.78
C LEU L 477 -74.95 -72.04 43.41
N ALA L 478 -75.91 -72.27 44.32
CA ALA L 478 -77.02 -73.22 44.15
C ALA L 478 -76.81 -74.31 43.09
N THR M 13 7.65 -6.53 24.57
CA THR M 13 8.74 -7.08 25.42
C THR M 13 8.27 -8.32 26.18
N THR M 14 8.15 -8.20 27.50
CA THR M 14 7.75 -9.33 28.35
C THR M 14 6.44 -9.05 29.10
N GLY M 15 5.52 -10.00 29.05
CA GLY M 15 4.20 -9.86 29.64
C GLY M 15 3.92 -10.75 30.83
N ARG M 16 2.83 -10.49 31.53
CA ARG M 16 2.45 -11.26 32.72
C ARG M 16 1.00 -11.73 32.57
N ILE M 17 0.75 -13.01 32.90
CA ILE M 17 -0.60 -13.57 32.86
C ILE M 17 -1.40 -12.88 33.96
N VAL M 18 -2.62 -12.45 33.63
CA VAL M 18 -3.53 -11.86 34.62
C VAL M 18 -4.81 -12.66 34.76
N ALA M 19 -5.04 -13.56 33.80
CA ALA M 19 -6.29 -14.30 33.70
C ALA M 19 -6.12 -15.57 32.91
N VAL M 20 -6.69 -16.65 33.44
CA VAL M 20 -6.73 -17.96 32.75
C VAL M 20 -8.12 -18.57 32.86
N ILE M 21 -8.58 -19.20 31.78
CA ILE M 21 -9.79 -20.04 31.82
C ILE M 21 -9.85 -20.91 30.58
N GLY M 22 -9.73 -22.21 30.79
CA GLY M 22 -9.53 -23.14 29.68
C GLY M 22 -8.49 -22.58 28.71
N ALA M 23 -8.79 -22.68 27.41
CA ALA M 23 -7.87 -22.27 26.36
C ALA M 23 -7.50 -20.79 26.36
N VAL M 24 -8.33 -19.97 27.01
CA VAL M 24 -8.22 -18.52 26.91
C VAL M 24 -7.46 -17.92 28.07
N VAL M 25 -6.34 -17.27 27.74
CA VAL M 25 -5.44 -16.67 28.71
C VAL M 25 -5.34 -15.19 28.36
N ASP M 26 -5.46 -14.34 29.39
CA ASP M 26 -5.21 -12.91 29.23
C ASP M 26 -3.79 -12.56 29.66
N VAL M 27 -3.10 -11.72 28.89
CA VAL M 27 -1.71 -11.33 29.19
C VAL M 27 -1.50 -9.82 29.10
N GLN M 28 -1.00 -9.22 30.18
CA GLN M 28 -0.72 -7.78 30.26
C GLN M 28 0.75 -7.49 29.96
N PHE M 29 1.00 -6.55 29.05
CA PHE M 29 2.34 -6.07 28.72
C PHE M 29 2.47 -4.60 29.10
N ASP M 30 3.61 -4.18 29.65
CA ASP M 30 3.79 -2.77 30.02
C ASP M 30 4.24 -1.84 28.87
N GLU M 31 5.25 -2.26 28.13
CA GLU M 31 5.53 -1.67 26.82
C GLU M 31 5.46 -2.79 25.80
N GLY M 32 5.35 -2.42 24.54
CA GLY M 32 5.34 -3.40 23.46
C GLY M 32 4.19 -4.37 23.58
N LEU M 33 3.05 -3.99 23.01
CA LEU M 33 1.90 -4.86 22.95
C LEU M 33 1.92 -5.63 21.61
N PRO M 34 1.89 -6.97 21.68
CA PRO M 34 2.01 -7.79 20.48
C PRO M 34 0.76 -7.78 19.61
N PRO M 35 0.92 -7.50 18.30
CA PRO M 35 -0.19 -7.53 17.35
C PRO M 35 -1.04 -8.81 17.42
N ILE M 36 -2.31 -8.68 17.03
CA ILE M 36 -3.18 -9.83 16.84
C ILE M 36 -2.55 -10.83 15.86
N LEU M 37 -2.65 -12.11 16.23
CA LEU M 37 -2.14 -13.25 15.47
C LEU M 37 -0.74 -13.67 15.88
N ASN M 38 -0.03 -12.78 16.59
CA ASN M 38 1.31 -13.08 17.09
C ASN M 38 1.32 -14.26 18.05
N ALA M 39 2.40 -15.02 17.99
CA ALA M 39 2.56 -16.18 18.87
C ALA M 39 3.40 -15.79 20.09
N LEU M 40 2.87 -16.10 21.27
CA LEU M 40 3.54 -15.78 22.51
C LEU M 40 4.03 -17.05 23.14
N GLU M 41 5.19 -16.97 23.79
CA GLU M 41 5.81 -18.11 24.47
C GLU M 41 5.67 -17.94 25.98
N VAL M 42 4.99 -18.88 26.61
CA VAL M 42 4.87 -18.83 28.05
C VAL M 42 6.14 -19.41 28.61
N GLN M 43 6.75 -18.65 29.52
CA GLN M 43 7.98 -19.03 30.20
C GLN M 43 7.68 -19.83 31.49
N GLY M 44 8.60 -20.70 31.88
CA GLY M 44 8.40 -21.54 33.06
C GLY M 44 7.71 -22.87 32.79
N ARG M 45 7.73 -23.31 31.52
CA ARG M 45 7.07 -24.57 31.12
C ARG M 45 8.05 -25.62 30.56
N GLU M 46 7.78 -26.90 30.87
CA GLU M 46 8.62 -28.03 30.42
C GLU M 46 8.48 -28.29 28.93
N THR M 47 7.27 -28.12 28.41
CA THR M 47 7.00 -28.26 26.99
C THR M 47 6.47 -26.94 26.46
N ARG M 48 6.88 -26.56 25.25
CA ARG M 48 6.53 -25.28 24.65
C ARG M 48 5.03 -25.03 24.64
N LEU M 49 4.61 -23.91 25.26
CA LEU M 49 3.20 -23.52 25.32
C LEU M 49 2.92 -22.18 24.63
N VAL M 50 2.45 -22.26 23.40
CA VAL M 50 2.18 -21.08 22.59
C VAL M 50 0.77 -20.50 22.88
N LEU M 51 0.71 -19.18 23.01
CA LEU M 51 -0.55 -18.45 23.08
C LEU M 51 -0.66 -17.51 21.86
N GLU M 52 -1.76 -17.60 21.13
CA GLU M 52 -1.97 -16.72 19.98
C GLU M 52 -2.74 -15.48 20.37
N VAL M 53 -2.25 -14.31 19.99
CA VAL M 53 -2.97 -13.08 20.31
C VAL M 53 -4.26 -13.08 19.48
N ALA M 54 -5.38 -12.96 20.17
CA ALA M 54 -6.69 -12.97 19.55
C ALA M 54 -7.28 -11.57 19.48
N GLN M 55 -7.32 -10.87 20.61
CA GLN M 55 -7.93 -9.52 20.68
C GLN M 55 -7.07 -8.62 21.55
N HIS M 56 -7.14 -7.30 21.33
CA HIS M 56 -6.59 -6.34 22.30
C HIS M 56 -7.71 -5.86 23.20
N LEU M 57 -7.75 -6.40 24.40
CA LEU M 57 -8.76 -6.03 25.40
C LEU M 57 -8.68 -4.57 25.75
N GLY M 58 -7.53 -3.98 25.51
CA GLY M 58 -7.27 -2.61 25.93
C GLY M 58 -6.61 -2.66 27.29
N GLU M 59 -6.26 -1.49 27.84
CA GLU M 59 -5.48 -1.36 29.08
C GLU M 59 -4.21 -2.22 29.03
N SER M 60 -3.54 -2.20 27.89
CA SER M 60 -2.27 -2.91 27.71
C SER M 60 -2.41 -4.42 27.97
N THR M 61 -3.64 -4.93 27.87
CA THR M 61 -3.93 -6.35 28.05
C THR M 61 -4.38 -6.95 26.71
N VAL M 62 -3.93 -8.16 26.44
CA VAL M 62 -4.32 -8.90 25.22
C VAL M 62 -5.01 -10.21 25.59
N ARG M 63 -6.05 -10.57 24.83
CA ARG M 63 -6.65 -11.88 25.03
C ARG M 63 -6.09 -12.83 24.00
N THR M 64 -5.61 -13.98 24.46
CA THR M 64 -4.94 -14.98 23.63
C THR M 64 -5.61 -16.37 23.71
N ILE M 65 -5.18 -17.28 22.84
CA ILE M 65 -5.68 -18.65 22.77
C ILE M 65 -4.53 -19.67 22.93
N ALA M 66 -4.70 -20.64 23.83
CA ALA M 66 -3.64 -21.62 24.07
C ALA M 66 -3.67 -22.74 23.06
N MET M 67 -2.49 -23.18 22.66
CA MET M 67 -2.35 -24.27 21.70
C MET M 67 -2.02 -25.53 22.45
N ASP M 68 -2.21 -25.49 23.78
CA ASP M 68 -1.98 -26.64 24.65
C ASP M 68 -2.55 -26.39 26.08
N GLY M 69 -2.50 -27.42 26.94
CA GLY M 69 -3.11 -27.37 28.27
C GLY M 69 -2.70 -26.13 29.01
N THR M 70 -3.56 -25.60 29.86
CA THR M 70 -3.14 -24.45 30.67
C THR M 70 -3.13 -24.76 32.14
N GLU M 71 -3.16 -26.04 32.49
CA GLU M 71 -3.02 -26.45 33.88
C GLU M 71 -1.58 -26.16 34.31
N GLY M 72 -1.42 -25.59 35.49
CA GLY M 72 -0.09 -25.19 35.91
C GLY M 72 0.07 -23.69 35.89
N LEU M 73 -0.53 -23.02 34.91
CA LEU M 73 -0.33 -21.57 34.79
C LEU M 73 -0.79 -20.81 36.03
N VAL M 74 0.05 -19.88 36.46
CA VAL M 74 -0.25 -19.00 37.60
C VAL M 74 -0.37 -17.55 37.16
N ARG M 75 -1.25 -16.79 37.79
CA ARG M 75 -1.21 -15.33 37.58
C ARG M 75 0.19 -14.82 37.98
N GLY M 76 0.69 -13.85 37.22
CA GLY M 76 2.05 -13.38 37.37
C GLY M 76 3.03 -14.02 36.40
N GLN M 77 2.75 -15.26 35.99
CA GLN M 77 3.66 -16.03 35.14
C GLN M 77 3.99 -15.25 33.87
N LYS M 78 5.24 -15.35 33.44
CA LYS M 78 5.79 -14.49 32.39
C LYS M 78 5.52 -15.02 30.98
N VAL M 79 5.40 -14.11 30.02
CA VAL M 79 5.21 -14.47 28.61
C VAL M 79 6.06 -13.59 27.71
N LEU M 80 6.65 -14.18 26.67
CA LEU M 80 7.46 -13.44 25.69
C LEU M 80 6.79 -13.40 24.33
N ASP M 81 6.79 -12.24 23.70
CA ASP M 81 6.37 -12.13 22.30
C ASP M 81 7.38 -12.82 21.37
N SER M 82 6.88 -13.62 20.43
CA SER M 82 7.79 -14.23 19.45
C SER M 82 8.11 -13.25 18.31
N GLY M 83 7.31 -12.19 18.21
CA GLY M 83 7.48 -11.19 17.16
C GLY M 83 6.77 -11.56 15.88
N ALA M 84 6.33 -12.81 15.79
CA ALA M 84 5.51 -13.27 14.67
C ALA M 84 4.38 -14.21 15.12
N PRO M 85 3.44 -14.54 14.20
CA PRO M 85 2.49 -15.63 14.42
C PRO M 85 3.19 -16.98 14.50
N ILE M 86 2.51 -18.00 15.05
CA ILE M 86 2.98 -19.39 14.98
C ILE M 86 3.63 -19.69 13.63
N ARG M 87 4.89 -20.11 13.67
CA ARG M 87 5.62 -20.45 12.47
C ARG M 87 5.95 -21.95 12.44
N ILE M 88 5.86 -22.54 11.25
CA ILE M 88 6.00 -23.97 11.13
C ILE M 88 6.93 -24.38 9.98
N PRO M 89 7.69 -25.47 10.18
CA PRO M 89 8.49 -26.00 9.09
C PRO M 89 7.64 -26.21 7.85
N VAL M 90 8.18 -25.79 6.71
CA VAL M 90 7.59 -26.08 5.40
C VAL M 90 8.72 -26.48 4.48
N GLY M 91 8.38 -27.22 3.43
CA GLY M 91 9.39 -27.70 2.50
C GLY M 91 9.50 -29.21 2.46
N PRO M 92 10.55 -29.73 1.80
CA PRO M 92 10.63 -31.17 1.51
C PRO M 92 10.83 -32.07 2.75
N GLU M 93 11.44 -31.55 3.82
CA GLU M 93 11.66 -32.40 5.01
C GLU M 93 10.46 -32.55 5.95
N THR M 94 9.31 -32.01 5.57
CA THR M 94 8.07 -32.24 6.31
C THR M 94 7.51 -33.60 5.92
N LEU M 95 7.84 -34.02 4.70
CA LEU M 95 7.46 -35.31 4.12
C LEU M 95 7.92 -36.52 4.92
N GLY M 96 7.00 -37.42 5.24
CA GLY M 96 7.27 -38.59 6.06
C GLY M 96 7.27 -38.31 7.56
N ARG M 97 7.10 -37.05 7.92
CA ARG M 97 7.14 -36.64 9.32
C ARG M 97 5.77 -36.30 9.80
N ILE M 98 5.53 -36.51 11.08
CA ILE M 98 4.30 -36.06 11.71
C ILE M 98 4.65 -34.86 12.59
N MET M 99 3.97 -33.73 12.34
CA MET M 99 4.09 -32.51 13.17
C MET M 99 2.78 -32.15 13.84
N ASN M 100 2.83 -31.35 14.90
CA ASN M 100 1.58 -30.89 15.54
C ASN M 100 1.19 -29.49 15.08
N VAL M 101 0.18 -28.90 15.71
CA VAL M 101 -0.21 -27.50 15.45
C VAL M 101 0.93 -26.53 15.29
N ILE M 102 1.92 -26.59 16.18
CA ILE M 102 2.99 -25.60 16.18
C ILE M 102 4.26 -26.04 15.45
N GLY M 103 4.18 -27.13 14.70
CA GLY M 103 5.30 -27.57 13.88
C GLY M 103 6.30 -28.45 14.59
N GLU M 104 6.05 -28.73 15.86
CA GLU M 104 6.91 -29.65 16.62
C GLU M 104 6.83 -31.06 16.10
N PRO M 105 7.99 -31.73 15.92
CA PRO M 105 7.93 -33.12 15.53
C PRO M 105 7.19 -33.92 16.60
N ILE M 106 6.33 -34.84 16.18
CA ILE M 106 5.64 -35.73 17.12
C ILE M 106 5.78 -37.19 16.74
N ASP M 107 6.82 -37.52 15.96
CA ASP M 107 7.12 -38.92 15.61
C ASP M 107 8.35 -39.54 16.29
N GLU M 108 8.97 -38.76 17.18
CA GLU M 108 10.25 -39.11 17.84
C GLU M 108 11.38 -39.44 16.84
N ARG M 109 11.48 -38.65 15.78
CA ARG M 109 12.54 -38.82 14.80
C ARG M 109 13.48 -37.59 14.74
N GLY M 110 13.36 -36.74 15.76
CA GLY M 110 14.29 -35.63 15.98
C GLY M 110 13.81 -34.29 15.48
N PRO M 111 14.74 -33.34 15.28
CA PRO M 111 14.36 -32.03 14.73
C PRO M 111 13.89 -32.17 13.30
N ILE M 112 13.06 -31.22 12.83
CA ILE M 112 12.74 -31.12 11.41
C ILE M 112 13.53 -29.93 10.89
N LYS M 113 14.58 -30.20 10.12
CA LYS M 113 15.49 -29.15 9.68
C LYS M 113 15.25 -28.68 8.25
N THR M 114 14.26 -27.79 8.11
CA THR M 114 14.00 -27.10 6.85
C THR M 114 14.79 -25.81 6.76
N LYS M 115 14.97 -25.36 5.52
CA LYS M 115 15.46 -24.04 5.19
C LYS M 115 14.37 -23.02 5.46
N GLN M 116 13.16 -23.31 4.98
CA GLN M 116 12.05 -22.37 5.03
C GLN M 116 11.17 -22.60 6.25
N PHE M 117 10.53 -21.52 6.68
CA PHE M 117 9.42 -21.59 7.62
C PHE M 117 8.27 -20.76 7.05
N ALA M 118 7.05 -21.12 7.39
CA ALA M 118 5.92 -20.29 7.01
C ALA M 118 5.05 -20.01 8.22
N ALA M 119 4.31 -18.91 8.16
CA ALA M 119 3.29 -18.60 9.16
C ALA M 119 1.99 -19.38 8.87
N ILE M 120 1.35 -19.89 9.93
CA ILE M 120 0.08 -20.58 9.73
C ILE M 120 -1.05 -19.63 9.30
N HIS M 121 -0.86 -18.32 9.50
CA HIS M 121 -1.84 -17.32 9.02
C HIS M 121 -1.35 -16.57 7.79
N ALA M 122 -2.08 -16.70 6.71
CA ALA M 122 -1.81 -15.94 5.51
C ALA M 122 -3.16 -15.47 4.97
N GLU M 123 -3.15 -14.50 4.08
CA GLU M 123 -4.38 -14.10 3.40
C GLU M 123 -4.66 -15.04 2.23
N ALA M 124 -5.93 -15.20 1.86
CA ALA M 124 -6.32 -16.15 0.85
C ALA M 124 -5.94 -15.62 -0.53
N PRO M 125 -5.54 -16.52 -1.45
CA PRO M 125 -5.18 -16.09 -2.80
C PRO M 125 -6.19 -15.08 -3.37
N GLU M 126 -5.69 -14.10 -4.13
CA GLU M 126 -6.53 -13.01 -4.63
C GLU M 126 -7.42 -13.51 -5.75
N PHE M 127 -8.41 -12.69 -6.12
CA PHE M 127 -9.29 -13.05 -7.24
C PHE M 127 -8.53 -13.34 -8.54
N VAL M 128 -7.49 -12.55 -8.85
CA VAL M 128 -6.70 -12.72 -10.08
C VAL M 128 -5.89 -14.01 -10.10
N GLU M 129 -5.72 -14.61 -8.92
CA GLU M 129 -4.97 -15.85 -8.78
C GLU M 129 -5.82 -17.11 -9.03
N MET M 130 -7.12 -16.95 -9.22
CA MET M 130 -8.01 -18.10 -9.46
C MET M 130 -7.77 -18.79 -10.80
N SER M 131 -8.08 -20.07 -10.85
CA SER M 131 -7.91 -20.86 -12.04
C SER M 131 -9.28 -21.26 -12.55
N VAL M 132 -9.44 -21.28 -13.87
CA VAL M 132 -10.76 -21.51 -14.49
C VAL M 132 -10.93 -22.93 -15.03
N GLU M 133 -9.90 -23.75 -14.86
CA GLU M 133 -9.85 -25.08 -15.48
C GLU M 133 -10.75 -26.04 -14.73
N GLN M 134 -11.53 -26.81 -15.49
CA GLN M 134 -12.40 -27.82 -14.93
C GLN M 134 -12.25 -29.15 -15.66
N GLU M 135 -11.69 -30.11 -14.96
CA GLU M 135 -11.29 -31.38 -15.53
C GLU M 135 -11.68 -32.48 -14.56
N ILE M 136 -12.40 -33.48 -15.05
CA ILE M 136 -12.90 -34.58 -14.21
C ILE M 136 -11.78 -35.38 -13.56
N LEU M 137 -12.01 -35.78 -12.31
CA LEU M 137 -11.11 -36.73 -11.64
C LEU M 137 -11.87 -38.03 -11.39
N VAL M 138 -11.58 -39.04 -12.21
CA VAL M 138 -12.17 -40.38 -12.09
C VAL M 138 -11.69 -41.05 -10.80
N THR M 139 -12.61 -41.42 -9.92
CA THR M 139 -12.24 -42.08 -8.66
C THR M 139 -12.39 -43.61 -8.65
N GLY M 140 -13.08 -44.17 -9.64
CA GLY M 140 -13.39 -45.59 -9.63
C GLY M 140 -14.62 -45.97 -8.79
N ILE M 141 -15.14 -45.03 -8.01
CA ILE M 141 -16.36 -45.27 -7.24
C ILE M 141 -17.56 -44.94 -8.12
N LYS M 142 -18.44 -45.91 -8.32
CA LYS M 142 -19.60 -45.74 -9.21
C LYS M 142 -20.46 -44.51 -8.92
N VAL M 143 -20.99 -44.40 -7.70
CA VAL M 143 -21.93 -43.30 -7.37
C VAL M 143 -21.32 -41.95 -7.70
N VAL M 144 -20.09 -41.73 -7.18
CA VAL M 144 -19.37 -40.47 -7.32
C VAL M 144 -19.10 -40.17 -8.80
N ASP M 145 -18.43 -41.10 -9.50
CA ASP M 145 -18.05 -40.91 -10.89
C ASP M 145 -19.24 -40.56 -11.77
N LEU M 146 -20.40 -41.14 -11.46
CA LEU M 146 -21.56 -40.99 -12.31
C LEU M 146 -22.36 -39.74 -11.98
N LEU M 147 -22.91 -39.65 -10.76
CA LEU M 147 -23.88 -38.61 -10.43
C LEU M 147 -23.27 -37.28 -10.03
N ALA M 148 -22.12 -37.31 -9.36
CA ALA M 148 -21.49 -36.10 -8.85
C ALA M 148 -19.96 -36.17 -8.84
N PRO M 149 -19.34 -36.30 -10.04
CA PRO M 149 -17.89 -36.57 -10.13
C PRO M 149 -17.00 -35.46 -9.56
N TYR M 150 -15.81 -35.84 -9.08
CA TYR M 150 -14.82 -34.89 -8.59
C TYR M 150 -14.02 -34.28 -9.77
N ALA M 151 -13.19 -33.27 -9.47
CA ALA M 151 -12.47 -32.51 -10.50
C ALA M 151 -11.07 -32.21 -10.04
N LYS M 152 -10.09 -32.39 -10.93
CA LYS M 152 -8.68 -32.15 -10.62
C LYS M 152 -8.44 -30.72 -10.15
N GLY M 153 -7.94 -30.58 -8.93
CA GLY M 153 -7.69 -29.28 -8.32
C GLY M 153 -8.94 -28.64 -7.78
N GLY M 154 -9.97 -29.45 -7.58
CA GLY M 154 -11.26 -28.97 -7.12
C GLY M 154 -11.43 -29.20 -5.63
N LYS M 155 -12.53 -28.71 -5.09
CA LYS M 155 -12.81 -28.95 -3.70
C LYS M 155 -13.92 -29.98 -3.59
N ILE M 156 -13.60 -31.03 -2.84
CA ILE M 156 -14.47 -32.18 -2.59
C ILE M 156 -14.80 -32.14 -1.10
N GLY M 157 -16.04 -32.46 -0.73
CA GLY M 157 -16.42 -32.50 0.66
C GLY M 157 -17.21 -33.75 0.96
N LEU M 158 -16.86 -34.42 2.06
CA LEU M 158 -17.53 -35.67 2.43
C LEU M 158 -18.43 -35.51 3.66
N PHE M 159 -19.73 -35.37 3.43
CA PHE M 159 -20.70 -35.14 4.52
C PHE M 159 -21.21 -36.41 5.14
N GLY M 160 -21.27 -36.47 6.47
CA GLY M 160 -21.87 -37.64 7.09
C GLY M 160 -21.97 -37.61 8.59
N GLY M 161 -23.11 -38.10 9.10
CA GLY M 161 -23.31 -38.22 10.53
C GLY M 161 -22.38 -39.27 11.15
N ALA M 162 -22.48 -39.44 12.46
CA ALA M 162 -21.65 -40.37 13.21
C ALA M 162 -21.71 -41.79 12.65
N GLY M 163 -20.57 -42.29 12.20
CA GLY M 163 -20.42 -43.69 11.86
C GLY M 163 -20.96 -44.13 10.51
N VAL M 164 -21.24 -43.18 9.61
CA VAL M 164 -21.91 -43.53 8.34
C VAL M 164 -20.95 -43.77 7.16
N GLY M 165 -19.66 -43.57 7.36
CA GLY M 165 -18.70 -43.92 6.34
C GLY M 165 -17.79 -42.84 5.79
N LYS M 166 -17.55 -41.79 6.56
CA LYS M 166 -16.76 -40.64 6.11
C LYS M 166 -15.30 -41.04 5.87
N THR M 167 -14.70 -41.69 6.88
CA THR M 167 -13.29 -41.96 6.88
C THR M 167 -12.93 -43.14 6.02
N VAL M 168 -13.81 -44.13 5.94
CA VAL M 168 -13.68 -45.23 4.97
C VAL M 168 -13.64 -44.67 3.54
N LEU M 169 -14.53 -43.71 3.25
CA LEU M 169 -14.59 -43.09 1.92
C LEU M 169 -13.29 -42.36 1.60
N ILE M 170 -12.78 -41.58 2.56
CA ILE M 170 -11.49 -40.87 2.40
C ILE M 170 -10.29 -41.82 2.29
N MET M 171 -10.27 -42.88 3.09
CA MET M 171 -9.19 -43.85 2.99
C MET M 171 -9.27 -44.50 1.63
N GLU M 172 -10.47 -44.86 1.20
CA GLU M 172 -10.62 -45.50 -0.10
C GLU M 172 -10.13 -44.57 -1.20
N LEU M 173 -10.39 -43.28 -1.06
CA LEU M 173 -9.98 -42.32 -2.09
C LEU M 173 -8.46 -42.21 -2.16
N ILE M 174 -7.82 -42.19 -0.98
CA ILE M 174 -6.36 -42.17 -0.92
C ILE M 174 -5.79 -43.37 -1.68
N ASN M 175 -6.38 -44.54 -1.45
CA ASN M 175 -5.98 -45.72 -2.20
C ASN M 175 -6.18 -45.49 -3.70
N ASN M 176 -7.39 -45.11 -4.08
CA ASN M 176 -7.78 -45.04 -5.49
C ASN M 176 -7.25 -43.83 -6.28
N VAL M 177 -6.79 -42.79 -5.59
CA VAL M 177 -6.40 -41.53 -6.24
C VAL M 177 -4.94 -41.14 -5.97
N ALA M 178 -4.52 -41.22 -4.70
CA ALA M 178 -3.17 -40.83 -4.32
C ALA M 178 -2.08 -41.67 -4.98
N LYS M 179 -2.04 -42.97 -4.66
CA LYS M 179 -1.01 -43.89 -5.18
C LYS M 179 -0.57 -43.57 -6.63
N ALA M 180 -1.54 -43.53 -7.55
CA ALA M 180 -1.27 -43.23 -8.95
C ALA M 180 -1.34 -41.72 -9.21
N HIS M 181 -0.47 -40.99 -8.51
CA HIS M 181 -0.38 -39.53 -8.63
C HIS M 181 1.03 -39.05 -8.25
N GLY M 182 1.78 -38.62 -9.26
CA GLY M 182 3.17 -38.18 -9.09
C GLY M 182 3.28 -36.78 -8.55
N GLY M 183 2.87 -36.61 -7.29
CA GLY M 183 2.96 -35.33 -6.60
C GLY M 183 3.16 -35.57 -5.11
N TYR M 184 2.92 -34.54 -4.31
CA TYR M 184 2.96 -34.71 -2.87
C TYR M 184 1.54 -34.64 -2.32
N SER M 185 1.36 -35.16 -1.10
CA SER M 185 0.05 -35.13 -0.47
C SER M 185 0.20 -34.67 0.96
N VAL M 186 -0.82 -34.00 1.47
CA VAL M 186 -0.85 -33.68 2.89
C VAL M 186 -2.12 -34.25 3.51
N PHE M 187 -1.96 -35.01 4.60
CA PHE M 187 -3.10 -35.46 5.42
C PHE M 187 -3.14 -34.74 6.77
N ALA M 188 -4.15 -33.90 6.95
CA ALA M 188 -4.36 -33.20 8.22
C ALA M 188 -5.45 -33.84 9.09
N GLY M 189 -5.03 -34.59 10.10
CA GLY M 189 -5.92 -35.17 11.09
C GLY M 189 -6.40 -34.04 11.98
N VAL M 190 -7.69 -33.72 11.87
CA VAL M 190 -8.26 -32.62 12.63
C VAL M 190 -9.32 -33.12 13.59
N GLY M 191 -9.02 -33.02 14.87
CA GLY M 191 -10.00 -33.38 15.93
C GLY M 191 -10.54 -34.79 15.91
N GLU M 192 -10.01 -35.64 15.05
CA GLU M 192 -10.43 -37.03 14.97
C GLU M 192 -9.63 -37.92 15.91
N ARG M 193 -9.55 -39.22 15.60
CA ARG M 193 -9.05 -40.22 16.57
C ARG M 193 -7.55 -40.35 16.53
N THR M 194 -6.92 -40.49 17.69
CA THR M 194 -5.48 -40.73 17.69
C THR M 194 -5.09 -42.11 17.11
N ARG M 195 -5.90 -43.14 17.35
CA ARG M 195 -5.56 -44.46 16.82
C ARG M 195 -5.77 -44.56 15.32
N GLU M 196 -6.48 -43.58 14.77
CA GLU M 196 -6.66 -43.49 13.33
C GLU M 196 -5.38 -43.00 12.73
N GLY M 197 -4.77 -42.02 13.40
CA GLY M 197 -3.45 -41.51 13.09
C GLY M 197 -2.49 -42.67 13.06
N ASN M 198 -2.42 -43.41 14.15
CA ASN M 198 -1.58 -44.59 14.23
C ASN M 198 -1.83 -45.58 13.09
N ASP M 199 -3.10 -45.78 12.74
CA ASP M 199 -3.43 -46.67 11.62
C ASP M 199 -2.89 -46.11 10.30
N LEU M 200 -3.09 -44.82 10.07
CA LEU M 200 -2.68 -44.25 8.81
C LEU M 200 -1.15 -44.26 8.64
N TYR M 201 -0.42 -43.97 9.72
CA TYR M 201 1.04 -43.82 9.68
C TYR M 201 1.74 -45.11 9.28
N HIS M 202 1.35 -46.21 9.91
CA HIS M 202 1.94 -47.51 9.62
C HIS M 202 1.45 -48.08 8.31
N GLU M 203 0.18 -47.79 7.96
CA GLU M 203 -0.36 -48.18 6.66
C GLU M 203 0.56 -47.66 5.58
N MET M 204 0.89 -46.37 5.70
CA MET M 204 1.74 -45.71 4.74
C MET M 204 3.17 -46.25 4.77
N ILE M 205 3.66 -46.62 5.96
CA ILE M 205 4.99 -47.24 6.10
C ILE M 205 5.00 -48.64 5.44
N GLU M 206 3.93 -49.40 5.68
CA GLU M 206 3.76 -50.71 5.08
C GLU M 206 3.72 -50.62 3.54
N SER M 207 3.03 -49.60 3.01
CA SER M 207 2.90 -49.44 1.58
C SER M 207 4.07 -48.63 0.98
N GLY M 208 4.92 -48.10 1.85
CA GLY M 208 6.11 -47.36 1.45
C GLY M 208 5.87 -46.00 0.79
N VAL M 209 4.67 -45.43 0.98
CA VAL M 209 4.42 -44.06 0.53
C VAL M 209 5.06 -43.13 1.56
N ILE M 210 5.22 -43.65 2.77
CA ILE M 210 6.16 -43.11 3.72
C ILE M 210 7.33 -44.10 3.83
N ASN M 211 8.55 -43.59 3.75
CA ASN M 211 9.74 -44.38 3.92
C ASN M 211 10.63 -43.79 5.02
N LEU M 212 11.05 -44.61 5.96
CA LEU M 212 11.76 -44.07 7.12
C LEU M 212 13.29 -44.00 6.98
N LYS M 213 13.82 -44.46 5.85
CA LYS M 213 15.27 -44.50 5.62
C LYS M 213 15.63 -43.78 4.33
N ASP M 214 14.64 -43.61 3.46
CA ASP M 214 14.81 -42.93 2.18
C ASP M 214 14.54 -41.46 2.31
N ALA M 215 14.62 -40.77 1.18
CA ALA M 215 14.07 -39.44 1.01
C ALA M 215 12.79 -39.54 0.16
N THR M 216 12.28 -40.77 0.00
CA THR M 216 11.24 -41.01 -0.98
C THR M 216 9.81 -40.89 -0.47
N SER M 217 9.62 -40.34 0.74
CA SER M 217 8.28 -40.10 1.27
C SER M 217 7.47 -39.17 0.37
N LYS M 218 6.16 -39.38 0.33
CA LYS M 218 5.26 -38.67 -0.58
C LYS M 218 4.09 -37.93 0.11
N VAL M 219 3.94 -38.17 1.41
CA VAL M 219 2.89 -37.55 2.24
C VAL M 219 3.49 -36.87 3.49
N ALA M 220 2.97 -35.69 3.86
CA ALA M 220 3.36 -35.05 5.13
C ALA M 220 2.19 -35.02 6.11
N LEU M 221 2.39 -35.48 7.32
CA LEU M 221 1.27 -35.57 8.24
C LEU M 221 1.25 -34.47 9.30
N VAL M 222 0.07 -33.88 9.46
CA VAL M 222 -0.19 -32.88 10.46
C VAL M 222 -1.36 -33.44 11.29
N TYR M 223 -1.22 -33.43 12.62
CA TYR M 223 -2.23 -34.04 13.50
C TYR M 223 -2.48 -33.21 14.75
N GLY M 224 -3.76 -32.96 15.01
CA GLY M 224 -4.26 -32.37 16.25
C GLY M 224 -5.60 -33.00 16.58
N GLN M 225 -5.53 -34.21 17.16
CA GLN M 225 -6.71 -35.08 17.39
C GLN M 225 -7.56 -34.78 18.63
N MET M 226 -8.57 -35.61 18.90
CA MET M 226 -9.62 -35.26 19.90
C MET M 226 -9.19 -35.38 21.35
N ASN M 227 -7.88 -35.46 21.56
CA ASN M 227 -7.26 -35.42 22.88
C ASN M 227 -6.71 -34.03 23.16
N GLU M 228 -6.61 -33.23 22.09
CA GLU M 228 -6.05 -31.89 22.14
C GLU M 228 -7.07 -30.88 22.64
N PRO M 229 -6.61 -29.81 23.31
CA PRO M 229 -7.59 -28.81 23.71
C PRO M 229 -8.07 -27.95 22.49
N PRO M 230 -9.12 -27.13 22.67
CA PRO M 230 -9.79 -26.47 21.56
C PRO M 230 -8.91 -25.62 20.64
N GLY M 231 -8.03 -24.82 21.22
CA GLY M 231 -7.08 -24.01 20.44
C GLY M 231 -6.31 -24.80 19.40
N ALA M 232 -5.78 -25.94 19.83
CA ALA M 232 -4.98 -26.77 18.95
C ALA M 232 -5.86 -27.22 17.81
N ARG M 233 -7.02 -27.78 18.16
CA ARG M 233 -8.00 -28.24 17.16
C ARG M 233 -8.48 -27.12 16.25
N ALA M 234 -8.63 -25.92 16.80
CA ALA M 234 -9.07 -24.77 16.02
C ALA M 234 -8.04 -24.32 15.02
N ARG M 235 -6.79 -24.76 15.22
CA ARG M 235 -5.66 -24.30 14.42
C ARG M 235 -4.99 -25.37 13.54
N VAL M 236 -5.04 -26.64 13.95
CA VAL M 236 -4.33 -27.68 13.19
C VAL M 236 -4.63 -27.67 11.70
N ALA M 237 -5.88 -27.36 11.34
CA ALA M 237 -6.23 -27.25 9.91
C ALA M 237 -5.38 -26.20 9.20
N LEU M 238 -5.02 -25.12 9.92
CA LEU M 238 -4.17 -24.07 9.37
C LEU M 238 -2.77 -24.59 9.11
N THR M 239 -2.25 -25.33 10.09
CA THR M 239 -0.93 -25.91 9.95
C THR M 239 -0.85 -26.83 8.73
N GLY M 240 -1.71 -27.85 8.71
CA GLY M 240 -1.76 -28.80 7.60
C GLY M 240 -1.96 -28.10 6.27
N LEU M 241 -2.83 -27.11 6.30
CA LEU M 241 -3.13 -26.26 5.16
C LEU M 241 -1.86 -25.55 4.67
N THR M 242 -1.18 -24.88 5.59
CA THR M 242 0.07 -24.18 5.34
C THR M 242 1.10 -25.08 4.68
N VAL M 243 1.31 -26.27 5.23
CA VAL M 243 2.17 -27.26 4.59
C VAL M 243 1.78 -27.45 3.12
N ALA M 244 0.48 -27.49 2.83
CA ALA M 244 0.03 -27.71 1.45
C ALA M 244 0.26 -26.50 0.58
N GLU M 245 0.22 -25.31 1.17
CA GLU M 245 0.43 -24.08 0.40
C GLU M 245 1.83 -24.04 -0.16
N TYR M 246 2.83 -24.27 0.71
CA TYR M 246 4.21 -24.35 0.28
C TYR M 246 4.34 -25.17 -1.00
N PHE M 247 3.90 -26.42 -0.95
CA PHE M 247 4.10 -27.31 -2.09
C PHE M 247 3.41 -26.81 -3.37
N ARG M 248 2.24 -26.19 -3.21
CA ARG M 248 1.46 -25.68 -4.34
C ARG M 248 2.18 -24.50 -4.98
N ASP M 249 2.68 -23.60 -4.14
CA ASP M 249 3.35 -22.40 -4.57
C ASP M 249 4.81 -22.67 -4.92
N GLN M 250 5.63 -22.93 -3.90
CA GLN M 250 7.10 -23.01 -4.04
C GLN M 250 7.56 -24.28 -4.75
N GLU M 251 6.73 -24.76 -5.67
CA GLU M 251 7.02 -25.95 -6.48
C GLU M 251 6.18 -25.87 -7.76
N GLY M 252 5.00 -25.27 -7.64
CA GLY M 252 4.01 -25.18 -8.72
C GLY M 252 3.27 -26.50 -8.97
N GLN M 253 3.33 -27.39 -7.99
CA GLN M 253 3.05 -28.82 -8.21
C GLN M 253 1.59 -29.27 -8.05
N ASP M 254 1.36 -30.56 -8.29
CA ASP M 254 0.05 -31.19 -8.09
C ASP M 254 -0.03 -31.75 -6.67
N VAL M 255 -0.69 -31.01 -5.79
CA VAL M 255 -0.80 -31.40 -4.39
C VAL M 255 -2.20 -31.92 -4.04
N LEU M 256 -2.23 -33.00 -3.25
CA LEU M 256 -3.47 -33.49 -2.65
C LEU M 256 -3.51 -33.18 -1.17
N LEU M 257 -4.67 -32.70 -0.71
CA LEU M 257 -4.89 -32.47 0.71
C LEU M 257 -6.13 -33.20 1.20
N PHE M 258 -5.93 -34.09 2.16
CA PHE M 258 -7.03 -34.78 2.84
C PHE M 258 -7.12 -34.27 4.26
N ILE M 259 -8.27 -33.75 4.63
CA ILE M 259 -8.52 -33.37 6.01
C ILE M 259 -9.62 -34.25 6.60
N ASP M 260 -9.33 -34.80 7.77
CA ASP M 260 -10.37 -35.49 8.52
C ASP M 260 -10.12 -35.17 9.97
N ASN M 261 -10.93 -34.28 10.55
CA ASN M 261 -12.21 -33.85 9.98
C ASN M 261 -12.38 -32.35 10.11
N ILE M 262 -12.81 -31.67 9.05
CA ILE M 262 -12.85 -30.20 9.06
C ILE M 262 -13.91 -29.58 9.99
N PHE M 263 -15.01 -30.29 10.22
CA PHE M 263 -16.03 -29.84 11.16
C PHE M 263 -15.40 -29.53 12.50
N ARG M 264 -14.41 -30.34 12.87
CA ARG M 264 -13.76 -30.25 14.18
C ARG M 264 -13.13 -28.87 14.42
N PHE M 265 -12.84 -28.17 13.32
CA PHE M 265 -12.29 -26.80 13.35
C PHE M 265 -13.32 -25.79 13.87
N THR M 266 -14.56 -25.91 13.38
CA THR M 266 -15.64 -25.01 13.75
C THR M 266 -16.14 -25.34 15.16
N GLN M 267 -16.30 -26.63 15.44
CA GLN M 267 -16.61 -27.11 16.79
C GLN M 267 -15.58 -26.60 17.78
N ALA M 268 -14.29 -26.80 17.47
CA ALA M 268 -13.22 -26.21 18.26
C ALA M 268 -13.46 -24.70 18.42
N GLY M 269 -13.67 -24.01 17.30
CA GLY M 269 -14.04 -22.60 17.27
C GLY M 269 -15.11 -22.30 18.31
N SER M 270 -16.22 -23.04 18.20
CA SER M 270 -17.33 -23.03 19.17
C SER M 270 -16.91 -23.00 20.64
N GLU M 271 -16.02 -23.92 21.03
CA GLU M 271 -15.57 -24.08 22.43
C GLU M 271 -14.82 -22.90 23.08
N VAL M 272 -14.12 -22.09 22.29
CA VAL M 272 -13.30 -21.00 22.85
C VAL M 272 -14.08 -19.70 22.82
N SER M 273 -15.11 -19.68 21.97
CA SER M 273 -15.87 -18.46 21.68
C SER M 273 -16.68 -18.04 22.88
N ALA M 274 -17.06 -19.02 23.68
CA ALA M 274 -17.73 -18.77 24.96
C ALA M 274 -16.72 -18.06 25.91
N LEU M 275 -15.56 -18.67 26.07
CA LEU M 275 -14.45 -18.13 26.89
C LEU M 275 -13.94 -16.76 26.43
N LEU M 276 -13.87 -16.55 25.11
CA LEU M 276 -13.52 -15.26 24.51
C LEU M 276 -14.51 -14.13 24.87
N GLY M 277 -15.67 -14.51 25.41
CA GLY M 277 -16.71 -13.55 25.75
C GLY M 277 -17.45 -12.91 24.57
N ARG M 278 -17.75 -13.70 23.53
CA ARG M 278 -18.65 -13.28 22.45
C ARG M 278 -20.11 -13.58 22.80
N ILE M 279 -21.04 -12.78 22.27
CA ILE M 279 -22.47 -13.14 22.30
C ILE M 279 -22.64 -14.28 21.30
N PRO M 280 -23.18 -15.43 21.75
CA PRO M 280 -23.26 -16.58 20.84
C PRO M 280 -24.29 -16.34 19.78
N SER M 281 -24.07 -16.97 18.63
CA SER M 281 -25.03 -16.97 17.53
C SER M 281 -26.00 -18.16 17.62
N ALA M 282 -26.49 -18.59 16.46
CA ALA M 282 -27.46 -19.66 16.33
C ALA M 282 -26.93 -21.00 16.87
N VAL M 283 -27.79 -21.71 17.60
CA VAL M 283 -27.48 -23.05 18.12
C VAL M 283 -26.24 -23.09 19.03
N GLY M 284 -25.93 -21.95 19.66
CA GLY M 284 -24.75 -21.82 20.52
C GLY M 284 -23.41 -21.52 19.84
N TYR M 285 -23.37 -21.56 18.51
CA TYR M 285 -22.11 -21.42 17.78
C TYR M 285 -21.52 -20.02 17.89
N GLN M 286 -20.30 -19.87 17.39
CA GLN M 286 -19.60 -18.59 17.38
C GLN M 286 -20.23 -17.68 16.33
N PRO M 287 -20.50 -16.42 16.67
CA PRO M 287 -21.05 -15.56 15.64
C PRO M 287 -20.08 -15.30 14.50
N THR M 288 -18.82 -15.71 14.66
CA THR M 288 -17.81 -15.58 13.59
C THR M 288 -17.71 -16.82 12.71
N LEU M 289 -18.66 -17.75 12.87
CA LEU M 289 -18.61 -19.07 12.23
C LEU M 289 -18.26 -19.05 10.74
N ALA M 290 -18.97 -18.22 9.98
CA ALA M 290 -18.86 -18.17 8.52
C ALA M 290 -17.56 -17.53 8.03
N THR M 291 -17.19 -16.39 8.63
CA THR M 291 -15.98 -15.68 8.20
C THR M 291 -14.73 -16.43 8.67
N ASP M 292 -14.77 -16.95 9.91
CA ASP M 292 -13.74 -17.88 10.39
C ASP M 292 -13.54 -18.95 9.33
N MET M 293 -14.61 -19.67 9.00
CA MET M 293 -14.52 -20.76 8.03
C MET M 293 -14.04 -20.26 6.66
N GLY M 294 -14.61 -19.13 6.23
CA GLY M 294 -14.30 -18.55 4.94
C GLY M 294 -12.83 -18.23 4.78
N THR M 295 -12.22 -17.57 5.80
CA THR M 295 -10.81 -17.19 5.72
C THR M 295 -9.92 -18.42 5.72
N MET M 296 -10.34 -19.45 6.44
CA MET M 296 -9.69 -20.73 6.40
C MET M 296 -9.90 -21.45 5.05
N GLN M 297 -11.14 -21.67 4.64
CA GLN M 297 -11.38 -22.43 3.39
C GLN M 297 -10.81 -21.77 2.09
N GLU M 298 -10.91 -20.43 1.99
CA GLU M 298 -10.44 -19.75 0.76
C GLU M 298 -8.95 -19.97 0.50
N ARG M 299 -8.25 -20.45 1.53
CA ARG M 299 -6.85 -20.80 1.36
C ARG M 299 -6.68 -22.18 0.74
N ILE M 300 -7.71 -22.99 0.82
CA ILE M 300 -7.63 -24.38 0.36
C ILE M 300 -8.08 -24.40 -1.08
N THR M 301 -7.18 -24.03 -1.99
CA THR M 301 -7.58 -23.75 -3.36
C THR M 301 -6.47 -23.93 -4.40
N THR M 302 -6.88 -24.29 -5.61
CA THR M 302 -6.03 -24.26 -6.78
C THR M 302 -5.82 -22.79 -7.12
N THR M 303 -4.58 -22.44 -7.47
CA THR M 303 -4.29 -21.12 -8.02
C THR M 303 -3.63 -21.31 -9.36
N LYS M 304 -3.50 -20.24 -10.16
CA LYS M 304 -2.76 -20.31 -11.42
C LYS M 304 -1.35 -20.87 -11.20
N LYS M 305 -0.85 -20.75 -9.97
CA LYS M 305 0.50 -21.16 -9.64
C LYS M 305 0.62 -22.66 -9.41
N GLY M 306 -0.52 -23.33 -9.23
CA GLY M 306 -0.51 -24.75 -8.90
C GLY M 306 -1.84 -25.28 -8.38
N SER M 307 -2.06 -26.57 -8.60
CA SER M 307 -3.32 -27.24 -8.31
C SER M 307 -3.30 -27.96 -6.95
N ILE M 308 -4.37 -27.78 -6.17
CA ILE M 308 -4.59 -28.59 -4.97
C ILE M 308 -5.91 -29.33 -5.13
N THR M 309 -5.85 -30.66 -5.04
CA THR M 309 -7.06 -31.45 -5.07
C THR M 309 -7.41 -31.76 -3.63
N SER M 310 -8.36 -31.01 -3.07
CA SER M 310 -8.68 -31.14 -1.65
C SER M 310 -9.90 -32.03 -1.38
N VAL M 311 -9.73 -32.96 -0.44
CA VAL M 311 -10.81 -33.84 0.03
C VAL M 311 -10.94 -33.72 1.54
N GLN M 312 -11.98 -33.03 1.99
CA GLN M 312 -12.23 -32.84 3.41
C GLN M 312 -13.48 -33.58 3.92
N ALA M 313 -13.30 -34.40 4.94
CA ALA M 313 -14.44 -35.02 5.61
C ALA M 313 -15.18 -34.03 6.53
N ILE M 314 -16.50 -33.98 6.41
CA ILE M 314 -17.31 -32.97 7.11
C ILE M 314 -18.38 -33.64 7.97
N TYR M 315 -18.22 -33.55 9.29
CA TYR M 315 -19.11 -34.22 10.24
C TYR M 315 -20.38 -33.42 10.44
N VAL M 316 -21.49 -34.14 10.52
CA VAL M 316 -22.82 -33.55 10.65
C VAL M 316 -23.36 -33.80 12.07
N PRO M 317 -23.42 -32.77 12.91
CA PRO M 317 -23.85 -33.05 14.29
C PRO M 317 -25.30 -33.46 14.28
N ALA M 318 -25.64 -34.44 15.12
CA ALA M 318 -27.03 -34.88 15.30
C ALA M 318 -27.75 -35.21 13.97
N ASP M 319 -26.95 -35.52 12.94
CA ASP M 319 -27.45 -35.83 11.59
C ASP M 319 -28.19 -34.68 10.94
N ASP M 320 -27.96 -33.47 11.42
CA ASP M 320 -28.69 -32.30 10.94
C ASP M 320 -27.90 -31.50 9.91
N LEU M 321 -28.26 -31.66 8.64
CA LEU M 321 -27.60 -30.92 7.55
C LEU M 321 -27.97 -29.44 7.53
N THR M 322 -28.92 -29.04 8.38
CA THR M 322 -29.26 -27.61 8.51
C THR M 322 -28.42 -26.93 9.60
N ASP M 323 -27.60 -27.71 10.30
CA ASP M 323 -26.73 -27.18 11.37
C ASP M 323 -25.74 -26.21 10.77
N PRO M 324 -25.51 -25.06 11.43
CA PRO M 324 -24.60 -24.02 10.89
C PRO M 324 -23.29 -24.55 10.33
N ALA M 325 -22.66 -25.52 11.02
CA ALA M 325 -21.36 -26.01 10.61
C ALA M 325 -21.38 -26.59 9.18
N PRO M 326 -22.09 -27.72 8.97
CA PRO M 326 -22.15 -28.23 7.61
C PRO M 326 -22.87 -27.28 6.69
N ALA M 327 -23.91 -26.61 7.19
CA ALA M 327 -24.77 -25.77 6.35
C ALA M 327 -23.92 -24.76 5.62
N THR M 328 -22.97 -24.17 6.34
CA THR M 328 -22.06 -23.15 5.81
C THR M 328 -21.01 -23.76 4.94
N THR M 329 -20.61 -24.97 5.27
CA THR M 329 -19.58 -25.70 4.53
C THR M 329 -19.93 -25.89 3.04
N PHE M 330 -21.21 -26.22 2.74
CA PHE M 330 -21.64 -26.48 1.34
C PHE M 330 -21.12 -25.50 0.28
N ALA M 331 -21.08 -24.22 0.63
CA ALA M 331 -20.78 -23.17 -0.33
C ALA M 331 -19.30 -23.15 -0.69
N HIS M 332 -18.52 -23.95 0.03
CA HIS M 332 -17.07 -23.96 -0.19
C HIS M 332 -16.57 -25.06 -1.14
N LEU M 333 -17.49 -25.84 -1.69
CA LEU M 333 -17.09 -27.06 -2.40
C LEU M 333 -17.37 -27.03 -3.90
N ASP M 334 -16.65 -27.87 -4.64
CA ASP M 334 -16.94 -28.06 -6.07
C ASP M 334 -17.70 -29.37 -6.35
N ALA M 335 -17.60 -30.32 -5.40
CA ALA M 335 -18.39 -31.55 -5.42
C ALA M 335 -18.71 -31.99 -4.00
N THR M 336 -19.95 -32.39 -3.77
CA THR M 336 -20.28 -32.99 -2.49
C THR M 336 -20.55 -34.49 -2.62
N THR M 337 -20.37 -35.19 -1.52
CA THR M 337 -20.73 -36.57 -1.37
C THR M 337 -21.39 -36.61 -0.01
N VAL M 338 -22.72 -36.63 -0.02
CA VAL M 338 -23.51 -36.53 1.20
C VAL M 338 -23.99 -37.92 1.57
N LEU M 339 -23.45 -38.46 2.66
CA LEU M 339 -23.76 -39.81 3.15
C LEU M 339 -24.98 -39.76 4.03
N SER M 340 -25.67 -40.90 4.14
CA SER M 340 -27.00 -40.96 4.79
C SER M 340 -27.14 -42.15 5.75
N ARG M 341 -27.35 -41.86 7.03
CA ARG M 341 -27.48 -42.93 8.01
C ARG M 341 -28.55 -43.92 7.53
N ALA M 342 -29.70 -43.41 7.13
CA ALA M 342 -30.79 -44.24 6.62
C ALA M 342 -30.30 -45.25 5.58
N ILE M 343 -29.51 -44.75 4.62
CA ILE M 343 -29.01 -45.52 3.50
C ILE M 343 -27.99 -46.56 3.94
N ALA M 344 -27.12 -46.16 4.87
CA ALA M 344 -26.12 -47.05 5.46
C ALA M 344 -26.78 -48.21 6.19
N GLU M 345 -27.88 -47.93 6.88
CA GLU M 345 -28.61 -48.92 7.65
C GLU M 345 -29.37 -49.90 6.74
N LEU M 346 -29.53 -49.53 5.48
CA LEU M 346 -30.12 -50.40 4.48
C LEU M 346 -29.07 -51.32 3.80
N GLY M 347 -27.80 -51.13 4.13
CA GLY M 347 -26.74 -52.01 3.64
C GLY M 347 -26.01 -51.46 2.44
N ILE M 348 -26.52 -50.35 1.90
CA ILE M 348 -25.90 -49.68 0.77
C ILE M 348 -24.64 -48.95 1.23
N TYR M 349 -23.48 -49.45 0.80
CA TYR M 349 -22.23 -48.72 0.97
C TYR M 349 -21.48 -48.63 -0.37
N PRO M 350 -20.83 -47.48 -0.63
CA PRO M 350 -20.81 -46.30 0.21
C PRO M 350 -22.22 -45.73 0.26
N ALA M 351 -22.58 -45.17 1.40
CA ALA M 351 -23.96 -44.86 1.70
C ALA M 351 -24.35 -43.52 1.14
N VAL M 352 -23.98 -43.29 -0.11
CA VAL M 352 -24.22 -42.03 -0.80
C VAL M 352 -25.69 -41.77 -1.04
N ASP M 353 -26.13 -40.56 -0.71
CA ASP M 353 -27.44 -40.09 -1.13
C ASP M 353 -27.27 -39.62 -2.58
N PRO M 354 -27.96 -40.29 -3.53
CA PRO M 354 -27.79 -39.92 -4.92
C PRO M 354 -28.49 -38.60 -5.27
N LEU M 355 -29.46 -38.19 -4.46
CA LEU M 355 -30.25 -36.99 -4.72
C LEU M 355 -29.89 -35.80 -3.82
N ASP M 356 -28.73 -35.85 -3.21
CA ASP M 356 -28.31 -34.78 -2.32
C ASP M 356 -26.84 -34.50 -2.49
N SER M 357 -26.19 -35.29 -3.34
CA SER M 357 -24.81 -35.08 -3.73
C SER M 357 -24.80 -34.45 -5.11
N THR M 358 -24.05 -33.36 -5.27
CA THR M 358 -24.03 -32.62 -6.54
C THR M 358 -22.58 -32.32 -6.93
N SER M 359 -22.38 -31.81 -8.15
CA SER M 359 -21.05 -31.49 -8.69
C SER M 359 -21.12 -30.40 -9.75
N ARG M 360 -20.22 -29.42 -9.64
CA ARG M 360 -20.30 -28.24 -10.49
C ARG M 360 -19.82 -28.53 -11.92
N ILE M 361 -19.31 -29.73 -12.13
CA ILE M 361 -18.97 -30.20 -13.48
C ILE M 361 -20.00 -31.20 -14.02
N MET M 362 -21.14 -31.32 -13.36
CA MET M 362 -22.24 -32.11 -13.90
C MET M 362 -22.94 -31.28 -14.99
N ASP M 363 -22.26 -31.19 -16.13
CA ASP M 363 -22.61 -30.31 -17.25
C ASP M 363 -22.21 -31.06 -18.52
N PRO M 364 -23.16 -31.20 -19.50
CA PRO M 364 -22.95 -32.06 -20.67
C PRO M 364 -21.82 -31.58 -21.57
N ASN M 365 -21.38 -30.34 -21.37
CA ASN M 365 -20.27 -29.79 -22.12
C ASN M 365 -18.92 -30.11 -21.50
N ILE M 366 -18.94 -30.70 -20.30
CA ILE M 366 -17.70 -31.11 -19.63
C ILE M 366 -17.58 -32.64 -19.59
N VAL M 367 -18.65 -33.31 -19.16
CA VAL M 367 -18.66 -34.78 -19.09
C VAL M 367 -19.26 -35.43 -20.35
N GLY M 368 -19.74 -34.61 -21.28
CA GLY M 368 -20.37 -35.11 -22.50
C GLY M 368 -21.82 -35.46 -22.27
N SER M 369 -22.63 -35.41 -23.33
CA SER M 369 -24.08 -35.62 -23.19
C SER M 369 -24.45 -37.02 -22.71
N GLU M 370 -23.66 -38.02 -23.11
CA GLU M 370 -23.97 -39.41 -22.77
C GLU M 370 -23.96 -39.64 -21.26
N HIS M 371 -22.86 -39.23 -20.64
CA HIS M 371 -22.70 -39.28 -19.19
C HIS M 371 -23.80 -38.48 -18.47
N TYR M 372 -24.06 -37.26 -18.96
CA TYR M 372 -25.07 -36.36 -18.39
C TYR M 372 -26.48 -36.97 -18.42
N ASP M 373 -26.89 -37.48 -19.60
CA ASP M 373 -28.24 -38.05 -19.79
C ASP M 373 -28.51 -39.27 -18.92
N VAL M 374 -27.49 -40.10 -18.72
CA VAL M 374 -27.63 -41.30 -17.89
C VAL M 374 -27.81 -40.88 -16.44
N ALA M 375 -26.94 -39.96 -16.00
CA ALA M 375 -26.95 -39.43 -14.64
C ALA M 375 -28.32 -38.86 -14.29
N ARG M 376 -28.79 -37.92 -15.09
CA ARG M 376 -30.13 -37.35 -14.91
C ARG M 376 -31.25 -38.40 -14.98
N GLY M 377 -31.07 -39.41 -15.83
CA GLY M 377 -32.00 -40.53 -15.91
C GLY M 377 -32.00 -41.41 -14.67
N VAL M 378 -30.82 -41.68 -14.12
CA VAL M 378 -30.67 -42.42 -12.86
C VAL M 378 -31.34 -41.63 -11.72
N GLN M 379 -31.07 -40.34 -11.69
CA GLN M 379 -31.64 -39.46 -10.67
C GLN M 379 -33.13 -39.19 -10.88
N LYS M 380 -33.63 -39.36 -12.09
CA LYS M 380 -35.07 -39.18 -12.32
C LYS M 380 -35.87 -40.33 -11.71
N ILE M 381 -35.52 -41.57 -12.09
CA ILE M 381 -36.19 -42.75 -11.60
C ILE M 381 -36.07 -42.90 -10.07
N LEU M 382 -34.94 -42.46 -9.50
CA LEU M 382 -34.75 -42.55 -8.06
C LEU M 382 -35.64 -41.54 -7.35
N GLN M 383 -35.95 -40.45 -8.02
CA GLN M 383 -36.83 -39.43 -7.47
C GLN M 383 -38.31 -39.84 -7.61
N ASP M 384 -38.68 -40.35 -8.79
CA ASP M 384 -40.04 -40.88 -8.98
C ASP M 384 -40.34 -42.00 -7.96
N TYR M 385 -39.34 -42.85 -7.74
CA TYR M 385 -39.46 -43.93 -6.78
C TYR M 385 -39.67 -43.38 -5.37
N LYS M 386 -38.83 -42.41 -5.00
CA LYS M 386 -38.91 -41.74 -3.71
C LYS M 386 -40.27 -41.10 -3.47
N SER M 387 -40.86 -40.58 -4.56
CA SER M 387 -42.19 -39.98 -4.49
C SER M 387 -43.26 -41.02 -4.21
N LEU M 388 -43.01 -42.25 -4.68
CA LEU M 388 -43.97 -43.35 -4.52
C LEU M 388 -43.84 -44.08 -3.18
N GLN M 389 -42.89 -43.66 -2.36
CA GLN M 389 -42.53 -44.44 -1.18
C GLN M 389 -43.55 -44.36 -0.03
N ASP M 390 -44.35 -43.30 0.01
CA ASP M 390 -45.42 -43.19 1.01
C ASP M 390 -46.67 -44.00 0.68
N ILE M 391 -46.99 -44.14 -0.61
CA ILE M 391 -48.07 -45.04 -1.05
C ILE M 391 -47.70 -46.50 -0.80
N ILE M 392 -46.39 -46.79 -0.90
CA ILE M 392 -45.88 -48.13 -0.60
C ILE M 392 -45.91 -48.46 0.90
N ALA M 393 -45.50 -47.49 1.72
CA ALA M 393 -45.33 -47.72 3.15
C ALA M 393 -46.64 -48.01 3.88
N ILE M 394 -47.76 -47.62 3.28
CA ILE M 394 -49.08 -47.98 3.79
C ILE M 394 -49.66 -49.18 3.07
N LEU M 395 -49.77 -49.10 1.74
CA LEU M 395 -50.46 -50.15 0.97
C LEU M 395 -49.54 -51.11 0.22
N GLY M 396 -48.24 -50.79 0.20
CA GLY M 396 -47.26 -51.68 -0.39
C GLY M 396 -47.32 -51.77 -1.90
N MET M 397 -46.44 -52.60 -2.44
CA MET M 397 -46.26 -52.80 -3.87
C MET M 397 -47.54 -52.97 -4.67
N ASP M 398 -48.36 -53.92 -4.23
CA ASP M 398 -49.52 -54.39 -4.98
C ASP M 398 -50.41 -53.30 -5.57
N GLU M 399 -50.65 -52.24 -4.81
CA GLU M 399 -51.64 -51.23 -5.21
C GLU M 399 -51.21 -50.30 -6.34
N LEU M 400 -49.92 -50.37 -6.70
CA LEU M 400 -49.37 -49.57 -7.78
C LEU M 400 -49.79 -50.04 -9.16
N SER M 401 -50.00 -49.08 -10.05
CA SER M 401 -50.18 -49.34 -11.47
C SER M 401 -49.00 -50.14 -12.01
N GLU M 402 -49.18 -50.75 -13.18
CA GLU M 402 -48.14 -51.54 -13.82
C GLU M 402 -46.83 -50.76 -14.07
N GLU M 403 -46.93 -49.48 -14.47
CA GLU M 403 -45.73 -48.63 -14.67
C GLU M 403 -44.97 -48.39 -13.38
N ASP M 404 -45.68 -47.94 -12.36
CA ASP M 404 -45.05 -47.60 -11.09
C ASP M 404 -44.24 -48.79 -10.60
N LYS M 405 -44.76 -50.00 -10.81
CA LYS M 405 -44.08 -51.23 -10.40
C LYS M 405 -42.72 -51.36 -11.10
N LEU M 406 -42.67 -50.87 -12.34
CA LEU M 406 -41.48 -51.00 -13.16
C LEU M 406 -40.44 -49.96 -12.76
N THR M 407 -40.90 -48.72 -12.54
CA THR M 407 -40.03 -47.66 -12.00
C THR M 407 -39.52 -48.04 -10.62
N VAL M 408 -40.30 -48.84 -9.90
CA VAL M 408 -39.88 -49.38 -8.60
C VAL M 408 -38.75 -50.42 -8.71
N SER M 409 -39.00 -51.52 -9.43
CA SER M 409 -38.00 -52.57 -9.60
C SER M 409 -36.69 -52.06 -10.20
N ARG M 410 -36.79 -51.18 -11.20
CA ARG M 410 -35.61 -50.60 -11.83
C ARG M 410 -34.82 -49.73 -10.86
N ALA M 411 -35.53 -48.85 -10.14
CA ALA M 411 -34.92 -47.95 -9.17
C ALA M 411 -34.16 -48.75 -8.13
N ARG M 412 -34.80 -49.80 -7.63
CA ARG M 412 -34.21 -50.62 -6.56
C ARG M 412 -32.98 -51.40 -7.03
N LYS M 413 -32.95 -51.73 -8.31
CA LYS M 413 -31.76 -52.33 -8.92
C LYS M 413 -30.66 -51.27 -9.07
N ILE M 414 -31.07 -50.06 -9.42
CA ILE M 414 -30.17 -48.93 -9.55
C ILE M 414 -29.54 -48.51 -8.18
N GLN M 415 -30.35 -48.49 -7.12
CA GLN M 415 -29.84 -48.19 -5.78
C GLN M 415 -28.76 -49.17 -5.37
N ARG M 416 -29.02 -50.45 -5.62
CA ARG M 416 -28.11 -51.51 -5.25
C ARG M 416 -26.85 -51.49 -6.09
N PHE M 417 -26.98 -51.10 -7.36
CA PHE M 417 -25.84 -51.07 -8.26
C PHE M 417 -24.95 -49.85 -8.04
N LEU M 418 -25.48 -48.85 -7.32
CA LEU M 418 -24.71 -47.71 -6.88
C LEU M 418 -23.77 -48.09 -5.73
N SER M 419 -24.08 -49.19 -5.05
CA SER M 419 -23.23 -49.71 -3.97
C SER M 419 -22.01 -50.44 -4.54
N GLN M 420 -20.99 -50.58 -3.70
CA GLN M 420 -19.69 -51.06 -4.15
C GLN M 420 -18.87 -51.55 -2.96
N PRO M 421 -18.15 -52.67 -3.12
CA PRO M 421 -17.17 -53.07 -2.12
C PRO M 421 -15.85 -52.31 -2.30
N PHE M 422 -15.39 -51.68 -1.21
CA PHE M 422 -14.12 -50.97 -1.15
C PHE M 422 -12.98 -51.83 -0.62
N GLN M 423 -11.81 -51.65 -1.21
CA GLN M 423 -10.59 -52.36 -0.81
C GLN M 423 -10.36 -52.24 0.70
N VAL M 424 -10.70 -51.07 1.23
CA VAL M 424 -10.45 -50.70 2.61
C VAL M 424 -11.51 -51.23 3.56
N ALA M 425 -12.61 -51.78 3.04
CA ALA M 425 -13.71 -52.23 3.90
C ALA M 425 -14.07 -53.72 3.76
N GLU M 426 -13.12 -54.50 3.25
CA GLU M 426 -13.33 -55.93 2.96
C GLU M 426 -13.67 -56.76 4.18
N VAL M 427 -13.24 -56.31 5.35
CA VAL M 427 -13.54 -56.96 6.62
C VAL M 427 -15.05 -56.94 6.91
N PHE M 428 -15.71 -55.85 6.54
CA PHE M 428 -17.10 -55.61 6.89
C PHE M 428 -18.09 -56.10 5.83
N THR M 429 -17.62 -56.16 4.59
CA THR M 429 -18.45 -56.53 3.46
C THR M 429 -18.41 -58.04 3.15
N GLY M 430 -17.22 -58.63 3.24
CA GLY M 430 -17.00 -60.04 2.87
C GLY M 430 -16.78 -60.19 1.37
N HIS M 431 -16.40 -59.08 0.74
CA HIS M 431 -16.16 -59.02 -0.70
C HIS M 431 -14.81 -58.35 -0.99
N LEU M 432 -14.10 -58.89 -1.97
CA LEU M 432 -12.89 -58.27 -2.48
C LEU M 432 -13.27 -56.93 -3.11
N GLY M 433 -12.54 -55.88 -2.76
CA GLY M 433 -12.84 -54.53 -3.23
C GLY M 433 -12.77 -54.36 -4.74
N LYS M 434 -13.60 -53.46 -5.26
CA LYS M 434 -13.69 -53.25 -6.70
C LYS M 434 -13.60 -51.79 -7.09
N LEU M 435 -13.07 -51.57 -8.29
CA LEU M 435 -12.87 -50.24 -8.83
C LEU M 435 -13.29 -50.28 -10.27
N VAL M 436 -14.31 -49.48 -10.59
CA VAL M 436 -14.96 -49.54 -11.90
C VAL M 436 -14.53 -48.36 -12.75
N PRO M 437 -14.05 -48.63 -13.99
CA PRO M 437 -13.79 -47.55 -14.95
C PRO M 437 -15.06 -46.79 -15.32
N LEU M 438 -14.91 -45.50 -15.58
CA LEU M 438 -16.05 -44.61 -15.87
C LEU M 438 -16.98 -45.12 -16.96
N LYS M 439 -16.43 -45.53 -18.11
CA LYS M 439 -17.25 -46.07 -19.21
C LYS M 439 -18.17 -47.17 -18.69
N GLU M 440 -17.59 -48.13 -17.99
CA GLU M 440 -18.36 -49.26 -17.45
C GLU M 440 -19.44 -48.84 -16.44
N THR M 441 -19.18 -47.77 -15.68
CA THR M 441 -20.20 -47.20 -14.78
C THR M 441 -21.39 -46.68 -15.57
N ILE M 442 -21.12 -45.92 -16.62
CA ILE M 442 -22.18 -45.38 -17.48
C ILE M 442 -23.00 -46.52 -18.07
N LYS M 443 -22.31 -47.44 -18.75
CA LYS M 443 -22.92 -48.53 -19.51
C LYS M 443 -23.84 -49.34 -18.62
N GLY M 444 -23.44 -49.51 -17.36
CA GLY M 444 -24.18 -50.32 -16.41
C GLY M 444 -25.52 -49.71 -16.06
N PHE M 445 -25.49 -48.44 -15.71
CA PHE M 445 -26.72 -47.75 -15.38
C PHE M 445 -27.53 -47.46 -16.62
N GLN M 446 -26.83 -47.13 -17.71
CA GLN M 446 -27.45 -47.01 -19.02
C GLN M 446 -28.33 -48.22 -19.29
N GLN M 447 -27.76 -49.41 -19.12
CA GLN M 447 -28.43 -50.66 -19.44
C GLN M 447 -29.56 -51.03 -18.47
N ILE M 448 -29.48 -50.56 -17.23
CA ILE M 448 -30.58 -50.79 -16.29
C ILE M 448 -31.72 -49.82 -16.59
N LEU M 449 -31.38 -48.69 -17.23
CA LEU M 449 -32.39 -47.70 -17.66
C LEU M 449 -33.17 -48.14 -18.92
N ALA M 450 -32.49 -48.76 -19.88
CA ALA M 450 -33.14 -49.27 -21.10
C ALA M 450 -33.96 -50.55 -20.82
N GLY M 451 -33.84 -51.06 -19.59
CA GLY M 451 -34.63 -52.19 -19.12
C GLY M 451 -34.00 -53.52 -19.40
N GLU M 452 -32.71 -53.51 -19.76
CA GLU M 452 -32.03 -54.71 -20.24
C GLU M 452 -31.95 -55.84 -19.20
N TYR M 453 -32.11 -55.50 -17.93
CA TYR M 453 -31.96 -56.45 -16.84
C TYR M 453 -33.23 -56.54 -15.98
N ASP M 454 -34.35 -56.05 -16.51
CA ASP M 454 -35.65 -56.17 -15.87
C ASP M 454 -35.94 -57.58 -15.34
N HIS M 455 -35.44 -58.60 -16.05
CA HIS M 455 -35.65 -59.99 -15.65
C HIS M 455 -34.76 -60.45 -14.49
N LEU M 456 -33.66 -59.74 -14.25
CA LEU M 456 -32.73 -60.08 -13.18
C LEU M 456 -33.27 -59.66 -11.81
N PRO M 457 -32.93 -60.43 -10.74
CA PRO M 457 -33.40 -60.07 -9.40
C PRO M 457 -32.44 -59.15 -8.65
N GLU M 458 -33.02 -58.20 -7.91
CA GLU M 458 -32.29 -57.11 -7.27
C GLU M 458 -30.92 -57.44 -6.71
N GLN M 459 -30.88 -58.40 -5.78
CA GLN M 459 -29.67 -58.65 -5.00
C GLN M 459 -28.47 -59.11 -5.83
N ALA M 460 -28.67 -59.22 -7.16
CA ALA M 460 -27.58 -59.43 -8.09
C ALA M 460 -26.79 -58.15 -8.31
N PHE M 461 -27.43 -57.01 -8.01
CA PHE M 461 -26.83 -55.70 -8.25
C PHE M 461 -26.18 -55.15 -7.00
N TYR M 462 -26.47 -55.78 -5.88
CA TYR M 462 -25.91 -55.37 -4.60
C TYR M 462 -24.45 -55.81 -4.47
N MET M 463 -23.57 -54.84 -4.17
CA MET M 463 -22.16 -55.11 -3.84
C MET M 463 -21.31 -55.74 -4.95
N VAL M 464 -21.43 -55.21 -6.17
CA VAL M 464 -20.62 -55.67 -7.29
C VAL M 464 -19.91 -54.50 -7.92
N GLY M 465 -19.03 -54.77 -8.87
CA GLY M 465 -18.32 -53.68 -9.57
C GLY M 465 -18.97 -53.36 -10.92
N PRO M 466 -18.32 -53.79 -12.03
CA PRO M 466 -18.92 -53.60 -13.36
C PRO M 466 -20.21 -54.41 -13.49
N ILE M 467 -21.06 -54.02 -14.44
CA ILE M 467 -22.38 -54.65 -14.65
C ILE M 467 -22.31 -56.15 -14.95
N GLU M 468 -21.24 -56.59 -15.61
CA GLU M 468 -21.03 -58.01 -15.93
C GLU M 468 -20.99 -58.88 -14.67
N GLU M 469 -20.50 -58.34 -13.56
CA GLU M 469 -20.47 -59.06 -12.28
C GLU M 469 -21.87 -59.28 -11.71
N ALA M 470 -22.75 -58.32 -11.95
CA ALA M 470 -24.15 -58.45 -11.55
C ALA M 470 -24.80 -59.61 -12.29
N VAL M 471 -24.59 -59.65 -13.60
CA VAL M 471 -25.06 -60.73 -14.46
C VAL M 471 -24.55 -62.10 -13.98
N ALA M 472 -23.27 -62.18 -13.67
CA ALA M 472 -22.66 -63.42 -13.18
C ALA M 472 -23.21 -63.83 -11.81
N LYS M 473 -23.46 -62.86 -10.94
CA LYS M 473 -24.06 -63.12 -9.62
C LYS M 473 -25.52 -63.59 -9.76
N ALA M 474 -26.19 -63.13 -10.81
CA ALA M 474 -27.55 -63.56 -11.12
C ALA M 474 -27.62 -65.03 -11.57
N ASP M 475 -26.72 -65.42 -12.47
CA ASP M 475 -26.61 -66.82 -12.93
C ASP M 475 -26.18 -67.75 -11.79
N LYS M 476 -25.30 -67.24 -10.93
CA LYS M 476 -24.84 -67.94 -9.74
C LYS M 476 -25.99 -68.21 -8.77
N LEU M 477 -26.99 -67.33 -8.76
CA LEU M 477 -28.18 -67.55 -7.94
C LEU M 477 -29.12 -68.62 -8.51
N ALA M 478 -28.83 -69.06 -9.73
CA ALA M 478 -29.56 -70.14 -10.42
C ALA M 478 -31.07 -69.94 -10.42
N ALA N 1 -40.94 -31.86 8.80
CA ALA N 1 -40.40 -30.47 8.98
C ALA N 1 -40.89 -29.81 10.28
N THR N 2 -42.10 -29.25 10.26
CA THR N 2 -42.65 -28.49 11.40
C THR N 2 -43.69 -29.25 12.21
N LEU N 3 -43.97 -28.75 13.42
CA LEU N 3 -44.98 -29.34 14.30
C LEU N 3 -46.35 -29.45 13.64
N LYS N 4 -46.69 -28.44 12.83
CA LYS N 4 -47.98 -28.41 12.14
C LYS N 4 -48.09 -29.47 11.05
N ASP N 5 -47.01 -29.68 10.29
CA ASP N 5 -46.97 -30.71 9.26
C ASP N 5 -47.16 -32.10 9.88
N ILE N 6 -46.40 -32.36 10.95
CA ILE N 6 -46.40 -33.66 11.61
C ILE N 6 -47.75 -33.94 12.30
N THR N 7 -48.30 -32.92 12.95
CA THR N 7 -49.60 -33.07 13.61
C THR N 7 -50.68 -33.54 12.63
N ARG N 8 -50.65 -33.03 11.40
CA ARG N 8 -51.67 -33.42 10.42
C ARG N 8 -51.41 -34.81 9.87
N ARG N 9 -50.22 -35.04 9.32
CA ARG N 9 -49.81 -36.38 8.88
C ARG N 9 -50.25 -37.41 9.90
N LEU N 10 -50.08 -37.09 11.19
CA LEU N 10 -50.56 -37.95 12.28
C LEU N 10 -52.06 -38.16 12.25
N LYS N 11 -52.82 -37.07 12.17
CA LYS N 11 -54.29 -37.14 12.22
C LYS N 11 -54.82 -38.07 11.14
N SER N 12 -54.31 -37.90 9.92
CA SER N 12 -54.71 -38.69 8.77
C SER N 12 -54.36 -40.18 8.90
N ILE N 13 -53.13 -40.47 9.33
CA ILE N 13 -52.67 -41.85 9.39
C ILE N 13 -53.25 -42.63 10.58
N LYS N 14 -53.70 -41.92 11.62
CA LYS N 14 -54.48 -42.53 12.68
C LYS N 14 -55.84 -42.97 12.14
N ASN N 15 -56.40 -42.14 11.26
CA ASN N 15 -57.66 -42.43 10.57
C ASN N 15 -57.56 -43.67 9.68
N ILE N 16 -56.60 -43.66 8.77
CA ILE N 16 -56.34 -44.77 7.88
C ILE N 16 -56.22 -46.08 8.65
N GLN N 17 -55.43 -46.08 9.72
CA GLN N 17 -55.22 -47.26 10.57
C GLN N 17 -56.52 -47.94 11.00
N LYS N 18 -57.50 -47.12 11.39
CA LYS N 18 -58.75 -47.60 11.98
C LYS N 18 -59.66 -48.24 10.93
N ILE N 19 -59.75 -47.61 9.76
CA ILE N 19 -60.58 -48.11 8.66
C ILE N 19 -60.01 -49.43 8.13
N THR N 20 -58.71 -49.44 7.86
CA THR N 20 -58.02 -50.62 7.37
C THR N 20 -58.14 -51.82 8.33
N LYS N 21 -58.30 -51.53 9.62
CA LYS N 21 -58.52 -52.56 10.63
C LYS N 21 -59.97 -53.03 10.58
N SER N 22 -60.88 -52.12 10.24
CA SER N 22 -62.30 -52.45 10.10
C SER N 22 -62.59 -53.23 8.82
N MET N 23 -61.99 -52.77 7.72
CA MET N 23 -62.05 -53.47 6.44
C MET N 23 -61.48 -54.87 6.57
N LYS N 24 -60.37 -55.00 7.29
CA LYS N 24 -59.81 -56.30 7.63
C LYS N 24 -60.86 -57.19 8.32
N MET N 25 -61.56 -56.62 9.31
CA MET N 25 -62.61 -57.32 10.07
C MET N 25 -63.83 -57.71 9.20
N VAL N 26 -64.17 -56.84 8.25
CA VAL N 26 -65.21 -57.13 7.27
C VAL N 26 -64.75 -58.23 6.32
N ALA N 27 -63.53 -58.12 5.82
CA ALA N 27 -62.93 -59.12 4.95
C ALA N 27 -62.92 -60.48 5.61
N ALA N 28 -62.49 -60.52 6.88
CA ALA N 28 -62.50 -61.75 7.68
C ALA N 28 -63.89 -62.39 7.79
N ALA N 29 -64.90 -61.56 8.01
CA ALA N 29 -66.31 -61.99 8.13
C ALA N 29 -66.86 -62.61 6.84
N LYS N 30 -66.56 -61.97 5.71
CA LYS N 30 -66.93 -62.48 4.40
C LYS N 30 -66.05 -63.65 4.00
N TYR N 31 -64.81 -63.69 4.50
CA TYR N 31 -63.89 -64.76 4.16
C TYR N 31 -64.32 -66.11 4.74
N ALA N 32 -64.60 -66.14 6.05
CA ALA N 32 -64.95 -67.37 6.76
C ALA N 32 -66.29 -67.94 6.31
N ARG N 33 -67.21 -67.05 5.94
CA ARG N 33 -68.48 -67.45 5.33
C ARG N 33 -68.27 -68.00 3.92
N ALA N 34 -67.20 -67.53 3.27
CA ALA N 34 -66.83 -67.99 1.93
C ALA N 34 -66.00 -69.27 1.97
N GLU N 35 -65.26 -69.47 3.06
CA GLU N 35 -64.41 -70.66 3.23
C GLU N 35 -65.24 -71.89 3.62
N ARG N 36 -66.18 -71.69 4.54
CA ARG N 36 -67.11 -72.74 4.95
C ARG N 36 -68.24 -72.92 3.93
N GLU N 37 -68.08 -72.30 2.75
CA GLU N 37 -69.03 -72.43 1.65
C GLU N 37 -68.31 -72.90 0.38
N LEU N 38 -66.99 -73.02 0.49
CA LEU N 38 -66.15 -73.54 -0.60
C LEU N 38 -66.06 -75.06 -0.56
N LYS N 39 -66.28 -75.65 0.63
CA LYS N 39 -66.18 -77.10 0.83
C LYS N 39 -67.17 -77.95 -0.01
N PRO N 40 -68.50 -77.77 0.17
CA PRO N 40 -69.46 -78.54 -0.64
C PRO N 40 -69.50 -78.20 -2.15
N ALA N 41 -69.03 -77.02 -2.53
CA ALA N 41 -69.03 -76.59 -3.93
C ALA N 41 -67.71 -76.90 -4.66
N ARG N 42 -66.81 -77.62 -3.99
CA ARG N 42 -65.53 -78.04 -4.58
C ARG N 42 -65.58 -79.48 -5.10
N VAL N 43 -66.16 -80.37 -4.28
CA VAL N 43 -66.41 -81.74 -4.72
C VAL N 43 -67.44 -81.69 -5.86
N TYR N 44 -68.30 -80.68 -5.81
CA TYR N 44 -69.27 -80.34 -6.86
C TYR N 44 -68.57 -79.74 -8.09
N GLY N 45 -67.25 -79.52 -7.98
CA GLY N 45 -66.48 -78.87 -9.03
C GLY N 45 -65.98 -79.78 -10.14
N VAL N 46 -65.54 -80.98 -9.76
CA VAL N 46 -64.99 -81.96 -10.71
C VAL N 46 -66.06 -82.50 -11.68
N GLY N 47 -67.31 -82.57 -11.20
CA GLY N 47 -68.44 -82.98 -12.03
C GLY N 47 -69.38 -81.84 -12.32
N SER N 72 -62.56 -62.14 -11.25
CA SER N 72 -62.28 -61.46 -9.98
C SER N 72 -63.50 -60.73 -9.37
N SER N 73 -63.48 -59.40 -9.37
CA SER N 73 -64.57 -58.58 -8.79
C SER N 73 -64.46 -57.10 -9.16
N ASP N 74 -65.30 -56.27 -8.54
CA ASP N 74 -65.26 -54.79 -8.69
C ASP N 74 -64.26 -54.14 -7.74
N ARG N 75 -64.19 -54.67 -6.52
CA ARG N 75 -63.54 -54.02 -5.39
C ARG N 75 -62.04 -54.33 -5.29
N GLY N 76 -61.24 -53.28 -5.25
CA GLY N 76 -59.79 -53.41 -5.14
C GLY N 76 -59.34 -53.59 -3.70
N LEU N 77 -58.10 -53.17 -3.43
CA LEU N 77 -57.49 -53.27 -2.10
C LEU N 77 -57.41 -54.70 -1.55
N CYS N 78 -57.23 -55.65 -2.45
CA CYS N 78 -57.04 -57.07 -2.10
C CYS N 78 -55.73 -57.55 -2.69
N GLY N 79 -54.75 -56.67 -2.64
CA GLY N 79 -53.43 -56.94 -3.18
C GLY N 79 -53.43 -57.38 -4.64
N ALA N 80 -52.75 -58.50 -4.87
CA ALA N 80 -52.38 -58.96 -6.21
C ALA N 80 -53.47 -59.75 -6.97
N ILE N 81 -54.67 -59.82 -6.38
CA ILE N 81 -55.80 -60.58 -6.94
C ILE N 81 -56.08 -60.26 -8.41
N HIS N 82 -56.46 -59.01 -8.69
CA HIS N 82 -56.87 -58.60 -10.02
C HIS N 82 -55.70 -58.57 -11.00
N SER N 83 -54.53 -58.20 -10.50
CA SER N 83 -53.33 -58.11 -11.33
C SER N 83 -52.90 -59.49 -11.80
N SER N 84 -53.00 -60.47 -10.90
CA SER N 84 -52.51 -61.82 -11.15
C SER N 84 -53.23 -62.52 -12.32
N VAL N 85 -54.53 -62.27 -12.46
CA VAL N 85 -55.33 -62.84 -13.57
C VAL N 85 -55.29 -61.97 -14.83
N ALA N 86 -55.02 -60.68 -14.67
CA ALA N 86 -54.80 -59.78 -15.81
C ALA N 86 -53.44 -60.07 -16.44
N LYS N 87 -52.55 -60.70 -15.66
CA LYS N 87 -51.24 -61.17 -16.10
C LYS N 87 -51.36 -62.38 -17.04
N GLN N 88 -52.24 -63.32 -16.68
CA GLN N 88 -52.53 -64.49 -17.49
C GLN N 88 -53.39 -64.14 -18.71
N MET N 89 -53.95 -62.93 -18.71
CA MET N 89 -54.85 -62.45 -19.76
C MET N 89 -54.05 -61.97 -20.97
N ILE N 106 -64.56 -61.76 -22.85
CA ILE N 106 -65.39 -61.37 -21.71
C ILE N 106 -64.77 -61.67 -20.35
N GLY N 107 -64.78 -60.64 -19.50
CA GLY N 107 -64.30 -60.74 -18.12
C GLY N 107 -65.41 -60.69 -17.10
N VAL N 108 -65.22 -61.42 -16.01
CA VAL N 108 -66.16 -61.44 -14.90
C VAL N 108 -65.63 -60.60 -13.73
N GLY N 109 -66.35 -59.52 -13.40
CA GLY N 109 -65.90 -58.58 -12.39
C GLY N 109 -65.42 -57.27 -13.00
N ASP N 110 -65.80 -56.15 -12.38
CA ASP N 110 -65.52 -54.82 -12.93
C ASP N 110 -64.04 -54.44 -12.99
N LYS N 111 -63.26 -54.86 -11.99
CA LYS N 111 -61.83 -54.53 -11.92
C LYS N 111 -61.03 -55.14 -13.08
N ILE N 112 -61.67 -56.06 -13.80
CA ILE N 112 -61.09 -56.66 -15.00
C ILE N 112 -61.17 -55.72 -16.22
N ARG N 113 -62.35 -55.13 -16.44
CA ARG N 113 -62.59 -54.28 -17.60
C ARG N 113 -61.71 -53.01 -17.61
N SER N 114 -61.64 -52.33 -16.46
CA SER N 114 -60.85 -51.10 -16.34
C SER N 114 -59.34 -51.37 -16.36
N ILE N 115 -58.98 -52.63 -16.17
CA ILE N 115 -57.59 -53.05 -16.24
C ILE N 115 -57.32 -53.76 -17.56
N LYS N 129 -70.35 -56.57 -13.85
CA LYS N 129 -70.28 -55.56 -12.80
C LYS N 129 -71.14 -55.93 -11.59
N GLU N 130 -70.86 -55.29 -10.46
CA GLU N 130 -71.55 -55.51 -9.18
C GLU N 130 -71.35 -56.92 -8.64
N VAL N 131 -70.10 -57.39 -8.69
CA VAL N 131 -69.74 -58.73 -8.22
C VAL N 131 -68.61 -58.66 -7.19
N GLY N 132 -68.58 -59.63 -6.28
CA GLY N 132 -67.65 -59.64 -5.17
C GLY N 132 -68.33 -59.29 -3.86
N ARG N 133 -69.19 -58.27 -3.91
CA ARG N 133 -69.90 -57.77 -2.73
C ARG N 133 -70.79 -58.81 -2.04
N ARG N 134 -71.74 -59.37 -2.78
CA ARG N 134 -72.64 -60.39 -2.26
C ARG N 134 -72.13 -61.78 -2.64
N PRO N 135 -72.11 -62.73 -1.67
CA PRO N 135 -71.61 -64.08 -1.93
C PRO N 135 -72.30 -64.72 -3.14
N PRO N 136 -71.52 -64.94 -4.24
CA PRO N 136 -72.04 -65.37 -5.53
C PRO N 136 -72.81 -66.69 -5.48
N THR N 137 -74.05 -66.66 -5.96
CA THR N 137 -74.90 -67.85 -6.01
C THR N 137 -74.97 -68.45 -7.42
N PHE N 138 -75.61 -69.62 -7.54
CA PHE N 138 -75.71 -70.36 -8.81
C PHE N 138 -76.28 -69.51 -9.96
N GLY N 139 -77.37 -68.79 -9.66
CA GLY N 139 -78.03 -67.91 -10.65
C GLY N 139 -77.11 -66.92 -11.34
N ASP N 140 -76.11 -66.45 -10.59
CA ASP N 140 -75.06 -65.56 -11.12
C ASP N 140 -74.07 -66.37 -11.96
N ILE N 161 -60.10 -68.17 -16.41
CA ILE N 161 -58.96 -67.86 -15.56
C ILE N 161 -59.43 -67.27 -14.22
N PHE N 162 -58.98 -67.88 -13.13
CA PHE N 162 -59.47 -67.56 -11.79
C PHE N 162 -58.41 -67.83 -10.73
N ASN N 163 -58.67 -67.32 -9.52
CA ASN N 163 -57.80 -67.56 -8.37
C ASN N 163 -58.30 -68.69 -7.48
N ARG N 164 -57.42 -69.66 -7.23
CA ARG N 164 -57.73 -70.84 -6.45
C ARG N 164 -57.16 -70.70 -5.04
N PHE N 165 -58.04 -70.69 -4.05
CA PHE N 165 -57.68 -70.54 -2.63
C PHE N 165 -56.75 -71.66 -2.13
N ARG N 166 -55.80 -71.29 -1.27
CA ARG N 166 -54.96 -72.27 -0.58
C ARG N 166 -55.09 -72.10 0.92
N SER N 167 -54.52 -71.02 1.44
CA SER N 167 -54.66 -70.64 2.85
C SER N 167 -55.00 -69.15 2.97
N VAL N 168 -55.07 -68.66 4.20
CA VAL N 168 -55.33 -67.23 4.45
C VAL N 168 -54.32 -66.32 3.74
N ILE N 169 -53.07 -66.76 3.65
CA ILE N 169 -52.00 -65.97 3.06
C ILE N 169 -51.76 -66.30 1.57
N SER N 170 -52.40 -67.35 1.07
CA SER N 170 -52.09 -67.82 -0.29
C SER N 170 -53.28 -68.22 -1.20
N TYR N 171 -52.99 -68.15 -2.50
CA TYR N 171 -53.89 -68.53 -3.58
C TYR N 171 -53.06 -68.62 -4.87
N LYS N 172 -53.34 -69.60 -5.72
CA LYS N 172 -52.68 -69.67 -7.01
C LYS N 172 -53.67 -69.39 -8.14
N THR N 173 -53.18 -68.73 -9.19
CA THR N 173 -54.00 -68.46 -10.37
C THR N 173 -54.06 -69.68 -11.30
N GLU N 206 -74.02 -77.17 -21.45
CA GLU N 206 -74.48 -75.90 -20.91
C GLU N 206 -74.67 -75.95 -19.40
N TYR N 207 -74.97 -77.14 -18.88
CA TYR N 207 -75.05 -77.33 -17.44
C TYR N 207 -73.63 -77.51 -16.89
N SER N 208 -72.79 -78.19 -17.66
CA SER N 208 -71.36 -78.32 -17.33
C SER N 208 -70.62 -76.99 -17.54
N LEU N 209 -71.28 -76.03 -18.16
CA LEU N 209 -70.74 -74.67 -18.32
C LEU N 209 -71.06 -73.81 -17.10
N ALA N 210 -72.34 -73.79 -16.69
CA ALA N 210 -72.74 -73.10 -15.46
C ALA N 210 -71.97 -73.65 -14.27
N ASN N 211 -71.68 -74.94 -14.30
CA ASN N 211 -70.84 -75.61 -13.30
C ASN N 211 -69.45 -75.02 -13.20
N ILE N 212 -68.79 -74.82 -14.34
CA ILE N 212 -67.44 -74.24 -14.37
C ILE N 212 -67.47 -72.75 -14.00
N ILE N 213 -68.54 -72.04 -14.38
CA ILE N 213 -68.75 -70.65 -13.95
C ILE N 213 -68.87 -70.57 -12.43
N TYR N 214 -69.71 -71.43 -11.85
CA TYR N 214 -69.96 -71.46 -10.42
C TYR N 214 -68.78 -71.92 -9.57
N TYR N 215 -67.93 -72.79 -10.12
CA TYR N 215 -66.73 -73.25 -9.40
C TYR N 215 -65.68 -72.15 -9.24
N SER N 216 -65.35 -71.47 -10.34
CA SER N 216 -64.37 -70.38 -10.32
C SER N 216 -64.86 -69.20 -9.47
N LEU N 217 -66.13 -68.85 -9.68
CA LEU N 217 -66.77 -67.73 -8.99
C LEU N 217 -66.66 -67.84 -7.48
N LYS N 218 -66.99 -68.99 -6.92
CA LYS N 218 -66.92 -69.22 -5.48
C LYS N 218 -65.50 -69.39 -4.97
N GLU N 219 -64.61 -69.79 -5.87
CA GLU N 219 -63.19 -69.86 -5.54
C GLU N 219 -62.57 -68.46 -5.54
N SER N 220 -63.13 -67.59 -6.37
CA SER N 220 -62.60 -66.24 -6.57
C SER N 220 -62.79 -65.36 -5.35
N THR N 221 -63.94 -65.46 -4.70
CA THR N 221 -64.27 -64.57 -3.59
C THR N 221 -63.66 -65.05 -2.28
N THR N 222 -63.34 -66.34 -2.20
CA THR N 222 -62.64 -66.86 -1.02
C THR N 222 -61.19 -66.39 -1.06
N SER N 223 -60.63 -66.36 -2.27
CA SER N 223 -59.30 -65.78 -2.48
C SER N 223 -59.30 -64.26 -2.28
N GLU N 224 -60.33 -63.58 -2.80
CA GLU N 224 -60.46 -62.14 -2.65
C GLU N 224 -60.45 -61.73 -1.18
N GLN N 225 -61.41 -62.24 -0.42
CA GLN N 225 -61.62 -61.82 0.95
C GLN N 225 -60.53 -62.31 1.89
N SER N 226 -59.85 -63.40 1.53
CA SER N 226 -58.66 -63.77 2.29
C SER N 226 -57.53 -62.80 2.00
N ALA N 227 -57.31 -62.50 0.72
CA ALA N 227 -56.24 -61.61 0.30
C ALA N 227 -56.45 -60.18 0.83
N ARG N 228 -57.69 -59.69 0.76
CA ARG N 228 -58.06 -58.37 1.30
C ARG N 228 -57.91 -58.33 2.81
N MET N 229 -58.31 -59.39 3.49
CA MET N 229 -58.09 -59.54 4.92
C MET N 229 -56.62 -59.32 5.25
N THR N 230 -55.76 -59.95 4.44
CA THR N 230 -54.32 -59.87 4.66
C THR N 230 -53.79 -58.46 4.35
N ALA N 231 -54.17 -57.93 3.19
CA ALA N 231 -53.71 -56.61 2.75
C ALA N 231 -53.99 -55.55 3.81
N MET N 232 -55.23 -55.54 4.29
CA MET N 232 -55.67 -54.53 5.24
C MET N 232 -55.08 -54.74 6.62
N ASP N 233 -54.89 -56.00 7.01
CA ASP N 233 -54.14 -56.36 8.22
C ASP N 233 -52.76 -55.73 8.19
N ASN N 234 -52.08 -55.88 7.05
CA ASN N 234 -50.74 -55.35 6.82
C ASN N 234 -50.71 -53.82 6.74
N ALA N 235 -51.70 -53.25 6.06
CA ALA N 235 -51.81 -51.81 5.94
C ALA N 235 -52.03 -51.17 7.30
N SER N 236 -52.94 -51.75 8.08
CA SER N 236 -53.24 -51.29 9.44
C SER N 236 -52.01 -51.37 10.34
N LYS N 237 -51.24 -52.46 10.19
CA LYS N 237 -49.99 -52.66 10.92
C LYS N 237 -48.88 -51.69 10.49
N ASN N 238 -48.71 -51.52 9.17
CA ASN N 238 -47.83 -50.50 8.59
C ASN N 238 -48.15 -49.13 9.16
N ALA N 239 -49.43 -48.76 9.14
CA ALA N 239 -49.92 -47.47 9.63
C ALA N 239 -49.65 -47.28 11.12
N SER N 240 -49.90 -48.33 11.90
CA SER N 240 -49.65 -48.29 13.33
C SER N 240 -48.16 -48.06 13.63
N GLU N 241 -47.30 -48.80 12.93
CA GLU N 241 -45.85 -48.59 12.98
C GLU N 241 -45.47 -47.15 12.62
N MET N 242 -46.12 -46.61 11.59
CA MET N 242 -45.90 -45.23 11.13
C MET N 242 -46.37 -44.17 12.16
N ILE N 243 -47.39 -44.51 12.95
CA ILE N 243 -47.92 -43.62 13.99
C ILE N 243 -46.87 -43.39 15.07
N ASP N 244 -46.25 -44.48 15.54
CA ASP N 244 -45.19 -44.39 16.55
C ASP N 244 -44.03 -43.51 16.08
N LYS N 245 -43.50 -43.87 14.90
CA LYS N 245 -42.36 -43.20 14.30
C LYS N 245 -42.53 -41.68 14.19
N LEU N 246 -43.73 -41.24 13.82
CA LEU N 246 -43.99 -39.82 13.72
C LEU N 246 -44.28 -39.21 15.10
N THR N 247 -44.85 -39.98 16.03
CA THR N 247 -45.09 -39.48 17.37
C THR N 247 -43.73 -39.20 18.01
N LEU N 248 -42.77 -40.06 17.71
CA LEU N 248 -41.43 -39.87 18.22
C LEU N 248 -40.83 -38.62 17.57
N THR N 249 -40.96 -38.51 16.24
CA THR N 249 -40.53 -37.29 15.56
C THR N 249 -41.20 -36.04 16.16
N PHE N 250 -42.51 -36.06 16.31
CA PHE N 250 -43.24 -34.92 16.86
C PHE N 250 -42.58 -34.41 18.14
N ASN N 251 -42.28 -35.35 19.03
CA ASN N 251 -41.78 -35.00 20.34
C ASN N 251 -40.33 -34.58 20.33
N ARG N 252 -39.56 -35.12 19.40
CA ARG N 252 -38.20 -34.62 19.22
C ARG N 252 -38.24 -33.21 18.69
N THR N 253 -39.18 -32.93 17.80
CA THR N 253 -39.32 -31.58 17.26
C THR N 253 -39.89 -30.68 18.35
N ARG N 254 -40.86 -31.21 19.11
CA ARG N 254 -41.55 -30.45 20.17
C ARG N 254 -40.59 -29.98 21.24
N GLN N 255 -39.71 -30.87 21.68
CA GLN N 255 -38.69 -30.54 22.66
C GLN N 255 -37.69 -29.51 22.17
N ALA N 256 -37.21 -29.69 20.93
CA ALA N 256 -36.29 -28.75 20.29
C ALA N 256 -36.87 -27.34 20.09
N VAL N 257 -38.09 -27.22 19.56
CA VAL N 257 -38.70 -25.90 19.34
C VAL N 257 -38.69 -25.07 20.63
N ILE N 258 -39.13 -25.71 21.72
CA ILE N 258 -39.20 -25.07 23.02
C ILE N 258 -37.81 -24.62 23.43
N THR N 259 -36.85 -25.54 23.38
CA THR N 259 -35.50 -25.24 23.86
C THR N 259 -34.95 -24.07 23.10
N LYS N 260 -35.02 -24.16 21.76
CA LYS N 260 -34.61 -23.08 20.84
C LYS N 260 -35.25 -21.75 21.15
N GLU N 261 -36.54 -21.77 21.43
CA GLU N 261 -37.30 -20.56 21.77
C GLU N 261 -36.72 -19.93 23.04
N LEU N 262 -36.29 -20.79 23.96
CA LEU N 262 -35.83 -20.35 25.26
C LEU N 262 -34.40 -19.81 25.15
N ILE N 263 -33.61 -20.47 24.31
CA ILE N 263 -32.23 -20.08 24.07
C ILE N 263 -32.20 -18.69 23.39
N GLU N 264 -33.14 -18.44 22.48
CA GLU N 264 -33.30 -17.08 21.93
C GLU N 264 -33.56 -16.04 22.99
N ILE N 265 -34.37 -16.39 23.98
CA ILE N 265 -34.81 -15.45 25.02
C ILE N 265 -33.65 -15.08 25.95
N ILE N 266 -32.89 -16.11 26.34
CA ILE N 266 -31.72 -16.00 27.21
C ILE N 266 -30.60 -15.20 26.56
N SER N 267 -30.22 -15.55 25.34
CA SER N 267 -29.20 -14.78 24.58
C SER N 267 -29.57 -13.30 24.46
N GLY N 268 -30.86 -13.02 24.28
CA GLY N 268 -31.37 -11.65 24.29
C GLY N 268 -31.20 -10.93 25.63
N ALA N 269 -31.43 -11.65 26.73
CA ALA N 269 -31.36 -11.07 28.07
C ALA N 269 -29.91 -10.88 28.49
N ALA N 270 -29.10 -11.88 28.20
CA ALA N 270 -27.73 -11.90 28.64
C ALA N 270 -26.88 -10.84 27.94
N ALA N 271 -27.21 -10.52 26.69
CA ALA N 271 -26.47 -9.50 25.92
C ALA N 271 -26.75 -8.03 26.34
N LEU N 272 -27.72 -7.82 27.24
CA LEU N 272 -27.93 -6.52 27.88
C LEU N 272 -26.85 -6.31 28.91
PG ANP O . 59.89 30.26 -35.07
O1G ANP O . 59.93 31.41 -36.05
O2G ANP O . 60.15 28.91 -35.71
O3G ANP O . 58.65 30.23 -34.19
PB ANP O . 62.17 29.54 -33.04
O1B ANP O . 61.62 29.52 -31.64
O2B ANP O . 62.36 28.24 -33.76
N3B ANP O . 61.27 30.65 -34.05
PA ANP O . 64.47 30.81 -34.14
O1A ANP O . 63.49 31.18 -35.24
O2A ANP O . 65.57 29.83 -34.38
O3A ANP O . 63.64 30.17 -32.91
O5' ANP O . 65.09 32.16 -33.51
C5' ANP O . 64.38 33.40 -33.61
C4' ANP O . 65.29 34.63 -33.77
O4' ANP O . 66.28 34.65 -32.74
C3' ANP O . 66.02 34.67 -35.10
O3' ANP O . 66.13 36.03 -35.51
C2' ANP O . 67.40 34.18 -34.77
O2' ANP O . 68.37 34.72 -35.69
C1' ANP O . 67.57 34.70 -33.33
N9 ANP O . 68.51 33.88 -32.52
C8 ANP O . 68.49 32.54 -32.39
N7 ANP O . 69.49 32.11 -31.57
C5 ANP O . 70.16 33.21 -31.16
C6 ANP O . 71.31 33.46 -30.28
N6 ANP O . 71.96 32.44 -29.67
N1 ANP O . 71.70 34.76 -30.13
C2 ANP O . 71.07 35.79 -30.72
N3 ANP O . 70.00 35.62 -31.53
C4 ANP O . 69.52 34.37 -31.79
MG MG P . 61.65 27.35 -35.60
C1 GOL Q . 53.01 5.88 -40.41
O1 GOL Q . 52.91 5.12 -41.59
C2 GOL Q . 53.06 4.93 -39.23
O2 GOL Q . 51.90 5.06 -38.41
C3 GOL Q . 54.31 5.22 -38.44
O3 GOL Q . 54.40 4.33 -37.35
C1 GOL R . 42.39 13.37 -26.14
O1 GOL R . 42.78 12.68 -27.30
C2 GOL R . 41.51 12.48 -25.27
O2 GOL R . 40.72 13.28 -24.40
C3 GOL R . 42.37 11.46 -24.50
O3 GOL R . 43.15 12.10 -23.51
PG ANP S . 38.21 10.42 3.63
O1G ANP S . 39.13 9.27 3.33
O2G ANP S . 36.74 10.09 3.49
O3G ANP S . 38.68 11.67 2.95
PB ANP S . 37.32 11.85 6.14
O1B ANP S . 37.51 13.24 5.58
O2B ANP S . 35.89 11.33 6.21
N3B ANP S . 38.37 10.74 5.33
PA ANP S . 38.16 10.56 8.53
O1A ANP S . 38.63 9.44 7.63
O2A ANP S . 36.96 10.35 9.44
O3A ANP S . 37.88 11.89 7.64
O5' ANP S . 39.41 11.08 9.43
C5' ANP S . 40.74 11.17 8.91
C4' ANP S . 41.76 10.73 9.97
O4' ANP S . 41.73 11.63 11.08
C3' ANP S . 41.51 9.33 10.50
O3' ANP S . 42.66 8.52 10.32
C2' ANP S . 41.22 9.49 11.98
O2' ANP S . 42.04 8.63 12.77
C1' ANP S . 41.61 10.92 12.32
N9 ANP S . 40.57 11.54 13.18
C8 ANP S . 39.29 11.72 12.84
N7 ANP S . 38.59 12.32 13.84
C5 ANP S . 39.44 12.54 14.86
C6 ANP S . 39.36 13.14 16.21
N6 ANP S . 38.21 13.64 16.68
N1 ANP S . 40.49 13.16 16.97
C2 ANP S . 41.66 12.68 16.50
N3 ANP S . 41.80 12.12 15.28
C4 ANP S . 40.75 12.02 14.42
MG MG T . 35.29 9.61 5.03
C1 GOL U . 16.59 5.21 -8.28
O1 GOL U . 16.40 4.73 -9.59
C2 GOL U . 16.31 6.71 -8.14
O2 GOL U . 16.38 7.41 -9.37
C3 GOL U . 14.96 6.98 -7.52
O3 GOL U . 14.95 8.34 -7.12
C1 GOL V . 24.43 21.33 -16.52
O1 GOL V . 25.07 21.04 -15.28
C2 GOL V . 24.31 22.83 -16.81
O2 GOL V . 25.50 23.51 -16.48
C3 GOL V . 23.12 23.46 -16.09
O3 GOL V . 21.94 23.15 -16.80
PG ANP W . 20.71 47.59 -18.64
O1G ANP W . 19.54 47.36 -17.72
O2G ANP W . 20.37 47.89 -20.07
O3G ANP W . 21.78 46.54 -18.46
PB ANP W . 22.37 50.09 -19.19
O1B ANP W . 23.76 49.50 -19.33
O2B ANP W . 21.63 50.27 -20.47
N3B ANP W . 21.43 49.08 -18.09
PA ANP W . 21.30 52.61 -18.45
O1A ANP W . 19.98 51.90 -18.40
O2A ANP W . 21.57 53.69 -19.49
O3A ANP W . 22.49 51.53 -18.47
O5' ANP W . 21.44 53.38 -17.05
C5' ANP W . 22.26 52.94 -15.96
C4' ANP W . 21.90 53.82 -14.76
O4' ANP W . 22.74 54.97 -14.66
C3' ANP W . 20.49 54.37 -14.88
O3' ANP W . 19.95 54.37 -13.55
C2' ANP W . 20.67 55.76 -15.44
O2' ANP W . 19.63 56.65 -15.03
C1' ANP W . 22.01 56.19 -14.86
N9 ANP W . 22.86 57.07 -15.70
C8 ANP W . 23.22 56.90 -16.99
N7 ANP W . 24.02 57.91 -17.42
C5 ANP W . 24.20 58.76 -16.38
C6 ANP W . 24.92 60.03 -16.11
N6 ANP W . 25.67 60.65 -17.06
N1 ANP W . 24.82 60.57 -14.87
C2 ANP W . 24.11 60.00 -13.89
N3 ANP W . 23.43 58.86 -14.07
C4 ANP W . 23.43 58.20 -15.25
MG MG X . 19.88 49.48 -21.45
C1 GOL Y . 18.99 39.86 -43.62
O1 GOL Y . 20.33 40.19 -43.92
C2 GOL Y . 18.98 38.80 -42.52
O2 GOL Y . 19.43 37.58 -43.07
C3 GOL Y . 17.59 38.67 -41.90
O3 GOL Y . 16.71 37.93 -42.73
PB ADP Z . 42.57 47.88 -36.46
O1B ADP Z . 43.73 47.30 -35.70
O2B ADP Z . 42.66 47.88 -37.98
O3B ADP Z . 41.23 47.46 -35.96
PA ADP Z . 42.68 50.69 -36.95
O1A ADP Z . 41.36 50.71 -37.63
O2A ADP Z . 43.95 50.89 -37.74
O3A ADP Z . 42.71 49.41 -35.98
O5' ADP Z . 42.71 51.80 -35.76
C5' ADP Z . 41.73 51.87 -34.73
C4' ADP Z . 41.76 53.24 -34.07
O4' ADP Z . 42.90 53.42 -33.20
C3' ADP Z . 41.85 54.41 -35.06
O3' ADP Z . 40.58 54.80 -35.59
C2' ADP Z . 42.46 55.51 -34.22
O2' ADP Z . 41.45 56.17 -33.45
C1' ADP Z . 43.42 54.75 -33.31
N9 ADP Z . 44.77 54.72 -33.98
C8 ADP Z . 45.23 53.68 -34.70
N7 ADP Z . 46.47 53.92 -35.18
C5 ADP Z . 46.82 55.14 -34.77
C6 ADP Z . 48.02 55.99 -34.93
N6 ADP Z . 49.08 55.53 -35.66
N1 ADP Z . 48.01 57.21 -34.34
C2 ADP Z . 46.95 57.63 -33.62
N3 ADP Z . 45.83 56.91 -33.43
C4 ADP Z . 45.71 55.67 -33.97
MG MG AA . 41.31 47.21 -39.69
N1 AZI BA . 39.97 44.36 -37.10
N2 AZI BA . 39.51 45.15 -36.37
N3 AZI BA . 39.06 45.94 -35.65
C1 GOL CA . 36.88 24.93 -48.75
O1 GOL CA . 35.92 23.95 -49.06
C2 GOL CA . 36.40 25.88 -47.65
O2 GOL CA . 36.60 27.19 -48.14
C3 GOL CA . 37.23 25.66 -46.38
O3 GOL CA . 36.64 26.19 -45.20
P PO4 DA . 65.87 7.75 -10.45
O1 PO4 DA . 66.04 8.87 -9.44
O2 PO4 DA . 64.49 7.82 -11.05
O3 PO4 DA . 66.90 7.92 -11.53
O4 PO4 DA . 66.07 6.44 -9.75
PG ANP EA . 19.73 28.39 -0.47
O1G ANP EA . 20.09 27.01 0.04
O2G ANP EA . 18.27 28.52 -0.84
O3G ANP EA . 20.70 28.96 -1.47
PB ANP EA . 19.39 31.02 0.82
O1B ANP EA . 20.20 31.82 -0.14
O2B ANP EA . 17.90 30.93 0.62
N3B ANP EA . 19.98 29.40 0.91
PA ANP EA . 18.73 31.30 3.55
O1A ANP EA . 18.27 29.86 3.47
O2A ANP EA . 17.72 32.41 3.58
O3A ANP EA . 19.70 31.59 2.30
O5' ANP EA . 19.72 31.48 4.81
C5' ANP EA . 20.75 30.54 5.10
C4' ANP EA . 21.44 30.88 6.42
O4' ANP EA . 22.34 32.00 6.30
C3' ANP EA . 20.49 31.22 7.57
O3' ANP EA . 20.08 30.06 8.30
C2' ANP EA . 21.34 32.10 8.46
O2' ANP EA . 22.04 31.28 9.40
C1' ANP EA . 22.26 32.81 7.48
N9 ANP EA . 21.59 34.08 7.11
C8 ANP EA . 21.00 34.39 5.93
N7 ANP EA . 20.46 35.65 5.95
C5 ANP EA . 20.71 36.16 7.18
C6 ANP EA . 20.44 37.43 7.89
N6 ANP EA . 19.77 38.45 7.29
N1 ANP EA . 20.88 37.57 9.15
C2 ANP EA . 21.54 36.58 9.77
N3 ANP EA . 21.82 35.39 9.20
C4 ANP EA . 21.44 35.13 7.93
MG MG FA . 16.48 29.41 -0.03
C1 PIT GA . 33.15 23.74 -16.49
C2 PIT GA . 33.16 24.48 -15.32
C3 PIT GA . 32.65 25.78 -15.32
C4 PIT GA . 32.12 26.34 -16.48
C5 PIT GA . 32.09 25.58 -17.66
C6 PIT GA . 32.61 24.28 -17.65
C7 PIT GA . 31.53 26.13 -18.92
C8 PIT GA . 31.55 25.32 -19.99
C9 PIT GA . 31.06 25.63 -21.36
C10 PIT GA . 30.49 26.85 -21.71
C11 PIT GA . 30.06 27.03 -23.03
C12 PIT GA . 30.18 26.03 -23.99
C13 PIT GA . 30.75 24.80 -23.64
C14 PIT GA . 31.18 24.61 -22.33
O1 PIT GA . 29.75 26.22 -25.27
O2 PIT GA . 32.70 26.47 -14.14
O3 PIT GA . 33.64 22.48 -16.49
OAD PIT GA . 29.51 28.23 -23.37
PG ANP HA . -62.70 -15.17 20.67
O1G ANP HA . -63.13 -14.16 19.62
O2G ANP HA . -62.79 -14.66 22.08
O3G ANP HA . -61.42 -15.93 20.42
PB ANP HA . -64.45 -17.45 21.66
O1B ANP HA . -63.47 -18.60 21.69
O2B ANP HA . -64.72 -16.71 22.93
N3B ANP HA . -63.97 -16.32 20.44
PA ANP HA . -67.16 -17.05 21.04
O1A ANP HA . -66.70 -15.66 20.68
O2A ANP HA . -67.98 -17.21 22.28
O3A ANP HA . -65.87 -18.01 21.15
O5' ANP HA . -67.95 -17.73 19.81
C5' ANP HA . -67.45 -17.63 18.47
C4' ANP HA . -68.56 -17.53 17.44
O4' ANP HA . -69.36 -18.72 17.45
C3' ANP HA . -69.54 -16.37 17.66
O3' ANP HA . -69.95 -15.86 16.39
C2' ANP HA . -70.76 -17.00 18.25
O2' ANP HA . -71.93 -16.26 17.88
C1' ANP HA . -70.73 -18.40 17.65
N9 ANP HA . -71.35 -19.39 18.56
C8 ANP HA . -71.03 -19.59 19.85
N7 ANP HA . -71.79 -20.57 20.42
C5 ANP HA . -72.61 -21.02 19.45
C6 ANP HA . -73.65 -22.06 19.35
N6 ANP HA . -73.96 -22.80 20.44
N1 ANP HA . -74.27 -22.22 18.15
C2 ANP HA . -73.96 -21.48 17.08
N3 ANP HA . -73.01 -20.52 17.09
C4 ANP HA . -72.32 -20.25 18.23
MG MG IA . -63.66 -15.15 24.01
C1 GOL JA . -52.53 -9.66 43.40
O1 GOL JA . -52.13 -8.35 43.75
C2 GOL JA . -52.09 -10.59 44.51
O2 GOL JA . -50.74 -10.97 44.33
C3 GOL JA . -53.01 -11.80 44.54
O3 GOL JA . -52.73 -12.57 45.68
C1 GOL KA . -41.08 -20.81 33.33
O1 GOL KA . -41.22 -19.54 33.90
C2 GOL KA . -39.87 -21.51 33.96
O2 GOL KA . -39.18 -22.21 32.96
C3 GOL KA . -40.30 -22.42 35.12
O3 GOL KA . -40.93 -23.62 34.69
PG ANP LA . -30.78 -49.21 33.54
O1G ANP LA . -31.22 -49.29 34.99
O2G ANP LA . -29.32 -49.01 33.28
O3G ANP LA . -31.65 -48.26 32.72
PB ANP LA . -29.76 -51.36 31.76
O1B ANP LA . -30.23 -51.03 30.36
O2B ANP LA . -28.44 -50.80 32.14
N3B ANP LA . -30.94 -50.81 32.91
PA ANP LA . -29.74 -53.92 33.10
O1A ANP LA . -30.13 -53.16 34.33
O2A ANP LA . -28.42 -54.65 33.09
O3A ANP LA . -29.70 -52.97 31.79
O5' ANP LA . -30.91 -54.95 32.68
C5' ANP LA . -32.29 -54.68 32.94
C4' ANP LA . -33.04 -55.91 33.43
O4' ANP LA . -32.89 -56.97 32.50
C3' ANP LA . -32.51 -56.42 34.77
O3' ANP LA . -33.57 -56.46 35.71
C2' ANP LA . -32.00 -57.83 34.53
O2' ANP LA . -32.55 -58.72 35.50
C1' ANP LA . -32.50 -58.20 33.14
N9 ANP LA . -31.45 -58.86 32.32
C8 ANP LA . -30.30 -58.29 31.89
N7 ANP LA . -29.55 -59.15 31.15
C5 ANP LA . -30.23 -60.30 31.07
C6 ANP LA . -30.03 -61.63 30.45
N6 ANP LA . -28.91 -61.87 29.73
N1 ANP LA . -30.98 -62.59 30.62
C2 ANP LA . -32.10 -62.35 31.32
N3 ANP LA . -32.36 -61.17 31.92
C4 ANP LA . -31.48 -60.12 31.85
MG MG MA . -27.53 -50.05 33.96
C1 GOL NA . -10.85 -33.39 34.92
O1 GOL NA . -11.22 -32.14 35.48
C2 GOL NA . -11.03 -33.45 33.41
O2 GOL NA . -11.49 -32.22 32.91
C3 GOL NA . -9.68 -33.68 32.77
O3 GOL NA . -9.87 -34.28 31.51
PG ANP OA . -25.56 -22.87 -5.03
O1G ANP OA . -24.13 -23.15 -5.42
O2G ANP OA . -25.82 -21.40 -5.02
O3G ANP OA . -26.09 -23.64 -3.83
PB ANP OA . -27.80 -22.72 -7.15
O1B ANP OA . -29.13 -22.85 -6.43
O2B ANP OA . -27.38 -21.33 -7.49
N3B ANP OA . -26.51 -23.56 -6.34
PA ANP OA . -27.01 -23.34 -9.80
O1A ANP OA . -25.61 -23.17 -9.28
O2A ANP OA . -27.61 -22.33 -10.74
O3A ANP OA . -27.97 -23.56 -8.53
O5' ANP OA . -27.07 -24.72 -10.60
C5' ANP OA . -27.53 -25.93 -10.01
C4' ANP OA . -27.09 -26.99 -11.01
O4' ANP OA . -28.13 -27.30 -11.93
C3' ANP OA . -25.91 -26.50 -11.84
O3' ANP OA . -25.14 -27.66 -12.12
C2' ANP OA . -26.57 -25.99 -13.11
O2' ANP OA . -25.73 -26.11 -14.26
C1' ANP OA . -27.74 -26.93 -13.26
N9 ANP OA . -28.85 -26.28 -13.98
C8 ANP OA . -29.38 -25.08 -13.65
N7 ANP OA . -30.38 -24.77 -14.50
C5 ANP OA . -30.50 -25.78 -15.39
C6 ANP OA . -31.37 -26.08 -16.54
N6 ANP OA . -32.31 -25.19 -16.90
N1 ANP OA . -31.17 -27.23 -17.21
C2 ANP OA . -30.22 -28.11 -16.84
N3 ANP OA . -29.40 -27.92 -15.81
C4 ANP OA . -29.48 -26.78 -15.05
MG MG PA . -25.60 -20.27 -6.85
C1 GOL QA . -26.87 1.57 4.06
O1 GOL QA . -28.24 1.39 3.75
C2 GOL QA . -26.25 0.31 4.65
O2 GOL QA . -26.81 0.08 5.91
C3 GOL QA . -24.73 0.54 4.79
O3 GOL QA . -24.49 1.65 5.64
PB ADP RA . -49.89 -9.91 0.08
O1B ADP RA . -50.87 -10.77 0.86
O2B ADP RA . -50.20 -8.42 0.07
O3B ADP RA . -48.45 -10.17 0.39
PA ADP RA . -50.54 -9.50 -2.70
O1A ADP RA . -49.42 -8.62 -3.16
O2A ADP RA . -51.89 -8.87 -2.46
O3A ADP RA . -50.07 -10.42 -1.46
O5' ADP RA . -50.71 -10.65 -3.81
C5' ADP RA . -49.57 -11.44 -4.13
C4' ADP RA . -49.73 -11.97 -5.54
O4' ADP RA . -50.73 -12.99 -5.55
C3' ADP RA . -50.19 -10.94 -6.55
O3' ADP RA . -49.09 -10.28 -7.16
C2' ADP RA . -50.94 -11.78 -7.58
O2' ADP RA . -50.06 -12.26 -8.58
C1' ADP RA . -51.47 -12.95 -6.77
N9 ADP RA . -52.87 -12.62 -6.43
C8 ADP RA . -53.25 -12.06 -5.28
N7 ADP RA . -54.58 -11.88 -5.26
C5 ADP RA . -55.07 -12.32 -6.42
C6 ADP RA . -56.40 -12.38 -7.01
N6 ADP RA . -57.46 -11.94 -6.30
N1 ADP RA . -56.51 -12.91 -8.25
C2 ADP RA . -55.42 -13.35 -8.92
N3 ADP RA . -54.17 -13.31 -8.44
C4 ADP RA . -53.94 -12.81 -7.20
MG MG SA . -49.13 -6.59 0.58
N1 AZI TA . -46.80 -9.45 3.28
N2 AZI TA . -46.29 -9.79 2.29
N3 AZI TA . -45.82 -10.22 1.33
C1 GOL UA . -42.75 2.09 21.40
O1 GOL UA . -42.04 3.05 22.14
C2 GOL UA . -41.70 1.12 20.86
O2 GOL UA . -41.15 1.68 19.70
C3 GOL UA . -42.31 -0.24 20.55
O3 GOL UA . -41.76 -1.22 21.40
C1 GOL VA . -68.14 -1.69 16.76
O1 GOL VA . -68.90 -0.65 16.17
C2 GOL VA . -68.96 -2.98 16.74
O2 GOL VA . -70.05 -2.86 17.63
C3 GOL VA . -69.45 -3.28 15.33
O3 GOL VA . -69.24 -4.64 15.01
P PO4 WA . -59.22 -41.06 42.43
O1 PO4 WA . -58.77 -41.98 43.54
O2 PO4 WA . -58.00 -40.38 41.80
O3 PO4 WA . -59.93 -41.90 41.40
O4 PO4 WA . -60.15 -39.99 42.96
PG ANP XA . -17.20 -41.10 12.68
O1G ANP XA . -17.21 -41.75 14.04
O2G ANP XA . -15.87 -40.50 12.29
O3G ANP XA . -18.36 -40.18 12.41
PB ANP XA . -17.23 -42.18 9.92
O1B ANP XA . -18.32 -41.33 9.33
O2B ANP XA . -15.82 -41.71 9.72
N3B ANP XA . -17.46 -42.44 11.61
PA ANP XA . -16.15 -44.68 9.28
O1A ANP XA . -15.55 -44.64 10.66
O2A ANP XA . -15.31 -44.41 8.04
O3A ANP XA . -17.37 -43.63 9.26
O5' ANP XA . -16.90 -46.10 9.09
C5' ANP XA . -17.79 -46.53 10.11
C4' ANP XA . -18.16 -48.00 9.96
O4' ANP XA . -19.23 -48.12 9.03
C3' ANP XA . -17.01 -48.87 9.44
O3' ANP XA . -16.24 -49.48 10.48
C2' ANP XA . -17.73 -49.95 8.67
O2' ANP XA . -18.15 -50.98 9.58
C1' ANP XA . -18.95 -49.21 8.14
N9 ANP XA . -18.64 -48.71 6.78
C8 ANP XA . -18.37 -47.45 6.41
N7 ANP XA . -18.15 -47.36 5.08
C5 ANP XA . -18.28 -48.60 4.56
C6 ANP XA . -18.18 -49.23 3.21
N6 ANP XA . -17.88 -48.51 2.11
N1 ANP XA . -18.39 -50.55 3.11
C2 ANP XA . -18.69 -51.30 4.19
N3 ANP XA . -18.80 -50.81 5.44
C4 ANP XA . -18.60 -49.48 5.68
MG MG YA . -14.25 -40.81 10.90
C1 PIT ZA . -32.18 -27.95 20.24
C2 PIT ZA . -32.24 -29.00 19.30
C3 PIT ZA . -32.11 -28.71 17.94
C4 PIT ZA . -31.94 -27.40 17.51
C5 PIT ZA . -31.87 -26.37 18.44
C6 PIT ZA . -32.00 -26.65 19.81
C7 PIT ZA . -31.68 -24.98 17.98
C8 PIT ZA . -31.62 -24.04 18.90
C9 PIT ZA . -31.44 -22.59 18.62
C10 PIT ZA . -31.30 -22.07 17.34
C11 PIT ZA . -31.13 -20.70 17.16
C12 PIT ZA . -31.10 -19.84 18.28
C13 PIT ZA . -31.24 -20.36 19.55
C14 PIT ZA . -31.41 -21.73 19.72
O1 PIT ZA . -30.94 -18.49 18.16
O2 PIT ZA . -32.16 -29.71 17.03
O3 PIT ZA . -32.30 -28.23 21.56
OAD PIT ZA . -31.00 -20.21 15.90
#